data_6ZKJ
#
_entry.id   6ZKJ
#
_cell.length_a   1.00
_cell.length_b   1.00
_cell.length_c   1.00
_cell.angle_alpha   90.00
_cell.angle_beta   90.00
_cell.angle_gamma   90.00
#
_symmetry.space_group_name_H-M   'P 1'
#
loop_
_entity.id
_entity.type
_entity.pdbx_description
1 polymer 'NADH dehydrogenase [ubiquinone] flavoprotein 1, mitochondrial'
2 polymer 'Mitochondrial complex I, 24 kDa subunit'
3 polymer 'NADH:ubiquinone oxidoreductase core subunit S1'
4 polymer 'Mitochondrial complex I, 49 kDa subunit'
5 polymer 'NADH:ubiquinone oxidoreductase core subunit S3'
6 polymer 'Mitochondrial complex I, PSST subunit'
7 polymer 'Mitochondrial complex I, TYKY subunit'
8 polymer 'NADH-ubiquinone oxidoreductase chain 3'
9 polymer 'NADH-ubiquinone oxidoreductase chain 1'
10 polymer 'NADH-ubiquinone oxidoreductase chain 6'
11 polymer 'NADH-ubiquinone oxidoreductase chain 4L'
12 polymer 'NADH-ubiquinone oxidoreductase chain 5'
13 polymer 'NADH-ubiquinone oxidoreductase chain 4'
14 polymer 'NADH-ubiquinone oxidoreductase chain 2'
15 polymer 'Mitochondrial complex I, B14.7 subunit'
16 polymer 'NADH:ubiquinone oxidoreductase subunit B5'
17 polymer 'Acyl carrier protein'
18 polymer 'NADH dehydrogenase [ubiquinone] 1 alpha subcomplex subunit 8'
19 polymer 'Mitochondrial complex I, PDSW subunit'
20 polymer 'Mitochondrial complex I, 10 kDa subunit'
21 polymer 'Mitochondrial complex I, 13 kDa subunit'
22 polymer 'NADH dehydrogenase [ubiquinone] iron-sulfur protein 4, mitochondrial'
23 polymer 'NADH:ubiquinone oxidoreductase subunit A9'
24 polymer 'NADH dehydrogenase [ubiquinone] 1 alpha subcomplex subunit 2'
25 polymer 'Mitochondrial complex I, B13 subunit'
26 polymer 'NADH:ubiquinone oxidoreductase subunit A6'
27 polymer 'Mitochondrial complex I, B14.5a subunit'
28 polymer 'NADH dehydrogenase [ubiquinone] 1 alpha subcomplex subunit 12'
29 polymer 'NADH dehydrogenase [ubiquinone] 1 alpha subcomplex subunit 10, mitochondrial'
30 polymer 'NADH:ubiquinone oxidoreductase subunit S5'
31 polymer 'NADH:ubiquinone oxidoreductase subunit A3'
32 polymer 'NADH:ubiquinone oxidoreductase subunit B3'
33 polymer 'NADH dehydrogenase [ubiquinone] 1 subunit C2'
34 polymer 'NADH:ubiquinone oxidoreductase subunit B4'
35 polymer 'Mitochondrial complex I, B16.6 subunit'
36 polymer 'Mitochondrial complex I, B17 subunit'
37 polymer 'NADH:ubiquinone oxidoreductase subunit B7'
38 polymer 'NADH:ubiquinone oxidoreductase subunit B9'
39 polymer 'NADH:ubiquinone oxidoreductase subunit B2'
40 polymer 'NADH dehydrogenase [ubiquinone] 1 beta subcomplex subunit 8, mitochondrial'
41 polymer 'Mitochondrial complex I, ESSS subunit'
42 polymer 'Mitochondrial complex I, KFYI subunit'
43 polymer 'Mitochondrial complex I, MNLL subunit'
44 polymer 'Mitochondrial complex I, MWFE subunit'
45 non-polymer 'IRON/SULFUR CLUSTER'
46 non-polymer 'FLAVIN MONONUCLEOTIDE'
47 non-polymer '1,4-DIHYDRONICOTINAMIDE ADENINE DINUCLEOTIDE'
48 non-polymer 'FE2/S2 (INORGANIC) CLUSTER'
49 non-polymer 'POTASSIUM ION'
50 non-polymer 1,2-Distearoyl-sn-glycerophosphoethanolamine
51 non-polymer 1,2-DIACYL-SN-GLYCERO-3-PHOSPHOCHOLINE
52 non-polymer 2-decyl-5,6-dimethoxy-3-methylcyclohexa-2,5-diene-1,4-dione
53 non-polymer CARDIOLIPIN
54 non-polymer 'S-[2-({N-[(2S)-2-hydroxy-3,3-dimethyl-4-(phosphonooxy)butanoyl]-beta-alanyl}amino)ethyl] tetradecanethioate'
55 non-polymer 'ZINC ION'
56 non-polymer 'NADPH DIHYDRO-NICOTINAMIDE-ADENINE-DINUCLEOTIDE PHOSPHATE'
57 non-polymer 'ADENOSINE MONOPHOSPHATE'
58 non-polymer 'MYRISTIC ACID'
#
loop_
_entity_poly.entity_id
_entity_poly.type
_entity_poly.pdbx_seq_one_letter_code
_entity_poly.pdbx_strand_id
1 'polypeptide(L)'
;MLAARRLLGGSLPARVSVRFSGDTTAPKKTSFGSLKDEDRIFTNLYGRHDWRLKGAQSRGDWYKTKEILLKGPDWILGEV
KTSGLRGRGGAGFPTGLKWSFMNKPSDGRPKYLVVNADEGEPGTCKDREIIRHDPHKLVEGCLVGGRAMGARAAYIYIRG
EFYNEASNLQVAIREAYEAGLIGKNACGSGYDFDVFVVRGAGAYICGEETALIESIEGKQGKPRLKPPFPADVGVFGCPT
TVANVETVAVSPTICRRGGAWFASFGRERNSGTKLFNISGHVNNPCTVEEEMSVPLKELIEKHAGGVTGGWDNLLAVIPG
GSSTPLIPKSVCETVLMDFDALIQAQTGLGTAAVIVMDRSTDIVKAIARLIEFYKHESCGQCTPCREGVDWMNKVMARFV
RGDARPAEIDSLWEISKQIEGHTICALGDGAAWPVQGLIRHFRPELEERMQRFAQQHQARQAAS
;
1
2 'polypeptide(L)'
;MPVLQYEHLEECIRWGKHIRNLHKTAVQNGAGGALFVHRDTPKNNPETPFDFTPENYKRIEAIVKNYPEGHKAAAVLPVL
DLAQRQNGWLPISAMNKVAEILQVPPMRVYEVATFYTMYNRKPVGKYHIQVCTTTPCMLRNSDSILEAIQKKLGIKVGET
TPDKLFTLIEVECLGACVNAPMVQINDNYYEDLTPKDIEEIIDELKAGKIPKPGPRSGRFSCEPAGGLTSLTEPPKGPGF
GVQAGL
;
2
3 'polypeptide(L)'
;MLRIPVRKALVGLSKSSKGCVRTTATAASNLIEVFVDGQSVMVEPGTTVLQACEKVGMQIPRFCYHERLSVAGNCRMCLV
EIEKAPKVVAACAMPVMKGWNILTNSEKTKKAREGVMEFLLANHPLDCPICDQGGECDLQDQSMMFGSDRSRFLEGKRAV
EDKNIGPLVKTIMTRCIQCTRCIRFASEIAGVDDLGTTGRGNDMQVGTYIEKMFMSELSGNIIDICPVGALTSKPYAFTA
RPWETRKTESIDVMDAVGSNIVVSTRTGEVMRILPRMHEDINEEWISDKTRFAYDGLKRQRLTEPMVRNEKGLLTHTTWE
DALSRVAGMLQSCQGNDVAAIAGGLVDAEALIALKDLLNRVDSDTLCTEEVFPTAGAGTDLRSNYLLNTTIAGVEEADVV
LLVGTNPRFEAPLFNARIRKSWLHNDLKVALIGSPVDLTYRYDHLGDSPKILQDIASGSHPFSQVLQEAKKPMVVLGSSA
LQRNDGAAILAAVSNIAQKIRTSSGVTGDWKVMNILHRIASQVAALDLGYKPGVEAIRKNPPKMLFLLGADGGCVTRQDL
PKDCFIVYQGHHGDVGAPIADVILPGAAYTEKSATYVNTEGRAQQTKVAVMPPGLAREDWKIIRALSEIAGMTLPYDTLD
QVRNRLEEVSPNLVRYDDVEGANYFQQASELSKLVNQQLLADPLVPPQLTIKDFYMTDSISRASQTMAKCVKAVTEGAHA
VEEPSIC
;
3
4 'polypeptide(L)'
;MAALRALRRLRGAAAQVLRPGAGARLPIQPSRGARQWQPDVEWAEQYGGAVMYPTKETAHWKPPPWNDVDPPKDTLVSNL
TLNFGPQHPAAHGVLRLVMELSGEMVRKCDPHIGLLH(2MR)GTEKLIEYKTYLQALPYFDRLDYVSMMCNEQAYSLAVE
KLLNIQPPPRAQWIRVLFGEITRLLNHIMAVTTHALDIGAMTPFFWMFEEREKMFEFYERVSGARMHAAYVRPGGVHQDL
PLGLMDDIYEFSKNFSLRIDELEEMLTNNRIWRNRTVDIGVVTAEDALNYGFSGVMLRGSGIQWDLRKTQPYDVYDQVEF
DVPIGSRGDCYDRYLCRVEEMRQSIRIISQCLNKMPPGEIKVDDAKVSPPKRAEMKTSMESLIHHFKLYTEGYQVPPGAT
YTAIEAPKGEFGVYLVSDGSSRPYRCKIKAPGFAHLAGLDKMSKGHMLADVVAIIGTQDIVFGEVDR
;
4
5 'polypeptide(L)'
;PVKMAAAAARGCWQRLVGSAAPARVAGRPSVLLLPVRRESASADTRPTVRPRNDVAHKQLSAFGEYVAEILPKYVQQVQV
SCFSELEICIHPDGVIPVLTFLRDHSNAQFKSLADLTAVDIPTRQNRFEIVYNLLSLRFNSRIRVKTYTDELTPVESSVS
VYKAANWYEREIWDMFGVFFANHPDLRRILTDYGFEGHPFRKDFPLSGYVELRYDDEVKRVVAEPVELAQEFRKFDLNSP
WEAFPAYRQPPESLKLEAGDKKPEAK
;
5
6 'polypeptide(L)'
;MLPLKFPGRGGAAPRLFHPILAVRSGMGAALQVRGVHSSMAADSPSSTQPAVSQARAVVPKPAALPSSRGEYVVAKLDDL
INWARRSSLWPMTFGLACCAVEMMHMAAPRYDMDRFGVVFRASPRQSDVMIVAGTLTNKMAPALRKVYDQMPEPRYVVSM
GSCANGGGYYHYSYSVVRGCDRIVPVDIYVPGCPPTAEALLYGILQLQKKIKREKRLRIWYRR
;
6
7 'polypeptide(L)'
;MRKPKMRCLTMPVLLRALAQAQAARAGHASGRGLHSSAVAATYKYVNLREPSMDMKSVTDRAAQTLLWTELIRGLGMTLS
YLFREPATINYPFEKGPLSPRFRGEHALRRYPSGEERCIACKLCEAVCPAQAITIEAEPRADGSRRTTRYDIDMTKCIYC
GFCQEACPVDAIVEGPNFEFSTETHEELLYNKEKLLNNGDKWEAEIAANIQADYLYR
;
9
8 'polypeptide(L)'
;MNLMITLLTNFTLATLLVTIAFWLPQLNVYSEKTSPYECGFDPMGSARLPFSMKFFLVAITFLLFDLEIALLLPLPWASQ
TTNLNTMLTMALLLIFLLAVSLAYEWTQKGLEWTE
;
A
9 'polypeptide(L)'
;MFMINVLTLIIPILLAVAFLTLVERKVLGYMQFRKGPNVVGPYGLLQPIADAIKLFIKEPLRPATSSISMFILAPILALT
LALTMWIPLPMPYPLINMNLGVLFMLAMSSLAVYSILWSGWASNSKYALIGALRAVAQTISYEVTLAIILLSVLLMNGSF
TLSTLIITQEQVWLIFPAWPLAMMWFISTLAETNRAPFDLTEGESELVSGFNVEYAAGPFALFFMAEYANIIMMNIFTTT
LFLGAFHNPYMPELYTINFTIKSLLLSITFLWIRASYPRFRYDQLMHLLWKNFLPLTLALCMWHVSLPILLSSIPPQT
;
H
10 'polypeptide(L)'
;MMTYIVFILSIIFVMGFVGFSSKPSPIYGGLGLIVSGGVGCGIVLNFGGSFLGLMVFLIYLGGMMVVFGYTTAMATEQYP
EVWVSNKVVLGTFITGLLMEFLMVYYVLKDKEVEIVFKFNGMGDWVIYDTGDSGFFSEEAMGIAALYSYGTWLVIVTGWS
LLIGVVVIMEITRGN
;
J
11 'polypeptide(L)'
;(FME)SLVYMNIMMAFTVSLTGLLMYRSHLMSSLLCLEGMMLSLFILATLMILNSHFTLASMMPIILLVFAACEAALGLS
LLVMVSNTYGTDYVQNLNLLQC
;
K
12 'polypeptide(L)'
;(FME)NLFSSLTLVTLILLTMPIAAINFNTHKFTNYPLYVKTTISCAFITSMIPTMMFIHTGQEMIISNWHWLTIQTLKL
SLSFKMDFFSMMFVPVALFVTWSIMEFSMWYMHSDPNINQFFKYLLLFLITMLILVTANNLFQLFIGWEGVGIMSFLLIG
WWYGRTDANTAALQAILYNRIGDIGFILAMAWFLINLNTWDLQQIFMLNPNDSNLPLMGLILAATGKSAQFGLHPWLPSA
MEGPTPVSALLHSSTMVVAGIFLLIRFYPLTENNKFGQSIMLCLGAMTTLFTAMCALTQNDIKKIIAFSTSSQLGLMMVT
IGINQPHLAFLHICTHAFFKAMLFMCSGSIIHSLNDEQDIRKMGGLFKAMPFTTTALIIGSLALTGMPFLTGFYSKDLII
ESANTSYTNAWALLMTLVATSFTAIYSTRIIFFALLGQPRFPTLININENNPFLINSIKRLLIGSLFAGFIISNNIPPMT
IPQMTMPHYLKMTALTVTILGFILALEISNTTHYLKFNYPSNTFKFSNLLGYYPTIMHRLTPYMNLTMSQKSASSLLDLI
WLETILPKTISLAQMKMSTTITSQKGLIKLYFLSFLITILISTTLLNFHE
;
L
13 'polypeptide(L)'
;(FME)LKYIIPTMMLMPLTWLSKNSMIWINTTLHSLLISLTSLLLLNQFGDNSLNFSLTFFSDSLSTPLLILTMWLLPLM
LMASQHHLSKENLARKKLFISMLILLQLFLIMTFTATELIFFYIMFEATLVPTLIIITRWGNQTERLNAGLYFLFYTLAG
SLPLLVALIYIQNTMGSLNFLILQYWVQPMPNSWSNTFMWLACMMAFMVKMPLYGLHLWLPKAHVEAPIAGSMVLAAILL
KLGGYGMMRITLLLNPITDFMAYPFIMLSLWGMIMTSSICLRQTDLKSLIAYSSVSHMALVIVAILIQTPWSYMGATALM
IAHGLTSSMLFCLANSNYERVHSRTMILARGLQTLLPLMAAWWLLASLTNLALPPSINLIGELFVVMSTFSWSNITIILM
GLNMVITALYSLYMLITTQRGKHTHHINNILPSFTRENALMSLHMLPLLLLSLNPKIILGPLY
;
M
14 'polypeptide(L)'
;MNPIILIIILMTVMLGTIIVMISTHWLLIWIGFEMNMLAIIPIMMKKHNPRATEASTKYFLTQSTASMLLMMAIIINLMF
SGQWTVMKLFNPMASMLMTMALAMKLGMAPFHFWVPEVTQGIPLSSGLILLTWQKLAPMSVLYQILPSINLDLILTLSIL
SITIGGWGGLNQTQLRKIMAYSSIAHMGWMTAVLLYNPTMTLLNLIIYIIMTSTMFTLFMANSTTTTLSLSHTWNKAPIM
TILVLITLLSMGGLPPLSGFMPKWMIIQEMTKNDSIILPTLMAITALLNLYFYMRLTYSTALTMFPSTNNMKMKWQFPTT
KRMTLLPTMTVLSTMLLPLTPILSILE
;
N
15 'polypeptide(L)'
;M(AYA)KTLLHQYWDIPEGTECHRKTYAATSIGGASGLVVSAYSVALKTPTSFLEGVARTGRYTFTAAAIGAIFGLTSCI
SAQVREKPDDPLNYLIGGCAGGLTLGARTRSYGIGAAACAYMGLTAALVKMGQLEGWKVFAEPKV
;
V
16 'polypeptide(L)'
;MAAMSLLHRASVSAVVALSGRRLGTRLGFGGFLTRDFPKTVAPVRHSGDHGKRLFIIKPSGFYDKRFLKLLRFYILLTGI
PVVIGITLINVFIGEAELAEIPEGYVPEHWEYFKHPISRWIARTFFDAPEKNYERTMAILQIESEKAELRLKELEVRRLM
RAKGDGPWFQYPTIDKALIDHSPKATPDN
;
W
17 'polypeptide(L)'
;VEVKDFYTTNYQTAVSFSPLGPMPSMALMAVSLSGANVPKSGGRPEESRVPVLTQRKVPGRVTPLCRQYSDAPPLTLEGI
KDRVLYVLKLYDKIDPEKLSVNSHFMKDLGLDSLDQVEIIMAMEDEFGFEIPDIDAEKLMCPQEIVDYIADKKDVYE
;
X,j
18 'polypeptide(L)'
;MPGIVELPSLEDLKVQEVKVSSSVLKAAAHHYGAQCDKPNKEFMLCRWEEKDPRRCLEEGKLVNQCALEFFRQIKRHCAE
PFTEYWTCIDYSGLQLFRRCRKEQAQFDKCVLDKLGWVRPDLGELSKVTKVKTDRPLPENPYHSRARPEPNPEVEGDLKP
ARHGSRLFFWTM
;
Y
19 'polypeptide(L)'
;PDSWDKDVYPEPPRRTPAPSPQTSLPNPITYLTKAFDLLVDRPVTLVREFIERQHAKNKYYYYHREFRRVPDITECHEKD
VLCMFEAEMQWKRDYKVDQEIVNIIQERLKACQQREGESHRQNCAKELQQFTQVVKAYQDRYHDLGAHYSARKCLAKQKQ
RMLAERKATKEAAAA
;
Z
20 'polypeptide(L)'
;MAASLLLRQGRPGTLKTVLLEAGVFRGLAPAVSLSAESGKNEKGLPPNPKKQSPPKKPASAAPTEPFDNTTYKNLQHHDY
STYTFLDLNLDLSKFRMPQPSSGRESPRH
;
a
21 'polypeptide(L)'
;MAAAVTFLRLLGRGGAVTRGLPGGARCFGVRTSPTGEKVTHTGQVYDDEDYRRVRFVGRQKEVNENFAIDLIAEQPVSQV
GSRVISCDGGGGALGHPRVYINLDKETKTGTCGYCGLQFRQQHH
;
b
22 'polypeptide(L)'
;MSVALRQALWGRRVGTVAAVSVSKVSTRSLSTSTWRLAQDQTRDTQLITVDEKLDITTLTGVPEEHIKTRKARIFVPARN
NMQSGVNNTKKWKMEFDTRERWENPLMGWASTADPLSNLVLTFSTKEDAIAFAEKNGWSYDVEERKVPKPKSKSYGANFS
WNKRTRVSTK
;
c
23 'polypeptide(L)'
;MAAAVHLRVVRVLPMSRSSVPALAASVFHSPPQRQLHHAVIPHGKGGRSSVSGIVATVFGATGFLGRYLVNHLGRMGSQV
IVPYRCEPYDTMHLRPMGDLGQIIFMDWNGRDKDSIRRAVEHSNVVINLVGREWETKNFDFEDVFVKIPQAIAQVSKEAG
VEKFIHISHLNADIKSSSKYLRNKAVGEKEVRETFPEATIIKPADIFGREDRFLNYFANIRWFGGVPLISLGKKTVKQPV
YIVDVTKGIINAIKDPDARGKTFAFVGPNRYLLFDLVQYVFAVAHRPFLPYPMPHFAYRWIGRLFEISPFEPWTTRDKVE
RIHTTDRTLPHLPGLEDLGVQATPLELKAIEVLRRHRTYRWLSSEIEDVQPAKTVPASGP
;
d
24 'polypeptide(L)'
;MAAAAAIRGVRGKLGLREIRIHLCQRSPGSQGVRDFIEKRYVELKKANPDLPILIRECSDVQPKLWARYAFGQEKNVSLN
NFSADQVTRALENVLSSKA
;
e
25 'polypeptide(L)'
;MAGLLKKTTGLVGLAVCETPHERLKILYTKILDVLGHIPKNAAYRKYTEQITNEKLSIVKAEPDVKKLEEQLQGGQIEEV
ILQAENELSLARKMIQWKPWEPLVEEPPASQWKWPI
;
f
26 'polypeptide(L)'
;NGVELGSDFLSKMAASGLRQAAVAASTSVKPIFSRDMNEAKRRVRELYRAWYREVPNTVHLFQLDISVKQGRDKVREMFK
KNAHVTDPRVVDLLVIKGKMELEETINVWKQRTHVMRFFHETEAPRPKDFLSKFYVGHDP
;
g
27 'polypeptide(L)'
;KM(AYA)SATRLIQGLRNWASGRDLQAKLQLRYQEISKRTQPPPKLPVGPSHRLSNNYYCARDGRREAMPPSIVMSSQKV
LVAGKPAESSAVAASEKKAVSPAPPIKRWELSQDEPYL
;
h
28 'polypeptide(L)'
;MELLQVLKRGLQQVSGHGGLRGYLRVLFRANDVRVGTLVGEDKYGNKYYEDNKQFFGRHRWVIYTTEMNGKNTFWDVDGS
MVPPEWHRWLHCMTDDPPTVKPPTARKFIWTNHKFNLSGTPQQYVPYSTTRKKIQEWVPPSTPYK
;
i
29 'polypeptide(L)'
;MALRFLRLVPASAASRGLAAVPPRVGGIHTSVQRKLQYGPLAYILGEKTTKKMTENSKLITVDGNICSGK(SEP)KLAKE
VAEKLGLKHFPEAGIHYADSTTGDGKPLPVRFSGNCSLEKFYDDPKSNDGNSYRLQAWLYASRLLQYADALEHLLSTGQG
VVLERSIYSDFVFLEAMYRQGFIRKQCVDHYNQVKKVTVCEYLPPHVVIYVDVPVSEVQSRIQKKGNPHEMKITSAYLQD
IENVYKGTFLPEMSEKCEVLQYSAWEAEDAEKVVEDIQYLKYDKGPWLDQDDRKLHNLRMLVQDKLEVLNYTSIPVFLPE
VTIGAHQSDRVFQEFTELPGRKYRAGYNEDVGDKWIWLK
;
k
30 'polypeptide(L)'
;MPFFDVQKKLGVDLDHWMTIQSAEQPHRIPARCHAFEKEWIECAHGIGSIRAEKECKIEFEDFRECLLRQKTMKRLNAIK
RQRDKLIKEGKYTPPPHHSGQEDLRP
;
l
31 'polypeptide(L)'
;MAPRVAAFLKNVWAKEPVLVASFAIAGLAVILPTLSPYTKYSLMINRATPYNYPVPLRDDGNMPDVPSHPQDPQGPSLEW
LKRL
;
m
32 'polypeptide(L)'
;MAHGHGHEHGPSKMELPDYKQWKIEGTPLETVQEKLAARGLRDPWGRNEAWRYMGGFANNVSFVGALLKGFKWGFAAFVV
AVGAEYYLESQKKDKKHH
;
n
33 'polypeptide(L)'
;VTMMTGRQARAPLQFLPDEARSLPPPKLTDPRLAYIGFLGYCSGLIDNAIRRRPVLSAGLHRQFLYITSFVFVGYYLLKR
QDYMYAVRDHDMFSYIKSHPEDFPEKDKKTYREVFEEFHPVR
;
o
34 'polypeptide(L)'
;KMSFPKYEPSRLASLPTTLDPAEYDISSETRKAQAERLAIRSRLKREYQLQYNDPSRRGVVEDPALIRWTCARSANVYPN
FRPNTKTSLLGALFGIGPLIFWYYVFKTDRDRKEKLIQEGKLDRTFNISY
;
p
35 'polypeptide(L)'
;MAASKVKQDMPPVGGYGPIDYKRNLPRRGLSGYSMFAVGIGALLFGYWSMMRWNRERRRLQIEDFEARIALMPLLQAEKD
RRVLQMLRENLEEEATIMKDVPGWKVGESVFHTTRWVTPMMGELYGLRTGEEILSSTYGFIWYT
;
q
36 'polypeptide(L)'
;MSGYTPDEKLRLQQLRELRRRWLKDQELSPREPVLPPRRVSPVERFWNKFLQDGALWKNVIYKTYRHSIFAFTHVLIPVW
IIHYYLKYHVTTKPYTIVEKKPRIFPGDTILETGEVIPPMKEFPDQHH
;
r
37 'polypeptide(L)'
;MGAHLARRYLGDASVEPEPLRMPTFPPDYGFPERKEREMVATQQEMNDAQLVLQQRDYCAHYLIRFLKCKRDSFPNFLAC
KHEQHDWDYCEHLDYVKRMKEFERERRLLQRKKRREQREADMAKGLGPGEVAPEVAL
;
s
38 'polypeptide(L)'
;MAFLPSAAYLTHQQKVLQLYKRALRHLESRCVHRDKYRYFACLLRARFDEHKNEKDMVKATQLLREAEKEFWHGQHPQPY
IFPESPGGTSYERYECYKVPEWCLDDWHPSEKAMYPDYFAKREQWKKLRRESWEREVKQLQEETPVGGPRTEALPPARKQ
GDLPPLWWHIVTRPRERPM
;
t
39 'polypeptide(L)'
;MAGMSALKRLAPFAHVGGHLFRGRCARAVGAGGVRRAGGGAHIEPRYRQFPQLTRSQVIQAEFFSATMWFWILWRFWHDS
DAVLGHFPYPDPSQWTDEELGIPPDDED
;
u
40 'polypeptide(L)'
;MAAARAGVLGIRWLQKAARNVVPLGARTASHITKDMLPGPYPKTPEERAAAAKKYNMRVEDYEPYPDDGMGYGDYPKLPD
RSQQERDPWYDWDHPDLRLNWGEPMHWDLDMYIRNRVDTSPTPVNWNLMCKHLFGFVAFMLFMFWVGETYPTYQPVGPKQ
YPYNNLYLERGGDPNKEPEPVVHYEI
;
v
41 'polypeptide(L)'
;MAAGMLGLCGRRLLAVAATRGLPAASVRWESSSSRAVIAPSTLAGKRPSEPTLRWQEDPEPEDENLYEKNPDSHGYDKDP
AVDVWNMRVVFFFGFSIVLVLGSTFVAYLPDYRMQEWARREAERLVKYREAHGLPLMESNCFDPSKIQLPEDED
;
w
42 'polypeptide(L)' MAPSAFLRPFWKLLAPARFPSVSSSRSKFYIQEPPHGSPNWLKVGLTLGTSAFLWIYLIKQHNEDVLEYKRRNGLE x
43 'polypeptide(L)' MMNLLQVVRDHWIHVLVPVGFVFGYYLDRKNDEKLAAFRNKSLLYKRELKPQEEVTWK y
44 'polypeptide(L)' MWFEVLPGIAVMGVCLFIPGMATARIHRFSNGGREKRVAHYSYQWYLMERDRRVSGVNRYYVSKGLENID z
#
loop_
_chem_comp.id
_chem_comp.type
_chem_comp.name
_chem_comp.formula
3PE non-polymer 1,2-Distearoyl-sn-glycerophosphoethanolamine 'C41 H82 N O8 P'
AMP non-polymer 'ADENOSINE MONOPHOSPHATE' 'C10 H14 N5 O7 P'
CDL non-polymer CARDIOLIPIN 'C81 H156 O17 P2 -2'
DCQ non-polymer 2-decyl-5,6-dimethoxy-3-methylcyclohexa-2,5-diene-1,4-dione 'C19 H30 O4'
FES non-polymer 'FE2/S2 (INORGANIC) CLUSTER' 'Fe2 S2'
FMN non-polymer 'FLAVIN MONONUCLEOTIDE' 'C17 H21 N4 O9 P'
K non-polymer 'POTASSIUM ION' 'K 1'
MYR non-polymer 'MYRISTIC ACID' 'C14 H28 O2'
NAI non-polymer '1,4-DIHYDRONICOTINAMIDE ADENINE DINUCLEOTIDE' 'C21 H29 N7 O14 P2'
NDP non-polymer 'NADPH DIHYDRO-NICOTINAMIDE-ADENINE-DINUCLEOTIDE PHOSPHATE' 'C21 H30 N7 O17 P3'
PC1 non-polymer 1,2-DIACYL-SN-GLYCERO-3-PHOSPHOCHOLINE 'C44 H88 N O8 P'
SF4 non-polymer 'IRON/SULFUR CLUSTER' 'Fe4 S4'
ZMP non-polymer 'S-[2-({N-[(2S)-2-hydroxy-3,3-dimethyl-4-(phosphonooxy)butanoyl]-beta-alanyl}amino)ethyl] tetradecanethioate' 'C25 H49 N2 O8 P S'
ZN non-polymer 'ZINC ION' 'Zn 2'
#
# COMPACT_ATOMS: atom_id res chain seq x y z
N LYS A 29 8.16 122.57 -43.18
CA LYS A 29 9.48 123.11 -42.88
C LYS A 29 10.50 121.99 -42.92
N THR A 30 11.68 122.26 -43.48
CA THR A 30 12.71 121.24 -43.70
C THR A 30 13.77 121.22 -42.61
N SER A 31 14.38 122.37 -42.31
CA SER A 31 15.39 122.49 -41.28
C SER A 31 14.80 123.18 -40.06
N PHE A 32 15.50 123.05 -38.93
CA PHE A 32 15.00 123.58 -37.68
C PHE A 32 16.15 124.22 -36.90
N GLY A 33 15.78 125.00 -35.90
CA GLY A 33 16.73 125.83 -35.19
C GLY A 33 16.66 127.27 -35.64
N SER A 34 17.53 128.07 -35.05
CA SER A 34 17.62 129.53 -35.24
C SER A 34 16.27 130.20 -34.97
N LEU A 35 15.77 129.97 -33.77
CA LEU A 35 14.47 130.49 -33.36
C LEU A 35 14.56 131.99 -33.11
N LYS A 36 13.59 132.73 -33.61
CA LYS A 36 13.59 134.18 -33.43
C LYS A 36 13.22 134.54 -31.99
N ASP A 37 13.61 135.75 -31.59
CA ASP A 37 13.34 136.22 -30.24
C ASP A 37 11.86 136.52 -30.03
N GLU A 38 11.12 136.85 -31.09
CA GLU A 38 9.69 137.08 -30.95
C GLU A 38 8.92 135.78 -30.77
N ASP A 39 9.53 134.65 -31.12
CA ASP A 39 8.90 133.35 -30.98
C ASP A 39 9.32 132.65 -29.69
N ARG A 40 9.85 133.39 -28.73
CA ARG A 40 10.25 132.83 -27.46
C ARG A 40 9.09 132.91 -26.47
N ILE A 41 8.83 131.80 -25.78
CA ILE A 41 7.85 131.82 -24.71
C ILE A 41 8.47 132.39 -23.44
N PHE A 42 9.69 131.94 -23.12
CA PHE A 42 10.34 132.32 -21.87
C PHE A 42 11.23 133.54 -22.07
N THR A 43 10.61 134.64 -22.46
CA THR A 43 11.28 135.93 -22.37
C THR A 43 11.51 136.28 -20.91
N ASN A 44 12.58 137.03 -20.65
CA ASN A 44 13.20 137.19 -19.33
C ASN A 44 13.52 135.82 -18.72
N LEU A 45 14.31 135.06 -19.47
CA LEU A 45 14.84 133.79 -18.94
C LEU A 45 16.08 134.03 -18.10
N TYR A 46 16.83 135.09 -18.39
CA TYR A 46 18.15 135.32 -17.81
C TYR A 46 18.12 136.25 -16.62
N GLY A 47 16.93 136.64 -16.17
CA GLY A 47 16.84 137.59 -15.07
C GLY A 47 17.18 139.01 -15.43
N ARG A 48 17.17 139.35 -16.71
CA ARG A 48 17.58 140.69 -17.13
C ARG A 48 16.47 141.71 -17.02
N HIS A 49 15.22 141.27 -16.94
CA HIS A 49 14.09 142.17 -16.78
C HIS A 49 13.48 141.95 -15.40
N ASP A 50 12.42 142.69 -15.11
CA ASP A 50 11.74 142.56 -13.82
C ASP A 50 10.95 141.26 -13.79
N TRP A 51 11.23 140.41 -12.81
CA TRP A 51 10.48 139.18 -12.63
C TRP A 51 9.14 139.39 -11.94
N ARG A 52 8.90 140.58 -11.39
CA ARG A 52 7.70 140.82 -10.60
C ARG A 52 6.53 141.12 -11.54
N LEU A 53 5.38 141.51 -10.95
CA LEU A 53 4.13 141.60 -11.69
C LEU A 53 4.12 142.75 -12.67
N LYS A 54 4.75 143.88 -12.32
CA LYS A 54 4.86 145.00 -13.24
C LYS A 54 5.70 144.64 -14.45
N GLY A 55 6.79 143.89 -14.24
CA GLY A 55 7.60 143.45 -15.36
C GLY A 55 6.96 142.33 -16.16
N ALA A 56 6.20 141.45 -15.49
CA ALA A 56 5.58 140.34 -16.18
C ALA A 56 4.40 140.80 -17.03
N GLN A 57 3.63 141.77 -16.54
CA GLN A 57 2.52 142.30 -17.34
C GLN A 57 3.01 143.15 -18.49
N SER A 58 4.22 143.68 -18.41
CA SER A 58 4.80 144.42 -19.51
C SER A 58 5.44 143.53 -20.56
N ARG A 59 5.48 142.21 -20.34
CA ARG A 59 6.03 141.27 -21.30
C ARG A 59 4.98 140.35 -21.91
N GLY A 60 3.72 140.48 -21.50
CA GLY A 60 2.65 139.69 -22.08
C GLY A 60 1.95 138.77 -21.10
N ASP A 61 2.48 138.56 -19.90
CA ASP A 61 1.84 137.68 -18.94
C ASP A 61 0.64 138.37 -18.31
N TRP A 62 -0.32 137.55 -17.87
CA TRP A 62 -1.59 137.97 -17.27
C TRP A 62 -2.39 138.90 -18.17
N TYR A 63 -2.24 138.75 -19.49
CA TYR A 63 -3.02 139.50 -20.46
C TYR A 63 -4.12 138.62 -21.01
N LYS A 64 -5.36 139.12 -20.93
CA LYS A 64 -6.58 138.41 -21.34
C LYS A 64 -6.69 137.04 -20.69
N THR A 65 -6.36 136.97 -19.40
CA THR A 65 -6.51 135.72 -18.67
C THR A 65 -7.98 135.41 -18.44
N LYS A 66 -8.78 136.43 -18.13
CA LYS A 66 -10.21 136.25 -17.89
C LYS A 66 -10.93 135.75 -19.12
N GLU A 67 -10.56 136.26 -20.29
CA GLU A 67 -11.15 135.80 -21.55
C GLU A 67 -10.75 134.37 -21.88
N ILE A 68 -9.61 133.90 -21.37
CA ILE A 68 -9.29 132.48 -21.51
C ILE A 68 -10.12 131.64 -20.54
N LEU A 69 -10.22 132.10 -19.29
CA LEU A 69 -10.92 131.31 -18.27
C LEU A 69 -12.42 131.25 -18.50
N LEU A 70 -12.99 132.22 -19.23
CA LEU A 70 -14.41 132.20 -19.53
C LEU A 70 -14.75 131.38 -20.76
N LYS A 71 -13.76 130.81 -21.46
CA LYS A 71 -14.02 129.94 -22.58
C LYS A 71 -14.08 128.47 -22.18
N GLY A 72 -14.10 128.18 -20.88
CA GLY A 72 -14.36 126.85 -20.41
C GLY A 72 -13.14 125.95 -20.46
N PRO A 73 -13.28 124.74 -19.88
CA PRO A 73 -12.16 123.80 -19.92
C PRO A 73 -11.92 123.20 -21.30
N ASP A 74 -12.98 123.03 -22.09
CA ASP A 74 -12.88 122.28 -23.33
C ASP A 74 -12.10 123.05 -24.40
N TRP A 75 -12.28 124.37 -24.45
CA TRP A 75 -11.51 125.17 -25.40
C TRP A 75 -10.03 125.18 -25.06
N ILE A 76 -9.70 125.24 -23.77
CA ILE A 76 -8.31 125.25 -23.35
C ILE A 76 -7.66 123.91 -23.62
N LEU A 77 -8.39 122.82 -23.35
CA LEU A 77 -7.87 121.49 -23.68
C LEU A 77 -7.73 121.29 -25.18
N GLY A 78 -8.64 121.87 -25.97
CA GLY A 78 -8.48 121.82 -27.41
C GLY A 78 -7.30 122.64 -27.91
N GLU A 79 -6.97 123.73 -27.23
CA GLU A 79 -5.79 124.50 -27.60
C GLU A 79 -4.51 123.75 -27.24
N VAL A 80 -4.52 122.99 -26.14
CA VAL A 80 -3.33 122.23 -25.79
C VAL A 80 -3.20 120.99 -26.67
N LYS A 81 -4.31 120.35 -27.03
CA LYS A 81 -4.28 119.20 -27.93
C LYS A 81 -3.91 119.62 -29.35
N THR A 82 -4.36 120.80 -29.78
CA THR A 82 -4.04 121.29 -31.12
C THR A 82 -2.58 121.68 -31.23
N SER A 83 -2.01 122.21 -30.15
CA SER A 83 -0.64 122.69 -30.17
C SER A 83 0.39 121.57 -30.21
N GLY A 84 0.00 120.33 -29.96
CA GLY A 84 0.94 119.24 -30.02
C GLY A 84 1.95 119.23 -28.89
N LEU A 85 1.62 119.91 -27.78
CA LEU A 85 2.51 119.95 -26.63
C LEU A 85 2.62 118.57 -26.00
N ARG A 86 3.84 118.04 -25.99
CA ARG A 86 4.14 116.83 -25.26
C ARG A 86 4.81 117.18 -23.95
N GLY A 87 4.70 116.27 -22.99
CA GLY A 87 5.13 116.50 -21.63
C GLY A 87 6.59 116.84 -21.47
N ARG A 88 6.85 118.09 -21.07
CA ARG A 88 8.20 118.61 -20.95
C ARG A 88 8.91 118.13 -19.69
N GLY A 89 8.27 117.30 -18.88
CA GLY A 89 8.97 116.64 -17.79
C GLY A 89 10.08 115.73 -18.31
N GLY A 90 9.83 115.06 -19.42
CA GLY A 90 10.87 114.30 -20.07
C GLY A 90 10.42 113.04 -20.76
N ALA A 91 9.27 112.51 -20.37
CA ALA A 91 8.75 111.33 -21.04
C ALA A 91 7.98 111.68 -22.30
N GLY A 92 7.52 112.91 -22.43
CA GLY A 92 6.90 113.36 -23.65
C GLY A 92 5.52 112.79 -23.91
N PHE A 93 4.76 112.52 -22.87
CA PHE A 93 3.37 112.13 -23.05
C PHE A 93 2.59 113.35 -23.55
N PRO A 94 1.61 113.15 -24.44
CA PRO A 94 0.85 114.30 -24.97
C PRO A 94 0.07 115.01 -23.88
N THR A 95 0.37 116.30 -23.72
CA THR A 95 -0.09 117.06 -22.56
C THR A 95 -1.59 117.32 -22.62
N GLY A 96 -2.15 117.50 -23.82
CA GLY A 96 -3.59 117.69 -23.92
C GLY A 96 -4.36 116.44 -23.58
N LEU A 97 -3.92 115.29 -24.12
CA LEU A 97 -4.52 114.00 -23.78
C LEU A 97 -4.31 113.66 -22.31
N LYS A 98 -3.20 114.13 -21.72
CA LYS A 98 -2.96 113.91 -20.30
C LYS A 98 -3.92 114.74 -19.44
N TRP A 99 -4.07 116.02 -19.77
CA TRP A 99 -4.92 116.89 -18.97
C TRP A 99 -6.40 116.62 -19.19
N SER A 100 -6.77 116.02 -20.32
CA SER A 100 -8.17 115.69 -20.57
C SER A 100 -8.65 114.51 -19.74
N PHE A 101 -7.76 113.79 -19.06
CA PHE A 101 -8.14 112.73 -18.14
C PHE A 101 -8.88 113.26 -16.92
N MET A 102 -8.66 114.52 -16.57
CA MET A 102 -9.33 115.18 -15.47
C MET A 102 -10.67 115.78 -15.86
N ASN A 103 -10.91 115.96 -17.15
CA ASN A 103 -12.15 116.56 -17.63
C ASN A 103 -13.28 115.55 -17.47
N LYS A 104 -13.88 115.52 -16.28
CA LYS A 104 -14.90 114.56 -15.92
C LYS A 104 -15.69 115.15 -14.75
N PRO A 105 -16.95 114.74 -14.57
CA PRO A 105 -17.73 115.31 -13.46
C PRO A 105 -17.21 114.87 -12.11
N SER A 106 -17.50 115.70 -11.11
CA SER A 106 -16.99 115.47 -9.77
C SER A 106 -17.73 114.33 -9.08
N ASP A 107 -17.14 113.84 -8.00
CA ASP A 107 -17.73 112.81 -7.16
C ASP A 107 -17.56 113.14 -5.69
N GLY A 108 -17.63 114.43 -5.34
CA GLY A 108 -17.49 114.89 -3.98
C GLY A 108 -16.08 115.28 -3.60
N ARG A 109 -15.09 114.64 -4.19
CA ARG A 109 -13.70 114.97 -3.92
C ARG A 109 -13.29 116.20 -4.72
N PRO A 110 -12.39 117.03 -4.17
CA PRO A 110 -11.83 118.12 -4.95
C PRO A 110 -10.87 117.60 -6.02
N LYS A 111 -10.46 118.49 -6.90
CA LYS A 111 -9.45 118.15 -7.88
C LYS A 111 -8.31 119.14 -7.78
N TYR A 112 -7.10 118.66 -8.05
CA TYR A 112 -5.91 119.47 -7.86
C TYR A 112 -5.03 119.42 -9.10
N LEU A 113 -4.49 120.57 -9.47
CA LEU A 113 -3.32 120.63 -10.33
C LEU A 113 -2.10 120.59 -9.44
N VAL A 114 -1.14 119.75 -9.78
CA VAL A 114 0.10 119.66 -9.02
C VAL A 114 1.24 119.94 -9.98
N VAL A 115 2.09 120.90 -9.62
CA VAL A 115 3.17 121.32 -10.50
C VAL A 115 4.47 120.71 -10.01
N ASN A 116 5.11 119.94 -10.86
CA ASN A 116 6.34 119.23 -10.51
C ASN A 116 7.50 120.18 -10.72
N ALA A 117 8.06 120.66 -9.61
CA ALA A 117 9.14 121.64 -9.63
C ALA A 117 10.38 121.11 -8.93
N ASP A 118 10.52 119.79 -8.83
CA ASP A 118 11.66 119.22 -8.12
C ASP A 118 12.95 119.39 -8.91
N GLU A 119 13.01 118.79 -10.10
CA GLU A 119 14.12 118.94 -11.06
C GLU A 119 15.44 118.47 -10.44
N GLY A 120 15.48 117.19 -10.07
CA GLY A 120 16.67 116.62 -9.50
C GLY A 120 17.63 116.01 -10.50
N GLU A 121 17.37 116.18 -11.78
CA GLU A 121 18.13 115.52 -12.82
C GLU A 121 19.46 116.21 -13.01
N PRO A 122 20.57 115.47 -13.05
CA PRO A 122 21.87 116.08 -13.38
C PRO A 122 21.87 116.57 -14.81
N GLY A 123 22.38 117.78 -15.00
CA GLY A 123 22.30 118.47 -16.24
C GLY A 123 21.17 119.47 -16.31
N THR A 124 20.13 119.29 -15.51
CA THR A 124 18.86 119.98 -15.70
C THR A 124 18.70 121.09 -14.67
N CYS A 125 18.63 122.34 -15.15
CA CYS A 125 18.44 123.50 -14.30
C CYS A 125 17.50 124.52 -14.93
N LYS A 126 16.55 124.09 -15.75
CA LYS A 126 15.69 125.00 -16.48
C LYS A 126 14.44 125.42 -15.70
N ASP A 127 13.89 124.52 -14.87
CA ASP A 127 12.69 124.86 -14.11
C ASP A 127 13.05 125.80 -12.98
N ARG A 128 14.29 125.71 -12.48
CA ARG A 128 14.84 126.73 -11.60
C ARG A 128 14.77 128.10 -12.24
N GLU A 129 15.07 128.20 -13.54
CA GLU A 129 15.03 129.47 -14.22
C GLU A 129 13.60 129.94 -14.45
N ILE A 130 12.67 129.03 -14.72
CA ILE A 130 11.28 129.43 -14.90
C ILE A 130 10.68 129.92 -13.58
N ILE A 131 10.96 129.21 -12.48
CA ILE A 131 10.47 129.62 -11.16
C ILE A 131 11.11 130.93 -10.74
N ARG A 132 12.40 131.09 -10.99
CA ARG A 132 13.12 132.21 -10.43
C ARG A 132 12.90 133.49 -11.24
N HIS A 133 12.80 133.38 -12.56
CA HIS A 133 12.84 134.55 -13.42
C HIS A 133 11.53 134.85 -14.13
N ASP A 134 10.68 133.85 -14.38
CA ASP A 134 9.35 134.07 -14.93
C ASP A 134 8.29 133.43 -14.04
N PRO A 135 8.11 133.93 -12.80
CA PRO A 135 7.27 133.18 -11.86
C PRO A 135 5.79 133.40 -12.12
N HIS A 136 5.44 134.61 -12.55
CA HIS A 136 4.05 134.92 -12.86
C HIS A 136 3.56 134.15 -14.06
N LYS A 137 4.47 133.80 -14.98
CA LYS A 137 4.11 132.94 -16.09
C LYS A 137 3.76 131.54 -15.59
N LEU A 138 4.46 131.06 -14.57
CA LEU A 138 4.11 129.79 -13.93
C LEU A 138 2.77 129.88 -13.20
N VAL A 139 2.50 131.00 -12.54
CA VAL A 139 1.24 131.15 -11.80
C VAL A 139 0.06 131.24 -12.75
N GLU A 140 0.23 131.94 -13.87
CA GLU A 140 -0.81 131.98 -14.89
C GLU A 140 -0.99 130.62 -15.55
N GLY A 141 0.10 129.86 -15.71
CA GLY A 141 -0.02 128.50 -16.20
C GLY A 141 -0.79 127.61 -15.24
N CYS A 142 -0.55 127.78 -13.94
CA CYS A 142 -1.31 127.06 -12.92
C CYS A 142 -2.79 127.39 -13.01
N LEU A 143 -3.12 128.68 -13.16
CA LEU A 143 -4.52 129.09 -13.22
C LEU A 143 -5.21 128.58 -14.47
N VAL A 144 -4.57 128.72 -15.63
CA VAL A 144 -5.17 128.29 -16.89
C VAL A 144 -5.27 126.77 -16.96
N GLY A 145 -4.23 126.06 -16.52
CA GLY A 145 -4.27 124.61 -16.52
C GLY A 145 -5.28 124.04 -15.54
N GLY A 146 -5.38 124.65 -14.34
CA GLY A 146 -6.38 124.20 -13.39
C GLY A 146 -7.80 124.53 -13.80
N ARG A 147 -7.97 125.60 -14.56
CA ARG A 147 -9.27 125.86 -15.18
C ARG A 147 -9.58 124.82 -16.25
N ALA A 148 -8.56 124.36 -16.98
CA ALA A 148 -8.77 123.36 -18.01
C ALA A 148 -9.13 122.00 -17.45
N MET A 149 -8.76 121.73 -16.20
CA MET A 149 -9.02 120.44 -15.60
C MET A 149 -9.98 120.51 -14.43
N GLY A 150 -10.52 121.68 -14.13
CA GLY A 150 -11.45 121.82 -13.02
C GLY A 150 -10.80 121.70 -11.67
N ALA A 151 -9.54 122.10 -11.54
CA ALA A 151 -8.81 121.93 -10.31
C ALA A 151 -9.22 122.99 -9.30
N ARG A 152 -9.32 122.57 -8.04
CA ARG A 152 -9.65 123.51 -6.98
C ARG A 152 -8.45 124.37 -6.62
N ALA A 153 -7.27 123.78 -6.55
CA ALA A 153 -6.09 124.48 -6.08
C ALA A 153 -4.85 123.92 -6.75
N ALA A 154 -3.75 124.65 -6.64
CA ALA A 154 -2.49 124.29 -7.26
C ALA A 154 -1.42 124.13 -6.19
N TYR A 155 -0.86 122.93 -6.09
CA TYR A 155 0.30 122.67 -5.23
C TYR A 155 1.53 122.64 -6.12
N ILE A 156 2.43 123.60 -5.93
CA ILE A 156 3.69 123.63 -6.65
C ILE A 156 4.73 123.00 -5.74
N TYR A 157 5.02 121.72 -5.98
CA TYR A 157 6.01 121.01 -5.17
C TYR A 157 7.39 121.43 -5.62
N ILE A 158 7.96 122.39 -4.95
CA ILE A 158 9.26 122.91 -5.35
C ILE A 158 10.33 122.14 -4.61
N ARG A 159 11.53 122.14 -5.19
CA ARG A 159 12.67 121.48 -4.58
C ARG A 159 13.07 122.19 -3.30
N GLY A 160 13.43 121.41 -2.27
CA GLY A 160 13.90 122.01 -1.03
C GLY A 160 15.26 122.66 -1.17
N GLU A 161 16.05 122.20 -2.14
CA GLU A 161 17.32 122.86 -2.43
C GLU A 161 17.12 124.26 -3.01
N PHE A 162 15.99 124.50 -3.67
CA PHE A 162 15.71 125.80 -4.28
C PHE A 162 14.95 126.64 -3.26
N TYR A 163 15.70 127.29 -2.36
CA TYR A 163 15.05 128.10 -1.34
C TYR A 163 14.83 129.53 -1.79
N ASN A 164 15.85 130.12 -2.42
CA ASN A 164 15.73 131.48 -2.95
C ASN A 164 14.70 131.52 -4.07
N GLU A 165 14.66 130.49 -4.90
CA GLU A 165 13.64 130.35 -5.93
C GLU A 165 12.25 130.18 -5.33
N ALA A 166 12.15 129.49 -4.20
CA ALA A 166 10.86 129.30 -3.54
C ALA A 166 10.32 130.60 -2.98
N SER A 167 11.18 131.36 -2.29
CA SER A 167 10.75 132.66 -1.77
C SER A 167 10.47 133.66 -2.88
N ASN A 168 11.24 133.56 -3.97
CA ASN A 168 11.01 134.34 -5.18
C ASN A 168 9.62 134.08 -5.75
N LEU A 169 9.28 132.80 -5.88
CA LEU A 169 7.95 132.40 -6.34
C LEU A 169 6.85 132.80 -5.37
N GLN A 170 7.13 132.76 -4.06
CA GLN A 170 6.14 133.15 -3.07
C GLN A 170 5.84 134.65 -3.12
N VAL A 171 6.85 135.47 -3.39
CA VAL A 171 6.61 136.90 -3.57
C VAL A 171 5.76 137.14 -4.81
N ALA A 172 6.03 136.39 -5.89
CA ALA A 172 5.18 136.53 -7.07
C ALA A 172 3.77 136.03 -6.85
N ILE A 173 3.58 135.00 -6.02
CA ILE A 173 2.24 134.51 -5.74
C ILE A 173 1.48 135.48 -4.85
N ARG A 174 2.18 136.17 -3.93
CA ARG A 174 1.51 137.24 -3.20
C ARG A 174 1.15 138.40 -4.11
N GLU A 175 2.00 138.69 -5.10
CA GLU A 175 1.64 139.71 -6.09
C GLU A 175 0.46 139.27 -6.97
N ALA A 176 0.29 137.96 -7.16
CA ALA A 176 -0.87 137.47 -7.90
C ALA A 176 -2.15 137.51 -7.07
N TYR A 177 -2.05 137.22 -5.76
CA TYR A 177 -3.23 137.31 -4.91
C TYR A 177 -3.66 138.75 -4.69
N GLU A 178 -2.71 139.66 -4.49
CA GLU A 178 -3.06 141.04 -4.17
C GLU A 178 -3.58 141.82 -5.37
N ALA A 179 -3.38 141.31 -6.59
CA ALA A 179 -3.95 141.92 -7.78
C ALA A 179 -5.28 141.30 -8.16
N GLY A 180 -5.78 140.34 -7.39
CA GLY A 180 -7.00 139.66 -7.76
C GLY A 180 -6.86 138.70 -8.90
N LEU A 181 -5.66 138.20 -9.16
CA LEU A 181 -5.43 137.31 -10.29
C LEU A 181 -5.69 135.85 -9.94
N ILE A 182 -5.41 135.45 -8.70
CA ILE A 182 -5.74 134.12 -8.21
C ILE A 182 -6.47 134.27 -6.88
N GLY A 183 -7.04 133.16 -6.41
CA GLY A 183 -7.78 133.19 -5.16
C GLY A 183 -9.28 133.24 -5.38
N LYS A 184 -9.97 133.99 -4.53
CA LYS A 184 -11.41 134.17 -4.69
C LYS A 184 -11.67 135.05 -5.91
N ASN A 185 -12.47 134.52 -6.86
CA ASN A 185 -12.83 135.18 -8.12
C ASN A 185 -11.57 135.57 -8.91
N ALA A 186 -10.86 134.53 -9.36
CA ALA A 186 -9.58 134.70 -10.03
C ALA A 186 -9.75 135.41 -11.36
N CYS A 187 -9.11 136.57 -11.49
CA CYS A 187 -9.13 137.46 -12.65
C CYS A 187 -10.53 137.94 -13.01
N GLY A 188 -11.45 137.95 -12.05
CA GLY A 188 -12.81 138.38 -12.31
C GLY A 188 -13.61 137.44 -13.17
N SER A 189 -13.34 136.14 -13.09
CA SER A 189 -14.01 135.15 -13.92
C SER A 189 -14.93 134.23 -13.14
N GLY A 190 -15.10 134.46 -11.85
CA GLY A 190 -15.97 133.60 -11.07
C GLY A 190 -15.40 132.22 -10.78
N TYR A 191 -14.09 132.06 -10.89
CA TYR A 191 -13.42 130.79 -10.65
C TYR A 191 -12.51 130.94 -9.44
N ASP A 192 -12.66 130.06 -8.47
CA ASP A 192 -11.86 130.11 -7.24
C ASP A 192 -10.69 129.15 -7.37
N PHE A 193 -9.48 129.66 -7.10
CA PHE A 193 -8.29 128.87 -7.39
C PHE A 193 -7.16 129.35 -6.50
N ASP A 194 -6.71 128.50 -5.58
CA ASP A 194 -5.56 128.78 -4.74
C ASP A 194 -4.29 128.20 -5.34
N VAL A 195 -3.16 128.80 -5.03
CA VAL A 195 -1.85 128.35 -5.51
C VAL A 195 -0.93 128.19 -4.31
N PHE A 196 -0.44 126.98 -4.10
CA PHE A 196 0.38 126.64 -2.96
C PHE A 196 1.78 126.29 -3.41
N VAL A 197 2.75 126.51 -2.52
CA VAL A 197 4.10 126.02 -2.72
C VAL A 197 4.43 125.10 -1.56
N VAL A 198 4.81 123.88 -1.87
CA VAL A 198 5.20 122.87 -0.89
C VAL A 198 6.65 122.53 -1.16
N ARG A 199 7.55 122.97 -0.28
CA ARG A 199 8.96 122.70 -0.48
C ARG A 199 9.27 121.23 -0.23
N GLY A 200 10.14 120.66 -1.07
CA GLY A 200 10.65 119.33 -0.86
C GLY A 200 11.72 119.33 0.22
N ALA A 201 12.39 118.20 0.32
CA ALA A 201 13.42 118.10 1.34
C ALA A 201 14.65 117.35 0.84
N GLY A 202 14.92 117.40 -0.45
CA GLY A 202 16.16 116.83 -0.94
C GLY A 202 16.07 115.36 -1.30
N ALA A 203 15.20 115.03 -2.25
CA ALA A 203 15.09 113.68 -2.76
C ALA A 203 14.82 113.76 -4.25
N TYR A 204 15.71 113.15 -5.03
CA TYR A 204 15.53 113.07 -6.48
C TYR A 204 14.31 112.26 -6.86
N ILE A 205 13.94 111.27 -6.03
CA ILE A 205 12.77 110.47 -6.33
C ILE A 205 11.48 111.24 -6.10
N CYS A 206 11.51 112.32 -5.33
CA CYS A 206 10.32 113.13 -5.12
C CYS A 206 9.98 114.03 -6.29
N GLY A 207 10.58 113.82 -7.46
CA GLY A 207 10.12 114.43 -8.68
C GLY A 207 9.31 113.47 -9.52
N GLU A 208 9.45 112.17 -9.25
CA GLU A 208 8.53 111.20 -9.80
C GLU A 208 7.14 111.49 -9.25
N GLU A 209 6.13 111.42 -10.12
CA GLU A 209 4.86 112.08 -9.86
C GLU A 209 4.11 111.46 -8.69
N THR A 210 4.18 110.13 -8.55
CA THR A 210 3.48 109.50 -7.45
C THR A 210 4.25 109.61 -6.15
N ALA A 211 5.59 109.56 -6.22
CA ALA A 211 6.40 109.83 -5.04
C ALA A 211 6.29 111.28 -4.60
N LEU A 212 6.10 112.18 -5.55
CA LEU A 212 5.84 113.58 -5.23
C LEU A 212 4.49 113.74 -4.54
N ILE A 213 3.48 113.00 -5.02
CA ILE A 213 2.18 112.96 -4.36
C ILE A 213 2.32 112.45 -2.92
N GLU A 214 3.12 111.40 -2.71
CA GLU A 214 3.34 110.89 -1.36
C GLU A 214 4.12 111.87 -0.50
N SER A 215 4.99 112.67 -1.11
CA SER A 215 5.75 113.65 -0.36
C SER A 215 4.90 114.84 0.05
N ILE A 216 3.91 115.22 -0.77
CA ILE A 216 2.95 116.25 -0.37
C ILE A 216 2.09 115.74 0.78
N GLU A 217 1.75 114.46 0.77
CA GLU A 217 0.94 113.84 1.81
C GLU A 217 1.68 113.62 3.13
N GLY A 218 2.94 114.04 3.25
CA GLY A 218 3.63 113.95 4.52
C GLY A 218 4.18 112.58 4.81
N LYS A 219 4.79 111.93 3.82
CA LYS A 219 5.31 110.59 3.92
C LYS A 219 6.67 110.53 3.24
N GLN A 220 7.28 109.35 3.32
CA GLN A 220 8.45 109.08 2.51
C GLN A 220 8.09 109.15 1.03
N GLY A 221 8.97 109.74 0.24
CA GLY A 221 8.72 109.88 -1.18
C GLY A 221 8.88 108.59 -1.95
N LYS A 222 8.01 107.66 -1.71
CA LYS A 222 8.03 106.38 -2.38
C LYS A 222 6.99 106.36 -3.47
N PRO A 223 7.37 106.01 -4.69
CA PRO A 223 6.40 106.02 -5.80
C PRO A 223 5.32 104.98 -5.64
N ARG A 224 4.09 105.40 -5.94
CA ARG A 224 2.96 104.48 -5.97
C ARG A 224 3.04 103.60 -7.21
N LEU A 225 2.18 102.60 -7.25
CA LEU A 225 2.04 101.78 -8.44
C LEU A 225 0.94 102.34 -9.33
N LYS A 226 1.06 102.08 -10.62
CA LYS A 226 0.13 102.57 -11.61
C LYS A 226 -0.46 101.41 -12.39
N PRO A 227 -1.80 101.30 -12.50
CA PRO A 227 -2.88 102.11 -11.93
C PRO A 227 -3.08 101.82 -10.45
N PRO A 228 -3.74 102.74 -9.70
CA PRO A 228 -4.41 104.02 -10.00
C PRO A 228 -3.50 105.14 -10.47
N PHE A 229 -3.79 105.63 -11.67
CA PHE A 229 -3.12 106.81 -12.19
C PHE A 229 -3.56 108.03 -11.38
N PRO A 230 -2.73 109.09 -11.33
CA PRO A 230 -3.07 110.27 -10.52
C PRO A 230 -4.35 110.98 -10.92
N ALA A 231 -4.81 110.82 -12.17
CA ALA A 231 -6.08 111.40 -12.57
C ALA A 231 -7.26 110.71 -11.91
N ASP A 232 -7.08 109.47 -11.46
CA ASP A 232 -8.10 108.75 -10.72
C ASP A 232 -7.92 108.93 -9.22
N VAL A 233 -6.76 108.53 -8.71
CA VAL A 233 -6.40 108.71 -7.30
C VAL A 233 -5.02 109.37 -7.28
N GLY A 234 -4.98 110.64 -6.89
CA GLY A 234 -3.72 111.36 -6.87
C GLY A 234 -3.37 111.86 -5.48
N VAL A 235 -3.17 113.16 -5.31
CA VAL A 235 -2.81 113.71 -4.01
C VAL A 235 -4.06 113.76 -3.15
N PHE A 236 -3.91 113.31 -1.91
CA PHE A 236 -4.95 113.12 -0.90
C PHE A 236 -6.03 112.13 -1.31
N GLY A 237 -5.81 111.34 -2.37
CA GLY A 237 -6.85 110.53 -2.94
C GLY A 237 -7.81 111.25 -3.85
N CYS A 238 -7.54 112.50 -4.17
CA CYS A 238 -8.31 113.31 -5.08
C CYS A 238 -7.80 113.13 -6.50
N PRO A 239 -8.57 113.50 -7.52
CA PRO A 239 -8.00 113.52 -8.87
C PRO A 239 -6.92 114.58 -9.00
N THR A 240 -5.91 114.28 -9.83
CA THR A 240 -4.68 115.06 -9.84
C THR A 240 -3.99 114.95 -11.19
N THR A 241 -3.55 116.09 -11.72
CA THR A 241 -2.55 116.11 -12.77
C THR A 241 -1.24 116.60 -12.17
N VAL A 242 -0.19 115.80 -12.32
CA VAL A 242 1.17 116.25 -12.04
C VAL A 242 1.79 116.67 -13.36
N ALA A 243 2.31 117.89 -13.42
CA ALA A 243 2.86 118.43 -14.65
C ALA A 243 4.12 119.23 -14.33
N ASN A 244 5.01 119.29 -15.32
CA ASN A 244 6.28 119.99 -15.17
C ASN A 244 6.05 121.50 -15.11
N VAL A 245 7.05 122.22 -14.62
CA VAL A 245 7.04 123.68 -14.64
C VAL A 245 7.00 124.20 -16.08
N GLU A 246 7.74 123.54 -16.97
CA GLU A 246 7.81 124.00 -18.36
C GLU A 246 6.49 123.80 -19.08
N THR A 247 5.90 122.61 -18.96
CA THR A 247 4.65 122.34 -19.66
C THR A 247 3.45 123.03 -19.02
N VAL A 248 3.60 123.56 -17.82
CA VAL A 248 2.57 124.42 -17.23
C VAL A 248 2.76 125.86 -17.70
N ALA A 249 4.00 126.34 -17.71
CA ALA A 249 4.27 127.73 -18.01
C ALA A 249 4.08 128.08 -19.49
N VAL A 250 4.20 127.10 -20.40
CA VAL A 250 3.98 127.40 -21.80
C VAL A 250 2.50 127.46 -22.16
N SER A 251 1.62 127.00 -21.29
CA SER A 251 0.19 126.94 -21.57
C SER A 251 -0.55 128.28 -21.71
N PRO A 252 -0.26 129.37 -20.97
CA PRO A 252 -0.93 130.64 -21.30
C PRO A 252 -0.47 131.20 -22.62
N THR A 253 0.80 131.01 -22.98
CA THR A 253 1.28 131.43 -24.29
C THR A 253 0.64 130.61 -25.40
N ILE A 254 0.36 129.33 -25.15
CA ILE A 254 -0.37 128.53 -26.12
C ILE A 254 -1.82 129.03 -26.26
N CYS A 255 -2.44 129.41 -25.14
CA CYS A 255 -3.82 129.89 -25.23
C CYS A 255 -3.91 131.29 -25.86
N ARG A 256 -2.92 132.14 -25.64
CA ARG A 256 -2.95 133.47 -26.23
C ARG A 256 -2.52 133.44 -27.70
N ARG A 257 -1.33 132.91 -27.97
CA ARG A 257 -0.78 132.91 -29.32
C ARG A 257 -1.52 131.95 -30.25
N GLY A 258 -2.17 130.94 -29.70
CA GLY A 258 -2.83 129.93 -30.51
C GLY A 258 -2.12 128.60 -30.44
N GLY A 259 -2.87 127.54 -30.70
CA GLY A 259 -2.28 126.21 -30.75
C GLY A 259 -1.45 126.00 -31.99
N ALA A 260 -1.92 126.52 -33.14
CA ALA A 260 -1.20 126.31 -34.40
C ALA A 260 0.11 127.08 -34.43
N TRP A 261 0.22 128.16 -33.65
CA TRP A 261 1.50 128.86 -33.54
C TRP A 261 2.55 127.99 -32.88
N PHE A 262 2.21 127.39 -31.74
CA PHE A 262 3.13 126.52 -31.03
C PHE A 262 3.39 125.25 -31.81
N ALA A 263 2.40 124.76 -32.55
CA ALA A 263 2.56 123.58 -33.38
C ALA A 263 3.31 123.87 -34.67
N SER A 264 3.54 125.13 -35.02
CA SER A 264 4.26 125.48 -36.22
C SER A 264 5.78 125.42 -36.07
N PHE A 265 6.30 124.84 -34.99
CA PHE A 265 7.73 124.65 -34.81
C PHE A 265 8.01 123.16 -34.58
N GLY A 266 9.22 122.74 -34.93
CA GLY A 266 9.61 121.35 -34.76
C GLY A 266 8.95 120.43 -35.77
N ARG A 267 9.33 119.16 -35.70
CA ARG A 267 8.73 118.17 -36.58
C ARG A 267 7.33 117.81 -36.09
N GLU A 268 6.62 117.02 -36.89
CA GLU A 268 5.28 116.62 -36.51
C GLU A 268 5.37 115.54 -35.44
N ARG A 269 4.49 115.65 -34.44
CA ARG A 269 4.54 115.01 -33.11
C ARG A 269 5.74 115.46 -32.29
N ASN A 270 6.41 116.54 -32.69
CA ASN A 270 7.53 117.12 -31.95
C ASN A 270 7.38 118.64 -31.98
N SER A 271 6.19 119.11 -31.59
CA SER A 271 5.86 120.51 -31.78
C SER A 271 6.41 121.38 -30.66
N GLY A 272 6.88 122.56 -31.02
CA GLY A 272 7.07 123.61 -30.04
C GLY A 272 8.47 124.15 -29.83
N THR A 273 8.68 124.76 -28.67
CA THR A 273 9.98 125.23 -28.22
C THR A 273 10.40 124.41 -27.01
N LYS A 274 11.69 124.48 -26.70
CA LYS A 274 12.22 123.63 -25.64
C LYS A 274 13.41 124.33 -25.00
N LEU A 275 13.45 124.33 -23.67
CA LEU A 275 14.59 124.87 -22.95
C LEU A 275 15.70 123.83 -22.90
N PHE A 276 16.88 124.22 -23.36
CA PHE A 276 18.04 123.34 -23.38
C PHE A 276 19.05 123.81 -22.34
N ASN A 277 19.66 122.86 -21.64
CA ASN A 277 20.66 123.14 -20.63
C ASN A 277 21.96 122.49 -21.11
N ILE A 278 22.72 123.21 -21.92
CA ILE A 278 23.99 122.67 -22.39
C ILE A 278 25.02 122.88 -21.28
N SER A 279 25.63 121.79 -20.84
CA SER A 279 26.61 121.84 -19.76
C SER A 279 27.68 120.80 -20.01
N GLY A 280 28.60 120.70 -19.08
CA GLY A 280 29.74 119.80 -19.24
C GLY A 280 30.88 120.51 -19.91
N HIS A 281 31.48 119.85 -20.91
CA HIS A 281 32.69 120.35 -21.56
C HIS A 281 32.33 121.17 -22.79
N VAL A 282 31.80 122.37 -22.53
CA VAL A 282 31.57 123.38 -23.55
C VAL A 282 32.27 124.65 -23.12
N ASN A 283 32.25 125.65 -24.01
CA ASN A 283 32.90 126.91 -23.70
C ASN A 283 31.99 127.83 -22.91
N ASN A 284 30.70 127.83 -23.21
CA ASN A 284 29.73 128.70 -22.56
C ASN A 284 28.54 127.85 -22.14
N PRO A 285 28.59 127.25 -20.95
CA PRO A 285 27.44 126.46 -20.47
C PRO A 285 26.26 127.38 -20.15
N CYS A 286 25.09 127.06 -20.70
CA CYS A 286 23.99 127.99 -20.60
C CYS A 286 22.66 127.27 -20.70
N THR A 287 21.64 127.89 -20.10
CA THR A 287 20.25 127.55 -20.35
C THR A 287 19.76 128.43 -21.51
N VAL A 288 19.18 127.81 -22.53
CA VAL A 288 18.74 128.55 -23.70
C VAL A 288 17.46 127.93 -24.24
N GLU A 289 16.60 128.76 -24.80
CA GLU A 289 15.41 128.30 -25.50
C GLU A 289 15.72 128.20 -26.98
N GLU A 290 15.20 127.15 -27.61
CA GLU A 290 15.51 126.89 -29.01
C GLU A 290 14.33 126.13 -29.61
N GLU A 291 14.26 126.14 -30.94
CA GLU A 291 13.26 125.37 -31.67
C GLU A 291 13.47 123.87 -31.40
N MET A 292 12.40 123.10 -31.56
CA MET A 292 12.33 121.75 -31.00
C MET A 292 13.28 120.79 -31.69
N SER A 293 13.22 120.72 -33.02
CA SER A 293 13.98 119.72 -33.76
C SER A 293 15.32 120.27 -34.23
N VAL A 294 15.94 121.12 -33.43
CA VAL A 294 17.25 121.72 -33.75
C VAL A 294 18.31 120.62 -33.79
N PRO A 295 19.28 120.68 -34.69
CA PRO A 295 20.41 119.73 -34.62
C PRO A 295 21.25 119.98 -33.39
N LEU A 296 21.79 118.90 -32.84
CA LEU A 296 22.58 118.98 -31.61
C LEU A 296 23.91 119.68 -31.87
N LYS A 297 24.52 119.41 -33.03
CA LYS A 297 25.76 120.10 -33.40
C LYS A 297 25.55 121.60 -33.53
N GLU A 298 24.44 122.00 -34.16
CA GLU A 298 24.11 123.40 -34.31
C GLU A 298 23.84 124.07 -32.96
N LEU A 299 23.16 123.35 -32.06
CA LEU A 299 22.87 123.87 -30.73
C LEU A 299 24.14 124.10 -29.92
N ILE A 300 25.04 123.11 -29.92
CA ILE A 300 26.28 123.22 -29.16
C ILE A 300 27.19 124.30 -29.76
N GLU A 301 27.33 124.33 -31.08
CA GLU A 301 28.21 125.30 -31.71
C GLU A 301 27.63 126.72 -31.72
N LYS A 302 26.31 126.87 -31.57
CA LYS A 302 25.71 128.19 -31.61
C LYS A 302 25.52 128.80 -30.23
N HIS A 303 24.84 128.10 -29.32
CA HIS A 303 24.52 128.71 -28.04
C HIS A 303 25.55 128.45 -26.96
N ALA A 304 26.35 127.40 -27.10
CA ALA A 304 27.35 127.08 -26.11
C ALA A 304 28.76 127.42 -26.55
N GLY A 305 28.94 127.92 -27.77
CA GLY A 305 30.27 128.22 -28.25
C GLY A 305 31.11 127.02 -28.60
N GLY A 306 30.49 125.84 -28.74
CA GLY A 306 31.21 124.66 -29.17
C GLY A 306 31.88 123.92 -28.03
N VAL A 307 32.37 122.73 -28.36
CA VAL A 307 33.09 121.90 -27.41
C VAL A 307 34.48 122.49 -27.17
N THR A 308 34.96 122.37 -25.93
CA THR A 308 36.32 122.79 -25.60
C THR A 308 37.35 121.99 -26.39
N GLY A 309 38.15 122.69 -27.18
CA GLY A 309 39.08 122.05 -28.08
C GLY A 309 38.51 121.75 -29.45
N GLY A 310 37.33 122.27 -29.77
CA GLY A 310 36.73 122.08 -31.07
C GLY A 310 35.80 120.88 -31.11
N TRP A 311 35.09 120.77 -32.24
CA TRP A 311 34.18 119.64 -32.46
C TRP A 311 34.93 118.33 -32.64
N ASP A 312 36.19 118.38 -33.07
CA ASP A 312 37.01 117.18 -33.14
C ASP A 312 37.34 116.61 -31.77
N ASN A 313 37.28 117.44 -30.73
CA ASN A 313 37.58 117.02 -29.38
C ASN A 313 36.37 116.36 -28.70
N LEU A 314 35.28 116.13 -29.41
CA LEU A 314 34.09 115.56 -28.79
C LEU A 314 34.22 114.04 -28.69
N LEU A 315 33.93 113.51 -27.50
CA LEU A 315 33.88 112.07 -27.29
C LEU A 315 32.45 111.54 -27.25
N ALA A 316 31.62 112.08 -26.36
CA ALA A 316 30.25 111.63 -26.22
C ALA A 316 29.41 112.78 -25.68
N VAL A 317 28.10 112.65 -25.85
CA VAL A 317 27.14 113.64 -25.36
C VAL A 317 25.98 112.90 -24.71
N ILE A 318 25.72 113.20 -23.45
CA ILE A 318 24.48 112.76 -22.82
C ILE A 318 23.40 113.75 -23.23
N PRO A 319 22.41 113.34 -24.02
CA PRO A 319 21.55 114.33 -24.69
C PRO A 319 20.56 115.00 -23.77
N GLY A 320 20.00 114.25 -22.84
CA GLY A 320 18.91 114.77 -22.05
C GLY A 320 18.97 114.57 -20.55
N GLY A 321 20.14 114.74 -19.97
CA GLY A 321 20.29 114.49 -18.56
C GLY A 321 20.58 113.02 -18.32
N SER A 322 20.85 112.72 -17.05
CA SER A 322 21.56 111.50 -16.64
C SER A 322 20.82 110.23 -17.07
N SER A 323 19.49 110.26 -17.06
CA SER A 323 18.72 109.07 -17.36
C SER A 323 18.74 108.70 -18.83
N THR A 324 19.15 109.59 -19.73
CA THR A 324 19.20 109.10 -21.10
C THR A 324 20.51 108.40 -21.37
N PRO A 325 20.52 107.41 -22.26
CA PRO A 325 21.78 106.81 -22.68
C PRO A 325 22.66 107.78 -23.44
N LEU A 326 23.96 107.57 -23.35
CA LEU A 326 24.91 108.43 -24.06
C LEU A 326 24.93 108.09 -25.54
N ILE A 327 25.27 109.08 -26.35
CA ILE A 327 25.49 108.87 -27.78
C ILE A 327 26.88 109.39 -28.13
N PRO A 328 27.65 108.67 -28.95
CA PRO A 328 29.01 109.09 -29.27
C PRO A 328 29.02 110.19 -30.31
N LYS A 329 30.22 110.59 -30.70
CA LYS A 329 30.41 111.72 -31.62
C LYS A 329 29.93 111.41 -33.02
N SER A 330 29.90 110.13 -33.40
CA SER A 330 29.41 109.75 -34.72
C SER A 330 27.90 109.93 -34.84
N VAL A 331 27.19 109.82 -33.72
CA VAL A 331 25.74 110.01 -33.74
C VAL A 331 25.38 111.50 -33.63
N CYS A 332 26.17 112.28 -32.89
CA CYS A 332 25.90 113.69 -32.64
C CYS A 332 26.12 114.58 -33.86
N GLU A 333 26.65 114.03 -34.96
CA GLU A 333 26.92 114.84 -36.14
C GLU A 333 25.64 115.27 -36.84
N THR A 334 24.66 114.38 -36.95
CA THR A 334 23.45 114.65 -37.72
C THR A 334 22.15 114.43 -36.94
N VAL A 335 22.20 114.43 -35.62
CA VAL A 335 21.03 114.06 -34.83
C VAL A 335 20.19 115.31 -34.54
N LEU A 336 18.87 115.12 -34.46
CA LEU A 336 17.92 116.18 -34.18
C LEU A 336 17.42 116.06 -32.75
N MET A 337 17.33 117.20 -32.06
CA MET A 337 17.07 117.20 -30.62
C MET A 337 15.57 117.21 -30.28
N ASP A 338 14.80 116.31 -30.87
CA ASP A 338 13.43 116.10 -30.44
C ASP A 338 13.29 114.64 -29.98
N PHE A 339 12.05 114.24 -29.70
CA PHE A 339 11.80 112.94 -29.08
C PHE A 339 12.10 111.80 -30.04
N ASP A 340 11.55 111.86 -31.25
CA ASP A 340 11.60 110.73 -32.18
C ASP A 340 13.00 110.49 -32.72
N ALA A 341 13.73 111.56 -33.01
CA ALA A 341 15.07 111.39 -33.58
C ALA A 341 16.09 110.93 -32.55
N LEU A 342 15.81 111.09 -31.26
CA LEU A 342 16.67 110.48 -30.26
C LEU A 342 16.20 109.08 -29.88
N ILE A 343 14.91 108.78 -30.00
CA ILE A 343 14.48 107.39 -29.85
C ILE A 343 15.03 106.53 -30.99
N GLN A 344 15.11 107.10 -32.19
CA GLN A 344 15.80 106.42 -33.28
C GLN A 344 17.31 106.41 -33.11
N ALA A 345 17.84 107.31 -32.28
CA ALA A 345 19.26 107.30 -31.94
C ALA A 345 19.55 106.43 -30.72
N GLN A 346 18.68 105.47 -30.42
CA GLN A 346 18.69 104.56 -29.25
C GLN A 346 19.05 105.28 -27.95
N THR A 347 18.38 106.40 -27.73
CA THR A 347 18.42 107.14 -26.48
C THR A 347 17.04 107.79 -26.33
N GLY A 348 16.92 108.80 -25.47
CA GLY A 348 15.69 109.55 -25.35
C GLY A 348 15.96 111.04 -25.38
N LEU A 349 14.89 111.82 -25.47
CA LEU A 349 15.05 113.26 -25.31
C LEU A 349 15.18 113.63 -23.85
N GLY A 350 14.22 113.22 -23.01
CA GLY A 350 14.32 113.49 -21.59
C GLY A 350 14.13 114.95 -21.28
N THR A 351 14.96 115.46 -20.38
CA THR A 351 14.86 116.84 -19.92
C THR A 351 15.51 117.84 -20.86
N ALA A 352 16.08 117.37 -21.97
CA ALA A 352 16.90 118.17 -22.89
C ALA A 352 18.02 118.89 -22.14
N ALA A 353 18.80 118.10 -21.41
CA ALA A 353 19.93 118.59 -20.62
C ALA A 353 21.18 118.01 -21.25
N VAL A 354 21.82 118.80 -22.09
CA VAL A 354 22.92 118.32 -22.94
C VAL A 354 24.20 118.36 -22.12
N ILE A 355 24.70 117.19 -21.74
CA ILE A 355 25.95 117.06 -21.00
C ILE A 355 27.01 116.65 -22.00
N VAL A 356 27.99 117.52 -22.21
CA VAL A 356 28.97 117.37 -23.29
C VAL A 356 30.28 116.89 -22.69
N MET A 357 30.87 115.86 -23.30
CA MET A 357 32.04 115.17 -22.75
C MET A 357 33.11 115.14 -23.83
N ASP A 358 34.31 115.62 -23.49
CA ASP A 358 35.37 115.70 -24.50
C ASP A 358 36.25 114.46 -24.46
N ARG A 359 37.31 114.46 -25.28
CA ARG A 359 38.20 113.31 -25.40
C ARG A 359 39.07 113.10 -24.16
N SER A 360 39.24 114.12 -23.33
CA SER A 360 40.04 114.02 -22.12
C SER A 360 39.26 113.48 -20.93
N THR A 361 38.08 112.91 -21.16
CA THR A 361 37.19 112.46 -20.11
C THR A 361 37.36 110.97 -19.87
N ASP A 362 37.62 110.60 -18.62
CA ASP A 362 37.42 109.22 -18.20
C ASP A 362 35.92 108.99 -18.14
N ILE A 363 35.37 108.39 -19.21
CA ILE A 363 33.92 108.26 -19.34
C ILE A 363 33.39 107.21 -18.37
N VAL A 364 34.21 106.22 -18.03
CA VAL A 364 33.79 105.18 -17.09
C VAL A 364 33.65 105.76 -15.70
N LYS A 365 34.52 106.71 -15.33
CA LYS A 365 34.39 107.42 -14.07
C LYS A 365 33.13 108.26 -14.04
N ALA A 366 32.76 108.86 -15.17
CA ALA A 366 31.57 109.70 -15.22
C ALA A 366 30.29 108.87 -15.10
N ILE A 367 30.23 107.76 -15.83
CA ILE A 367 29.03 106.93 -15.77
C ILE A 367 28.95 106.18 -14.44
N ALA A 368 30.09 105.82 -13.84
CA ALA A 368 30.06 105.20 -12.52
C ALA A 368 29.64 106.20 -11.45
N ARG A 369 30.05 107.48 -11.61
CA ARG A 369 29.54 108.51 -10.71
C ARG A 369 28.06 108.74 -10.93
N LEU A 370 27.58 108.54 -12.14
CA LEU A 370 26.16 108.71 -12.42
C LEU A 370 25.35 107.59 -11.77
N ILE A 371 25.88 106.36 -11.80
CA ILE A 371 25.21 105.25 -11.11
C ILE A 371 25.35 105.40 -9.59
N GLU A 372 26.42 106.05 -9.14
CA GLU A 372 26.54 106.36 -7.72
C GLU A 372 25.50 107.39 -7.29
N PHE A 373 25.22 108.37 -8.15
CA PHE A 373 24.08 109.25 -7.96
C PHE A 373 22.78 108.48 -7.87
N TYR A 374 22.59 107.51 -8.76
CA TYR A 374 21.33 106.78 -8.73
C TYR A 374 21.20 105.82 -7.55
N LYS A 375 22.29 105.38 -6.93
CA LYS A 375 22.07 104.61 -5.70
C LYS A 375 21.98 105.51 -4.48
N HIS A 376 22.58 106.70 -4.49
CA HIS A 376 22.33 107.62 -3.39
C HIS A 376 20.97 108.29 -3.51
N GLU A 377 20.36 108.24 -4.69
CA GLU A 377 19.05 108.83 -4.93
C GLU A 377 18.15 107.72 -5.48
N SER A 378 17.57 106.94 -4.57
CA SER A 378 16.71 105.81 -4.88
C SER A 378 16.01 105.45 -3.58
N CYS A 379 14.71 105.23 -3.59
CA CYS A 379 14.05 105.24 -2.30
C CYS A 379 14.06 103.90 -1.60
N GLY A 380 14.47 102.83 -2.29
CA GLY A 380 14.60 101.54 -1.64
C GLY A 380 13.32 100.75 -1.54
N GLN A 381 12.28 101.08 -2.31
CA GLN A 381 10.99 100.44 -2.11
C GLN A 381 10.96 99.02 -2.68
N CYS A 382 11.11 98.87 -3.99
CA CYS A 382 11.02 97.55 -4.59
C CYS A 382 12.40 96.97 -4.81
N THR A 383 12.44 95.64 -4.90
CA THR A 383 13.69 94.89 -5.00
C THR A 383 14.61 95.24 -6.17
N PRO A 384 14.15 95.37 -7.44
CA PRO A 384 15.13 95.52 -8.54
C PRO A 384 15.98 96.77 -8.48
N CYS A 385 15.39 97.93 -8.22
CA CYS A 385 16.19 99.14 -8.08
C CYS A 385 17.04 99.12 -6.82
N ARG A 386 16.41 98.80 -5.67
CA ARG A 386 17.09 98.82 -4.36
C ARG A 386 18.34 97.95 -4.33
N GLU A 387 18.28 96.78 -4.95
CA GLU A 387 19.43 95.89 -4.94
C GLU A 387 20.31 96.06 -6.16
N GLY A 388 19.71 96.12 -7.36
CA GLY A 388 20.48 96.14 -8.57
C GLY A 388 21.19 97.43 -8.86
N VAL A 389 20.67 98.57 -8.37
CA VAL A 389 21.36 99.83 -8.64
C VAL A 389 22.65 99.91 -7.81
N ASP A 390 22.61 99.42 -6.57
CA ASP A 390 23.83 99.32 -5.78
C ASP A 390 24.78 98.27 -6.35
N TRP A 391 24.25 97.17 -6.88
CA TRP A 391 25.13 96.16 -7.45
C TRP A 391 25.75 96.62 -8.76
N MET A 392 25.01 97.41 -9.55
CA MET A 392 25.60 98.07 -10.71
C MET A 392 26.65 99.08 -10.29
N ASN A 393 26.44 99.79 -9.17
CA ASN A 393 27.46 100.74 -8.73
C ASN A 393 28.74 100.03 -8.30
N LYS A 394 28.61 98.88 -7.66
CA LYS A 394 29.81 98.11 -7.29
C LYS A 394 30.54 97.58 -8.51
N VAL A 395 29.79 97.12 -9.53
CA VAL A 395 30.42 96.64 -10.76
C VAL A 395 31.07 97.79 -11.54
N MET A 396 30.42 98.96 -11.58
CA MET A 396 31.00 100.10 -12.26
C MET A 396 32.20 100.68 -11.52
N ALA A 397 32.18 100.60 -10.18
CA ALA A 397 33.35 101.00 -9.41
C ALA A 397 34.52 100.05 -9.64
N ARG A 398 34.23 98.76 -9.87
CA ARG A 398 35.32 97.88 -10.29
C ARG A 398 35.74 98.13 -11.73
N PHE A 399 34.82 98.60 -12.58
CA PHE A 399 35.18 98.85 -13.97
C PHE A 399 36.03 100.10 -14.15
N VAL A 400 35.90 101.08 -13.24
CA VAL A 400 36.75 102.26 -13.30
C VAL A 400 38.22 101.88 -13.11
N ARG A 401 38.51 101.11 -12.08
CA ARG A 401 39.87 100.62 -11.88
C ARG A 401 40.23 99.54 -12.89
N GLY A 402 39.26 98.73 -13.29
CA GLY A 402 39.51 97.58 -14.11
C GLY A 402 39.53 96.26 -13.37
N ASP A 403 39.08 96.24 -12.11
CA ASP A 403 39.19 95.05 -11.26
C ASP A 403 38.11 94.03 -11.60
N ALA A 404 38.20 93.50 -12.81
CA ALA A 404 37.16 92.65 -13.36
C ALA A 404 37.73 91.92 -14.57
N ARG A 405 36.85 91.26 -15.32
CA ARG A 405 37.21 90.49 -16.51
C ARG A 405 36.10 90.69 -17.53
N PRO A 406 36.43 90.64 -18.84
CA PRO A 406 35.47 91.08 -19.87
C PRO A 406 34.23 90.23 -20.04
N ALA A 407 34.08 89.14 -19.31
CA ALA A 407 32.82 88.41 -19.28
C ALA A 407 31.80 89.04 -18.34
N GLU A 408 32.18 90.10 -17.60
CA GLU A 408 31.26 90.77 -16.70
C GLU A 408 30.54 91.95 -17.36
N ILE A 409 30.95 92.36 -18.56
CA ILE A 409 30.24 93.44 -19.23
C ILE A 409 28.85 92.98 -19.65
N ASP A 410 28.76 91.77 -20.20
CA ASP A 410 27.46 91.22 -20.55
C ASP A 410 26.68 90.81 -19.30
N SER A 411 27.38 90.47 -18.23
CA SER A 411 26.72 90.23 -16.95
C SER A 411 26.07 91.51 -16.43
N LEU A 412 26.77 92.64 -16.53
CA LEU A 412 26.20 93.92 -16.12
C LEU A 412 25.07 94.36 -17.05
N TRP A 413 25.21 94.04 -18.34
CA TRP A 413 24.13 94.25 -19.31
C TRP A 413 22.87 93.49 -18.91
N GLU A 414 23.01 92.23 -18.50
CA GLU A 414 21.84 91.46 -18.10
C GLU A 414 21.29 91.92 -16.76
N ILE A 415 22.14 92.41 -15.86
CA ILE A 415 21.66 93.05 -14.64
C ILE A 415 20.80 94.26 -14.96
N SER A 416 21.27 95.09 -15.90
CA SER A 416 20.51 96.28 -16.30
C SER A 416 19.23 95.90 -17.03
N LYS A 417 19.21 94.79 -17.76
CA LYS A 417 17.98 94.34 -18.39
C LYS A 417 17.01 93.75 -17.38
N GLN A 418 17.52 93.20 -16.27
CA GLN A 418 16.64 92.75 -15.21
C GLN A 418 16.11 93.89 -14.37
N ILE A 419 16.81 95.03 -14.34
CA ILE A 419 16.27 96.19 -13.62
C ILE A 419 15.23 96.92 -14.45
N GLU A 420 15.53 97.11 -15.74
CA GLU A 420 14.68 97.90 -16.63
C GLU A 420 13.34 97.22 -16.87
N GLY A 421 12.26 97.93 -16.57
CA GLY A 421 10.92 97.42 -16.80
C GLY A 421 10.33 96.63 -15.67
N HIS A 422 11.13 96.18 -14.72
CA HIS A 422 10.67 95.36 -13.61
C HIS A 422 10.46 96.17 -12.34
N THR A 423 10.74 97.46 -12.38
CA THR A 423 10.65 98.33 -11.23
C THR A 423 9.26 98.95 -11.12
N ILE A 424 9.06 99.74 -10.08
CA ILE A 424 7.78 100.43 -9.92
C ILE A 424 7.76 101.71 -10.74
N CYS A 425 8.73 102.59 -10.53
CA CYS A 425 8.83 103.78 -11.36
C CYS A 425 10.03 103.65 -12.27
N ALA A 426 10.33 104.71 -13.01
CA ALA A 426 11.35 104.69 -14.04
C ALA A 426 12.71 105.20 -13.55
N LEU A 427 13.00 105.08 -12.26
CA LEU A 427 14.37 105.33 -11.83
C LEU A 427 15.24 104.10 -12.03
N GLY A 428 14.65 102.91 -12.00
CA GLY A 428 15.38 101.74 -12.42
C GLY A 428 15.68 101.77 -13.90
N ASP A 429 14.73 102.29 -14.69
CA ASP A 429 14.95 102.49 -16.12
C ASP A 429 16.03 103.54 -16.36
N GLY A 430 15.93 104.67 -15.67
CA GLY A 430 16.91 105.73 -15.80
C GLY A 430 18.24 105.44 -15.16
N ALA A 431 18.33 104.38 -14.36
CA ALA A 431 19.61 103.92 -13.85
C ALA A 431 20.21 102.80 -14.69
N ALA A 432 19.37 102.04 -15.40
CA ALA A 432 19.89 100.99 -16.27
C ALA A 432 20.32 101.53 -17.63
N TRP A 433 19.67 102.58 -18.11
CA TRP A 433 20.00 103.19 -19.41
C TRP A 433 21.41 103.79 -19.57
N PRO A 434 22.02 104.46 -18.58
CA PRO A 434 23.42 104.89 -18.80
C PRO A 434 24.40 103.76 -18.90
N VAL A 435 24.20 102.69 -18.11
CA VAL A 435 25.02 101.49 -18.20
C VAL A 435 24.90 100.86 -19.58
N GLN A 436 23.67 100.79 -20.10
CA GLN A 436 23.45 100.19 -21.41
C GLN A 436 24.06 101.04 -22.52
N GLY A 437 23.95 102.37 -22.41
CA GLY A 437 24.57 103.23 -23.41
C GLY A 437 26.08 103.17 -23.38
N LEU A 438 26.66 103.14 -22.17
CA LEU A 438 28.11 103.07 -22.03
C LEU A 438 28.66 101.76 -22.58
N ILE A 439 28.00 100.64 -22.25
CA ILE A 439 28.41 99.35 -22.79
C ILE A 439 28.29 99.34 -24.31
N ARG A 440 27.13 99.78 -24.82
CA ARG A 440 26.82 99.70 -26.24
C ARG A 440 27.74 100.56 -27.09
N HIS A 441 28.24 101.67 -26.56
CA HIS A 441 29.07 102.55 -27.37
C HIS A 441 30.54 102.59 -26.95
N PHE A 442 30.92 101.97 -25.83
CA PHE A 442 32.29 102.01 -25.35
C PHE A 442 32.72 100.69 -24.72
N ARG A 443 32.20 99.56 -25.20
CA ARG A 443 32.70 98.25 -24.76
C ARG A 443 34.20 98.01 -24.99
N PRO A 444 34.82 98.36 -26.14
CA PRO A 444 36.27 98.11 -26.25
C PRO A 444 37.13 98.94 -25.32
N GLU A 445 36.67 100.13 -24.93
CA GLU A 445 37.43 100.93 -23.97
C GLU A 445 37.40 100.30 -22.58
N LEU A 446 36.24 99.74 -22.20
CA LEU A 446 36.16 98.96 -20.96
C LEU A 446 37.06 97.74 -21.00
N GLU A 447 37.11 97.05 -22.15
CA GLU A 447 37.93 95.85 -22.24
C GLU A 447 39.42 96.15 -22.19
N GLU A 448 39.86 97.25 -22.81
CA GLU A 448 41.27 97.58 -22.74
C GLU A 448 41.65 98.13 -21.36
N ARG A 449 40.70 98.81 -20.69
CA ARG A 449 40.86 99.16 -19.28
C ARG A 449 41.12 97.94 -18.42
N MET A 450 40.28 96.91 -18.56
CA MET A 450 40.41 95.74 -17.71
C MET A 450 41.63 94.89 -18.07
N GLN A 451 42.03 94.86 -19.35
CA GLN A 451 43.22 94.09 -19.65
C GLN A 451 44.49 94.83 -19.26
N ARG A 452 44.48 96.17 -19.21
CA ARG A 452 45.69 96.81 -18.70
C ARG A 452 45.76 96.74 -17.18
N PHE A 453 44.61 96.69 -16.50
CA PHE A 453 44.60 96.32 -15.08
C PHE A 453 45.19 94.93 -14.88
N ALA A 454 44.75 93.97 -15.71
CA ALA A 454 45.20 92.58 -15.58
C ALA A 454 46.67 92.42 -15.89
N GLN A 455 47.25 93.27 -16.74
CA GLN A 455 48.69 93.14 -16.95
C GLN A 455 49.49 93.89 -15.90
N GLN A 456 49.00 95.01 -15.36
CA GLN A 456 49.80 95.73 -14.38
C GLN A 456 49.62 95.19 -12.97
N HIS A 457 48.68 94.27 -12.75
CA HIS A 457 48.55 93.64 -11.44
C HIS A 457 48.73 92.12 -11.46
N GLN A 458 48.79 91.50 -12.63
CA GLN A 458 49.08 90.06 -12.71
C GLN A 458 50.13 89.80 -13.78
N ALA B 34 25.66 109.03 10.04
CA ALA B 34 25.53 108.12 8.91
C ALA B 34 24.56 106.99 9.23
N LEU B 35 24.26 106.81 10.50
CA LEU B 35 23.41 105.73 10.97
C LEU B 35 21.95 106.13 10.92
N PHE B 36 21.08 105.15 10.73
CA PHE B 36 19.65 105.38 10.63
C PHE B 36 18.88 104.80 11.80
N VAL B 37 19.57 104.56 12.91
CA VAL B 37 18.92 104.21 14.18
C VAL B 37 19.36 105.25 15.20
N HIS B 38 18.56 105.41 16.24
CA HIS B 38 18.88 106.36 17.30
C HIS B 38 19.33 105.65 18.56
N ARG B 39 20.37 106.20 19.19
CA ARG B 39 20.79 105.83 20.53
C ARG B 39 20.80 107.08 21.39
N ASP B 40 20.35 106.94 22.63
CA ASP B 40 20.22 108.11 23.52
C ASP B 40 21.59 108.56 23.98
N THR B 41 22.07 109.64 23.41
CA THR B 41 23.19 110.36 23.99
C THR B 41 22.66 111.40 24.96
N PRO B 42 23.50 111.97 25.84
CA PRO B 42 23.04 113.12 26.62
C PRO B 42 22.73 114.35 25.79
N LYS B 43 23.30 114.48 24.60
CA LYS B 43 23.02 115.61 23.72
C LYS B 43 21.92 115.31 22.70
N ASN B 44 21.44 114.07 22.64
CA ASN B 44 20.34 113.72 21.74
C ASN B 44 19.55 112.61 22.43
N ASN B 45 18.39 112.98 22.98
CA ASN B 45 17.55 112.09 23.78
C ASN B 45 16.16 112.68 23.82
N PRO B 46 15.12 111.90 24.17
CA PRO B 46 13.77 112.48 24.25
C PRO B 46 13.54 113.43 25.42
N GLU B 47 14.54 113.68 26.27
CA GLU B 47 14.45 114.70 27.30
C GLU B 47 15.29 115.92 26.96
N THR B 48 15.71 116.06 25.71
CA THR B 48 16.35 117.29 25.26
C THR B 48 15.32 118.40 25.21
N PRO B 49 15.60 119.58 25.76
CA PRO B 49 14.63 120.67 25.69
C PRO B 49 14.48 121.26 24.29
N PHE B 50 13.33 121.01 23.67
CA PHE B 50 12.95 121.66 22.43
C PHE B 50 11.49 122.07 22.50
N ASP B 51 11.21 123.29 22.06
CA ASP B 51 9.85 123.78 21.88
C ASP B 51 9.89 124.92 20.89
N PHE B 52 8.84 125.03 20.08
CA PHE B 52 8.77 126.09 19.09
C PHE B 52 8.54 127.44 19.76
N THR B 53 9.02 128.50 19.11
CA THR B 53 8.67 129.84 19.54
C THR B 53 7.23 130.13 19.14
N PRO B 54 6.56 131.09 19.81
CA PRO B 54 5.14 131.35 19.46
C PRO B 54 4.92 131.89 18.06
N GLU B 55 5.87 132.68 17.53
CA GLU B 55 5.78 133.05 16.12
C GLU B 55 5.98 131.84 15.23
N ASN B 56 6.79 130.86 15.67
CA ASN B 56 6.86 129.61 14.93
C ASN B 56 5.59 128.79 15.07
N TYR B 57 4.85 128.93 16.17
CA TYR B 57 3.54 128.29 16.24
C TYR B 57 2.56 128.92 15.27
N LYS B 58 2.63 130.24 15.10
CA LYS B 58 1.78 130.90 14.10
C LYS B 58 2.17 130.48 12.69
N ARG B 59 3.47 130.30 12.44
CA ARG B 59 3.92 129.79 11.15
C ARG B 59 3.45 128.36 10.91
N ILE B 60 3.46 127.52 11.95
CA ILE B 60 2.99 126.14 11.82
C ILE B 60 1.49 126.09 11.55
N GLU B 61 0.72 126.96 12.21
CA GLU B 61 -0.72 127.03 11.92
C GLU B 61 -0.98 127.51 10.50
N ALA B 62 -0.17 128.45 10.01
CA ALA B 62 -0.27 128.88 8.62
C ALA B 62 0.09 127.77 7.65
N ILE B 63 1.01 126.87 8.04
CA ILE B 63 1.34 125.74 7.19
C ILE B 63 0.20 124.73 7.15
N VAL B 64 -0.36 124.40 8.33
CA VAL B 64 -1.42 123.40 8.42
C VAL B 64 -2.70 123.89 7.75
N LYS B 65 -2.92 125.19 7.68
CA LYS B 65 -4.05 125.70 6.93
C LYS B 65 -3.84 125.75 5.41
N ASN B 66 -2.82 125.08 4.87
CA ASN B 66 -2.69 124.91 3.43
C ASN B 66 -3.17 123.54 2.95
N TYR B 67 -3.49 122.63 3.86
CA TYR B 67 -3.86 121.27 3.51
C TYR B 67 -5.30 121.00 3.88
N PRO B 68 -5.98 120.06 3.19
CA PRO B 68 -7.38 119.79 3.50
C PRO B 68 -7.58 119.23 4.90
N GLU B 69 -8.78 119.42 5.43
CA GLU B 69 -9.12 118.87 6.73
C GLU B 69 -9.22 117.35 6.64
N GLY B 70 -8.74 116.69 7.69
CA GLY B 70 -8.56 115.25 7.65
C GLY B 70 -7.21 114.82 7.15
N HIS B 71 -6.43 115.72 6.58
CA HIS B 71 -5.09 115.44 6.11
C HIS B 71 -4.11 116.42 6.73
N LYS B 72 -4.23 116.60 8.04
CA LYS B 72 -3.27 117.36 8.83
C LYS B 72 -1.90 116.69 8.84
N ALA B 73 -1.85 115.37 8.59
CA ALA B 73 -0.61 114.61 8.45
C ALA B 73 0.24 115.04 7.27
N ALA B 74 -0.30 115.85 6.35
CA ALA B 74 0.48 116.32 5.21
C ALA B 74 1.48 117.40 5.57
N ALA B 75 1.40 117.96 6.77
CA ALA B 75 2.28 119.04 7.20
C ALA B 75 3.50 118.54 7.96
N VAL B 76 3.95 117.31 7.70
CA VAL B 76 5.13 116.80 8.40
C VAL B 76 6.39 117.49 7.91
N LEU B 77 6.58 117.52 6.59
CA LEU B 77 7.81 118.07 6.01
C LEU B 77 8.03 119.57 6.28
N PRO B 78 7.06 120.49 6.09
CA PRO B 78 7.38 121.89 6.37
C PRO B 78 7.58 122.20 7.84
N VAL B 79 6.82 121.55 8.73
CA VAL B 79 6.96 121.82 10.16
C VAL B 79 8.26 121.23 10.69
N LEU B 80 8.68 120.07 10.17
CA LEU B 80 9.96 119.51 10.59
C LEU B 80 11.13 120.30 10.02
N ASP B 81 10.99 120.84 8.81
CA ASP B 81 12.01 121.75 8.31
C ASP B 81 12.01 123.08 9.08
N LEU B 82 10.85 123.50 9.59
CA LEU B 82 10.78 124.68 10.45
C LEU B 82 11.51 124.43 11.77
N ALA B 83 11.36 123.23 12.31
CA ALA B 83 12.10 122.86 13.52
C ALA B 83 13.59 122.80 13.25
N GLN B 84 13.98 122.37 12.04
CA GLN B 84 15.40 122.38 11.68
C GLN B 84 15.92 123.80 11.50
N ARG B 85 15.09 124.71 10.97
CA ARG B 85 15.51 126.08 10.81
C ARG B 85 15.53 126.83 12.13
N GLN B 86 14.76 126.37 13.11
CA GLN B 86 14.84 126.96 14.44
C GLN B 86 16.08 126.45 15.18
N ASN B 87 16.34 125.15 15.13
CA ASN B 87 17.36 124.57 16.00
C ASN B 87 18.70 124.37 15.31
N GLY B 88 18.76 124.40 13.99
CA GLY B 88 19.97 124.08 13.26
C GLY B 88 20.11 122.62 12.92
N TRP B 89 19.46 121.74 13.66
CA TRP B 89 19.48 120.30 13.42
C TRP B 89 18.24 119.73 14.09
N LEU B 90 18.16 118.41 14.18
CA LEU B 90 16.99 117.74 14.74
C LEU B 90 17.39 116.73 15.80
N PRO B 91 17.24 117.06 17.07
CA PRO B 91 17.30 116.03 18.12
C PRO B 91 16.03 115.20 18.07
N ILE B 92 15.98 114.12 18.85
CA ILE B 92 14.69 113.46 18.94
C ILE B 92 13.94 114.07 20.13
N SER B 93 13.60 115.33 19.97
CA SER B 93 12.58 116.03 20.72
C SER B 93 11.79 116.94 19.81
N ALA B 94 12.37 117.32 18.67
CA ALA B 94 11.66 118.03 17.63
C ALA B 94 10.81 117.09 16.81
N MET B 95 11.31 115.87 16.57
CA MET B 95 10.51 114.86 15.90
C MET B 95 9.28 114.50 16.73
N ASN B 96 9.48 114.35 18.04
CA ASN B 96 8.36 114.03 18.93
C ASN B 96 7.42 115.22 19.10
N LYS B 97 7.97 116.44 19.09
CA LYS B 97 7.11 117.62 19.20
C LYS B 97 6.28 117.82 17.93
N VAL B 98 6.87 117.57 16.76
CA VAL B 98 6.12 117.65 15.51
C VAL B 98 5.07 116.56 15.45
N ALA B 99 5.39 115.36 15.94
CA ALA B 99 4.39 114.29 15.99
C ALA B 99 3.29 114.58 17.01
N GLU B 100 3.60 115.35 18.05
CA GLU B 100 2.58 115.71 19.03
C GLU B 100 1.66 116.80 18.50
N ILE B 101 2.22 117.84 17.88
CA ILE B 101 1.39 118.95 17.43
C ILE B 101 0.64 118.66 16.14
N LEU B 102 1.00 117.59 15.43
CA LEU B 102 0.27 117.18 14.24
C LEU B 102 -0.60 115.96 14.46
N GLN B 103 -0.50 115.33 15.65
CA GLN B 103 -1.24 114.12 16.03
C GLN B 103 -0.99 112.97 15.05
N VAL B 104 0.25 112.85 14.59
CA VAL B 104 0.68 111.72 13.78
C VAL B 104 1.52 110.82 14.69
N PRO B 105 1.75 109.55 14.35
CA PRO B 105 2.64 108.73 15.17
C PRO B 105 4.07 109.22 15.06
N PRO B 106 4.90 109.01 16.08
CA PRO B 106 6.29 109.47 16.00
C PRO B 106 7.12 108.71 14.99
N MET B 107 6.78 107.44 14.73
CA MET B 107 7.51 106.66 13.74
C MET B 107 7.34 107.21 12.35
N ARG B 108 6.18 107.77 12.04
CA ARG B 108 5.95 108.36 10.73
C ARG B 108 6.67 109.70 10.56
N VAL B 109 7.12 110.31 11.65
CA VAL B 109 8.02 111.45 11.56
C VAL B 109 9.47 111.01 11.48
N TYR B 110 9.80 109.88 12.15
CA TYR B 110 11.16 109.35 12.09
C TYR B 110 11.48 108.88 10.67
N GLU B 111 10.48 108.31 10.00
CA GLU B 111 10.63 107.89 8.60
C GLU B 111 10.92 109.07 7.68
N VAL B 112 10.19 110.18 7.87
CA VAL B 112 10.40 111.36 7.05
C VAL B 112 11.75 111.99 7.35
N ALA B 113 12.16 111.99 8.62
CA ALA B 113 13.42 112.61 8.97
C ALA B 113 14.62 111.78 8.52
N THR B 114 14.45 110.47 8.38
CA THR B 114 15.54 109.66 7.84
C THR B 114 15.47 109.46 6.33
N PHE B 115 14.34 109.77 5.69
CA PHE B 115 14.27 109.56 4.25
C PHE B 115 14.99 110.66 3.50
N TYR B 116 14.89 111.90 3.97
CA TYR B 116 15.36 113.06 3.23
C TYR B 116 16.74 113.47 3.73
N THR B 117 17.60 113.89 2.81
CA THR B 117 18.98 114.19 3.11
C THR B 117 19.18 115.54 3.78
N MET B 118 18.13 116.33 3.95
CA MET B 118 18.26 117.65 4.53
C MET B 118 18.06 117.69 6.03
N TYR B 119 17.31 116.76 6.59
CA TYR B 119 17.02 116.81 8.02
C TYR B 119 18.25 116.35 8.78
N ASN B 120 18.97 117.31 9.36
CA ASN B 120 20.22 117.03 10.03
C ASN B 120 19.92 116.38 11.39
N ARG B 121 20.21 115.11 11.50
CA ARG B 121 20.01 114.37 12.74
C ARG B 121 21.25 114.35 13.61
N LYS B 122 22.33 114.99 13.16
CA LYS B 122 23.52 115.33 13.90
C LYS B 122 23.69 116.84 13.88
N PRO B 123 24.26 117.44 14.94
CA PRO B 123 24.47 118.89 14.92
C PRO B 123 25.55 119.32 13.93
N VAL B 124 25.12 120.02 12.88
CA VAL B 124 26.02 120.54 11.86
C VAL B 124 26.56 121.89 12.32
N GLY B 125 27.57 122.39 11.61
CA GLY B 125 28.11 123.70 11.89
C GLY B 125 27.18 124.82 11.46
N LYS B 126 27.68 126.05 11.63
CA LYS B 126 26.85 127.21 11.32
C LYS B 126 26.73 127.42 9.82
N TYR B 127 27.75 127.04 9.05
CA TYR B 127 27.71 127.09 7.60
C TYR B 127 27.93 125.70 7.05
N HIS B 128 26.86 125.09 6.55
CA HIS B 128 26.89 123.71 6.10
C HIS B 128 27.16 123.73 4.60
N ILE B 129 28.44 123.61 4.24
CA ILE B 129 28.87 123.68 2.86
C ILE B 129 28.57 122.36 2.18
N GLN B 130 27.96 122.42 0.99
CA GLN B 130 27.53 121.24 0.25
C GLN B 130 28.12 121.31 -1.15
N VAL B 131 29.19 120.57 -1.38
CA VAL B 131 29.86 120.55 -2.67
C VAL B 131 29.19 119.51 -3.55
N CYS B 132 28.68 119.92 -4.70
CA CYS B 132 28.10 118.98 -5.64
C CYS B 132 29.17 118.33 -6.50
N THR B 133 29.19 117.00 -6.52
CA THR B 133 30.20 116.25 -7.26
C THR B 133 29.57 115.27 -8.24
N THR B 134 28.38 115.56 -8.74
CA THR B 134 27.83 114.72 -9.80
C THR B 134 28.49 115.06 -11.13
N THR B 135 28.07 114.34 -12.18
CA THR B 135 28.81 114.35 -13.45
C THR B 135 28.86 115.71 -14.16
N PRO B 136 27.79 116.53 -14.27
CA PRO B 136 27.99 117.87 -14.84
C PRO B 136 28.86 118.80 -14.01
N CYS B 137 28.96 118.60 -12.70
CA CYS B 137 29.93 119.34 -11.91
C CYS B 137 31.29 118.66 -11.88
N MET B 138 31.35 117.34 -11.99
CA MET B 138 32.64 116.66 -11.97
C MET B 138 33.40 116.88 -13.27
N LEU B 139 32.69 117.02 -14.39
CA LEU B 139 33.34 117.31 -15.65
C LEU B 139 33.94 118.71 -15.67
N ARG B 140 33.34 119.65 -14.92
CA ARG B 140 33.91 120.99 -14.79
C ARG B 140 34.68 121.15 -13.49
N ASN B 141 35.28 120.07 -13.00
CA ASN B 141 36.33 120.05 -11.97
C ASN B 141 35.82 120.58 -10.64
N SER B 142 34.83 119.88 -10.09
CA SER B 142 34.40 120.13 -8.72
C SER B 142 35.36 119.52 -7.69
N ASP B 143 36.18 118.57 -8.13
CA ASP B 143 37.14 117.94 -7.22
C ASP B 143 38.22 118.93 -6.78
N SER B 144 38.58 119.88 -7.66
CA SER B 144 39.52 120.92 -7.29
C SER B 144 38.99 121.80 -6.18
N ILE B 145 37.69 122.12 -6.24
CA ILE B 145 37.08 122.95 -5.21
C ILE B 145 36.89 122.17 -3.92
N LEU B 146 36.57 120.88 -4.01
CA LEU B 146 36.45 120.07 -2.80
C LEU B 146 37.81 119.92 -2.10
N GLU B 147 38.89 119.71 -2.87
CA GLU B 147 40.22 119.67 -2.29
C GLU B 147 40.63 121.03 -1.74
N ALA B 148 40.21 122.12 -2.40
CA ALA B 148 40.53 123.46 -1.92
C ALA B 148 39.86 123.76 -0.59
N ILE B 149 38.59 123.35 -0.43
CA ILE B 149 37.90 123.53 0.83
C ILE B 149 38.51 122.64 1.91
N GLN B 150 38.94 121.43 1.54
CA GLN B 150 39.58 120.54 2.51
C GLN B 150 40.91 121.09 3.00
N LYS B 151 41.74 121.64 2.11
CA LYS B 151 43.01 122.21 2.56
C LYS B 151 42.84 123.61 3.15
N LYS B 152 41.70 124.26 2.91
CA LYS B 152 41.47 125.57 3.50
C LYS B 152 40.98 125.44 4.94
N LEU B 153 39.98 124.58 5.17
CA LEU B 153 39.43 124.40 6.50
C LEU B 153 40.22 123.42 7.36
N GLY B 154 41.03 122.57 6.75
CA GLY B 154 41.75 121.57 7.49
C GLY B 154 40.93 120.34 7.85
N ILE B 155 39.74 120.20 7.29
CA ILE B 155 38.87 119.06 7.54
C ILE B 155 38.68 118.31 6.23
N LYS B 156 37.91 117.23 6.26
CA LYS B 156 37.55 116.56 5.03
C LYS B 156 36.04 116.32 4.96
N VAL B 157 35.61 115.52 3.99
CA VAL B 157 34.19 115.33 3.72
C VAL B 157 33.50 114.61 4.87
N GLY B 158 32.45 115.23 5.40
CA GLY B 158 31.70 114.66 6.48
C GLY B 158 32.09 115.16 7.86
N GLU B 159 33.20 115.88 7.96
CA GLU B 159 33.68 116.36 9.25
C GLU B 159 33.10 117.72 9.56
N THR B 160 33.48 118.25 10.73
CA THR B 160 33.05 119.55 11.21
C THR B 160 34.24 120.23 11.86
N THR B 161 34.43 121.51 11.54
CA THR B 161 35.54 122.28 12.08
C THR B 161 35.42 122.40 13.61
N PRO B 162 36.55 122.45 14.33
CA PRO B 162 36.50 122.44 15.80
C PRO B 162 35.87 123.66 16.43
N ASP B 163 35.75 124.77 15.70
CA ASP B 163 34.99 125.92 16.18
C ASP B 163 33.53 125.87 15.76
N LYS B 164 33.08 124.74 15.20
CA LYS B 164 31.68 124.46 14.83
C LYS B 164 31.11 125.48 13.84
N LEU B 165 31.97 126.02 12.98
CA LEU B 165 31.50 126.97 11.99
C LEU B 165 31.15 126.33 10.66
N PHE B 166 31.91 125.33 10.24
CA PHE B 166 31.74 124.76 8.91
C PHE B 166 31.60 123.26 8.97
N THR B 167 30.62 122.73 8.25
CA THR B 167 30.45 121.31 8.02
C THR B 167 30.54 121.07 6.52
N LEU B 168 31.45 120.22 6.09
CA LEU B 168 31.70 119.95 4.69
C LEU B 168 31.21 118.56 4.35
N ILE B 169 30.14 118.46 3.57
CA ILE B 169 29.74 117.16 3.04
C ILE B 169 29.73 117.25 1.53
N GLU B 170 29.44 116.13 0.88
CA GLU B 170 29.53 115.98 -0.56
C GLU B 170 28.17 115.54 -1.08
N VAL B 171 27.49 116.42 -1.81
CA VAL B 171 26.09 116.16 -2.14
C VAL B 171 25.95 115.79 -3.61
N GLU B 172 24.73 115.43 -3.99
CA GLU B 172 24.40 115.07 -5.36
C GLU B 172 23.99 116.35 -6.09
N CYS B 173 23.36 116.21 -7.26
CA CYS B 173 23.02 117.34 -8.12
C CYS B 173 22.10 118.35 -7.47
N LEU B 174 22.62 119.55 -7.20
CA LEU B 174 21.86 120.64 -6.61
C LEU B 174 21.05 121.42 -7.62
N GLY B 175 21.14 121.08 -8.90
CA GLY B 175 20.31 121.70 -9.92
C GLY B 175 20.78 123.05 -10.41
N ALA B 176 22.09 123.24 -10.56
CA ALA B 176 22.66 124.47 -11.10
C ALA B 176 23.73 124.13 -12.12
N CYS B 177 23.39 123.23 -13.05
CA CYS B 177 24.38 122.49 -13.80
C CYS B 177 25.07 123.32 -14.87
N VAL B 178 24.41 124.35 -15.40
CA VAL B 178 25.11 125.21 -16.35
C VAL B 178 26.04 126.16 -15.62
N ASN B 179 25.85 126.34 -14.32
CA ASN B 179 26.75 127.11 -13.47
C ASN B 179 27.72 126.22 -12.73
N ALA B 180 27.97 125.02 -13.25
CA ALA B 180 28.91 124.11 -12.65
C ALA B 180 30.33 124.64 -12.81
N PRO B 181 31.20 124.42 -11.82
CA PRO B 181 31.01 123.80 -10.50
C PRO B 181 30.42 124.76 -9.49
N MET B 182 29.75 124.24 -8.46
CA MET B 182 29.07 125.09 -7.50
C MET B 182 28.97 124.39 -6.15
N VAL B 183 28.66 125.18 -5.12
CA VAL B 183 28.40 124.70 -3.78
C VAL B 183 27.08 125.29 -3.28
N GLN B 184 26.66 124.85 -2.09
CA GLN B 184 25.53 125.43 -1.40
C GLN B 184 25.88 125.67 0.05
N ILE B 185 25.62 126.86 0.55
CA ILE B 185 25.85 127.20 1.96
C ILE B 185 24.52 127.68 2.53
N ASN B 186 23.74 126.73 3.02
CA ASN B 186 22.54 126.78 3.88
C ASN B 186 21.28 127.34 3.24
N ASP B 187 21.39 128.22 2.25
CA ASP B 187 20.24 128.72 1.51
C ASP B 187 20.62 129.03 0.08
N ASN B 188 21.93 129.17 -0.15
CA ASN B 188 22.46 130.01 -1.21
C ASN B 188 23.39 129.21 -2.10
N TYR B 189 23.31 129.47 -3.41
CA TYR B 189 24.18 128.84 -4.37
C TYR B 189 25.33 129.78 -4.73
N TYR B 190 26.54 129.29 -4.61
CA TYR B 190 27.73 130.00 -5.03
C TYR B 190 28.29 129.26 -6.23
N GLU B 191 28.29 129.91 -7.38
CA GLU B 191 28.33 129.22 -8.65
C GLU B 191 29.50 129.70 -9.50
N ASP B 192 29.78 128.92 -10.57
CA ASP B 192 30.89 129.14 -11.50
C ASP B 192 32.22 129.33 -10.78
N LEU B 193 32.46 128.50 -9.79
CA LEU B 193 33.52 128.74 -8.83
C LEU B 193 34.87 128.32 -9.39
N THR B 194 35.90 128.97 -8.89
CA THR B 194 37.29 128.55 -8.95
C THR B 194 37.76 128.37 -7.51
N PRO B 195 38.88 127.68 -7.27
CA PRO B 195 39.37 127.55 -5.88
C PRO B 195 39.70 128.87 -5.20
N LYS B 196 40.12 129.90 -5.93
CA LYS B 196 40.33 131.21 -5.31
C LYS B 196 39.00 131.84 -4.91
N ASP B 197 37.96 131.62 -5.71
CA ASP B 197 36.63 132.14 -5.37
C ASP B 197 36.07 131.49 -4.12
N ILE B 198 36.24 130.16 -3.99
CA ILE B 198 35.68 129.49 -2.82
C ILE B 198 36.54 129.79 -1.58
N GLU B 199 37.84 130.04 -1.76
CA GLU B 199 38.65 130.52 -0.64
C GLU B 199 38.21 131.91 -0.20
N GLU B 200 37.84 132.77 -1.16
CA GLU B 200 37.32 134.10 -0.83
C GLU B 200 36.01 134.02 -0.07
N ILE B 201 35.13 133.11 -0.49
CA ILE B 201 33.84 132.92 0.18
C ILE B 201 34.03 132.40 1.60
N ILE B 202 34.94 131.43 1.78
CA ILE B 202 35.20 130.91 3.13
C ILE B 202 35.89 131.95 4.00
N ASP B 203 36.73 132.80 3.41
CA ASP B 203 37.36 133.89 4.16
C ASP B 203 36.34 134.91 4.64
N GLU B 204 35.39 135.30 3.78
CA GLU B 204 34.40 136.26 4.26
C GLU B 204 33.23 135.61 4.98
N LEU B 205 33.20 134.27 5.09
CA LEU B 205 32.32 133.63 6.06
C LEU B 205 32.97 133.44 7.42
N LYS B 206 34.29 133.29 7.48
CA LYS B 206 34.97 133.29 8.77
C LYS B 206 34.98 134.67 9.40
N ALA B 207 34.91 135.72 8.59
CA ALA B 207 34.87 137.09 9.06
C ALA B 207 33.47 137.55 9.43
N GLY B 208 32.47 136.66 9.44
CA GLY B 208 31.13 137.00 9.83
C GLY B 208 30.26 137.62 8.75
N LYS B 209 30.85 138.07 7.65
CA LYS B 209 30.08 138.70 6.59
C LYS B 209 29.31 137.66 5.79
N ILE B 210 28.49 138.14 4.87
CA ILE B 210 27.72 137.26 4.00
C ILE B 210 28.16 137.52 2.57
N PRO B 211 28.28 136.49 1.73
CA PRO B 211 28.62 136.73 0.33
C PRO B 211 27.38 136.90 -0.54
N LYS B 212 27.57 137.13 -1.83
CA LYS B 212 26.44 137.26 -2.75
C LYS B 212 26.18 135.93 -3.44
N PRO B 213 24.99 135.35 -3.30
CA PRO B 213 24.70 134.08 -3.96
C PRO B 213 24.51 134.18 -5.47
N GLY B 214 25.61 134.16 -6.21
CA GLY B 214 25.52 134.10 -7.65
C GLY B 214 26.73 133.43 -8.26
N PRO B 215 26.75 133.33 -9.59
CA PRO B 215 27.98 132.95 -10.29
C PRO B 215 29.10 133.94 -10.04
N ARG B 216 30.30 133.40 -9.80
CA ARG B 216 31.48 134.21 -9.56
C ARG B 216 32.17 134.66 -10.84
N SER B 217 31.75 134.17 -11.98
CA SER B 217 32.31 134.57 -13.26
C SER B 217 31.66 135.89 -13.71
N GLY B 218 31.90 136.26 -14.96
CA GLY B 218 31.38 137.52 -15.48
C GLY B 218 29.90 137.54 -15.77
N ARG B 219 29.23 136.39 -15.72
CA ARG B 219 27.82 136.34 -16.06
C ARG B 219 26.95 136.44 -14.80
N PHE B 220 25.64 136.58 -15.02
CA PHE B 220 24.72 136.93 -13.95
C PHE B 220 23.98 135.72 -13.38
N SER B 221 23.19 135.02 -14.20
CA SER B 221 22.59 133.77 -13.73
C SER B 221 22.94 132.56 -14.58
N CYS B 222 22.52 132.53 -15.84
CA CYS B 222 22.70 131.32 -16.64
C CYS B 222 22.99 131.60 -18.11
N GLU B 223 23.24 132.85 -18.50
CA GLU B 223 23.46 133.20 -19.89
C GLU B 223 24.81 132.65 -20.36
N PRO B 224 25.07 132.62 -21.67
CA PRO B 224 26.42 132.30 -22.14
C PRO B 224 27.42 133.36 -21.70
N ALA B 225 28.63 132.90 -21.34
CA ALA B 225 29.64 133.78 -20.79
C ALA B 225 30.35 134.63 -21.82
N GLY B 226 30.07 134.41 -23.11
CA GLY B 226 30.65 135.25 -24.14
C GLY B 226 29.69 136.31 -24.63
N GLY B 227 28.57 136.46 -23.93
CA GLY B 227 27.53 137.38 -24.30
C GLY B 227 26.23 136.67 -24.64
N LEU B 228 25.19 137.47 -24.81
CA LEU B 228 23.85 136.94 -25.04
C LEU B 228 23.72 136.46 -26.47
N THR B 229 23.44 135.17 -26.65
CA THR B 229 23.17 134.61 -27.95
C THR B 229 21.68 134.61 -28.29
N SER B 230 20.84 134.99 -27.34
CA SER B 230 19.41 135.10 -27.55
C SER B 230 18.85 136.10 -26.55
N LEU B 231 17.58 136.47 -26.75
CA LEU B 231 16.84 137.42 -25.91
C LEU B 231 17.52 138.79 -25.84
N THR B 232 18.20 139.18 -26.91
CA THR B 232 18.85 140.49 -26.94
C THR B 232 17.85 141.59 -27.29
N GLU B 233 16.78 141.23 -27.99
CA GLU B 233 15.76 142.19 -28.39
C GLU B 233 14.90 142.57 -27.19
N PRO B 234 14.23 143.72 -27.25
CA PRO B 234 13.24 144.04 -26.22
C PRO B 234 12.03 143.14 -26.33
N PRO B 235 11.43 142.74 -25.20
CA PRO B 235 10.25 141.88 -25.26
C PRO B 235 9.05 142.62 -25.84
N LYS B 236 8.16 141.85 -26.47
CA LYS B 236 7.19 142.42 -27.40
C LYS B 236 6.03 143.12 -26.70
N GLY B 237 5.88 142.99 -25.40
CA GLY B 237 4.85 143.70 -24.70
C GLY B 237 3.53 142.96 -24.71
N PRO B 238 2.57 143.43 -23.92
CA PRO B 238 1.31 142.71 -23.80
C PRO B 238 0.42 142.87 -25.02
N GLY B 239 -0.14 141.74 -25.46
CA GLY B 239 -1.01 141.72 -26.61
C GLY B 239 -0.38 141.21 -27.89
N PHE B 240 0.88 140.83 -27.85
CA PHE B 240 1.57 140.41 -29.07
C PHE B 240 1.14 139.02 -29.49
N GLY B 241 0.71 138.89 -30.74
CA GLY B 241 0.38 137.60 -31.31
C GLY B 241 -0.88 136.96 -30.79
N VAL B 242 -1.75 137.71 -30.12
CA VAL B 242 -2.97 137.14 -29.56
C VAL B 242 -3.94 136.82 -30.69
N GLN B 243 -4.37 135.57 -30.74
CA GLN B 243 -5.23 135.09 -31.81
C GLN B 243 -6.64 135.67 -31.71
N ALA B 244 -7.36 135.60 -32.82
CA ALA B 244 -8.75 136.04 -32.85
C ALA B 244 -9.62 135.07 -32.08
N GLY B 245 -10.81 135.55 -31.69
CA GLY B 245 -11.69 134.75 -30.86
C GLY B 245 -11.32 134.73 -29.41
N LEU B 246 -10.70 135.80 -28.92
CA LEU B 246 -10.25 135.85 -27.54
C LEU B 246 -10.38 137.27 -26.97
N SER C 29 -25.39 89.53 -13.42
CA SER C 29 -24.12 89.86 -12.78
C SER C 29 -23.21 90.60 -13.76
N ASN C 30 -22.03 90.98 -13.27
CA ASN C 30 -21.08 91.78 -14.04
C ASN C 30 -19.70 91.13 -14.11
N LEU C 31 -19.67 89.80 -14.18
CA LEU C 31 -18.40 89.09 -14.24
C LEU C 31 -17.74 89.28 -15.60
N ILE C 32 -16.50 89.73 -15.59
CA ILE C 32 -15.74 89.91 -16.81
C ILE C 32 -14.92 88.66 -17.07
N GLU C 33 -14.61 88.41 -18.33
CA GLU C 33 -13.89 87.22 -18.74
C GLU C 33 -12.42 87.55 -18.96
N VAL C 34 -11.55 86.91 -18.19
CA VAL C 34 -10.12 87.01 -18.38
C VAL C 34 -9.58 85.62 -18.65
N PHE C 35 -8.38 85.56 -19.19
CA PHE C 35 -7.76 84.31 -19.59
C PHE C 35 -6.47 84.11 -18.82
N VAL C 36 -6.30 82.94 -18.22
CA VAL C 36 -5.08 82.59 -17.51
C VAL C 36 -4.46 81.43 -18.25
N ASP C 37 -3.33 81.70 -18.94
CA ASP C 37 -2.62 80.74 -19.79
C ASP C 37 -3.50 80.17 -20.89
N GLY C 38 -4.43 80.98 -21.40
CA GLY C 38 -5.36 80.54 -22.42
C GLY C 38 -6.68 80.02 -21.90
N GLN C 39 -6.77 79.69 -20.62
CA GLN C 39 -8.00 79.14 -20.05
C GLN C 39 -8.91 80.26 -19.56
N SER C 40 -10.17 80.20 -19.95
CA SER C 40 -11.13 81.24 -19.59
C SER C 40 -11.55 81.13 -18.13
N VAL C 41 -11.74 82.29 -17.49
CA VAL C 41 -12.20 82.35 -16.11
C VAL C 41 -12.95 83.68 -15.91
N MET C 42 -14.07 83.61 -15.22
CA MET C 42 -14.94 84.76 -15.00
C MET C 42 -14.63 85.35 -13.63
N VAL C 43 -14.32 86.64 -13.60
CA VAL C 43 -13.92 87.31 -12.36
C VAL C 43 -14.75 88.57 -12.15
N GLU C 44 -14.91 88.93 -10.87
CA GLU C 44 -15.54 90.17 -10.49
C GLU C 44 -14.66 91.35 -10.89
N PRO C 45 -15.24 92.50 -11.24
CA PRO C 45 -14.41 93.69 -11.51
C PRO C 45 -13.74 94.18 -10.25
N GLY C 46 -12.48 94.57 -10.39
CA GLY C 46 -11.63 94.89 -9.26
C GLY C 46 -10.77 93.74 -8.80
N THR C 47 -10.91 92.57 -9.41
CA THR C 47 -10.06 91.43 -9.08
C THR C 47 -8.65 91.69 -9.58
N THR C 48 -7.66 91.38 -8.75
CA THR C 48 -6.30 91.50 -9.20
C THR C 48 -5.93 90.30 -10.06
N VAL C 49 -4.78 90.43 -10.74
CA VAL C 49 -4.29 89.36 -11.61
C VAL C 49 -3.91 88.14 -10.79
N LEU C 50 -3.40 88.35 -9.58
CA LEU C 50 -3.01 87.23 -8.71
C LEU C 50 -4.23 86.44 -8.26
N GLN C 51 -5.32 87.12 -7.96
CA GLN C 51 -6.55 86.43 -7.59
C GLN C 51 -7.20 85.75 -8.79
N ALA C 52 -7.05 86.34 -9.98
CA ALA C 52 -7.53 85.69 -11.20
C ALA C 52 -6.77 84.40 -11.46
N CYS C 53 -5.47 84.39 -11.18
CA CYS C 53 -4.70 83.16 -11.31
C CYS C 53 -4.97 82.18 -10.18
N GLU C 54 -5.36 82.70 -9.01
CA GLU C 54 -5.76 81.83 -7.92
C GLU C 54 -7.06 81.10 -8.23
N LYS C 55 -7.96 81.73 -8.97
CA LYS C 55 -9.25 81.10 -9.29
C LYS C 55 -9.14 79.96 -10.30
N VAL C 56 -8.00 79.79 -10.97
CA VAL C 56 -7.79 78.61 -11.81
C VAL C 56 -6.81 77.64 -11.16
N GLY C 57 -6.42 77.89 -9.92
CA GLY C 57 -5.59 76.95 -9.19
C GLY C 57 -4.10 77.19 -9.30
N MET C 58 -3.67 78.39 -9.67
CA MET C 58 -2.26 78.69 -9.88
C MET C 58 -1.83 79.74 -8.89
N GLN C 59 -0.82 79.43 -8.09
CA GLN C 59 -0.32 80.35 -7.07
C GLN C 59 0.90 81.07 -7.63
N ILE C 60 0.75 82.37 -7.87
CA ILE C 60 1.87 83.21 -8.30
C ILE C 60 2.83 83.39 -7.13
N PRO C 61 4.14 83.31 -7.33
CA PRO C 61 5.09 83.62 -6.26
C PRO C 61 4.98 85.06 -5.80
N ARG C 62 5.13 85.25 -4.49
CA ARG C 62 4.95 86.55 -3.87
C ARG C 62 5.78 86.59 -2.60
N PHE C 63 6.20 87.79 -2.24
CA PHE C 63 6.84 88.00 -0.96
C PHE C 63 6.20 89.10 -0.14
N CYS C 64 5.82 90.20 -0.76
CA CYS C 64 5.20 91.28 -0.02
C CYS C 64 3.70 91.14 0.06
N TYR C 65 3.09 90.41 -0.86
CA TYR C 65 1.64 90.29 -0.88
C TYR C 65 1.17 89.35 0.21
N HIS C 66 0.11 89.76 0.89
CA HIS C 66 -0.57 88.92 1.87
C HIS C 66 -2.04 89.28 1.78
N GLU C 67 -2.92 88.28 1.72
CA GLU C 67 -4.31 88.53 1.39
C GLU C 67 -5.12 89.09 2.55
N ARG C 68 -4.51 89.32 3.70
CA ARG C 68 -5.19 89.96 4.81
C ARG C 68 -4.60 91.31 5.15
N LEU C 69 -3.43 91.64 4.61
CA LEU C 69 -2.82 92.94 4.75
C LEU C 69 -3.27 93.82 3.59
N SER C 70 -2.68 95.00 3.50
CA SER C 70 -2.91 95.79 2.30
C SER C 70 -1.93 95.38 1.21
N VAL C 71 -2.02 96.05 0.08
CA VAL C 71 -1.18 95.75 -1.07
C VAL C 71 0.00 96.70 -1.08
N ALA C 72 1.20 96.15 -1.10
CA ALA C 72 2.41 96.96 -1.19
C ALA C 72 2.96 97.01 -2.61
N GLY C 73 3.11 95.86 -3.25
CA GLY C 73 3.65 95.82 -4.59
C GLY C 73 5.13 96.09 -4.68
N ASN C 74 5.88 95.90 -3.60
CA ASN C 74 7.27 96.35 -3.53
C ASN C 74 8.27 95.22 -3.40
N CYS C 75 7.99 94.04 -3.94
CA CYS C 75 9.02 93.04 -4.09
C CYS C 75 9.19 92.58 -5.53
N ARG C 76 8.18 92.84 -6.36
CA ARG C 76 8.17 92.56 -7.80
C ARG C 76 8.36 91.08 -8.10
N MET C 77 7.89 90.21 -7.22
CA MET C 77 8.00 88.78 -7.47
C MET C 77 6.82 88.24 -8.24
N CYS C 78 5.69 88.95 -8.25
CA CYS C 78 4.50 88.53 -8.97
C CYS C 78 4.45 89.07 -10.38
N LEU C 79 5.58 89.50 -10.94
CA LEU C 79 5.60 90.12 -12.27
C LEU C 79 5.24 89.08 -13.33
N VAL C 80 4.04 89.20 -13.88
CA VAL C 80 3.50 88.23 -14.81
C VAL C 80 3.30 88.94 -16.14
N GLU C 81 3.35 88.17 -17.23
CA GLU C 81 3.16 88.72 -18.57
C GLU C 81 1.67 88.68 -18.95
N ILE C 82 1.17 89.82 -19.38
CA ILE C 82 -0.05 89.86 -20.18
C ILE C 82 0.39 89.85 -21.63
N GLU C 83 -0.22 88.99 -22.45
CA GLU C 83 0.24 88.93 -23.83
C GLU C 83 -0.24 90.17 -24.59
N LYS C 84 0.49 90.47 -25.67
CA LYS C 84 0.36 91.68 -26.49
C LYS C 84 0.58 92.96 -25.67
N ALA C 85 1.28 92.86 -24.55
CA ALA C 85 1.59 94.00 -23.69
C ALA C 85 3.07 93.93 -23.38
N PRO C 86 3.87 94.89 -23.85
CA PRO C 86 5.33 94.73 -23.78
C PRO C 86 5.94 95.14 -22.45
N LYS C 87 5.31 94.76 -21.34
CA LYS C 87 5.81 95.07 -20.00
C LYS C 87 5.11 94.18 -18.98
N VAL C 88 5.89 93.58 -18.07
CA VAL C 88 5.29 92.73 -17.04
C VAL C 88 4.59 93.60 -16.00
N VAL C 89 3.49 93.08 -15.47
CA VAL C 89 2.67 93.82 -14.52
C VAL C 89 2.73 93.13 -13.17
N ALA C 90 2.65 93.92 -12.11
CA ALA C 90 2.64 93.38 -10.76
C ALA C 90 1.27 92.78 -10.50
N ALA C 91 1.20 91.46 -10.40
CA ALA C 91 -0.08 90.77 -10.35
C ALA C 91 -0.81 90.98 -9.04
N CYS C 92 -0.13 91.41 -7.98
CA CYS C 92 -0.79 91.60 -6.71
C CYS C 92 -1.60 92.88 -6.68
N ALA C 93 -1.21 93.89 -7.45
CA ALA C 93 -1.86 95.19 -7.40
C ALA C 93 -2.64 95.55 -8.65
N MET C 94 -2.29 94.98 -9.79
CA MET C 94 -2.94 95.32 -11.05
C MET C 94 -4.33 94.73 -11.13
N PRO C 95 -5.38 95.52 -11.31
CA PRO C 95 -6.70 94.96 -11.58
C PRO C 95 -6.74 94.38 -12.98
N VAL C 96 -7.56 93.36 -13.15
CA VAL C 96 -7.65 92.71 -14.46
C VAL C 96 -8.48 93.57 -15.39
N MET C 97 -8.12 93.52 -16.67
CA MET C 97 -8.94 94.10 -17.73
C MET C 97 -9.58 92.97 -18.52
N LYS C 98 -10.70 93.30 -19.16
CA LYS C 98 -11.45 92.29 -19.90
C LYS C 98 -10.68 91.92 -21.17
N GLY C 99 -10.37 90.64 -21.30
CA GLY C 99 -9.69 90.13 -22.48
C GLY C 99 -8.22 89.86 -22.30
N TRP C 100 -7.67 90.08 -21.12
CA TRP C 100 -6.26 89.79 -20.88
C TRP C 100 -6.01 88.30 -20.85
N ASN C 101 -4.95 87.88 -21.52
CA ASN C 101 -4.46 86.50 -21.44
C ASN C 101 -3.22 86.55 -20.54
N ILE C 102 -3.39 86.08 -19.31
CA ILE C 102 -2.33 86.12 -18.32
C ILE C 102 -1.40 84.94 -18.57
N LEU C 103 -0.14 85.23 -18.89
CA LEU C 103 0.85 84.19 -19.20
C LEU C 103 1.71 83.97 -17.97
N THR C 104 1.42 82.91 -17.22
CA THR C 104 2.10 82.67 -15.96
C THR C 104 3.34 81.80 -16.10
N ASN C 105 3.54 81.16 -17.25
CA ASN C 105 4.69 80.28 -17.45
C ASN C 105 5.43 80.64 -18.73
N SER C 106 5.34 81.89 -19.16
CA SER C 106 5.97 82.31 -20.39
C SER C 106 7.45 82.60 -20.16
N GLU C 107 8.14 83.01 -21.23
CA GLU C 107 9.58 83.25 -21.17
C GLU C 107 9.92 84.47 -20.32
N LYS C 108 9.28 85.61 -20.60
CA LYS C 108 9.65 86.82 -19.89
C LYS C 108 9.11 86.85 -18.47
N THR C 109 8.05 86.09 -18.17
CA THR C 109 7.62 85.93 -16.78
C THR C 109 8.66 85.17 -15.98
N LYS C 110 9.19 84.07 -16.53
CA LYS C 110 10.23 83.30 -15.84
C LYS C 110 11.52 84.10 -15.72
N LYS C 111 11.85 84.90 -16.74
CA LYS C 111 13.03 85.76 -16.63
C LYS C 111 12.83 86.84 -15.58
N ALA C 112 11.61 87.36 -15.46
CA ALA C 112 11.31 88.33 -14.41
C ALA C 112 11.46 87.72 -13.03
N ARG C 113 10.97 86.50 -12.85
CA ARG C 113 11.07 85.83 -11.56
C ARG C 113 12.52 85.50 -11.21
N GLU C 114 13.31 85.04 -12.19
CA GLU C 114 14.70 84.70 -11.92
C GLU C 114 15.52 85.94 -11.61
N GLY C 115 15.27 87.04 -12.33
CA GLY C 115 16.00 88.27 -12.05
C GLY C 115 15.66 88.88 -10.70
N VAL C 116 14.37 88.88 -10.36
CA VAL C 116 13.94 89.42 -9.07
C VAL C 116 14.44 88.55 -7.92
N MET C 117 14.49 87.23 -8.12
CA MET C 117 15.06 86.36 -7.09
C MET C 117 16.57 86.54 -6.98
N GLU C 118 17.23 86.87 -8.10
CA GLU C 118 18.65 87.20 -8.05
C GLU C 118 18.90 88.46 -7.24
N PHE C 119 18.07 89.48 -7.42
CA PHE C 119 18.27 90.68 -6.61
C PHE C 119 17.86 90.46 -5.16
N LEU C 120 16.89 89.59 -4.90
CA LEU C 120 16.53 89.27 -3.52
C LEU C 120 17.66 88.53 -2.81
N LEU C 121 18.30 87.60 -3.50
CA LEU C 121 19.38 86.83 -2.92
C LEU C 121 20.76 87.44 -3.16
N ALA C 122 20.82 88.68 -3.66
CA ALA C 122 22.11 89.34 -3.80
C ALA C 122 22.73 89.63 -2.44
N ASN C 123 22.09 90.45 -1.62
CA ASN C 123 22.63 90.87 -0.34
C ASN C 123 22.15 90.03 0.83
N HIS C 124 21.44 88.96 0.55
CA HIS C 124 20.87 88.12 1.61
C HIS C 124 21.98 87.24 2.20
N PRO C 125 22.00 87.04 3.52
CA PRO C 125 23.15 86.37 4.13
C PRO C 125 23.04 84.85 4.04
N LEU C 126 24.22 84.22 4.03
CA LEU C 126 24.32 82.76 3.99
C LEU C 126 24.12 82.16 5.39
N ASP C 127 22.94 82.39 5.93
CA ASP C 127 22.64 81.96 7.30
C ASP C 127 21.70 80.77 7.36
N CYS C 128 21.35 80.18 6.20
CA CYS C 128 20.38 79.08 6.13
C CYS C 128 20.59 77.92 7.10
N PRO C 129 21.81 77.52 7.48
CA PRO C 129 21.91 76.57 8.59
C PRO C 129 21.59 77.17 9.95
N ILE C 130 22.04 78.38 10.24
CA ILE C 130 21.87 78.94 11.58
C ILE C 130 20.59 79.76 11.69
N CYS C 131 19.72 79.63 10.70
CA CYS C 131 18.46 80.36 10.65
C CYS C 131 17.32 79.43 11.03
N ASP C 132 16.41 79.92 11.85
CA ASP C 132 15.26 79.12 12.27
C ASP C 132 14.26 78.88 11.15
N GLN C 133 14.23 79.75 10.15
CA GLN C 133 13.24 79.66 9.09
C GLN C 133 13.61 78.62 8.03
N GLY C 134 14.76 77.98 8.15
CA GLY C 134 15.20 77.03 7.15
C GLY C 134 14.33 75.79 7.14
N GLY C 135 13.85 75.41 5.96
CA GLY C 135 12.85 74.39 5.82
C GLY C 135 11.43 74.90 5.85
N GLU C 136 11.21 76.10 6.36
CA GLU C 136 9.90 76.76 6.35
C GLU C 136 10.04 78.17 5.77
N CYS C 137 11.01 78.36 4.90
CA CYS C 137 11.32 79.67 4.34
C CYS C 137 10.68 79.80 2.97
N ASP C 138 9.93 80.88 2.77
CA ASP C 138 9.42 81.17 1.43
C ASP C 138 10.54 81.52 0.47
N LEU C 139 11.57 82.22 0.95
CA LEU C 139 12.66 82.64 0.07
C LEU C 139 13.44 81.43 -0.44
N GLN C 140 13.68 80.45 0.43
CA GLN C 140 14.29 79.18 -0.01
C GLN C 140 13.42 78.44 -0.99
N ASP C 141 12.12 78.33 -0.68
CA ASP C 141 11.24 77.48 -1.48
C ASP C 141 11.02 78.05 -2.86
N GLN C 142 10.71 79.33 -2.98
CA GLN C 142 10.51 79.84 -4.32
C GLN C 142 11.78 80.38 -4.95
N SER C 143 12.92 80.32 -4.26
CA SER C 143 14.19 80.30 -4.96
C SER C 143 14.44 78.97 -5.62
N MET C 144 14.03 77.87 -4.96
CA MET C 144 14.12 76.55 -5.58
C MET C 144 13.15 76.41 -6.74
N MET C 145 11.96 76.97 -6.60
CA MET C 145 10.93 76.78 -7.62
C MET C 145 11.04 77.78 -8.76
N PHE C 146 11.45 79.02 -8.51
CA PHE C 146 11.37 80.04 -9.53
C PHE C 146 12.67 80.78 -9.81
N GLY C 147 13.69 80.66 -8.97
CA GLY C 147 14.93 81.39 -9.17
C GLY C 147 15.93 80.59 -9.97
N SER C 148 17.11 81.19 -10.13
CA SER C 148 18.23 80.49 -10.74
C SER C 148 18.90 79.62 -9.69
N ASP C 149 19.89 78.84 -10.11
CA ASP C 149 20.55 77.89 -9.22
C ASP C 149 21.93 78.33 -8.77
N ARG C 150 22.39 79.51 -9.17
CA ARG C 150 23.74 79.95 -8.85
C ARG C 150 23.80 81.46 -8.86
N SER C 151 24.88 81.98 -8.29
CA SER C 151 25.03 83.41 -8.04
C SER C 151 25.95 84.04 -9.08
N ARG C 152 25.62 85.26 -9.48
CA ARG C 152 26.54 86.12 -10.21
C ARG C 152 27.03 87.27 -9.35
N PHE C 153 26.60 87.33 -8.09
CA PHE C 153 26.93 88.43 -7.19
C PHE C 153 28.35 88.23 -6.71
N LEU C 154 29.29 88.92 -7.35
CA LEU C 154 30.71 88.83 -7.04
C LEU C 154 31.16 89.94 -6.10
N GLU C 155 30.27 90.43 -5.25
CA GLU C 155 30.54 91.57 -4.40
C GLU C 155 30.34 91.19 -2.94
N GLY C 156 30.66 92.14 -2.07
CA GLY C 156 30.38 91.98 -0.67
C GLY C 156 28.96 92.41 -0.33
N LYS C 157 28.39 91.76 0.67
CA LYS C 157 26.99 91.98 1.00
C LYS C 157 26.86 93.08 2.04
N ARG C 158 25.62 93.52 2.24
CA ARG C 158 25.34 94.41 3.35
C ARG C 158 25.20 93.62 4.64
N ALA C 159 25.27 94.34 5.75
CA ALA C 159 25.01 93.76 7.06
C ALA C 159 24.30 94.79 7.90
N VAL C 160 23.14 94.43 8.42
CA VAL C 160 22.24 95.35 9.08
C VAL C 160 22.27 95.08 10.57
N GLU C 161 22.27 96.17 11.36
CA GLU C 161 22.25 96.09 12.81
C GLU C 161 20.96 95.44 13.30
N ASP C 162 21.10 94.46 14.17
CA ASP C 162 19.95 93.75 14.69
C ASP C 162 19.25 94.59 15.75
N LYS C 163 17.93 94.53 15.74
CA LYS C 163 17.12 95.35 16.63
C LYS C 163 16.65 94.51 17.82
N ASN C 164 16.19 95.20 18.85
CA ASN C 164 15.62 94.57 20.03
C ASN C 164 14.21 95.11 20.18
N ILE C 165 13.23 94.36 19.67
CA ILE C 165 11.84 94.77 19.73
C ILE C 165 11.05 93.90 20.70
N GLY C 166 11.71 93.19 21.61
CA GLY C 166 11.02 92.48 22.66
C GLY C 166 11.58 91.13 23.02
N PRO C 167 11.07 90.55 24.11
CA PRO C 167 11.49 89.20 24.51
C PRO C 167 10.86 88.09 23.71
N LEU C 168 10.02 88.40 22.73
CA LEU C 168 9.34 87.40 21.93
C LEU C 168 9.88 87.27 20.52
N VAL C 169 10.17 88.38 19.87
CA VAL C 169 10.52 88.40 18.46
C VAL C 169 12.02 88.61 18.37
N LYS C 170 12.76 87.54 18.09
CA LYS C 170 14.16 87.67 17.75
C LYS C 170 14.28 88.35 16.40
N THR C 171 15.18 89.32 16.31
CA THR C 171 15.29 90.20 15.16
C THR C 171 16.70 90.09 14.59
N ILE C 172 16.82 89.55 13.38
CA ILE C 172 18.09 89.50 12.66
C ILE C 172 17.82 90.15 11.31
N MET C 173 18.05 91.45 11.23
CA MET C 173 17.62 92.26 10.09
C MET C 173 18.50 92.15 8.88
N THR C 174 19.60 91.38 8.95
CA THR C 174 20.37 91.13 7.75
C THR C 174 19.61 90.22 6.80
N ARG C 175 18.73 89.38 7.34
CA ARG C 175 17.91 88.47 6.56
C ARG C 175 16.67 89.13 5.98
N CYS C 176 16.40 90.40 6.30
CA CYS C 176 15.20 91.06 5.83
C CYS C 176 15.29 91.37 4.34
N ILE C 177 14.17 91.16 3.64
CA ILE C 177 14.05 91.50 2.23
C ILE C 177 13.18 92.72 2.02
N GLN C 178 12.86 93.45 3.10
CA GLN C 178 12.11 94.72 3.09
C GLN C 178 10.76 94.60 2.39
N CYS C 179 10.02 93.55 2.74
CA CYS C 179 8.73 93.34 2.11
C CYS C 179 7.63 94.19 2.74
N THR C 180 7.91 94.81 3.88
CA THR C 180 7.00 95.69 4.62
C THR C 180 5.68 95.01 4.98
N ARG C 181 5.75 93.76 5.44
CA ARG C 181 4.61 93.12 6.08
C ARG C 181 4.58 93.37 7.58
N CYS C 182 5.75 93.57 8.20
CA CYS C 182 5.90 94.19 9.51
C CYS C 182 4.99 95.38 9.69
N ILE C 183 5.18 96.34 8.78
CA ILE C 183 4.64 97.67 8.94
C ILE C 183 3.16 97.66 8.65
N ARG C 184 2.75 96.92 7.62
CA ARG C 184 1.34 96.78 7.31
C ARG C 184 0.59 96.04 8.39
N PHE C 185 1.21 95.00 8.98
CA PHE C 185 0.56 94.31 10.09
C PHE C 185 0.40 95.22 11.29
N ALA C 186 1.49 95.85 11.74
CA ALA C 186 1.45 96.71 12.91
C ALA C 186 0.63 97.96 12.69
N SER C 187 0.39 98.36 11.45
CA SER C 187 -0.40 99.54 11.17
C SER C 187 -1.88 99.22 10.98
N GLU C 188 -2.21 98.02 10.53
CA GLU C 188 -3.56 97.72 10.07
C GLU C 188 -4.27 96.67 10.90
N ILE C 189 -3.57 95.64 11.35
CA ILE C 189 -4.19 94.58 12.12
C ILE C 189 -3.84 94.67 13.59
N ALA C 190 -2.55 94.86 13.89
CA ALA C 190 -2.16 95.09 15.28
C ALA C 190 -2.57 96.47 15.75
N GLY C 191 -2.55 97.46 14.86
CA GLY C 191 -2.98 98.80 15.20
C GLY C 191 -2.01 99.53 16.11
N VAL C 192 -0.74 99.44 15.80
CA VAL C 192 0.32 99.91 16.68
C VAL C 192 0.99 101.17 16.13
N ASP C 193 1.28 101.17 14.82
CA ASP C 193 1.93 102.28 14.09
C ASP C 193 3.30 102.61 14.67
N ASP C 194 4.09 101.58 14.99
CA ASP C 194 5.42 101.78 15.52
C ASP C 194 6.53 101.09 14.75
N LEU C 195 6.21 100.28 13.74
CA LEU C 195 7.21 99.74 12.84
C LEU C 195 7.24 100.54 11.56
N GLY C 196 8.42 100.61 10.95
CA GLY C 196 8.54 101.33 9.71
C GLY C 196 9.96 101.27 9.19
N THR C 197 10.12 101.77 7.97
CA THR C 197 11.41 101.79 7.30
C THR C 197 12.12 103.09 7.58
N THR C 198 13.32 103.00 8.15
CA THR C 198 14.20 104.15 8.26
C THR C 198 15.29 104.04 7.21
N GLY C 199 15.71 105.18 6.70
CA GLY C 199 16.75 105.21 5.71
C GLY C 199 16.21 105.30 4.30
N ARG C 200 17.09 105.03 3.35
CA ARG C 200 16.73 105.19 1.95
C ARG C 200 17.68 104.34 1.11
N GLY C 201 17.14 103.73 0.05
CA GLY C 201 17.96 102.98 -0.87
C GLY C 201 18.29 101.58 -0.38
N ASN C 202 19.54 101.16 -0.59
CA ASN C 202 19.97 99.88 -0.06
C ASN C 202 20.18 99.93 1.44
N ASP C 203 20.33 101.11 2.01
CA ASP C 203 20.45 101.28 3.46
C ASP C 203 19.10 101.44 4.14
N MET C 204 18.00 101.11 3.46
CA MET C 204 16.69 101.20 4.08
C MET C 204 16.52 100.07 5.08
N GLN C 205 16.16 100.42 6.31
CA GLN C 205 16.15 99.47 7.41
C GLN C 205 14.79 99.48 8.08
N VAL C 206 14.12 98.33 8.08
CA VAL C 206 12.86 98.19 8.80
C VAL C 206 13.15 98.17 10.29
N GLY C 207 12.47 99.01 11.05
CA GLY C 207 12.66 99.03 12.49
C GLY C 207 11.74 100.00 13.17
N THR C 208 12.15 100.44 14.36
CA THR C 208 11.40 101.41 15.14
C THR C 208 12.11 102.74 15.28
N TYR C 209 13.37 102.82 14.84
CA TYR C 209 14.32 103.95 14.87
C TYR C 209 14.84 104.23 16.28
N ILE C 210 14.21 103.65 17.29
CA ILE C 210 14.62 103.80 18.68
C ILE C 210 14.62 102.42 19.30
N GLU C 211 15.27 102.33 20.47
CA GLU C 211 15.29 101.06 21.21
C GLU C 211 13.92 100.90 21.86
N LYS C 212 12.96 100.49 21.04
CA LYS C 212 11.56 100.40 21.42
C LYS C 212 11.15 98.95 21.40
N MET C 213 10.22 98.61 22.27
CA MET C 213 9.84 97.22 22.52
C MET C 213 8.43 97.00 21.98
N PHE C 214 8.35 96.32 20.84
CA PHE C 214 7.08 96.05 20.17
C PHE C 214 6.29 94.99 20.92
N MET C 215 5.50 95.40 21.91
CA MET C 215 4.70 94.48 22.72
C MET C 215 3.24 94.85 22.56
N SER C 216 2.62 94.30 21.51
CA SER C 216 1.18 94.30 21.39
C SER C 216 0.66 92.97 21.90
N GLU C 217 -0.65 92.79 21.87
CA GLU C 217 -1.22 91.49 22.15
C GLU C 217 -1.07 90.53 20.98
N LEU C 218 -0.75 91.05 19.79
CA LEU C 218 -0.60 90.27 18.58
C LEU C 218 0.81 90.40 18.03
N SER C 219 1.80 90.58 18.90
CA SER C 219 3.16 90.87 18.45
C SER C 219 3.88 89.64 17.94
N GLY C 220 3.27 88.46 18.00
CA GLY C 220 3.91 87.26 17.52
C GLY C 220 3.48 86.82 16.14
N ASN C 221 2.55 87.53 15.50
CA ASN C 221 2.12 87.17 14.16
C ASN C 221 3.05 87.71 13.09
N ILE C 222 3.91 88.67 13.44
CA ILE C 222 4.96 89.10 12.54
C ILE C 222 6.04 88.04 12.41
N ILE C 223 6.11 87.10 13.35
CA ILE C 223 6.90 85.90 13.16
C ILE C 223 6.30 85.02 12.07
N ASP C 224 4.96 84.95 12.01
CA ASP C 224 4.29 84.17 10.98
C ASP C 224 4.49 84.80 9.61
N ILE C 225 4.14 86.08 9.47
CA ILE C 225 4.13 86.70 8.16
C ILE C 225 5.44 87.38 7.82
N CYS C 226 6.50 87.03 8.51
CA CYS C 226 7.80 87.30 7.94
C CYS C 226 8.14 86.14 7.01
N PRO C 227 8.30 86.36 5.71
CA PRO C 227 8.59 85.24 4.81
C PRO C 227 10.01 84.71 4.94
N VAL C 228 10.88 85.44 5.63
CA VAL C 228 12.28 85.10 5.75
C VAL C 228 12.59 84.94 7.24
N GLY C 229 13.85 84.71 7.58
CA GLY C 229 14.21 84.50 8.97
C GLY C 229 14.59 85.74 9.71
N ALA C 230 14.15 86.90 9.23
CA ALA C 230 14.43 88.15 9.90
C ALA C 230 13.62 88.34 11.16
N LEU C 231 12.51 87.64 11.31
CA LEU C 231 11.71 87.65 12.52
C LEU C 231 11.40 86.22 12.89
N THR C 232 12.07 85.70 13.91
CA THR C 232 11.80 84.36 14.38
C THR C 232 11.23 84.42 15.79
N SER C 233 10.76 83.27 16.27
CA SER C 233 10.27 83.14 17.64
C SER C 233 11.45 82.94 18.57
N LYS C 234 11.62 83.84 19.53
CA LYS C 234 12.71 83.74 20.49
C LYS C 234 12.57 82.55 21.47
N PRO C 235 11.38 82.15 21.94
CA PRO C 235 11.34 80.88 22.70
C PRO C 235 11.57 79.65 21.84
N TYR C 236 11.07 79.63 20.61
CA TYR C 236 11.28 78.52 19.70
C TYR C 236 12.68 78.54 19.07
N ALA C 237 13.45 79.60 19.30
CA ALA C 237 14.73 79.81 18.64
C ALA C 237 15.71 78.69 18.93
N PHE C 238 16.19 78.08 17.85
CA PHE C 238 17.26 77.09 17.73
C PHE C 238 16.80 75.71 18.20
N THR C 239 15.59 75.58 18.74
CA THR C 239 15.20 74.35 19.43
C THR C 239 14.77 73.26 18.46
N ALA C 240 14.08 73.62 17.40
CA ALA C 240 13.60 72.62 16.46
C ALA C 240 13.83 73.05 15.03
N ARG C 241 13.20 72.34 14.12
CA ARG C 241 13.41 72.50 12.69
C ARG C 241 12.17 71.91 12.02
N PRO C 242 11.54 72.61 11.05
CA PRO C 242 10.13 72.35 10.76
C PRO C 242 9.80 71.03 10.10
N TRP C 243 10.74 70.34 9.47
CA TRP C 243 10.35 69.12 8.78
C TRP C 243 10.22 67.93 9.71
N GLU C 244 10.87 67.95 10.86
CA GLU C 244 10.78 66.85 11.81
C GLU C 244 9.62 67.00 12.78
N THR C 245 8.89 68.10 12.72
CA THR C 245 7.82 68.37 13.67
C THR C 245 6.51 67.75 13.19
N ARG C 246 5.80 67.13 14.12
CA ARG C 246 4.51 66.52 13.83
C ARG C 246 3.41 67.53 14.09
N LYS C 247 2.59 67.79 13.08
CA LYS C 247 1.58 68.84 13.14
C LYS C 247 0.28 68.27 13.70
N THR C 248 -0.10 68.71 14.89
CA THR C 248 -1.38 68.39 15.50
C THR C 248 -2.28 69.61 15.43
N GLU C 249 -3.48 69.43 14.87
CA GLU C 249 -4.44 70.52 14.73
C GLU C 249 -5.35 70.53 15.95
N SER C 250 -5.25 71.59 16.75
CA SER C 250 -5.94 71.65 18.04
C SER C 250 -6.62 73.00 18.23
N ILE C 251 -7.10 73.27 19.44
CA ILE C 251 -7.87 74.46 19.76
C ILE C 251 -7.14 75.22 20.85
N ASP C 252 -7.21 76.55 20.80
CA ASP C 252 -6.79 77.37 21.92
C ASP C 252 -7.77 77.23 23.08
N VAL C 253 -7.24 77.32 24.29
CA VAL C 253 -8.07 77.43 25.49
C VAL C 253 -7.72 78.64 26.34
N MET C 254 -6.75 79.45 25.91
CA MET C 254 -6.32 80.59 26.71
C MET C 254 -7.35 81.71 26.77
N ASP C 255 -8.33 81.68 25.88
CA ASP C 255 -9.45 82.61 25.90
C ASP C 255 -10.68 81.90 25.36
N ALA C 256 -11.81 82.60 25.39
CA ALA C 256 -13.06 82.05 24.90
C ALA C 256 -13.29 82.33 23.43
N VAL C 257 -12.25 82.71 22.70
CA VAL C 257 -12.39 82.90 21.26
C VAL C 257 -12.32 81.55 20.54
N GLY C 258 -11.51 80.64 21.05
CA GLY C 258 -11.38 79.34 20.43
C GLY C 258 -10.56 79.39 19.18
N SER C 259 -9.33 79.90 19.29
CA SER C 259 -8.47 80.04 18.13
C SER C 259 -7.97 78.68 17.68
N ASN C 260 -8.24 78.35 16.42
CA ASN C 260 -7.75 77.10 15.86
C ASN C 260 -6.25 77.20 15.63
N ILE C 261 -5.50 76.27 16.23
CA ILE C 261 -4.04 76.33 16.26
C ILE C 261 -3.46 75.04 15.70
N VAL C 262 -2.17 75.10 15.40
CA VAL C 262 -1.33 73.93 15.13
C VAL C 262 -0.38 73.77 16.30
N VAL C 263 -0.42 72.62 16.96
CA VAL C 263 0.55 72.27 17.98
C VAL C 263 1.59 71.37 17.33
N SER C 264 2.74 71.92 16.99
CA SER C 264 3.79 71.15 16.33
C SER C 264 4.65 70.49 17.40
N THR C 265 4.72 69.16 17.35
CA THR C 265 5.45 68.38 18.33
C THR C 265 6.59 67.63 17.66
N ARG C 266 7.65 67.41 18.42
CA ARG C 266 8.83 66.70 17.93
C ARG C 266 9.21 65.69 19.00
N THR C 267 9.05 64.40 18.69
CA THR C 267 9.38 63.27 19.56
C THR C 267 8.68 63.37 20.91
N GLY C 268 7.38 63.63 20.86
CA GLY C 268 6.59 63.68 22.08
C GLY C 268 6.82 64.90 22.95
N GLU C 269 7.11 66.05 22.36
CA GLU C 269 7.34 67.27 23.11
C GLU C 269 6.85 68.45 22.29
N VAL C 270 6.09 69.35 22.93
CA VAL C 270 5.53 70.51 22.24
C VAL C 270 6.65 71.49 21.91
N MET C 271 6.80 71.81 20.63
CA MET C 271 7.86 72.70 20.18
C MET C 271 7.40 74.15 20.10
N ARG C 272 6.23 74.39 19.51
CA ARG C 272 5.66 75.72 19.39
C ARG C 272 4.17 75.57 19.12
N ILE C 273 3.50 76.72 18.97
CA ILE C 273 2.10 76.78 18.60
C ILE C 273 1.97 77.76 17.45
N LEU C 274 1.52 77.28 16.30
CA LEU C 274 1.22 78.06 15.13
C LEU C 274 -0.29 78.15 14.93
N PRO C 275 -0.78 79.17 14.24
CA PRO C 275 -2.23 79.25 13.99
C PRO C 275 -2.68 78.30 12.91
N ARG C 276 -3.99 78.04 12.90
CA ARG C 276 -4.69 77.53 11.74
C ARG C 276 -5.55 78.65 11.15
N MET C 277 -5.65 78.66 9.84
CA MET C 277 -6.55 79.59 9.18
C MET C 277 -7.98 79.17 9.43
N HIS C 278 -8.77 80.07 10.00
CA HIS C 278 -10.21 79.89 10.11
C HIS C 278 -10.86 81.23 9.86
N GLU C 279 -11.68 81.30 8.81
CA GLU C 279 -12.21 82.57 8.34
C GLU C 279 -13.22 83.20 9.28
N ASP C 280 -13.69 82.49 10.31
CA ASP C 280 -14.75 82.97 11.18
C ASP C 280 -14.33 83.15 12.63
N ILE C 281 -13.09 82.80 12.98
CA ILE C 281 -12.64 82.99 14.36
C ILE C 281 -11.38 83.84 14.43
N ASN C 282 -10.29 83.36 13.85
CA ASN C 282 -8.96 83.86 14.20
C ASN C 282 -8.09 84.11 12.98
N GLU C 283 -8.61 84.87 12.01
CA GLU C 283 -8.50 84.63 10.56
C GLU C 283 -7.28 83.84 10.10
N GLU C 284 -6.07 84.28 10.42
CA GLU C 284 -4.95 83.36 10.48
C GLU C 284 -4.01 83.72 11.62
N TRP C 285 -4.48 84.47 12.61
CA TRP C 285 -3.64 84.98 13.67
C TRP C 285 -3.94 84.26 14.97
N ILE C 286 -3.02 84.39 15.93
CA ILE C 286 -3.27 84.04 17.33
C ILE C 286 -2.63 85.11 18.18
N SER C 287 -3.03 85.16 19.46
CA SER C 287 -2.46 86.14 20.37
C SER C 287 -1.10 85.66 20.88
N ASP C 288 -0.41 86.55 21.61
CA ASP C 288 0.89 86.19 22.16
C ASP C 288 0.77 85.19 23.30
N LYS C 289 -0.34 85.21 24.02
CA LYS C 289 -0.56 84.24 25.09
C LYS C 289 -0.73 82.84 24.52
N THR C 290 -1.56 82.71 23.49
CA THR C 290 -1.75 81.44 22.77
C THR C 290 -0.45 80.94 22.18
N ARG C 291 0.33 81.84 21.59
CA ARG C 291 1.52 81.43 20.86
C ARG C 291 2.64 81.05 21.81
N PHE C 292 2.78 81.75 22.94
CA PHE C 292 3.97 81.61 23.76
C PHE C 292 3.69 81.10 25.18
N ALA C 293 2.49 80.59 25.46
CA ALA C 293 2.23 80.07 26.79
C ALA C 293 2.56 78.58 26.93
N TYR C 294 3.13 77.96 25.91
CA TYR C 294 3.35 76.53 25.94
C TYR C 294 4.52 76.10 26.83
N ASP C 295 5.37 77.03 27.27
CA ASP C 295 6.45 76.60 28.15
C ASP C 295 6.02 76.52 29.61
N GLY C 296 4.88 77.13 29.96
CA GLY C 296 4.26 76.84 31.23
C GLY C 296 3.60 75.48 31.30
N LEU C 297 3.43 74.85 30.15
CA LEU C 297 2.83 73.53 30.02
C LEU C 297 3.84 72.43 30.31
N LYS C 298 5.10 72.79 30.60
CA LYS C 298 6.14 71.85 30.97
C LYS C 298 6.87 72.29 32.23
N ARG C 299 6.26 73.19 32.99
CA ARG C 299 6.73 73.54 34.32
C ARG C 299 5.57 73.41 35.30
N GLN C 300 5.91 73.18 36.58
CA GLN C 300 4.97 73.14 37.70
C GLN C 300 3.89 72.08 37.54
N ARG C 301 4.18 71.01 36.82
CA ARG C 301 3.14 70.08 36.39
C ARG C 301 2.83 69.06 37.46
N LEU C 302 1.56 68.71 37.57
CA LEU C 302 1.11 67.62 38.43
C LEU C 302 1.30 66.32 37.68
N THR C 303 2.30 65.53 38.08
CA THR C 303 2.57 64.28 37.39
C THR C 303 2.16 63.04 38.16
N GLU C 304 2.05 63.11 39.48
CA GLU C 304 1.71 61.94 40.28
C GLU C 304 0.58 62.27 41.24
N PRO C 305 -0.23 61.28 41.59
CA PRO C 305 -1.25 61.50 42.62
C PRO C 305 -0.63 61.78 43.98
N MET C 306 -1.23 62.70 44.70
CA MET C 306 -0.74 63.10 46.01
C MET C 306 -1.86 63.02 47.03
N VAL C 307 -1.52 62.55 48.24
CA VAL C 307 -2.42 62.55 49.37
C VAL C 307 -1.68 63.16 50.55
N ARG C 308 -2.46 63.59 51.55
CA ARG C 308 -1.87 64.09 52.78
C ARG C 308 -1.43 62.93 53.66
N ASN C 309 -0.20 63.01 54.17
CA ASN C 309 0.35 61.98 55.04
C ASN C 309 -0.03 62.28 56.48
N GLU C 310 0.64 61.63 57.44
CA GLU C 310 0.36 61.85 58.85
C GLU C 310 0.78 63.23 59.33
N LYS C 311 1.72 63.88 58.65
CA LYS C 311 2.13 65.23 59.01
C LYS C 311 1.35 66.32 58.29
N GLY C 312 0.34 65.94 57.50
CA GLY C 312 -0.39 66.92 56.73
C GLY C 312 0.33 67.43 55.50
N LEU C 313 1.22 66.63 54.93
CA LEU C 313 2.00 67.03 53.77
C LEU C 313 1.64 66.15 52.58
N LEU C 314 1.68 66.74 51.38
CA LEU C 314 1.34 66.05 50.15
C LEU C 314 2.44 65.06 49.78
N THR C 315 2.20 63.78 50.01
CA THR C 315 3.13 62.73 49.62
C THR C 315 2.63 62.04 48.37
N HIS C 316 3.57 61.56 47.56
CA HIS C 316 3.22 60.85 46.34
C HIS C 316 2.58 59.51 46.65
N THR C 317 1.63 59.11 45.83
CA THR C 317 0.90 57.87 46.05
C THR C 317 0.46 57.32 44.70
N THR C 318 -0.26 56.19 44.74
CA THR C 318 -0.72 55.54 43.53
C THR C 318 -2.12 56.02 43.18
N TRP C 319 -2.63 55.56 42.03
CA TRP C 319 -4.01 55.86 41.68
C TRP C 319 -5.00 55.08 42.52
N GLU C 320 -4.63 53.86 42.95
CA GLU C 320 -5.53 53.06 43.78
C GLU C 320 -5.80 53.73 45.11
N ASP C 321 -4.75 54.15 45.80
CA ASP C 321 -4.88 54.78 47.11
C ASP C 321 -5.56 56.13 47.01
N ALA C 322 -5.24 56.92 45.98
CA ALA C 322 -5.83 58.24 45.84
C ALA C 322 -7.31 58.16 45.49
N LEU C 323 -7.67 57.30 44.54
CA LEU C 323 -9.08 57.16 44.21
C LEU C 323 -9.88 56.48 45.32
N SER C 324 -9.25 55.60 46.10
CA SER C 324 -9.95 55.01 47.24
C SER C 324 -10.17 56.04 48.34
N ARG C 325 -9.20 56.90 48.59
CA ARG C 325 -9.38 57.92 49.62
C ARG C 325 -10.34 59.01 49.19
N VAL C 326 -10.47 59.26 47.88
CA VAL C 326 -11.50 60.20 47.43
C VAL C 326 -12.89 59.54 47.49
N ALA C 327 -13.00 58.29 47.05
CA ALA C 327 -14.30 57.64 46.99
C ALA C 327 -14.82 57.27 48.38
N GLY C 328 -13.93 57.02 49.34
CA GLY C 328 -14.37 56.73 50.69
C GLY C 328 -14.98 57.94 51.38
N MET C 329 -14.58 59.14 50.97
CA MET C 329 -15.26 60.34 51.44
C MET C 329 -16.49 60.64 50.60
N LEU C 330 -16.46 60.28 49.31
CA LEU C 330 -17.60 60.55 48.43
C LEU C 330 -18.80 59.69 48.78
N GLN C 331 -18.57 58.46 49.26
CA GLN C 331 -19.69 57.60 49.66
C GLN C 331 -20.36 58.12 50.93
N SER C 332 -19.64 58.86 51.76
CA SER C 332 -20.17 59.42 52.99
C SER C 332 -20.87 60.76 52.78
N CYS C 333 -20.98 61.23 51.55
CA CYS C 333 -21.68 62.46 51.23
C CYS C 333 -23.04 62.17 50.63
N GLN C 334 -23.89 63.20 50.63
CA GLN C 334 -25.21 63.23 50.02
C GLN C 334 -25.72 64.67 50.10
N GLY C 335 -26.40 65.11 49.07
CA GLY C 335 -27.06 66.41 49.12
C GLY C 335 -26.07 67.54 48.97
N ASN C 336 -26.15 68.51 49.87
CA ASN C 336 -25.26 69.67 49.85
C ASN C 336 -23.93 69.41 50.52
N ASP C 337 -23.63 68.17 50.88
CA ASP C 337 -22.38 67.83 51.53
C ASP C 337 -21.20 67.77 50.56
N VAL C 338 -21.47 67.76 49.25
CA VAL C 338 -20.42 67.67 48.24
C VAL C 338 -20.71 68.68 47.14
N ALA C 339 -19.70 69.45 46.76
CA ALA C 339 -19.83 70.46 45.73
C ALA C 339 -18.62 70.39 44.81
N ALA C 340 -18.65 71.18 43.76
CA ALA C 340 -17.58 71.20 42.77
C ALA C 340 -17.45 72.58 42.17
N ILE C 341 -16.21 72.98 41.89
CA ILE C 341 -15.92 74.21 41.17
C ILE C 341 -15.25 73.83 39.86
N ALA C 342 -15.79 74.34 38.75
CA ALA C 342 -15.15 74.18 37.46
C ALA C 342 -14.21 75.36 37.23
N GLY C 343 -12.96 75.05 36.89
CA GLY C 343 -11.97 76.07 36.63
C GLY C 343 -12.08 76.65 35.25
N GLY C 344 -10.99 77.27 34.81
CA GLY C 344 -11.01 77.97 33.54
C GLY C 344 -10.74 77.12 32.32
N LEU C 345 -10.03 76.01 32.49
CA LEU C 345 -9.46 75.28 31.36
C LEU C 345 -9.97 73.84 31.30
N VAL C 346 -11.27 73.63 31.49
CA VAL C 346 -11.83 72.30 31.62
C VAL C 346 -12.73 72.00 30.42
N ASP C 347 -12.52 70.85 29.81
CA ASP C 347 -13.33 70.42 28.69
C ASP C 347 -14.69 69.92 29.15
N ALA C 348 -15.64 69.91 28.21
CA ALA C 348 -17.01 69.52 28.51
C ALA C 348 -17.15 68.04 28.84
N GLU C 349 -16.20 67.20 28.42
CA GLU C 349 -16.23 65.79 28.79
C GLU C 349 -16.03 65.60 30.28
N ALA C 350 -15.03 66.29 30.86
CA ALA C 350 -14.83 66.23 32.31
C ALA C 350 -15.95 66.92 33.05
N LEU C 351 -16.55 67.95 32.44
CA LEU C 351 -17.65 68.65 33.09
C LEU C 351 -18.88 67.77 33.20
N ILE C 352 -19.23 67.06 32.12
CA ILE C 352 -20.36 66.15 32.21
C ILE C 352 -20.01 64.89 32.99
N ALA C 353 -18.72 64.53 33.04
CA ALA C 353 -18.27 63.45 33.92
C ALA C 353 -18.52 63.77 35.38
N LEU C 354 -18.08 64.95 35.80
CA LEU C 354 -18.24 65.33 37.20
C LEU C 354 -19.69 65.66 37.53
N LYS C 355 -20.45 66.14 36.54
CA LYS C 355 -21.86 66.38 36.77
C LYS C 355 -22.62 65.09 36.98
N ASP C 356 -22.34 64.06 36.17
CA ASP C 356 -22.96 62.76 36.36
C ASP C 356 -22.53 62.12 37.67
N LEU C 357 -21.26 62.30 38.06
CA LEU C 357 -20.78 61.73 39.31
C LEU C 357 -21.45 62.38 40.51
N LEU C 358 -21.49 63.71 40.55
CA LEU C 358 -22.13 64.38 41.69
C LEU C 358 -23.65 64.26 41.64
N ASN C 359 -24.24 63.95 40.51
CA ASN C 359 -25.67 63.66 40.51
C ASN C 359 -25.97 62.22 40.87
N ARG C 360 -24.98 61.32 40.87
CA ARG C 360 -25.20 60.02 41.50
C ARG C 360 -25.37 60.16 43.01
N VAL C 361 -24.79 61.21 43.61
CA VAL C 361 -24.86 61.46 45.03
C VAL C 361 -25.99 62.46 45.35
N ASP C 362 -26.77 62.83 44.33
CA ASP C 362 -27.84 63.83 44.41
C ASP C 362 -27.30 65.17 44.91
N SER C 363 -26.43 65.77 44.11
CA SER C 363 -25.83 67.06 44.40
C SER C 363 -25.83 67.89 43.13
N ASP C 364 -26.64 68.93 43.10
CA ASP C 364 -26.65 69.86 41.98
C ASP C 364 -25.72 71.05 42.19
N THR C 365 -24.93 71.04 43.26
CA THR C 365 -24.07 72.17 43.59
C THR C 365 -22.79 72.01 42.79
N LEU C 366 -22.85 72.39 41.53
CA LEU C 366 -21.68 72.41 40.66
C LEU C 366 -21.49 73.82 40.14
N CYS C 367 -20.35 74.41 40.46
CA CYS C 367 -20.14 75.83 40.24
C CYS C 367 -19.00 76.07 39.26
N THR C 368 -18.96 77.28 38.73
CA THR C 368 -17.84 77.77 37.95
C THR C 368 -17.21 78.94 38.69
N GLU C 369 -16.00 79.30 38.28
CA GLU C 369 -15.37 80.46 38.89
C GLU C 369 -15.94 81.76 38.36
N GLU C 370 -16.27 81.81 37.08
CA GLU C 370 -16.71 83.05 36.46
C GLU C 370 -18.21 83.21 36.70
N VAL C 371 -18.58 84.30 37.35
CA VAL C 371 -19.96 84.50 37.76
C VAL C 371 -20.77 84.98 36.56
N PHE C 372 -21.85 84.26 36.26
CA PHE C 372 -22.87 84.72 35.36
C PHE C 372 -24.18 84.86 36.13
N PRO C 373 -24.93 85.93 35.94
CA PRO C 373 -26.16 86.13 36.72
C PRO C 373 -27.27 85.19 36.29
N THR C 374 -27.92 84.57 37.28
CA THR C 374 -29.01 83.65 37.05
C THR C 374 -30.37 84.28 37.31
N ALA C 375 -30.41 85.59 37.57
CA ALA C 375 -31.68 86.27 37.81
C ALA C 375 -32.41 86.48 36.50
N GLY C 376 -33.61 85.94 36.41
CA GLY C 376 -34.38 86.01 35.18
C GLY C 376 -34.39 84.68 34.45
N ALA C 377 -34.01 84.69 33.18
CA ALA C 377 -33.90 83.44 32.43
C ALA C 377 -32.66 82.67 32.84
N GLY C 378 -31.54 83.37 33.03
CA GLY C 378 -30.32 82.73 33.47
C GLY C 378 -29.67 81.91 32.39
N THR C 379 -29.23 80.70 32.74
CA THR C 379 -28.60 79.80 31.78
C THR C 379 -29.61 78.87 31.12
N ASP C 380 -30.90 79.23 31.13
CA ASP C 380 -31.91 78.41 30.50
C ASP C 380 -31.86 78.53 28.99
N LEU C 381 -32.12 79.73 28.47
CA LEU C 381 -31.98 79.97 27.05
C LEU C 381 -30.53 80.26 26.75
N ARG C 382 -30.04 79.74 25.63
CA ARG C 382 -28.64 79.95 25.29
C ARG C 382 -28.36 81.38 24.85
N SER C 383 -29.38 82.09 24.37
CA SER C 383 -29.16 83.35 23.69
C SER C 383 -28.71 84.48 24.61
N ASN C 384 -28.87 84.34 25.92
CA ASN C 384 -28.46 85.44 26.80
C ASN C 384 -27.14 85.17 27.49
N TYR C 385 -26.33 84.23 26.98
CA TYR C 385 -24.94 84.17 27.42
C TYR C 385 -23.97 83.84 26.29
N LEU C 386 -24.38 83.99 25.03
CA LEU C 386 -23.50 83.73 23.90
C LEU C 386 -23.06 85.04 23.25
N LEU C 387 -22.09 84.91 22.36
CA LEU C 387 -21.81 85.95 21.37
C LEU C 387 -22.75 85.67 20.20
N ASN C 388 -23.98 86.16 20.35
CA ASN C 388 -25.08 85.75 19.49
C ASN C 388 -24.97 86.26 18.07
N THR C 389 -24.16 87.30 17.83
CA THR C 389 -24.09 87.82 16.48
C THR C 389 -23.26 86.88 15.61
N THR C 390 -21.95 86.89 15.83
CA THR C 390 -20.91 85.85 15.76
C THR C 390 -19.59 86.58 15.92
N ILE C 391 -18.47 85.85 15.93
CA ILE C 391 -17.20 86.53 15.69
C ILE C 391 -17.16 87.08 14.27
N ALA C 392 -17.71 86.33 13.31
CA ALA C 392 -17.80 86.77 11.93
C ALA C 392 -18.95 87.73 11.67
N GLY C 393 -19.78 87.99 12.67
CA GLY C 393 -20.86 88.94 12.50
C GLY C 393 -20.48 90.39 12.70
N VAL C 394 -19.25 90.65 13.16
CA VAL C 394 -18.79 92.02 13.33
C VAL C 394 -18.61 92.70 11.97
N GLU C 395 -18.27 91.91 10.94
CA GLU C 395 -18.01 92.45 9.62
C GLU C 395 -19.27 92.97 8.93
N GLU C 396 -20.45 92.58 9.40
CA GLU C 396 -21.69 93.09 8.83
C GLU C 396 -22.32 94.18 9.68
N ALA C 397 -21.82 94.41 10.89
CA ALA C 397 -22.38 95.41 11.77
C ALA C 397 -22.00 96.82 11.33
N ASP C 398 -22.67 97.82 11.92
CA ASP C 398 -22.36 99.21 11.65
C ASP C 398 -22.16 100.07 12.90
N VAL C 399 -22.76 99.71 14.02
CA VAL C 399 -22.56 100.39 15.30
C VAL C 399 -22.31 99.33 16.37
N VAL C 400 -21.22 99.47 17.12
CA VAL C 400 -20.85 98.54 18.16
C VAL C 400 -20.78 99.28 19.49
N LEU C 401 -21.51 98.80 20.49
CA LEU C 401 -21.41 99.29 21.85
C LEU C 401 -20.73 98.23 22.70
N LEU C 402 -19.63 98.59 23.33
CA LEU C 402 -18.88 97.71 24.21
C LEU C 402 -19.10 98.17 25.64
N VAL C 403 -19.65 97.30 26.48
CA VAL C 403 -20.01 97.67 27.84
C VAL C 403 -19.20 96.81 28.80
N GLY C 404 -18.46 97.48 29.69
CA GLY C 404 -17.83 96.82 30.82
C GLY C 404 -16.74 95.84 30.46
N THR C 405 -15.98 96.10 29.40
CA THR C 405 -14.96 95.17 28.98
C THR C 405 -13.79 95.92 28.36
N ASN C 406 -12.64 95.25 28.38
CA ASN C 406 -11.46 95.64 27.62
C ASN C 406 -11.21 94.49 26.66
N PRO C 407 -11.86 94.48 25.50
CA PRO C 407 -11.78 93.32 24.60
C PRO C 407 -10.44 93.20 23.89
N ARG C 408 -9.53 94.17 24.05
CA ARG C 408 -8.18 94.00 23.53
C ARG C 408 -7.45 92.88 24.23
N PHE C 409 -7.66 92.73 25.53
CA PHE C 409 -6.97 91.72 26.30
C PHE C 409 -7.85 90.58 26.76
N GLU C 410 -9.17 90.80 26.86
CA GLU C 410 -10.06 89.71 27.24
C GLU C 410 -10.32 88.75 26.10
N ALA C 411 -10.26 89.24 24.87
CA ALA C 411 -10.50 88.45 23.67
C ALA C 411 -9.81 89.10 22.49
N PRO C 412 -8.50 88.91 22.32
CA PRO C 412 -7.72 89.79 21.43
C PRO C 412 -8.07 89.67 19.95
N LEU C 413 -8.52 88.51 19.50
CA LEU C 413 -8.85 88.40 18.09
C LEU C 413 -10.28 88.82 17.80
N PHE C 414 -11.15 88.82 18.81
CA PHE C 414 -12.42 89.52 18.68
C PHE C 414 -12.18 91.02 18.52
N ASN C 415 -11.21 91.57 19.25
CA ASN C 415 -10.86 92.98 19.05
C ASN C 415 -10.20 93.20 17.69
N ALA C 416 -9.41 92.22 17.22
CA ALA C 416 -8.84 92.33 15.88
C ALA C 416 -9.92 92.32 14.81
N ARG C 417 -10.99 91.55 15.03
CA ARG C 417 -12.11 91.55 14.09
C ARG C 417 -12.86 92.89 14.14
N ILE C 418 -13.01 93.47 15.34
CA ILE C 418 -13.63 94.78 15.45
C ILE C 418 -12.77 95.84 14.77
N ARG C 419 -11.44 95.72 14.88
CA ARG C 419 -10.58 96.68 14.19
C ARG C 419 -10.63 96.50 12.69
N LYS C 420 -10.76 95.26 12.20
CA LYS C 420 -10.89 95.07 10.77
C LYS C 420 -12.20 95.63 10.24
N SER C 421 -13.26 95.54 11.04
CA SER C 421 -14.52 96.17 10.65
C SER C 421 -14.46 97.69 10.78
N TRP C 422 -13.67 98.17 11.74
CA TRP C 422 -13.43 99.61 11.90
C TRP C 422 -12.70 100.17 10.69
N LEU C 423 -11.79 99.38 10.13
CA LEU C 423 -10.94 99.84 9.05
C LEU C 423 -11.66 99.74 7.70
N HIS C 424 -12.22 98.58 7.41
CA HIS C 424 -12.74 98.32 6.08
C HIS C 424 -14.23 98.61 5.93
N ASN C 425 -14.99 98.59 7.02
CA ASN C 425 -16.43 98.78 6.94
C ASN C 425 -16.90 100.08 7.57
N ASP C 426 -15.96 100.91 8.07
CA ASP C 426 -16.24 102.19 8.74
C ASP C 426 -17.20 101.98 9.92
N LEU C 427 -16.73 101.19 10.88
CA LEU C 427 -17.52 100.84 12.04
C LEU C 427 -17.43 101.94 13.09
N LYS C 428 -18.56 102.32 13.65
CA LYS C 428 -18.60 103.24 14.77
C LYS C 428 -18.66 102.44 16.07
N VAL C 429 -17.63 102.57 16.88
CA VAL C 429 -17.48 101.80 18.12
C VAL C 429 -17.63 102.76 19.29
N ALA C 430 -18.40 102.36 20.29
CA ALA C 430 -18.46 103.08 21.55
C ALA C 430 -18.03 102.16 22.69
N LEU C 431 -17.66 102.77 23.80
CA LEU C 431 -17.22 102.04 24.98
C LEU C 431 -17.78 102.68 26.22
N ILE C 432 -18.47 101.89 27.03
CA ILE C 432 -18.89 102.28 28.37
C ILE C 432 -17.96 101.57 29.34
N GLY C 433 -17.07 102.33 29.97
CA GLY C 433 -16.07 101.77 30.84
C GLY C 433 -14.90 102.72 30.93
N SER C 434 -13.81 102.21 31.50
CA SER C 434 -12.61 103.02 31.64
C SER C 434 -11.95 103.23 30.28
N PRO C 435 -11.39 104.41 30.02
CA PRO C 435 -10.84 104.69 28.68
C PRO C 435 -9.55 103.94 28.39
N VAL C 436 -9.68 102.68 28.00
CA VAL C 436 -8.52 101.85 27.71
C VAL C 436 -8.12 101.99 26.26
N ASP C 437 -6.89 101.60 25.95
CA ASP C 437 -6.40 101.56 24.58
C ASP C 437 -6.95 100.32 23.90
N LEU C 438 -7.56 100.50 22.73
CA LEU C 438 -8.12 99.39 21.97
C LEU C 438 -7.50 99.25 20.59
N THR C 439 -6.42 99.99 20.31
CA THR C 439 -5.70 100.07 19.03
C THR C 439 -6.56 100.61 17.88
N TYR C 440 -7.62 101.34 18.22
CA TYR C 440 -8.37 102.18 17.29
C TYR C 440 -9.07 103.25 18.11
N ARG C 441 -9.94 104.01 17.45
CA ARG C 441 -10.64 105.11 18.10
C ARG C 441 -12.11 104.78 18.27
N TYR C 442 -12.63 105.07 19.46
CA TYR C 442 -14.00 104.77 19.83
C TYR C 442 -14.64 106.00 20.46
N ASP C 443 -15.97 105.96 20.57
CA ASP C 443 -16.74 107.03 21.22
C ASP C 443 -16.88 106.66 22.70
N HIS C 444 -15.93 107.13 23.51
CA HIS C 444 -15.95 106.84 24.95
C HIS C 444 -17.09 107.61 25.61
N LEU C 445 -18.13 106.88 26.00
CA LEU C 445 -19.34 107.48 26.56
C LEU C 445 -19.23 107.75 28.05
N GLY C 446 -18.27 107.14 28.73
CA GLY C 446 -18.12 107.24 30.17
C GLY C 446 -17.87 105.89 30.79
N ASP C 447 -17.83 105.89 32.12
CA ASP C 447 -17.61 104.66 32.86
C ASP C 447 -18.70 104.33 33.86
N SER C 448 -19.61 105.25 34.14
CA SER C 448 -20.68 104.95 35.09
C SER C 448 -21.78 104.14 34.40
N PRO C 449 -22.39 103.18 35.09
CA PRO C 449 -23.47 102.39 34.49
C PRO C 449 -24.79 103.12 34.34
N LYS C 450 -24.90 104.38 34.75
CA LYS C 450 -26.13 105.13 34.52
C LYS C 450 -26.33 105.45 33.03
N ILE C 451 -25.26 105.37 32.24
CA ILE C 451 -25.36 105.51 30.79
C ILE C 451 -26.18 104.37 30.20
N LEU C 452 -26.13 103.20 30.82
CA LEU C 452 -26.95 102.06 30.38
C LEU C 452 -28.42 102.32 30.59
N GLN C 453 -28.79 103.09 31.61
CA GLN C 453 -30.17 103.47 31.81
C GLN C 453 -30.57 104.66 30.94
N ASP C 454 -29.62 105.55 30.66
CA ASP C 454 -29.94 106.72 29.84
C ASP C 454 -30.07 106.36 28.37
N ILE C 455 -29.32 105.37 27.90
CA ILE C 455 -29.50 104.86 26.55
C ILE C 455 -30.81 104.08 26.45
N ALA C 456 -31.17 103.36 27.51
CA ALA C 456 -32.43 102.65 27.54
C ALA C 456 -33.65 103.56 27.70
N SER C 457 -33.44 104.85 27.99
CA SER C 457 -34.52 105.82 28.01
C SER C 457 -34.42 106.83 26.86
N GLY C 458 -33.38 106.75 26.05
CA GLY C 458 -33.22 107.63 24.92
C GLY C 458 -32.71 109.02 25.23
N SER C 459 -32.42 109.32 26.50
CA SER C 459 -32.01 110.66 26.88
C SER C 459 -30.56 110.97 26.51
N HIS C 460 -29.76 109.96 26.22
CA HIS C 460 -28.35 110.00 25.85
C HIS C 460 -28.22 110.06 24.32
N PRO C 461 -27.27 110.84 23.80
CA PRO C 461 -27.20 111.04 22.34
C PRO C 461 -26.79 109.80 21.55
N PHE C 462 -26.16 108.81 22.17
CA PHE C 462 -25.80 107.58 21.46
C PHE C 462 -27.00 106.68 21.23
N SER C 463 -28.11 106.91 21.91
CA SER C 463 -29.29 106.09 21.71
C SER C 463 -29.91 106.32 20.34
N GLN C 464 -29.84 107.55 19.81
CA GLN C 464 -30.33 107.79 18.45
C GLN C 464 -29.39 107.19 17.41
N VAL C 465 -28.09 107.11 17.73
CA VAL C 465 -27.14 106.41 16.87
C VAL C 465 -27.47 104.92 16.82
N LEU C 466 -27.86 104.36 17.96
CA LEU C 466 -28.28 102.96 18.00
C LEU C 466 -29.61 102.75 17.27
N GLN C 467 -30.53 103.71 17.37
CA GLN C 467 -31.83 103.56 16.72
C GLN C 467 -31.72 103.70 15.21
N GLU C 468 -30.82 104.55 14.72
CA GLU C 468 -30.66 104.71 13.29
C GLU C 468 -29.76 103.66 12.67
N ALA C 469 -29.24 102.72 13.45
CA ALA C 469 -28.34 101.70 12.92
C ALA C 469 -29.13 100.59 12.24
N LYS C 470 -28.52 100.03 11.19
CA LYS C 470 -29.17 98.98 10.42
C LYS C 470 -28.80 97.59 10.92
N LYS C 471 -27.53 97.38 11.29
CA LYS C 471 -27.09 96.14 11.91
C LYS C 471 -26.41 96.47 13.23
N PRO C 472 -27.16 96.81 14.26
CA PRO C 472 -26.55 97.21 15.53
C PRO C 472 -26.03 96.00 16.30
N MET C 473 -25.05 96.26 17.16
CA MET C 473 -24.40 95.18 17.89
C MET C 473 -24.02 95.72 19.26
N VAL C 474 -24.45 95.04 20.31
CA VAL C 474 -24.15 95.44 21.68
C VAL C 474 -23.44 94.28 22.36
N VAL C 475 -22.16 94.46 22.65
CA VAL C 475 -21.36 93.44 23.31
C VAL C 475 -21.26 93.80 24.79
N LEU C 476 -21.68 92.89 25.65
CA LEU C 476 -21.50 93.02 27.08
C LEU C 476 -20.36 92.11 27.52
N GLY C 477 -19.40 92.66 28.25
CA GLY C 477 -18.29 91.86 28.70
C GLY C 477 -18.69 90.98 29.88
N SER C 478 -18.18 89.76 29.88
CA SER C 478 -18.46 88.84 30.97
C SER C 478 -17.69 89.18 32.25
N SER C 479 -16.68 90.05 32.16
CA SER C 479 -16.02 90.54 33.36
C SER C 479 -16.84 91.62 34.05
N ALA C 480 -17.75 92.27 33.33
CA ALA C 480 -18.68 93.19 33.97
C ALA C 480 -19.74 92.45 34.77
N LEU C 481 -19.98 91.18 34.45
CA LEU C 481 -20.91 90.35 35.19
C LEU C 481 -20.29 89.77 36.45
N GLN C 482 -19.01 90.03 36.71
CA GLN C 482 -18.36 89.66 37.95
C GLN C 482 -18.70 90.60 39.08
N ARG C 483 -19.31 91.74 38.78
CA ARG C 483 -19.70 92.70 39.79
C ARG C 483 -20.88 92.17 40.59
N ASN C 484 -21.12 92.79 41.75
CA ASN C 484 -22.24 92.40 42.58
C ASN C 484 -23.57 92.79 41.96
N ASP C 485 -23.59 93.83 41.14
CA ASP C 485 -24.77 94.24 40.40
C ASP C 485 -24.72 93.76 38.95
N GLY C 486 -24.15 92.58 38.71
CA GLY C 486 -24.04 92.07 37.36
C GLY C 486 -25.37 91.73 36.72
N ALA C 487 -26.35 91.34 37.53
CA ALA C 487 -27.68 91.04 37.00
C ALA C 487 -28.37 92.30 36.53
N ALA C 488 -28.15 93.42 37.23
CA ALA C 488 -28.73 94.68 36.80
C ALA C 488 -28.05 95.21 35.54
N ILE C 489 -26.74 94.96 35.40
CA ILE C 489 -26.03 95.32 34.18
C ILE C 489 -26.53 94.51 33.00
N LEU C 490 -26.72 93.20 33.21
CA LEU C 490 -27.26 92.35 32.14
C LEU C 490 -28.68 92.75 31.78
N ALA C 491 -29.49 93.13 32.77
CA ALA C 491 -30.85 93.58 32.50
C ALA C 491 -30.86 94.90 31.73
N ALA C 492 -29.94 95.81 32.05
CA ALA C 492 -29.87 97.09 31.34
C ALA C 492 -29.40 96.90 29.91
N VAL C 493 -28.39 96.05 29.70
CA VAL C 493 -27.85 95.85 28.36
C VAL C 493 -28.85 95.09 27.48
N SER C 494 -29.52 94.08 28.05
CA SER C 494 -30.56 93.39 27.29
C SER C 494 -31.77 94.28 27.06
N ASN C 495 -32.04 95.22 27.96
CA ASN C 495 -33.12 96.19 27.76
C ASN C 495 -32.80 97.12 26.61
N ILE C 496 -31.54 97.56 26.52
CA ILE C 496 -31.09 98.36 25.37
C ILE C 496 -31.22 97.56 24.08
N ALA C 497 -30.81 96.28 24.11
CA ALA C 497 -30.81 95.46 22.90
C ALA C 497 -32.23 95.17 22.41
N GLN C 498 -33.17 94.93 23.33
CA GLN C 498 -34.55 94.71 22.93
C GLN C 498 -35.30 96.02 22.66
N LYS C 499 -34.77 97.15 23.12
CA LYS C 499 -35.32 98.42 22.68
C LYS C 499 -34.90 98.74 21.26
N ILE C 500 -33.68 98.37 20.88
CA ILE C 500 -33.22 98.61 19.52
C ILE C 500 -33.88 97.64 18.55
N ARG C 501 -33.87 96.35 18.88
CA ARG C 501 -34.25 95.33 17.91
C ARG C 501 -35.75 95.31 17.66
N THR C 502 -36.55 95.37 18.72
CA THR C 502 -38.00 95.25 18.57
C THR C 502 -38.67 96.53 18.10
N SER C 503 -37.92 97.62 17.93
CA SER C 503 -38.50 98.88 17.49
C SER C 503 -37.92 99.39 16.19
N SER C 504 -36.60 99.41 16.06
CA SER C 504 -35.95 100.06 14.92
C SER C 504 -35.88 99.09 13.73
N GLY C 505 -35.15 99.50 12.69
CA GLY C 505 -35.03 98.73 11.47
C GLY C 505 -34.04 97.59 11.53
N VAL C 506 -34.39 96.54 12.27
CA VAL C 506 -33.58 95.33 12.38
C VAL C 506 -34.29 94.23 11.63
N THR C 507 -33.52 93.37 10.95
CA THR C 507 -34.07 92.34 10.08
C THR C 507 -34.87 91.30 10.86
N GLY C 508 -34.40 90.95 12.06
CA GLY C 508 -34.98 89.85 12.81
C GLY C 508 -34.03 88.67 12.74
N ASP C 509 -33.36 88.54 11.61
CA ASP C 509 -32.24 87.62 11.46
C ASP C 509 -30.99 88.14 12.14
N TRP C 510 -30.95 89.42 12.49
CA TRP C 510 -29.79 90.04 13.10
C TRP C 510 -29.89 90.00 14.62
N LYS C 511 -28.80 89.62 15.27
CA LYS C 511 -28.74 89.49 16.72
C LYS C 511 -27.99 90.69 17.29
N VAL C 512 -28.60 91.39 18.24
CA VAL C 512 -28.03 92.58 18.83
C VAL C 512 -27.34 92.27 20.16
N MET C 513 -28.00 91.49 21.01
CA MET C 513 -27.45 91.18 22.33
C MET C 513 -26.31 90.18 22.21
N ASN C 514 -25.21 90.45 22.91
CA ASN C 514 -24.01 89.64 22.85
C ASN C 514 -23.33 89.64 24.21
N ILE C 515 -22.68 88.53 24.54
CA ILE C 515 -21.83 88.46 25.74
C ILE C 515 -20.50 87.85 25.35
N LEU C 516 -19.42 88.58 25.60
CA LEU C 516 -18.07 88.16 25.29
C LEU C 516 -17.43 87.56 26.54
N HIS C 517 -17.20 86.25 26.52
CA HIS C 517 -16.56 85.58 27.63
C HIS C 517 -15.04 85.63 27.50
N ARG C 518 -14.37 85.39 28.62
CA ARG C 518 -12.92 85.35 28.68
C ARG C 518 -12.40 83.98 29.10
N ILE C 519 -13.29 83.02 29.33
CA ILE C 519 -12.94 81.71 29.88
C ILE C 519 -13.42 80.65 28.90
N ALA C 520 -12.53 79.72 28.56
CA ALA C 520 -12.86 78.70 27.57
C ALA C 520 -13.89 77.72 28.11
N SER C 521 -13.82 77.38 29.39
CA SER C 521 -14.70 76.39 29.98
C SER C 521 -16.06 76.94 30.37
N GLN C 522 -16.30 78.24 30.18
CA GLN C 522 -17.51 78.85 30.73
C GLN C 522 -18.73 78.47 29.91
N VAL C 523 -18.67 78.62 28.59
CA VAL C 523 -19.83 78.41 27.74
C VAL C 523 -20.21 76.94 27.72
N ALA C 524 -19.21 76.06 27.75
CA ALA C 524 -19.47 74.63 27.78
C ALA C 524 -20.08 74.21 29.10
N ALA C 525 -19.72 74.86 30.20
CA ALA C 525 -20.31 74.53 31.48
C ALA C 525 -21.70 75.13 31.65
N LEU C 526 -21.99 76.22 30.95
CA LEU C 526 -23.35 76.77 31.01
C LEU C 526 -24.29 76.02 30.09
N ASP C 527 -23.80 75.50 28.97
CA ASP C 527 -24.64 74.64 28.14
C ASP C 527 -24.91 73.31 28.82
N LEU C 528 -23.94 72.80 29.58
CA LEU C 528 -24.18 71.59 30.38
C LEU C 528 -25.03 71.89 31.60
N GLY C 529 -25.15 73.15 32.00
CA GLY C 529 -26.11 73.51 33.01
C GLY C 529 -25.54 73.58 34.41
N TYR C 530 -24.32 74.09 34.54
CA TYR C 530 -23.82 74.37 35.87
C TYR C 530 -24.49 75.63 36.44
N LYS C 531 -24.36 75.79 37.74
CA LYS C 531 -24.76 77.03 38.39
C LYS C 531 -23.56 77.96 38.38
N PRO C 532 -23.57 79.03 37.59
CA PRO C 532 -22.35 79.86 37.46
C PRO C 532 -22.11 80.70 38.70
N GLY C 533 -20.84 80.74 39.12
CA GLY C 533 -20.48 81.41 40.33
C GLY C 533 -20.60 80.50 41.54
N VAL C 534 -19.84 80.84 42.58
CA VAL C 534 -19.70 80.00 43.74
C VAL C 534 -20.60 80.46 44.88
N GLU C 535 -21.68 81.19 44.57
CA GLU C 535 -22.64 81.54 45.61
C GLU C 535 -23.42 80.33 46.11
N ALA C 536 -23.51 79.26 45.31
CA ALA C 536 -24.15 78.03 45.75
C ALA C 536 -23.31 77.30 46.80
N ILE C 537 -22.00 77.54 46.83
CA ILE C 537 -21.15 76.98 47.86
C ILE C 537 -21.09 77.91 49.08
N ARG C 538 -21.11 79.22 48.83
CA ARG C 538 -21.10 80.17 49.95
C ARG C 538 -22.42 80.18 50.70
N LYS C 539 -23.51 79.75 50.07
CA LYS C 539 -24.79 79.64 50.76
C LYS C 539 -24.75 78.50 51.78
N ASN C 540 -24.32 77.33 51.36
CA ASN C 540 -24.16 76.17 52.25
C ASN C 540 -22.90 75.40 51.88
N PRO C 541 -21.82 75.53 52.66
CA PRO C 541 -20.55 74.96 52.25
C PRO C 541 -20.52 73.45 52.45
N PRO C 542 -19.79 72.73 51.61
CA PRO C 542 -19.78 71.27 51.67
C PRO C 542 -18.67 70.74 52.55
N LYS C 543 -18.80 69.47 52.93
CA LYS C 543 -17.73 68.76 53.61
C LYS C 543 -16.80 68.06 52.64
N MET C 544 -16.98 68.27 51.35
CA MET C 544 -16.12 67.70 50.32
C MET C 544 -16.25 68.57 49.08
N LEU C 545 -15.12 68.94 48.48
CA LEU C 545 -15.13 69.87 47.37
C LEU C 545 -14.22 69.36 46.27
N PHE C 546 -14.73 69.34 45.04
CA PHE C 546 -13.93 69.05 43.87
C PHE C 546 -13.49 70.34 43.20
N LEU C 547 -12.26 70.37 42.73
CA LEU C 547 -11.71 71.54 42.04
C LEU C 547 -11.15 71.06 40.71
N LEU C 548 -11.98 71.04 39.67
CA LEU C 548 -11.47 70.79 38.33
C LEU C 548 -10.69 72.00 37.85
N GLY C 549 -9.38 72.00 38.05
CA GLY C 549 -8.53 73.08 37.60
C GLY C 549 -8.85 74.43 38.19
N ALA C 550 -9.46 74.46 39.38
CA ALA C 550 -9.95 75.70 39.96
C ALA C 550 -8.77 76.42 40.61
N ASP C 551 -8.15 77.30 39.83
CA ASP C 551 -6.99 78.05 40.29
C ASP C 551 -7.28 79.55 40.38
N GLY C 552 -8.55 79.93 40.38
CA GLY C 552 -8.90 81.32 40.57
C GLY C 552 -8.88 81.80 42.00
N GLY C 553 -8.86 80.87 42.95
CA GLY C 553 -8.82 81.24 44.35
C GLY C 553 -10.09 81.85 44.87
N CYS C 554 -11.24 81.47 44.30
CA CYS C 554 -12.52 82.04 44.74
C CYS C 554 -12.91 81.51 46.10
N VAL C 555 -12.74 80.21 46.34
CA VAL C 555 -13.17 79.57 47.56
C VAL C 555 -11.96 78.92 48.22
N THR C 556 -11.51 79.50 49.32
CA THR C 556 -10.39 78.99 50.10
C THR C 556 -10.92 78.37 51.38
N ARG C 557 -10.01 77.82 52.19
CA ARG C 557 -10.41 77.10 53.39
C ARG C 557 -10.92 78.00 54.51
N GLN C 558 -10.83 79.33 54.35
CA GLN C 558 -11.52 80.22 55.28
C GLN C 558 -13.02 80.20 55.06
N ASP C 559 -13.47 79.72 53.90
CA ASP C 559 -14.89 79.59 53.59
C ASP C 559 -15.43 78.21 53.90
N LEU C 560 -14.62 77.17 53.76
CA LEU C 560 -15.06 75.80 53.99
C LEU C 560 -15.25 75.56 55.48
N PRO C 561 -15.94 74.46 55.86
CA PRO C 561 -15.96 74.08 57.29
C PRO C 561 -14.65 73.51 57.81
N LYS C 562 -14.69 72.99 59.04
CA LYS C 562 -13.49 72.81 59.86
C LYS C 562 -12.53 71.80 59.26
N ASP C 563 -13.03 70.65 58.81
CA ASP C 563 -12.22 69.68 58.09
C ASP C 563 -12.93 69.29 56.79
N CYS C 564 -12.74 70.12 55.77
CA CYS C 564 -13.28 69.80 54.46
C CYS C 564 -12.31 68.93 53.71
N PHE C 565 -12.85 68.13 52.78
CA PHE C 565 -12.06 67.19 52.00
C PHE C 565 -11.99 67.76 50.58
N ILE C 566 -10.96 68.56 50.33
CA ILE C 566 -10.82 69.22 49.03
C ILE C 566 -10.02 68.32 48.10
N VAL C 567 -10.63 67.96 46.98
CA VAL C 567 -10.00 67.19 45.93
C VAL C 567 -9.67 68.14 44.79
N TYR C 568 -8.40 68.27 44.47
CA TYR C 568 -7.99 69.05 43.31
C TYR C 568 -7.71 68.12 42.15
N GLN C 569 -8.32 68.40 41.01
CA GLN C 569 -8.07 67.65 39.79
C GLN C 569 -7.64 68.63 38.71
N GLY C 570 -6.36 68.59 38.36
CA GLY C 570 -5.86 69.49 37.36
C GLY C 570 -4.49 69.09 36.89
N HIS C 571 -3.85 70.02 36.17
CA HIS C 571 -2.57 69.76 35.54
C HIS C 571 -1.44 70.67 36.01
N HIS C 572 -1.74 71.78 36.66
CA HIS C 572 -0.73 72.60 37.31
C HIS C 572 -1.04 72.73 38.80
N GLY C 573 0.00 72.74 39.61
CA GLY C 573 -0.16 73.10 40.99
C GLY C 573 0.05 74.58 41.18
N ASP C 574 -1.03 75.35 41.15
CA ASP C 574 -0.93 76.80 41.18
C ASP C 574 -1.59 77.40 42.42
N VAL C 575 -2.89 77.18 42.60
CA VAL C 575 -3.63 77.81 43.68
C VAL C 575 -4.37 76.75 44.49
N GLY C 576 -5.14 75.90 43.80
CA GLY C 576 -5.95 74.91 44.49
C GLY C 576 -5.20 73.72 45.00
N ALA C 577 -4.03 73.43 44.45
CA ALA C 577 -3.25 72.28 44.87
C ALA C 577 -2.53 72.41 46.22
N PRO C 578 -2.04 73.57 46.67
CA PRO C 578 -1.54 73.61 48.06
C PRO C 578 -2.61 73.43 49.12
N ILE C 579 -3.87 73.77 48.82
CA ILE C 579 -4.93 73.65 49.81
C ILE C 579 -5.73 72.38 49.62
N ALA C 580 -5.26 71.46 48.79
CA ALA C 580 -5.99 70.24 48.53
C ALA C 580 -5.59 69.15 49.51
N ASP C 581 -6.50 68.21 49.73
CA ASP C 581 -6.17 67.00 50.47
C ASP C 581 -5.63 65.91 49.56
N VAL C 582 -6.33 65.62 48.48
CA VAL C 582 -5.91 64.61 47.52
C VAL C 582 -5.84 65.26 46.15
N ILE C 583 -4.68 65.14 45.49
CA ILE C 583 -4.45 65.73 44.16
C ILE C 583 -4.57 64.64 43.11
N LEU C 584 -5.43 64.86 42.13
CA LEU C 584 -5.69 63.94 41.05
C LEU C 584 -5.13 64.54 39.76
N PRO C 585 -3.94 64.15 39.32
CA PRO C 585 -3.26 64.88 38.25
C PRO C 585 -3.88 64.61 36.89
N GLY C 586 -4.25 65.68 36.19
CA GLY C 586 -5.02 65.60 34.98
C GLY C 586 -4.23 65.96 33.73
N ALA C 587 -4.96 65.96 32.62
CA ALA C 587 -4.39 66.23 31.32
C ALA C 587 -4.64 67.68 30.93
N ALA C 588 -3.69 68.25 30.18
CA ALA C 588 -3.84 69.59 29.67
C ALA C 588 -4.48 69.55 28.28
N TYR C 589 -4.69 70.73 27.69
CA TYR C 589 -5.46 70.83 26.46
C TYR C 589 -4.70 70.32 25.25
N THR C 590 -3.37 70.27 25.31
CA THR C 590 -2.57 69.63 24.27
C THR C 590 -2.38 68.15 24.52
N GLU C 591 -2.96 67.60 25.59
CA GLU C 591 -2.68 66.25 26.03
C GLU C 591 -3.91 65.37 26.01
N LYS C 592 -5.03 65.85 25.47
CA LYS C 592 -6.26 65.08 25.44
C LYS C 592 -7.13 65.58 24.29
N SER C 593 -7.99 64.70 23.81
CA SER C 593 -9.03 65.08 22.86
C SER C 593 -10.23 65.57 23.66
N ALA C 594 -10.59 66.83 23.46
CA ALA C 594 -11.32 67.56 24.49
C ALA C 594 -12.18 68.64 23.88
N THR C 595 -13.47 68.66 24.23
CA THR C 595 -14.42 69.60 23.65
C THR C 595 -14.41 70.91 24.41
N TYR C 596 -14.11 71.99 23.71
CA TYR C 596 -14.15 73.34 24.24
C TYR C 596 -15.07 74.18 23.38
N VAL C 597 -15.93 74.96 24.02
CA VAL C 597 -16.94 75.75 23.33
C VAL C 597 -16.59 77.21 23.49
N ASN C 598 -16.50 77.93 22.37
CA ASN C 598 -16.05 79.31 22.40
C ASN C 598 -17.20 80.22 22.84
N THR C 599 -16.98 81.52 22.79
CA THR C 599 -17.94 82.48 23.30
C THR C 599 -19.17 82.63 22.41
N GLU C 600 -19.17 82.09 21.20
CA GLU C 600 -20.30 82.18 20.30
C GLU C 600 -21.07 80.87 20.20
N GLY C 601 -20.70 79.86 20.99
CA GLY C 601 -21.41 78.61 20.99
C GLY C 601 -20.94 77.57 19.99
N ARG C 602 -19.81 77.81 19.33
CA ARG C 602 -19.25 76.82 18.43
C ARG C 602 -18.43 75.82 19.23
N ALA C 603 -18.87 74.57 19.25
CA ALA C 603 -18.11 73.51 19.90
C ALA C 603 -16.94 73.11 19.03
N GLN C 604 -15.79 72.89 19.67
CA GLN C 604 -14.56 72.51 18.99
C GLN C 604 -13.77 71.55 19.84
N GLN C 605 -13.19 70.53 19.21
CA GLN C 605 -12.45 69.50 19.90
C GLN C 605 -10.96 69.66 19.68
N THR C 606 -10.18 69.45 20.73
CA THR C 606 -8.74 69.39 20.60
C THR C 606 -8.33 67.97 20.18
N LYS C 607 -7.06 67.83 19.84
CA LYS C 607 -6.48 66.53 19.53
C LYS C 607 -5.27 66.29 20.40
N VAL C 608 -4.93 65.03 20.59
CA VAL C 608 -3.85 64.63 21.49
C VAL C 608 -2.52 64.93 20.78
N ALA C 609 -1.87 66.01 21.18
CA ALA C 609 -0.55 66.31 20.62
C ALA C 609 0.53 65.51 21.31
N VAL C 610 0.68 65.69 22.62
CA VAL C 610 1.55 64.87 23.44
C VAL C 610 0.69 64.15 24.46
N MET C 611 1.33 63.33 25.25
CA MET C 611 0.62 62.62 26.30
C MET C 611 0.83 63.30 27.65
N PRO C 612 -0.06 63.07 28.61
CA PRO C 612 0.13 63.64 29.95
C PRO C 612 1.37 63.09 30.63
N PRO C 613 2.12 63.95 31.32
CA PRO C 613 3.41 63.52 31.86
C PRO C 613 3.29 62.76 33.16
N GLY C 614 4.15 61.76 33.31
CA GLY C 614 4.16 60.99 34.54
C GLY C 614 2.97 60.05 34.63
N LEU C 615 2.39 59.97 35.82
CA LEU C 615 1.19 59.17 36.07
C LEU C 615 -0.09 59.93 35.81
N ALA C 616 -0.02 61.06 35.12
CA ALA C 616 -1.21 61.86 34.87
C ALA C 616 -2.09 61.19 33.83
N ARG C 617 -3.39 61.35 33.99
CA ARG C 617 -4.38 60.74 33.13
C ARG C 617 -5.35 61.81 32.63
N GLU C 618 -6.20 61.41 31.70
CA GLU C 618 -7.21 62.32 31.17
C GLU C 618 -8.33 62.49 32.20
N ASP C 619 -9.00 63.65 32.16
CA ASP C 619 -9.83 64.10 33.27
C ASP C 619 -11.10 63.27 33.43
N TRP C 620 -11.83 63.03 32.34
CA TRP C 620 -13.03 62.23 32.46
C TRP C 620 -12.72 60.77 32.73
N LYS C 621 -11.56 60.29 32.27
CA LYS C 621 -11.05 58.98 32.68
C LYS C 621 -10.90 58.90 34.18
N ILE C 622 -10.39 59.97 34.79
CA ILE C 622 -10.21 60.03 36.24
C ILE C 622 -11.55 60.00 36.96
N ILE C 623 -12.51 60.79 36.48
CA ILE C 623 -13.80 60.85 37.15
C ILE C 623 -14.59 59.55 36.95
N ARG C 624 -14.43 58.91 35.79
CA ARG C 624 -15.10 57.63 35.54
C ARG C 624 -14.50 56.51 36.37
N ALA C 625 -13.17 56.50 36.54
CA ALA C 625 -12.54 55.51 37.42
C ALA C 625 -12.92 55.76 38.88
N LEU C 626 -13.06 57.04 39.26
CA LEU C 626 -13.51 57.38 40.60
C LEU C 626 -14.95 56.91 40.83
N SER C 627 -15.78 56.98 39.80
CA SER C 627 -17.15 56.46 39.90
C SER C 627 -17.15 54.95 39.99
N GLU C 628 -16.18 54.28 39.35
CA GLU C 628 -16.12 52.82 39.45
C GLU C 628 -15.63 52.38 40.83
N ILE C 629 -14.72 53.14 41.44
CA ILE C 629 -14.29 52.83 42.81
C ILE C 629 -15.42 53.06 43.79
N ALA C 630 -16.16 54.15 43.62
CA ALA C 630 -17.21 54.54 44.56
C ALA C 630 -18.49 53.71 44.43
N GLY C 631 -18.56 52.76 43.50
CA GLY C 631 -19.75 51.96 43.35
C GLY C 631 -20.90 52.65 42.67
N MET C 632 -20.63 53.77 42.00
CA MET C 632 -21.63 54.57 41.30
C MET C 632 -21.19 54.78 39.85
N THR C 633 -20.88 53.65 39.20
CA THR C 633 -20.22 53.62 37.89
C THR C 633 -21.06 54.29 36.80
N LEU C 634 -20.47 55.25 36.13
CA LEU C 634 -21.12 56.07 35.12
C LEU C 634 -21.25 55.29 33.81
N PRO C 635 -22.37 55.46 33.07
CA PRO C 635 -22.66 54.60 31.90
C PRO C 635 -21.90 54.98 30.63
N TYR C 636 -20.57 55.00 30.72
CA TYR C 636 -19.72 55.21 29.57
C TYR C 636 -18.35 54.60 29.84
N ASP C 637 -17.67 54.22 28.77
CA ASP C 637 -16.34 53.64 28.87
C ASP C 637 -15.33 54.33 27.97
N THR C 638 -15.74 54.72 26.77
CA THR C 638 -14.87 55.36 25.80
C THR C 638 -15.31 56.81 25.59
N LEU C 639 -14.51 57.54 24.82
CA LEU C 639 -14.73 58.96 24.63
C LEU C 639 -15.96 59.25 23.77
N ASP C 640 -16.26 58.37 22.81
CA ASP C 640 -17.47 58.52 22.01
C ASP C 640 -18.72 58.37 22.86
N GLN C 641 -18.68 57.52 23.89
CA GLN C 641 -19.82 57.37 24.78
C GLN C 641 -19.99 58.59 25.68
N VAL C 642 -18.87 59.23 26.06
CA VAL C 642 -18.95 60.49 26.79
C VAL C 642 -19.56 61.57 25.91
N ARG C 643 -19.23 61.55 24.62
CA ARG C 643 -19.85 62.53 23.72
C ARG C 643 -21.30 62.19 23.41
N ASN C 644 -21.70 60.92 23.52
CA ASN C 644 -23.13 60.62 23.46
C ASN C 644 -23.87 61.16 24.66
N ARG C 645 -23.29 61.03 25.87
CA ARG C 645 -23.86 61.66 27.06
C ARG C 645 -23.90 63.17 26.92
N LEU C 646 -22.86 63.73 26.30
CA LEU C 646 -22.73 65.17 26.08
C LEU C 646 -23.79 65.66 25.11
N GLU C 647 -24.13 64.84 24.12
CA GLU C 647 -25.23 65.15 23.20
C GLU C 647 -26.57 64.99 23.90
N GLU C 648 -26.68 64.04 24.84
CA GLU C 648 -27.91 63.89 25.60
C GLU C 648 -28.19 65.10 26.49
N VAL C 649 -27.16 65.77 26.97
CA VAL C 649 -27.43 66.97 27.76
C VAL C 649 -27.67 68.18 26.86
N SER C 650 -26.83 68.38 25.85
CA SER C 650 -27.12 69.40 24.85
C SER C 650 -26.49 69.00 23.52
N PRO C 651 -27.29 68.85 22.46
CA PRO C 651 -26.84 68.18 21.25
C PRO C 651 -25.92 69.01 20.36
N ASN C 652 -25.61 70.24 20.73
CA ASN C 652 -24.70 71.07 19.96
C ASN C 652 -23.26 70.94 20.38
N LEU C 653 -22.97 70.19 21.45
CA LEU C 653 -21.59 70.07 21.88
C LEU C 653 -20.84 68.99 21.12
N VAL C 654 -21.51 68.25 20.24
CA VAL C 654 -20.86 67.25 19.41
C VAL C 654 -20.95 67.58 17.94
N ARG C 655 -21.60 68.67 17.57
CA ARG C 655 -21.61 69.15 16.19
C ARG C 655 -20.54 70.23 16.12
N TYR C 656 -19.35 69.82 15.68
CA TYR C 656 -18.17 70.65 15.79
C TYR C 656 -18.06 71.56 14.59
N ASP C 657 -17.49 72.75 14.84
CA ASP C 657 -17.32 73.83 13.86
C ASP C 657 -18.67 74.27 13.29
N ASP C 658 -19.71 74.21 14.11
CA ASP C 658 -21.04 74.71 13.76
C ASP C 658 -21.51 75.65 14.84
N VAL C 659 -21.90 76.86 14.44
CA VAL C 659 -22.54 77.80 15.35
C VAL C 659 -24.04 77.56 15.26
N GLU C 660 -24.63 77.12 16.37
CA GLU C 660 -26.07 76.93 16.44
C GLU C 660 -26.70 78.20 16.98
N GLY C 661 -27.56 78.83 16.17
CA GLY C 661 -28.16 80.09 16.58
C GLY C 661 -29.21 79.86 17.65
N ALA C 662 -29.21 80.74 18.64
CA ALA C 662 -30.16 80.69 19.75
C ALA C 662 -31.07 81.91 19.66
N ASN C 663 -32.36 81.67 19.50
CA ASN C 663 -33.36 82.70 19.35
C ASN C 663 -33.92 83.03 20.75
N TYR C 664 -35.09 83.68 20.81
CA TYR C 664 -35.92 83.85 22.01
C TYR C 664 -35.32 84.85 22.98
N PHE C 665 -34.85 85.98 22.44
CA PHE C 665 -34.42 87.09 23.28
C PHE C 665 -35.60 87.77 23.98
N GLN C 666 -36.79 87.68 23.39
CA GLN C 666 -37.96 88.34 23.95
C GLN C 666 -38.37 87.70 25.27
N GLN C 667 -38.29 86.37 25.36
CA GLN C 667 -38.67 85.69 26.60
C GLN C 667 -37.63 85.91 27.69
N ALA C 668 -36.35 85.97 27.33
CA ALA C 668 -35.31 86.29 28.28
C ALA C 668 -35.44 87.72 28.78
N SER C 669 -35.84 88.64 27.89
CA SER C 669 -36.06 90.02 28.30
C SER C 669 -37.26 90.14 29.21
N GLU C 670 -38.34 89.40 28.93
CA GLU C 670 -39.51 89.42 29.80
C GLU C 670 -39.23 88.80 31.16
N LEU C 671 -38.37 87.79 31.22
CA LEU C 671 -37.95 87.26 32.51
C LEU C 671 -36.97 88.18 33.23
N SER C 672 -36.26 89.04 32.50
CA SER C 672 -35.34 89.96 33.14
C SER C 672 -36.03 91.22 33.68
N LYS C 673 -37.29 91.48 33.30
CA LYS C 673 -38.01 92.64 33.82
C LYS C 673 -38.58 92.41 35.21
N LEU C 674 -38.40 91.22 35.78
CA LEU C 674 -39.07 90.89 37.03
C LEU C 674 -38.35 91.50 38.23
N VAL C 675 -37.07 91.16 38.40
CA VAL C 675 -36.27 91.66 39.52
C VAL C 675 -35.68 93.00 39.12
N ASN C 676 -36.02 94.05 39.87
CA ASN C 676 -35.48 95.38 39.62
C ASN C 676 -34.25 95.56 40.51
N GLN C 677 -33.15 94.95 40.08
CA GLN C 677 -31.89 95.08 40.78
C GLN C 677 -31.29 96.45 40.50
N GLN C 678 -30.74 97.08 41.54
CA GLN C 678 -30.21 98.43 41.44
C GLN C 678 -28.74 98.40 41.02
N LEU C 679 -28.40 99.28 40.07
CA LEU C 679 -27.02 99.44 39.67
C LEU C 679 -26.21 100.11 40.76
N LEU C 680 -24.97 99.67 40.94
CA LEU C 680 -24.08 100.33 41.88
C LEU C 680 -23.47 101.58 41.24
N ALA C 681 -23.00 102.49 42.08
CA ALA C 681 -22.35 103.70 41.60
C ALA C 681 -20.89 103.49 41.23
N ASP C 682 -20.38 102.27 41.37
CA ASP C 682 -19.00 101.98 41.03
C ASP C 682 -18.84 101.92 39.51
N PRO C 683 -17.79 102.49 38.97
CA PRO C 683 -17.61 102.51 37.52
C PRO C 683 -17.15 101.15 36.99
N LEU C 684 -17.45 100.93 35.71
CA LEU C 684 -17.05 99.71 35.02
C LEU C 684 -15.56 99.76 34.73
N VAL C 685 -14.78 99.07 35.56
CA VAL C 685 -13.33 98.99 35.41
C VAL C 685 -12.99 97.55 35.08
N PRO C 686 -12.47 97.26 33.90
CA PRO C 686 -12.06 95.90 33.57
C PRO C 686 -10.83 95.48 34.37
N PRO C 687 -10.61 94.18 34.55
CA PRO C 687 -9.42 93.75 35.31
C PRO C 687 -8.12 93.94 34.57
N GLN C 688 -8.14 94.07 33.25
CA GLN C 688 -6.95 94.08 32.43
C GLN C 688 -6.90 95.42 31.71
N LEU C 689 -6.35 96.43 32.38
CA LEU C 689 -6.31 97.77 31.80
C LEU C 689 -5.20 97.92 30.78
N THR C 690 -4.02 97.39 31.07
CA THR C 690 -2.84 97.56 30.23
C THR C 690 -2.33 96.20 29.76
N ILE C 691 -1.21 96.25 29.02
CA ILE C 691 -0.53 95.05 28.56
C ILE C 691 0.14 94.31 29.72
N LYS C 692 0.36 95.00 30.84
CA LYS C 692 0.95 94.38 32.03
C LYS C 692 0.08 93.26 32.57
N ASP C 693 -1.23 93.41 32.49
CA ASP C 693 -2.17 92.48 33.09
C ASP C 693 -2.63 91.39 32.13
N PHE C 694 -2.08 91.34 30.92
CA PHE C 694 -2.54 90.41 29.90
C PHE C 694 -1.86 89.05 30.02
N TYR C 695 -0.56 89.02 30.32
CA TYR C 695 0.23 87.84 30.04
C TYR C 695 0.03 86.72 31.05
N MET C 696 -0.24 87.02 32.31
CA MET C 696 -0.45 86.01 33.33
C MET C 696 -1.91 86.02 33.76
N THR C 697 -2.70 85.08 33.25
CA THR C 697 -4.10 85.05 33.59
C THR C 697 -4.57 83.72 34.15
N ASP C 698 -4.11 82.60 33.62
CA ASP C 698 -4.53 81.29 34.10
C ASP C 698 -3.31 80.50 34.57
N SER C 699 -3.54 79.21 34.85
CA SER C 699 -2.52 78.40 35.50
C SER C 699 -1.36 78.08 34.56
N ILE C 700 -1.62 77.96 33.27
CA ILE C 700 -0.54 77.70 32.32
C ILE C 700 0.28 78.96 32.10
N SER C 701 -0.37 80.12 32.08
CA SER C 701 0.35 81.38 31.87
C SER C 701 1.16 81.78 33.09
N ARG C 702 0.63 81.55 34.29
CA ARG C 702 1.36 81.91 35.49
C ARG C 702 2.54 80.98 35.75
N ALA C 703 2.57 79.81 35.12
CA ALA C 703 3.70 78.91 35.20
C ALA C 703 4.66 79.07 34.04
N SER C 704 4.47 80.09 33.21
CA SER C 704 5.24 80.26 31.99
C SER C 704 6.36 81.28 32.21
N GLN C 705 7.59 80.86 31.91
CA GLN C 705 8.72 81.78 32.02
C GLN C 705 8.75 82.79 30.89
N THR C 706 8.16 82.45 29.74
CA THR C 706 8.06 83.39 28.64
C THR C 706 7.10 84.52 29.00
N MET C 707 5.97 84.19 29.61
CA MET C 707 5.06 85.22 30.09
C MET C 707 5.68 86.05 31.21
N ALA C 708 6.56 85.44 32.01
CA ALA C 708 7.27 86.19 33.04
C ALA C 708 8.24 87.18 32.43
N LYS C 709 8.94 86.77 31.37
CA LYS C 709 9.81 87.70 30.67
C LYS C 709 9.02 88.81 29.98
N CYS C 710 7.81 88.49 29.51
CA CYS C 710 6.96 89.53 28.90
C CYS C 710 6.48 90.54 29.94
N VAL C 711 6.07 90.07 31.12
CA VAL C 711 5.67 90.99 32.19
C VAL C 711 6.85 91.83 32.67
N LYS C 712 8.01 91.20 32.86
CA LYS C 712 9.21 91.92 33.29
C LYS C 712 9.68 92.90 32.24
N ALA C 713 9.41 92.63 30.97
CA ALA C 713 9.82 93.54 29.90
C ALA C 713 8.81 94.66 29.66
N VAL C 714 7.52 94.45 30.00
CA VAL C 714 6.57 95.56 29.87
C VAL C 714 6.44 96.38 31.14
N THR C 715 7.03 95.94 32.25
CA THR C 715 7.02 96.76 33.45
C THR C 715 8.26 97.64 33.61
N GLU C 716 9.34 97.32 32.92
CA GLU C 716 10.58 98.08 33.08
C GLU C 716 10.50 99.46 32.43
N ALA D 34 -34.35 -38.33 -16.23
CA ALA D 34 -34.27 -39.68 -16.77
C ALA D 34 -32.95 -39.89 -17.50
N ARG D 35 -32.06 -38.91 -17.39
CA ARG D 35 -30.74 -38.95 -18.00
C ARG D 35 -29.67 -39.14 -16.94
N GLN D 36 -28.42 -39.15 -17.39
CA GLN D 36 -27.30 -39.36 -16.50
C GLN D 36 -27.06 -38.14 -15.63
N TRP D 37 -26.84 -38.36 -14.34
CA TRP D 37 -26.50 -37.28 -13.42
C TRP D 37 -25.12 -36.72 -13.76
N GLN D 38 -25.03 -35.40 -13.86
CA GLN D 38 -23.77 -34.71 -13.99
C GLN D 38 -23.67 -33.65 -12.89
N PRO D 39 -22.46 -33.33 -12.42
CA PRO D 39 -22.32 -32.51 -11.20
C PRO D 39 -22.83 -31.09 -11.35
N ASP D 40 -23.48 -30.62 -10.29
CA ASP D 40 -24.06 -29.29 -10.22
C ASP D 40 -23.02 -28.31 -9.67
N VAL D 41 -23.47 -27.11 -9.29
CA VAL D 41 -22.60 -26.15 -8.64
C VAL D 41 -22.25 -26.62 -7.23
N GLU D 42 -23.19 -27.28 -6.56
CA GLU D 42 -22.97 -27.68 -5.18
C GLU D 42 -21.96 -28.84 -5.07
N TRP D 43 -21.91 -29.72 -6.08
CA TRP D 43 -20.87 -30.74 -6.09
C TRP D 43 -19.52 -30.13 -6.41
N ALA D 44 -19.48 -29.15 -7.31
CA ALA D 44 -18.22 -28.61 -7.79
C ALA D 44 -17.60 -27.61 -6.84
N GLU D 45 -18.39 -26.95 -6.00
CA GLU D 45 -17.81 -26.04 -5.02
C GLU D 45 -17.24 -26.76 -3.80
N GLN D 46 -17.37 -28.09 -3.75
CA GLN D 46 -16.61 -28.88 -2.79
C GLN D 46 -15.13 -28.95 -3.15
N TYR D 47 -14.78 -28.65 -4.42
CA TYR D 47 -13.41 -28.62 -4.88
C TYR D 47 -12.89 -27.21 -5.06
N GLY D 48 -13.62 -26.21 -4.60
CA GLY D 48 -13.26 -24.83 -4.88
C GLY D 48 -12.67 -24.08 -3.71
N GLY D 49 -12.41 -24.80 -2.61
CA GLY D 49 -11.78 -24.20 -1.46
C GLY D 49 -10.28 -24.14 -1.61
N ALA D 50 -9.64 -23.54 -0.59
CA ALA D 50 -8.18 -23.54 -0.55
C ALA D 50 -7.65 -24.95 -0.28
N VAL D 51 -8.31 -25.67 0.62
CA VAL D 51 -8.04 -27.09 0.84
C VAL D 51 -9.34 -27.86 0.63
N MET D 52 -9.28 -29.18 0.75
CA MET D 52 -10.47 -29.99 0.55
C MET D 52 -11.34 -30.05 1.79
N TYR D 53 -10.76 -30.25 2.96
CA TYR D 53 -11.52 -30.43 4.20
C TYR D 53 -11.20 -29.28 5.15
N PRO D 54 -12.09 -28.28 5.26
CA PRO D 54 -11.83 -27.18 6.19
C PRO D 54 -12.01 -27.61 7.64
N THR D 55 -11.21 -27.02 8.52
CA THR D 55 -11.25 -27.29 9.94
C THR D 55 -11.53 -26.00 10.70
N LYS D 56 -11.49 -26.08 12.03
CA LYS D 56 -11.56 -24.90 12.86
C LYS D 56 -10.28 -24.06 12.74
N GLU D 57 -9.14 -24.73 12.56
CA GLU D 57 -7.86 -24.04 12.45
C GLU D 57 -7.65 -23.47 11.05
N THR D 58 -7.85 -24.29 10.03
CA THR D 58 -7.68 -23.85 8.64
C THR D 58 -9.01 -23.33 8.08
N ALA D 59 -9.57 -22.35 8.78
CA ALA D 59 -10.79 -21.68 8.34
C ALA D 59 -10.53 -20.36 7.65
N HIS D 60 -9.41 -19.71 7.96
CA HIS D 60 -9.05 -18.42 7.40
C HIS D 60 -8.32 -18.52 6.08
N TRP D 61 -8.24 -19.70 5.47
CA TRP D 61 -7.49 -19.88 4.24
C TRP D 61 -8.39 -19.60 3.04
N LYS D 62 -8.17 -18.48 2.43
CA LYS D 62 -8.76 -18.17 1.15
C LYS D 62 -7.96 -18.84 0.02
N PRO D 63 -8.60 -19.22 -1.08
CA PRO D 63 -7.86 -19.85 -2.17
C PRO D 63 -6.94 -18.86 -2.86
N PRO D 64 -5.84 -19.32 -3.45
CA PRO D 64 -4.83 -18.40 -4.00
C PRO D 64 -5.32 -17.73 -5.27
N PRO D 65 -4.67 -16.65 -5.71
CA PRO D 65 -5.09 -15.98 -6.95
C PRO D 65 -4.88 -16.84 -8.18
N TRP D 66 -5.46 -16.38 -9.29
CA TRP D 66 -5.51 -17.21 -10.49
C TRP D 66 -4.21 -17.16 -11.27
N ASN D 67 -3.60 -15.99 -11.39
CA ASN D 67 -2.31 -15.86 -12.04
C ASN D 67 -1.15 -15.85 -11.06
N ASP D 68 -1.41 -16.17 -9.79
CA ASP D 68 -0.45 -16.22 -8.69
C ASP D 68 0.25 -14.89 -8.44
N VAL D 69 -0.34 -13.78 -8.87
CA VAL D 69 0.24 -12.45 -8.70
C VAL D 69 -0.61 -11.71 -7.67
N ASP D 70 0.02 -11.26 -6.62
CA ASP D 70 -0.55 -10.49 -5.55
C ASP D 70 -0.33 -8.99 -5.80
N PRO D 71 -1.24 -8.13 -5.31
CA PRO D 71 -1.00 -6.69 -5.40
C PRO D 71 0.18 -6.29 -4.54
N PRO D 72 0.93 -5.25 -4.93
CA PRO D 72 2.21 -4.96 -4.27
C PRO D 72 2.09 -4.37 -2.87
N LYS D 73 0.87 -4.17 -2.36
CA LYS D 73 0.58 -3.90 -0.95
C LYS D 73 1.21 -2.60 -0.43
N SER D 78 7.29 4.96 -2.96
CA SER D 78 7.47 6.30 -2.42
C SER D 78 8.80 6.90 -2.85
N ASN D 79 9.01 8.18 -2.53
CA ASN D 79 10.25 8.86 -2.87
C ASN D 79 10.62 9.84 -1.77
N LEU D 80 11.92 10.13 -1.68
CA LEU D 80 12.47 10.88 -0.56
C LEU D 80 12.20 12.37 -0.71
N THR D 81 11.89 13.02 0.41
CA THR D 81 11.69 14.47 0.47
C THR D 81 12.77 15.06 1.38
N LEU D 82 13.59 15.95 0.82
CA LEU D 82 14.75 16.48 1.51
C LEU D 82 14.65 17.99 1.66
N ASN D 83 14.88 18.49 2.86
CA ASN D 83 15.15 19.90 3.10
C ASN D 83 16.64 20.13 2.93
N PHE D 84 16.99 21.11 2.08
CA PHE D 84 18.38 21.28 1.65
C PHE D 84 18.92 22.60 2.19
N GLY D 85 20.23 22.62 2.40
CA GLY D 85 20.95 23.84 2.72
C GLY D 85 22.34 23.80 2.13
N PRO D 86 22.92 24.97 1.85
CA PRO D 86 24.30 25.01 1.34
C PRO D 86 25.27 24.57 2.43
N GLN D 87 26.32 23.85 2.02
CA GLN D 87 27.18 23.14 2.96
C GLN D 87 27.90 24.09 3.92
N HIS D 88 28.75 24.95 3.40
CA HIS D 88 29.40 25.95 4.22
C HIS D 88 28.77 27.30 3.92
N PRO D 89 28.12 27.94 4.89
CA PRO D 89 27.28 29.12 4.60
C PRO D 89 28.09 30.41 4.52
N ALA D 90 29.02 30.46 3.57
CA ALA D 90 29.74 31.70 3.31
C ALA D 90 29.34 32.33 1.99
N ALA D 91 29.17 31.52 0.94
CA ALA D 91 28.81 32.08 -0.35
C ALA D 91 27.32 32.43 -0.41
N HIS D 92 26.45 31.43 -0.29
CA HIS D 92 25.01 31.66 -0.35
C HIS D 92 24.41 31.81 1.04
N GLY D 93 24.48 30.76 1.86
CA GLY D 93 24.21 30.82 3.29
C GLY D 93 22.77 31.06 3.71
N VAL D 94 21.90 31.50 2.81
CA VAL D 94 20.56 31.93 3.16
C VAL D 94 19.60 31.24 2.18
N LEU D 95 20.04 30.13 1.61
CA LEU D 95 19.26 29.34 0.67
C LEU D 95 18.56 28.18 1.38
N ARG D 96 17.28 28.01 1.09
CA ARG D 96 16.51 26.86 1.55
C ARG D 96 15.84 26.20 0.35
N LEU D 97 15.95 24.89 0.24
CA LEU D 97 15.36 24.14 -0.85
C LEU D 97 14.61 22.94 -0.28
N VAL D 98 13.44 22.68 -0.83
CA VAL D 98 12.67 21.48 -0.51
C VAL D 98 12.72 20.57 -1.72
N MET D 99 13.32 19.41 -1.54
CA MET D 99 13.55 18.45 -2.61
C MET D 99 12.45 17.40 -2.65
N GLU D 100 12.37 16.73 -3.80
CA GLU D 100 11.70 15.45 -3.91
C GLU D 100 12.68 14.56 -4.66
N LEU D 101 13.44 13.77 -3.90
CA LEU D 101 14.48 12.93 -4.48
C LEU D 101 13.93 11.55 -4.80
N SER D 102 14.50 10.94 -5.83
CA SER D 102 14.06 9.62 -6.28
C SER D 102 15.24 8.67 -6.26
N GLY D 103 15.96 8.64 -5.15
CA GLY D 103 17.23 7.94 -5.10
C GLY D 103 18.36 8.90 -5.40
N GLU D 104 18.80 8.92 -6.65
CA GLU D 104 19.77 9.92 -7.09
C GLU D 104 19.09 11.10 -7.77
N MET D 105 18.01 10.85 -8.51
CA MET D 105 17.36 11.86 -9.33
C MET D 105 16.64 12.90 -8.48
N VAL D 106 16.31 14.02 -9.12
CA VAL D 106 15.55 15.10 -8.50
C VAL D 106 14.21 15.20 -9.23
N ARG D 107 13.13 15.00 -8.51
CA ARG D 107 11.80 15.06 -9.11
C ARG D 107 11.15 16.43 -8.99
N LYS D 108 11.32 17.11 -7.86
CA LYS D 108 10.77 18.44 -7.68
C LYS D 108 11.71 19.22 -6.77
N CYS D 109 12.01 20.45 -7.16
CA CYS D 109 12.89 21.33 -6.41
C CYS D 109 12.12 22.60 -6.12
N ASP D 110 11.80 22.83 -4.84
CA ASP D 110 11.00 23.98 -4.43
C ASP D 110 11.88 24.91 -3.61
N PRO D 111 12.42 25.98 -4.19
CA PRO D 111 13.20 26.93 -3.40
C PRO D 111 12.28 27.79 -2.54
N HIS D 112 12.58 27.85 -1.25
CA HIS D 112 11.89 28.72 -0.33
C HIS D 112 12.75 29.95 -0.07
N ILE D 113 12.24 31.11 -0.45
CA ILE D 113 13.00 32.34 -0.40
C ILE D 113 12.28 33.30 0.54
N GLY D 114 12.80 34.52 0.65
CA GLY D 114 12.31 35.45 1.63
C GLY D 114 13.05 35.39 2.94
N LEU D 115 14.09 34.57 3.02
CA LEU D 115 14.91 34.49 4.22
C LEU D 115 15.82 35.71 4.36
N LEU D 116 16.01 36.47 3.29
CA LEU D 116 16.66 37.76 3.35
C LEU D 116 15.72 38.83 2.78
N HIS D 117 14.43 38.67 3.03
CA HIS D 117 13.49 39.71 2.64
C HIS D 117 13.43 40.78 3.71
N 2MR D 118 13.81 41.99 3.33
CA 2MR D 118 13.96 43.04 4.30
CB 2MR D 118 15.35 43.66 4.25
CG 2MR D 118 16.32 42.58 4.63
CD 2MR D 118 17.70 42.94 4.14
NE 2MR D 118 17.76 43.12 2.72
CZ 2MR D 118 19.02 43.26 2.05
NH1 2MR D 118 19.19 43.44 0.76
CQ1 2MR D 118 18.13 43.52 -0.17
NH2 2MR D 118 20.20 43.20 2.87
CQ2 2MR D 118 21.49 43.33 2.30
C 2MR D 118 12.94 44.13 4.10
O 2MR D 118 12.78 45.04 4.89
N GLY D 119 12.23 44.04 2.99
CA GLY D 119 11.24 45.05 2.66
C GLY D 119 11.93 46.32 2.25
N THR D 120 12.84 46.17 1.29
CA THR D 120 13.62 47.31 0.79
C THR D 120 12.72 48.31 0.09
N GLU D 121 11.87 47.83 -0.81
CA GLU D 121 11.06 48.67 -1.66
C GLU D 121 9.76 49.12 -0.99
N LYS D 122 9.66 48.97 0.32
CA LYS D 122 8.75 49.75 1.15
C LYS D 122 9.48 50.82 1.95
N LEU D 123 10.71 50.51 2.37
CA LEU D 123 11.57 51.51 3.00
C LEU D 123 11.97 52.61 2.03
N ILE D 124 12.03 52.31 0.73
CA ILE D 124 12.29 53.33 -0.27
C ILE D 124 11.16 54.34 -0.32
N GLU D 125 9.93 53.89 -0.07
CA GLU D 125 8.74 54.73 -0.19
C GLU D 125 8.67 55.83 0.85
N TYR D 126 9.43 55.72 1.93
CA TYR D 126 9.41 56.71 3.01
C TYR D 126 10.70 57.49 3.09
N LYS D 127 11.52 57.45 2.05
CA LYS D 127 12.81 58.12 2.01
C LYS D 127 12.94 58.85 0.68
N THR D 128 13.84 59.82 0.62
CA THR D 128 13.99 60.63 -0.58
C THR D 128 14.75 59.84 -1.64
N TYR D 129 15.03 60.47 -2.79
CA TYR D 129 15.72 59.77 -3.87
C TYR D 129 17.19 59.57 -3.55
N LEU D 130 17.84 60.62 -3.01
CA LEU D 130 19.21 60.48 -2.53
C LEU D 130 19.29 59.50 -1.37
N GLN D 131 18.27 59.47 -0.52
CA GLN D 131 18.21 58.48 0.53
C GLN D 131 17.88 57.10 0.01
N ALA D 132 17.17 57.00 -1.11
CA ALA D 132 16.86 55.69 -1.67
C ALA D 132 18.02 55.08 -2.42
N LEU D 133 19.00 55.89 -2.84
CA LEU D 133 20.16 55.37 -3.56
C LEU D 133 20.96 54.28 -2.83
N PRO D 134 21.32 54.40 -1.53
CA PRO D 134 22.12 53.32 -0.92
C PRO D 134 21.36 52.02 -0.66
N TYR D 135 20.04 51.95 -0.89
CA TYR D 135 19.37 50.66 -0.88
C TYR D 135 19.75 49.80 -2.07
N PHE D 136 20.23 50.42 -3.13
CA PHE D 136 20.53 49.69 -4.35
C PHE D 136 21.92 49.08 -4.32
N ASP D 137 22.83 49.61 -3.51
CA ASP D 137 24.11 48.96 -3.26
C ASP D 137 23.95 47.62 -2.56
N ARG D 138 22.88 47.45 -1.80
CA ARG D 138 22.68 46.31 -0.93
C ARG D 138 21.77 45.26 -1.53
N LEU D 139 21.32 45.46 -2.77
CA LEU D 139 20.47 44.46 -3.41
C LEU D 139 21.32 43.33 -3.98
N ASP D 140 22.11 43.64 -4.99
CA ASP D 140 23.09 42.72 -5.55
C ASP D 140 24.42 43.23 -5.03
N TYR D 141 24.82 42.70 -3.89
CA TYR D 141 25.99 43.22 -3.19
C TYR D 141 27.30 42.72 -3.74
N VAL D 142 27.33 42.18 -4.94
CA VAL D 142 28.55 42.04 -5.72
C VAL D 142 28.49 42.85 -7.00
N SER D 143 27.43 43.63 -7.17
CA SER D 143 27.15 44.43 -8.36
C SER D 143 26.71 45.83 -7.98
N MET D 144 27.48 46.48 -7.09
CA MET D 144 27.00 47.65 -6.35
C MET D 144 26.76 48.84 -7.28
N MET D 145 27.79 49.25 -8.02
CA MET D 145 27.65 50.43 -8.86
C MET D 145 26.80 50.17 -10.10
N CYS D 146 26.58 48.91 -10.47
CA CYS D 146 25.63 48.63 -11.54
C CYS D 146 24.20 48.93 -11.11
N ASN D 147 23.84 48.56 -9.88
CA ASN D 147 22.50 48.90 -9.41
C ASN D 147 22.38 50.38 -9.11
N GLU D 148 23.46 51.00 -8.64
CA GLU D 148 23.52 52.46 -8.55
C GLU D 148 23.26 53.12 -9.89
N GLN D 149 23.88 52.59 -10.95
CA GLN D 149 23.72 53.16 -12.27
C GLN D 149 22.31 52.95 -12.80
N ALA D 150 21.70 51.82 -12.48
CA ALA D 150 20.33 51.57 -12.93
C ALA D 150 19.34 52.50 -12.27
N TYR D 151 19.45 52.68 -10.95
CA TYR D 151 18.57 53.63 -10.27
C TYR D 151 18.86 55.06 -10.67
N SER D 152 20.14 55.37 -10.94
CA SER D 152 20.50 56.70 -11.42
C SER D 152 19.86 56.98 -12.77
N LEU D 153 19.91 56.01 -13.68
CA LEU D 153 19.30 56.18 -15.00
C LEU D 153 17.78 56.27 -14.90
N ALA D 154 17.16 55.57 -13.96
CA ALA D 154 15.70 55.69 -13.79
C ALA D 154 15.31 57.08 -13.31
N VAL D 155 16.03 57.61 -12.30
CA VAL D 155 15.69 58.94 -11.79
C VAL D 155 16.04 60.01 -12.82
N GLU D 156 17.12 59.83 -13.57
CA GLU D 156 17.49 60.81 -14.60
C GLU D 156 16.56 60.75 -15.80
N LYS D 157 15.94 59.60 -16.05
CA LYS D 157 14.93 59.55 -17.09
C LYS D 157 13.66 60.25 -16.64
N LEU D 158 13.32 60.12 -15.37
CA LEU D 158 12.13 60.83 -14.87
C LEU D 158 12.38 62.33 -14.72
N LEU D 159 13.60 62.75 -14.41
CA LEU D 159 13.92 64.16 -14.23
C LEU D 159 14.16 64.90 -15.54
N ASN D 160 14.25 64.16 -16.66
CA ASN D 160 14.50 64.71 -18.00
C ASN D 160 15.81 65.49 -18.04
N ILE D 161 16.82 64.97 -17.33
CA ILE D 161 18.18 65.52 -17.37
C ILE D 161 19.14 64.39 -17.70
N GLN D 162 20.37 64.75 -18.03
CA GLN D 162 21.38 63.78 -18.40
C GLN D 162 22.68 64.07 -17.65
N PRO D 163 23.50 63.05 -17.40
CA PRO D 163 24.80 63.29 -16.78
C PRO D 163 25.75 63.96 -17.74
N PRO D 164 26.83 64.57 -17.25
CA PRO D 164 27.88 65.05 -18.15
C PRO D 164 28.63 63.87 -18.77
N PRO D 165 29.38 64.09 -19.87
CA PRO D 165 30.05 62.96 -20.53
C PRO D 165 31.11 62.27 -19.68
N ARG D 166 31.87 63.02 -18.89
CA ARG D 166 32.89 62.41 -18.04
C ARG D 166 32.26 61.51 -16.98
N ALA D 167 31.12 61.93 -16.44
CA ALA D 167 30.41 61.09 -15.49
C ALA D 167 29.88 59.82 -16.15
N GLN D 168 29.47 59.89 -17.41
CA GLN D 168 29.00 58.71 -18.13
C GLN D 168 30.14 57.73 -18.40
N TRP D 169 31.32 58.24 -18.75
CA TRP D 169 32.47 57.36 -18.95
C TRP D 169 32.96 56.76 -17.64
N ILE D 170 32.88 57.51 -16.54
CA ILE D 170 33.20 56.95 -15.23
C ILE D 170 32.20 55.88 -14.83
N ARG D 171 30.92 56.08 -15.19
CA ARG D 171 29.90 55.07 -14.92
C ARG D 171 30.15 53.79 -15.71
N VAL D 172 30.59 53.91 -16.95
CA VAL D 172 30.86 52.71 -17.75
C VAL D 172 32.15 52.02 -17.30
N LEU D 173 33.18 52.79 -16.95
CA LEU D 173 34.42 52.26 -16.40
C LEU D 173 34.18 51.47 -15.12
N PHE D 174 33.52 52.09 -14.15
CA PHE D 174 33.26 51.38 -12.91
C PHE D 174 32.15 50.35 -13.04
N GLY D 175 31.30 50.44 -14.06
CA GLY D 175 30.38 49.35 -14.33
C GLY D 175 31.07 48.12 -14.85
N GLU D 176 32.14 48.30 -15.64
CA GLU D 176 32.86 47.11 -16.09
C GLU D 176 33.83 46.59 -15.04
N ILE D 177 34.36 47.46 -14.17
CA ILE D 177 35.05 46.98 -12.97
C ILE D 177 34.09 46.18 -12.09
N THR D 178 32.86 46.65 -11.95
CA THR D 178 31.83 45.94 -11.21
C THR D 178 31.48 44.62 -11.87
N ARG D 179 31.53 44.58 -13.20
CA ARG D 179 31.26 43.34 -13.93
C ARG D 179 32.38 42.33 -13.70
N LEU D 180 33.63 42.81 -13.63
CA LEU D 180 34.74 41.93 -13.26
C LEU D 180 34.58 41.40 -11.85
N LEU D 181 34.15 42.27 -10.91
CA LEU D 181 33.87 41.85 -9.53
C LEU D 181 32.83 40.74 -9.47
N ASN D 182 31.70 40.95 -10.15
CA ASN D 182 30.61 39.99 -10.09
C ASN D 182 30.96 38.69 -10.80
N HIS D 183 31.70 38.76 -11.91
CA HIS D 183 32.01 37.49 -12.56
C HIS D 183 33.11 36.73 -11.85
N ILE D 184 34.03 37.40 -11.15
CA ILE D 184 34.94 36.70 -10.26
C ILE D 184 34.16 35.99 -9.16
N MET D 185 33.21 36.69 -8.52
CA MET D 185 32.37 36.08 -7.49
C MET D 185 31.60 34.88 -8.02
N ALA D 186 31.01 35.02 -9.21
CA ALA D 186 30.20 33.96 -9.81
C ALA D 186 31.03 32.73 -10.16
N VAL D 187 32.12 32.93 -10.91
CA VAL D 187 32.96 31.82 -11.34
C VAL D 187 33.62 31.14 -10.14
N THR D 188 34.14 31.91 -9.19
CA THR D 188 34.90 31.33 -8.10
C THR D 188 34.01 30.63 -7.09
N THR D 189 32.83 31.19 -6.77
CA THR D 189 31.95 30.46 -5.86
C THR D 189 31.25 29.29 -6.56
N HIS D 190 31.04 29.37 -7.87
CA HIS D 190 30.50 28.23 -8.60
C HIS D 190 31.51 27.10 -8.66
N ALA D 191 32.80 27.43 -8.75
CA ALA D 191 33.82 26.39 -8.66
C ALA D 191 34.05 25.94 -7.23
N LEU D 192 33.80 26.81 -6.25
CA LEU D 192 34.05 26.49 -4.85
C LEU D 192 32.97 25.58 -4.28
N ASP D 193 31.72 25.74 -4.72
CA ASP D 193 30.66 24.86 -4.27
C ASP D 193 30.80 23.46 -4.87
N ILE D 194 31.36 23.37 -6.08
CA ILE D 194 31.61 22.07 -6.68
C ILE D 194 32.80 21.38 -6.03
N GLY D 195 33.82 22.14 -5.66
CA GLY D 195 34.93 21.58 -4.92
C GLY D 195 36.28 22.17 -5.25
N ALA D 196 36.35 22.93 -6.34
CA ALA D 196 37.59 23.60 -6.75
C ALA D 196 37.74 24.86 -5.93
N MET D 197 38.60 24.82 -4.92
CA MET D 197 38.65 25.86 -3.91
C MET D 197 39.78 26.87 -4.10
N THR D 198 40.74 26.58 -4.97
CA THR D 198 41.96 27.36 -5.17
C THR D 198 41.80 28.64 -6.03
N PRO D 199 41.11 28.65 -7.19
CA PRO D 199 41.03 29.92 -7.93
C PRO D 199 40.15 30.96 -7.28
N PHE D 200 39.32 30.56 -6.31
CA PHE D 200 38.70 31.49 -5.36
C PHE D 200 39.75 32.39 -4.73
N PHE D 201 40.73 31.77 -4.05
CA PHE D 201 41.80 32.51 -3.41
C PHE D 201 42.67 33.23 -4.44
N TRP D 202 42.77 32.71 -5.66
CA TRP D 202 43.60 33.39 -6.65
C TRP D 202 42.97 34.68 -7.13
N MET D 203 41.68 34.62 -7.46
CA MET D 203 41.00 35.76 -8.06
C MET D 203 40.54 36.78 -7.03
N PHE D 204 40.40 36.39 -5.75
CA PHE D 204 39.98 37.41 -4.80
C PHE D 204 41.07 38.39 -4.42
N GLU D 205 42.33 38.17 -4.78
CA GLU D 205 43.31 39.24 -4.58
C GLU D 205 43.12 40.35 -5.62
N GLU D 206 42.78 39.98 -6.85
CA GLU D 206 42.42 40.97 -7.86
C GLU D 206 41.12 41.66 -7.49
N ARG D 207 40.21 40.91 -6.88
CA ARG D 207 38.96 41.49 -6.40
C ARG D 207 39.19 42.43 -5.21
N GLU D 208 40.19 42.12 -4.39
CA GLU D 208 40.64 43.01 -3.33
C GLU D 208 41.19 44.30 -3.90
N LYS D 209 41.92 44.22 -5.01
CA LYS D 209 42.44 45.42 -5.64
C LYS D 209 41.34 46.27 -6.28
N MET D 210 40.29 45.63 -6.81
CA MET D 210 39.17 46.42 -7.30
C MET D 210 38.34 47.03 -6.17
N PHE D 211 38.27 46.38 -5.01
CA PHE D 211 37.68 47.05 -3.87
C PHE D 211 38.55 48.21 -3.38
N GLU D 212 39.86 48.12 -3.59
CA GLU D 212 40.70 49.30 -3.34
C GLU D 212 40.41 50.41 -4.33
N PHE D 213 40.05 50.08 -5.57
CA PHE D 213 39.62 51.10 -6.52
C PHE D 213 38.33 51.79 -6.04
N TYR D 214 37.38 51.00 -5.54
CA TYR D 214 36.16 51.58 -4.99
C TYR D 214 36.44 52.46 -3.77
N GLU D 215 37.37 52.02 -2.93
CA GLU D 215 37.67 52.80 -1.73
C GLU D 215 38.43 54.08 -2.09
N ARG D 216 39.23 54.05 -3.15
CA ARG D 216 39.90 55.27 -3.57
C ARG D 216 38.94 56.24 -4.23
N VAL D 217 37.91 55.73 -4.90
CA VAL D 217 37.00 56.64 -5.60
C VAL D 217 35.87 57.13 -4.70
N SER D 218 35.50 56.40 -3.64
CA SER D 218 34.35 56.78 -2.85
C SER D 218 34.60 56.82 -1.35
N GLY D 219 35.48 55.97 -0.86
CA GLY D 219 35.73 55.85 0.56
C GLY D 219 35.21 54.57 1.18
N ALA D 220 34.25 53.90 0.53
CA ALA D 220 33.82 52.60 0.97
C ALA D 220 34.23 51.55 -0.05
N ARG D 221 34.52 50.35 0.46
CA ARG D 221 35.01 49.30 -0.40
C ARG D 221 33.90 48.63 -1.19
N MET D 222 32.71 48.49 -0.62
CA MET D 222 31.60 47.88 -1.35
C MET D 222 30.47 48.86 -1.65
N HIS D 223 29.83 49.42 -0.64
CA HIS D 223 28.61 50.18 -0.86
C HIS D 223 29.01 51.64 -0.96
N ALA D 224 29.30 52.06 -2.19
CA ALA D 224 29.97 53.33 -2.41
C ALA D 224 29.02 54.51 -2.33
N ALA D 225 27.75 54.31 -2.71
CA ALA D 225 26.76 55.39 -2.91
C ALA D 225 27.32 56.47 -3.83
N TYR D 226 27.98 56.04 -4.90
CA TYR D 226 28.84 56.90 -5.71
C TYR D 226 28.17 57.34 -7.00
N VAL D 227 27.69 56.40 -7.80
CA VAL D 227 26.94 56.74 -9.00
C VAL D 227 25.56 57.24 -8.56
N ARG D 228 25.29 58.51 -8.83
CA ARG D 228 24.09 59.16 -8.33
C ARG D 228 23.25 59.66 -9.50
N PRO D 229 21.96 59.97 -9.28
CA PRO D 229 21.20 60.68 -10.31
C PRO D 229 21.75 62.07 -10.56
N GLY D 230 22.28 62.29 -11.76
CA GLY D 230 22.94 63.52 -12.11
C GLY D 230 24.41 63.39 -12.42
N GLY D 231 24.99 62.21 -12.23
CA GLY D 231 26.40 62.02 -12.48
C GLY D 231 27.03 61.07 -11.48
N VAL D 232 28.15 61.46 -10.89
CA VAL D 232 28.73 60.75 -9.77
C VAL D 232 28.91 61.77 -8.65
N HIS D 233 29.21 61.27 -7.46
CA HIS D 233 29.32 62.15 -6.31
C HIS D 233 30.59 62.99 -6.35
N GLN D 234 31.68 62.42 -6.83
CA GLN D 234 32.97 63.03 -6.61
C GLN D 234 33.90 62.57 -7.71
N ASP D 235 34.81 63.45 -8.12
CA ASP D 235 35.63 63.16 -9.27
C ASP D 235 36.70 62.12 -8.91
N LEU D 236 37.33 61.58 -9.94
CA LEU D 236 38.40 60.62 -9.76
C LEU D 236 39.58 61.28 -9.06
N PRO D 237 40.15 60.66 -8.03
CA PRO D 237 41.38 61.22 -7.45
C PRO D 237 42.55 61.03 -8.41
N LEU D 238 43.54 61.90 -8.26
CA LEU D 238 44.69 61.88 -9.16
C LEU D 238 45.51 60.62 -8.96
N GLY D 239 45.88 59.98 -10.07
CA GLY D 239 46.64 58.75 -10.02
C GLY D 239 45.80 57.49 -10.01
N LEU D 240 44.47 57.61 -10.04
CA LEU D 240 43.63 56.41 -9.98
C LEU D 240 43.61 55.66 -11.30
N MET D 241 43.50 56.39 -12.41
CA MET D 241 43.41 55.75 -13.73
C MET D 241 44.71 55.04 -14.10
N ASP D 242 45.85 55.52 -13.60
CA ASP D 242 47.11 54.82 -13.80
C ASP D 242 47.09 53.46 -13.10
N ASP D 243 46.50 53.39 -11.92
CA ASP D 243 46.43 52.12 -11.20
C ASP D 243 45.36 51.21 -11.78
N ILE D 244 44.29 51.77 -12.36
CA ILE D 244 43.35 50.95 -13.12
C ILE D 244 44.02 50.36 -14.35
N TYR D 245 44.92 51.13 -14.98
CA TYR D 245 45.72 50.61 -16.09
C TYR D 245 46.66 49.51 -15.63
N GLU D 246 47.31 49.69 -14.47
CA GLU D 246 48.22 48.67 -13.96
C GLU D 246 47.48 47.40 -13.56
N PHE D 247 46.21 47.54 -13.16
CA PHE D 247 45.38 46.38 -12.90
C PHE D 247 45.02 45.66 -14.20
N SER D 248 44.49 46.39 -15.17
CA SER D 248 43.96 45.79 -16.39
C SER D 248 45.07 45.23 -17.28
N LYS D 249 46.28 45.78 -17.17
CA LYS D 249 47.41 45.28 -17.95
C LYS D 249 47.81 43.88 -17.52
N ASN D 250 47.53 43.51 -16.27
CA ASN D 250 47.93 42.21 -15.75
C ASN D 250 46.76 41.23 -15.62
N PHE D 251 45.51 41.73 -15.60
CA PHE D 251 44.37 40.87 -15.25
C PHE D 251 44.07 39.80 -16.29
N SER D 252 44.53 39.96 -17.53
CA SER D 252 44.31 38.95 -18.56
C SER D 252 45.04 37.65 -18.22
N LEU D 253 46.24 37.75 -17.65
CA LEU D 253 46.96 36.55 -17.20
C LEU D 253 46.23 35.86 -16.05
N ARG D 254 45.51 36.64 -15.23
CA ARG D 254 44.73 36.05 -14.15
C ARG D 254 43.56 35.25 -14.69
N ILE D 255 42.84 35.83 -15.67
CA ILE D 255 41.75 35.09 -16.32
C ILE D 255 42.30 33.88 -17.06
N ASP D 256 43.52 34.00 -17.62
CA ASP D 256 44.15 32.89 -18.30
C ASP D 256 44.47 31.74 -17.37
N GLU D 257 44.95 32.02 -16.16
CA GLU D 257 45.29 30.91 -15.29
C GLU D 257 44.07 30.32 -14.58
N LEU D 258 43.04 31.14 -14.31
CA LEU D 258 41.73 30.60 -13.95
C LEU D 258 41.20 29.65 -15.02
N GLU D 259 41.25 30.09 -16.29
CA GLU D 259 40.76 29.29 -17.40
C GLU D 259 41.65 28.08 -17.64
N GLU D 260 42.92 28.17 -17.27
CA GLU D 260 43.81 27.03 -17.31
C GLU D 260 43.41 25.99 -16.26
N MET D 261 43.00 26.45 -15.08
CA MET D 261 42.63 25.52 -14.03
C MET D 261 41.29 24.84 -14.32
N LEU D 262 40.32 25.55 -14.89
CA LEU D 262 38.97 25.00 -14.97
C LEU D 262 38.54 24.53 -16.35
N THR D 263 38.78 25.31 -17.41
CA THR D 263 38.10 25.10 -18.69
C THR D 263 38.49 23.79 -19.36
N ASN D 264 39.79 23.54 -19.50
CA ASN D 264 40.21 22.30 -20.14
C ASN D 264 40.13 21.09 -19.20
N ASN D 265 39.84 21.30 -17.92
CA ASN D 265 39.83 20.22 -16.94
C ASN D 265 38.67 19.27 -17.20
N ARG D 266 38.97 17.96 -17.18
CA ARG D 266 37.92 16.98 -17.46
C ARG D 266 36.96 16.83 -16.30
N ILE D 267 37.40 17.12 -15.08
CA ILE D 267 36.53 16.98 -13.93
C ILE D 267 35.57 18.16 -13.86
N TRP D 268 36.03 19.34 -14.27
CA TRP D 268 35.14 20.49 -14.37
C TRP D 268 34.17 20.33 -15.54
N ARG D 269 34.60 19.72 -16.63
CA ARG D 269 33.70 19.50 -17.74
C ARG D 269 32.71 18.39 -17.46
N ASN D 270 33.05 17.43 -16.61
CA ASN D 270 32.07 16.41 -16.26
C ASN D 270 30.94 16.98 -15.40
N ARG D 271 31.22 18.02 -14.64
CA ARG D 271 30.23 18.59 -13.73
C ARG D 271 29.33 19.64 -14.38
N THR D 272 29.65 20.07 -15.60
CA THR D 272 28.98 21.24 -16.17
C THR D 272 28.48 21.08 -17.61
N VAL D 273 28.84 20.03 -18.33
CA VAL D 273 28.55 20.02 -19.78
C VAL D 273 27.15 19.48 -20.07
N ASP D 274 26.75 18.38 -19.47
CA ASP D 274 25.39 17.90 -19.70
C ASP D 274 24.37 18.55 -18.77
N ILE D 275 24.78 19.54 -17.98
CA ILE D 275 24.06 19.96 -16.79
C ILE D 275 23.41 21.31 -17.05
N GLY D 276 22.14 21.44 -16.70
CA GLY D 276 21.45 22.71 -16.71
C GLY D 276 21.18 23.27 -18.09
N VAL D 277 20.70 22.43 -19.00
CA VAL D 277 20.46 22.84 -20.38
C VAL D 277 19.11 23.53 -20.47
N VAL D 278 19.10 24.72 -21.07
CA VAL D 278 17.91 25.54 -21.20
C VAL D 278 17.67 25.78 -22.68
N THR D 279 16.45 25.50 -23.15
CA THR D 279 16.12 25.86 -24.51
C THR D 279 15.87 27.36 -24.59
N ALA D 280 16.06 27.90 -25.80
CA ALA D 280 15.97 29.36 -25.98
C ALA D 280 14.54 29.87 -25.83
N GLU D 281 13.56 29.07 -26.26
CA GLU D 281 12.17 29.48 -26.10
C GLU D 281 11.75 29.47 -24.64
N ASP D 282 12.21 28.46 -23.88
CA ASP D 282 11.92 28.45 -22.45
C ASP D 282 12.76 29.46 -21.69
N ALA D 283 13.92 29.84 -22.23
CA ALA D 283 14.70 30.89 -21.60
C ALA D 283 14.04 32.24 -21.77
N LEU D 284 13.48 32.50 -22.95
CA LEU D 284 12.72 33.74 -23.15
C LEU D 284 11.42 33.70 -22.37
N ASN D 285 10.80 32.53 -22.27
CA ASN D 285 9.49 32.45 -21.63
C ASN D 285 9.59 32.52 -20.11
N TYR D 286 10.76 32.25 -19.54
CA TYR D 286 10.86 32.25 -18.09
C TYR D 286 11.47 33.53 -17.54
N GLY D 287 11.57 34.56 -18.37
CA GLY D 287 12.10 35.82 -17.88
C GLY D 287 13.58 35.83 -17.63
N PHE D 288 14.31 34.87 -18.21
CA PHE D 288 15.75 34.83 -18.04
C PHE D 288 16.38 36.00 -18.80
N SER D 289 17.56 36.39 -18.35
CA SER D 289 18.25 37.52 -18.97
C SER D 289 19.74 37.39 -18.74
N GLY D 290 20.50 38.02 -19.61
CA GLY D 290 21.95 38.03 -19.46
C GLY D 290 22.54 36.74 -19.95
N VAL D 291 23.42 36.16 -19.13
CA VAL D 291 24.12 34.94 -19.49
C VAL D 291 23.15 33.76 -19.56
N MET D 292 22.04 33.82 -18.83
CA MET D 292 21.02 32.79 -18.93
C MET D 292 20.32 32.77 -20.28
N LEU D 293 20.32 33.88 -21.01
CA LEU D 293 19.87 33.85 -22.41
C LEU D 293 21.03 33.61 -23.36
N ARG D 294 22.19 34.18 -23.08
CA ARG D 294 23.32 34.11 -24.01
C ARG D 294 23.99 32.76 -24.04
N GLY D 295 23.80 31.94 -23.00
CA GLY D 295 24.29 30.58 -23.05
C GLY D 295 23.47 29.71 -23.97
N SER D 296 22.17 29.99 -24.07
CA SER D 296 21.29 29.24 -24.95
C SER D 296 21.26 29.78 -26.37
N GLY D 297 22.20 30.64 -26.74
CA GLY D 297 22.34 31.06 -28.11
C GLY D 297 21.54 32.27 -28.51
N ILE D 298 20.95 32.99 -27.56
CA ILE D 298 20.13 34.16 -27.88
C ILE D 298 21.03 35.38 -27.98
N GLN D 299 21.09 35.97 -29.17
CA GLN D 299 21.94 37.14 -29.42
C GLN D 299 21.24 38.37 -28.84
N TRP D 300 21.40 38.56 -27.54
CA TRP D 300 20.77 39.68 -26.85
C TRP D 300 21.68 40.17 -25.74
N ASP D 301 21.89 41.47 -25.70
CA ASP D 301 22.63 42.12 -24.62
C ASP D 301 22.13 43.55 -24.56
N LEU D 302 21.73 44.00 -23.36
CA LEU D 302 21.12 45.32 -23.25
C LEU D 302 22.11 46.46 -23.42
N ARG D 303 23.42 46.19 -23.34
CA ARG D 303 24.38 47.24 -23.65
C ARG D 303 24.51 47.47 -25.13
N LYS D 304 24.13 46.50 -25.96
CA LYS D 304 24.17 46.59 -27.41
C LYS D 304 22.84 47.05 -27.99
N THR D 305 21.75 46.42 -27.57
CA THR D 305 20.46 46.64 -28.23
C THR D 305 19.80 47.92 -27.74
N GLN D 306 19.80 48.14 -26.43
CA GLN D 306 19.21 49.32 -25.82
C GLN D 306 20.30 50.08 -25.09
N PRO D 307 21.20 50.75 -25.82
CA PRO D 307 22.44 51.21 -25.20
C PRO D 307 22.22 52.38 -24.26
N TYR D 308 22.99 52.37 -23.19
CA TYR D 308 22.98 53.41 -22.18
C TYR D 308 24.41 53.90 -22.04
N ASP D 309 24.73 54.63 -20.97
CA ASP D 309 25.38 55.94 -21.01
C ASP D 309 26.31 56.23 -22.20
N VAL D 310 27.43 55.51 -22.33
CA VAL D 310 28.27 55.68 -23.51
C VAL D 310 28.64 54.33 -24.10
N TYR D 311 27.78 53.32 -23.92
CA TYR D 311 28.10 52.00 -24.44
C TYR D 311 27.99 51.89 -25.96
N ASP D 312 27.32 52.84 -26.61
CA ASP D 312 27.39 52.87 -28.07
C ASP D 312 28.71 53.41 -28.60
N GLN D 313 29.54 53.99 -27.74
CA GLN D 313 30.82 54.53 -28.13
C GLN D 313 31.99 53.64 -27.76
N VAL D 314 31.74 52.50 -27.14
CA VAL D 314 32.78 51.53 -26.86
C VAL D 314 32.58 50.34 -27.79
N GLU D 315 33.62 49.55 -27.95
CA GLU D 315 33.61 48.42 -28.86
C GLU D 315 33.94 47.15 -28.07
N PHE D 316 32.98 46.23 -28.02
CA PHE D 316 33.18 44.97 -27.32
C PHE D 316 32.36 43.91 -28.02
N ASP D 317 32.74 42.66 -27.80
CA ASP D 317 32.01 41.52 -28.35
C ASP D 317 31.13 40.90 -27.28
N VAL D 318 30.17 40.11 -27.75
CA VAL D 318 29.17 39.53 -26.87
C VAL D 318 29.24 38.01 -26.99
N PRO D 319 29.67 37.30 -25.95
CA PRO D 319 29.83 35.85 -26.08
C PRO D 319 28.50 35.13 -26.08
N ILE D 320 28.36 34.18 -27.01
CA ILE D 320 27.12 33.48 -27.28
C ILE D 320 27.38 31.99 -27.11
N GLY D 321 26.65 31.37 -26.19
CA GLY D 321 26.78 29.95 -25.99
C GLY D 321 26.13 29.15 -27.10
N SER D 322 26.36 27.84 -27.05
CA SER D 322 25.87 26.96 -28.10
C SER D 322 25.07 25.76 -27.60
N ARG D 323 25.16 25.40 -26.32
CA ARG D 323 24.39 24.29 -25.79
C ARG D 323 23.50 24.66 -24.61
N GLY D 324 23.61 25.86 -24.07
CA GLY D 324 22.71 26.31 -23.03
C GLY D 324 22.94 25.70 -21.66
N ASP D 325 24.07 25.07 -21.45
CA ASP D 325 24.39 24.31 -20.25
C ASP D 325 25.14 25.17 -19.24
N CYS D 326 25.61 24.54 -18.17
CA CYS D 326 26.41 25.25 -17.18
C CYS D 326 27.76 25.67 -17.75
N TYR D 327 28.29 24.86 -18.66
CA TYR D 327 29.64 25.06 -19.16
C TYR D 327 29.71 26.23 -20.15
N ASP D 328 28.70 26.38 -21.01
CA ASP D 328 28.69 27.52 -21.90
C ASP D 328 28.42 28.82 -21.16
N ARG D 329 27.68 28.76 -20.06
CA ARG D 329 27.47 29.96 -19.26
C ARG D 329 28.72 30.33 -18.47
N TYR D 330 29.48 29.33 -18.03
CA TYR D 330 30.82 29.56 -17.51
C TYR D 330 31.73 30.23 -18.53
N LEU D 331 31.71 29.74 -19.77
CA LEU D 331 32.54 30.34 -20.82
C LEU D 331 32.08 31.73 -21.19
N CYS D 332 30.77 31.98 -21.12
CA CYS D 332 30.26 33.33 -21.36
C CYS D 332 30.69 34.29 -20.27
N ARG D 333 30.74 33.83 -19.01
CA ARG D 333 31.19 34.74 -17.94
C ARG D 333 32.69 35.01 -18.03
N VAL D 334 33.49 33.99 -18.40
CA VAL D 334 34.92 34.21 -18.61
C VAL D 334 35.17 35.18 -19.75
N GLU D 335 34.44 35.00 -20.86
CA GLU D 335 34.63 35.89 -22.01
C GLU D 335 34.07 37.27 -21.74
N GLU D 336 33.08 37.39 -20.86
CA GLU D 336 32.63 38.71 -20.44
C GLU D 336 33.65 39.39 -19.55
N MET D 337 34.44 38.63 -18.79
CA MET D 337 35.58 39.26 -18.09
C MET D 337 36.62 39.76 -19.09
N ARG D 338 36.87 38.99 -20.15
CA ARG D 338 37.77 39.42 -21.22
C ARG D 338 37.28 40.72 -21.86
N GLN D 339 36.00 40.75 -22.22
CA GLN D 339 35.45 41.93 -22.89
C GLN D 339 35.30 43.10 -21.94
N SER D 340 35.19 42.84 -20.63
CA SER D 340 35.20 43.91 -19.66
C SER D 340 36.57 44.56 -19.56
N ILE D 341 37.64 43.75 -19.66
CA ILE D 341 38.99 44.28 -19.77
C ILE D 341 39.14 45.13 -21.02
N ARG D 342 38.53 44.69 -22.13
CA ARG D 342 38.54 45.46 -23.37
C ARG D 342 37.84 46.81 -23.22
N ILE D 343 36.67 46.83 -22.57
CA ILE D 343 35.93 48.07 -22.38
C ILE D 343 36.67 48.99 -21.42
N ILE D 344 37.34 48.44 -20.41
CA ILE D 344 38.06 49.27 -19.44
C ILE D 344 39.28 49.92 -20.10
N SER D 345 39.95 49.20 -21.01
CA SER D 345 41.03 49.82 -21.77
C SER D 345 40.51 50.94 -22.67
N GLN D 346 39.34 50.73 -23.29
CA GLN D 346 38.76 51.80 -24.11
C GLN D 346 38.28 52.98 -23.28
N CYS D 347 37.84 52.75 -22.04
CA CYS D 347 37.39 53.84 -21.20
C CYS D 347 38.57 54.63 -20.64
N LEU D 348 39.66 53.94 -20.32
CA LEU D 348 40.86 54.64 -19.88
C LEU D 348 41.47 55.46 -21.01
N ASN D 349 41.36 54.98 -22.26
CA ASN D 349 41.91 55.76 -23.35
C ASN D 349 41.02 56.93 -23.75
N LYS D 350 39.70 56.78 -23.63
CA LYS D 350 38.75 57.78 -24.14
C LYS D 350 38.03 58.53 -23.02
N MET D 351 38.71 58.76 -21.90
CA MET D 351 38.09 59.50 -20.81
C MET D 351 38.14 60.99 -21.09
N PRO D 352 37.01 61.69 -21.13
CA PRO D 352 37.02 63.11 -21.43
C PRO D 352 37.21 63.92 -20.17
N PRO D 353 37.63 65.18 -20.29
CA PRO D 353 37.65 66.07 -19.13
C PRO D 353 36.27 66.64 -18.86
N GLY D 354 36.19 67.45 -17.81
CA GLY D 354 34.94 68.13 -17.53
C GLY D 354 34.39 67.86 -16.14
N GLU D 355 33.12 68.19 -15.95
CA GLU D 355 32.47 68.08 -14.65
C GLU D 355 31.94 66.65 -14.46
N ILE D 356 31.58 66.34 -13.21
CA ILE D 356 31.17 65.00 -12.85
C ILE D 356 29.76 64.92 -12.29
N LYS D 357 29.13 66.05 -11.99
CA LYS D 357 27.70 66.13 -11.69
C LYS D 357 27.03 66.88 -12.83
N VAL D 358 25.71 66.76 -12.91
CA VAL D 358 24.98 67.64 -13.81
C VAL D 358 25.04 69.04 -13.22
N ASP D 359 25.16 70.05 -14.09
CA ASP D 359 25.32 71.42 -13.64
C ASP D 359 23.97 72.09 -13.39
N ASP D 360 22.92 71.31 -13.20
CA ASP D 360 21.64 71.76 -12.67
C ASP D 360 21.73 71.59 -11.16
N ALA D 361 21.95 72.70 -10.45
CA ALA D 361 22.11 72.65 -9.01
C ALA D 361 20.78 72.49 -8.27
N LYS D 362 19.66 72.45 -8.98
CA LYS D 362 18.40 72.02 -8.41
C LYS D 362 18.25 70.51 -8.42
N VAL D 363 19.23 69.78 -8.95
CA VAL D 363 19.22 68.33 -8.99
C VAL D 363 20.44 67.78 -8.28
N SER D 364 21.63 68.13 -8.77
CA SER D 364 22.87 67.69 -8.14
C SER D 364 23.46 68.81 -7.30
N PRO D 365 24.01 68.50 -6.13
CA PRO D 365 24.37 69.55 -5.19
C PRO D 365 25.59 70.33 -5.66
N PRO D 366 25.69 71.60 -5.33
CA PRO D 366 26.84 72.40 -5.76
C PRO D 366 28.11 71.98 -5.01
N LYS D 367 29.23 72.51 -5.49
CA LYS D 367 30.50 72.25 -4.86
C LYS D 367 30.56 72.92 -3.50
N ARG D 368 31.35 72.33 -2.59
CA ARG D 368 31.44 72.88 -1.25
C ARG D 368 32.23 74.17 -1.18
N ALA D 369 33.00 74.50 -2.22
CA ALA D 369 33.68 75.79 -2.25
C ALA D 369 32.68 76.91 -2.53
N GLU D 370 31.68 76.65 -3.35
CA GLU D 370 30.69 77.64 -3.72
C GLU D 370 29.39 77.54 -2.91
N MET D 371 29.20 76.45 -2.18
CA MET D 371 28.14 76.41 -1.18
C MET D 371 28.42 77.39 -0.05
N LYS D 372 29.68 77.53 0.32
CA LYS D 372 30.09 78.42 1.39
C LYS D 372 30.32 79.85 0.91
N THR D 373 30.09 80.12 -0.36
CA THR D 373 30.27 81.45 -0.93
C THR D 373 28.98 82.02 -1.51
N SER D 374 28.27 81.26 -2.33
CA SER D 374 27.09 81.75 -3.02
C SER D 374 25.85 81.52 -2.17
N MET D 375 24.86 82.38 -2.39
CA MET D 375 23.61 82.30 -1.63
C MET D 375 22.66 81.27 -2.23
N GLU D 376 22.48 81.32 -3.55
CA GLU D 376 21.66 80.33 -4.25
C GLU D 376 22.21 78.93 -4.08
N SER D 377 23.54 78.81 -4.06
CA SER D 377 24.15 77.50 -3.88
C SER D 377 23.96 76.98 -2.46
N LEU D 378 23.94 77.86 -1.46
CA LEU D 378 23.68 77.41 -0.10
C LEU D 378 22.22 76.99 0.06
N ILE D 379 21.30 77.74 -0.55
CA ILE D 379 19.88 77.36 -0.53
C ILE D 379 19.67 76.02 -1.21
N HIS D 380 20.37 75.79 -2.32
CA HIS D 380 20.21 74.55 -3.06
C HIS D 380 20.84 73.37 -2.33
N HIS D 381 21.99 73.59 -1.68
CA HIS D 381 22.59 72.57 -0.82
C HIS D 381 21.66 72.19 0.33
N PHE D 382 21.06 73.20 0.96
CA PHE D 382 20.10 73.01 2.04
C PHE D 382 18.92 72.18 1.57
N LYS D 383 18.23 72.65 0.52
CA LYS D 383 16.99 72.02 0.10
C LYS D 383 17.21 70.69 -0.59
N LEU D 384 18.40 70.43 -1.11
CA LEU D 384 18.66 69.09 -1.63
C LEU D 384 18.99 68.11 -0.51
N TYR D 385 19.79 68.51 0.46
CA TYR D 385 20.13 67.57 1.52
C TYR D 385 19.11 67.53 2.65
N THR D 386 18.00 68.27 2.55
CA THR D 386 16.92 68.05 3.50
C THR D 386 15.65 67.56 2.82
N GLU D 387 15.10 68.32 1.87
CA GLU D 387 13.93 67.87 1.13
C GLU D 387 14.31 66.95 -0.02
N GLY D 388 15.26 67.37 -0.83
CA GLY D 388 15.57 66.68 -2.05
C GLY D 388 14.89 67.33 -3.24
N TYR D 389 15.40 66.99 -4.42
CA TYR D 389 14.80 67.45 -5.66
C TYR D 389 13.47 66.76 -5.91
N GLN D 390 12.49 67.52 -6.37
CA GLN D 390 11.21 66.95 -6.78
C GLN D 390 11.37 66.29 -8.14
N VAL D 391 10.73 65.15 -8.30
CA VAL D 391 10.72 64.41 -9.56
C VAL D 391 9.34 64.58 -10.18
N PRO D 392 9.23 64.88 -11.48
CA PRO D 392 7.92 65.05 -12.09
C PRO D 392 7.16 63.73 -12.10
N PRO D 393 5.83 63.78 -12.06
CA PRO D 393 5.04 62.55 -12.03
C PRO D 393 5.18 61.73 -13.30
N GLY D 394 4.80 60.46 -13.20
CA GLY D 394 4.97 59.52 -14.28
C GLY D 394 5.85 58.38 -13.85
N ALA D 395 5.67 57.21 -14.43
CA ALA D 395 6.44 56.04 -14.06
C ALA D 395 7.32 55.61 -15.22
N THR D 396 8.51 55.14 -14.90
CA THR D 396 9.41 54.57 -15.88
C THR D 396 9.77 53.15 -15.49
N TYR D 397 10.21 52.38 -16.49
CA TYR D 397 10.91 51.12 -16.27
C TYR D 397 12.25 51.24 -16.96
N THR D 398 13.29 51.50 -16.18
CA THR D 398 14.64 51.63 -16.71
C THR D 398 15.42 50.38 -16.33
N ALA D 399 15.87 49.63 -17.34
CA ALA D 399 16.60 48.40 -17.13
C ALA D 399 17.95 48.48 -17.82
N ILE D 400 18.97 47.92 -17.17
CA ILE D 400 20.31 47.90 -17.73
C ILE D 400 20.76 46.45 -17.86
N GLU D 401 21.97 46.25 -18.37
CA GLU D 401 22.59 44.93 -18.40
C GLU D 401 23.50 44.84 -17.19
N ALA D 402 22.95 44.37 -16.08
CA ALA D 402 23.74 44.02 -14.91
C ALA D 402 24.53 42.74 -15.21
N PRO D 403 25.59 42.45 -14.45
CA PRO D 403 26.34 41.22 -14.72
C PRO D 403 25.57 39.94 -14.44
N LYS D 404 24.47 39.99 -13.69
CA LYS D 404 23.57 38.85 -13.59
C LYS D 404 22.49 38.86 -14.66
N GLY D 405 22.29 39.97 -15.37
CA GLY D 405 21.27 40.03 -16.39
C GLY D 405 20.55 41.36 -16.42
N GLU D 406 19.25 41.34 -16.66
CA GLU D 406 18.46 42.56 -16.69
C GLU D 406 18.13 42.99 -15.28
N PHE D 407 18.73 44.07 -14.82
CA PHE D 407 18.35 44.70 -13.55
C PHE D 407 17.53 45.93 -13.88
N GLY D 408 16.24 45.87 -13.58
CA GLY D 408 15.39 46.99 -13.88
C GLY D 408 14.79 47.63 -12.64
N VAL D 409 14.42 48.90 -12.77
CA VAL D 409 13.73 49.61 -11.71
C VAL D 409 12.44 50.15 -12.30
N TYR D 410 11.31 49.72 -11.77
CA TYR D 410 10.03 50.33 -12.11
C TYR D 410 9.75 51.36 -11.03
N LEU D 411 10.05 52.61 -11.33
CA LEU D 411 10.04 53.69 -10.35
C LEU D 411 8.88 54.63 -10.63
N VAL D 412 8.06 54.88 -9.61
CA VAL D 412 6.85 55.68 -9.75
C VAL D 412 7.00 56.92 -8.88
N SER D 413 6.83 58.08 -9.50
CA SER D 413 6.86 59.35 -8.79
C SER D 413 5.48 59.98 -8.81
N ASP D 414 5.14 60.70 -7.73
CA ASP D 414 3.88 61.40 -7.63
C ASP D 414 4.06 62.91 -7.60
N GLY D 415 5.22 63.42 -7.98
CA GLY D 415 5.49 64.83 -7.95
C GLY D 415 6.27 65.29 -6.75
N SER D 416 6.41 64.45 -5.73
CA SER D 416 7.04 64.84 -4.49
C SER D 416 8.53 64.52 -4.54
N SER D 417 9.23 64.73 -3.43
CA SER D 417 10.65 64.47 -3.35
C SER D 417 10.96 63.06 -2.90
N ARG D 418 9.95 62.19 -2.83
CA ARG D 418 10.09 60.80 -2.44
C ARG D 418 9.36 59.92 -3.44
N PRO D 419 9.86 58.71 -3.71
CA PRO D 419 9.19 57.83 -4.67
C PRO D 419 7.84 57.35 -4.15
N TYR D 420 6.92 57.12 -5.07
CA TYR D 420 5.64 56.56 -4.68
C TYR D 420 5.72 55.05 -4.60
N ARG D 421 6.33 54.43 -5.61
CA ARG D 421 6.53 52.99 -5.68
C ARG D 421 7.82 52.77 -6.44
N CYS D 422 8.70 51.93 -5.91
CA CYS D 422 9.97 51.63 -6.57
C CYS D 422 10.12 50.12 -6.66
N LYS D 423 9.57 49.52 -7.69
CA LYS D 423 9.73 48.09 -7.91
C LYS D 423 11.09 47.80 -8.50
N ILE D 424 11.72 46.74 -8.01
CA ILE D 424 13.08 46.38 -8.38
C ILE D 424 13.02 45.04 -9.10
N LYS D 425 13.23 45.04 -10.41
CA LYS D 425 13.35 43.81 -11.17
C LYS D 425 14.79 43.35 -11.09
N ALA D 426 14.98 42.10 -10.69
CA ALA D 426 16.29 41.51 -10.57
C ALA D 426 16.37 40.24 -11.40
N PRO D 427 17.53 39.92 -11.97
CA PRO D 427 17.64 38.70 -12.78
C PRO D 427 17.50 37.43 -11.95
N GLY D 428 18.04 37.44 -10.72
CA GLY D 428 18.12 36.23 -9.92
C GLY D 428 16.77 35.71 -9.49
N PHE D 429 15.76 36.58 -9.45
CA PHE D 429 14.41 36.16 -9.09
C PHE D 429 13.82 35.24 -10.16
N ALA D 430 13.89 35.66 -11.43
CA ALA D 430 13.41 34.81 -12.52
C ALA D 430 14.30 33.59 -12.72
N HIS D 431 15.61 33.72 -12.47
CA HIS D 431 16.51 32.57 -12.64
C HIS D 431 16.24 31.51 -11.58
N LEU D 432 16.05 31.94 -10.32
CA LEU D 432 15.73 31.01 -9.26
C LEU D 432 14.30 30.49 -9.39
N ALA D 433 13.44 31.19 -10.12
CA ALA D 433 12.16 30.60 -10.48
C ALA D 433 12.34 29.47 -11.48
N GLY D 434 13.20 29.67 -12.48
CA GLY D 434 13.49 28.65 -13.48
C GLY D 434 14.34 27.50 -12.99
N LEU D 435 14.90 27.62 -11.77
CA LEU D 435 15.63 26.53 -11.13
C LEU D 435 14.86 25.21 -11.10
N ASP D 436 13.54 25.28 -10.88
CA ASP D 436 12.72 24.07 -10.78
C ASP D 436 12.67 23.31 -12.11
N LYS D 437 12.60 24.02 -13.23
CA LYS D 437 12.67 23.34 -14.51
C LYS D 437 14.08 22.85 -14.79
N MET D 438 15.08 23.68 -14.51
CA MET D 438 16.44 23.40 -14.95
C MET D 438 17.10 22.24 -14.23
N SER D 439 16.56 21.78 -13.11
CA SER D 439 17.17 20.70 -12.35
C SER D 439 16.47 19.37 -12.54
N LYS D 440 15.50 19.30 -13.44
CA LYS D 440 14.75 18.08 -13.67
C LYS D 440 15.60 17.07 -14.42
N GLY D 441 15.51 15.80 -14.00
CA GLY D 441 16.30 14.75 -14.60
C GLY D 441 17.73 14.70 -14.15
N HIS D 442 18.17 15.64 -13.32
CA HIS D 442 19.52 15.68 -12.80
C HIS D 442 19.53 15.21 -11.36
N MET D 443 20.74 15.04 -10.84
CA MET D 443 20.96 14.57 -9.49
C MET D 443 21.17 15.73 -8.54
N LEU D 444 21.24 15.39 -7.25
CA LEU D 444 21.35 16.40 -6.21
C LEU D 444 22.69 17.12 -6.26
N ALA D 445 23.73 16.46 -6.78
CA ALA D 445 25.02 17.09 -6.98
C ALA D 445 25.04 18.00 -8.19
N ASP D 446 24.09 17.86 -9.10
CA ASP D 446 23.99 18.78 -10.21
C ASP D 446 23.20 20.01 -9.83
N VAL D 447 22.37 19.93 -8.79
CA VAL D 447 21.57 21.06 -8.34
C VAL D 447 22.46 22.18 -7.82
N VAL D 448 23.55 21.84 -7.14
CA VAL D 448 24.46 22.88 -6.66
C VAL D 448 25.21 23.54 -7.82
N ALA D 449 25.46 22.80 -8.90
CA ALA D 449 26.06 23.43 -10.07
C ALA D 449 25.07 24.30 -10.81
N ILE D 450 23.77 23.96 -10.78
CA ILE D 450 22.77 24.80 -11.43
C ILE D 450 22.52 26.07 -10.63
N ILE D 451 22.53 25.97 -9.29
CA ILE D 451 22.52 27.16 -8.44
C ILE D 451 23.82 27.96 -8.60
N GLY D 452 24.90 27.32 -9.01
CA GLY D 452 26.09 28.08 -9.36
C GLY D 452 25.93 28.85 -10.66
N THR D 453 25.44 28.19 -11.72
CA THR D 453 25.44 28.80 -13.04
C THR D 453 24.36 29.86 -13.20
N GLN D 454 23.30 29.80 -12.40
CA GLN D 454 22.40 30.92 -12.20
C GLN D 454 23.00 31.69 -11.06
N ASP D 455 23.69 32.80 -11.33
CA ASP D 455 24.38 33.49 -10.24
C ASP D 455 23.33 34.18 -9.38
N ILE D 456 23.06 33.60 -8.22
CA ILE D 456 21.99 34.05 -7.34
C ILE D 456 22.61 34.73 -6.14
N VAL D 457 22.31 36.02 -6.00
CA VAL D 457 22.48 36.75 -4.75
C VAL D 457 21.09 36.99 -4.20
N PHE D 458 20.84 36.51 -2.98
CA PHE D 458 19.48 36.49 -2.46
C PHE D 458 19.01 37.83 -1.95
N GLY D 459 19.89 38.82 -1.86
CA GLY D 459 19.45 40.18 -1.60
C GLY D 459 18.59 40.71 -2.72
N GLU D 460 19.03 40.53 -3.96
CA GLU D 460 18.22 41.01 -5.07
C GLU D 460 17.04 40.08 -5.36
N VAL D 461 17.07 38.84 -4.90
CA VAL D 461 15.92 37.98 -5.09
C VAL D 461 14.83 38.33 -4.08
N ASP D 462 15.24 38.70 -2.86
CA ASP D 462 14.29 38.86 -1.78
C ASP D 462 13.93 40.31 -1.47
N ARG D 463 14.84 41.26 -1.72
CA ARG D 463 14.68 42.68 -1.37
C ARG D 463 14.32 42.93 0.10
N THR E 45 19.24 74.23 -24.37
CA THR E 45 18.89 73.02 -23.64
C THR E 45 19.76 71.85 -24.07
N ARG E 46 20.97 72.14 -24.53
CA ARG E 46 21.81 71.04 -24.97
C ARG E 46 22.47 70.25 -23.83
N PRO E 47 23.30 70.85 -22.91
CA PRO E 47 24.16 70.00 -22.09
C PRO E 47 23.47 69.24 -20.97
N THR E 48 22.58 69.92 -20.24
CA THR E 48 22.03 69.37 -19.01
C THR E 48 20.58 68.90 -19.15
N VAL E 49 20.02 68.91 -20.35
CA VAL E 49 18.67 68.43 -20.61
C VAL E 49 18.78 67.15 -21.42
N ARG E 50 18.00 66.14 -21.04
CA ARG E 50 18.00 64.86 -21.72
C ARG E 50 17.54 65.00 -23.16
N PRO E 51 18.24 64.42 -24.13
CA PRO E 51 17.87 64.59 -25.54
C PRO E 51 16.61 63.80 -25.88
N ARG E 52 15.62 64.50 -26.42
CA ARG E 52 14.34 63.90 -26.74
C ARG E 52 14.43 63.07 -28.00
N ASN E 53 13.79 61.90 -27.98
CA ASN E 53 13.74 60.99 -29.12
C ASN E 53 12.32 61.03 -29.68
N ASP E 54 12.10 61.81 -30.73
CA ASP E 54 10.78 61.93 -31.33
C ASP E 54 10.46 60.79 -32.29
N VAL E 55 11.48 60.12 -32.82
CA VAL E 55 11.26 58.99 -33.71
C VAL E 55 10.63 57.82 -32.95
N ALA E 56 11.21 57.47 -31.80
CA ALA E 56 10.65 56.40 -30.97
C ALA E 56 9.30 56.81 -30.38
N HIS E 57 9.11 58.10 -30.12
CA HIS E 57 7.83 58.61 -29.64
C HIS E 57 6.74 58.40 -30.67
N LYS E 58 7.04 58.73 -31.93
CA LYS E 58 6.08 58.54 -33.02
C LYS E 58 5.81 57.06 -33.29
N GLN E 59 6.85 56.22 -33.24
CA GLN E 59 6.67 54.79 -33.47
C GLN E 59 5.84 54.14 -32.37
N LEU E 60 6.07 54.52 -31.11
CA LEU E 60 5.27 53.97 -30.02
C LEU E 60 3.84 54.51 -30.05
N SER E 61 3.63 55.74 -30.52
CA SER E 61 2.26 56.24 -30.68
C SER E 61 1.52 55.47 -31.77
N ALA E 62 2.20 55.18 -32.88
CA ALA E 62 1.57 54.42 -33.96
C ALA E 62 1.26 52.99 -33.52
N PHE E 63 2.16 52.35 -32.78
CA PHE E 63 1.90 51.00 -32.31
C PHE E 63 0.86 50.98 -31.20
N GLY E 64 0.74 52.07 -30.43
CA GLY E 64 -0.33 52.16 -29.47
C GLY E 64 -1.70 52.27 -30.13
N GLU E 65 -1.78 53.06 -31.21
CA GLU E 65 -2.99 53.08 -32.04
C GLU E 65 -3.30 51.69 -32.60
N TYR E 66 -2.26 51.00 -33.07
CA TYR E 66 -2.37 49.65 -33.62
C TYR E 66 -2.97 48.67 -32.61
N VAL E 67 -2.43 48.66 -31.40
CA VAL E 67 -2.92 47.75 -30.36
C VAL E 67 -4.32 48.16 -29.89
N ALA E 68 -4.59 49.46 -29.82
CA ALA E 68 -5.89 49.92 -29.36
C ALA E 68 -7.00 49.61 -30.34
N GLU E 69 -6.70 49.59 -31.64
CA GLU E 69 -7.74 49.27 -32.61
C GLU E 69 -7.80 47.79 -32.97
N ILE E 70 -6.74 47.02 -32.73
CA ILE E 70 -6.86 45.57 -32.86
C ILE E 70 -7.68 45.01 -31.71
N LEU E 71 -7.50 45.54 -30.51
CA LEU E 71 -8.17 45.03 -29.31
C LEU E 71 -9.05 46.09 -28.64
N PRO E 72 -10.13 46.56 -29.28
CA PRO E 72 -10.99 47.56 -28.61
C PRO E 72 -11.87 46.98 -27.52
N LYS E 73 -11.91 45.66 -27.38
CA LYS E 73 -12.73 45.03 -26.35
C LYS E 73 -12.17 45.29 -24.96
N TYR E 74 -10.85 45.42 -24.83
CA TYR E 74 -10.24 45.56 -23.53
C TYR E 74 -9.39 46.81 -23.36
N VAL E 75 -8.87 47.39 -24.44
CA VAL E 75 -7.98 48.54 -24.32
C VAL E 75 -8.79 49.77 -23.93
N GLN E 76 -8.41 50.39 -22.81
CA GLN E 76 -9.11 51.56 -22.28
C GLN E 76 -8.34 52.84 -22.53
N GLN E 77 -7.09 52.95 -22.06
CA GLN E 77 -6.23 54.06 -22.41
C GLN E 77 -4.95 53.57 -23.05
N VAL E 78 -4.41 54.40 -23.94
CA VAL E 78 -3.06 54.24 -24.47
C VAL E 78 -2.37 55.59 -24.34
N GLN E 79 -1.21 55.61 -23.68
CA GLN E 79 -0.47 56.84 -23.50
C GLN E 79 1.02 56.58 -23.64
N VAL E 80 1.71 57.55 -24.21
CA VAL E 80 3.16 57.50 -24.40
C VAL E 80 3.77 58.65 -23.62
N SER E 81 4.73 58.33 -22.76
CA SER E 81 5.35 59.35 -21.93
C SER E 81 6.31 60.21 -22.75
N CYS E 82 6.76 61.30 -22.14
CA CYS E 82 7.69 62.21 -22.81
C CYS E 82 9.08 61.60 -22.96
N PHE E 83 9.44 60.65 -22.09
CA PHE E 83 10.66 59.88 -22.26
C PHE E 83 10.42 58.56 -23.00
N SER E 84 9.36 58.51 -23.82
CA SER E 84 9.15 57.51 -24.87
C SER E 84 9.02 56.09 -24.33
N GLU E 85 8.00 55.88 -23.51
CA GLU E 85 7.59 54.56 -23.07
C GLU E 85 6.10 54.41 -23.29
N LEU E 86 5.68 53.22 -23.70
CA LEU E 86 4.30 52.96 -24.11
C LEU E 86 3.54 52.22 -23.02
N GLU E 87 2.34 52.69 -22.72
CA GLU E 87 1.44 52.08 -21.74
C GLU E 87 0.14 51.69 -22.42
N ILE E 88 -0.33 50.48 -22.14
CA ILE E 88 -1.63 50.03 -22.61
C ILE E 88 -2.47 49.75 -21.37
N CYS E 89 -3.26 50.74 -20.96
CA CYS E 89 -4.12 50.60 -19.79
C CYS E 89 -5.38 49.85 -20.21
N ILE E 90 -5.53 48.62 -19.73
CA ILE E 90 -6.61 47.74 -20.18
C ILE E 90 -7.60 47.48 -19.07
N HIS E 91 -8.64 46.70 -19.38
CA HIS E 91 -9.64 46.16 -18.49
C HIS E 91 -9.19 44.81 -17.96
N PRO E 92 -9.48 44.48 -16.69
CA PRO E 92 -8.95 43.22 -16.13
C PRO E 92 -9.59 41.94 -16.67
N ASP E 93 -10.62 42.03 -17.49
CA ASP E 93 -11.10 40.84 -18.17
C ASP E 93 -10.23 40.45 -19.36
N GLY E 94 -9.30 41.31 -19.76
CA GLY E 94 -8.46 41.02 -20.90
C GLY E 94 -7.00 40.92 -20.58
N VAL E 95 -6.65 40.28 -19.46
CA VAL E 95 -5.26 40.01 -19.16
C VAL E 95 -4.70 39.01 -20.14
N ILE E 96 -5.32 37.84 -20.23
CA ILE E 96 -4.89 36.77 -21.13
C ILE E 96 -5.01 37.13 -22.62
N PRO E 97 -6.10 37.76 -23.13
CA PRO E 97 -6.08 38.14 -24.56
C PRO E 97 -5.02 39.14 -24.96
N VAL E 98 -4.83 40.21 -24.17
CA VAL E 98 -3.88 41.25 -24.55
C VAL E 98 -2.45 40.75 -24.41
N LEU E 99 -2.15 40.01 -23.34
CA LEU E 99 -0.80 39.48 -23.17
C LEU E 99 -0.50 38.37 -24.17
N THR E 100 -1.48 37.54 -24.51
CA THR E 100 -1.24 36.51 -25.52
C THR E 100 -1.08 37.12 -26.90
N PHE E 101 -1.81 38.21 -27.18
CA PHE E 101 -1.61 38.95 -28.41
C PHE E 101 -0.20 39.52 -28.49
N LEU E 102 0.26 40.20 -27.43
CA LEU E 102 1.59 40.79 -27.45
C LEU E 102 2.68 39.72 -27.44
N ARG E 103 2.38 38.54 -26.92
CA ARG E 103 3.35 37.45 -26.94
C ARG E 103 3.46 36.84 -28.34
N ASP E 104 2.33 36.68 -29.03
CA ASP E 104 2.31 35.87 -30.24
C ASP E 104 2.24 36.64 -31.56
N HIS E 105 1.76 37.88 -31.56
CA HIS E 105 1.52 38.57 -32.83
C HIS E 105 2.83 38.98 -33.48
N SER E 106 2.89 38.82 -34.80
CA SER E 106 4.12 38.98 -35.56
C SER E 106 4.59 40.42 -35.64
N ASN E 107 3.73 41.38 -35.37
CA ASN E 107 4.18 42.77 -35.25
C ASN E 107 4.46 43.16 -33.81
N ALA E 108 4.27 42.27 -32.84
CA ALA E 108 4.60 42.59 -31.46
C ALA E 108 5.72 41.72 -30.91
N GLN E 109 5.50 40.40 -30.82
CA GLN E 109 6.47 39.39 -30.35
C GLN E 109 7.13 39.77 -29.02
N PHE E 110 6.33 40.19 -28.05
CA PHE E 110 6.84 40.53 -26.72
C PHE E 110 7.02 39.22 -25.95
N LYS E 111 8.16 38.58 -26.19
CA LYS E 111 8.39 37.23 -25.70
C LYS E 111 8.85 37.17 -24.26
N SER E 112 9.32 38.29 -23.70
CA SER E 112 9.92 38.28 -22.37
C SER E 112 9.12 39.18 -21.44
N LEU E 113 8.50 38.58 -20.43
CA LEU E 113 7.95 39.32 -19.31
C LEU E 113 9.10 39.75 -18.40
N ALA E 114 9.45 41.03 -18.45
CA ALA E 114 10.55 41.52 -17.65
C ALA E 114 10.16 41.61 -16.18
N ASP E 115 9.19 42.44 -15.87
CA ASP E 115 8.80 42.70 -14.50
C ASP E 115 7.29 42.72 -14.41
N LEU E 116 6.77 42.25 -13.28
CA LEU E 116 5.35 42.29 -12.99
C LEU E 116 5.17 42.88 -11.59
N THR E 117 4.26 43.86 -11.49
CA THR E 117 4.26 44.83 -10.40
C THR E 117 2.81 45.15 -10.06
N ALA E 118 2.54 45.38 -8.78
CA ALA E 118 1.32 46.05 -8.38
C ALA E 118 1.68 47.36 -7.70
N VAL E 119 0.81 48.36 -7.86
CA VAL E 119 0.99 49.67 -7.23
C VAL E 119 -0.25 49.94 -6.40
N ASP E 120 -0.07 50.18 -5.10
CA ASP E 120 -1.19 50.46 -4.22
C ASP E 120 -1.49 51.94 -4.23
N ILE E 121 -2.68 52.31 -4.71
CA ILE E 121 -3.17 53.67 -4.68
C ILE E 121 -4.50 53.67 -3.96
N PRO E 122 -4.53 54.03 -2.67
CA PRO E 122 -5.74 53.81 -1.87
C PRO E 122 -6.88 54.76 -2.16
N THR E 123 -6.66 55.85 -2.91
CA THR E 123 -7.74 56.77 -3.21
C THR E 123 -8.63 56.31 -4.35
N ARG E 124 -8.37 55.13 -4.91
CA ARG E 124 -9.18 54.55 -5.96
C ARG E 124 -9.99 53.41 -5.39
N GLN E 125 -11.21 53.22 -5.93
CA GLN E 125 -12.00 52.07 -5.49
C GLN E 125 -11.43 50.77 -6.02
N ASN E 126 -10.71 50.83 -7.14
CA ASN E 126 -9.86 49.73 -7.60
C ASN E 126 -8.44 50.14 -7.27
N ARG E 127 -8.02 49.83 -6.05
CA ARG E 127 -6.83 50.45 -5.49
C ARG E 127 -5.53 49.90 -6.04
N PHE E 128 -5.52 48.69 -6.57
CA PHE E 128 -4.28 48.09 -7.03
C PHE E 128 -4.15 48.28 -8.53
N GLU E 129 -2.91 48.31 -9.00
CA GLU E 129 -2.61 48.65 -10.38
C GLU E 129 -1.56 47.65 -10.86
N ILE E 130 -2.02 46.56 -11.48
CA ILE E 130 -1.12 45.48 -11.85
C ILE E 130 -0.43 45.83 -13.15
N VAL E 131 0.91 45.88 -13.11
CA VAL E 131 1.72 46.42 -14.19
C VAL E 131 2.51 45.29 -14.82
N TYR E 132 2.40 45.14 -16.14
CA TYR E 132 3.09 44.12 -16.91
C TYR E 132 4.14 44.79 -17.78
N ASN E 133 5.40 44.69 -17.39
CA ASN E 133 6.50 45.19 -18.20
C ASN E 133 6.97 44.08 -19.13
N LEU E 134 6.92 44.33 -20.43
CA LEU E 134 7.19 43.33 -21.45
C LEU E 134 8.35 43.79 -22.32
N LEU E 135 9.06 42.84 -22.90
CA LEU E 135 10.18 43.13 -23.77
C LEU E 135 10.03 42.34 -25.07
N SER E 136 10.15 43.04 -26.19
CA SER E 136 10.24 42.41 -27.50
C SER E 136 11.69 42.42 -27.92
N LEU E 137 12.28 41.23 -28.06
CA LEU E 137 13.63 41.15 -28.58
C LEU E 137 13.68 41.30 -30.09
N ARG E 138 12.56 41.08 -30.77
CA ARG E 138 12.54 41.18 -32.22
C ARG E 138 12.56 42.64 -32.67
N PHE E 139 11.75 43.47 -32.03
CA PHE E 139 11.64 44.85 -32.43
C PHE E 139 12.32 45.78 -31.45
N ASN E 140 13.03 45.22 -30.47
CA ASN E 140 13.94 45.94 -29.57
C ASN E 140 13.20 47.02 -28.78
N SER E 141 12.02 46.66 -28.29
CA SER E 141 11.14 47.64 -27.67
C SER E 141 10.53 47.06 -26.40
N ARG E 142 10.02 47.96 -25.57
CA ARG E 142 9.36 47.62 -24.32
C ARG E 142 7.96 48.23 -24.31
N ILE E 143 6.99 47.43 -23.90
CA ILE E 143 5.62 47.91 -23.74
C ILE E 143 5.26 47.71 -22.27
N ARG E 144 4.25 48.44 -21.81
CA ARG E 144 3.77 48.30 -20.45
C ARG E 144 2.26 48.09 -20.50
N VAL E 145 1.80 47.06 -19.82
CA VAL E 145 0.38 46.71 -19.77
C VAL E 145 -0.08 46.87 -18.34
N LYS E 146 -1.06 47.72 -18.12
CA LYS E 146 -1.52 48.08 -16.79
C LYS E 146 -2.98 47.75 -16.65
N THR E 147 -3.35 47.11 -15.55
CA THR E 147 -4.75 46.81 -15.25
C THR E 147 -5.00 47.13 -13.78
N TYR E 148 -6.15 46.72 -13.27
CA TYR E 148 -6.58 47.19 -11.96
C TYR E 148 -7.49 46.17 -11.29
N THR E 149 -7.46 46.17 -9.96
CA THR E 149 -8.41 45.41 -9.16
C THR E 149 -8.44 46.00 -7.76
N ASP E 150 -9.47 45.63 -7.01
CA ASP E 150 -9.54 45.89 -5.58
C ASP E 150 -9.11 44.65 -4.82
N GLU E 151 -9.40 44.62 -3.51
CA GLU E 151 -8.94 43.53 -2.66
C GLU E 151 -9.60 42.20 -2.99
N LEU E 152 -10.84 42.24 -3.48
CA LEU E 152 -11.67 41.05 -3.56
C LEU E 152 -11.85 40.50 -4.96
N THR E 153 -11.77 41.32 -6.00
CA THR E 153 -11.94 40.82 -7.35
C THR E 153 -10.66 40.13 -7.82
N PRO E 154 -10.72 38.88 -8.24
CA PRO E 154 -9.50 38.19 -8.68
C PRO E 154 -9.07 38.61 -10.07
N VAL E 155 -7.77 38.61 -10.26
CA VAL E 155 -7.15 38.80 -11.56
C VAL E 155 -6.83 37.41 -12.11
N GLU E 156 -6.97 37.23 -13.42
CA GLU E 156 -6.61 35.96 -14.01
C GLU E 156 -5.10 35.80 -14.06
N SER E 157 -4.62 34.62 -13.67
CA SER E 157 -3.19 34.34 -13.69
C SER E 157 -2.69 34.20 -15.12
N SER E 158 -1.52 34.77 -15.38
CA SER E 158 -0.92 34.76 -16.71
C SER E 158 0.25 33.78 -16.80
N VAL E 159 0.20 32.69 -16.03
CA VAL E 159 1.20 31.63 -16.17
C VAL E 159 0.97 30.82 -17.42
N SER E 160 -0.21 30.90 -18.02
CA SER E 160 -0.43 30.27 -19.32
C SER E 160 0.22 31.07 -20.45
N VAL E 161 0.53 32.33 -20.21
CA VAL E 161 1.14 33.18 -21.23
C VAL E 161 2.64 33.26 -20.99
N TYR E 162 3.02 33.72 -19.81
CA TYR E 162 4.42 33.79 -19.41
C TYR E 162 4.60 32.94 -18.17
N LYS E 163 5.50 31.95 -18.24
CA LYS E 163 5.83 31.19 -17.05
C LYS E 163 6.70 31.97 -16.07
N ALA E 164 7.25 33.12 -16.48
CA ALA E 164 7.95 33.99 -15.55
C ALA E 164 7.02 34.56 -14.50
N ALA E 165 5.73 34.71 -14.81
CA ALA E 165 4.74 35.29 -13.91
C ALA E 165 4.47 34.46 -12.68
N ASN E 166 4.89 33.18 -12.68
CA ASN E 166 4.60 32.22 -11.61
C ASN E 166 5.05 32.73 -10.25
N TRP E 167 6.23 33.34 -10.19
CA TRP E 167 6.66 33.92 -8.92
C TRP E 167 6.29 35.38 -8.77
N TYR E 168 6.13 36.13 -9.86
CA TYR E 168 5.86 37.56 -9.73
C TYR E 168 4.45 37.81 -9.18
N GLU E 169 3.45 37.11 -9.69
CA GLU E 169 2.11 37.35 -9.18
C GLU E 169 1.89 36.63 -7.85
N ARG E 170 2.69 35.62 -7.57
CA ARG E 170 2.77 35.06 -6.23
C ARG E 170 3.32 36.08 -5.24
N GLU E 171 4.31 36.87 -5.68
CA GLU E 171 4.81 37.97 -4.87
C GLU E 171 3.78 39.08 -4.73
N ILE E 172 2.99 39.32 -5.77
CA ILE E 172 1.91 40.32 -5.68
C ILE E 172 0.86 39.88 -4.67
N TRP E 173 0.56 38.59 -4.63
CA TRP E 173 -0.31 38.05 -3.59
C TRP E 173 0.29 38.23 -2.20
N ASP E 174 1.57 37.91 -2.04
CA ASP E 174 2.22 37.99 -0.74
C ASP E 174 2.30 39.43 -0.23
N MET E 175 2.50 40.39 -1.14
CA MET E 175 2.77 41.76 -0.74
C MET E 175 1.53 42.65 -0.73
N PHE E 176 0.53 42.36 -1.56
CA PHE E 176 -0.62 43.23 -1.70
C PHE E 176 -1.96 42.57 -1.38
N GLY E 177 -2.06 41.26 -1.51
CA GLY E 177 -3.33 40.60 -1.32
C GLY E 177 -4.15 40.44 -2.57
N VAL E 178 -3.58 40.71 -3.73
CA VAL E 178 -4.26 40.50 -5.00
C VAL E 178 -4.26 39.01 -5.28
N PHE E 179 -5.44 38.40 -5.22
CA PHE E 179 -5.56 36.98 -5.55
C PHE E 179 -5.49 36.79 -7.05
N PHE E 180 -4.88 35.68 -7.47
CA PHE E 180 -4.74 35.35 -8.88
C PHE E 180 -5.41 34.02 -9.15
N ALA E 181 -6.48 34.07 -9.94
CA ALA E 181 -7.27 32.87 -10.24
C ALA E 181 -6.55 31.99 -11.25
N ASN E 182 -6.64 30.67 -11.04
CA ASN E 182 -5.99 29.63 -11.86
C ASN E 182 -4.48 29.81 -11.90
N HIS E 183 -3.88 29.91 -10.71
CA HIS E 183 -2.45 29.86 -10.42
C HIS E 183 -2.07 28.47 -9.95
N PRO E 184 -0.92 27.92 -10.36
CA PRO E 184 -0.58 26.54 -9.98
C PRO E 184 -0.30 26.35 -8.50
N ASP E 185 0.59 27.15 -7.93
CA ASP E 185 0.89 27.11 -6.50
C ASP E 185 0.93 28.54 -6.03
N LEU E 186 -0.24 29.08 -5.67
CA LEU E 186 -0.31 30.45 -5.16
C LEU E 186 -0.24 30.41 -3.64
N ARG E 187 0.77 31.06 -3.09
CA ARG E 187 1.00 31.15 -1.66
C ARG E 187 1.94 32.33 -1.43
N ARG E 188 2.47 32.45 -0.22
CA ARG E 188 3.43 33.50 0.03
C ARG E 188 4.78 33.14 -0.57
N ILE E 189 5.60 34.15 -0.82
CA ILE E 189 6.95 33.89 -1.29
C ILE E 189 8.03 34.65 -0.52
N LEU E 190 7.73 35.78 0.13
CA LEU E 190 8.78 36.59 0.74
C LEU E 190 8.61 36.78 2.24
N THR E 191 7.39 36.87 2.74
CA THR E 191 7.21 37.09 4.17
C THR E 191 7.42 35.81 4.96
N ASP E 192 7.37 35.98 6.29
CA ASP E 192 7.42 34.87 7.23
C ASP E 192 6.18 33.99 7.08
N TYR E 193 6.26 32.77 7.60
CA TYR E 193 5.21 31.79 7.33
C TYR E 193 3.92 32.11 8.07
N GLY E 194 4.01 32.57 9.31
CA GLY E 194 2.79 32.90 10.02
C GLY E 194 2.43 34.37 9.93
N PHE E 195 2.76 35.00 8.81
CA PHE E 195 2.61 36.44 8.69
C PHE E 195 1.18 36.80 8.39
N GLU E 196 0.69 37.86 9.04
CA GLU E 196 -0.68 38.32 8.89
C GLU E 196 -0.66 39.69 8.22
N GLY E 197 -1.42 39.81 7.14
CA GLY E 197 -1.45 41.05 6.40
C GLY E 197 -0.53 41.02 5.20
N HIS E 198 -0.58 42.12 4.45
CA HIS E 198 0.14 42.24 3.19
C HIS E 198 0.98 43.51 3.28
N PRO E 199 2.31 43.41 3.21
CA PRO E 199 3.15 44.52 3.65
C PRO E 199 3.18 45.72 2.73
N PHE E 200 3.14 45.53 1.42
CA PHE E 200 3.33 46.67 0.55
C PHE E 200 2.05 47.45 0.30
N ARG E 201 0.94 47.06 0.93
CA ARG E 201 -0.20 47.94 1.02
C ARG E 201 0.18 49.19 1.81
N LYS E 202 -0.34 50.34 1.39
CA LYS E 202 0.10 51.58 2.00
C LYS E 202 -0.62 51.91 3.30
N ASP E 203 -1.67 51.18 3.64
CA ASP E 203 -2.26 51.28 4.97
C ASP E 203 -1.58 50.36 5.97
N PHE E 204 -0.57 49.63 5.55
CA PHE E 204 0.24 48.81 6.43
C PHE E 204 1.42 49.63 6.92
N PRO E 205 1.73 49.62 8.21
CA PRO E 205 2.80 50.48 8.72
C PRO E 205 4.18 50.02 8.29
N LEU E 206 5.16 50.91 8.48
CA LEU E 206 6.52 50.64 8.02
C LEU E 206 7.14 49.48 8.79
N SER E 207 7.27 49.62 10.10
CA SER E 207 7.45 48.45 10.92
C SER E 207 6.14 47.70 10.98
N GLY E 208 6.20 46.42 11.34
CA GLY E 208 5.02 45.58 11.32
C GLY E 208 4.08 45.83 12.49
N TYR E 209 3.32 44.80 12.83
CA TYR E 209 2.61 44.78 14.09
C TYR E 209 3.29 43.88 15.11
N VAL E 210 4.09 42.92 14.65
CA VAL E 210 4.80 42.01 15.51
C VAL E 210 6.30 42.12 15.24
N GLU E 211 7.09 41.76 16.24
CA GLU E 211 8.53 41.67 16.11
C GLU E 211 8.99 40.45 16.91
N LEU E 212 10.16 39.94 16.54
CA LEU E 212 10.64 38.69 17.11
C LEU E 212 11.78 38.92 18.08
N ARG E 213 11.91 37.95 18.98
CA ARG E 213 13.04 37.85 19.89
C ARG E 213 13.07 36.41 20.40
N TYR E 214 14.23 35.98 20.85
CA TYR E 214 14.31 34.67 21.48
C TYR E 214 13.86 34.78 22.93
N ASP E 215 12.96 33.88 23.32
CA ASP E 215 12.48 33.82 24.69
C ASP E 215 13.04 32.57 25.36
N ASP E 216 13.71 32.75 26.48
CA ASP E 216 14.42 31.66 27.12
C ASP E 216 13.52 30.79 27.99
N GLU E 217 12.36 31.31 28.37
CA GLU E 217 11.36 30.51 29.09
C GLU E 217 10.86 29.35 28.24
N VAL E 218 10.27 29.68 27.08
CA VAL E 218 9.70 28.67 26.20
C VAL E 218 10.73 28.06 25.27
N LYS E 219 11.99 28.52 25.34
CA LYS E 219 13.11 28.07 24.50
C LYS E 219 12.79 28.18 23.02
N ARG E 220 12.32 29.37 22.62
CA ARG E 220 11.69 29.52 21.32
C ARG E 220 11.71 30.97 20.90
N VAL E 221 11.93 31.21 19.62
CA VAL E 221 11.76 32.55 19.05
C VAL E 221 10.27 32.87 19.05
N VAL E 222 9.90 33.98 19.68
CA VAL E 222 8.49 34.30 19.89
C VAL E 222 8.14 35.59 19.17
N ALA E 223 6.86 35.72 18.83
CA ALA E 223 6.33 36.93 18.22
C ALA E 223 5.53 37.71 19.26
N GLU E 224 5.91 38.96 19.46
CA GLU E 224 5.31 39.86 20.42
C GLU E 224 4.98 41.15 19.70
N PRO E 225 4.01 41.93 20.20
CA PRO E 225 3.68 43.20 19.54
C PRO E 225 4.84 44.18 19.56
N VAL E 226 4.96 44.94 18.49
CA VAL E 226 6.19 45.68 18.22
C VAL E 226 6.25 46.92 19.10
N GLU E 227 7.43 47.15 19.69
CA GLU E 227 7.73 48.38 20.41
C GLU E 227 9.10 48.85 19.96
N LEU E 228 9.15 50.01 19.34
CA LEU E 228 10.41 50.56 18.86
C LEU E 228 11.05 51.35 19.99
N ALA E 229 12.32 51.07 20.25
CA ALA E 229 13.06 51.84 21.26
C ALA E 229 13.26 53.28 20.80
N GLN E 230 13.38 53.49 19.49
CA GLN E 230 13.33 54.82 18.89
C GLN E 230 12.28 54.78 17.80
N GLU E 231 11.32 55.69 17.86
CA GLU E 231 10.27 55.76 16.86
C GLU E 231 10.85 56.21 15.52
N PHE E 232 10.32 55.65 14.43
CA PHE E 232 10.63 56.17 13.11
C PHE E 232 10.10 57.59 12.98
N ARG E 233 11.02 58.54 12.87
CA ARG E 233 10.66 59.96 12.81
C ARG E 233 10.18 60.27 11.41
N LYS E 234 8.86 60.46 11.26
CA LYS E 234 8.29 60.88 10.01
C LYS E 234 8.67 62.33 9.72
N PHE E 235 9.21 62.57 8.52
CA PHE E 235 9.58 63.90 8.08
C PHE E 235 8.54 64.41 7.10
N ASP E 236 8.09 65.64 7.31
CA ASP E 236 7.18 66.31 6.38
C ASP E 236 8.03 67.16 5.45
N LEU E 237 8.31 66.62 4.27
CA LEU E 237 9.29 67.18 3.36
C LEU E 237 8.68 67.94 2.20
N ASN E 238 7.38 67.81 1.95
CA ASN E 238 6.78 68.36 0.74
C ASN E 238 6.73 69.88 0.81
N SER E 239 7.25 70.53 -0.22
CA SER E 239 7.24 71.97 -0.27
C SER E 239 5.83 72.48 -0.60
N PRO E 240 5.42 73.62 -0.04
CA PRO E 240 4.08 74.13 -0.32
C PRO E 240 3.97 74.92 -1.61
N TRP E 241 5.06 75.08 -2.35
CA TRP E 241 5.03 75.75 -3.64
C TRP E 241 5.03 74.72 -4.76
N GLU E 242 4.25 74.99 -5.80
CA GLU E 242 4.09 74.05 -6.89
C GLU E 242 5.37 73.93 -7.69
N ALA E 243 5.79 72.69 -7.94
CA ALA E 243 7.04 72.48 -8.61
C ALA E 243 6.90 72.45 -10.12
N PHE E 244 5.85 71.80 -10.63
CA PHE E 244 5.73 71.54 -12.07
C PHE E 244 4.38 72.03 -12.56
N PRO E 245 4.34 73.13 -13.30
CA PRO E 245 3.04 73.62 -13.83
C PRO E 245 2.43 72.74 -14.90
N ALA E 246 3.23 71.90 -15.58
CA ALA E 246 2.68 71.06 -16.63
C ALA E 246 1.78 69.97 -16.07
N TYR E 247 2.03 69.56 -14.83
CA TYR E 247 1.24 68.54 -14.15
C TYR E 247 0.17 69.14 -13.25
N ARG E 248 -0.20 70.40 -13.48
CA ARG E 248 -1.18 71.07 -12.64
C ARG E 248 -2.57 70.47 -12.88
N GLN E 249 -3.19 70.02 -11.84
CA GLN E 249 -4.53 69.48 -11.96
C GLN E 249 -5.56 70.60 -11.93
N PRO E 250 -6.63 70.49 -12.70
CA PRO E 250 -7.70 71.49 -12.62
C PRO E 250 -8.44 71.36 -11.31
N PRO E 251 -8.81 72.50 -10.69
CA PRO E 251 -9.44 72.43 -9.36
C PRO E 251 -10.89 71.97 -9.39
N GLU E 252 -11.54 71.95 -8.23
CA GLU E 252 -12.93 71.56 -8.16
C GLU E 252 -13.84 72.64 -8.75
N SER F 68 48.93 30.38 46.27
CA SER F 68 49.74 29.28 46.78
C SER F 68 50.21 28.39 45.63
N ARG F 69 49.99 27.08 45.78
CA ARG F 69 50.37 26.12 44.75
C ARG F 69 49.21 25.80 43.82
N GLY F 70 48.05 25.47 44.38
CA GLY F 70 46.90 25.11 43.56
C GLY F 70 46.35 26.26 42.75
N GLU F 71 46.43 27.49 43.30
CA GLU F 71 46.05 28.67 42.53
C GLU F 71 46.99 28.89 41.35
N TYR F 72 48.29 28.64 41.55
CA TYR F 72 49.24 28.71 40.45
C TYR F 72 48.96 27.65 39.40
N VAL F 73 48.59 26.44 39.82
CA VAL F 73 48.32 25.37 38.89
C VAL F 73 47.07 25.65 38.06
N VAL F 74 46.00 26.14 38.70
CA VAL F 74 44.79 26.43 37.93
C VAL F 74 44.97 27.68 37.09
N ALA F 75 45.87 28.58 37.48
CA ALA F 75 46.19 29.73 36.65
C ALA F 75 46.92 29.30 35.37
N LYS F 76 47.92 28.42 35.50
CA LYS F 76 48.63 27.95 34.32
C LYS F 76 47.75 27.06 33.44
N LEU F 77 46.82 26.32 34.05
CA LEU F 77 45.90 25.51 33.24
C LEU F 77 44.90 26.37 32.49
N ASP F 78 44.43 27.47 33.12
CA ASP F 78 43.62 28.44 32.38
C ASP F 78 44.40 29.08 31.25
N ASP F 79 45.68 29.38 31.48
CA ASP F 79 46.51 29.95 30.41
C ASP F 79 46.67 28.99 29.25
N LEU F 80 46.87 27.70 29.56
CA LEU F 80 47.00 26.68 28.51
C LEU F 80 45.72 26.51 27.72
N ILE F 81 44.57 26.38 28.41
CA ILE F 81 43.34 26.12 27.66
C ILE F 81 42.86 27.38 26.94
N ASN F 82 43.16 28.58 27.46
CA ASN F 82 42.78 29.78 26.74
C ASN F 82 43.68 29.99 25.53
N TRP F 83 44.96 29.61 25.63
CA TRP F 83 45.83 29.63 24.47
C TRP F 83 45.33 28.69 23.39
N ALA F 84 44.98 27.47 23.79
CA ALA F 84 44.49 26.48 22.84
C ALA F 84 43.16 26.87 22.22
N ARG F 85 42.31 27.59 22.95
CA ARG F 85 41.02 27.96 22.38
C ARG F 85 41.13 29.19 21.50
N ARG F 86 41.89 30.21 21.89
CA ARG F 86 41.96 31.40 21.07
C ARG F 86 42.87 31.22 19.87
N SER F 87 43.85 30.33 19.94
CA SER F 87 44.76 30.11 18.82
C SER F 87 44.30 28.98 17.92
N SER F 88 43.11 28.44 18.16
CA SER F 88 42.52 27.44 17.29
C SER F 88 41.02 27.67 17.15
N LEU F 89 40.61 28.92 16.89
CA LEU F 89 39.21 29.20 16.63
C LEU F 89 38.78 28.61 15.30
N TRP F 90 37.60 28.01 15.28
CA TRP F 90 37.02 27.52 14.02
C TRP F 90 35.69 28.23 13.80
N PRO F 91 35.58 29.14 12.84
CA PRO F 91 34.36 29.93 12.70
C PRO F 91 33.29 29.24 11.88
N MET F 92 32.04 29.48 12.29
CA MET F 92 30.87 29.09 11.52
C MET F 92 30.23 30.37 11.02
N THR F 93 30.26 30.56 9.71
CA THR F 93 29.77 31.78 9.10
C THR F 93 28.30 31.65 8.74
N PHE F 94 27.51 32.66 9.12
CA PHE F 94 26.23 32.91 8.47
C PHE F 94 26.44 33.90 7.34
N GLY F 95 26.45 33.39 6.12
CA GLY F 95 26.49 34.25 4.96
C GLY F 95 25.13 34.80 4.62
N LEU F 96 24.60 35.67 5.47
CA LEU F 96 23.25 36.17 5.27
C LEU F 96 23.21 37.18 4.14
N ALA F 97 24.12 38.14 4.15
CA ALA F 97 24.08 39.28 3.25
C ALA F 97 25.48 39.75 2.91
N CYS F 98 25.63 41.04 2.58
CA CYS F 98 26.84 41.62 1.98
C CYS F 98 28.09 41.38 2.81
N CYS F 99 27.93 41.26 4.13
CA CYS F 99 29.04 40.98 5.03
C CYS F 99 29.68 39.61 4.79
N ALA F 100 28.98 38.69 4.14
CA ALA F 100 29.61 37.44 3.73
C ALA F 100 30.74 37.67 2.75
N VAL F 101 30.55 38.62 1.83
CA VAL F 101 31.58 38.98 0.86
C VAL F 101 32.81 39.53 1.57
N GLU F 102 32.60 40.26 2.65
CA GLU F 102 33.74 40.83 3.34
C GLU F 102 34.39 39.84 4.29
N MET F 103 33.66 38.84 4.79
CA MET F 103 34.34 37.75 5.47
C MET F 103 35.15 36.91 4.48
N MET F 104 34.62 36.72 3.27
CA MET F 104 35.36 36.05 2.21
C MET F 104 36.61 36.83 1.81
N HIS F 105 36.59 38.15 1.96
CA HIS F 105 37.84 38.91 1.89
C HIS F 105 38.70 38.81 3.13
N MET F 106 38.10 38.53 4.29
CA MET F 106 38.92 38.30 5.48
C MET F 106 39.62 36.95 5.42
N ALA F 107 39.10 36.03 4.61
CA ALA F 107 39.74 34.76 4.34
C ALA F 107 40.54 34.74 3.05
N ALA F 108 40.50 35.83 2.27
CA ALA F 108 41.23 35.97 1.03
C ALA F 108 42.73 36.04 1.33
N PRO F 109 43.60 35.87 0.32
CA PRO F 109 45.05 35.87 0.62
C PRO F 109 45.64 37.12 1.22
N ARG F 110 44.97 38.28 1.17
CA ARG F 110 45.56 39.45 1.81
C ARG F 110 45.44 39.38 3.33
N TYR F 111 44.22 39.18 3.82
CA TYR F 111 44.02 39.26 5.26
C TYR F 111 44.14 37.91 5.93
N ASP F 112 43.59 36.87 5.33
CA ASP F 112 43.94 35.47 5.59
C ASP F 112 43.73 35.03 7.03
N MET F 113 42.47 34.80 7.41
CA MET F 113 42.13 34.24 8.73
C MET F 113 42.89 32.97 9.08
N ASP F 114 43.28 32.17 8.09
CA ASP F 114 43.82 30.83 8.34
C ASP F 114 45.20 30.86 8.98
N ARG F 115 45.94 31.96 8.87
CA ARG F 115 47.24 32.02 9.52
C ARG F 115 47.15 32.33 11.00
N PHE F 116 45.98 32.70 11.50
CA PHE F 116 45.76 32.84 12.93
C PHE F 116 45.22 31.56 13.55
N GLY F 117 45.17 30.48 12.79
CA GLY F 117 44.47 29.28 13.21
C GLY F 117 42.98 29.32 13.00
N VAL F 118 42.46 30.42 12.46
CA VAL F 118 41.04 30.62 12.25
C VAL F 118 40.72 30.04 10.88
N VAL F 119 40.26 28.79 10.86
CA VAL F 119 40.15 28.05 9.59
C VAL F 119 39.03 28.61 8.72
N PHE F 120 39.05 28.26 7.46
CA PHE F 120 38.03 28.73 6.53
C PHE F 120 37.11 27.58 6.13
N ARG F 121 35.81 27.83 6.21
CA ARG F 121 34.74 26.86 5.94
C ARG F 121 34.91 25.62 6.82
N ALA F 122 34.79 25.83 8.12
CA ALA F 122 34.77 24.74 9.07
C ALA F 122 33.42 24.04 9.04
N SER F 123 33.36 22.89 9.70
CA SER F 123 32.12 22.16 9.81
C SER F 123 31.15 22.94 10.69
N PRO F 124 29.86 23.02 10.32
CA PRO F 124 28.89 23.63 11.24
C PRO F 124 28.68 22.83 12.51
N ARG F 125 29.00 21.54 12.49
CA ARG F 125 28.86 20.71 13.68
C ARG F 125 29.89 21.11 14.74
N GLN F 126 31.18 21.04 14.39
CA GLN F 126 32.24 21.46 15.30
C GLN F 126 32.77 22.83 14.86
N SER F 127 32.45 23.84 15.64
CA SER F 127 32.87 25.20 15.36
C SER F 127 32.88 25.97 16.68
N ASP F 128 33.68 27.02 16.73
CA ASP F 128 33.91 27.74 17.98
C ASP F 128 33.20 29.07 18.05
N VAL F 129 33.18 29.82 16.96
CA VAL F 129 32.58 31.14 16.92
C VAL F 129 31.60 31.22 15.76
N MET F 130 30.38 31.64 16.04
CA MET F 130 29.39 31.86 15.00
C MET F 130 29.48 33.33 14.58
N ILE F 131 29.81 33.56 13.32
CA ILE F 131 29.92 34.92 12.80
C ILE F 131 28.66 35.23 12.03
N VAL F 132 27.81 36.07 12.61
CA VAL F 132 26.55 36.48 11.98
C VAL F 132 26.89 37.64 11.06
N ALA F 133 27.03 37.34 9.78
CA ALA F 133 27.52 38.30 8.80
C ALA F 133 26.39 38.58 7.82
N GLY F 134 25.53 39.51 8.16
CA GLY F 134 24.48 39.92 7.27
C GLY F 134 23.24 40.31 8.04
N THR F 135 22.14 40.43 7.31
CA THR F 135 20.88 40.89 7.88
C THR F 135 20.09 39.69 8.37
N LEU F 136 19.68 39.74 9.63
CA LEU F 136 18.84 38.70 10.20
C LEU F 136 17.39 39.13 10.06
N THR F 137 16.67 38.49 9.15
CA THR F 137 15.26 38.77 8.97
C THR F 137 14.43 37.92 9.93
N ASN F 138 13.12 38.19 9.95
CA ASN F 138 12.22 37.43 10.80
C ASN F 138 12.03 36.00 10.34
N LYS F 139 12.30 35.72 9.07
CA LYS F 139 12.08 34.38 8.56
C LYS F 139 13.26 33.45 8.85
N MET F 140 14.42 34.00 9.22
CA MET F 140 15.57 33.16 9.51
C MET F 140 16.08 33.36 10.94
N ALA F 141 15.31 33.99 11.81
CA ALA F 141 15.66 33.98 13.23
C ALA F 141 15.61 32.60 13.89
N PRO F 142 14.59 31.72 13.69
CA PRO F 142 14.67 30.41 14.34
C PRO F 142 15.74 29.50 13.76
N ALA F 143 16.08 29.66 12.49
CA ALA F 143 17.20 28.91 11.93
C ALA F 143 18.52 29.35 12.56
N LEU F 144 18.69 30.66 12.77
CA LEU F 144 19.87 31.18 13.46
C LEU F 144 19.97 30.63 14.88
N ARG F 145 18.85 30.62 15.60
CA ARG F 145 18.87 30.13 16.98
C ARG F 145 19.10 28.62 17.04
N LYS F 146 18.59 27.87 16.05
CA LYS F 146 18.80 26.42 16.08
C LYS F 146 20.23 26.05 15.74
N VAL F 147 20.86 26.79 14.80
CA VAL F 147 22.27 26.59 14.53
C VAL F 147 23.12 27.01 15.73
N TYR F 148 22.70 28.05 16.47
CA TYR F 148 23.39 28.42 17.70
C TYR F 148 23.26 27.34 18.76
N ASP F 149 22.07 26.77 18.92
CA ASP F 149 21.85 25.76 19.94
C ASP F 149 22.51 24.43 19.62
N GLN F 150 22.80 24.17 18.35
CA GLN F 150 23.56 22.97 18.03
C GLN F 150 25.06 23.13 18.20
N MET F 151 25.54 24.31 18.58
CA MET F 151 26.99 24.48 18.68
C MET F 151 27.50 24.01 20.04
N PRO F 152 28.67 23.40 20.08
CA PRO F 152 29.21 22.92 21.35
C PRO F 152 29.91 24.03 22.11
N GLU F 153 29.79 23.99 23.43
CA GLU F 153 30.44 25.02 24.23
C GLU F 153 31.94 24.76 24.33
N PRO F 154 32.76 25.83 24.41
CA PRO F 154 32.44 27.26 24.38
C PRO F 154 32.13 27.80 22.99
N ARG F 155 30.90 28.25 22.79
CA ARG F 155 30.52 28.90 21.55
C ARG F 155 30.51 30.42 21.75
N TYR F 156 30.87 31.14 20.71
CA TYR F 156 30.96 32.59 20.76
C TYR F 156 30.23 33.15 19.55
N VAL F 157 29.80 34.39 19.64
CA VAL F 157 29.06 35.05 18.57
C VAL F 157 29.74 36.36 18.24
N VAL F 158 30.12 36.53 16.97
CA VAL F 158 30.58 37.80 16.45
C VAL F 158 29.47 38.38 15.58
N SER F 159 28.97 39.55 15.98
CA SER F 159 27.97 40.25 15.20
C SER F 159 28.67 41.19 14.22
N MET F 160 28.55 40.90 12.94
CA MET F 160 29.27 41.62 11.92
C MET F 160 28.33 42.55 11.17
N GLY F 161 28.63 43.84 11.20
CA GLY F 161 27.89 44.79 10.41
C GLY F 161 26.65 45.31 11.10
N SER F 162 26.09 46.37 10.51
CA SER F 162 25.04 47.13 11.18
C SER F 162 23.73 46.37 11.30
N CYS F 163 23.40 45.51 10.33
CA CYS F 163 22.11 44.83 10.42
C CYS F 163 22.14 43.70 11.45
N ALA F 164 23.26 43.02 11.59
CA ALA F 164 23.36 42.05 12.67
C ALA F 164 23.53 42.74 14.01
N ASN F 165 24.09 43.94 14.02
CA ASN F 165 24.27 44.65 15.28
C ASN F 165 22.95 45.19 15.82
N GLY F 166 22.27 46.02 15.03
CA GLY F 166 21.09 46.67 15.53
C GLY F 166 20.00 46.90 14.50
N GLY F 167 20.02 46.15 13.42
CA GLY F 167 19.02 46.32 12.38
C GLY F 167 19.56 47.07 11.18
N GLY F 168 20.34 48.11 11.44
CA GLY F 168 21.12 48.72 10.38
C GLY F 168 20.29 49.59 9.48
N TYR F 169 20.39 49.33 8.19
CA TYR F 169 19.66 50.10 7.19
C TYR F 169 18.23 49.62 7.05
N TYR F 170 17.92 48.51 7.71
CA TYR F 170 16.61 47.91 7.66
C TYR F 170 16.06 47.78 9.08
N HIS F 171 16.47 48.71 9.94
CA HIS F 171 16.10 48.69 11.35
C HIS F 171 14.61 48.86 11.54
N TYR F 172 13.99 49.76 10.77
CA TYR F 172 12.57 50.02 10.87
C TYR F 172 11.75 49.16 9.92
N SER F 173 12.24 47.99 9.57
CA SER F 173 11.51 47.12 8.65
C SER F 173 10.56 46.21 9.40
N TYR F 174 9.51 45.80 8.70
CA TYR F 174 8.53 44.88 9.26
C TYR F 174 9.09 43.47 9.38
N SER F 175 10.11 43.13 8.62
CA SER F 175 10.56 41.74 8.49
C SER F 175 11.94 41.48 9.06
N VAL F 176 12.61 42.47 9.62
CA VAL F 176 14.00 42.37 10.02
C VAL F 176 14.08 42.36 11.55
N VAL F 177 14.80 41.36 12.09
CA VAL F 177 15.14 41.36 13.50
C VAL F 177 16.12 42.50 13.77
N ARG F 178 15.83 43.30 14.78
CA ARG F 178 16.61 44.51 15.06
C ARG F 178 17.82 44.12 15.90
N GLY F 179 18.82 43.56 15.23
CA GLY F 179 20.02 43.07 15.88
C GLY F 179 19.94 41.61 16.20
N CYS F 180 21.02 40.86 15.97
CA CYS F 180 21.01 39.44 16.30
C CYS F 180 21.11 39.19 17.80
N ASP F 181 21.38 40.22 18.60
CA ASP F 181 21.44 40.09 20.05
C ASP F 181 20.07 39.92 20.68
N ARG F 182 18.98 40.07 19.91
CA ARG F 182 17.66 39.66 20.36
C ARG F 182 17.48 38.16 20.28
N ILE F 183 18.35 37.46 19.57
CA ILE F 183 18.23 36.04 19.31
C ILE F 183 19.32 35.25 20.04
N VAL F 184 20.57 35.65 19.88
CA VAL F 184 21.70 34.92 20.45
C VAL F 184 22.49 35.84 21.37
N PRO F 185 23.16 35.31 22.39
CA PRO F 185 24.09 36.13 23.17
C PRO F 185 25.31 36.49 22.34
N VAL F 186 25.59 37.78 22.22
CA VAL F 186 26.61 38.28 21.32
C VAL F 186 27.82 38.72 22.13
N ASP F 187 29.01 38.29 21.69
CA ASP F 187 30.27 38.65 22.32
C ASP F 187 30.89 39.91 21.73
N ILE F 188 31.20 39.89 20.43
CA ILE F 188 31.87 40.99 19.77
C ILE F 188 30.93 41.60 18.75
N TYR F 189 30.77 42.93 18.81
CA TYR F 189 30.01 43.69 17.85
C TYR F 189 30.99 44.39 16.90
N VAL F 190 30.93 44.03 15.63
CA VAL F 190 31.85 44.57 14.64
C VAL F 190 31.08 45.54 13.76
N PRO F 191 31.29 46.86 13.90
CA PRO F 191 30.46 47.84 13.20
C PRO F 191 30.98 48.23 11.84
N GLY F 192 30.05 48.43 10.94
CA GLY F 192 30.36 48.81 9.58
C GLY F 192 29.21 48.44 8.66
N CYS F 193 29.32 48.90 7.43
CA CYS F 193 28.34 48.54 6.38
C CYS F 193 29.05 48.43 5.04
N PRO F 194 29.81 47.35 4.81
CA PRO F 194 30.24 46.30 5.72
C PRO F 194 31.45 46.79 6.47
N PRO F 195 31.71 46.25 7.66
CA PRO F 195 33.03 46.47 8.26
C PRO F 195 34.03 45.73 7.41
N THR F 196 35.17 46.38 7.14
CA THR F 196 36.13 45.84 6.21
C THR F 196 36.74 44.53 6.73
N ALA F 197 37.39 43.81 5.82
CA ALA F 197 38.02 42.54 6.17
C ALA F 197 39.09 42.74 7.22
N GLU F 198 39.76 43.88 7.17
CA GLU F 198 40.70 44.25 8.22
C GLU F 198 39.97 44.55 9.53
N ALA F 199 38.78 45.16 9.45
CA ALA F 199 38.01 45.47 10.65
C ALA F 199 37.39 44.21 11.25
N LEU F 200 36.96 43.28 10.41
CA LEU F 200 36.46 42.01 10.92
C LEU F 200 37.60 41.19 11.53
N LEU F 201 38.79 41.24 10.94
CA LEU F 201 39.94 40.57 11.54
C LEU F 201 40.33 41.23 12.86
N TYR F 202 40.13 42.54 12.96
CA TYR F 202 40.29 43.23 14.24
C TYR F 202 39.29 42.72 15.28
N GLY F 203 38.05 42.50 14.86
CA GLY F 203 37.06 41.93 15.77
C GLY F 203 37.39 40.51 16.20
N ILE F 204 37.98 39.72 15.30
CA ILE F 204 38.38 38.35 15.65
C ILE F 204 39.55 38.37 16.62
N LEU F 205 40.50 39.28 16.43
CA LEU F 205 41.62 39.39 17.36
C LEU F 205 41.17 39.93 18.71
N GLN F 206 40.15 40.80 18.72
CA GLN F 206 39.57 41.24 19.99
C GLN F 206 38.83 40.11 20.68
N LEU F 207 38.19 39.22 19.90
CA LEU F 207 37.59 38.02 20.48
C LEU F 207 38.66 37.12 21.09
N GLN F 208 39.81 37.00 20.45
CA GLN F 208 40.90 36.22 21.02
C GLN F 208 41.45 36.85 22.29
N LYS F 209 41.48 38.18 22.36
CA LYS F 209 41.83 38.86 23.60
C LYS F 209 40.78 38.62 24.68
N LYS F 210 39.52 38.52 24.29
CA LYS F 210 38.45 38.24 25.26
C LYS F 210 38.51 36.81 25.78
N ILE F 211 38.92 35.87 24.92
CA ILE F 211 39.12 34.48 25.33
C ILE F 211 40.38 34.35 26.19
N LYS F 212 41.38 35.19 25.96
CA LYS F 212 42.65 35.09 26.66
C LYS F 212 42.50 35.43 28.14
N ARG F 213 41.64 36.38 28.48
CA ARG F 213 41.48 36.80 29.86
C ARG F 213 40.33 36.08 30.57
N GLU F 214 39.93 34.91 30.08
CA GLU F 214 38.97 34.10 30.80
C GLU F 214 39.63 33.46 32.02
N LYS F 215 38.83 33.24 33.06
CA LYS F 215 39.30 32.73 34.34
C LYS F 215 38.45 31.55 34.77
N ARG F 216 38.29 30.57 33.87
CA ARG F 216 37.37 29.45 34.11
C ARG F 216 37.81 28.60 35.30
N LEU F 217 39.02 28.05 35.26
CA LEU F 217 39.48 27.20 36.34
C LEU F 217 39.84 28.00 37.58
N ARG F 218 40.18 29.28 37.44
CA ARG F 218 40.42 30.10 38.62
C ARG F 218 39.14 30.38 39.39
N ILE F 219 38.05 30.68 38.68
CA ILE F 219 36.76 30.86 39.34
C ILE F 219 36.23 29.53 39.87
N TRP F 220 36.52 28.42 39.17
CA TRP F 220 36.19 27.10 39.69
C TRP F 220 36.93 26.78 40.98
N TYR F 221 38.21 27.12 41.05
CA TYR F 221 38.97 26.88 42.28
C TYR F 221 38.55 27.84 43.38
N ARG F 222 38.04 29.02 43.04
CA ARG F 222 37.62 29.97 44.05
C ARG F 222 36.13 29.87 44.37
N ARG F 223 35.39 28.97 43.73
CA ARG F 223 33.98 28.78 44.09
C ARG F 223 33.86 27.60 45.05
N THR G 42 30.31 41.63 -33.78
CA THR G 42 29.83 42.07 -32.46
C THR G 42 29.29 40.94 -31.61
N TYR G 43 29.64 39.71 -31.96
CA TYR G 43 29.41 38.56 -31.09
C TYR G 43 30.39 37.47 -31.46
N LYS G 44 30.72 36.63 -30.48
CA LYS G 44 31.60 35.50 -30.72
C LYS G 44 31.00 34.26 -30.08
N TYR G 45 31.27 33.12 -30.69
CA TYR G 45 30.69 31.84 -30.26
C TYR G 45 31.66 31.14 -29.33
N VAL G 46 31.44 31.25 -28.02
CA VAL G 46 32.14 30.37 -27.10
C VAL G 46 31.64 28.95 -27.30
N ASN G 47 32.58 28.01 -27.39
CA ASN G 47 32.33 26.58 -27.57
C ASN G 47 31.56 26.30 -28.87
N LEU G 48 32.17 26.62 -29.99
CA LEU G 48 31.66 26.20 -31.30
C LEU G 48 32.84 25.74 -32.15
N ARG G 49 33.72 24.96 -31.55
CA ARG G 49 34.85 24.38 -32.25
C ARG G 49 34.55 22.94 -32.59
N GLU G 50 34.68 22.59 -33.85
CA GLU G 50 34.56 21.20 -34.26
C GLU G 50 35.93 20.54 -34.16
N PRO G 51 36.07 19.44 -33.42
CA PRO G 51 37.40 18.83 -33.29
C PRO G 51 37.81 18.10 -34.55
N SER G 52 39.10 18.18 -34.87
CA SER G 52 39.64 17.52 -36.05
C SER G 52 39.62 16.01 -35.86
N MET G 53 39.02 15.30 -36.81
CA MET G 53 38.88 13.86 -36.74
C MET G 53 39.97 13.12 -37.49
N ASP G 54 41.06 13.80 -37.84
CA ASP G 54 42.22 13.11 -38.37
C ASP G 54 42.92 12.34 -37.26
N MET G 55 43.76 11.38 -37.66
CA MET G 55 44.39 10.47 -36.71
C MET G 55 45.37 11.18 -35.79
N LYS G 56 45.94 12.30 -36.25
CA LYS G 56 46.83 13.11 -35.43
C LYS G 56 46.09 13.70 -34.23
N SER G 57 44.97 14.38 -34.47
CA SER G 57 44.24 15.01 -33.37
C SER G 57 43.48 14.01 -32.53
N VAL G 58 43.02 12.91 -33.14
CA VAL G 58 42.38 11.84 -32.36
C VAL G 58 43.39 11.21 -31.42
N THR G 59 44.63 10.99 -31.89
CA THR G 59 45.66 10.45 -31.01
C THR G 59 46.09 11.47 -29.96
N ASP G 60 46.04 12.77 -30.30
CA ASP G 60 46.28 13.83 -29.32
C ASP G 60 45.26 13.78 -28.19
N ARG G 61 43.98 13.70 -28.53
CA ARG G 61 42.94 13.65 -27.52
C ARG G 61 42.98 12.36 -26.73
N ALA G 62 43.40 11.25 -27.35
CA ALA G 62 43.48 10.00 -26.61
C ALA G 62 44.68 9.98 -25.67
N ALA G 63 45.80 10.61 -26.07
CA ALA G 63 46.91 10.78 -25.14
C ALA G 63 46.55 11.74 -24.02
N GLN G 64 45.71 12.73 -24.31
CA GLN G 64 45.23 13.63 -23.28
C GLN G 64 44.31 12.89 -22.30
N THR G 65 43.49 11.98 -22.80
CA THR G 65 42.61 11.19 -21.95
C THR G 65 43.38 10.21 -21.08
N LEU G 66 44.31 9.47 -21.69
CA LEU G 66 44.98 8.38 -20.98
C LEU G 66 46.17 8.84 -20.16
N LEU G 67 46.93 9.82 -20.63
CA LEU G 67 48.14 10.27 -19.96
C LEU G 67 47.94 11.57 -19.18
N TRP G 68 46.71 12.10 -19.17
CA TRP G 68 46.25 13.10 -18.21
C TRP G 68 46.97 14.44 -18.39
N THR G 69 46.92 14.98 -19.61
CA THR G 69 47.74 16.14 -19.94
C THR G 69 47.23 17.40 -19.24
N GLU G 70 45.92 17.65 -19.27
CA GLU G 70 45.39 18.86 -18.66
C GLU G 70 45.41 18.78 -17.14
N LEU G 71 45.45 17.56 -16.59
CA LEU G 71 45.57 17.42 -15.15
C LEU G 71 46.97 17.81 -14.69
N ILE G 72 47.98 17.46 -15.47
CA ILE G 72 49.34 17.91 -15.20
C ILE G 72 49.47 19.40 -15.47
N ARG G 73 48.70 19.95 -16.42
CA ARG G 73 48.65 21.40 -16.61
C ARG G 73 48.11 22.11 -15.36
N GLY G 74 47.05 21.56 -14.77
CA GLY G 74 46.51 22.16 -13.55
C GLY G 74 47.44 22.02 -12.37
N LEU G 75 48.09 20.86 -12.23
CA LEU G 75 49.11 20.68 -11.20
C LEU G 75 50.28 21.63 -11.41
N GLY G 76 50.62 21.91 -12.66
CA GLY G 76 51.71 22.84 -12.94
C GLY G 76 51.35 24.26 -12.56
N MET G 77 50.09 24.65 -12.78
CA MET G 77 49.68 26.00 -12.40
C MET G 77 49.61 26.16 -10.88
N THR G 78 49.16 25.11 -10.19
CA THR G 78 49.15 25.14 -8.72
C THR G 78 50.57 25.14 -8.16
N LEU G 79 51.47 24.37 -8.76
CA LEU G 79 52.89 24.38 -8.37
C LEU G 79 53.55 25.70 -8.69
N SER G 80 53.09 26.39 -9.73
CA SER G 80 53.59 27.73 -10.00
C SER G 80 53.16 28.71 -8.92
N TYR G 81 51.93 28.58 -8.40
CA TYR G 81 51.60 29.44 -7.27
C TYR G 81 52.26 29.01 -5.97
N LEU G 82 52.72 27.77 -5.84
CA LEU G 82 53.44 27.37 -4.63
C LEU G 82 54.73 28.18 -4.45
N PHE G 83 55.36 28.57 -5.55
CA PHE G 83 56.63 29.27 -5.52
C PHE G 83 56.49 30.77 -5.74
N ARG G 84 55.32 31.34 -5.46
CA ARG G 84 55.18 32.79 -5.48
C ARG G 84 55.20 33.31 -4.06
N GLU G 85 55.52 34.59 -3.94
CA GLU G 85 55.38 35.25 -2.66
C GLU G 85 53.91 35.54 -2.42
N PRO G 86 53.34 35.10 -1.29
CA PRO G 86 51.91 35.30 -1.06
C PRO G 86 51.59 36.76 -0.77
N ALA G 87 50.33 37.10 -0.98
CA ALA G 87 49.86 38.47 -0.82
C ALA G 87 49.50 38.83 0.62
N THR G 88 49.99 38.08 1.60
CA THR G 88 49.49 38.17 2.96
C THR G 88 50.22 39.27 3.72
N ILE G 89 49.48 40.22 4.22
CA ILE G 89 50.02 41.28 5.04
C ILE G 89 49.98 40.82 6.49
N ASN G 90 50.89 41.35 7.30
CA ASN G 90 51.03 40.88 8.68
C ASN G 90 50.22 41.79 9.62
N TYR G 91 48.92 41.65 9.54
CA TYR G 91 48.04 42.32 10.48
C TYR G 91 48.16 41.64 11.84
N PRO G 92 48.16 42.40 12.96
CA PRO G 92 47.97 43.83 13.20
C PRO G 92 49.16 44.71 12.92
N PHE G 93 50.31 44.12 12.56
CA PHE G 93 51.50 44.96 12.46
C PHE G 93 51.53 45.67 11.11
N GLU G 94 50.94 45.07 10.09
CA GLU G 94 50.85 45.65 8.77
C GLU G 94 49.39 45.95 8.46
N LYS G 95 49.14 47.07 7.80
CA LYS G 95 47.79 47.55 7.60
C LYS G 95 47.47 47.61 6.12
N GLY G 96 46.19 47.38 5.80
CA GLY G 96 45.71 47.48 4.45
C GLY G 96 45.70 48.91 3.96
N PRO G 97 45.87 49.10 2.66
CA PRO G 97 45.94 50.46 2.10
C PRO G 97 44.57 51.11 2.10
N LEU G 98 44.54 52.38 2.49
CA LEU G 98 43.32 53.17 2.46
C LEU G 98 43.60 54.52 1.81
N SER G 99 42.57 55.10 1.26
CA SER G 99 42.59 56.41 0.65
C SER G 99 42.21 57.46 1.68
N PRO G 100 42.47 58.76 1.43
CA PRO G 100 41.97 59.79 2.34
C PRO G 100 40.48 60.09 2.22
N ARG G 101 39.72 59.29 1.48
CA ARG G 101 38.28 59.44 1.41
C ARG G 101 37.54 58.49 2.33
N PHE G 102 38.27 57.69 3.11
CA PHE G 102 37.71 56.52 3.78
C PHE G 102 36.66 56.89 4.80
N ARG G 103 35.63 56.04 4.90
CA ARG G 103 34.47 56.30 5.73
C ARG G 103 34.44 55.30 6.88
N GLY G 104 34.96 55.72 8.03
CA GLY G 104 35.00 54.85 9.19
C GLY G 104 34.21 55.35 10.39
N GLU G 105 34.89 55.67 11.47
CA GLU G 105 34.22 56.11 12.68
C GLU G 105 33.87 57.59 12.60
N HIS G 106 32.71 57.95 13.12
CA HIS G 106 32.23 59.32 13.10
C HIS G 106 32.91 60.17 14.17
N ALA G 107 32.95 61.48 13.91
CA ALA G 107 33.60 62.42 14.80
C ALA G 107 32.97 63.80 14.62
N LEU G 108 32.95 64.57 15.71
CA LEU G 108 32.53 65.95 15.68
C LEU G 108 33.76 66.84 15.79
N ARG G 109 34.00 67.65 14.76
CA ARG G 109 35.18 68.48 14.69
C ARG G 109 34.96 69.83 15.36
N ARG G 110 36.05 70.59 15.42
CA ARG G 110 36.08 71.92 16.01
C ARG G 110 36.77 72.88 15.06
N TYR G 111 36.53 74.17 15.28
CA TYR G 111 37.31 75.20 14.62
C TYR G 111 38.69 75.23 15.25
N PRO G 112 39.70 75.90 14.59
CA PRO G 112 41.01 76.07 15.21
C PRO G 112 41.07 77.14 16.31
N SER G 113 40.06 77.13 17.18
CA SER G 113 40.02 77.99 18.35
C SER G 113 39.47 77.26 19.56
N GLY G 114 39.08 75.99 19.43
CA GLY G 114 38.40 75.26 20.46
C GLY G 114 36.90 75.18 20.29
N GLU G 115 36.31 76.10 19.53
CA GLU G 115 34.86 76.10 19.36
C GLU G 115 34.42 74.97 18.46
N GLU G 116 33.39 74.23 18.91
CA GLU G 116 32.86 73.14 18.13
C GLU G 116 32.12 73.69 16.91
N ARG G 117 32.19 72.94 15.81
CA ARG G 117 31.71 73.44 14.53
C ARG G 117 30.21 73.28 14.36
N CYS G 118 29.60 72.33 15.06
CA CYS G 118 28.19 72.01 14.84
C CYS G 118 27.28 73.13 15.32
N ILE G 119 26.49 73.66 14.41
CA ILE G 119 25.55 74.71 14.70
C ILE G 119 24.11 74.23 14.52
N ALA G 120 23.87 72.96 14.83
CA ALA G 120 22.54 72.44 15.17
C ALA G 120 21.55 72.53 14.01
N CYS G 121 22.03 72.49 12.78
CA CYS G 121 21.15 72.80 11.68
C CYS G 121 20.31 71.63 11.22
N LYS G 122 20.64 70.42 11.69
CA LYS G 122 19.88 69.18 11.46
C LYS G 122 19.77 68.84 9.97
N LEU G 123 20.80 69.15 9.19
CA LEU G 123 20.88 68.63 7.83
C LEU G 123 21.35 67.18 7.83
N CYS G 124 22.21 66.83 8.78
CA CYS G 124 22.79 65.50 8.79
C CYS G 124 21.79 64.44 9.22
N GLU G 125 20.85 64.78 10.10
CA GLU G 125 19.79 63.83 10.39
C GLU G 125 18.63 63.92 9.42
N ALA G 126 18.53 65.00 8.65
CA ALA G 126 17.54 65.06 7.59
C ALA G 126 17.95 64.18 6.43
N VAL G 127 19.25 64.11 6.14
CA VAL G 127 19.71 63.34 4.99
C VAL G 127 20.07 61.91 5.36
N CYS G 128 20.19 61.59 6.65
CA CYS G 128 20.63 60.28 7.14
C CYS G 128 19.69 59.18 6.68
N PRO G 129 20.15 58.29 5.79
CA PRO G 129 19.23 57.33 5.17
C PRO G 129 18.79 56.25 6.12
N ALA G 130 19.47 56.07 7.24
CA ALA G 130 19.07 55.10 8.24
C ALA G 130 18.35 55.73 9.42
N GLN G 131 18.25 57.06 9.42
CA GLN G 131 17.83 57.87 10.57
C GLN G 131 18.63 57.50 11.83
N ALA G 132 19.93 57.37 11.65
CA ALA G 132 20.78 57.02 12.77
C ALA G 132 21.12 58.22 13.64
N ILE G 133 20.83 59.44 13.19
CA ILE G 133 21.23 60.64 13.89
C ILE G 133 20.01 61.23 14.60
N THR G 134 20.16 61.52 15.89
CA THR G 134 19.14 62.18 16.70
C THR G 134 19.77 63.44 17.28
N ILE G 135 19.14 64.58 17.02
CA ILE G 135 19.66 65.87 17.45
C ILE G 135 18.58 66.62 18.20
N GLU G 136 18.90 67.09 19.40
CA GLU G 136 18.15 68.15 20.06
C GLU G 136 19.07 69.34 20.24
N ALA G 137 18.49 70.53 20.35
CA ALA G 137 19.29 71.73 20.36
C ALA G 137 18.61 72.83 21.16
N GLU G 138 19.40 73.79 21.62
CA GLU G 138 18.91 74.99 22.27
C GLU G 138 20.01 76.04 22.22
N PRO G 139 19.68 77.32 22.40
CA PRO G 139 20.74 78.31 22.57
C PRO G 139 21.44 78.12 23.90
N ARG G 140 22.77 78.01 23.86
CA ARG G 140 23.52 77.82 25.08
C ARG G 140 23.72 79.17 25.76
N ALA G 141 24.56 79.20 26.81
CA ALA G 141 24.59 80.31 27.75
C ALA G 141 25.10 81.61 27.16
N ASP G 142 25.79 81.58 26.00
CA ASP G 142 26.18 82.81 25.33
C ASP G 142 25.34 83.09 24.09
N GLY G 143 24.21 82.42 23.94
CA GLY G 143 23.30 82.67 22.84
C GLY G 143 23.64 81.97 21.55
N SER G 144 24.60 81.05 21.56
CA SER G 144 25.02 80.39 20.34
C SER G 144 24.09 79.23 19.99
N ARG G 145 23.81 79.07 18.70
CA ARG G 145 23.02 77.95 18.21
C ARG G 145 23.88 76.71 18.26
N ARG G 146 23.72 75.90 19.31
CA ARG G 146 24.51 74.69 19.50
C ARG G 146 23.59 73.54 19.88
N THR G 147 24.13 72.33 19.82
CA THR G 147 23.38 71.14 20.17
C THR G 147 23.55 70.79 21.64
N THR G 148 22.50 70.20 22.21
CA THR G 148 22.60 69.52 23.49
C THR G 148 22.64 68.02 23.34
N ARG G 149 21.86 67.48 22.40
CA ARG G 149 21.93 66.09 22.01
C ARG G 149 22.54 66.00 20.62
N TYR G 150 23.46 65.07 20.45
CA TYR G 150 23.89 64.69 19.11
C TYR G 150 24.20 63.21 19.21
N ASP G 151 23.21 62.38 18.90
CA ASP G 151 23.36 60.94 18.96
C ASP G 151 23.57 60.39 17.56
N ILE G 152 24.44 59.40 17.44
CA ILE G 152 24.53 58.58 16.25
C ILE G 152 24.53 57.13 16.67
N ASP G 153 23.50 56.39 16.29
CA ASP G 153 23.45 54.96 16.53
C ASP G 153 24.32 54.32 15.47
N MET G 154 25.52 53.88 15.87
CA MET G 154 26.47 53.28 14.93
C MET G 154 26.02 51.90 14.47
N THR G 155 25.02 51.32 15.12
CA THR G 155 24.41 50.07 14.68
C THR G 155 23.24 50.28 13.74
N LYS G 156 22.77 51.52 13.59
CA LYS G 156 21.89 51.85 12.48
C LYS G 156 22.67 52.39 11.30
N CYS G 157 23.82 53.02 11.57
CA CYS G 157 24.58 53.77 10.57
C CYS G 157 25.07 52.87 9.44
N ILE G 158 24.90 53.36 8.21
CA ILE G 158 25.28 52.61 7.02
C ILE G 158 26.56 53.11 6.42
N TYR G 159 27.20 54.10 7.06
CA TYR G 159 28.57 54.52 6.78
C TYR G 159 28.73 55.01 5.36
N CYS G 160 27.72 55.72 4.88
CA CYS G 160 27.70 56.20 3.51
C CYS G 160 28.16 57.65 3.41
N GLY G 161 28.34 58.34 4.53
CA GLY G 161 28.92 59.65 4.50
C GLY G 161 28.04 60.73 3.95
N PHE G 162 26.72 60.56 3.99
CA PHE G 162 25.86 61.64 3.54
C PHE G 162 25.84 62.76 4.57
N CYS G 163 26.10 62.44 5.83
CA CYS G 163 26.14 63.46 6.87
C CYS G 163 27.36 64.36 6.72
N GLN G 164 28.51 63.80 6.36
CA GLN G 164 29.69 64.65 6.20
C GLN G 164 29.65 65.45 4.92
N GLU G 165 28.88 65.03 3.93
CA GLU G 165 28.77 65.80 2.71
C GLU G 165 27.59 66.75 2.73
N ALA G 166 26.67 66.56 3.68
CA ALA G 166 25.58 67.52 3.89
C ALA G 166 25.93 68.60 4.89
N CYS G 167 26.96 68.39 5.70
CA CYS G 167 27.28 69.33 6.76
C CYS G 167 27.88 70.59 6.15
N PRO G 168 27.26 71.76 6.33
CA PRO G 168 27.77 72.97 5.69
C PRO G 168 29.02 73.51 6.34
N VAL G 169 29.37 73.06 7.55
CA VAL G 169 30.45 73.63 8.32
C VAL G 169 31.52 72.60 8.64
N ASP G 170 31.47 71.43 8.00
CA ASP G 170 32.43 70.32 8.16
C ASP G 170 32.49 69.82 9.61
N ALA G 171 31.37 69.88 10.33
CA ALA G 171 31.37 69.45 11.73
C ALA G 171 31.38 67.93 11.84
N ILE G 172 30.33 67.28 11.37
CA ILE G 172 30.32 65.83 11.38
C ILE G 172 31.17 65.33 10.23
N VAL G 173 32.11 64.44 10.55
CA VAL G 173 32.92 63.79 9.56
C VAL G 173 32.91 62.31 9.87
N GLU G 174 33.50 61.56 8.97
CA GLU G 174 33.58 60.12 9.12
C GLU G 174 35.06 59.78 8.96
N GLY G 175 35.70 59.51 10.07
CA GLY G 175 37.14 59.49 10.13
C GLY G 175 37.74 58.22 9.58
N PRO G 176 39.05 58.09 9.76
CA PRO G 176 39.76 56.90 9.28
C PRO G 176 39.61 55.68 10.15
N ASN G 177 39.09 55.84 11.38
CA ASN G 177 39.08 54.73 12.32
C ASN G 177 38.05 53.69 11.92
N PHE G 178 38.51 52.46 11.77
CA PHE G 178 37.64 51.32 11.55
C PHE G 178 37.84 50.24 12.61
N GLU G 179 38.82 50.42 13.48
CA GLU G 179 39.14 49.45 14.52
C GLU G 179 38.51 49.88 15.85
N PHE G 180 37.19 49.84 15.88
CA PHE G 180 36.43 50.29 17.05
C PHE G 180 35.32 49.30 17.36
N SER G 181 35.61 48.00 17.19
CA SER G 181 34.69 46.96 17.60
C SER G 181 34.56 46.93 19.11
N THR G 182 33.34 46.78 19.59
CA THR G 182 33.05 46.79 21.02
C THR G 182 32.67 45.39 21.47
N GLU G 183 32.42 45.25 22.77
CA GLU G 183 31.95 44.00 23.33
C GLU G 183 30.49 44.04 23.74
N THR G 184 29.86 45.20 23.66
CA THR G 184 28.49 45.38 24.12
C THR G 184 27.76 46.21 23.07
N HIS G 185 26.45 45.99 22.94
CA HIS G 185 25.68 46.66 21.90
C HIS G 185 25.56 48.15 22.18
N GLU G 186 25.33 48.54 23.42
CA GLU G 186 25.13 49.96 23.71
C GLU G 186 26.42 50.77 23.68
N GLU G 187 27.58 50.13 23.60
CA GLU G 187 28.81 50.90 23.44
C GLU G 187 28.93 51.50 22.05
N LEU G 188 28.15 51.02 21.09
CA LEU G 188 28.09 51.56 19.75
C LEU G 188 26.92 52.52 19.55
N LEU G 189 26.45 53.15 20.63
CA LEU G 189 25.38 54.14 20.57
C LEU G 189 26.00 55.43 21.08
N TYR G 190 26.55 56.23 20.17
CA TYR G 190 27.41 57.34 20.55
C TYR G 190 26.57 58.58 20.85
N ASN G 191 26.86 59.25 21.96
CA ASN G 191 26.28 60.54 22.23
C ASN G 191 27.24 61.63 21.79
N LYS G 192 26.93 62.88 22.14
CA LYS G 192 27.77 64.00 21.71
C LYS G 192 29.15 63.97 22.36
N GLU G 193 29.23 63.49 23.60
CA GLU G 193 30.51 63.48 24.29
C GLU G 193 31.47 62.46 23.67
N LYS G 194 30.95 61.30 23.25
CA LYS G 194 31.76 60.31 22.57
C LYS G 194 32.25 60.82 21.22
N LEU G 195 31.39 61.52 20.48
CA LEU G 195 31.80 61.99 19.17
C LEU G 195 32.74 63.19 19.26
N LEU G 196 32.58 64.03 20.28
CA LEU G 196 33.55 65.09 20.52
C LEU G 196 34.88 64.52 20.98
N ASN G 197 34.87 63.43 21.73
CA ASN G 197 36.13 62.78 22.08
C ASN G 197 36.77 62.09 20.90
N ASN G 198 35.98 61.55 19.98
CA ASN G 198 36.54 61.02 18.74
C ASN G 198 37.13 62.13 17.88
N GLY G 199 36.49 63.30 17.86
CA GLY G 199 37.05 64.43 17.15
C GLY G 199 38.35 64.92 17.75
N ASP G 200 38.39 65.06 19.08
CA ASP G 200 39.62 65.49 19.75
C ASP G 200 40.70 64.41 19.68
N LYS G 201 40.29 63.15 19.53
CA LYS G 201 41.23 62.05 19.40
C LYS G 201 41.87 62.04 18.01
N TRP G 202 41.05 62.16 16.97
CA TRP G 202 41.49 61.94 15.60
C TRP G 202 41.59 63.23 14.80
N GLU G 203 41.62 64.40 15.45
CA GLU G 203 41.63 65.65 14.72
C GLU G 203 42.90 65.84 13.91
N ALA G 204 44.05 65.42 14.47
CA ALA G 204 45.35 65.54 13.81
C ALA G 204 45.46 64.70 12.54
N GLU G 205 44.49 63.83 12.28
CA GLU G 205 44.43 63.00 11.09
C GLU G 205 43.26 63.34 10.17
N ILE G 206 42.10 63.62 10.77
CA ILE G 206 40.92 64.02 10.01
C ILE G 206 41.17 65.35 9.30
N ALA G 207 41.89 66.27 9.95
CA ALA G 207 42.21 67.55 9.33
C ALA G 207 43.11 67.37 8.10
N ALA G 208 44.04 66.42 8.16
CA ALA G 208 44.90 66.18 7.01
C ALA G 208 44.20 65.41 5.90
N ASN G 209 43.27 64.52 6.25
CA ASN G 209 42.46 63.87 5.22
C ASN G 209 41.56 64.86 4.50
N ILE G 210 40.91 65.76 5.24
CA ILE G 210 40.08 66.79 4.60
C ILE G 210 40.96 67.76 3.80
N GLN G 211 42.17 68.04 4.27
CA GLN G 211 43.10 68.86 3.51
C GLN G 211 43.51 68.19 2.21
N ALA G 212 43.71 66.87 2.24
CA ALA G 212 44.09 66.15 1.02
C ALA G 212 42.92 65.97 0.06
N ASP G 213 41.68 66.02 0.55
CA ASP G 213 40.55 65.62 -0.29
C ASP G 213 39.57 66.72 -0.66
N TYR G 214 39.55 67.85 0.06
CA TYR G 214 38.44 68.80 0.00
C TYR G 214 38.29 69.49 -1.35
N LEU G 215 39.34 69.53 -2.16
CA LEU G 215 39.23 70.12 -3.49
C LEU G 215 38.47 69.25 -4.47
N TYR G 216 38.24 67.98 -4.13
CA TYR G 216 37.35 67.14 -4.92
C TYR G 216 35.90 67.30 -4.53
N ARG G 217 35.61 68.13 -3.52
CA ARG G 217 34.27 68.22 -2.96
C ARG G 217 33.62 69.55 -3.32
N MET H 1 54.01 -13.92 18.59
CA MET H 1 53.96 -13.40 19.95
C MET H 1 54.37 -11.94 19.94
N ASN H 2 55.36 -11.61 19.12
CA ASN H 2 55.67 -10.21 18.86
C ASN H 2 54.50 -9.52 18.17
N LEU H 3 53.84 -10.23 17.26
CA LEU H 3 52.67 -9.69 16.59
C LEU H 3 51.51 -9.48 17.56
N MET H 4 51.31 -10.42 18.49
CA MET H 4 50.21 -10.29 19.43
C MET H 4 50.48 -9.18 20.45
N ILE H 5 51.74 -9.01 20.85
CA ILE H 5 52.12 -7.88 21.71
C ILE H 5 51.92 -6.55 20.97
N THR H 6 52.24 -6.52 19.68
CA THR H 6 52.07 -5.28 18.91
C THR H 6 50.60 -4.94 18.71
N LEU H 7 49.78 -5.94 18.40
CA LEU H 7 48.35 -5.73 18.26
C LEU H 7 47.70 -5.34 19.57
N LEU H 8 48.17 -5.92 20.68
CA LEU H 8 47.62 -5.57 21.98
C LEU H 8 48.00 -4.14 22.37
N THR H 9 49.22 -3.72 22.01
CA THR H 9 49.65 -2.34 22.25
C THR H 9 48.86 -1.35 21.40
N ASN H 10 48.60 -1.70 20.13
CA ASN H 10 47.85 -0.80 19.26
C ASN H 10 46.40 -0.70 19.68
N PHE H 11 45.77 -1.83 20.03
CA PHE H 11 44.41 -1.81 20.55
C PHE H 11 44.32 -1.08 21.89
N THR H 12 45.34 -1.20 22.73
CA THR H 12 45.33 -0.51 24.02
C THR H 12 45.51 0.99 23.84
N LEU H 13 46.37 1.42 22.90
CA LEU H 13 46.54 2.84 22.64
C LEU H 13 45.28 3.43 22.01
N ALA H 14 44.61 2.66 21.14
CA ALA H 14 43.35 3.11 20.55
C ALA H 14 42.26 3.26 21.61
N THR H 15 42.13 2.26 22.49
CA THR H 15 41.13 2.32 23.56
C THR H 15 41.46 3.43 24.55
N LEU H 16 42.74 3.69 24.80
CA LEU H 16 43.14 4.76 25.70
C LEU H 16 42.82 6.13 25.12
N LEU H 17 43.06 6.32 23.82
CA LEU H 17 42.74 7.62 23.21
C LEU H 17 41.24 7.82 23.09
N VAL H 18 40.47 6.75 22.86
CA VAL H 18 39.02 6.87 22.85
C VAL H 18 38.48 7.17 24.24
N THR H 19 39.09 6.58 25.27
CA THR H 19 38.69 6.84 26.66
C THR H 19 39.00 8.29 27.05
N ILE H 20 40.14 8.81 26.58
CA ILE H 20 40.45 10.23 26.78
C ILE H 20 39.41 11.10 26.07
N ALA H 21 39.19 10.86 24.78
CA ALA H 21 38.31 11.72 23.99
C ALA H 21 36.83 11.58 24.36
N PHE H 22 36.45 10.59 25.17
CA PHE H 22 35.11 10.56 25.73
C PHE H 22 35.03 11.00 27.19
N TRP H 23 36.13 11.04 27.92
CA TRP H 23 36.07 11.46 29.31
C TRP H 23 36.75 12.79 29.60
N LEU H 24 37.74 13.19 28.80
CA LEU H 24 38.35 14.52 29.00
C LEU H 24 37.42 15.70 28.71
N PRO H 25 36.56 15.73 27.68
CA PRO H 25 35.61 16.84 27.58
C PRO H 25 34.43 16.77 28.54
N GLN H 26 34.44 15.87 29.51
CA GLN H 26 33.45 15.86 30.58
C GLN H 26 33.99 16.52 31.85
N LEU H 27 35.29 16.79 31.91
CA LEU H 27 35.88 17.47 33.06
C LEU H 27 35.39 18.91 33.17
N ASN H 28 35.43 19.65 32.07
CA ASN H 28 34.79 20.96 32.02
C ASN H 28 33.28 20.76 32.07
N VAL H 29 32.70 21.02 33.24
CA VAL H 29 31.27 20.83 33.45
C VAL H 29 30.52 21.89 32.66
N TYR H 30 29.85 21.46 31.60
CA TYR H 30 29.08 22.40 30.79
C TYR H 30 27.69 22.54 31.37
N SER H 31 26.82 23.25 30.66
CA SER H 31 25.43 23.37 31.07
C SER H 31 24.69 22.10 30.70
N GLU H 32 23.44 22.01 31.15
CA GLU H 32 22.55 20.91 30.78
C GLU H 32 21.69 21.39 29.63
N LYS H 33 21.96 20.89 28.44
CA LYS H 33 21.28 21.36 27.22
C LYS H 33 19.87 20.78 27.17
N THR H 34 18.87 21.67 27.27
CA THR H 34 17.47 21.29 27.36
C THR H 34 16.67 21.60 26.11
N SER H 35 16.88 22.78 25.51
CA SER H 35 16.14 23.30 24.36
C SER H 35 16.25 22.39 23.14
N PRO H 36 15.14 21.75 22.71
CA PRO H 36 15.15 20.83 21.57
C PRO H 36 15.29 21.53 20.23
N ARG H 48 11.75 4.23 7.83
CA ARG H 48 12.78 3.47 7.16
C ARG H 48 13.40 4.29 6.02
N LEU H 49 14.71 4.14 5.85
CA LEU H 49 15.42 4.82 4.77
C LEU H 49 14.97 4.29 3.41
N PRO H 50 14.97 5.13 2.38
CA PRO H 50 14.57 4.65 1.03
C PRO H 50 15.58 3.68 0.46
N PHE H 51 15.11 2.50 0.11
CA PHE H 51 15.99 1.47 -0.42
C PHE H 51 16.36 1.78 -1.86
N SER H 52 17.66 1.68 -2.18
CA SER H 52 18.14 1.88 -3.53
C SER H 52 18.67 0.55 -4.06
N MET H 53 18.18 0.14 -5.23
CA MET H 53 18.66 -1.10 -5.84
C MET H 53 20.10 -0.97 -6.30
N LYS H 54 20.54 0.24 -6.64
CA LYS H 54 21.87 0.44 -7.21
C LYS H 54 22.96 0.27 -6.17
N PHE H 55 22.70 0.69 -4.93
CA PHE H 55 23.66 0.52 -3.85
C PHE H 55 23.88 -0.95 -3.54
N PHE H 56 22.79 -1.72 -3.48
CA PHE H 56 22.92 -3.15 -3.25
C PHE H 56 23.58 -3.85 -4.44
N LEU H 57 23.30 -3.38 -5.66
CA LEU H 57 23.92 -4.01 -6.82
C LEU H 57 25.41 -3.72 -6.91
N VAL H 58 25.85 -2.54 -6.51
CA VAL H 58 27.30 -2.28 -6.53
C VAL H 58 27.98 -3.03 -5.38
N ALA H 59 27.26 -3.27 -4.28
CA ALA H 59 27.82 -4.09 -3.21
C ALA H 59 27.97 -5.56 -3.62
N ILE H 60 26.97 -6.12 -4.30
CA ILE H 60 27.06 -7.50 -4.75
C ILE H 60 28.08 -7.62 -5.89
N THR H 61 28.20 -6.58 -6.72
CA THR H 61 29.20 -6.59 -7.78
C THR H 61 30.60 -6.58 -7.20
N PHE H 62 30.81 -5.80 -6.12
CA PHE H 62 32.04 -5.88 -5.36
C PHE H 62 32.29 -7.27 -4.81
N LEU H 63 31.27 -7.89 -4.22
CA LEU H 63 31.47 -9.19 -3.58
C LEU H 63 31.80 -10.27 -4.60
N LEU H 64 31.14 -10.25 -5.75
CA LEU H 64 31.40 -11.24 -6.79
C LEU H 64 32.79 -11.03 -7.41
N PHE H 65 33.16 -9.79 -7.69
CA PHE H 65 34.48 -9.57 -8.26
C PHE H 65 35.58 -9.75 -7.23
N ASP H 66 35.26 -9.61 -5.94
CA ASP H 66 36.21 -9.90 -4.90
C ASP H 66 36.42 -11.40 -4.73
N LEU H 67 35.38 -12.20 -4.98
CA LEU H 67 35.58 -13.65 -5.05
C LEU H 67 36.43 -14.04 -6.25
N GLU H 68 36.26 -13.34 -7.37
CA GLU H 68 37.13 -13.58 -8.53
C GLU H 68 38.57 -13.14 -8.25
N ILE H 69 38.75 -12.07 -7.46
CA ILE H 69 40.07 -11.68 -6.99
C ILE H 69 40.65 -12.75 -6.07
N ALA H 70 39.81 -13.32 -5.19
CA ALA H 70 40.24 -14.41 -4.31
C ALA H 70 40.70 -15.62 -5.08
N LEU H 71 40.13 -15.86 -6.26
CA LEU H 71 40.72 -16.86 -7.15
C LEU H 71 42.04 -16.37 -7.74
N LEU H 72 42.17 -15.07 -8.03
CA LEU H 72 43.39 -14.57 -8.65
C LEU H 72 44.57 -14.45 -7.71
N LEU H 73 44.37 -14.50 -6.40
CA LEU H 73 45.44 -14.21 -5.44
C LEU H 73 46.65 -15.15 -5.37
N PRO H 74 46.56 -16.48 -5.65
CA PRO H 74 47.81 -17.26 -5.69
C PRO H 74 48.64 -17.17 -6.97
N LEU H 75 48.44 -16.16 -7.82
CA LEU H 75 49.24 -16.05 -9.04
C LEU H 75 50.75 -15.81 -8.87
N PRO H 76 51.26 -14.96 -7.97
CA PRO H 76 52.73 -14.84 -7.85
C PRO H 76 53.42 -16.10 -7.39
N TRP H 77 52.70 -17.00 -6.73
CA TRP H 77 53.23 -18.32 -6.42
C TRP H 77 53.03 -19.28 -7.58
N ALA H 78 51.92 -19.14 -8.31
CA ALA H 78 51.62 -20.05 -9.40
C ALA H 78 52.50 -19.82 -10.62
N SER H 79 53.18 -18.67 -10.70
CA SER H 79 54.15 -18.47 -11.77
C SER H 79 55.36 -19.39 -11.65
N GLN H 80 55.63 -19.93 -10.46
CA GLN H 80 56.79 -20.76 -10.20
C GLN H 80 56.62 -22.20 -10.66
N THR H 81 55.49 -22.55 -11.26
CA THR H 81 55.20 -23.93 -11.57
C THR H 81 55.99 -24.41 -12.79
N THR H 82 55.92 -25.71 -13.01
CA THR H 82 56.54 -26.34 -14.16
C THR H 82 55.53 -26.60 -15.28
N ASN H 83 54.24 -26.48 -14.98
CA ASN H 83 53.21 -26.66 -15.99
C ASN H 83 52.71 -25.28 -16.46
N LEU H 84 53.62 -24.55 -17.13
CA LEU H 84 53.39 -23.14 -17.40
C LEU H 84 52.33 -22.90 -18.47
N ASN H 85 52.15 -23.83 -19.40
CA ASN H 85 51.11 -23.64 -20.42
C ASN H 85 49.73 -23.74 -19.79
N THR H 86 49.53 -24.76 -18.95
CA THR H 86 48.30 -24.91 -18.19
C THR H 86 48.07 -23.73 -17.26
N MET H 87 49.12 -23.31 -16.55
CA MET H 87 48.99 -22.22 -15.58
C MET H 87 48.68 -20.90 -16.27
N LEU H 88 49.36 -20.60 -17.38
CA LEU H 88 49.10 -19.37 -18.12
C LEU H 88 47.71 -19.38 -18.72
N THR H 89 47.26 -20.54 -19.20
CA THR H 89 45.91 -20.66 -19.74
C THR H 89 44.85 -20.41 -18.68
N MET H 90 45.02 -21.00 -17.49
CA MET H 90 44.01 -20.81 -16.46
C MET H 90 44.07 -19.43 -15.82
N ALA H 91 45.25 -18.80 -15.79
CA ALA H 91 45.37 -17.45 -15.28
C ALA H 91 44.67 -16.45 -16.21
N LEU H 92 45.00 -16.52 -17.51
CA LEU H 92 44.32 -15.65 -18.47
C LEU H 92 42.83 -15.98 -18.57
N LEU H 93 42.45 -17.23 -18.29
CA LEU H 93 41.04 -17.59 -18.30
C LEU H 93 40.30 -17.00 -17.10
N LEU H 94 40.94 -16.96 -15.93
CA LEU H 94 40.28 -16.32 -14.78
C LEU H 94 40.15 -14.81 -14.96
N ILE H 95 41.20 -14.17 -15.49
CA ILE H 95 41.09 -12.73 -15.71
C ILE H 95 40.10 -12.44 -16.84
N PHE H 96 40.00 -13.35 -17.81
CA PHE H 96 39.00 -13.22 -18.86
C PHE H 96 37.59 -13.42 -18.34
N LEU H 97 37.39 -14.33 -17.36
CA LEU H 97 36.07 -14.48 -16.77
C LEU H 97 35.70 -13.30 -15.91
N LEU H 98 36.69 -12.65 -15.27
CA LEU H 98 36.41 -11.42 -14.55
C LEU H 98 36.03 -10.31 -15.53
N ALA H 99 36.68 -10.28 -16.69
CA ALA H 99 36.34 -9.29 -17.72
C ALA H 99 34.97 -9.55 -18.35
N VAL H 100 34.60 -10.82 -18.54
CA VAL H 100 33.29 -11.14 -19.08
C VAL H 100 32.20 -10.87 -18.05
N SER H 101 32.50 -11.07 -16.77
CA SER H 101 31.58 -10.67 -15.72
C SER H 101 31.36 -9.16 -15.72
N LEU H 102 32.43 -8.39 -15.93
CA LEU H 102 32.29 -6.95 -16.06
C LEU H 102 31.55 -6.55 -17.33
N ALA H 103 31.74 -7.29 -18.42
CA ALA H 103 31.06 -6.95 -19.67
C ALA H 103 29.57 -7.24 -19.59
N TYR H 104 29.19 -8.35 -18.95
CA TYR H 104 27.77 -8.61 -18.74
C TYR H 104 27.17 -7.63 -17.73
N GLU H 105 27.96 -7.19 -16.76
CA GLU H 105 27.50 -6.16 -15.84
C GLU H 105 27.35 -4.82 -16.55
N TRP H 106 28.14 -4.59 -17.60
CA TRP H 106 28.00 -3.40 -18.41
C TRP H 106 26.72 -3.45 -19.23
N THR H 107 26.64 -4.41 -20.15
CA THR H 107 25.79 -4.29 -21.32
C THR H 107 24.32 -4.58 -21.05
N GLN H 108 23.97 -5.12 -19.89
CA GLN H 108 22.58 -5.29 -19.50
C GLN H 108 22.12 -4.18 -18.56
N LYS H 109 22.82 -3.04 -18.59
CA LYS H 109 22.54 -1.84 -17.80
C LYS H 109 22.59 -2.10 -16.30
N GLY H 110 23.58 -2.89 -15.87
CA GLY H 110 23.79 -3.08 -14.45
C GLY H 110 24.56 -1.97 -13.79
N LEU H 111 25.51 -1.39 -14.52
CA LEU H 111 26.32 -0.28 -14.01
C LEU H 111 25.72 1.06 -14.43
N GLU H 112 24.54 1.36 -13.91
CA GLU H 112 23.83 2.58 -14.31
C GLU H 112 23.49 3.42 -13.09
N TRP H 113 23.85 4.72 -13.17
CA TRP H 113 23.66 5.80 -12.20
C TRP H 113 24.56 5.64 -10.96
N THR H 114 25.21 4.48 -10.85
CA THR H 114 26.50 4.29 -10.21
C THR H 114 27.27 3.51 -11.26
N GLU H 115 27.83 4.22 -12.25
CA GLU H 115 28.42 3.57 -13.42
C GLU H 115 29.77 2.95 -13.13
N MET I 1 62.48 -4.83 25.28
CA MET I 1 63.18 -4.09 24.24
C MET I 1 62.32 -4.00 22.99
N PHE I 2 61.49 -5.02 22.77
CA PHE I 2 60.59 -5.00 21.63
C PHE I 2 59.46 -3.99 21.83
N MET I 3 59.00 -3.80 23.07
CA MET I 3 57.99 -2.79 23.35
C MET I 3 58.51 -1.39 23.09
N ILE I 4 59.82 -1.17 23.30
CA ILE I 4 60.46 0.08 22.93
C ILE I 4 60.36 0.29 21.42
N ASN I 5 60.52 -0.78 20.64
CA ASN I 5 60.41 -0.67 19.19
C ASN I 5 58.98 -0.39 18.77
N VAL I 6 58.01 -0.99 19.45
CA VAL I 6 56.59 -0.73 19.15
C VAL I 6 56.23 0.72 19.46
N LEU I 7 56.73 1.26 20.58
CA LEU I 7 56.44 2.65 20.92
C LEU I 7 57.15 3.63 20.00
N THR I 8 58.40 3.35 19.62
CA THR I 8 59.09 4.20 18.66
C THR I 8 58.54 4.06 17.25
N LEU I 9 57.72 3.04 16.98
CA LEU I 9 56.86 3.09 15.80
C LEU I 9 55.67 4.00 16.04
N ILE I 10 54.84 3.67 17.03
CA ILE I 10 53.47 4.19 17.03
C ILE I 10 53.30 5.58 17.61
N ILE I 11 54.25 6.07 18.42
CA ILE I 11 54.17 7.46 18.87
C ILE I 11 54.66 8.44 17.79
N PRO I 12 55.77 8.20 17.06
CA PRO I 12 56.07 9.08 15.93
C PRO I 12 55.07 9.01 14.79
N ILE I 13 54.28 7.94 14.66
CA ILE I 13 53.14 7.94 13.75
C ILE I 13 52.17 9.05 14.14
N LEU I 14 51.84 9.13 15.43
CA LEU I 14 50.89 10.14 15.89
C LEU I 14 51.46 11.55 15.78
N LEU I 15 52.77 11.70 16.00
CA LEU I 15 53.39 13.02 15.83
C LEU I 15 53.44 13.44 14.37
N ALA I 16 53.71 12.48 13.47
CA ALA I 16 53.72 12.79 12.03
C ALA I 16 52.32 13.11 11.54
N VAL I 17 51.31 12.45 12.10
CA VAL I 17 49.92 12.76 11.77
C VAL I 17 49.55 14.16 12.26
N ALA I 18 50.02 14.52 13.46
CA ALA I 18 49.76 15.85 14.00
C ALA I 18 50.37 16.94 13.13
N PHE I 19 51.59 16.74 12.67
CA PHE I 19 52.21 17.76 11.85
C PHE I 19 51.86 17.65 10.37
N LEU I 20 51.21 16.56 9.94
CA LEU I 20 50.64 16.56 8.59
C LEU I 20 49.51 17.56 8.45
N THR I 21 48.79 17.83 9.54
CA THR I 21 47.76 18.87 9.53
C THR I 21 48.37 20.24 9.26
N LEU I 22 49.49 20.52 9.92
CA LEU I 22 50.21 21.77 9.69
C LEU I 22 50.78 21.84 8.28
N VAL I 23 51.39 20.76 7.81
CA VAL I 23 51.95 20.74 6.45
C VAL I 23 50.85 20.89 5.40
N GLU I 24 49.68 20.31 5.67
CA GLU I 24 48.55 20.46 4.76
C GLU I 24 48.05 21.89 4.71
N ARG I 25 47.85 22.51 5.88
CA ARG I 25 47.36 23.89 5.91
C ARG I 25 48.37 24.86 5.32
N LYS I 26 49.66 24.61 5.53
CA LYS I 26 50.68 25.50 4.96
C LYS I 26 50.81 25.32 3.44
N VAL I 27 50.84 24.08 2.95
CA VAL I 27 51.04 23.85 1.52
C VAL I 27 49.78 24.22 0.73
N LEU I 28 48.60 23.94 1.28
CA LEU I 28 47.39 24.49 0.69
C LEU I 28 47.31 26.00 0.84
N GLY I 29 47.99 26.59 1.82
CA GLY I 29 48.06 28.03 1.90
C GLY I 29 48.88 28.64 0.77
N TYR I 30 50.10 28.15 0.59
CA TYR I 30 50.95 28.78 -0.42
C TYR I 30 50.51 28.44 -1.83
N MET I 31 49.88 27.30 -2.04
CA MET I 31 49.29 27.00 -3.34
C MET I 31 48.02 27.80 -3.61
N GLN I 32 47.43 28.42 -2.59
CA GLN I 32 46.31 29.32 -2.76
C GLN I 32 46.71 30.78 -2.56
N PHE I 33 47.97 31.10 -2.82
CA PHE I 33 48.53 32.46 -2.85
C PHE I 33 48.45 33.14 -1.48
N ARG I 34 48.25 32.37 -0.42
CA ARG I 34 48.16 32.90 0.94
C ARG I 34 49.19 32.18 1.79
N LYS I 35 49.09 32.34 3.10
CA LYS I 35 49.92 31.59 4.04
C LYS I 35 49.05 30.65 4.84
N GLY I 36 49.66 29.59 5.34
CA GLY I 36 49.04 28.79 6.35
C GLY I 36 49.38 29.38 7.71
N PRO I 37 49.23 28.59 8.77
CA PRO I 37 49.45 29.11 10.13
C PRO I 37 50.90 29.51 10.38
N ASN I 38 51.09 30.74 10.85
CA ASN I 38 52.41 31.20 11.27
C ASN I 38 52.38 32.07 12.52
N VAL I 39 51.24 32.18 13.19
CA VAL I 39 51.10 33.00 14.37
C VAL I 39 51.18 32.17 15.66
N VAL I 40 50.59 30.97 15.62
CA VAL I 40 50.38 30.19 16.83
C VAL I 40 51.69 29.65 17.38
N GLY I 41 52.57 29.19 16.50
CA GLY I 41 53.91 28.85 16.90
C GLY I 41 54.92 29.63 16.09
N PRO I 42 56.21 29.43 16.37
CA PRO I 42 57.23 29.89 15.42
C PRO I 42 57.10 29.13 14.12
N TYR I 43 56.79 29.86 13.04
CA TYR I 43 56.44 29.35 11.71
C TYR I 43 55.20 28.46 11.75
N GLY I 44 54.35 28.61 12.77
CA GLY I 44 53.15 27.83 12.93
C GLY I 44 53.32 26.47 13.55
N LEU I 45 54.47 26.19 14.18
CA LEU I 45 54.76 24.84 14.64
C LEU I 45 53.95 24.44 15.86
N LEU I 46 53.31 25.38 16.57
CA LEU I 46 52.45 25.04 17.69
C LEU I 46 50.98 25.04 17.32
N GLN I 47 50.66 25.14 16.03
CA GLN I 47 49.28 24.97 15.58
C GLN I 47 48.70 23.57 15.85
N PRO I 48 49.38 22.43 15.57
CA PRO I 48 48.73 21.14 15.87
C PRO I 48 48.53 20.88 17.35
N ILE I 49 49.43 21.35 18.21
CA ILE I 49 49.28 21.15 19.64
C ILE I 49 48.09 21.93 20.17
N ALA I 50 47.98 23.20 19.76
CA ALA I 50 46.84 24.04 20.13
C ALA I 50 45.53 23.46 19.62
N ASP I 51 45.53 22.94 18.40
CA ASP I 51 44.30 22.44 17.81
C ASP I 51 43.89 21.12 18.46
N ALA I 52 44.85 20.29 18.85
CA ALA I 52 44.52 19.03 19.51
C ALA I 52 44.01 19.26 20.94
N ILE I 53 44.60 20.23 21.65
CA ILE I 53 44.09 20.56 22.98
C ILE I 53 42.70 21.20 22.87
N LYS I 54 42.44 21.94 21.79
CA LYS I 54 41.11 22.51 21.58
C LYS I 54 40.08 21.42 21.32
N LEU I 55 40.41 20.46 20.44
CA LEU I 55 39.46 19.42 20.10
C LEU I 55 39.24 18.43 21.23
N PHE I 56 40.24 18.26 22.10
CA PHE I 56 40.09 17.29 23.18
C PHE I 56 39.32 17.82 24.38
N ILE I 57 38.98 19.09 24.43
CA ILE I 57 38.15 19.64 25.50
C ILE I 57 36.86 20.25 24.99
N LYS I 58 36.65 20.27 23.67
CA LYS I 58 35.38 20.70 23.09
C LYS I 58 34.29 19.69 23.42
N GLU I 59 33.08 20.20 23.67
CA GLU I 59 31.97 19.43 24.20
C GLU I 59 31.55 18.31 23.23
N PRO I 60 31.17 17.13 23.75
CA PRO I 60 30.50 16.12 22.91
C PRO I 60 29.22 16.69 22.32
N LEU I 61 29.00 16.42 21.02
CA LEU I 61 28.63 17.48 20.09
C LEU I 61 27.30 18.16 20.38
N ARG I 62 26.17 17.70 19.83
CA ARG I 62 24.91 17.80 20.56
C ARG I 62 24.26 16.46 20.94
N PRO I 63 23.96 15.50 19.97
CA PRO I 63 22.98 14.45 20.29
C PRO I 63 23.53 13.16 20.88
N ALA I 64 22.63 12.20 21.09
CA ALA I 64 22.96 10.84 21.50
C ALA I 64 22.88 9.91 20.29
N THR I 65 23.11 8.62 20.50
CA THR I 65 23.41 7.68 19.44
C THR I 65 22.35 6.58 19.38
N SER I 66 22.38 5.84 18.26
CA SER I 66 21.53 4.67 18.12
C SER I 66 22.12 3.47 18.85
N SER I 67 23.35 3.11 18.50
CA SER I 67 24.07 2.03 19.17
C SER I 67 25.26 2.65 19.89
N ILE I 68 25.32 2.44 21.21
CA ILE I 68 26.38 3.04 22.01
C ILE I 68 27.70 2.31 21.77
N SER I 69 27.65 0.98 21.75
CA SER I 69 28.87 0.17 21.69
C SER I 69 29.57 0.32 20.34
N MET I 70 28.82 0.46 19.25
CA MET I 70 29.46 0.69 17.97
C MET I 70 29.96 2.11 17.83
N PHE I 71 29.29 3.04 18.51
CA PHE I 71 29.77 4.42 18.59
C PHE I 71 31.09 4.50 19.34
N ILE I 72 31.33 3.57 20.26
CA ILE I 72 32.64 3.47 20.90
C ILE I 72 33.63 2.72 20.01
N LEU I 73 33.19 1.63 19.37
CA LEU I 73 34.12 0.75 18.65
C LEU I 73 34.58 1.30 17.31
N ALA I 74 33.84 2.21 16.69
CA ALA I 74 34.29 2.73 15.39
C ALA I 74 35.57 3.57 15.47
N PRO I 75 35.76 4.48 16.45
CA PRO I 75 37.10 5.08 16.57
C PRO I 75 38.17 4.11 17.04
N ILE I 76 37.81 3.13 17.89
CA ILE I 76 38.78 2.14 18.34
C ILE I 76 39.27 1.29 17.17
N LEU I 77 38.33 0.84 16.33
CA LEU I 77 38.70 0.05 15.16
C LEU I 77 39.47 0.89 14.14
N ALA I 78 39.07 2.14 13.95
CA ALA I 78 39.76 3.03 13.01
C ALA I 78 41.19 3.29 13.43
N LEU I 79 41.41 3.61 14.72
CA LEU I 79 42.76 3.85 15.20
C LEU I 79 43.59 2.58 15.24
N THR I 80 42.97 1.44 15.58
CA THR I 80 43.69 0.19 15.65
C THR I 80 44.18 -0.25 14.27
N LEU I 81 43.30 -0.16 13.27
CA LEU I 81 43.72 -0.49 11.92
C LEU I 81 44.72 0.51 11.37
N ALA I 82 44.51 1.80 11.65
CA ALA I 82 45.44 2.82 11.15
C ALA I 82 46.81 2.73 11.81
N LEU I 83 46.92 2.11 12.99
CA LEU I 83 48.23 1.87 13.58
C LEU I 83 48.82 0.52 13.22
N THR I 84 47.99 -0.48 12.90
CA THR I 84 48.51 -1.80 12.53
C THR I 84 48.77 -1.96 11.04
N MET I 85 48.51 -0.94 10.23
CA MET I 85 48.90 -1.01 8.83
C MET I 85 50.36 -0.71 8.61
N TRP I 86 51.06 -0.26 9.65
CA TRP I 86 52.45 0.16 9.57
C TRP I 86 53.44 -0.96 9.88
N ILE I 87 53.02 -1.95 10.63
CA ILE I 87 53.94 -2.96 11.17
C ILE I 87 54.60 -3.90 10.16
N PRO I 88 54.10 -4.19 8.96
CA PRO I 88 54.97 -4.91 8.01
C PRO I 88 55.74 -4.01 7.05
N LEU I 89 55.63 -2.70 7.16
CA LEU I 89 56.27 -1.78 6.23
C LEU I 89 57.79 -1.82 6.38
N PRO I 90 58.53 -2.24 5.36
CA PRO I 90 59.98 -2.38 5.50
C PRO I 90 60.65 -1.02 5.29
N MET I 91 61.35 -0.56 6.31
CA MET I 91 61.88 0.78 6.18
C MET I 91 63.23 1.01 6.87
N PRO I 92 64.30 0.27 6.53
CA PRO I 92 64.52 -0.83 5.60
C PRO I 92 64.17 -2.18 6.19
N TYR I 93 63.87 -2.19 7.47
CA TYR I 93 63.47 -3.40 8.17
C TYR I 93 62.09 -3.18 8.74
N PRO I 94 61.16 -4.11 8.56
CA PRO I 94 59.84 -3.95 9.16
C PRO I 94 59.85 -4.35 10.62
N LEU I 95 58.83 -3.85 11.34
CA LEU I 95 58.65 -4.23 12.74
C LEU I 95 58.32 -5.71 12.85
N ILE I 96 57.22 -6.14 12.24
CA ILE I 96 56.84 -7.54 12.18
C ILE I 96 57.16 -7.99 10.76
N ASN I 97 58.30 -8.66 10.60
CA ASN I 97 58.75 -9.14 9.30
C ASN I 97 57.96 -10.40 8.98
N MET I 98 56.82 -10.22 8.33
CA MET I 98 55.94 -11.32 8.01
C MET I 98 56.03 -11.65 6.52
N ASN I 99 55.81 -12.93 6.20
CA ASN I 99 55.97 -13.43 4.85
C ASN I 99 54.89 -12.91 3.91
N LEU I 100 53.77 -12.44 4.44
CA LEU I 100 52.62 -12.03 3.64
C LEU I 100 52.18 -10.63 4.03
N GLY I 101 53.14 -9.71 4.13
CA GLY I 101 52.84 -8.36 4.59
C GLY I 101 51.98 -7.56 3.63
N VAL I 102 52.13 -7.81 2.33
CA VAL I 102 51.29 -7.19 1.32
C VAL I 102 49.84 -7.61 1.51
N LEU I 103 49.62 -8.92 1.61
CA LEU I 103 48.27 -9.45 1.78
C LEU I 103 47.69 -9.06 3.13
N PHE I 104 48.53 -8.97 4.15
CA PHE I 104 48.13 -8.46 5.45
C PHE I 104 47.63 -7.03 5.37
N MET I 105 48.36 -6.17 4.66
CA MET I 105 47.92 -4.79 4.54
C MET I 105 46.66 -4.66 3.71
N LEU I 106 46.54 -5.46 2.64
CA LEU I 106 45.33 -5.42 1.83
C LEU I 106 44.12 -5.90 2.64
N ALA I 107 44.32 -6.90 3.50
CA ALA I 107 43.24 -7.40 4.33
C ALA I 107 42.84 -6.43 5.44
N MET I 108 43.82 -5.85 6.12
CA MET I 108 43.49 -4.89 7.18
C MET I 108 42.95 -3.59 6.62
N SER I 109 43.26 -3.25 5.37
CA SER I 109 42.62 -2.10 4.75
C SER I 109 41.24 -2.44 4.22
N SER I 110 40.99 -3.72 3.91
CA SER I 110 39.63 -4.14 3.63
C SER I 110 38.77 -4.07 4.87
N LEU I 111 39.35 -4.31 6.04
CA LEU I 111 38.62 -4.17 7.30
C LEU I 111 38.31 -2.73 7.69
N ALA I 112 38.85 -1.74 6.97
CA ALA I 112 38.76 -0.36 7.44
C ALA I 112 37.38 0.26 7.25
N VAL I 113 36.54 -0.32 6.38
CA VAL I 113 35.23 0.28 6.11
C VAL I 113 34.22 0.03 7.21
N TYR I 114 34.54 -0.82 8.18
CA TYR I 114 33.60 -1.04 9.27
C TYR I 114 33.52 0.16 10.19
N SER I 115 34.58 0.97 10.27
CA SER I 115 34.50 2.21 11.04
C SER I 115 33.49 3.17 10.42
N ILE I 116 33.49 3.26 9.08
CA ILE I 116 32.51 4.07 8.36
C ILE I 116 31.11 3.53 8.58
N LEU I 117 30.95 2.21 8.44
CA LEU I 117 29.63 1.61 8.53
C LEU I 117 29.06 1.63 9.95
N TRP I 118 29.93 1.49 10.96
CA TRP I 118 29.46 1.53 12.33
C TRP I 118 29.23 2.96 12.80
N SER I 119 29.96 3.93 12.26
CA SER I 119 29.63 5.31 12.54
C SER I 119 28.34 5.73 11.84
N GLY I 120 28.01 5.10 10.71
CA GLY I 120 26.70 5.32 10.11
C GLY I 120 25.58 4.70 10.91
N TRP I 121 25.78 3.46 11.39
CA TRP I 121 24.82 2.82 12.29
C TRP I 121 24.66 3.57 13.60
N ALA I 122 25.73 4.20 14.09
CA ALA I 122 25.69 4.79 15.42
C ALA I 122 24.91 6.09 15.45
N SER I 123 25.03 6.91 14.42
CA SER I 123 24.28 8.16 14.38
C SER I 123 22.80 7.90 14.14
N ASN I 124 21.95 8.72 14.75
CA ASN I 124 20.51 8.53 14.65
C ASN I 124 19.94 8.97 13.31
N SER I 125 20.74 9.57 12.44
CA SER I 125 20.23 10.03 11.16
C SER I 125 20.08 8.87 10.19
N LYS I 126 18.91 8.80 9.55
CA LYS I 126 18.71 7.91 8.42
C LYS I 126 19.31 8.45 7.14
N TYR I 127 19.83 9.68 7.16
CA TYR I 127 20.49 10.27 6.00
C TYR I 127 22.00 10.15 6.09
N ALA I 128 22.55 10.27 7.30
CA ALA I 128 23.98 10.01 7.50
C ALA I 128 24.30 8.54 7.29
N LEU I 129 23.34 7.64 7.52
CA LEU I 129 23.53 6.24 7.17
C LEU I 129 23.63 6.07 5.65
N ILE I 130 22.85 6.84 4.90
CA ILE I 130 22.93 6.79 3.43
C ILE I 130 24.27 7.31 2.96
N GLY I 131 24.75 8.40 3.57
CA GLY I 131 26.09 8.90 3.24
C GLY I 131 27.20 7.93 3.60
N ALA I 132 27.03 7.22 4.72
CA ALA I 132 28.00 6.20 5.11
C ALA I 132 27.98 5.02 4.14
N LEU I 133 26.78 4.66 3.64
CA LEU I 133 26.68 3.61 2.63
C LEU I 133 27.35 4.02 1.34
N ARG I 134 27.21 5.29 0.93
CA ARG I 134 27.87 5.77 -0.27
C ARG I 134 29.38 5.76 -0.11
N ALA I 135 29.88 6.12 1.08
CA ALA I 135 31.32 6.08 1.32
C ALA I 135 31.85 4.65 1.37
N VAL I 136 31.07 3.73 1.95
CA VAL I 136 31.46 2.32 1.99
C VAL I 136 31.50 1.75 0.59
N ALA I 137 30.52 2.09 -0.26
CA ALA I 137 30.50 1.60 -1.64
C ALA I 137 31.67 2.16 -2.44
N GLN I 138 32.02 3.42 -2.21
CA GLN I 138 33.20 4.02 -2.82
C GLN I 138 34.49 3.29 -2.44
N THR I 139 34.65 3.03 -1.14
CA THR I 139 35.89 2.43 -0.67
C THR I 139 36.02 0.99 -1.12
N ILE I 140 34.94 0.21 -1.04
CA ILE I 140 35.01 -1.18 -1.49
C ILE I 140 35.08 -1.26 -3.00
N SER I 141 34.61 -0.22 -3.71
CA SER I 141 34.82 -0.16 -5.15
C SER I 141 36.30 -0.06 -5.47
N TYR I 142 36.98 0.93 -4.89
CA TYR I 142 38.40 1.09 -5.25
C TYR I 142 39.30 0.03 -4.62
N GLU I 143 38.83 -0.73 -3.63
CA GLU I 143 39.60 -1.88 -3.13
C GLU I 143 39.82 -2.95 -4.20
N VAL I 144 38.93 -3.01 -5.20
CA VAL I 144 39.07 -3.98 -6.28
C VAL I 144 40.33 -3.70 -7.10
N THR I 145 40.50 -2.44 -7.52
CA THR I 145 41.69 -2.09 -8.28
C THR I 145 42.93 -2.06 -7.40
N LEU I 146 42.80 -1.74 -6.10
CA LEU I 146 43.92 -1.94 -5.18
C LEU I 146 44.42 -3.37 -5.20
N ALA I 147 43.51 -4.34 -5.08
CA ALA I 147 43.89 -5.75 -5.06
C ALA I 147 44.50 -6.19 -6.38
N ILE I 148 43.89 -5.81 -7.51
CA ILE I 148 44.36 -6.37 -8.78
C ILE I 148 45.65 -5.67 -9.24
N ILE I 149 45.78 -4.36 -9.03
CA ILE I 149 47.03 -3.65 -9.30
C ILE I 149 48.15 -4.19 -8.43
N LEU I 150 47.85 -4.45 -7.15
CA LEU I 150 48.83 -4.97 -6.21
C LEU I 150 49.29 -6.36 -6.61
N LEU I 151 48.36 -7.20 -7.06
CA LEU I 151 48.70 -8.52 -7.57
C LEU I 151 49.55 -8.45 -8.83
N SER I 152 49.21 -7.52 -9.72
CA SER I 152 49.95 -7.36 -10.98
C SER I 152 51.35 -6.85 -10.74
N VAL I 153 51.56 -6.04 -9.70
CA VAL I 153 52.91 -5.59 -9.37
C VAL I 153 53.69 -6.71 -8.72
N LEU I 154 53.07 -7.45 -7.80
CA LEU I 154 53.73 -8.56 -7.14
C LEU I 154 54.02 -9.75 -8.05
N LEU I 155 53.45 -9.78 -9.26
CA LEU I 155 53.91 -10.74 -10.25
C LEU I 155 55.35 -10.51 -10.68
N MET I 156 55.90 -9.31 -10.48
CA MET I 156 57.32 -9.04 -10.68
C MET I 156 58.11 -9.10 -9.39
N ASN I 157 57.47 -9.40 -8.27
CA ASN I 157 58.13 -9.50 -6.98
C ASN I 157 58.54 -10.95 -6.67
N GLY I 158 57.63 -11.89 -6.90
CA GLY I 158 57.85 -13.29 -6.60
C GLY I 158 57.17 -13.77 -5.35
N SER I 159 56.85 -12.87 -4.42
CA SER I 159 56.21 -13.25 -3.17
C SER I 159 55.34 -12.09 -2.70
N PHE I 160 54.63 -12.32 -1.60
CA PHE I 160 53.89 -11.29 -0.90
C PHE I 160 54.75 -10.57 0.13
N THR I 161 56.05 -10.89 0.18
CA THR I 161 56.94 -10.29 1.18
C THR I 161 57.24 -8.86 0.80
N LEU I 162 57.02 -7.94 1.74
CA LEU I 162 57.34 -6.54 1.51
C LEU I 162 58.84 -6.28 1.54
N SER I 163 59.60 -7.06 2.32
CA SER I 163 61.04 -6.84 2.40
C SER I 163 61.74 -7.26 1.12
N THR I 164 61.18 -8.24 0.40
CA THR I 164 61.69 -8.66 -0.89
C THR I 164 61.48 -7.58 -1.94
N LEU I 165 60.51 -6.70 -1.73
CA LEU I 165 60.18 -5.66 -2.71
C LEU I 165 61.25 -4.57 -2.76
N ILE I 166 62.12 -4.51 -1.76
CA ILE I 166 63.31 -3.66 -1.83
C ILE I 166 64.39 -4.33 -2.68
N ILE I 167 64.52 -5.65 -2.54
CA ILE I 167 65.47 -6.44 -3.34
C ILE I 167 65.08 -6.43 -4.81
N THR I 168 63.77 -6.37 -5.09
CA THR I 168 63.27 -6.38 -6.46
C THR I 168 63.70 -5.13 -7.21
N GLN I 169 63.69 -3.99 -6.55
CA GLN I 169 63.91 -2.71 -7.22
C GLN I 169 65.34 -2.23 -7.06
N GLU I 170 66.33 -3.13 -7.02
CA GLU I 170 67.70 -2.66 -6.86
C GLU I 170 68.29 -2.13 -8.15
N GLN I 171 67.81 -2.62 -9.29
CA GLN I 171 68.34 -2.17 -10.57
C GLN I 171 67.57 -0.98 -11.12
N VAL I 172 66.25 -0.96 -10.95
CA VAL I 172 65.41 0.11 -11.49
C VAL I 172 64.23 0.29 -10.55
N TRP I 173 63.70 1.51 -10.51
CA TRP I 173 62.39 1.72 -9.90
C TRP I 173 61.35 0.89 -10.61
N LEU I 174 60.41 0.36 -9.84
CA LEU I 174 59.38 -0.48 -10.43
C LEU I 174 58.25 0.34 -11.02
N ILE I 175 58.33 1.67 -10.94
CA ILE I 175 57.43 2.53 -11.69
C ILE I 175 57.78 2.52 -13.17
N PHE I 176 58.99 2.16 -13.54
CA PHE I 176 59.32 2.13 -14.96
C PHE I 176 58.72 0.93 -15.71
N PRO I 177 58.71 -0.31 -15.21
CA PRO I 177 57.90 -1.33 -15.91
C PRO I 177 56.41 -1.24 -15.64
N ALA I 178 55.97 -0.47 -14.66
CA ALA I 178 54.57 -0.52 -14.26
C ALA I 178 54.04 0.88 -13.93
N TRP I 179 54.34 1.87 -14.78
CA TRP I 179 53.72 3.17 -14.57
C TRP I 179 52.20 3.27 -14.80
N PRO I 180 51.53 2.51 -15.69
CA PRO I 180 50.06 2.64 -15.71
C PRO I 180 49.42 2.06 -14.47
N LEU I 181 49.97 0.95 -13.98
CA LEU I 181 49.57 0.43 -12.68
C LEU I 181 49.90 1.42 -11.57
N ALA I 182 50.99 2.17 -11.70
CA ALA I 182 51.36 3.13 -10.67
C ALA I 182 50.39 4.31 -10.64
N MET I 183 49.98 4.81 -11.81
CA MET I 183 49.09 5.96 -11.82
C MET I 183 47.67 5.57 -11.45
N MET I 184 47.19 4.38 -11.87
CA MET I 184 45.90 3.91 -11.39
C MET I 184 45.94 3.57 -9.91
N TRP I 185 47.07 3.05 -9.42
CA TRP I 185 47.25 2.81 -7.99
C TRP I 185 47.21 4.09 -7.20
N PHE I 186 47.86 5.14 -7.70
CA PHE I 186 47.93 6.39 -6.94
C PHE I 186 46.56 7.05 -6.88
N ILE I 187 45.80 7.00 -7.97
CA ILE I 187 44.45 7.55 -7.93
C ILE I 187 43.51 6.67 -7.11
N SER I 188 43.73 5.35 -7.10
CA SER I 188 42.87 4.48 -6.33
C SER I 188 43.14 4.56 -4.83
N THR I 189 44.40 4.74 -4.42
CA THR I 189 44.70 5.04 -3.02
C THR I 189 44.22 6.42 -2.65
N LEU I 190 44.18 7.34 -3.61
CA LEU I 190 43.58 8.65 -3.35
C LEU I 190 42.08 8.53 -3.12
N ALA I 191 41.42 7.60 -3.80
CA ALA I 191 39.99 7.39 -3.63
C ALA I 191 39.66 6.45 -2.47
N GLU I 192 40.64 5.73 -1.91
CA GLU I 192 40.40 4.90 -0.74
C GLU I 192 40.13 5.73 0.49
N THR I 193 40.95 6.74 0.72
CA THR I 193 40.98 7.45 1.99
C THR I 193 39.94 8.57 2.06
N ASN I 194 39.01 8.63 1.10
CA ASN I 194 38.05 9.71 0.94
C ASN I 194 38.77 11.06 0.89
N ARG I 195 39.67 11.16 -0.08
CA ARG I 195 40.54 12.31 -0.24
C ARG I 195 40.18 12.98 -1.56
N ALA I 196 40.30 14.30 -1.60
CA ALA I 196 39.85 15.07 -2.76
C ALA I 196 40.70 14.70 -3.99
N PRO I 197 40.09 14.60 -5.18
CA PRO I 197 38.72 14.95 -5.59
C PRO I 197 37.63 13.91 -5.31
N PHE I 198 37.88 12.97 -4.40
CA PHE I 198 36.94 11.88 -4.15
C PHE I 198 36.28 11.98 -2.77
N ASP I 199 36.45 13.10 -2.06
CA ASP I 199 35.91 13.25 -0.71
C ASP I 199 34.47 13.71 -0.76
N LEU I 200 33.54 12.76 -0.72
CA LEU I 200 32.14 13.15 -0.83
C LEU I 200 31.45 13.28 0.51
N THR I 201 32.02 12.68 1.56
CA THR I 201 31.49 12.90 2.90
C THR I 201 31.85 14.29 3.42
N GLU I 202 33.12 14.67 3.25
CA GLU I 202 33.59 15.99 3.67
C GLU I 202 33.31 17.08 2.66
N GLY I 203 32.52 16.81 1.62
CA GLY I 203 32.18 17.85 0.68
C GLY I 203 30.72 17.88 0.29
N GLU I 204 30.45 18.41 -0.90
CA GLU I 204 29.12 18.46 -1.49
C GLU I 204 28.90 17.11 -2.19
N SER I 205 27.89 17.00 -3.07
CA SER I 205 27.39 15.75 -3.65
C SER I 205 26.94 14.81 -2.56
N GLU I 206 26.30 15.37 -1.54
CA GLU I 206 26.02 14.66 -0.31
C GLU I 206 24.65 15.08 0.20
N LEU I 207 23.90 14.09 0.67
CA LEU I 207 22.54 14.30 1.13
C LEU I 207 22.47 14.73 2.58
N VAL I 208 23.56 14.61 3.33
CA VAL I 208 23.52 14.89 4.76
C VAL I 208 24.48 16.00 5.18
N SER I 209 25.51 16.32 4.40
CA SER I 209 26.42 17.40 4.78
C SER I 209 25.76 18.72 4.42
N GLY I 210 24.86 19.17 5.30
CA GLY I 210 23.93 20.18 4.87
C GLY I 210 23.46 21.29 5.79
N PHE I 211 24.26 21.74 6.78
CA PHE I 211 23.98 22.99 7.51
C PHE I 211 22.66 23.02 8.30
N ASN I 212 22.77 22.63 9.59
CA ASN I 212 21.72 22.37 10.58
C ASN I 212 21.07 21.03 10.26
N VAL I 213 21.93 20.02 10.23
CA VAL I 213 21.55 18.62 10.16
C VAL I 213 21.86 17.94 11.50
N GLU I 214 21.26 16.77 11.67
CA GLU I 214 21.34 15.90 12.85
C GLU I 214 22.64 15.10 12.86
N TYR I 215 22.58 13.86 13.36
CA TYR I 215 23.66 12.87 13.40
C TYR I 215 24.79 13.26 14.35
N ALA I 216 24.57 12.95 15.62
CA ALA I 216 25.66 12.75 16.57
C ALA I 216 26.79 11.95 15.94
N ALA I 217 27.96 12.57 15.90
CA ALA I 217 29.19 11.91 15.50
C ALA I 217 30.14 11.88 16.68
N GLY I 218 31.19 11.07 16.56
CA GLY I 218 32.14 10.90 17.63
C GLY I 218 33.08 12.08 17.77
N PRO I 219 34.13 11.91 18.58
CA PRO I 219 35.22 12.90 18.59
C PRO I 219 35.90 12.92 17.23
N PHE I 220 35.84 14.09 16.57
CA PHE I 220 36.29 14.25 15.20
C PHE I 220 37.80 14.03 15.07
N ALA I 221 38.54 14.31 16.13
CA ALA I 221 40.00 14.21 16.11
C ALA I 221 40.48 12.79 15.89
N LEU I 222 39.75 11.80 16.41
CA LEU I 222 40.22 10.42 16.31
C LEU I 222 40.03 9.84 14.91
N PHE I 223 38.86 10.06 14.31
CA PHE I 223 38.67 9.68 12.91
C PHE I 223 39.59 10.45 12.00
N PHE I 224 39.85 11.72 12.34
CA PHE I 224 40.74 12.55 11.56
C PHE I 224 42.17 12.03 11.59
N MET I 225 42.63 11.62 12.76
CA MET I 225 44.01 11.17 12.87
C MET I 225 44.19 9.74 12.39
N ALA I 226 43.15 8.91 12.47
CA ALA I 226 43.18 7.61 11.80
C ALA I 226 43.22 7.77 10.28
N GLU I 227 42.50 8.78 9.76
CA GLU I 227 42.52 9.07 8.34
C GLU I 227 43.89 9.54 7.88
N TYR I 228 44.56 10.35 8.69
CA TYR I 228 45.87 10.82 8.24
C TYR I 228 46.96 9.78 8.44
N ALA I 229 46.80 8.89 9.42
CA ALA I 229 47.68 7.72 9.50
C ALA I 229 47.52 6.84 8.28
N ASN I 230 46.29 6.70 7.79
CA ASN I 230 46.07 5.97 6.54
C ASN I 230 46.69 6.67 5.35
N ILE I 231 46.64 8.00 5.31
CA ILE I 231 47.23 8.73 4.18
C ILE I 231 48.75 8.58 4.14
N ILE I 232 49.42 8.83 5.26
CA ILE I 232 50.88 8.70 5.33
C ILE I 232 51.29 7.26 5.08
N MET I 233 50.50 6.30 5.59
CA MET I 233 50.79 4.89 5.43
C MET I 233 50.67 4.46 3.97
N MET I 234 49.60 4.87 3.28
CA MET I 234 49.44 4.45 1.90
C MET I 234 50.46 5.13 1.00
N ASN I 235 50.94 6.32 1.37
CA ASN I 235 52.03 6.91 0.60
C ASN I 235 53.36 6.21 0.83
N ILE I 236 53.62 5.76 2.06
CA ILE I 236 54.84 4.97 2.30
C ILE I 236 54.74 3.62 1.60
N PHE I 237 53.52 3.06 1.55
CA PHE I 237 53.31 1.78 0.87
C PHE I 237 53.47 1.92 -0.64
N THR I 238 53.02 3.05 -1.21
CA THR I 238 53.25 3.32 -2.62
C THR I 238 54.73 3.55 -2.90
N THR I 239 55.44 4.21 -1.97
CA THR I 239 56.88 4.42 -2.13
C THR I 239 57.65 3.11 -2.10
N THR I 240 57.34 2.25 -1.14
CA THR I 240 57.93 0.92 -1.07
C THR I 240 57.56 0.09 -2.29
N LEU I 241 56.36 0.31 -2.82
CA LEU I 241 55.80 -0.56 -3.83
C LEU I 241 56.30 -0.21 -5.23
N PHE I 242 56.53 1.07 -5.52
CA PHE I 242 56.96 1.50 -6.84
C PHE I 242 58.30 2.24 -6.86
N LEU I 243 58.57 3.09 -5.89
CA LEU I 243 59.74 3.96 -5.92
C LEU I 243 60.77 3.49 -4.91
N GLY I 244 60.90 2.18 -4.74
CA GLY I 244 61.74 1.58 -3.73
C GLY I 244 63.20 1.91 -3.88
N ALA I 245 63.81 2.31 -2.78
CA ALA I 245 65.06 3.03 -2.81
C ALA I 245 66.24 2.09 -2.68
N PHE I 246 67.44 2.67 -2.71
CA PHE I 246 68.65 1.91 -2.51
C PHE I 246 68.83 1.59 -1.04
N HIS I 247 69.27 0.36 -0.77
CA HIS I 247 69.46 -0.13 0.59
C HIS I 247 70.87 -0.67 0.75
N ASN I 248 71.66 -0.01 1.57
CA ASN I 248 72.94 -0.53 2.01
C ASN I 248 72.70 -1.35 3.26
N PRO I 249 73.07 -2.65 3.28
CA PRO I 249 72.83 -3.45 4.49
C PRO I 249 73.65 -3.02 5.69
N TYR I 250 74.75 -2.31 5.49
CA TYR I 250 75.56 -1.83 6.60
C TYR I 250 75.23 -0.41 7.00
N MET I 251 74.46 0.32 6.19
CA MET I 251 74.01 1.68 6.51
C MET I 251 72.52 1.77 6.21
N PRO I 252 71.67 1.48 7.19
CA PRO I 252 70.22 1.53 6.96
C PRO I 252 69.66 2.94 6.85
N GLU I 253 70.38 3.93 7.38
CA GLU I 253 69.87 5.29 7.40
C GLU I 253 69.81 5.92 6.02
N LEU I 254 70.59 5.39 5.06
CA LEU I 254 70.50 5.86 3.68
C LEU I 254 69.13 5.54 3.10
N TYR I 255 68.70 4.29 3.21
CA TYR I 255 67.36 3.92 2.76
C TYR I 255 66.28 4.61 3.58
N THR I 256 66.54 4.87 4.86
CA THR I 256 65.52 5.51 5.68
C THR I 256 65.32 6.98 5.27
N ILE I 257 66.40 7.70 5.01
CA ILE I 257 66.30 9.07 4.53
C ILE I 257 65.68 9.08 3.14
N ASN I 258 65.98 8.08 2.32
CA ASN I 258 65.52 8.09 0.93
C ASN I 258 64.02 7.81 0.85
N PHE I 259 63.53 6.78 1.57
CA PHE I 259 62.09 6.51 1.51
C PHE I 259 61.33 7.60 2.27
N THR I 260 61.96 8.25 3.26
CA THR I 260 61.30 9.36 3.94
C THR I 260 61.10 10.54 3.01
N ILE I 261 62.13 10.91 2.24
CA ILE I 261 62.00 12.02 1.30
C ILE I 261 60.97 11.71 0.22
N LYS I 262 60.97 10.47 -0.29
CA LYS I 262 60.00 10.10 -1.32
C LYS I 262 58.57 10.06 -0.76
N SER I 263 58.40 9.61 0.48
CA SER I 263 57.08 9.57 1.08
C SER I 263 56.56 10.97 1.40
N LEU I 264 57.45 11.88 1.79
CA LEU I 264 57.05 13.27 1.99
C LEU I 264 56.64 13.93 0.70
N LEU I 265 57.40 13.72 -0.38
CA LEU I 265 57.01 14.26 -1.68
C LEU I 265 55.70 13.68 -2.17
N LEU I 266 55.42 12.42 -1.84
CA LEU I 266 54.19 11.81 -2.32
C LEU I 266 52.98 12.26 -1.49
N SER I 267 53.18 12.53 -0.20
CA SER I 267 52.09 13.08 0.61
C SER I 267 51.82 14.53 0.24
N ILE I 268 52.86 15.30 -0.07
CA ILE I 268 52.70 16.64 -0.64
C ILE I 268 51.99 16.59 -1.99
N THR I 269 52.21 15.52 -2.75
CA THR I 269 51.46 15.32 -3.99
C THR I 269 49.98 15.07 -3.73
N PHE I 270 49.63 14.37 -2.64
CA PHE I 270 48.23 14.34 -2.21
C PHE I 270 47.70 15.73 -1.90
N LEU I 271 48.48 16.53 -1.16
CA LEU I 271 48.07 17.89 -0.80
C LEU I 271 47.93 18.78 -2.04
N TRP I 272 48.70 18.48 -3.08
CA TRP I 272 48.77 19.26 -4.31
C TRP I 272 47.73 18.82 -5.32
N ILE I 273 47.24 17.60 -5.21
CA ILE I 273 46.07 17.17 -5.96
C ILE I 273 44.79 17.73 -5.34
N ARG I 274 44.68 17.73 -4.00
CA ARG I 274 43.43 18.21 -3.41
C ARG I 274 43.23 19.72 -3.57
N ALA I 275 44.29 20.48 -3.83
CA ALA I 275 44.20 21.91 -4.08
C ALA I 275 44.27 22.25 -5.55
N SER I 276 43.84 21.34 -6.42
CA SER I 276 43.90 21.60 -7.85
C SER I 276 42.66 21.21 -8.62
N TYR I 277 41.75 20.40 -8.07
CA TYR I 277 40.66 19.89 -8.87
C TYR I 277 39.34 20.02 -8.14
N PRO I 278 38.24 20.21 -8.87
CA PRO I 278 36.92 20.09 -8.26
C PRO I 278 36.60 18.65 -7.94
N ARG I 279 35.53 18.45 -7.19
CA ARG I 279 35.13 17.12 -6.77
C ARG I 279 34.37 16.40 -7.87
N PHE I 280 34.52 15.08 -7.90
CA PHE I 280 33.67 14.25 -8.74
C PHE I 280 32.26 14.21 -8.18
N ARG I 281 31.29 14.05 -9.07
CA ARG I 281 30.00 13.54 -8.67
C ARG I 281 30.16 12.05 -8.37
N TYR I 282 29.25 11.51 -7.54
CA TYR I 282 29.37 10.14 -7.05
C TYR I 282 29.34 9.12 -8.19
N ASP I 283 28.42 9.30 -9.13
CA ASP I 283 28.40 8.43 -10.30
C ASP I 283 29.61 8.62 -11.20
N GLN I 284 30.27 9.78 -11.13
CA GLN I 284 31.44 10.01 -11.96
C GLN I 284 32.65 9.23 -11.47
N LEU I 285 32.84 9.10 -10.15
CA LEU I 285 33.91 8.23 -9.71
C LEU I 285 33.50 6.76 -9.70
N MET I 286 32.20 6.45 -9.63
CA MET I 286 31.79 5.07 -9.92
C MET I 286 32.07 4.72 -11.37
N HIS I 287 31.86 5.66 -12.28
CA HIS I 287 32.20 5.47 -13.68
C HIS I 287 33.70 5.33 -13.85
N LEU I 288 34.46 6.20 -13.19
CA LEU I 288 35.93 6.17 -13.22
C LEU I 288 36.47 4.83 -12.72
N LEU I 289 35.83 4.23 -11.74
CA LEU I 289 36.27 2.89 -11.38
C LEU I 289 35.84 1.88 -12.43
N TRP I 290 34.53 1.66 -12.54
CA TRP I 290 34.02 0.44 -13.14
C TRP I 290 34.11 0.44 -14.66
N LYS I 291 34.31 1.59 -15.29
CA LYS I 291 34.32 1.64 -16.73
C LYS I 291 35.61 2.24 -17.27
N ASN I 292 36.49 2.71 -16.40
CA ASN I 292 37.80 3.23 -16.81
C ASN I 292 38.95 2.46 -16.18
N PHE I 293 38.97 2.33 -14.85
CA PHE I 293 40.15 1.73 -14.24
C PHE I 293 40.17 0.22 -14.37
N LEU I 294 39.05 -0.42 -14.07
CA LEU I 294 38.96 -1.88 -14.00
C LEU I 294 39.15 -2.59 -15.35
N PRO I 295 38.69 -2.08 -16.51
CA PRO I 295 39.15 -2.68 -17.77
C PRO I 295 40.65 -2.59 -18.01
N LEU I 296 41.26 -1.43 -17.76
CA LEU I 296 42.70 -1.29 -17.90
C LEU I 296 43.44 -2.12 -16.86
N THR I 297 42.87 -2.25 -15.67
CA THR I 297 43.51 -3.05 -14.62
C THR I 297 43.46 -4.53 -14.96
N LEU I 298 42.36 -5.00 -15.55
CA LEU I 298 42.30 -6.40 -15.98
C LEU I 298 43.21 -6.66 -17.18
N ALA I 299 43.29 -5.70 -18.10
CA ALA I 299 44.20 -5.82 -19.24
C ALA I 299 45.65 -5.89 -18.80
N LEU I 300 46.05 -5.00 -17.89
CA LEU I 300 47.41 -5.03 -17.38
C LEU I 300 47.64 -6.19 -16.43
N CYS I 301 46.58 -6.75 -15.84
CA CYS I 301 46.74 -7.97 -15.05
C CYS I 301 47.06 -9.16 -15.94
N MET I 302 46.35 -9.29 -17.07
CA MET I 302 46.71 -10.29 -18.07
C MET I 302 48.11 -10.05 -18.63
N TRP I 303 48.48 -8.78 -18.80
CA TRP I 303 49.79 -8.45 -19.34
C TRP I 303 50.90 -8.83 -18.38
N HIS I 304 50.73 -8.54 -17.09
CA HIS I 304 51.78 -8.87 -16.13
C HIS I 304 51.70 -10.30 -15.64
N VAL I 305 50.64 -11.05 -15.96
CA VAL I 305 50.73 -12.49 -15.88
C VAL I 305 51.60 -13.03 -17.01
N SER I 306 51.26 -12.70 -18.25
CA SER I 306 51.87 -13.36 -19.39
C SER I 306 53.25 -12.81 -19.74
N LEU I 307 53.62 -11.65 -19.21
CA LEU I 307 54.87 -11.00 -19.55
C LEU I 307 56.13 -11.63 -18.96
N PRO I 308 56.21 -12.05 -17.67
CA PRO I 308 57.42 -12.76 -17.23
C PRO I 308 57.59 -14.11 -17.89
N ILE I 309 56.51 -14.73 -18.38
CA ILE I 309 56.67 -15.99 -19.09
C ILE I 309 57.23 -15.75 -20.49
N LEU I 310 56.79 -14.69 -21.17
CA LEU I 310 57.31 -14.45 -22.52
C LEU I 310 58.65 -13.72 -22.52
N LEU I 311 59.09 -13.17 -21.39
CA LEU I 311 60.41 -12.57 -21.29
C LEU I 311 61.42 -13.44 -20.56
N SER I 312 60.97 -14.58 -20.02
CA SER I 312 61.76 -15.44 -19.13
C SER I 312 62.30 -14.67 -17.93
N SER I 313 61.42 -13.89 -17.31
CA SER I 313 61.81 -13.01 -16.22
C SER I 313 60.96 -13.27 -14.99
N ILE I 314 60.71 -14.54 -14.69
CA ILE I 314 59.89 -14.90 -13.55
C ILE I 314 60.70 -14.70 -12.28
N PRO I 315 60.21 -13.89 -11.33
CA PRO I 315 61.00 -13.64 -10.13
C PRO I 315 60.97 -14.84 -9.21
N PRO I 316 61.98 -14.99 -8.37
CA PRO I 316 62.03 -16.16 -7.47
C PRO I 316 61.05 -16.05 -6.32
N GLN I 317 60.72 -17.22 -5.78
CA GLN I 317 59.80 -17.30 -4.65
C GLN I 317 60.44 -16.76 -3.38
N THR I 318 61.65 -17.22 -3.08
CA THR I 318 62.33 -16.84 -1.84
C THR I 318 62.87 -15.42 -1.91
N MET J 1 49.11 -21.84 29.94
CA MET J 1 48.13 -20.93 29.33
C MET J 1 48.54 -20.60 27.90
N MET J 2 49.82 -20.34 27.70
CA MET J 2 50.29 -19.98 26.37
C MET J 2 50.37 -21.19 25.45
N THR J 3 50.60 -22.38 26.02
CA THR J 3 50.57 -23.60 25.22
C THR J 3 49.15 -23.94 24.77
N TYR J 4 48.14 -23.48 25.49
CA TYR J 4 46.75 -23.70 25.17
C TYR J 4 46.12 -22.54 24.42
N ILE J 5 46.93 -21.81 23.63
CA ILE J 5 46.45 -20.58 23.01
C ILE J 5 45.41 -20.86 21.92
N VAL J 6 45.55 -21.97 21.20
CA VAL J 6 44.57 -22.30 20.18
C VAL J 6 43.27 -22.77 20.83
N PHE J 7 43.37 -23.45 21.97
CA PHE J 7 42.18 -23.83 22.72
C PHE J 7 41.45 -22.61 23.28
N ILE J 8 42.20 -21.63 23.79
CA ILE J 8 41.60 -20.41 24.31
C ILE J 8 40.91 -19.63 23.20
N LEU J 9 41.54 -19.56 22.03
CA LEU J 9 40.91 -18.92 20.88
C LEU J 9 39.68 -19.69 20.40
N SER J 10 39.69 -21.02 20.54
CA SER J 10 38.52 -21.80 20.15
C SER J 10 37.36 -21.60 21.13
N ILE J 11 37.66 -21.42 22.42
CA ILE J 11 36.61 -21.12 23.39
C ILE J 11 36.03 -19.74 23.13
N ILE J 12 36.87 -18.77 22.77
CA ILE J 12 36.37 -17.44 22.39
C ILE J 12 35.54 -17.53 21.10
N PHE J 13 35.92 -18.44 20.20
CA PHE J 13 35.16 -18.68 18.98
C PHE J 13 33.77 -19.23 19.26
N VAL J 14 33.68 -20.20 20.18
CA VAL J 14 32.38 -20.76 20.56
C VAL J 14 31.54 -19.72 21.28
N MET J 15 32.17 -18.92 22.15
CA MET J 15 31.45 -17.85 22.85
C MET J 15 30.91 -16.80 21.89
N GLY J 16 31.66 -16.50 20.83
CA GLY J 16 31.17 -15.57 19.83
C GLY J 16 30.03 -16.14 19.02
N PHE J 17 30.08 -17.45 18.70
CA PHE J 17 28.96 -18.05 17.99
C PHE J 17 27.70 -18.12 18.86
N VAL J 18 27.87 -18.35 20.17
CA VAL J 18 26.73 -18.24 21.09
C VAL J 18 26.25 -16.80 21.16
N GLY J 19 27.16 -15.84 21.01
CA GLY J 19 26.80 -14.43 21.07
C GLY J 19 25.89 -13.99 19.94
N PHE J 20 26.25 -14.33 18.70
CA PHE J 20 25.37 -13.88 17.62
C PHE J 20 24.30 -14.89 17.25
N SER J 21 24.48 -16.17 17.58
CA SER J 21 23.48 -17.18 17.24
C SER J 21 22.21 -17.05 18.07
N SER J 22 22.31 -16.44 19.25
CA SER J 22 21.14 -16.08 20.03
C SER J 22 20.35 -14.94 19.40
N LYS J 23 20.95 -14.23 18.44
CA LYS J 23 20.36 -13.26 17.53
C LYS J 23 19.71 -12.08 18.25
N PRO J 24 20.50 -11.17 18.84
CA PRO J 24 19.88 -9.98 19.44
C PRO J 24 19.28 -9.03 18.42
N SER J 25 19.92 -8.92 17.25
CA SER J 25 19.63 -8.01 16.16
C SER J 25 20.55 -8.42 15.02
N PRO J 26 20.19 -8.16 13.77
CA PRO J 26 21.15 -8.43 12.67
C PRO J 26 22.40 -7.57 12.72
N ILE J 27 22.31 -6.40 13.34
CA ILE J 27 23.46 -5.52 13.48
C ILE J 27 24.47 -6.10 14.45
N TYR J 28 24.01 -6.43 15.67
CA TYR J 28 24.90 -7.07 16.63
C TYR J 28 25.20 -8.52 16.25
N GLY J 29 24.33 -9.16 15.48
CA GLY J 29 24.68 -10.45 14.92
C GLY J 29 25.85 -10.37 13.97
N GLY J 30 25.87 -9.35 13.12
CA GLY J 30 27.01 -9.14 12.25
C GLY J 30 28.27 -8.79 13.01
N LEU J 31 28.14 -8.00 14.07
CA LEU J 31 29.30 -7.68 14.93
C LEU J 31 29.88 -8.93 15.59
N GLY J 32 29.01 -9.78 16.13
CA GLY J 32 29.46 -11.01 16.75
C GLY J 32 30.10 -11.97 15.77
N LEU J 33 29.57 -12.03 14.54
CA LEU J 33 30.19 -12.87 13.52
C LEU J 33 31.51 -12.29 13.03
N ILE J 34 31.68 -10.98 13.07
CA ILE J 34 32.99 -10.37 12.73
C ILE J 34 34.03 -10.75 13.78
N VAL J 35 33.69 -10.63 15.06
CA VAL J 35 34.62 -10.98 16.14
C VAL J 35 34.93 -12.48 16.12
N SER J 36 33.91 -13.29 15.80
CA SER J 36 34.09 -14.72 15.68
C SER J 36 34.99 -15.08 14.51
N GLY J 37 34.83 -14.40 13.37
CA GLY J 37 35.70 -14.63 12.24
C GLY J 37 37.13 -14.25 12.53
N GLY J 38 37.34 -13.19 13.31
CA GLY J 38 38.68 -12.81 13.72
C GLY J 38 39.35 -13.85 14.60
N VAL J 39 38.63 -14.36 15.60
CA VAL J 39 39.27 -15.31 16.50
C VAL J 39 39.43 -16.70 15.85
N GLY J 40 38.50 -17.11 14.98
CA GLY J 40 38.69 -18.35 14.24
C GLY J 40 39.80 -18.22 13.21
N CYS J 41 39.97 -17.02 12.67
CA CYS J 41 41.12 -16.75 11.82
C CYS J 41 42.42 -16.85 12.60
N GLY J 42 42.41 -16.41 13.86
CA GLY J 42 43.58 -16.61 14.71
C GLY J 42 43.88 -18.07 14.97
N ILE J 43 42.84 -18.89 15.11
CA ILE J 43 42.99 -20.34 15.22
C ILE J 43 43.70 -20.91 13.99
N VAL J 44 43.26 -20.46 12.80
CA VAL J 44 43.87 -20.92 11.55
C VAL J 44 45.31 -20.43 11.42
N LEU J 45 45.57 -19.19 11.83
CA LEU J 45 46.91 -18.61 11.74
C LEU J 45 47.89 -19.28 12.67
N ASN J 46 47.42 -19.84 13.79
CA ASN J 46 48.36 -20.50 14.69
C ASN J 46 48.68 -21.93 14.33
N PHE J 47 48.18 -22.47 13.21
CA PHE J 47 48.70 -23.75 12.74
C PHE J 47 49.64 -23.62 11.55
N GLY J 48 49.76 -22.44 10.97
CA GLY J 48 50.55 -22.25 9.78
C GLY J 48 49.75 -21.94 8.53
N GLY J 49 48.45 -21.69 8.66
CA GLY J 49 47.66 -21.29 7.52
C GLY J 49 47.59 -19.80 7.38
N SER J 50 48.72 -19.20 7.02
CA SER J 50 48.79 -17.74 6.96
C SER J 50 48.00 -17.20 5.78
N PHE J 51 48.10 -17.86 4.62
CA PHE J 51 47.36 -17.41 3.45
C PHE J 51 45.87 -17.61 3.65
N LEU J 52 45.47 -18.71 4.28
CA LEU J 52 44.04 -18.96 4.50
C LEU J 52 43.46 -18.04 5.56
N GLY J 53 44.25 -17.68 6.58
CA GLY J 53 43.81 -16.67 7.53
C GLY J 53 43.67 -15.30 6.89
N LEU J 54 44.62 -14.93 6.05
CA LEU J 54 44.46 -13.65 5.37
C LEU J 54 43.37 -13.71 4.29
N MET J 55 43.01 -14.90 3.83
CA MET J 55 41.82 -15.02 2.99
C MET J 55 40.56 -14.81 3.80
N VAL J 56 40.54 -15.26 5.06
CA VAL J 56 39.44 -14.92 5.95
C VAL J 56 39.30 -13.41 6.09
N PHE J 57 40.40 -12.73 6.45
CA PHE J 57 40.35 -11.28 6.66
C PHE J 57 40.02 -10.52 5.38
N LEU J 58 40.66 -10.87 4.27
CA LEU J 58 40.50 -10.12 3.04
C LEU J 58 39.17 -10.41 2.36
N ILE J 59 38.74 -11.66 2.34
CA ILE J 59 37.57 -12.06 1.58
C ILE J 59 36.35 -12.16 2.46
N TYR J 60 36.40 -12.97 3.53
CA TYR J 60 35.25 -13.21 4.38
C TYR J 60 34.87 -11.94 5.11
N LEU J 61 35.74 -11.48 6.01
CA LEU J 61 35.47 -10.25 6.76
C LEU J 61 35.60 -9.01 5.88
N GLY J 62 36.42 -9.08 4.83
CA GLY J 62 36.68 -7.91 4.03
C GLY J 62 35.64 -7.63 2.96
N GLY J 63 35.10 -8.67 2.33
CA GLY J 63 34.03 -8.49 1.39
C GLY J 63 32.67 -8.89 1.91
N MET J 64 32.55 -10.11 2.45
CA MET J 64 31.21 -10.67 2.58
C MET J 64 30.48 -10.09 3.78
N MET J 65 31.16 -9.96 4.91
CA MET J 65 30.52 -9.35 6.07
C MET J 65 30.34 -7.85 5.88
N VAL J 66 31.17 -7.22 5.05
CA VAL J 66 30.92 -5.84 4.63
C VAL J 66 29.63 -5.75 3.84
N VAL J 67 29.38 -6.71 2.95
CA VAL J 67 28.14 -6.70 2.19
C VAL J 67 26.93 -7.05 3.07
N PHE J 68 27.12 -7.93 4.07
CA PHE J 68 26.06 -8.22 5.02
C PHE J 68 25.70 -7.00 5.87
N GLY J 69 26.70 -6.25 6.34
CA GLY J 69 26.41 -5.02 7.06
C GLY J 69 25.87 -3.92 6.17
N TYR J 70 26.29 -3.91 4.91
CA TYR J 70 25.78 -2.95 3.93
C TYR J 70 24.30 -3.20 3.66
N THR J 71 23.91 -4.47 3.58
CA THR J 71 22.52 -4.83 3.34
C THR J 71 21.68 -4.67 4.61
N THR J 72 22.28 -4.93 5.77
CA THR J 72 21.59 -4.74 7.04
C THR J 72 21.31 -3.27 7.30
N ALA J 73 22.20 -2.38 6.82
CA ALA J 73 21.93 -0.94 6.90
C ALA J 73 20.79 -0.52 5.98
N MET J 74 20.42 -1.36 5.02
CA MET J 74 19.35 -1.08 4.08
C MET J 74 18.11 -1.91 4.36
N ALA J 75 18.08 -2.68 5.44
CA ALA J 75 16.93 -3.50 5.79
C ALA J 75 16.29 -3.08 7.10
N THR J 76 17.05 -3.02 8.19
CA THR J 76 16.49 -2.72 9.50
C THR J 76 16.57 -1.22 9.81
N GLU J 77 15.79 -0.80 10.79
CA GLU J 77 15.75 0.60 11.22
C GLU J 77 16.46 0.73 12.57
N GLN J 78 17.36 1.71 12.66
CA GLN J 78 18.13 1.97 13.87
C GLN J 78 17.27 2.71 14.89
N TYR J 79 17.71 2.65 16.14
CA TYR J 79 17.03 3.35 17.23
C TYR J 79 18.01 4.07 18.15
N ASN J 86 17.16 -8.54 25.20
CA ASN J 86 15.81 -8.97 25.53
C ASN J 86 15.82 -10.07 26.58
N LYS J 87 14.93 -11.04 26.43
CA LYS J 87 14.85 -12.17 27.35
C LYS J 87 15.42 -13.45 26.74
N VAL J 88 14.92 -13.83 25.56
CA VAL J 88 15.29 -15.10 24.93
C VAL J 88 16.75 -15.07 24.50
N VAL J 89 17.21 -13.91 24.02
CA VAL J 89 18.58 -13.76 23.55
C VAL J 89 19.58 -13.93 24.69
N LEU J 90 19.37 -13.20 25.79
CA LEU J 90 20.28 -13.25 26.92
C LEU J 90 20.20 -14.59 27.64
N GLY J 91 19.00 -15.17 27.72
CA GLY J 91 18.85 -16.47 28.35
C GLY J 91 19.51 -17.58 27.56
N THR J 92 19.38 -17.57 26.24
CA THR J 92 20.06 -18.55 25.40
C THR J 92 21.57 -18.32 25.39
N PHE J 93 21.98 -17.06 25.52
CA PHE J 93 23.41 -16.73 25.63
C PHE J 93 24.01 -17.33 26.89
N ILE J 94 23.38 -17.12 28.05
CA ILE J 94 23.92 -17.70 29.28
C ILE J 94 23.76 -19.20 29.32
N THR J 95 22.76 -19.76 28.62
CA THR J 95 22.63 -21.21 28.50
C THR J 95 23.80 -21.80 27.74
N GLY J 96 24.13 -21.22 26.57
CA GLY J 96 25.28 -21.68 25.81
C GLY J 96 26.59 -21.47 26.54
N LEU J 97 26.71 -20.37 27.30
CA LEU J 97 27.92 -20.13 28.09
C LEU J 97 28.07 -21.14 29.23
N LEU J 98 26.96 -21.50 29.89
CA LEU J 98 27.02 -22.54 30.91
C LEU J 98 27.36 -23.89 30.32
N MET J 99 26.77 -24.24 29.17
CA MET J 99 27.09 -25.51 28.52
C MET J 99 28.56 -25.57 28.09
N GLU J 100 29.09 -24.46 27.58
CA GLU J 100 30.46 -24.48 27.10
C GLU J 100 31.46 -24.50 28.26
N PHE J 101 31.21 -23.75 29.33
CA PHE J 101 32.12 -23.82 30.47
C PHE J 101 32.00 -25.14 31.23
N LEU J 102 30.84 -25.80 31.19
CA LEU J 102 30.78 -27.14 31.77
C LEU J 102 31.57 -28.13 30.93
N MET J 103 31.55 -27.97 29.60
CA MET J 103 32.41 -28.79 28.74
C MET J 103 33.90 -28.53 29.01
N VAL J 104 34.27 -27.26 29.23
CA VAL J 104 35.67 -26.91 29.51
C VAL J 104 36.09 -27.49 30.85
N TYR J 105 35.25 -27.36 31.87
CA TYR J 105 35.57 -27.88 33.20
C TYR J 105 35.67 -29.40 33.20
N TYR J 106 34.79 -30.07 32.44
CA TYR J 106 34.85 -31.53 32.34
C TYR J 106 36.12 -31.98 31.62
N VAL J 107 36.45 -31.37 30.49
CA VAL J 107 37.61 -31.83 29.73
C VAL J 107 38.92 -31.39 30.38
N LEU J 108 38.89 -30.40 31.28
CA LEU J 108 40.09 -30.03 32.03
C LEU J 108 40.24 -30.81 33.33
N LYS J 109 39.16 -31.35 33.89
CA LYS J 109 39.30 -32.18 35.08
C LYS J 109 39.45 -33.66 34.75
N ASP J 110 39.08 -34.10 33.55
CA ASP J 110 39.07 -35.52 33.24
C ASP J 110 40.04 -35.91 32.13
N LYS J 111 40.46 -34.96 31.28
CA LYS J 111 41.38 -35.14 30.15
C LYS J 111 40.86 -36.14 29.11
N GLU J 112 39.55 -36.40 29.09
CA GLU J 112 38.87 -37.22 28.10
C GLU J 112 37.37 -36.96 28.25
N VAL J 113 36.73 -36.63 27.14
CA VAL J 113 35.30 -36.31 27.14
C VAL J 113 34.69 -36.94 25.89
N GLU J 114 33.41 -37.28 25.97
CA GLU J 114 32.71 -37.90 24.85
C GLU J 114 31.32 -37.30 24.77
N ILE J 115 31.16 -36.27 23.94
CA ILE J 115 29.86 -35.70 23.64
C ILE J 115 29.30 -36.48 22.46
N VAL J 116 29.99 -36.40 21.33
CA VAL J 116 29.75 -37.27 20.18
C VAL J 116 30.95 -38.13 19.87
N PHE J 117 32.15 -37.56 19.91
CA PHE J 117 33.40 -38.29 19.73
C PHE J 117 34.25 -38.14 20.98
N LYS J 118 35.32 -38.92 21.04
CA LYS J 118 36.30 -38.79 22.11
C LYS J 118 37.22 -37.61 21.81
N PHE J 119 37.64 -36.89 22.85
CA PHE J 119 38.51 -35.74 22.69
C PHE J 119 39.58 -35.73 23.77
N ASN J 120 40.79 -35.34 23.38
CA ASN J 120 41.89 -35.23 24.34
C ASN J 120 41.72 -34.00 25.21
N GLY J 121 42.30 -34.04 26.41
CA GLY J 121 42.29 -32.92 27.31
C GLY J 121 43.57 -32.11 27.34
N MET J 122 44.65 -32.60 26.74
CA MET J 122 45.86 -31.82 26.64
C MET J 122 45.75 -30.80 25.51
N GLY J 123 46.77 -29.96 25.41
CA GLY J 123 46.81 -29.00 24.33
C GLY J 123 47.05 -29.68 22.99
N ASP J 124 46.58 -29.04 21.93
CA ASP J 124 46.72 -29.57 20.58
C ASP J 124 48.09 -29.33 19.96
N TRP J 125 49.08 -28.93 20.76
CA TRP J 125 50.45 -28.83 20.28
C TRP J 125 51.09 -30.19 20.06
N VAL J 126 50.55 -31.23 20.72
CA VAL J 126 51.18 -32.54 20.69
C VAL J 126 51.12 -33.17 19.30
N ILE J 127 50.08 -32.85 18.52
CA ILE J 127 49.77 -33.59 17.30
C ILE J 127 50.42 -32.97 16.07
N TYR J 128 51.36 -32.05 16.26
CA TYR J 128 51.99 -31.44 15.10
C TYR J 128 53.06 -32.36 14.54
N ASP J 129 53.73 -31.89 13.50
CA ASP J 129 54.83 -32.62 12.90
C ASP J 129 56.14 -32.02 13.36
N THR J 130 57.17 -32.86 13.41
CA THR J 130 58.50 -32.44 13.83
C THR J 130 59.44 -32.25 12.64
N GLY J 131 58.89 -31.91 11.48
CA GLY J 131 59.67 -31.74 10.27
C GLY J 131 59.63 -30.31 9.75
N ASP J 132 60.55 -30.04 8.82
CA ASP J 132 60.60 -28.77 8.12
C ASP J 132 60.21 -28.99 6.65
N SER J 133 59.78 -27.90 6.01
CA SER J 133 59.29 -27.94 4.65
C SER J 133 60.34 -27.48 3.63
N GLY J 134 61.37 -26.78 4.06
CA GLY J 134 62.39 -26.31 3.14
C GLY J 134 62.26 -24.83 2.87
N PHE J 135 62.36 -24.44 1.60
CA PHE J 135 62.24 -23.05 1.19
C PHE J 135 60.86 -22.68 0.69
N PHE J 136 59.82 -23.33 1.19
CA PHE J 136 58.46 -22.97 0.81
C PHE J 136 57.52 -23.30 1.95
N SER J 137 56.37 -22.61 1.95
CA SER J 137 55.24 -23.05 2.74
C SER J 137 54.48 -24.09 1.94
N GLU J 138 54.21 -25.24 2.58
CA GLU J 138 53.48 -26.32 1.93
C GLU J 138 52.05 -25.90 1.61
N GLU J 139 51.45 -25.14 2.50
CA GLU J 139 50.11 -24.58 2.28
C GLU J 139 50.10 -23.58 1.13
N ALA J 140 51.17 -22.80 0.99
CA ALA J 140 51.27 -21.86 -0.12
C ALA J 140 51.46 -22.57 -1.45
N MET J 141 52.26 -23.63 -1.47
CA MET J 141 52.45 -24.39 -2.72
C MET J 141 51.21 -25.17 -3.10
N GLY J 142 50.48 -25.69 -2.12
CA GLY J 142 49.22 -26.36 -2.42
C GLY J 142 48.15 -25.41 -2.91
N ILE J 143 48.19 -24.15 -2.47
CA ILE J 143 47.29 -23.16 -3.02
C ILE J 143 47.75 -22.68 -4.40
N ALA J 144 49.07 -22.62 -4.62
CA ALA J 144 49.62 -22.28 -5.94
C ALA J 144 49.28 -23.33 -6.98
N ALA J 145 49.11 -24.57 -6.55
CA ALA J 145 48.70 -25.67 -7.43
C ALA J 145 47.25 -25.59 -7.86
N LEU J 146 46.49 -24.54 -7.53
CA LEU J 146 45.15 -24.36 -8.07
C LEU J 146 45.15 -24.16 -9.58
N TYR J 147 46.25 -23.66 -10.14
CA TYR J 147 46.34 -23.32 -11.55
C TYR J 147 46.91 -24.44 -12.41
N SER J 148 48.01 -25.06 -11.96
CA SER J 148 48.61 -26.13 -12.76
C SER J 148 47.83 -27.43 -12.63
N TYR J 149 47.53 -27.85 -11.41
CA TYR J 149 46.79 -29.09 -11.22
C TYR J 149 45.28 -28.89 -11.28
N GLY J 150 44.77 -27.85 -10.65
CA GLY J 150 43.34 -27.67 -10.54
C GLY J 150 42.68 -26.97 -11.71
N THR J 151 42.86 -27.53 -12.91
CA THR J 151 42.28 -26.94 -14.11
C THR J 151 40.75 -27.01 -14.07
N TRP J 152 40.22 -28.21 -13.85
CA TRP J 152 38.77 -28.42 -13.80
C TRP J 152 38.12 -27.68 -12.65
N LEU J 153 38.86 -27.56 -11.53
CA LEU J 153 38.34 -26.85 -10.37
C LEU J 153 38.20 -25.36 -10.65
N VAL J 154 39.18 -24.79 -11.35
CA VAL J 154 39.14 -23.38 -11.73
C VAL J 154 38.06 -23.14 -12.79
N ILE J 155 37.86 -24.11 -13.71
CA ILE J 155 36.80 -24.01 -14.71
C ILE J 155 35.43 -23.95 -14.03
N VAL J 156 35.17 -24.87 -13.11
CA VAL J 156 33.84 -24.90 -12.49
C VAL J 156 33.65 -23.73 -11.52
N THR J 157 34.72 -23.24 -10.89
CA THR J 157 34.57 -22.14 -9.95
C THR J 157 34.36 -20.81 -10.69
N GLY J 158 35.12 -20.58 -11.76
CA GLY J 158 34.91 -19.38 -12.56
C GLY J 158 33.58 -19.40 -13.30
N TRP J 159 33.13 -20.58 -13.74
CA TRP J 159 31.82 -20.67 -14.37
C TRP J 159 30.70 -20.40 -13.37
N SER J 160 30.85 -20.90 -12.14
CA SER J 160 29.86 -20.62 -11.11
C SER J 160 29.85 -19.15 -10.72
N LEU J 161 30.99 -18.47 -10.74
CA LEU J 161 30.99 -17.05 -10.41
C LEU J 161 30.39 -16.21 -11.53
N LEU J 162 30.67 -16.57 -12.79
CA LEU J 162 30.05 -15.87 -13.92
C LEU J 162 28.54 -16.07 -13.94
N ILE J 163 28.09 -17.32 -13.71
CA ILE J 163 26.67 -17.61 -13.55
C ILE J 163 26.09 -16.87 -12.36
N GLY J 164 26.86 -16.70 -11.28
CA GLY J 164 26.37 -15.93 -10.15
C GLY J 164 26.14 -14.47 -10.47
N VAL J 165 27.02 -13.87 -11.28
CA VAL J 165 26.82 -12.51 -11.77
C VAL J 165 25.53 -12.42 -12.59
N VAL J 166 25.35 -13.36 -13.52
CA VAL J 166 24.16 -13.38 -14.38
C VAL J 166 22.89 -13.60 -13.54
N VAL J 167 22.98 -14.45 -12.53
CA VAL J 167 21.84 -14.79 -11.68
C VAL J 167 21.42 -13.61 -10.82
N ILE J 168 22.38 -12.87 -10.26
CA ILE J 168 22.03 -11.71 -9.45
C ILE J 168 21.47 -10.59 -10.32
N MET J 169 21.99 -10.43 -11.54
CA MET J 169 21.39 -9.42 -12.42
C MET J 169 20.01 -9.82 -12.91
N GLU J 170 19.72 -11.12 -13.00
CA GLU J 170 18.38 -11.54 -13.41
C GLU J 170 17.36 -11.38 -12.29
N ILE J 171 17.69 -11.81 -11.08
CA ILE J 171 16.64 -11.81 -10.06
C ILE J 171 16.44 -10.47 -9.38
N THR J 172 17.43 -9.58 -9.41
CA THR J 172 17.25 -8.25 -8.81
C THR J 172 16.66 -7.25 -9.78
N ARG J 173 16.51 -7.62 -11.05
CA ARG J 173 15.92 -6.74 -12.04
C ARG J 173 14.43 -6.51 -11.78
N GLY J 174 13.74 -7.52 -11.27
CA GLY J 174 12.33 -7.41 -10.99
C GLY J 174 11.42 -7.50 -12.20
N ASN J 175 11.96 -7.83 -13.36
CA ASN J 175 11.18 -7.93 -14.58
C ASN J 175 11.57 -9.18 -15.35
N FME K 1 40.29 -37.38 20.05
CN FME K 1 40.85 -38.08 21.10
O1 FME K 1 40.19 -38.69 21.96
CA FME K 1 41.06 -36.67 19.06
CB FME K 1 40.32 -36.50 17.72
CG FME K 1 38.87 -36.15 17.91
SD FME K 1 37.95 -37.17 16.79
CE FME K 1 38.14 -36.26 15.31
C FME K 1 41.48 -35.29 19.56
O FME K 1 41.64 -35.05 20.75
N SER K 2 41.66 -34.37 18.62
CA SER K 2 42.12 -33.04 18.95
C SER K 2 41.04 -32.25 19.68
N LEU K 3 41.47 -31.50 20.70
CA LEU K 3 40.52 -30.79 21.55
C LEU K 3 39.88 -29.62 20.84
N VAL K 4 40.59 -28.99 19.90
CA VAL K 4 40.05 -27.85 19.17
C VAL K 4 38.97 -28.28 18.18
N TYR K 5 39.01 -29.54 17.71
CA TYR K 5 37.97 -30.05 16.82
C TYR K 5 36.63 -30.12 17.52
N MET K 6 36.63 -30.43 18.83
CA MET K 6 35.41 -30.39 19.63
C MET K 6 34.79 -29.01 19.63
N ASN K 7 35.61 -27.98 19.79
CA ASN K 7 35.08 -26.62 19.86
C ASN K 7 34.59 -26.16 18.51
N ILE K 8 35.26 -26.55 17.42
CA ILE K 8 34.78 -26.11 16.11
C ILE K 8 33.51 -26.86 15.72
N MET K 9 33.39 -28.13 16.10
CA MET K 9 32.14 -28.86 15.89
C MET K 9 31.00 -28.27 16.72
N MET K 10 31.28 -27.95 17.99
CA MET K 10 30.26 -27.34 18.83
C MET K 10 29.88 -25.96 18.33
N ALA K 11 30.82 -25.25 17.72
CA ALA K 11 30.51 -23.97 17.09
C ALA K 11 29.60 -24.15 15.89
N PHE K 12 29.87 -25.17 15.07
CA PHE K 12 28.98 -25.50 13.95
C PHE K 12 27.59 -25.86 14.44
N THR K 13 27.48 -26.59 15.55
CA THR K 13 26.16 -26.95 16.05
C THR K 13 25.45 -25.77 16.72
N VAL K 14 26.21 -24.85 17.32
CA VAL K 14 25.61 -23.64 17.88
C VAL K 14 25.03 -22.77 16.78
N SER K 15 25.82 -22.54 15.72
CA SER K 15 25.31 -21.80 14.56
C SER K 15 24.23 -22.58 13.80
N LEU K 16 24.25 -23.91 13.89
CA LEU K 16 23.17 -24.73 13.34
C LEU K 16 21.86 -24.46 14.08
N THR K 17 21.87 -24.59 15.41
CA THR K 17 20.66 -24.34 16.21
C THR K 17 20.23 -22.88 16.17
N GLY K 18 21.16 -21.96 15.92
CA GLY K 18 20.76 -20.60 15.60
C GLY K 18 20.05 -20.51 14.27
N LEU K 19 20.57 -21.21 13.25
CA LEU K 19 19.91 -21.28 11.96
C LEU K 19 18.69 -22.19 11.99
N LEU K 20 18.63 -23.16 12.89
CA LEU K 20 17.47 -24.04 12.94
C LEU K 20 16.38 -23.50 13.86
N MET K 21 16.56 -22.31 14.44
CA MET K 21 15.55 -21.68 15.31
C MET K 21 15.54 -20.19 14.96
N TYR K 22 14.61 -19.79 14.10
CA TYR K 22 14.53 -18.39 13.70
C TYR K 22 13.90 -17.57 14.80
N ARG K 23 14.35 -16.32 14.95
CA ARG K 23 13.61 -15.41 15.80
C ARG K 23 12.67 -14.51 15.00
N SER K 24 13.23 -13.57 14.25
CA SER K 24 12.39 -12.69 13.44
C SER K 24 12.93 -12.49 12.03
N HIS K 25 14.24 -12.35 11.90
CA HIS K 25 14.84 -11.79 10.71
C HIS K 25 15.38 -12.88 9.78
N LEU K 26 15.36 -12.58 8.50
CA LEU K 26 16.04 -13.42 7.52
C LEU K 26 17.54 -13.12 7.50
N MET K 27 17.93 -11.90 7.88
CA MET K 27 19.35 -11.55 7.91
C MET K 27 20.07 -12.31 9.00
N SER K 28 19.41 -12.52 10.15
CA SER K 28 20.00 -13.32 11.20
C SER K 28 20.11 -14.78 10.80
N SER K 29 19.19 -15.25 9.96
CA SER K 29 19.28 -16.60 9.41
C SER K 29 20.48 -16.73 8.48
N LEU K 30 20.72 -15.72 7.64
CA LEU K 30 21.89 -15.75 6.77
C LEU K 30 23.18 -15.59 7.56
N LEU K 31 23.15 -14.84 8.66
CA LEU K 31 24.32 -14.74 9.53
C LEU K 31 24.64 -16.08 10.19
N CYS K 32 23.62 -16.80 10.64
CA CYS K 32 23.85 -18.13 11.20
C CYS K 32 24.33 -19.11 10.14
N LEU K 33 23.85 -18.96 8.91
CA LEU K 33 24.33 -19.80 7.81
C LEU K 33 25.80 -19.55 7.50
N GLU K 34 26.21 -18.29 7.49
CA GLU K 34 27.61 -18.01 7.22
C GLU K 34 28.50 -18.25 8.43
N GLY K 35 27.95 -18.26 9.63
CA GLY K 35 28.70 -18.78 10.77
C GLY K 35 28.95 -20.27 10.67
N MET K 36 27.94 -21.01 10.19
CA MET K 36 28.14 -22.43 9.86
C MET K 36 29.25 -22.61 8.83
N MET K 37 29.25 -21.77 7.80
CA MET K 37 30.30 -21.83 6.78
C MET K 37 31.67 -21.47 7.36
N LEU K 38 31.71 -20.49 8.26
CA LEU K 38 32.95 -20.11 8.92
C LEU K 38 33.53 -21.27 9.72
N SER K 39 32.68 -21.97 10.48
CA SER K 39 33.14 -23.12 11.25
C SER K 39 33.59 -24.26 10.34
N LEU K 40 32.92 -24.43 9.20
CA LEU K 40 33.37 -25.42 8.21
C LEU K 40 34.74 -25.06 7.64
N PHE K 41 34.96 -23.77 7.36
CA PHE K 41 36.25 -23.28 6.87
C PHE K 41 37.34 -23.59 7.87
N ILE K 42 37.12 -23.23 9.14
CA ILE K 42 38.16 -23.40 10.15
C ILE K 42 38.46 -24.87 10.37
N LEU K 43 37.42 -25.72 10.38
CA LEU K 43 37.63 -27.14 10.66
C LEU K 43 38.36 -27.83 9.51
N ALA K 44 37.98 -27.50 8.27
CA ALA K 44 38.66 -28.04 7.10
C ALA K 44 40.12 -27.59 7.04
N THR K 45 40.37 -26.31 7.35
CA THR K 45 41.73 -25.78 7.34
C THR K 45 42.59 -26.44 8.40
N LEU K 46 42.05 -26.65 9.61
CA LEU K 46 42.84 -27.28 10.67
C LEU K 46 43.18 -28.72 10.34
N MET K 47 42.25 -29.45 9.70
CA MET K 47 42.56 -30.82 9.27
C MET K 47 43.64 -30.84 8.19
N ILE K 48 43.51 -29.96 7.19
CA ILE K 48 44.40 -30.02 6.03
C ILE K 48 45.79 -29.53 6.39
N LEU K 49 45.89 -28.54 7.29
CA LEU K 49 47.20 -28.13 7.79
C LEU K 49 47.79 -29.16 8.74
N ASN K 50 46.94 -29.83 9.51
CA ASN K 50 47.42 -30.85 10.43
C ASN K 50 47.98 -32.06 9.69
N SER K 51 47.34 -32.44 8.58
CA SER K 51 47.73 -33.63 7.86
C SER K 51 48.96 -33.43 7.00
N HIS K 52 49.33 -32.16 6.74
CA HIS K 52 50.27 -31.77 5.69
C HIS K 52 49.87 -32.37 4.34
N PHE K 53 48.57 -32.36 4.07
CA PHE K 53 48.04 -32.81 2.79
C PHE K 53 47.95 -31.59 1.89
N THR K 54 48.83 -31.54 0.90
CA THR K 54 49.21 -30.32 0.24
C THR K 54 48.15 -29.83 -0.73
N LEU K 55 47.63 -30.73 -1.57
CA LEU K 55 46.69 -30.33 -2.61
C LEU K 55 45.33 -29.92 -2.07
N ALA K 56 44.98 -30.30 -0.85
CA ALA K 56 43.74 -29.82 -0.30
C ALA K 56 43.86 -28.45 0.34
N SER K 57 45.01 -27.79 0.24
CA SER K 57 45.12 -26.42 0.75
C SER K 57 44.27 -25.46 -0.07
N MET K 58 43.99 -25.78 -1.33
CA MET K 58 43.14 -24.95 -2.16
C MET K 58 41.65 -25.20 -1.91
N MET K 59 41.31 -26.28 -1.22
CA MET K 59 39.92 -26.59 -0.91
C MET K 59 39.20 -25.54 -0.03
N PRO K 60 39.78 -24.99 1.06
CA PRO K 60 39.04 -23.97 1.79
C PRO K 60 38.78 -22.69 1.00
N ILE K 61 39.65 -22.36 0.04
CA ILE K 61 39.40 -21.23 -0.86
C ILE K 61 38.16 -21.49 -1.71
N ILE K 62 38.00 -22.71 -2.20
CA ILE K 62 36.85 -23.06 -3.03
C ILE K 62 35.58 -23.05 -2.19
N LEU K 63 35.65 -23.56 -0.95
CA LEU K 63 34.54 -23.47 0.00
C LEU K 63 34.12 -22.03 0.25
N LEU K 64 35.11 -21.16 0.51
CA LEU K 64 34.84 -19.75 0.81
C LEU K 64 34.23 -19.03 -0.38
N VAL K 65 34.74 -19.29 -1.59
CA VAL K 65 34.27 -18.61 -2.78
C VAL K 65 32.84 -19.05 -3.13
N PHE K 66 32.61 -20.36 -3.17
CA PHE K 66 31.28 -20.88 -3.49
C PHE K 66 30.24 -20.47 -2.45
N ALA K 67 30.60 -20.50 -1.18
CA ALA K 67 29.58 -20.16 -0.19
C ALA K 67 29.40 -18.67 -0.02
N ALA K 68 30.39 -17.84 -0.37
CA ALA K 68 30.12 -16.41 -0.40
C ALA K 68 29.31 -16.02 -1.62
N CYS K 69 29.43 -16.74 -2.73
CA CYS K 69 28.52 -16.52 -3.85
C CYS K 69 27.10 -16.96 -3.50
N GLU K 70 26.99 -18.07 -2.77
CA GLU K 70 25.73 -18.49 -2.16
C GLU K 70 25.15 -17.41 -1.25
N ALA K 71 26.01 -16.76 -0.46
CA ALA K 71 25.57 -15.70 0.44
C ALA K 71 25.10 -14.47 -0.32
N ALA K 72 25.75 -14.16 -1.45
CA ALA K 72 25.29 -13.04 -2.28
C ALA K 72 23.93 -13.33 -2.88
N LEU K 73 23.70 -14.59 -3.27
CA LEU K 73 22.38 -14.99 -3.76
C LEU K 73 21.33 -14.88 -2.64
N GLY K 74 21.70 -15.26 -1.42
CA GLY K 74 20.78 -15.12 -0.31
C GLY K 74 20.46 -13.69 0.05
N LEU K 75 21.45 -12.80 -0.06
CA LEU K 75 21.21 -11.38 0.17
C LEU K 75 20.35 -10.77 -0.92
N SER K 76 20.46 -11.26 -2.16
CA SER K 76 19.56 -10.78 -3.20
C SER K 76 18.13 -11.25 -2.98
N LEU K 77 17.96 -12.48 -2.49
CA LEU K 77 16.62 -12.93 -2.11
C LEU K 77 16.05 -12.11 -0.95
N LEU K 78 16.91 -11.77 0.02
CA LEU K 78 16.48 -10.94 1.13
C LEU K 78 16.10 -9.55 0.67
N VAL K 79 16.82 -9.01 -0.31
CA VAL K 79 16.52 -7.71 -0.86
C VAL K 79 15.18 -7.71 -1.60
N MET K 80 14.88 -8.79 -2.34
CA MET K 80 13.59 -8.85 -3.00
C MET K 80 12.45 -9.02 -2.01
N VAL K 81 12.67 -9.77 -0.93
CA VAL K 81 11.66 -9.89 0.14
C VAL K 81 11.43 -8.54 0.82
N SER K 82 12.51 -7.81 1.11
CA SER K 82 12.38 -6.51 1.74
C SER K 82 11.76 -5.47 0.81
N ASN K 83 11.99 -5.58 -0.49
CA ASN K 83 11.33 -4.70 -1.44
C ASN K 83 9.85 -5.01 -1.53
N THR K 84 9.48 -6.27 -1.33
CA THR K 84 8.06 -6.62 -1.32
C THR K 84 7.36 -6.11 -0.06
N TYR K 85 7.89 -6.45 1.11
CA TYR K 85 7.14 -6.28 2.36
C TYR K 85 7.57 -5.07 3.18
N GLY K 86 8.77 -4.54 2.97
CA GLY K 86 9.29 -3.47 3.78
C GLY K 86 10.24 -3.93 4.88
N THR K 87 10.04 -5.13 5.40
CA THR K 87 10.94 -5.75 6.37
C THR K 87 11.48 -7.05 5.80
N ASP K 88 12.43 -7.65 6.50
CA ASP K 88 12.93 -8.98 6.19
C ASP K 88 12.40 -10.03 7.16
N TYR K 89 11.22 -9.77 7.73
CA TYR K 89 10.66 -10.66 8.74
C TYR K 89 10.16 -11.95 8.11
N VAL K 90 10.37 -13.07 8.81
CA VAL K 90 9.99 -14.36 8.27
C VAL K 90 8.48 -14.60 8.33
N GLN K 91 7.75 -13.88 9.19
CA GLN K 91 6.31 -14.08 9.26
C GLN K 91 5.57 -13.37 8.14
N ASN K 92 6.22 -12.49 7.39
CA ASN K 92 5.62 -11.94 6.18
C ASN K 92 5.69 -12.94 5.03
N LEU K 93 6.57 -13.92 5.11
CA LEU K 93 6.71 -14.94 4.07
C LEU K 93 5.90 -16.17 4.46
N ASN K 94 4.58 -15.99 4.50
CA ASN K 94 3.68 -17.12 4.75
C ASN K 94 2.47 -17.09 3.83
N LEU K 95 2.65 -16.65 2.58
CA LEU K 95 1.54 -16.67 1.63
C LEU K 95 1.27 -18.07 1.11
N LEU K 96 2.27 -18.94 1.14
CA LEU K 96 2.21 -20.25 0.51
C LEU K 96 1.63 -21.32 1.42
N GLN K 97 1.07 -20.93 2.57
CA GLN K 97 0.30 -21.87 3.38
C GLN K 97 -1.00 -22.30 2.70
N CYS K 98 -1.53 -21.49 1.80
CA CYS K 98 -2.75 -21.82 1.06
C CYS K 98 -2.79 -21.09 -0.28
N FME L 1 -41.24 -108.53 -22.64
CN FME L 1 -42.61 -108.59 -22.57
O1 FME L 1 -43.31 -107.69 -22.07
CA FME L 1 -40.48 -107.41 -22.15
CB FME L 1 -38.98 -107.69 -22.13
CG FME L 1 -38.24 -106.77 -21.18
SD FME L 1 -37.37 -105.56 -22.13
CE FME L 1 -36.41 -106.54 -23.22
C FME L 1 -40.71 -106.17 -22.99
O FME L 1 -40.81 -105.03 -22.51
N ASN L 2 -40.80 -106.39 -24.29
CA ASN L 2 -40.80 -105.30 -25.26
C ASN L 2 -42.13 -104.57 -25.41
N LEU L 3 -43.16 -105.02 -24.71
CA LEU L 3 -44.46 -104.36 -24.73
C LEU L 3 -44.68 -103.48 -23.51
N PHE L 4 -44.33 -104.04 -22.34
CA PHE L 4 -44.47 -103.36 -21.05
C PHE L 4 -43.69 -102.05 -21.03
N SER L 5 -42.39 -102.14 -21.30
CA SER L 5 -41.50 -100.98 -21.26
C SER L 5 -41.85 -99.98 -22.37
N SER L 6 -42.26 -100.49 -23.53
CA SER L 6 -42.59 -99.62 -24.66
C SER L 6 -43.80 -98.76 -24.33
N LEU L 7 -44.92 -99.37 -23.94
CA LEU L 7 -46.10 -98.56 -23.64
C LEU L 7 -45.95 -97.75 -22.35
N THR L 8 -45.09 -98.21 -21.43
CA THR L 8 -44.68 -97.40 -20.27
C THR L 8 -44.08 -96.07 -20.71
N LEU L 9 -43.08 -96.10 -21.58
CA LEU L 9 -42.49 -94.83 -22.01
C LEU L 9 -43.37 -94.07 -23.00
N VAL L 10 -44.24 -94.78 -23.72
CA VAL L 10 -45.14 -94.13 -24.67
C VAL L 10 -46.17 -93.29 -23.96
N THR L 11 -46.62 -93.70 -22.77
CA THR L 11 -47.51 -92.87 -21.97
C THR L 11 -46.89 -91.52 -21.62
N LEU L 12 -45.63 -91.53 -21.19
CA LEU L 12 -44.95 -90.30 -20.80
C LEU L 12 -44.65 -89.41 -22.01
N ILE L 13 -44.16 -90.00 -23.10
CA ILE L 13 -43.83 -89.21 -24.29
C ILE L 13 -45.09 -88.69 -24.97
N LEU L 14 -46.16 -89.47 -24.94
CA LEU L 14 -47.46 -89.02 -25.40
C LEU L 14 -47.97 -87.84 -24.60
N LEU L 15 -47.73 -87.84 -23.29
CA LEU L 15 -48.08 -86.67 -22.50
C LEU L 15 -47.19 -85.47 -22.84
N THR L 16 -45.93 -85.70 -23.19
CA THR L 16 -45.07 -84.56 -23.50
C THR L 16 -45.32 -83.94 -24.86
N MET L 17 -45.94 -84.68 -25.79
CA MET L 17 -46.19 -84.13 -27.13
C MET L 17 -47.09 -82.90 -27.20
N PRO L 18 -48.19 -82.74 -26.43
CA PRO L 18 -48.92 -81.46 -26.48
C PRO L 18 -48.15 -80.28 -25.91
N ILE L 19 -47.15 -80.51 -25.06
CA ILE L 19 -46.30 -79.40 -24.62
C ILE L 19 -45.49 -78.85 -25.79
N ALA L 20 -44.99 -79.74 -26.65
CA ALA L 20 -44.36 -79.31 -27.88
C ALA L 20 -45.35 -78.66 -28.83
N ALA L 21 -46.60 -79.14 -28.85
CA ALA L 21 -47.61 -78.54 -29.72
C ALA L 21 -47.95 -77.11 -29.29
N ILE L 22 -48.10 -76.87 -27.99
CA ILE L 22 -48.40 -75.52 -27.53
C ILE L 22 -47.15 -74.63 -27.59
N ASN L 23 -45.96 -75.20 -27.50
CA ASN L 23 -44.77 -74.38 -27.67
C ASN L 23 -44.43 -74.13 -29.13
N PHE L 24 -45.06 -74.83 -30.06
CA PHE L 24 -44.84 -74.63 -31.49
C PHE L 24 -46.09 -74.08 -32.17
N ASN L 25 -46.72 -73.10 -31.54
CA ASN L 25 -47.95 -72.50 -32.05
C ASN L 25 -47.67 -71.20 -32.81
N THR L 26 -48.49 -70.95 -33.83
CA THR L 26 -48.50 -69.67 -34.51
C THR L 26 -49.95 -69.22 -34.61
N HIS L 27 -50.84 -70.21 -34.67
CA HIS L 27 -52.27 -70.02 -34.87
C HIS L 27 -53.01 -70.12 -33.54
N LYS L 28 -54.30 -69.79 -33.59
CA LYS L 28 -55.21 -70.10 -32.49
C LYS L 28 -55.73 -71.51 -32.73
N PHE L 29 -55.60 -72.38 -31.72
CA PHE L 29 -55.88 -73.79 -31.87
C PHE L 29 -57.36 -74.08 -32.09
N THR L 30 -57.61 -75.12 -32.88
CA THR L 30 -58.95 -75.70 -33.01
C THR L 30 -59.17 -76.64 -31.81
N ASN L 31 -59.48 -76.01 -30.67
CA ASN L 31 -59.83 -76.65 -29.40
C ASN L 31 -58.69 -77.53 -28.89
N TYR L 32 -57.61 -76.85 -28.52
CA TYR L 32 -56.52 -77.47 -27.77
C TYR L 32 -56.92 -78.18 -26.47
N PRO L 33 -57.92 -77.74 -25.68
CA PRO L 33 -58.38 -78.61 -24.57
C PRO L 33 -58.94 -79.95 -25.02
N LEU L 34 -59.63 -80.00 -26.15
CA LEU L 34 -60.04 -81.29 -26.71
C LEU L 34 -58.84 -82.13 -27.09
N TYR L 35 -57.79 -81.50 -27.58
CA TYR L 35 -56.57 -82.19 -27.96
C TYR L 35 -55.87 -82.79 -26.75
N VAL L 36 -55.76 -82.04 -25.66
CA VAL L 36 -55.10 -82.54 -24.46
C VAL L 36 -55.97 -83.58 -23.76
N LYS L 37 -57.30 -83.42 -23.82
CA LYS L 37 -58.20 -84.43 -23.26
C LYS L 37 -58.11 -85.74 -24.02
N THR L 38 -58.03 -85.66 -25.36
CA THR L 38 -57.87 -86.86 -26.18
C THR L 38 -56.51 -87.51 -25.93
N THR L 39 -55.48 -86.68 -25.71
CA THR L 39 -54.15 -87.19 -25.41
C THR L 39 -54.12 -87.94 -24.09
N ILE L 40 -54.74 -87.39 -23.05
CA ILE L 40 -54.74 -88.06 -21.74
C ILE L 40 -55.67 -89.26 -21.75
N SER L 41 -56.74 -89.22 -22.56
CA SER L 41 -57.61 -90.40 -22.71
C SER L 41 -56.86 -91.56 -23.33
N CYS L 42 -56.14 -91.29 -24.42
CA CYS L 42 -55.39 -92.36 -25.08
C CYS L 42 -54.18 -92.75 -24.24
N ALA L 43 -53.68 -91.86 -23.40
CA ALA L 43 -52.61 -92.22 -22.47
C ALA L 43 -53.11 -93.16 -21.38
N PHE L 44 -54.35 -92.94 -20.91
CA PHE L 44 -54.98 -93.88 -19.99
C PHE L 44 -55.18 -95.24 -20.65
N ILE L 45 -55.66 -95.24 -21.90
CA ILE L 45 -55.86 -96.49 -22.63
C ILE L 45 -54.54 -97.21 -22.85
N THR L 46 -53.46 -96.46 -23.09
CA THR L 46 -52.13 -97.04 -23.23
C THR L 46 -51.61 -97.60 -21.91
N SER L 47 -51.81 -96.86 -20.82
CA SER L 47 -51.33 -97.28 -19.51
C SER L 47 -52.13 -98.42 -18.91
N MET L 48 -53.30 -98.75 -19.47
CA MET L 48 -54.00 -99.93 -18.99
C MET L 48 -53.29 -101.23 -19.36
N ILE L 49 -52.53 -101.26 -20.45
CA ILE L 49 -51.81 -102.47 -20.86
C ILE L 49 -50.72 -102.90 -19.87
N PRO L 50 -49.77 -102.04 -19.43
CA PRO L 50 -48.76 -102.55 -18.49
C PRO L 50 -49.34 -102.87 -17.12
N THR L 51 -50.42 -102.21 -16.73
CA THR L 51 -51.16 -102.59 -15.54
C THR L 51 -51.75 -103.99 -15.65
N MET L 52 -52.32 -104.32 -16.82
CA MET L 52 -52.91 -105.65 -16.98
C MET L 52 -51.84 -106.73 -17.02
N MET L 53 -50.70 -106.45 -17.64
CA MET L 53 -49.65 -107.47 -17.65
C MET L 53 -48.76 -107.41 -16.42
N PHE L 54 -49.05 -106.50 -15.48
CA PHE L 54 -48.63 -106.67 -14.10
C PHE L 54 -49.63 -107.46 -13.27
N ILE L 55 -50.93 -107.33 -13.57
CA ILE L 55 -51.92 -108.12 -12.85
C ILE L 55 -51.81 -109.60 -13.22
N HIS L 56 -51.41 -109.89 -14.46
CA HIS L 56 -51.26 -111.28 -14.90
C HIS L 56 -50.10 -111.98 -14.20
N THR L 57 -48.87 -111.51 -14.43
CA THR L 57 -47.68 -112.17 -13.92
C THR L 57 -47.08 -111.53 -12.67
N GLY L 58 -47.33 -110.25 -12.42
CA GLY L 58 -46.52 -109.55 -11.45
C GLY L 58 -45.27 -108.98 -12.05
N GLN L 59 -45.30 -108.62 -13.33
CA GLN L 59 -44.09 -108.25 -14.07
C GLN L 59 -43.64 -106.85 -13.67
N GLU L 60 -42.41 -106.76 -13.17
CA GLU L 60 -41.80 -105.49 -12.78
C GLU L 60 -40.47 -105.34 -13.49
N MET L 61 -40.15 -104.10 -13.85
CA MET L 61 -38.86 -103.81 -14.45
C MET L 61 -38.49 -102.36 -14.19
N ILE L 62 -37.27 -102.01 -14.61
CA ILE L 62 -36.72 -100.68 -14.46
C ILE L 62 -36.14 -100.25 -15.80
N ILE L 63 -36.54 -99.07 -16.27
CA ILE L 63 -36.05 -98.55 -17.54
C ILE L 63 -35.01 -97.48 -17.19
N SER L 64 -33.75 -97.91 -17.09
CA SER L 64 -32.64 -96.98 -16.88
C SER L 64 -31.99 -96.69 -18.23
N ASN L 65 -32.75 -96.00 -19.06
CA ASN L 65 -32.40 -95.89 -20.47
C ASN L 65 -31.29 -94.89 -20.75
N TRP L 66 -31.22 -93.80 -19.99
CA TRP L 66 -30.37 -92.66 -20.35
C TRP L 66 -29.41 -92.34 -19.23
N HIS L 67 -28.13 -92.64 -19.45
CA HIS L 67 -27.07 -92.18 -18.56
C HIS L 67 -26.96 -90.67 -18.64
N TRP L 68 -27.25 -90.00 -17.53
CA TRP L 68 -27.23 -88.54 -17.48
C TRP L 68 -25.94 -87.98 -16.91
N LEU L 69 -25.43 -88.58 -15.85
CA LEU L 69 -24.32 -87.98 -15.11
C LEU L 69 -23.75 -89.04 -14.18
N THR L 70 -22.44 -88.95 -13.92
CA THR L 70 -21.77 -89.84 -12.97
C THR L 70 -20.82 -89.02 -12.12
N ILE L 71 -21.21 -88.74 -10.89
CA ILE L 71 -20.37 -87.95 -9.97
C ILE L 71 -19.54 -88.95 -9.17
N GLN L 72 -18.54 -89.51 -9.83
CA GLN L 72 -17.40 -90.27 -9.31
C GLN L 72 -17.72 -91.59 -8.63
N THR L 73 -18.92 -91.77 -8.10
CA THR L 73 -19.37 -93.06 -7.57
C THR L 73 -20.86 -93.26 -7.80
N LEU L 74 -21.54 -92.32 -8.43
CA LEU L 74 -23.00 -92.24 -8.41
C LEU L 74 -23.47 -92.02 -9.84
N LYS L 75 -23.84 -93.09 -10.53
CA LYS L 75 -24.35 -92.98 -11.89
C LYS L 75 -25.79 -92.52 -11.83
N LEU L 76 -26.01 -91.25 -12.11
CA LEU L 76 -27.36 -90.69 -12.15
C LEU L 76 -27.96 -90.97 -13.52
N SER L 77 -28.89 -91.92 -13.58
CA SER L 77 -29.49 -92.32 -14.84
C SER L 77 -30.97 -92.01 -14.82
N LEU L 78 -31.52 -91.71 -15.99
CA LEU L 78 -32.96 -91.54 -16.13
C LEU L 78 -33.60 -92.91 -15.96
N SER L 79 -34.13 -93.16 -14.77
CA SER L 79 -34.46 -94.51 -14.34
C SER L 79 -35.91 -94.55 -13.88
N PHE L 80 -36.69 -95.45 -14.47
CA PHE L 80 -38.13 -95.51 -14.26
C PHE L 80 -38.48 -96.83 -13.57
N LYS L 81 -38.83 -96.75 -12.29
CA LYS L 81 -39.17 -97.95 -11.52
C LYS L 81 -40.62 -98.33 -11.79
N MET L 82 -40.82 -99.43 -12.52
CA MET L 82 -42.16 -99.92 -12.83
C MET L 82 -42.48 -101.07 -11.90
N ASP L 83 -43.10 -100.77 -10.77
CA ASP L 83 -43.53 -101.74 -9.79
C ASP L 83 -45.03 -101.60 -9.57
N PHE L 84 -45.51 -102.24 -8.50
CA PHE L 84 -46.91 -102.18 -8.08
C PHE L 84 -47.42 -100.74 -7.92
N PHE L 85 -46.57 -99.86 -7.40
CA PHE L 85 -46.99 -98.51 -7.07
C PHE L 85 -47.24 -97.68 -8.34
N SER L 86 -46.33 -97.75 -9.32
CA SER L 86 -46.53 -97.04 -10.57
C SER L 86 -47.71 -97.61 -11.35
N MET L 87 -47.81 -98.94 -11.42
CA MET L 87 -48.87 -99.59 -12.18
C MET L 87 -50.25 -99.37 -11.58
N MET L 88 -50.35 -99.10 -10.28
CA MET L 88 -51.67 -98.77 -9.75
C MET L 88 -51.94 -97.27 -9.72
N PHE L 89 -50.91 -96.42 -9.60
CA PHE L 89 -51.21 -94.99 -9.48
C PHE L 89 -51.33 -94.28 -10.81
N VAL L 90 -50.53 -94.67 -11.82
CA VAL L 90 -50.53 -93.94 -13.10
C VAL L 90 -51.87 -94.04 -13.84
N PRO L 91 -52.52 -95.21 -13.99
CA PRO L 91 -53.85 -95.17 -14.63
C PRO L 91 -54.92 -94.46 -13.83
N VAL L 92 -54.87 -94.52 -12.49
CA VAL L 92 -55.82 -93.79 -11.68
C VAL L 92 -55.63 -92.29 -11.83
N ALA L 93 -54.38 -91.83 -11.83
CA ALA L 93 -54.09 -90.40 -12.00
C ALA L 93 -54.47 -89.93 -13.41
N LEU L 94 -54.24 -90.76 -14.42
CA LEU L 94 -54.63 -90.38 -15.79
C LEU L 94 -56.15 -90.35 -15.94
N PHE L 95 -56.85 -91.28 -15.31
CA PHE L 95 -58.31 -91.32 -15.39
C PHE L 95 -58.93 -90.11 -14.70
N VAL L 96 -58.44 -89.81 -13.49
CA VAL L 96 -58.90 -88.64 -12.75
C VAL L 96 -58.57 -87.36 -13.51
N THR L 97 -57.37 -87.26 -14.10
CA THR L 97 -56.98 -86.07 -14.84
C THR L 97 -57.81 -85.89 -16.10
N TRP L 98 -58.17 -87.00 -16.76
CA TRP L 98 -59.02 -86.94 -17.94
C TRP L 98 -60.43 -86.45 -17.58
N SER L 99 -60.95 -86.91 -16.44
CA SER L 99 -62.24 -86.39 -15.99
C SER L 99 -62.16 -84.93 -15.58
N ILE L 100 -61.04 -84.52 -14.96
CA ILE L 100 -60.86 -83.14 -14.55
C ILE L 100 -60.76 -82.21 -15.76
N MET L 101 -60.09 -82.65 -16.82
CA MET L 101 -59.99 -81.80 -17.98
C MET L 101 -61.27 -81.75 -18.80
N GLU L 102 -62.05 -82.82 -18.85
CA GLU L 102 -63.34 -82.69 -19.51
C GLU L 102 -64.33 -81.88 -18.66
N PHE L 103 -64.14 -81.86 -17.34
CA PHE L 103 -64.83 -80.88 -16.51
C PHE L 103 -64.36 -79.46 -16.80
N SER L 104 -63.06 -79.29 -17.04
CA SER L 104 -62.46 -77.98 -17.23
C SER L 104 -62.80 -77.38 -18.58
N MET L 105 -63.13 -78.21 -19.56
CA MET L 105 -63.60 -77.70 -20.85
C MET L 105 -64.94 -76.96 -20.74
N TRP L 106 -65.69 -77.20 -19.67
CA TRP L 106 -66.89 -76.45 -19.37
C TRP L 106 -66.68 -75.38 -18.32
N TYR L 107 -65.95 -75.72 -17.24
CA TYR L 107 -65.82 -74.78 -16.13
C TYR L 107 -64.97 -73.58 -16.49
N MET L 108 -63.87 -73.79 -17.22
CA MET L 108 -62.97 -72.71 -17.60
C MET L 108 -63.22 -72.26 -19.04
N HIS L 109 -64.48 -72.30 -19.49
CA HIS L 109 -64.77 -71.91 -20.87
C HIS L 109 -64.75 -70.41 -21.05
N SER L 110 -65.08 -69.65 -20.02
CA SER L 110 -65.07 -68.20 -20.11
C SER L 110 -63.68 -67.59 -19.89
N ASP L 111 -62.66 -68.41 -19.76
CA ASP L 111 -61.30 -67.93 -19.57
C ASP L 111 -60.62 -67.74 -20.93
N PRO L 112 -60.07 -66.56 -21.21
CA PRO L 112 -59.25 -66.41 -22.43
C PRO L 112 -57.86 -67.00 -22.31
N ASN L 113 -57.46 -67.47 -21.13
CA ASN L 113 -56.18 -68.16 -20.94
C ASN L 113 -56.41 -69.64 -20.72
N ILE L 114 -57.36 -70.22 -21.46
CA ILE L 114 -57.70 -71.62 -21.28
C ILE L 114 -56.61 -72.53 -21.83
N ASN L 115 -55.94 -72.12 -22.91
CA ASN L 115 -54.85 -72.91 -23.46
C ASN L 115 -53.66 -72.93 -22.49
N GLN L 116 -53.39 -71.80 -21.85
CA GLN L 116 -52.37 -71.73 -20.82
C GLN L 116 -52.75 -72.57 -19.61
N PHE L 117 -54.06 -72.63 -19.29
CA PHE L 117 -54.53 -73.42 -18.15
C PHE L 117 -54.33 -74.91 -18.40
N PHE L 118 -54.72 -75.39 -19.58
CA PHE L 118 -54.51 -76.80 -19.91
C PHE L 118 -53.04 -77.14 -20.10
N LYS L 119 -52.23 -76.18 -20.56
CA LYS L 119 -50.78 -76.39 -20.60
C LYS L 119 -50.22 -76.57 -19.21
N TYR L 120 -50.61 -75.71 -18.27
CA TYR L 120 -50.14 -75.83 -16.89
C TYR L 120 -50.63 -77.11 -16.22
N LEU L 121 -51.84 -77.55 -16.54
CA LEU L 121 -52.39 -78.74 -15.90
C LEU L 121 -51.73 -79.99 -16.45
N LEU L 122 -51.41 -79.99 -17.75
CA LEU L 122 -50.64 -81.09 -18.32
C LEU L 122 -49.21 -81.10 -17.80
N LEU L 123 -48.62 -79.93 -17.55
CA LEU L 123 -47.29 -79.87 -16.95
C LEU L 123 -47.30 -80.43 -15.54
N PHE L 124 -48.37 -80.16 -14.78
CA PHE L 124 -48.54 -80.79 -13.48
C PHE L 124 -48.63 -82.30 -13.60
N LEU L 125 -49.37 -82.80 -14.59
CA LEU L 125 -49.50 -84.25 -14.77
C LEU L 125 -48.17 -84.89 -15.13
N ILE L 126 -47.39 -84.23 -15.98
CA ILE L 126 -46.07 -84.74 -16.36
C ILE L 126 -45.13 -84.76 -15.16
N THR L 127 -45.13 -83.69 -14.35
CA THR L 127 -44.26 -83.68 -13.17
C THR L 127 -44.70 -84.70 -12.12
N MET L 128 -46.00 -84.96 -12.01
CA MET L 128 -46.45 -85.96 -11.04
C MET L 128 -46.10 -87.36 -11.49
N LEU L 129 -46.17 -87.63 -12.79
CA LEU L 129 -45.73 -88.94 -13.24
C LEU L 129 -44.21 -89.07 -13.32
N ILE L 130 -43.49 -87.95 -13.31
CA ILE L 130 -42.06 -88.01 -13.02
C ILE L 130 -41.83 -88.37 -11.56
N LEU L 131 -42.67 -87.85 -10.67
CA LEU L 131 -42.54 -88.12 -9.24
C LEU L 131 -42.78 -89.59 -8.91
N VAL L 132 -43.91 -90.13 -9.37
CA VAL L 132 -44.31 -91.46 -8.92
C VAL L 132 -43.63 -92.59 -9.66
N THR L 133 -42.94 -92.30 -10.76
CA THR L 133 -42.24 -93.32 -11.52
C THR L 133 -40.73 -93.20 -11.41
N ALA L 134 -40.24 -92.38 -10.50
CA ALA L 134 -38.80 -92.19 -10.36
C ALA L 134 -38.18 -93.33 -9.59
N ASN L 135 -36.90 -93.57 -9.86
CA ASN L 135 -36.15 -94.63 -9.22
C ASN L 135 -35.01 -94.13 -8.36
N ASN L 136 -34.49 -92.94 -8.64
CA ASN L 136 -33.56 -92.30 -7.73
C ASN L 136 -34.19 -91.04 -7.15
N LEU L 137 -33.56 -90.53 -6.09
CA LEU L 137 -34.12 -89.41 -5.37
C LEU L 137 -33.93 -88.09 -6.08
N PHE L 138 -33.04 -88.03 -7.08
CA PHE L 138 -32.88 -86.80 -7.84
C PHE L 138 -34.06 -86.59 -8.79
N GLN L 139 -34.43 -87.63 -9.54
CA GLN L 139 -35.59 -87.55 -10.42
C GLN L 139 -36.89 -87.41 -9.64
N LEU L 140 -36.96 -88.05 -8.47
CA LEU L 140 -38.11 -87.86 -7.60
C LEU L 140 -38.15 -86.44 -7.04
N PHE L 141 -36.98 -85.83 -6.82
CA PHE L 141 -36.94 -84.44 -6.41
C PHE L 141 -37.33 -83.51 -7.54
N ILE L 142 -37.05 -83.91 -8.79
CA ILE L 142 -37.50 -83.16 -9.96
C ILE L 142 -39.02 -83.15 -10.02
N GLY L 143 -39.64 -84.33 -9.89
CA GLY L 143 -41.09 -84.39 -9.87
C GLY L 143 -41.72 -83.70 -8.66
N TRP L 144 -41.02 -83.77 -7.53
CA TRP L 144 -41.44 -83.13 -6.28
C TRP L 144 -41.50 -81.61 -6.44
N GLU L 145 -40.39 -81.01 -6.85
CA GLU L 145 -40.34 -79.59 -7.10
C GLU L 145 -41.22 -79.18 -8.27
N GLY L 146 -41.45 -80.09 -9.23
CA GLY L 146 -42.33 -79.76 -10.33
C GLY L 146 -43.77 -79.62 -9.92
N VAL L 147 -44.25 -80.53 -9.07
CA VAL L 147 -45.64 -80.39 -8.61
C VAL L 147 -45.75 -79.23 -7.63
N GLY L 148 -44.67 -78.90 -6.91
CA GLY L 148 -44.69 -77.68 -6.10
C GLY L 148 -44.79 -76.41 -6.93
N ILE L 149 -44.05 -76.33 -8.03
CA ILE L 149 -44.06 -75.13 -8.86
C ILE L 149 -45.36 -75.03 -9.65
N MET L 150 -45.90 -76.15 -10.10
CA MET L 150 -47.19 -76.07 -10.79
C MET L 150 -48.32 -75.79 -9.82
N SER L 151 -48.16 -76.19 -8.55
CA SER L 151 -49.07 -75.72 -7.50
C SER L 151 -49.02 -74.22 -7.34
N PHE L 152 -47.81 -73.64 -7.37
CA PHE L 152 -47.68 -72.19 -7.34
C PHE L 152 -48.40 -71.53 -8.52
N LEU L 153 -48.13 -72.01 -9.73
CA LEU L 153 -48.67 -71.36 -10.92
C LEU L 153 -50.17 -71.58 -11.08
N LEU L 154 -50.73 -72.60 -10.45
CA LEU L 154 -52.17 -72.83 -10.55
C LEU L 154 -52.96 -72.28 -9.37
N ILE L 155 -52.34 -72.12 -8.19
CA ILE L 155 -52.99 -71.35 -7.14
C ILE L 155 -52.99 -69.87 -7.48
N GLY L 156 -51.86 -69.35 -7.95
CA GLY L 156 -51.82 -67.98 -8.39
C GLY L 156 -52.27 -67.81 -9.83
N TRP L 157 -53.42 -68.38 -10.17
CA TRP L 157 -53.94 -68.27 -11.53
C TRP L 157 -54.53 -66.89 -11.77
N TRP L 158 -55.57 -66.53 -11.02
CA TRP L 158 -56.09 -65.17 -11.09
C TRP L 158 -55.17 -64.31 -10.23
N TYR L 159 -54.10 -63.86 -10.87
CA TYR L 159 -52.97 -63.23 -10.18
C TYR L 159 -53.21 -61.78 -9.84
N GLY L 160 -54.28 -61.16 -10.35
CA GLY L 160 -54.66 -59.86 -9.85
C GLY L 160 -55.21 -59.91 -8.45
N ARG L 161 -55.69 -61.07 -8.01
CA ARG L 161 -56.18 -61.25 -6.66
C ARG L 161 -55.00 -61.38 -5.71
N THR L 162 -55.00 -60.58 -4.66
CA THR L 162 -53.90 -60.56 -3.71
C THR L 162 -53.86 -61.85 -2.89
N ASP L 163 -55.03 -62.37 -2.52
CA ASP L 163 -55.09 -63.56 -1.68
C ASP L 163 -54.66 -64.81 -2.43
N ALA L 164 -54.83 -64.82 -3.75
CA ALA L 164 -54.37 -65.96 -4.54
C ALA L 164 -52.84 -66.02 -4.58
N ASN L 165 -52.19 -64.87 -4.76
CA ASN L 165 -50.74 -64.79 -4.70
C ASN L 165 -50.22 -65.11 -3.32
N THR L 166 -50.97 -64.68 -2.29
CA THR L 166 -50.62 -64.97 -0.91
C THR L 166 -50.70 -66.47 -0.62
N ALA L 167 -51.75 -67.12 -1.11
CA ALA L 167 -51.91 -68.55 -0.91
C ALA L 167 -50.87 -69.34 -1.68
N ALA L 168 -50.48 -68.87 -2.86
CA ALA L 168 -49.44 -69.53 -3.64
C ALA L 168 -48.09 -69.43 -2.96
N LEU L 169 -47.74 -68.26 -2.43
CA LEU L 169 -46.48 -68.10 -1.72
C LEU L 169 -46.49 -68.88 -0.40
N GLN L 170 -47.65 -68.98 0.23
CA GLN L 170 -47.82 -69.81 1.42
C GLN L 170 -47.57 -71.29 1.11
N ALA L 171 -48.15 -71.78 0.01
CA ALA L 171 -47.96 -73.17 -0.39
C ALA L 171 -46.50 -73.46 -0.69
N ILE L 172 -45.83 -72.53 -1.38
CA ILE L 172 -44.40 -72.68 -1.64
C ILE L 172 -43.60 -72.69 -0.33
N LEU L 173 -43.98 -71.83 0.62
CA LEU L 173 -43.29 -71.77 1.92
C LEU L 173 -43.35 -73.09 2.67
N TYR L 174 -44.56 -73.65 2.81
CA TYR L 174 -44.70 -74.91 3.53
C TYR L 174 -44.08 -76.08 2.77
N ASN L 175 -44.14 -76.06 1.43
CA ASN L 175 -43.50 -77.16 0.70
C ASN L 175 -41.98 -77.08 0.74
N ARG L 176 -41.40 -75.88 0.80
CA ARG L 176 -39.94 -75.81 0.94
C ARG L 176 -39.50 -76.18 2.36
N ILE L 177 -40.35 -75.93 3.36
CA ILE L 177 -40.07 -76.46 4.70
C ILE L 177 -40.08 -77.98 4.69
N GLY L 178 -40.97 -78.59 3.90
CA GLY L 178 -40.86 -80.03 3.68
C GLY L 178 -39.62 -80.42 2.89
N ASP L 179 -39.19 -79.58 1.96
CA ASP L 179 -38.01 -79.86 1.15
C ASP L 179 -36.73 -79.85 1.97
N ILE L 180 -36.72 -79.11 3.09
CA ILE L 180 -35.62 -79.21 4.06
C ILE L 180 -35.38 -80.66 4.45
N GLY L 181 -36.45 -81.34 4.87
CA GLY L 181 -36.33 -82.73 5.28
C GLY L 181 -36.08 -83.68 4.12
N PHE L 182 -36.62 -83.35 2.94
CA PHE L 182 -36.35 -84.22 1.78
C PHE L 182 -34.88 -84.15 1.37
N ILE L 183 -34.29 -82.96 1.42
CA ILE L 183 -32.89 -82.82 1.06
C ILE L 183 -32.00 -83.36 2.18
N LEU L 184 -32.47 -83.31 3.43
CA LEU L 184 -31.84 -84.06 4.51
C LEU L 184 -31.79 -85.55 4.24
N ALA L 185 -32.89 -86.11 3.74
CA ALA L 185 -32.93 -87.54 3.44
C ALA L 185 -32.00 -87.89 2.27
N MET L 186 -32.01 -87.07 1.21
CA MET L 186 -31.10 -87.29 0.08
C MET L 186 -29.64 -87.20 0.53
N ALA L 187 -29.34 -86.26 1.42
CA ALA L 187 -27.98 -86.10 1.92
C ALA L 187 -27.56 -87.30 2.76
N TRP L 188 -28.48 -87.81 3.59
CA TRP L 188 -28.16 -88.98 4.38
C TRP L 188 -27.91 -90.20 3.51
N PHE L 189 -28.75 -90.41 2.49
CA PHE L 189 -28.58 -91.60 1.66
C PHE L 189 -27.32 -91.51 0.81
N LEU L 190 -26.94 -90.31 0.36
CA LEU L 190 -25.70 -90.19 -0.39
C LEU L 190 -24.48 -90.41 0.50
N ILE L 191 -24.47 -89.82 1.70
CA ILE L 191 -23.27 -89.91 2.52
C ILE L 191 -23.11 -91.30 3.13
N ASN L 192 -24.21 -91.93 3.54
CA ASN L 192 -24.10 -93.21 4.24
C ASN L 192 -24.28 -94.42 3.34
N LEU L 193 -25.06 -94.34 2.26
CA LEU L 193 -25.30 -95.51 1.43
C LEU L 193 -24.77 -95.36 0.02
N ASN L 194 -24.19 -94.21 -0.32
CA ASN L 194 -23.60 -93.90 -1.64
C ASN L 194 -24.61 -94.07 -2.77
N THR L 195 -25.87 -93.72 -2.50
CA THR L 195 -26.88 -93.93 -3.52
C THR L 195 -28.05 -92.99 -3.31
N TRP L 196 -28.73 -92.71 -4.42
CA TRP L 196 -30.08 -92.20 -4.42
C TRP L 196 -31.05 -93.19 -5.04
N ASP L 197 -30.55 -94.19 -5.76
CA ASP L 197 -31.37 -95.26 -6.31
C ASP L 197 -32.03 -96.04 -5.19
N LEU L 198 -33.28 -96.45 -5.42
CA LEU L 198 -34.03 -97.16 -4.40
C LEU L 198 -33.56 -98.58 -4.22
N GLN L 199 -32.91 -99.16 -5.24
CA GLN L 199 -32.49 -100.56 -5.18
C GLN L 199 -31.36 -100.73 -4.19
N GLN L 200 -30.37 -99.86 -4.25
CA GLN L 200 -29.23 -99.94 -3.34
C GLN L 200 -29.63 -99.51 -1.94
N ILE L 201 -30.61 -98.61 -1.82
CA ILE L 201 -31.16 -98.25 -0.51
C ILE L 201 -31.85 -99.45 0.12
N PHE L 202 -32.63 -100.20 -0.68
CA PHE L 202 -33.34 -101.34 -0.13
C PHE L 202 -32.41 -102.53 0.12
N MET L 203 -31.32 -102.63 -0.64
CA MET L 203 -30.44 -103.78 -0.50
C MET L 203 -29.43 -103.58 0.62
N LEU L 204 -28.95 -102.36 0.83
CA LEU L 204 -28.00 -102.12 1.91
C LEU L 204 -28.67 -102.24 3.27
N ASN L 205 -29.94 -101.81 3.37
CA ASN L 205 -30.85 -101.98 4.51
C ASN L 205 -30.23 -101.44 5.80
N PRO L 206 -30.15 -100.13 5.98
CA PRO L 206 -29.41 -99.58 7.11
C PRO L 206 -30.14 -99.78 8.43
N ASN L 207 -29.41 -99.54 9.51
CA ASN L 207 -29.89 -99.73 10.87
C ASN L 207 -30.16 -98.42 11.60
N ASP L 208 -29.26 -97.45 11.46
CA ASP L 208 -29.46 -96.12 12.06
C ASP L 208 -30.25 -95.22 11.10
N SER L 209 -31.46 -95.67 10.78
CA SER L 209 -32.34 -94.99 9.84
C SER L 209 -33.32 -94.07 10.55
N ASN L 210 -32.97 -93.55 11.72
CA ASN L 210 -33.86 -92.61 12.39
C ASN L 210 -33.82 -91.25 11.72
N LEU L 211 -32.62 -90.74 11.43
CA LEU L 211 -32.47 -89.44 10.76
C LEU L 211 -33.07 -89.38 9.34
N PRO L 212 -32.81 -90.31 8.41
CA PRO L 212 -33.46 -90.17 7.10
C PRO L 212 -34.96 -90.38 7.13
N LEU L 213 -35.47 -91.20 8.07
CA LEU L 213 -36.90 -91.32 8.16
C LEU L 213 -37.54 -90.08 8.78
N MET L 214 -36.85 -89.40 9.70
CA MET L 214 -37.36 -88.10 10.16
C MET L 214 -37.34 -87.08 9.04
N GLY L 215 -36.34 -87.15 8.15
CA GLY L 215 -36.33 -86.27 6.99
C GLY L 215 -37.48 -86.55 6.04
N LEU L 216 -37.79 -87.83 5.80
CA LEU L 216 -38.92 -88.17 4.94
C LEU L 216 -40.26 -87.82 5.58
N ILE L 217 -40.37 -87.94 6.90
CA ILE L 217 -41.60 -87.55 7.59
C ILE L 217 -41.78 -86.05 7.54
N LEU L 218 -40.69 -85.27 7.61
CA LEU L 218 -40.80 -83.83 7.42
C LEU L 218 -41.20 -83.48 6.00
N ALA L 219 -40.68 -84.22 5.01
CA ALA L 219 -41.05 -83.99 3.62
C ALA L 219 -42.53 -84.30 3.38
N ALA L 220 -43.03 -85.36 4.01
CA ALA L 220 -44.44 -85.69 3.87
C ALA L 220 -45.33 -84.77 4.68
N THR L 221 -44.80 -84.18 5.75
CA THR L 221 -45.55 -83.18 6.49
C THR L 221 -45.74 -81.94 5.66
N GLY L 222 -44.70 -81.55 4.92
CA GLY L 222 -44.83 -80.42 4.01
C GLY L 222 -45.74 -80.71 2.83
N LYS L 223 -45.50 -81.82 2.13
CA LYS L 223 -46.17 -82.04 0.86
C LYS L 223 -47.59 -82.56 1.04
N SER L 224 -47.83 -83.43 2.01
CA SER L 224 -49.17 -83.95 2.23
C SER L 224 -49.92 -83.20 3.32
N ALA L 225 -49.39 -82.06 3.77
CA ALA L 225 -50.06 -81.11 4.67
C ALA L 225 -50.51 -81.76 5.98
N GLN L 226 -49.54 -82.33 6.68
CA GLN L 226 -49.82 -82.92 7.99
C GLN L 226 -49.81 -81.81 9.04
N PHE L 227 -49.95 -82.19 10.31
CA PHE L 227 -50.09 -81.19 11.36
C PHE L 227 -48.79 -80.42 11.57
N GLY L 228 -48.91 -79.11 11.71
CA GLY L 228 -47.76 -78.24 11.79
C GLY L 228 -47.51 -77.56 10.46
N LEU L 229 -47.69 -78.32 9.37
CA LEU L 229 -47.49 -77.80 8.03
C LEU L 229 -48.73 -77.96 7.17
N HIS L 230 -49.90 -78.11 7.80
CA HIS L 230 -51.20 -78.16 7.14
C HIS L 230 -51.82 -76.89 6.52
N PRO L 231 -51.64 -75.65 7.01
CA PRO L 231 -52.55 -74.57 6.58
C PRO L 231 -52.38 -74.10 5.14
N TRP L 232 -51.47 -74.66 4.35
CA TRP L 232 -51.38 -74.25 2.96
C TRP L 232 -52.46 -74.91 2.11
N LEU L 233 -52.94 -76.08 2.51
CA LEU L 233 -53.91 -76.83 1.73
C LEU L 233 -55.35 -76.30 1.82
N PRO L 234 -55.87 -75.85 2.97
CA PRO L 234 -57.15 -75.12 2.91
C PRO L 234 -57.04 -73.77 2.20
N SER L 235 -55.91 -73.07 2.37
CA SER L 235 -55.72 -71.81 1.66
C SER L 235 -55.49 -72.02 0.18
N ALA L 236 -55.11 -73.23 -0.23
CA ALA L 236 -54.85 -73.59 -1.62
C ALA L 236 -56.11 -73.74 -2.45
N MET L 237 -57.29 -73.51 -1.86
CA MET L 237 -58.55 -73.48 -2.57
C MET L 237 -58.78 -72.18 -3.32
N GLU L 238 -57.85 -71.22 -3.22
CA GLU L 238 -58.05 -69.92 -3.82
C GLU L 238 -57.84 -69.94 -5.32
N GLY L 239 -57.22 -70.99 -5.86
CA GLY L 239 -57.14 -71.19 -7.27
C GLY L 239 -58.47 -71.65 -7.84
N PRO L 240 -58.48 -71.94 -9.13
CA PRO L 240 -59.71 -72.44 -9.77
C PRO L 240 -60.12 -73.80 -9.24
N THR L 241 -61.38 -74.15 -9.46
CA THR L 241 -61.90 -75.41 -8.97
C THR L 241 -61.22 -76.67 -9.53
N PRO L 242 -60.94 -76.81 -10.83
CA PRO L 242 -60.24 -78.04 -11.26
C PRO L 242 -58.80 -78.13 -10.79
N VAL L 243 -58.17 -77.00 -10.45
CA VAL L 243 -56.88 -77.03 -9.77
C VAL L 243 -56.98 -77.76 -8.45
N SER L 244 -57.97 -77.39 -7.63
CA SER L 244 -58.20 -78.06 -6.36
C SER L 244 -58.56 -79.53 -6.58
N ALA L 245 -59.46 -79.77 -7.54
CA ALA L 245 -60.01 -81.10 -7.79
C ALA L 245 -58.95 -82.08 -8.27
N LEU L 246 -58.03 -81.64 -9.11
CA LEU L 246 -56.95 -82.54 -9.52
C LEU L 246 -55.83 -82.56 -8.51
N LEU L 247 -55.20 -81.41 -8.28
CA LEU L 247 -53.98 -81.36 -7.50
C LEU L 247 -54.24 -81.61 -6.02
N HIS L 248 -55.10 -80.80 -5.42
CA HIS L 248 -55.16 -80.66 -3.98
C HIS L 248 -56.10 -81.65 -3.33
N SER L 249 -56.59 -82.63 -4.08
CA SER L 249 -57.47 -83.66 -3.59
C SER L 249 -56.90 -85.05 -3.80
N SER L 250 -56.40 -85.31 -4.99
CA SER L 250 -56.25 -86.68 -5.47
C SER L 250 -54.82 -86.97 -5.91
N THR L 251 -54.14 -85.97 -6.42
CA THR L 251 -52.92 -86.22 -7.17
C THR L 251 -51.68 -85.60 -6.53
N MET L 252 -51.67 -84.30 -6.25
CA MET L 252 -50.47 -83.69 -5.70
C MET L 252 -50.29 -84.01 -4.23
N VAL L 253 -51.35 -83.84 -3.43
CA VAL L 253 -51.19 -83.90 -1.98
C VAL L 253 -50.99 -85.30 -1.44
N VAL L 254 -50.98 -86.32 -2.28
CA VAL L 254 -50.70 -87.68 -1.82
C VAL L 254 -49.25 -88.01 -2.10
N ALA L 255 -48.45 -87.01 -2.49
CA ALA L 255 -47.07 -87.28 -2.86
C ALA L 255 -46.17 -87.54 -1.67
N GLY L 256 -46.41 -86.88 -0.54
CA GLY L 256 -45.64 -87.20 0.66
C GLY L 256 -46.07 -88.53 1.26
N ILE L 257 -47.36 -88.83 1.16
CA ILE L 257 -47.85 -90.16 1.51
C ILE L 257 -47.22 -91.21 0.60
N PHE L 258 -47.11 -90.90 -0.69
CA PHE L 258 -46.48 -91.84 -1.62
C PHE L 258 -44.98 -91.93 -1.38
N LEU L 259 -44.38 -90.87 -0.84
CA LEU L 259 -42.96 -90.91 -0.49
C LEU L 259 -42.71 -91.85 0.69
N LEU L 260 -43.54 -91.75 1.73
CA LEU L 260 -43.40 -92.67 2.84
C LEU L 260 -43.92 -94.07 2.53
N ILE L 261 -44.73 -94.23 1.47
CA ILE L 261 -45.11 -95.55 1.01
C ILE L 261 -43.99 -96.19 0.20
N ARG L 262 -43.31 -95.39 -0.62
CA ARG L 262 -42.22 -95.88 -1.46
C ARG L 262 -41.06 -96.43 -0.63
N PHE L 263 -40.84 -95.86 0.55
CA PHE L 263 -39.80 -96.32 1.48
C PHE L 263 -40.35 -97.26 2.53
N TYR L 264 -41.30 -98.13 2.17
CA TYR L 264 -41.81 -99.10 3.13
C TYR L 264 -40.81 -100.17 3.62
N PRO L 265 -39.79 -100.64 2.86
CA PRO L 265 -38.82 -101.57 3.50
C PRO L 265 -37.97 -100.91 4.57
N LEU L 266 -37.85 -99.59 4.59
CA LEU L 266 -37.13 -98.93 5.66
C LEU L 266 -38.03 -98.55 6.83
N THR L 267 -39.29 -98.23 6.56
CA THR L 267 -40.21 -97.94 7.65
C THR L 267 -40.70 -99.20 8.35
N GLU L 268 -40.63 -100.36 7.70
CA GLU L 268 -41.04 -101.59 8.36
C GLU L 268 -40.01 -102.10 9.36
N ASN L 269 -38.80 -101.53 9.38
CA ASN L 269 -37.76 -101.93 10.31
C ASN L 269 -37.40 -100.81 11.28
N ASN L 270 -38.34 -99.94 11.60
CA ASN L 270 -38.11 -98.83 12.54
C ASN L 270 -39.43 -98.55 13.23
N LYS L 271 -39.54 -98.98 14.49
CA LYS L 271 -40.75 -98.73 15.26
C LYS L 271 -40.91 -97.25 15.60
N PHE L 272 -39.79 -96.53 15.70
CA PHE L 272 -39.84 -95.12 16.06
C PHE L 272 -40.41 -94.27 14.93
N GLY L 273 -40.00 -94.55 13.69
CA GLY L 273 -40.58 -93.85 12.55
C GLY L 273 -42.05 -94.18 12.36
N GLN L 274 -42.43 -95.43 12.62
CA GLN L 274 -43.83 -95.82 12.58
C GLN L 274 -44.66 -95.09 13.63
N SER L 275 -44.09 -94.93 14.83
CA SER L 275 -44.80 -94.24 15.90
C SER L 275 -44.94 -92.75 15.59
N ILE L 276 -43.90 -92.14 15.01
CA ILE L 276 -43.97 -90.72 14.63
C ILE L 276 -45.01 -90.51 13.52
N MET L 277 -45.03 -91.39 12.51
CA MET L 277 -46.04 -91.30 11.46
C MET L 277 -47.44 -91.52 12.01
N LEU L 278 -47.60 -92.47 12.92
CA LEU L 278 -48.90 -92.76 13.52
C LEU L 278 -49.44 -91.58 14.33
N CYS L 279 -48.58 -91.00 15.17
CA CYS L 279 -49.00 -89.86 15.99
C CYS L 279 -49.28 -88.63 15.14
N LEU L 280 -48.44 -88.37 14.13
CA LEU L 280 -48.64 -87.21 13.28
C LEU L 280 -49.90 -87.35 12.44
N GLY L 281 -50.17 -88.56 11.93
CA GLY L 281 -51.37 -88.77 11.16
C GLY L 281 -52.63 -88.69 11.98
N ALA L 282 -52.57 -89.19 13.22
CA ALA L 282 -53.73 -89.10 14.11
C ALA L 282 -54.01 -87.65 14.50
N MET L 283 -52.96 -86.88 14.75
CA MET L 283 -53.10 -85.46 15.05
C MET L 283 -53.71 -84.71 13.87
N THR L 284 -53.25 -85.03 12.65
CA THR L 284 -53.76 -84.35 11.46
C THR L 284 -55.22 -84.71 11.19
N THR L 285 -55.56 -86.01 11.27
CA THR L 285 -56.94 -86.40 10.99
C THR L 285 -57.89 -85.98 12.09
N LEU L 286 -57.41 -85.76 13.32
CA LEU L 286 -58.26 -85.13 14.32
C LEU L 286 -58.47 -83.66 14.00
N PHE L 287 -57.36 -82.92 13.80
CA PHE L 287 -57.41 -81.47 13.80
C PHE L 287 -58.12 -80.93 12.57
N THR L 288 -57.85 -81.50 11.39
CA THR L 288 -58.48 -80.97 10.19
C THR L 288 -59.94 -81.38 10.08
N ALA L 289 -60.30 -82.59 10.51
CA ALA L 289 -61.70 -82.98 10.52
C ALA L 289 -62.48 -82.27 11.62
N MET L 290 -61.79 -81.78 12.66
CA MET L 290 -62.44 -80.94 13.66
C MET L 290 -62.65 -79.53 13.14
N CYS L 291 -61.69 -79.03 12.34
CA CYS L 291 -61.87 -77.73 11.70
C CYS L 291 -62.98 -77.75 10.66
N ALA L 292 -63.17 -78.87 9.97
CA ALA L 292 -64.22 -78.99 8.96
C ALA L 292 -65.62 -79.12 9.55
N LEU L 293 -65.78 -79.17 10.87
CA LEU L 293 -67.10 -79.29 11.46
C LEU L 293 -67.91 -78.01 11.29
N THR L 294 -67.24 -76.86 11.29
CA THR L 294 -67.90 -75.57 11.41
C THR L 294 -67.60 -74.63 10.24
N GLN L 295 -66.93 -75.11 9.21
CA GLN L 295 -66.65 -74.23 8.08
C GLN L 295 -67.89 -74.09 7.19
N ASN L 296 -67.90 -73.02 6.40
CA ASN L 296 -69.03 -72.70 5.55
C ASN L 296 -68.67 -72.58 4.08
N ASP L 297 -67.42 -72.25 3.76
CA ASP L 297 -66.97 -72.34 2.37
C ASP L 297 -66.80 -73.80 2.01
N ILE L 298 -67.40 -74.22 0.88
CA ILE L 298 -67.48 -75.64 0.59
C ILE L 298 -66.11 -76.20 0.17
N LYS L 299 -65.29 -75.39 -0.49
CA LYS L 299 -63.97 -75.88 -0.88
C LYS L 299 -63.04 -75.97 0.32
N LYS L 300 -63.23 -75.11 1.33
CA LYS L 300 -62.51 -75.27 2.59
C LYS L 300 -62.91 -76.56 3.30
N ILE L 301 -64.21 -76.89 3.25
CA ILE L 301 -64.69 -78.12 3.88
C ILE L 301 -64.09 -79.34 3.22
N ILE L 302 -64.09 -79.38 1.89
CA ILE L 302 -63.55 -80.55 1.22
C ILE L 302 -62.01 -80.56 1.24
N ALA L 303 -61.36 -79.40 1.43
CA ALA L 303 -59.92 -79.39 1.62
C ALA L 303 -59.53 -79.93 2.99
N PHE L 304 -60.28 -79.57 4.02
CA PHE L 304 -60.06 -80.21 5.32
C PHE L 304 -60.44 -81.68 5.29
N SER L 305 -61.39 -82.06 4.43
CA SER L 305 -61.73 -83.46 4.24
C SER L 305 -60.55 -84.24 3.67
N THR L 306 -59.93 -83.70 2.62
CA THR L 306 -58.83 -84.44 2.01
C THR L 306 -57.59 -84.40 2.88
N SER L 307 -57.41 -83.37 3.71
CA SER L 307 -56.28 -83.42 4.63
C SER L 307 -56.54 -84.36 5.81
N SER L 308 -57.79 -84.52 6.23
CA SER L 308 -58.12 -85.55 7.22
C SER L 308 -57.90 -86.95 6.66
N GLN L 309 -58.22 -87.14 5.38
CA GLN L 309 -57.95 -88.44 4.77
C GLN L 309 -56.46 -88.69 4.57
N LEU L 310 -55.67 -87.63 4.32
CA LEU L 310 -54.23 -87.78 4.29
C LEU L 310 -53.68 -88.10 5.68
N GLY L 311 -54.28 -87.56 6.73
CA GLY L 311 -53.93 -87.97 8.08
C GLY L 311 -54.24 -89.43 8.34
N LEU L 312 -55.37 -89.91 7.81
CA LEU L 312 -55.71 -91.33 7.92
C LEU L 312 -54.70 -92.20 7.17
N MET L 313 -54.25 -91.73 6.00
CA MET L 313 -53.21 -92.43 5.24
C MET L 313 -51.91 -92.49 6.01
N MET L 314 -51.55 -91.39 6.69
CA MET L 314 -50.34 -91.38 7.50
C MET L 314 -50.46 -92.31 8.70
N VAL L 315 -51.67 -92.41 9.27
CA VAL L 315 -51.94 -93.40 10.32
C VAL L 315 -51.68 -94.81 9.82
N THR L 316 -52.27 -95.16 8.66
CA THR L 316 -52.11 -96.54 8.21
C THR L 316 -50.75 -96.83 7.59
N ILE L 317 -49.95 -95.82 7.27
CA ILE L 317 -48.52 -96.08 7.07
C ILE L 317 -47.86 -96.37 8.41
N GLY L 318 -48.25 -95.63 9.45
CA GLY L 318 -47.65 -95.78 10.77
C GLY L 318 -47.94 -97.10 11.47
N ILE L 319 -48.93 -97.85 11.01
CA ILE L 319 -49.24 -99.15 11.59
C ILE L 319 -48.63 -100.29 10.77
N ASN L 320 -47.64 -99.98 9.93
CA ASN L 320 -46.97 -100.91 9.01
C ASN L 320 -47.98 -101.60 8.09
N GLN L 321 -48.81 -100.78 7.45
CA GLN L 321 -49.71 -101.23 6.37
C GLN L 321 -49.56 -100.28 5.19
N PRO L 322 -48.46 -100.36 4.45
CA PRO L 322 -48.23 -99.38 3.38
C PRO L 322 -49.11 -99.64 2.16
N HIS L 323 -49.43 -100.89 1.87
CA HIS L 323 -50.20 -101.20 0.68
C HIS L 323 -51.67 -100.90 0.88
N LEU L 324 -52.17 -100.96 2.12
CA LEU L 324 -53.51 -100.48 2.40
C LEU L 324 -53.58 -98.96 2.29
N ALA L 325 -52.51 -98.27 2.68
CA ALA L 325 -52.43 -96.82 2.49
C ALA L 325 -52.43 -96.45 1.03
N PHE L 326 -51.70 -97.20 0.21
CA PHE L 326 -51.65 -96.88 -1.20
C PHE L 326 -52.94 -97.28 -1.93
N LEU L 327 -53.59 -98.35 -1.46
CA LEU L 327 -54.96 -98.66 -1.87
C LEU L 327 -55.90 -97.53 -1.52
N HIS L 328 -55.69 -96.89 -0.37
CA HIS L 328 -56.55 -95.77 0.01
C HIS L 328 -56.25 -94.53 -0.82
N ILE L 329 -55.02 -94.38 -1.32
CA ILE L 329 -54.74 -93.31 -2.28
C ILE L 329 -55.51 -93.54 -3.57
N CYS L 330 -55.35 -94.74 -4.14
CA CYS L 330 -56.01 -95.08 -5.41
C CYS L 330 -57.53 -95.09 -5.28
N THR L 331 -58.04 -95.34 -4.07
CA THR L 331 -59.46 -95.26 -3.78
C THR L 331 -59.92 -93.83 -3.59
N HIS L 332 -59.16 -93.05 -2.83
CA HIS L 332 -59.54 -91.70 -2.41
C HIS L 332 -59.56 -90.73 -3.59
N ALA L 333 -58.75 -91.01 -4.61
CA ALA L 333 -58.66 -90.14 -5.78
C ALA L 333 -60.00 -89.95 -6.46
N PHE L 334 -60.76 -91.04 -6.64
CA PHE L 334 -62.00 -91.02 -7.39
C PHE L 334 -63.06 -90.16 -6.71
N PHE L 335 -63.45 -90.54 -5.49
CA PHE L 335 -64.55 -89.81 -4.86
C PHE L 335 -64.14 -88.43 -4.36
N LYS L 336 -62.86 -88.18 -4.08
CA LYS L 336 -62.55 -86.83 -3.65
C LYS L 336 -62.44 -85.86 -4.82
N ALA L 337 -61.93 -86.32 -5.97
CA ALA L 337 -62.01 -85.50 -7.18
C ALA L 337 -63.47 -85.27 -7.59
N MET L 338 -64.33 -86.28 -7.39
CA MET L 338 -65.73 -86.09 -7.76
C MET L 338 -66.46 -85.16 -6.79
N LEU L 339 -66.12 -85.20 -5.51
CA LEU L 339 -66.72 -84.27 -4.56
C LEU L 339 -66.32 -82.83 -4.86
N PHE L 340 -65.05 -82.61 -5.24
CA PHE L 340 -64.67 -81.26 -5.67
C PHE L 340 -65.35 -80.86 -6.97
N MET L 341 -65.55 -81.80 -7.90
CA MET L 341 -66.24 -81.47 -9.15
C MET L 341 -67.70 -81.13 -8.93
N CYS L 342 -68.37 -81.86 -8.03
CA CYS L 342 -69.77 -81.57 -7.73
C CYS L 342 -69.91 -80.26 -6.98
N SER L 343 -68.97 -79.96 -6.08
CA SER L 343 -68.98 -78.67 -5.39
C SER L 343 -68.74 -77.53 -6.37
N GLY L 344 -67.85 -77.73 -7.35
CA GLY L 344 -67.64 -76.71 -8.35
C GLY L 344 -68.80 -76.55 -9.31
N SER L 345 -69.54 -77.63 -9.56
CA SER L 345 -70.78 -77.53 -10.33
C SER L 345 -71.82 -76.71 -9.57
N ILE L 346 -71.87 -76.88 -8.24
CA ILE L 346 -72.77 -76.07 -7.42
C ILE L 346 -72.34 -74.60 -7.41
N ILE L 347 -71.03 -74.36 -7.28
CA ILE L 347 -70.49 -73.00 -7.28
C ILE L 347 -70.74 -72.30 -8.61
N HIS L 348 -70.54 -73.01 -9.71
CA HIS L 348 -70.77 -72.45 -11.03
C HIS L 348 -72.24 -72.20 -11.28
N SER L 349 -73.11 -73.10 -10.83
CA SER L 349 -74.54 -72.95 -11.06
C SER L 349 -75.16 -71.86 -10.21
N LEU L 350 -74.47 -71.42 -9.14
CA LEU L 350 -74.96 -70.37 -8.27
C LEU L 350 -74.17 -69.06 -8.44
N ASN L 351 -73.52 -68.89 -9.60
CA ASN L 351 -72.79 -67.67 -9.98
C ASN L 351 -71.67 -67.35 -8.99
N ASP L 352 -70.71 -68.29 -8.93
CA ASP L 352 -69.50 -68.19 -8.10
C ASP L 352 -69.81 -68.04 -6.61
N GLU L 353 -70.90 -68.67 -6.17
CA GLU L 353 -71.24 -68.69 -4.75
C GLU L 353 -70.70 -69.97 -4.13
N GLN L 354 -69.75 -69.82 -3.21
CA GLN L 354 -69.09 -70.95 -2.60
C GLN L 354 -69.53 -71.22 -1.17
N ASP L 355 -70.26 -70.31 -0.54
CA ASP L 355 -70.63 -70.44 0.86
C ASP L 355 -71.90 -71.27 0.97
N ILE L 356 -71.87 -72.28 1.85
CA ILE L 356 -73.00 -73.21 1.94
C ILE L 356 -74.21 -72.62 2.64
N ARG L 357 -74.05 -71.48 3.32
CA ARG L 357 -75.16 -70.79 3.95
C ARG L 357 -76.01 -70.02 2.94
N LYS L 358 -75.58 -69.93 1.70
CA LYS L 358 -76.38 -69.39 0.60
C LYS L 358 -76.67 -70.48 -0.42
N MET L 359 -76.93 -71.69 0.06
CA MET L 359 -77.22 -72.84 -0.79
C MET L 359 -78.45 -73.57 -0.25
N GLY L 360 -78.69 -74.76 -0.74
CA GLY L 360 -79.82 -75.52 -0.25
C GLY L 360 -80.91 -75.62 -1.30
N GLY L 361 -81.70 -76.68 -1.19
CA GLY L 361 -82.76 -76.90 -2.15
C GLY L 361 -82.30 -77.39 -3.49
N LEU L 362 -81.05 -77.84 -3.59
CA LEU L 362 -80.49 -78.34 -4.84
C LEU L 362 -80.65 -79.86 -4.96
N PHE L 363 -81.54 -80.46 -4.19
CA PHE L 363 -81.84 -81.88 -4.34
C PHE L 363 -82.50 -82.14 -5.69
N LYS L 364 -83.43 -81.27 -6.09
CA LYS L 364 -84.13 -81.41 -7.36
C LYS L 364 -83.75 -80.36 -8.39
N ALA L 365 -83.19 -79.23 -7.96
CA ALA L 365 -82.76 -78.22 -8.94
C ALA L 365 -81.52 -78.67 -9.70
N MET L 366 -80.66 -79.45 -9.06
CA MET L 366 -79.49 -80.05 -9.70
C MET L 366 -79.52 -81.53 -9.37
N PRO L 367 -80.24 -82.34 -10.16
CA PRO L 367 -80.44 -83.75 -9.76
C PRO L 367 -79.19 -84.61 -9.90
N PHE L 368 -78.43 -84.46 -10.98
CA PHE L 368 -77.29 -85.34 -11.19
C PHE L 368 -76.14 -84.98 -10.26
N THR L 369 -75.93 -83.68 -10.01
CA THR L 369 -74.97 -83.24 -9.02
C THR L 369 -75.36 -83.72 -7.62
N THR L 370 -76.66 -83.75 -7.34
CA THR L 370 -77.16 -84.26 -6.06
C THR L 370 -76.83 -85.73 -5.89
N THR L 371 -77.16 -86.55 -6.90
CA THR L 371 -76.88 -87.98 -6.88
C THR L 371 -75.39 -88.25 -6.72
N ALA L 372 -74.57 -87.56 -7.51
CA ALA L 372 -73.14 -87.83 -7.46
C ALA L 372 -72.49 -87.31 -6.19
N LEU L 373 -73.01 -86.21 -5.62
CA LEU L 373 -72.45 -85.72 -4.37
C LEU L 373 -72.83 -86.62 -3.20
N ILE L 374 -74.04 -87.18 -3.22
CA ILE L 374 -74.43 -88.12 -2.18
C ILE L 374 -73.63 -89.41 -2.29
N ILE L 375 -73.37 -89.87 -3.52
CA ILE L 375 -72.54 -91.06 -3.72
C ILE L 375 -71.09 -90.81 -3.28
N GLY L 376 -70.56 -89.63 -3.59
CA GLY L 376 -69.21 -89.29 -3.16
C GLY L 376 -69.08 -89.12 -1.66
N SER L 377 -70.10 -88.56 -1.02
CA SER L 377 -70.07 -88.42 0.43
C SER L 377 -70.19 -89.76 1.13
N LEU L 378 -71.00 -90.68 0.58
CA LEU L 378 -71.10 -92.01 1.17
C LEU L 378 -69.82 -92.81 0.94
N ALA L 379 -69.16 -92.63 -0.21
CA ALA L 379 -67.87 -93.26 -0.40
C ALA L 379 -66.79 -92.64 0.48
N LEU L 380 -66.94 -91.36 0.83
CA LEU L 380 -66.03 -90.73 1.77
C LEU L 380 -66.21 -91.27 3.18
N THR L 381 -67.46 -91.46 3.61
CA THR L 381 -67.73 -91.93 4.96
C THR L 381 -67.55 -93.43 5.14
N GLY L 382 -67.21 -94.16 4.09
CA GLY L 382 -67.07 -95.60 4.23
C GLY L 382 -68.38 -96.33 4.27
N MET L 383 -69.33 -95.97 3.42
CA MET L 383 -70.50 -96.79 3.19
C MET L 383 -70.07 -98.16 2.70
N PRO L 384 -70.68 -99.24 3.19
CA PRO L 384 -70.23 -100.59 2.83
C PRO L 384 -70.38 -100.90 1.36
N PHE L 385 -69.30 -101.46 0.79
CA PHE L 385 -69.18 -101.96 -0.58
C PHE L 385 -69.29 -100.86 -1.63
N LEU L 386 -69.08 -99.61 -1.24
CA LEU L 386 -68.62 -98.61 -2.20
C LEU L 386 -67.10 -98.68 -2.26
N THR L 387 -66.47 -97.73 -2.97
CA THR L 387 -65.02 -97.82 -3.13
C THR L 387 -64.28 -97.49 -1.83
N GLY L 388 -64.82 -96.58 -1.02
CA GLY L 388 -64.16 -96.18 0.21
C GLY L 388 -64.16 -97.24 1.28
N PHE L 389 -65.10 -98.18 1.20
CA PHE L 389 -65.16 -99.29 2.14
C PHE L 389 -63.91 -100.17 2.04
N TYR L 390 -63.56 -100.59 0.83
CA TYR L 390 -62.49 -101.56 0.57
C TYR L 390 -61.11 -101.09 1.00
N SER L 391 -60.94 -99.81 1.30
CA SER L 391 -59.71 -99.30 1.88
C SER L 391 -59.89 -98.85 3.32
N LYS L 392 -60.88 -97.99 3.59
CA LYS L 392 -61.03 -97.38 4.91
C LYS L 392 -61.43 -98.40 5.97
N ASP L 393 -62.28 -99.37 5.62
CA ASP L 393 -62.66 -100.40 6.59
C ASP L 393 -61.48 -101.29 6.95
N LEU L 394 -60.65 -101.65 5.97
CA LEU L 394 -59.46 -102.42 6.26
C LEU L 394 -58.44 -101.62 7.07
N ILE L 395 -58.38 -100.29 6.84
CA ILE L 395 -57.52 -99.43 7.63
C ILE L 395 -57.97 -99.40 9.09
N ILE L 396 -59.27 -99.27 9.34
CA ILE L 396 -59.76 -99.23 10.72
C ILE L 396 -59.62 -100.59 11.39
N GLU L 397 -59.94 -101.67 10.67
CA GLU L 397 -59.83 -103.01 11.24
C GLU L 397 -58.38 -103.46 11.40
N SER L 398 -57.43 -102.84 10.71
CA SER L 398 -56.04 -103.14 10.95
C SER L 398 -55.44 -102.25 12.03
N ALA L 399 -55.93 -101.02 12.16
CA ALA L 399 -55.46 -100.16 13.25
C ALA L 399 -55.99 -100.62 14.59
N ASN L 400 -57.16 -101.26 14.60
CA ASN L 400 -57.68 -101.83 15.84
C ASN L 400 -56.88 -103.05 16.27
N THR L 401 -56.59 -103.94 15.33
CA THR L 401 -55.98 -105.23 15.64
C THR L 401 -54.46 -105.18 15.46
N SER L 402 -53.82 -104.28 16.19
CA SER L 402 -52.37 -104.12 16.07
C SER L 402 -51.83 -103.50 17.34
N TYR L 403 -50.52 -103.68 17.56
CA TYR L 403 -49.82 -103.08 18.68
C TYR L 403 -49.64 -101.60 18.37
N THR L 404 -50.55 -100.78 18.90
CA THR L 404 -50.77 -99.43 18.41
C THR L 404 -50.77 -98.46 19.58
N ASN L 405 -50.33 -97.23 19.33
CA ASN L 405 -50.68 -96.09 20.16
C ASN L 405 -52.21 -96.03 20.27
N ALA L 406 -52.72 -96.24 21.49
CA ALA L 406 -54.16 -96.33 21.67
C ALA L 406 -54.84 -94.98 21.58
N TRP L 407 -54.13 -93.91 21.97
CA TRP L 407 -54.66 -92.56 21.79
C TRP L 407 -54.74 -92.21 20.31
N ALA L 408 -53.80 -92.69 19.50
CA ALA L 408 -53.86 -92.49 18.05
C ALA L 408 -55.04 -93.23 17.45
N LEU L 409 -55.32 -94.43 17.95
CA LEU L 409 -56.49 -95.18 17.51
C LEU L 409 -57.78 -94.48 17.90
N LEU L 410 -57.81 -93.89 19.10
CA LEU L 410 -59.02 -93.23 19.56
C LEU L 410 -59.27 -91.94 18.77
N MET L 411 -58.20 -91.22 18.45
CA MET L 411 -58.32 -90.04 17.60
C MET L 411 -58.68 -90.40 16.16
N THR L 412 -58.23 -91.56 15.69
CA THR L 412 -58.65 -92.06 14.38
C THR L 412 -60.15 -92.35 14.35
N LEU L 413 -60.67 -92.93 15.44
CA LEU L 413 -62.10 -93.23 15.47
C LEU L 413 -62.96 -91.98 15.62
N VAL L 414 -62.51 -91.01 16.44
CA VAL L 414 -63.23 -89.74 16.55
C VAL L 414 -63.17 -88.97 15.22
N ALA L 415 -62.07 -89.09 14.49
CA ALA L 415 -61.99 -88.54 13.14
C ALA L 415 -62.95 -89.23 12.18
N THR L 416 -63.12 -90.54 12.33
CA THR L 416 -64.06 -91.29 11.51
C THR L 416 -65.49 -90.82 11.75
N SER L 417 -65.82 -90.49 13.00
CA SER L 417 -67.11 -89.89 13.29
C SER L 417 -67.24 -88.49 12.68
N PHE L 418 -66.19 -87.67 12.80
CA PHE L 418 -66.25 -86.31 12.31
C PHE L 418 -66.35 -86.23 10.80
N THR L 419 -65.82 -87.23 10.08
CA THR L 419 -65.99 -87.30 8.63
C THR L 419 -67.44 -87.43 8.25
N ALA L 420 -68.18 -88.30 8.95
CA ALA L 420 -69.62 -88.44 8.73
C ALA L 420 -70.35 -87.15 9.07
N ILE L 421 -69.88 -86.46 10.11
CA ILE L 421 -70.54 -85.21 10.53
C ILE L 421 -70.41 -84.12 9.46
N TYR L 422 -69.19 -83.87 8.97
CA TYR L 422 -69.10 -82.81 7.95
C TYR L 422 -69.62 -83.26 6.58
N SER L 423 -69.63 -84.57 6.29
CA SER L 423 -70.22 -85.01 5.03
C SER L 423 -71.73 -84.80 5.02
N THR L 424 -72.42 -85.15 6.11
CA THR L 424 -73.84 -84.82 6.12
C THR L 424 -74.09 -83.34 6.36
N ARG L 425 -73.10 -82.58 6.85
CA ARG L 425 -73.21 -81.12 6.82
C ARG L 425 -73.25 -80.61 5.39
N ILE L 426 -72.40 -81.16 4.52
CA ILE L 426 -72.42 -80.81 3.10
C ILE L 426 -73.74 -81.18 2.46
N ILE L 427 -74.22 -82.42 2.72
CA ILE L 427 -75.48 -82.88 2.13
C ILE L 427 -76.65 -82.06 2.66
N PHE L 428 -76.59 -81.65 3.93
CA PHE L 428 -77.69 -80.94 4.56
C PHE L 428 -77.78 -79.50 4.06
N PHE L 429 -76.67 -78.78 4.05
CA PHE L 429 -76.75 -77.37 3.67
C PHE L 429 -76.70 -77.16 2.16
N ALA L 430 -76.20 -78.12 1.40
CA ALA L 430 -76.07 -77.90 -0.05
C ALA L 430 -77.20 -78.52 -0.85
N LEU L 431 -77.85 -79.56 -0.33
CA LEU L 431 -78.88 -80.27 -1.07
C LEU L 431 -80.24 -80.26 -0.40
N LEU L 432 -80.28 -80.30 0.93
CA LEU L 432 -81.53 -80.42 1.65
C LEU L 432 -82.09 -79.03 1.99
N GLY L 433 -83.26 -79.04 2.62
CA GLY L 433 -83.84 -77.79 3.08
C GLY L 433 -84.40 -76.95 1.96
N GLN L 434 -84.36 -75.65 2.16
CA GLN L 434 -84.94 -74.67 1.27
C GLN L 434 -83.85 -73.81 0.65
N PRO L 435 -84.12 -73.13 -0.48
CA PRO L 435 -83.09 -72.29 -1.10
C PRO L 435 -82.68 -71.12 -0.23
N ARG L 436 -81.41 -70.75 -0.35
CA ARG L 436 -80.88 -69.57 0.32
C ARG L 436 -80.07 -68.69 -0.62
N PHE L 437 -80.01 -69.02 -1.92
CA PHE L 437 -79.29 -68.30 -2.95
C PHE L 437 -80.15 -67.18 -3.53
N PRO L 438 -79.57 -66.17 -4.18
CA PRO L 438 -80.37 -65.06 -4.73
C PRO L 438 -81.33 -65.48 -5.83
N THR L 439 -82.23 -64.55 -6.16
CA THR L 439 -83.51 -64.89 -6.78
C THR L 439 -83.42 -65.14 -8.28
N LEU L 440 -82.37 -64.69 -8.96
CA LEU L 440 -82.25 -64.95 -10.39
C LEU L 440 -81.67 -66.34 -10.58
N ILE L 441 -82.55 -67.32 -10.80
CA ILE L 441 -82.09 -68.69 -10.96
C ILE L 441 -81.44 -68.85 -12.32
N ASN L 442 -80.14 -69.17 -12.32
CA ASN L 442 -79.42 -69.54 -13.52
C ASN L 442 -78.91 -70.97 -13.41
N ILE L 443 -79.68 -71.81 -12.71
CA ILE L 443 -79.27 -73.19 -12.47
C ILE L 443 -79.35 -73.97 -13.78
N ASN L 444 -78.20 -74.46 -14.24
CA ASN L 444 -78.12 -75.22 -15.47
C ASN L 444 -76.89 -76.11 -15.39
N GLU L 445 -77.09 -77.41 -15.61
CA GLU L 445 -75.97 -78.35 -15.60
C GLU L 445 -76.04 -79.31 -16.78
N ASN L 446 -76.75 -78.94 -17.85
CA ASN L 446 -76.96 -79.84 -18.99
C ASN L 446 -75.91 -79.61 -20.08
N ASN L 447 -74.65 -79.76 -19.70
CA ASN L 447 -73.58 -79.88 -20.68
C ASN L 447 -73.09 -81.33 -20.66
N PRO L 448 -72.97 -82.01 -21.80
CA PRO L 448 -72.46 -83.39 -21.79
C PRO L 448 -71.02 -83.52 -21.34
N PHE L 449 -70.22 -82.46 -21.42
CA PHE L 449 -68.88 -82.48 -20.84
C PHE L 449 -68.95 -82.68 -19.32
N LEU L 450 -69.81 -81.89 -18.66
CA LEU L 450 -70.01 -82.01 -17.23
C LEU L 450 -70.57 -83.38 -16.85
N ILE L 451 -71.57 -83.85 -17.58
CA ILE L 451 -72.25 -85.09 -17.24
C ILE L 451 -71.32 -86.28 -17.43
N ASN L 452 -70.54 -86.29 -18.51
CA ASN L 452 -69.61 -87.40 -18.73
C ASN L 452 -68.44 -87.35 -17.74
N SER L 453 -67.99 -86.14 -17.39
CA SER L 453 -66.86 -86.00 -16.47
C SER L 453 -67.25 -86.42 -15.06
N ILE L 454 -68.46 -86.11 -14.62
CA ILE L 454 -68.88 -86.62 -13.32
C ILE L 454 -69.26 -88.09 -13.43
N LYS L 455 -69.71 -88.54 -14.60
CA LYS L 455 -70.22 -89.90 -14.79
C LYS L 455 -69.11 -90.94 -14.70
N ARG L 456 -67.94 -90.64 -15.27
CA ARG L 456 -66.86 -91.64 -15.26
C ARG L 456 -66.25 -91.78 -13.87
N LEU L 457 -66.07 -90.67 -13.14
CA LEU L 457 -65.67 -90.78 -11.74
C LEU L 457 -66.78 -91.32 -10.87
N LEU L 458 -68.03 -91.27 -11.31
CA LEU L 458 -69.11 -91.88 -10.55
C LEU L 458 -69.08 -93.40 -10.68
N ILE L 459 -68.85 -93.90 -11.90
CA ILE L 459 -68.61 -95.32 -12.11
C ILE L 459 -67.35 -95.78 -11.36
N GLY L 460 -66.33 -94.91 -11.32
CA GLY L 460 -65.16 -95.20 -10.52
C GLY L 460 -65.44 -95.28 -9.03
N SER L 461 -66.22 -94.34 -8.50
CA SER L 461 -66.56 -94.34 -7.09
C SER L 461 -67.54 -95.46 -6.74
N LEU L 462 -68.19 -96.06 -7.72
CA LEU L 462 -68.99 -97.24 -7.40
C LEU L 462 -68.21 -98.54 -7.50
N PHE L 463 -67.25 -98.66 -8.42
CA PHE L 463 -66.67 -99.97 -8.70
C PHE L 463 -65.16 -100.08 -8.50
N ALA L 464 -64.46 -98.99 -8.17
CA ALA L 464 -63.00 -98.99 -8.24
C ALA L 464 -62.37 -99.76 -7.09
N GLY L 465 -62.91 -99.63 -5.88
CA GLY L 465 -62.38 -100.38 -4.75
C GLY L 465 -62.54 -101.88 -4.93
N PHE L 466 -63.70 -102.31 -5.45
CA PHE L 466 -63.94 -103.71 -5.76
C PHE L 466 -62.97 -104.24 -6.80
N ILE L 467 -62.87 -103.55 -7.93
CA ILE L 467 -62.05 -104.02 -9.05
C ILE L 467 -60.56 -104.00 -8.70
N ILE L 468 -60.11 -102.96 -7.99
CA ILE L 468 -58.70 -102.88 -7.61
C ILE L 468 -58.36 -103.89 -6.53
N SER L 469 -59.16 -103.97 -5.47
CA SER L 469 -58.86 -104.90 -4.38
C SER L 469 -59.04 -106.36 -4.79
N ASN L 470 -59.73 -106.63 -5.90
CA ASN L 470 -59.74 -107.98 -6.44
C ASN L 470 -58.82 -108.15 -7.63
N ASN L 471 -58.06 -107.12 -8.02
CA ASN L 471 -56.98 -107.29 -8.97
C ASN L 471 -55.58 -107.21 -8.36
N ILE L 472 -55.41 -106.60 -7.20
CA ILE L 472 -54.08 -106.45 -6.62
C ILE L 472 -53.64 -107.77 -5.99
N PRO L 473 -52.36 -108.12 -6.06
CA PRO L 473 -51.87 -109.29 -5.34
C PRO L 473 -51.69 -108.98 -3.87
N PRO L 474 -51.79 -109.97 -2.99
CA PRO L 474 -51.62 -109.70 -1.55
C PRO L 474 -50.15 -109.45 -1.21
N MET L 475 -49.91 -108.33 -0.53
CA MET L 475 -48.57 -107.95 -0.11
C MET L 475 -48.33 -108.11 1.39
N THR L 476 -49.39 -108.19 2.19
CA THR L 476 -49.27 -108.54 3.60
C THR L 476 -50.20 -109.70 3.89
N ILE L 477 -50.35 -110.06 5.16
CA ILE L 477 -51.38 -110.99 5.61
C ILE L 477 -52.51 -110.16 6.22
N PRO L 478 -53.71 -110.19 5.66
CA PRO L 478 -54.81 -109.39 6.20
C PRO L 478 -55.34 -109.99 7.50
N GLN L 479 -55.44 -109.14 8.53
CA GLN L 479 -56.02 -109.55 9.80
C GLN L 479 -57.53 -109.59 9.63
N MET L 480 -58.11 -110.79 9.72
CA MET L 480 -59.52 -110.97 9.47
C MET L 480 -60.26 -111.64 10.63
N THR L 481 -59.55 -111.97 11.71
CA THR L 481 -60.17 -112.55 12.90
C THR L 481 -60.03 -111.56 14.05
N MET L 482 -61.16 -111.16 14.60
CA MET L 482 -61.24 -110.13 15.62
C MET L 482 -62.62 -110.23 16.25
N PRO L 483 -62.80 -109.75 17.49
CA PRO L 483 -64.13 -109.76 18.09
C PRO L 483 -65.07 -108.80 17.38
N HIS L 484 -66.37 -109.04 17.59
CA HIS L 484 -67.38 -108.40 16.77
C HIS L 484 -67.57 -106.93 17.12
N TYR L 485 -67.31 -106.55 18.38
CA TYR L 485 -67.28 -105.13 18.70
C TYR L 485 -66.06 -104.44 18.12
N LEU L 486 -65.02 -105.21 17.77
CA LEU L 486 -63.85 -104.68 17.12
C LEU L 486 -63.93 -104.81 15.61
N LYS L 487 -64.78 -105.71 15.09
CA LYS L 487 -65.02 -105.83 13.66
C LYS L 487 -65.99 -104.77 13.16
N MET L 488 -67.03 -104.46 13.95
CA MET L 488 -68.07 -103.51 13.60
C MET L 488 -67.73 -102.10 14.04
N THR L 489 -66.46 -101.74 14.12
CA THR L 489 -66.05 -100.48 14.74
C THR L 489 -66.35 -99.28 13.85
N ALA L 490 -65.81 -99.29 12.63
CA ALA L 490 -65.89 -98.12 11.75
C ALA L 490 -67.33 -97.82 11.34
N LEU L 491 -68.11 -98.86 11.08
CA LEU L 491 -69.50 -98.70 10.69
C LEU L 491 -70.34 -98.11 11.82
N THR L 492 -70.12 -98.59 13.06
CA THR L 492 -70.89 -98.11 14.20
C THR L 492 -70.52 -96.67 14.55
N VAL L 493 -69.23 -96.33 14.50
CA VAL L 493 -68.83 -94.96 14.79
C VAL L 493 -69.29 -94.01 13.69
N THR L 494 -69.33 -94.47 12.44
CA THR L 494 -69.87 -93.64 11.36
C THR L 494 -71.37 -93.41 11.52
N ILE L 495 -72.11 -94.45 11.96
CA ILE L 495 -73.53 -94.31 12.20
C ILE L 495 -73.81 -93.36 13.36
N LEU L 496 -73.01 -93.45 14.43
CA LEU L 496 -73.16 -92.51 15.56
C LEU L 496 -72.80 -91.09 15.15
N GLY L 497 -71.84 -90.93 14.23
CA GLY L 497 -71.55 -89.61 13.71
C GLY L 497 -72.68 -89.03 12.90
N PHE L 498 -73.30 -89.84 12.03
CA PHE L 498 -74.46 -89.38 11.28
C PHE L 498 -75.65 -89.06 12.19
N ILE L 499 -75.83 -89.85 13.26
CA ILE L 499 -76.95 -89.60 14.18
C ILE L 499 -76.74 -88.31 14.96
N LEU L 500 -75.52 -88.10 15.46
CA LEU L 500 -75.20 -86.87 16.20
C LEU L 500 -75.33 -85.64 15.31
N ALA L 501 -74.86 -85.75 14.07
CA ALA L 501 -74.96 -84.60 13.18
C ALA L 501 -76.36 -84.38 12.65
N LEU L 502 -77.20 -85.42 12.56
CA LEU L 502 -78.61 -85.20 12.27
C LEU L 502 -79.30 -84.49 13.42
N GLU L 503 -78.92 -84.83 14.66
CA GLU L 503 -79.43 -84.09 15.82
C GLU L 503 -79.05 -82.62 15.74
N ILE L 504 -77.80 -82.34 15.39
CA ILE L 504 -77.35 -80.95 15.27
C ILE L 504 -78.06 -80.23 14.12
N SER L 505 -78.20 -80.90 12.98
CA SER L 505 -78.81 -80.27 11.81
C SER L 505 -80.30 -80.06 11.99
N ASN L 506 -80.97 -80.89 12.79
CA ASN L 506 -82.36 -80.62 13.11
C ASN L 506 -82.51 -79.57 14.21
N THR L 507 -81.52 -79.42 15.09
CA THR L 507 -81.58 -78.29 16.01
C THR L 507 -81.22 -76.96 15.35
N THR L 508 -80.60 -76.99 14.17
CA THR L 508 -80.37 -75.74 13.44
C THR L 508 -81.66 -75.11 12.94
N HIS L 509 -82.71 -75.90 12.71
CA HIS L 509 -84.01 -75.36 12.32
C HIS L 509 -84.75 -74.68 13.46
N TYR L 510 -84.31 -74.85 14.70
CA TYR L 510 -85.05 -74.35 15.84
C TYR L 510 -84.85 -72.84 15.99
N LEU L 511 -85.82 -72.20 16.63
CA LEU L 511 -85.83 -70.75 16.79
C LEU L 511 -85.11 -70.33 18.07
N LYS L 512 -83.86 -70.75 18.17
CA LYS L 512 -83.03 -70.51 19.35
C LYS L 512 -81.70 -69.93 18.90
N PHE L 513 -81.30 -68.81 19.52
CA PHE L 513 -80.07 -68.10 19.17
C PHE L 513 -79.07 -68.32 20.31
N ASN L 514 -78.26 -69.37 20.17
CA ASN L 514 -77.23 -69.68 21.14
C ASN L 514 -75.97 -68.89 20.81
N TYR L 515 -75.30 -68.40 21.85
CA TYR L 515 -74.06 -67.67 21.66
C TYR L 515 -72.95 -68.64 21.27
N PRO L 516 -71.96 -68.19 20.49
CA PRO L 516 -70.89 -69.09 20.08
C PRO L 516 -69.96 -69.46 21.22
N SER L 517 -69.74 -70.75 21.39
CA SER L 517 -68.89 -71.25 22.45
C SER L 517 -67.43 -71.17 22.04
N ASN L 518 -66.54 -71.49 22.99
CA ASN L 518 -65.12 -71.58 22.69
C ASN L 518 -64.81 -72.77 21.78
N THR L 519 -65.65 -73.81 21.79
CA THR L 519 -65.49 -74.91 20.85
C THR L 519 -65.76 -74.45 19.43
N PHE L 520 -66.81 -73.65 19.24
CA PHE L 520 -67.15 -73.15 17.92
C PHE L 520 -66.13 -72.16 17.40
N LYS L 521 -65.68 -71.23 18.26
CA LYS L 521 -64.66 -70.28 17.82
C LYS L 521 -63.28 -70.92 17.70
N PHE L 522 -63.06 -72.07 18.32
CA PHE L 522 -61.81 -72.78 18.11
C PHE L 522 -61.84 -73.56 16.80
N SER L 523 -62.96 -74.22 16.51
CA SER L 523 -63.04 -75.00 15.28
C SER L 523 -63.25 -74.13 14.05
N ASN L 524 -63.79 -72.92 14.22
CA ASN L 524 -64.13 -72.10 13.06
C ASN L 524 -62.95 -71.25 12.62
N LEU L 525 -62.13 -70.79 13.57
CA LEU L 525 -60.92 -70.03 13.26
C LEU L 525 -59.71 -70.95 13.08
N LEU L 526 -59.94 -72.17 12.61
CA LEU L 526 -58.93 -73.11 12.13
C LEU L 526 -58.01 -73.58 13.24
N GLY L 527 -58.51 -73.60 14.48
CA GLY L 527 -57.68 -73.96 15.60
C GLY L 527 -56.66 -72.93 15.98
N TYR L 528 -56.84 -71.68 15.54
CA TYR L 528 -56.04 -70.49 15.85
C TYR L 528 -54.60 -70.55 15.30
N TYR L 529 -54.23 -71.62 14.61
CA TYR L 529 -52.87 -71.85 14.12
C TYR L 529 -52.56 -71.01 12.87
N PRO L 530 -53.42 -70.92 11.84
CA PRO L 530 -53.13 -69.93 10.78
C PRO L 530 -53.40 -68.50 11.18
N THR L 531 -53.98 -68.26 12.34
CA THR L 531 -54.16 -66.89 12.82
C THR L 531 -52.98 -66.44 13.66
N ILE L 532 -52.43 -67.32 14.50
CA ILE L 532 -51.26 -66.95 15.28
C ILE L 532 -50.00 -67.03 14.44
N MET L 533 -49.80 -68.15 13.74
CA MET L 533 -48.50 -68.41 13.13
C MET L 533 -48.26 -67.51 11.91
N HIS L 534 -49.27 -67.32 11.07
CA HIS L 534 -49.13 -66.50 9.88
C HIS L 534 -49.02 -65.01 10.19
N ARG L 535 -49.38 -64.59 11.40
CA ARG L 535 -49.19 -63.21 11.82
C ARG L 535 -47.93 -63.02 12.66
N LEU L 536 -47.43 -64.09 13.30
CA LEU L 536 -46.35 -64.00 14.26
C LEU L 536 -45.00 -64.37 13.66
N THR L 537 -44.91 -65.49 12.94
CA THR L 537 -43.63 -65.91 12.37
C THR L 537 -43.19 -65.02 11.20
N PRO L 538 -44.07 -64.59 10.26
CA PRO L 538 -43.61 -63.55 9.33
C PRO L 538 -43.29 -62.21 10.00
N TYR L 539 -43.91 -61.90 11.14
CA TYR L 539 -43.51 -60.70 11.89
C TYR L 539 -42.08 -60.83 12.38
N MET L 540 -41.78 -61.92 13.08
CA MET L 540 -40.45 -62.14 13.64
C MET L 540 -39.39 -62.37 12.57
N ASN L 541 -39.80 -62.75 11.35
CA ASN L 541 -38.82 -62.83 10.28
C ASN L 541 -38.60 -61.46 9.63
N LEU L 542 -39.67 -60.75 9.28
CA LEU L 542 -39.53 -59.55 8.47
C LEU L 542 -39.06 -58.35 9.28
N THR L 543 -39.53 -58.20 10.53
CA THR L 543 -39.00 -57.12 11.37
C THR L 543 -37.53 -57.31 11.68
N MET L 544 -37.12 -58.55 11.93
CA MET L 544 -35.69 -58.84 12.09
C MET L 544 -34.93 -58.54 10.80
N SER L 545 -35.49 -58.98 9.66
CA SER L 545 -34.84 -58.84 8.36
C SER L 545 -34.63 -57.40 7.97
N GLN L 546 -35.57 -56.53 8.32
CA GLN L 546 -35.34 -55.11 8.10
C GLN L 546 -34.39 -54.57 9.17
N LYS L 547 -34.84 -54.57 10.43
CA LYS L 547 -34.21 -53.79 11.51
C LYS L 547 -32.79 -54.25 11.79
N SER L 548 -32.59 -55.54 12.05
CA SER L 548 -31.24 -56.03 12.28
C SER L 548 -30.47 -56.12 10.96
N ALA L 549 -30.94 -56.98 10.07
CA ALA L 549 -30.13 -57.40 8.92
C ALA L 549 -29.96 -56.27 7.90
N SER L 550 -31.06 -55.68 7.43
CA SER L 550 -30.96 -54.69 6.36
C SER L 550 -30.41 -53.38 6.90
N SER L 551 -30.95 -52.91 8.03
CA SER L 551 -30.50 -51.63 8.57
C SER L 551 -29.24 -51.78 9.41
N LEU L 552 -29.36 -52.43 10.57
CA LEU L 552 -28.39 -52.26 11.64
C LEU L 552 -27.07 -52.97 11.32
N LEU L 553 -27.13 -54.09 10.61
CA LEU L 553 -25.88 -54.71 10.20
C LEU L 553 -25.32 -54.01 8.96
N ASP L 554 -26.01 -54.13 7.84
CA ASP L 554 -25.43 -53.85 6.53
C ASP L 554 -25.81 -52.49 5.98
N LEU L 555 -26.20 -51.54 6.84
CA LEU L 555 -26.15 -50.13 6.52
C LEU L 555 -25.59 -49.33 7.67
N ILE L 556 -25.38 -49.95 8.84
CA ILE L 556 -24.89 -49.25 10.01
C ILE L 556 -23.56 -49.85 10.49
N TRP L 557 -23.54 -51.12 10.91
CA TRP L 557 -22.35 -51.49 11.68
C TRP L 557 -21.22 -52.03 10.82
N LEU L 558 -21.51 -52.96 9.92
CA LEU L 558 -20.49 -53.41 8.98
C LEU L 558 -20.13 -52.31 7.99
N GLU L 559 -21.04 -51.35 7.77
CA GLU L 559 -20.75 -50.13 7.04
C GLU L 559 -19.90 -49.17 7.87
N THR L 560 -19.98 -49.23 9.20
CA THR L 560 -19.20 -48.28 9.99
C THR L 560 -17.77 -48.79 10.21
N ILE L 561 -17.60 -50.08 10.53
CA ILE L 561 -16.34 -50.54 11.07
C ILE L 561 -15.25 -50.63 10.00
N LEU L 562 -15.54 -51.20 8.83
CA LEU L 562 -14.44 -51.26 7.87
C LEU L 562 -14.27 -49.94 7.11
N PRO L 563 -15.27 -49.40 6.32
CA PRO L 563 -14.92 -48.21 5.54
C PRO L 563 -15.01 -46.88 6.27
N LYS L 564 -16.00 -46.68 7.15
CA LYS L 564 -16.25 -45.33 7.67
C LYS L 564 -15.25 -44.93 8.74
N THR L 565 -14.89 -45.85 9.65
CA THR L 565 -13.92 -45.51 10.68
C THR L 565 -12.54 -45.28 10.07
N ILE L 566 -12.16 -46.11 9.08
CA ILE L 566 -10.90 -45.92 8.37
C ILE L 566 -10.91 -44.62 7.58
N SER L 567 -12.04 -44.30 6.93
CA SER L 567 -12.11 -43.09 6.11
C SER L 567 -12.05 -41.82 6.96
N LEU L 568 -12.75 -41.82 8.10
CA LEU L 568 -12.68 -40.67 8.99
C LEU L 568 -11.32 -40.57 9.68
N ALA L 569 -10.65 -41.71 9.88
CA ALA L 569 -9.29 -41.68 10.42
C ALA L 569 -8.31 -41.06 9.42
N GLN L 570 -8.42 -41.44 8.14
CA GLN L 570 -7.55 -40.84 7.12
C GLN L 570 -7.88 -39.37 6.93
N MET L 571 -9.16 -39.00 7.07
CA MET L 571 -9.57 -37.60 7.03
C MET L 571 -8.94 -36.81 8.17
N LYS L 572 -8.98 -37.36 9.39
CA LYS L 572 -8.40 -36.66 10.54
C LYS L 572 -6.89 -36.52 10.44
N MET L 573 -6.21 -37.58 9.99
CA MET L 573 -4.77 -37.50 9.83
C MET L 573 -4.38 -36.55 8.69
N SER L 574 -5.18 -36.50 7.62
CA SER L 574 -4.92 -35.55 6.54
C SER L 574 -5.15 -34.11 6.99
N THR L 575 -6.11 -33.89 7.88
CA THR L 575 -6.28 -32.53 8.41
C THR L 575 -5.20 -32.18 9.42
N THR L 576 -4.61 -33.15 10.11
CA THR L 576 -3.52 -32.84 11.03
C THR L 576 -2.20 -32.62 10.30
N ILE L 577 -1.97 -33.27 9.16
CA ILE L 577 -0.72 -33.06 8.43
C ILE L 577 -0.70 -31.66 7.82
N THR L 578 -1.76 -31.28 7.11
CA THR L 578 -1.77 -30.07 6.28
C THR L 578 -2.37 -28.86 6.98
N SER L 579 -2.26 -28.78 8.30
CA SER L 579 -2.74 -27.63 9.06
C SER L 579 -1.61 -26.71 9.46
N GLN L 580 -0.61 -26.55 8.59
CA GLN L 580 0.59 -25.79 8.91
C GLN L 580 0.40 -24.33 8.57
N LYS L 581 0.93 -23.45 9.42
CA LYS L 581 0.73 -22.02 9.30
C LYS L 581 1.76 -21.36 8.39
N GLY L 582 2.51 -22.13 7.60
CA GLY L 582 3.45 -21.59 6.65
C GLY L 582 4.63 -20.85 7.25
N LEU L 583 4.93 -21.06 8.53
CA LEU L 583 5.97 -20.31 9.23
C LEU L 583 7.29 -21.08 9.15
N ILE L 584 8.32 -20.42 8.61
CA ILE L 584 9.59 -21.09 8.34
C ILE L 584 10.33 -21.40 9.64
N LYS L 585 10.13 -20.53 10.66
CA LYS L 585 10.61 -20.74 12.02
C LYS L 585 10.19 -22.09 12.56
N LEU L 586 8.91 -22.42 12.43
CA LEU L 586 8.39 -23.66 13.01
C LEU L 586 8.85 -24.87 12.24
N TYR L 587 9.05 -24.75 10.92
CA TYR L 587 9.55 -25.88 10.15
C TYR L 587 11.00 -26.20 10.51
N PHE L 588 11.85 -25.18 10.62
CA PHE L 588 13.23 -25.45 11.03
C PHE L 588 13.32 -25.87 12.50
N LEU L 589 12.41 -25.40 13.35
CA LEU L 589 12.40 -25.86 14.73
C LEU L 589 12.01 -27.34 14.81
N SER L 590 11.07 -27.77 13.96
CA SER L 590 10.75 -29.18 13.84
C SER L 590 11.93 -29.98 13.29
N PHE L 591 12.70 -29.38 12.37
CA PHE L 591 13.89 -30.06 11.83
C PHE L 591 14.93 -30.26 12.92
N LEU L 592 15.08 -29.27 13.81
CA LEU L 592 16.04 -29.37 14.91
C LEU L 592 15.60 -30.43 15.92
N ILE L 593 14.30 -30.48 16.22
CA ILE L 593 13.76 -31.52 17.10
C ILE L 593 13.96 -32.90 16.47
N THR L 594 13.83 -32.99 15.14
CA THR L 594 14.13 -34.22 14.41
C THR L 594 15.59 -34.66 14.58
N ILE L 595 16.52 -33.73 14.40
CA ILE L 595 17.95 -34.06 14.50
C ILE L 595 18.31 -34.46 15.93
N LEU L 596 17.71 -33.80 16.93
CA LEU L 596 17.98 -34.15 18.31
C LEU L 596 17.38 -35.51 18.69
N ILE L 597 16.20 -35.84 18.16
CA ILE L 597 15.62 -37.16 18.42
C ILE L 597 16.43 -38.25 17.74
N SER L 598 16.91 -37.98 16.52
CA SER L 598 17.71 -38.96 15.79
C SER L 598 19.06 -39.19 16.48
N THR L 599 19.65 -38.15 17.05
CA THR L 599 20.93 -38.33 17.73
C THR L 599 20.75 -38.96 19.10
N THR L 600 20.00 -38.30 20.00
CA THR L 600 19.93 -38.77 21.38
C THR L 600 18.99 -39.96 21.54
N LEU L 601 17.80 -39.89 20.93
CA LEU L 601 16.71 -40.78 21.30
C LEU L 601 16.74 -42.09 20.54
N LEU L 602 17.13 -42.08 19.26
CA LEU L 602 17.01 -43.26 18.42
C LEU L 602 18.35 -43.90 18.06
N ASN L 603 19.47 -43.24 18.35
CA ASN L 603 20.83 -43.73 18.12
C ASN L 603 21.07 -44.07 16.65
N PHE L 604 20.99 -43.04 15.81
CA PHE L 604 21.14 -43.20 14.37
C PHE L 604 22.53 -42.82 13.87
N HIS L 605 23.48 -42.61 14.77
CA HIS L 605 24.85 -42.28 14.39
C HIS L 605 25.87 -43.17 15.08
N GLU L 606 25.43 -44.25 15.73
CA GLU L 606 26.35 -45.13 16.43
C GLU L 606 26.41 -46.50 15.75
N FME M 1 -3.88 -70.14 -25.98
CN FME M 1 -3.82 -71.12 -26.93
O1 FME M 1 -4.78 -71.41 -27.66
CA FME M 1 -5.05 -69.34 -25.72
CB FME M 1 -5.24 -69.03 -24.23
CG FME M 1 -6.18 -70.03 -23.61
SD FME M 1 -7.84 -69.52 -23.94
CE FME M 1 -7.83 -67.78 -23.68
C FME M 1 -5.01 -68.01 -26.45
O FME M 1 -5.75 -67.07 -26.21
N LEU M 2 -4.09 -67.96 -27.39
CA LEU M 2 -3.78 -66.75 -28.10
C LEU M 2 -4.77 -66.56 -29.24
N LYS M 3 -5.39 -67.68 -29.64
CA LYS M 3 -6.44 -67.70 -30.65
C LYS M 3 -7.75 -67.12 -30.16
N TYR M 4 -7.84 -66.73 -28.90
CA TYR M 4 -8.96 -65.95 -28.38
C TYR M 4 -8.55 -64.56 -27.94
N ILE M 5 -7.27 -64.38 -27.61
CA ILE M 5 -6.77 -63.06 -27.24
C ILE M 5 -6.68 -62.17 -28.46
N ILE M 6 -6.14 -62.70 -29.55
CA ILE M 6 -5.98 -61.91 -30.78
C ILE M 6 -7.32 -61.53 -31.43
N PRO M 7 -8.36 -62.39 -31.52
CA PRO M 7 -9.66 -61.85 -31.99
C PRO M 7 -10.28 -60.83 -31.06
N THR M 8 -10.08 -60.97 -29.76
CA THR M 8 -10.57 -59.96 -28.82
C THR M 8 -9.82 -58.64 -28.99
N MET M 9 -8.53 -58.71 -29.33
CA MET M 9 -7.81 -57.48 -29.64
C MET M 9 -8.22 -56.90 -30.98
N MET M 10 -8.53 -57.75 -31.96
CA MET M 10 -9.00 -57.27 -33.25
C MET M 10 -10.43 -56.74 -33.19
N LEU M 11 -11.15 -56.99 -32.10
CA LEU M 11 -12.39 -56.27 -31.86
C LEU M 11 -12.18 -54.78 -31.59
N MET M 12 -10.97 -54.34 -31.24
CA MET M 12 -10.73 -52.91 -31.09
C MET M 12 -10.69 -52.15 -32.42
N PRO M 13 -9.95 -52.57 -33.46
CA PRO M 13 -10.09 -51.87 -34.74
C PRO M 13 -11.44 -52.13 -35.39
N LEU M 14 -12.10 -53.23 -35.04
CA LEU M 14 -13.44 -53.50 -35.55
C LEU M 14 -14.45 -52.50 -35.02
N THR M 15 -14.28 -52.02 -33.77
CA THR M 15 -15.19 -51.02 -33.24
C THR M 15 -14.72 -49.59 -33.44
N TRP M 16 -13.45 -49.38 -33.77
CA TRP M 16 -12.97 -48.03 -34.01
C TRP M 16 -12.87 -47.68 -35.49
N LEU M 17 -13.26 -48.59 -36.38
CA LEU M 17 -13.33 -48.30 -37.81
C LEU M 17 -14.70 -48.52 -38.40
N SER M 18 -15.68 -48.88 -37.60
CA SER M 18 -16.99 -49.17 -38.15
C SER M 18 -17.76 -47.87 -38.42
N LYS M 19 -18.75 -47.98 -39.29
CA LYS M 19 -19.62 -46.85 -39.59
C LYS M 19 -20.51 -46.55 -38.40
N ASN M 20 -21.00 -45.31 -38.34
CA ASN M 20 -21.64 -44.77 -37.14
C ASN M 20 -22.95 -45.46 -36.79
N SER M 21 -23.60 -46.11 -37.75
CA SER M 21 -24.74 -46.95 -37.47
C SER M 21 -24.37 -48.42 -37.32
N MET M 22 -23.12 -48.79 -37.58
CA MET M 22 -22.72 -50.18 -37.64
C MET M 22 -21.85 -50.62 -36.47
N ILE M 23 -21.60 -49.77 -35.48
CA ILE M 23 -20.65 -50.18 -34.44
C ILE M 23 -21.25 -51.14 -33.44
N TRP M 24 -22.57 -51.27 -33.39
CA TRP M 24 -23.11 -52.30 -32.52
C TRP M 24 -23.21 -53.65 -33.22
N ILE M 25 -23.62 -53.63 -34.49
CA ILE M 25 -23.90 -54.87 -35.22
C ILE M 25 -22.62 -55.64 -35.45
N ASN M 26 -21.54 -54.95 -35.79
CA ASN M 26 -20.28 -55.62 -36.11
C ASN M 26 -19.66 -56.26 -34.88
N THR M 27 -19.64 -55.52 -33.76
CA THR M 27 -19.11 -56.04 -32.52
C THR M 27 -19.95 -57.18 -31.99
N THR M 28 -21.28 -57.10 -32.16
CA THR M 28 -22.15 -58.21 -31.78
C THR M 28 -21.87 -59.45 -32.62
N LEU M 29 -21.74 -59.28 -33.94
CA LEU M 29 -21.49 -60.41 -34.85
C LEU M 29 -20.16 -61.08 -34.54
N HIS M 30 -19.11 -60.30 -34.40
CA HIS M 30 -17.80 -60.90 -34.23
C HIS M 30 -17.58 -61.40 -32.80
N SER M 31 -18.23 -60.80 -31.81
CA SER M 31 -18.17 -61.37 -30.47
C SER M 31 -18.97 -62.66 -30.38
N LEU M 32 -20.05 -62.80 -31.16
CA LEU M 32 -20.74 -64.08 -31.24
C LEU M 32 -19.89 -65.12 -31.96
N LEU M 33 -19.08 -64.69 -32.95
CA LEU M 33 -18.16 -65.64 -33.58
C LEU M 33 -17.06 -66.08 -32.64
N ILE M 34 -16.58 -65.17 -31.78
CA ILE M 34 -15.60 -65.55 -30.76
C ILE M 34 -16.21 -66.50 -29.74
N SER M 35 -17.48 -66.27 -29.39
CA SER M 35 -18.16 -67.18 -28.47
C SER M 35 -18.42 -68.54 -29.11
N LEU M 36 -18.62 -68.58 -30.42
CA LEU M 36 -18.70 -69.87 -31.13
C LEU M 36 -17.36 -70.56 -31.15
N THR M 37 -16.28 -69.78 -31.30
CA THR M 37 -14.94 -70.33 -31.31
C THR M 37 -14.51 -70.83 -29.94
N SER M 38 -15.13 -70.31 -28.88
CA SER M 38 -14.77 -70.63 -27.49
C SER M 38 -14.94 -72.10 -27.14
N LEU M 39 -15.73 -72.85 -27.91
CA LEU M 39 -16.01 -74.24 -27.59
C LEU M 39 -14.83 -75.17 -27.88
N LEU M 40 -13.79 -74.69 -28.54
CA LEU M 40 -12.60 -75.50 -28.76
C LEU M 40 -11.81 -75.73 -27.48
N LEU M 41 -12.09 -74.97 -26.42
CA LEU M 41 -11.49 -75.16 -25.11
C LEU M 41 -12.01 -76.38 -24.38
N LEU M 42 -13.04 -77.03 -24.90
CA LEU M 42 -13.63 -78.23 -24.30
C LEU M 42 -12.86 -79.50 -24.62
N ASN M 43 -11.64 -79.39 -25.16
CA ASN M 43 -10.74 -80.54 -25.32
C ASN M 43 -10.06 -80.82 -23.99
N GLN M 44 -10.85 -81.35 -23.07
CA GLN M 44 -10.37 -81.65 -21.73
C GLN M 44 -10.22 -83.15 -21.56
N PHE M 45 -9.35 -83.54 -20.64
CA PHE M 45 -9.06 -84.93 -20.41
C PHE M 45 -9.27 -85.26 -18.95
N GLY M 46 -9.46 -86.55 -18.67
CA GLY M 46 -9.72 -86.98 -17.31
C GLY M 46 -8.54 -86.91 -16.40
N ASP M 47 -7.33 -86.76 -16.95
CA ASP M 47 -6.11 -86.71 -16.18
C ASP M 47 -5.36 -85.39 -16.32
N ASN M 48 -5.18 -84.89 -17.54
CA ASN M 48 -4.31 -83.77 -17.82
C ASN M 48 -5.13 -82.54 -18.19
N SER M 49 -4.71 -81.39 -17.69
CA SER M 49 -5.32 -80.13 -18.09
C SER M 49 -4.83 -79.73 -19.47
N LEU M 50 -5.65 -78.97 -20.18
CA LEU M 50 -5.33 -78.56 -21.55
C LEU M 50 -4.29 -77.45 -21.46
N ASN M 51 -3.02 -77.85 -21.53
CA ASN M 51 -1.89 -76.98 -21.25
C ASN M 51 -1.35 -76.44 -22.57
N PHE M 52 -1.60 -75.15 -22.83
CA PHE M 52 -1.26 -74.59 -24.13
C PHE M 52 0.21 -74.20 -24.21
N SER M 53 0.62 -73.25 -23.37
CA SER M 53 1.95 -72.69 -23.47
C SER M 53 2.52 -72.51 -22.08
N LEU M 54 3.67 -71.82 -22.01
CA LEU M 54 4.25 -71.45 -20.73
C LEU M 54 3.40 -70.41 -20.01
N THR M 55 2.61 -69.64 -20.77
CA THR M 55 1.82 -68.55 -20.22
C THR M 55 0.37 -68.93 -19.99
N PHE M 56 -0.18 -69.87 -20.77
CA PHE M 56 -1.61 -70.15 -20.73
C PHE M 56 -1.88 -71.64 -20.65
N PHE M 57 -2.84 -72.01 -19.80
CA PHE M 57 -3.42 -73.35 -19.80
C PHE M 57 -4.89 -73.20 -19.43
N SER M 58 -5.64 -74.28 -19.57
CA SER M 58 -7.06 -74.24 -19.22
C SER M 58 -7.49 -75.62 -18.78
N ASP M 59 -7.79 -75.76 -17.50
CA ASP M 59 -8.38 -76.99 -16.99
C ASP M 59 -9.90 -76.91 -17.10
N SER M 60 -10.59 -77.86 -16.48
CA SER M 60 -12.04 -77.93 -16.58
C SER M 60 -12.75 -76.99 -15.62
N LEU M 61 -12.01 -76.23 -14.81
CA LEU M 61 -12.56 -75.13 -14.04
C LEU M 61 -12.59 -73.84 -14.84
N SER M 62 -11.46 -73.50 -15.47
CA SER M 62 -11.37 -72.23 -16.17
C SER M 62 -12.16 -72.24 -17.46
N THR M 63 -12.30 -73.41 -18.09
CA THR M 63 -12.99 -73.51 -19.39
C THR M 63 -14.46 -73.08 -19.37
N PRO M 64 -15.32 -73.48 -18.41
CA PRO M 64 -16.70 -72.94 -18.44
C PRO M 64 -16.77 -71.47 -18.12
N LEU M 65 -15.89 -70.97 -17.26
CA LEU M 65 -15.82 -69.54 -16.99
C LEU M 65 -15.39 -68.77 -18.23
N LEU M 66 -14.51 -69.34 -19.05
CA LEU M 66 -14.10 -68.73 -20.30
C LEU M 66 -15.23 -68.71 -21.32
N ILE M 67 -15.96 -69.82 -21.44
CA ILE M 67 -17.08 -69.87 -22.39
C ILE M 67 -18.17 -68.90 -21.97
N LEU M 68 -18.44 -68.81 -20.67
CA LEU M 68 -19.39 -67.84 -20.14
C LEU M 68 -18.93 -66.40 -20.35
N THR M 69 -17.62 -66.17 -20.21
CA THR M 69 -17.07 -64.82 -20.39
C THR M 69 -17.16 -64.38 -21.84
N MET M 70 -16.73 -65.23 -22.77
CA MET M 70 -16.80 -64.89 -24.19
C MET M 70 -18.22 -64.89 -24.72
N TRP M 71 -19.16 -65.53 -24.01
CA TRP M 71 -20.56 -65.43 -24.37
C TRP M 71 -21.23 -64.20 -23.78
N LEU M 72 -20.70 -63.66 -22.69
CA LEU M 72 -21.35 -62.53 -22.05
C LEU M 72 -21.20 -61.24 -22.82
N LEU M 73 -20.11 -61.08 -23.59
CA LEU M 73 -19.87 -59.85 -24.34
C LEU M 73 -20.95 -59.51 -25.38
N PRO M 74 -21.43 -60.45 -26.23
CA PRO M 74 -22.57 -60.08 -27.10
C PRO M 74 -23.82 -59.70 -26.34
N LEU M 75 -24.08 -60.37 -25.21
CA LEU M 75 -25.25 -60.05 -24.41
C LEU M 75 -25.12 -58.68 -23.75
N MET M 76 -23.91 -58.29 -23.36
CA MET M 76 -23.71 -56.95 -22.81
C MET M 76 -23.84 -55.89 -23.88
N LEU M 77 -23.39 -56.17 -25.10
CA LEU M 77 -23.57 -55.22 -26.20
C LEU M 77 -25.05 -55.08 -26.60
N MET M 78 -25.83 -56.15 -26.47
CA MET M 78 -27.26 -56.05 -26.72
C MET M 78 -27.97 -55.26 -25.63
N ALA M 79 -27.60 -55.52 -24.36
CA ALA M 79 -28.27 -54.86 -23.25
C ALA M 79 -27.92 -53.39 -23.14
N SER M 80 -26.69 -53.02 -23.52
CA SER M 80 -26.16 -51.72 -23.18
C SER M 80 -26.26 -50.69 -24.31
N GLN M 81 -27.10 -50.93 -25.31
CA GLN M 81 -27.13 -50.01 -26.43
C GLN M 81 -28.36 -49.12 -26.47
N HIS M 82 -29.44 -49.47 -25.76
CA HIS M 82 -30.64 -48.63 -25.81
C HIS M 82 -30.46 -47.36 -24.99
N HIS M 83 -29.90 -47.48 -23.79
CA HIS M 83 -29.66 -46.30 -22.97
C HIS M 83 -28.42 -45.54 -23.40
N LEU M 84 -27.61 -46.10 -24.29
CA LEU M 84 -26.51 -45.38 -24.89
C LEU M 84 -26.77 -45.08 -26.37
N SER M 85 -28.04 -45.03 -26.76
CA SER M 85 -28.38 -44.65 -28.13
C SER M 85 -28.25 -43.16 -28.34
N LYS M 86 -28.55 -42.36 -27.32
CA LYS M 86 -28.35 -40.92 -27.36
C LYS M 86 -26.92 -40.51 -27.04
N GLU M 87 -26.05 -41.48 -26.78
CA GLU M 87 -24.69 -41.19 -26.37
C GLU M 87 -23.88 -40.71 -27.56
N ASN M 88 -22.88 -39.86 -27.28
CA ASN M 88 -21.90 -39.45 -28.27
C ASN M 88 -21.18 -40.65 -28.85
N LEU M 89 -20.81 -40.54 -30.14
CA LEU M 89 -20.26 -41.66 -30.89
C LEU M 89 -18.89 -42.08 -30.35
N ALA M 90 -18.07 -41.10 -29.95
CA ALA M 90 -16.74 -41.43 -29.46
C ALA M 90 -16.81 -42.01 -28.05
N ARG M 91 -17.71 -41.50 -27.21
CA ARG M 91 -17.92 -42.12 -25.90
C ARG M 91 -18.59 -43.48 -26.02
N LYS M 92 -19.40 -43.68 -27.07
CA LYS M 92 -19.99 -44.99 -27.32
C LYS M 92 -18.91 -46.01 -27.70
N LYS M 93 -17.98 -45.60 -28.57
CA LYS M 93 -16.85 -46.45 -28.91
C LYS M 93 -15.93 -46.68 -27.72
N LEU M 94 -15.80 -45.68 -26.83
CA LEU M 94 -15.01 -45.89 -25.61
C LEU M 94 -15.67 -46.88 -24.68
N PHE M 95 -17.00 -46.87 -24.60
CA PHE M 95 -17.71 -47.86 -23.79
C PHE M 95 -17.54 -49.27 -24.34
N ILE M 96 -17.67 -49.41 -25.67
CA ILE M 96 -17.47 -50.71 -26.29
C ILE M 96 -16.02 -51.16 -26.12
N SER M 97 -15.08 -50.22 -26.16
CA SER M 97 -13.67 -50.53 -25.92
C SER M 97 -13.43 -50.98 -24.48
N MET M 98 -14.15 -50.40 -23.52
CA MET M 98 -14.00 -50.85 -22.14
C MET M 98 -14.54 -52.26 -21.94
N LEU M 99 -15.66 -52.58 -22.61
CA LEU M 99 -16.20 -53.94 -22.52
C LEU M 99 -15.28 -54.96 -23.18
N ILE M 100 -14.73 -54.62 -24.35
CA ILE M 100 -13.83 -55.53 -25.06
C ILE M 100 -12.52 -55.70 -24.29
N LEU M 101 -12.03 -54.62 -23.69
CA LEU M 101 -10.82 -54.68 -22.87
C LEU M 101 -11.05 -55.49 -21.61
N LEU M 102 -12.24 -55.43 -21.03
CA LEU M 102 -12.55 -56.22 -19.86
C LEU M 102 -12.63 -57.70 -20.21
N GLN M 103 -13.22 -58.03 -21.36
CA GLN M 103 -13.21 -59.41 -21.85
C GLN M 103 -11.79 -59.89 -22.09
N LEU M 104 -10.94 -59.02 -22.64
CA LEU M 104 -9.55 -59.36 -22.93
C LEU M 104 -8.78 -59.65 -21.66
N PHE M 105 -9.02 -58.87 -20.61
CA PHE M 105 -8.37 -59.13 -19.34
C PHE M 105 -8.89 -60.41 -18.68
N LEU M 106 -10.20 -60.68 -18.81
CA LEU M 106 -10.76 -61.86 -18.16
C LEU M 106 -10.30 -63.16 -18.81
N ILE M 107 -10.22 -63.19 -20.16
CA ILE M 107 -9.87 -64.44 -20.82
C ILE M 107 -8.41 -64.83 -20.62
N MET M 108 -7.55 -63.92 -20.21
CA MET M 108 -6.22 -64.27 -19.74
C MET M 108 -6.05 -64.05 -18.25
N THR M 109 -7.15 -63.79 -17.53
CA THR M 109 -7.15 -63.99 -16.09
C THR M 109 -7.43 -65.44 -15.76
N PHE M 110 -8.42 -66.05 -16.42
CA PHE M 110 -8.74 -67.44 -16.13
C PHE M 110 -7.73 -68.41 -16.71
N THR M 111 -6.99 -68.04 -17.74
CA THR M 111 -6.00 -68.92 -18.32
C THR M 111 -4.59 -68.60 -17.86
N ALA M 112 -4.45 -67.93 -16.72
CA ALA M 112 -3.12 -67.58 -16.25
C ALA M 112 -2.45 -68.80 -15.67
N THR M 113 -1.39 -69.25 -16.33
CA THR M 113 -0.58 -70.35 -15.82
C THR M 113 0.11 -69.98 -14.52
N GLU M 114 0.70 -68.79 -14.48
CA GLU M 114 1.47 -68.34 -13.33
C GLU M 114 0.68 -67.32 -12.52
N LEU M 115 0.83 -67.39 -11.20
CA LEU M 115 -0.12 -66.73 -10.31
C LEU M 115 0.06 -65.21 -10.25
N ILE M 116 1.25 -64.68 -10.53
CA ILE M 116 1.36 -63.23 -10.51
C ILE M 116 0.79 -62.65 -11.80
N PHE M 117 0.75 -63.44 -12.88
CA PHE M 117 0.04 -63.03 -14.08
C PHE M 117 -1.46 -63.03 -13.85
N PHE M 118 -1.92 -64.01 -13.06
CA PHE M 118 -3.29 -63.99 -12.55
C PHE M 118 -3.56 -62.76 -11.72
N TYR M 119 -2.58 -62.33 -10.91
CA TYR M 119 -2.79 -61.13 -10.11
C TYR M 119 -2.87 -59.87 -10.96
N ILE M 120 -1.99 -59.76 -11.96
CA ILE M 120 -1.95 -58.59 -12.83
C ILE M 120 -3.24 -58.47 -13.62
N MET M 121 -3.72 -59.58 -14.18
CA MET M 121 -4.98 -59.52 -14.93
C MET M 121 -6.19 -59.41 -14.00
N PHE M 122 -6.12 -60.01 -12.81
CA PHE M 122 -7.20 -59.99 -11.84
C PHE M 122 -7.42 -58.59 -11.28
N GLU M 123 -6.35 -57.82 -11.13
CA GLU M 123 -6.47 -56.43 -10.72
C GLU M 123 -6.54 -55.48 -11.91
N ALA M 124 -6.23 -55.97 -13.11
CA ALA M 124 -6.45 -55.20 -14.33
C ALA M 124 -7.92 -55.11 -14.66
N THR M 125 -8.70 -56.13 -14.26
CA THR M 125 -10.15 -56.09 -14.48
C THR M 125 -10.87 -55.05 -13.64
N LEU M 126 -10.20 -54.40 -12.67
CA LEU M 126 -10.82 -53.32 -11.93
C LEU M 126 -11.11 -52.12 -12.81
N VAL M 127 -10.12 -51.72 -13.60
CA VAL M 127 -10.10 -50.39 -14.22
C VAL M 127 -11.17 -50.21 -15.31
N PRO M 128 -11.41 -51.15 -16.26
CA PRO M 128 -12.58 -50.95 -17.13
C PRO M 128 -13.90 -51.02 -16.38
N THR M 129 -13.99 -51.88 -15.35
CA THR M 129 -15.19 -51.92 -14.52
C THR M 129 -15.38 -50.61 -13.76
N LEU M 130 -14.28 -50.08 -13.22
CA LEU M 130 -14.31 -48.79 -12.53
C LEU M 130 -14.75 -47.66 -13.44
N ILE M 131 -14.24 -47.64 -14.67
CA ILE M 131 -14.58 -46.57 -15.60
C ILE M 131 -16.02 -46.70 -16.09
N ILE M 132 -16.49 -47.94 -16.31
CA ILE M 132 -17.88 -48.16 -16.72
C ILE M 132 -18.85 -47.73 -15.63
N ILE M 133 -18.56 -48.09 -14.37
CA ILE M 133 -19.42 -47.72 -13.24
C ILE M 133 -19.41 -46.20 -13.04
N THR M 134 -18.22 -45.60 -12.96
CA THR M 134 -18.14 -44.19 -12.63
C THR M 134 -18.40 -43.26 -13.80
N ARG M 135 -18.48 -43.76 -15.02
CA ARG M 135 -18.72 -42.90 -16.17
C ARG M 135 -20.09 -43.11 -16.80
N TRP M 136 -20.52 -44.36 -17.00
CA TRP M 136 -21.82 -44.60 -17.61
C TRP M 136 -22.86 -45.03 -16.58
N GLY M 137 -22.56 -44.89 -15.29
CA GLY M 137 -23.59 -45.04 -14.29
C GLY M 137 -24.57 -43.89 -14.31
N ASN M 138 -25.74 -44.13 -13.74
CA ASN M 138 -26.86 -43.21 -13.90
C ASN M 138 -26.99 -42.20 -12.77
N GLN M 139 -26.90 -42.63 -11.52
CA GLN M 139 -27.23 -41.76 -10.41
C GLN M 139 -26.00 -40.98 -9.94
N THR M 140 -26.13 -40.34 -8.79
CA THR M 140 -25.05 -39.51 -8.26
C THR M 140 -23.97 -40.36 -7.61
N GLU M 141 -24.36 -41.45 -6.94
CA GLU M 141 -23.45 -42.24 -6.12
C GLU M 141 -22.63 -43.24 -6.92
N ARG M 142 -22.48 -43.06 -8.24
CA ARG M 142 -21.60 -43.93 -9.00
C ARG M 142 -20.13 -43.69 -8.64
N LEU M 143 -19.80 -42.47 -8.23
CA LEU M 143 -18.42 -42.15 -7.86
C LEU M 143 -18.05 -42.79 -6.54
N ASN M 144 -18.97 -42.73 -5.57
CA ASN M 144 -18.71 -43.33 -4.27
C ASN M 144 -18.68 -44.85 -4.38
N ALA M 145 -19.54 -45.41 -5.23
CA ALA M 145 -19.54 -46.85 -5.48
C ALA M 145 -18.26 -47.30 -6.17
N GLY M 146 -17.74 -46.47 -7.07
CA GLY M 146 -16.43 -46.75 -7.66
C GLY M 146 -15.31 -46.71 -6.64
N LEU M 147 -15.40 -45.77 -5.68
CA LEU M 147 -14.43 -45.72 -4.59
C LEU M 147 -14.46 -46.98 -3.73
N TYR M 148 -15.67 -47.44 -3.37
CA TYR M 148 -15.77 -48.65 -2.56
C TYR M 148 -15.31 -49.89 -3.33
N PHE M 149 -15.68 -49.98 -4.61
CA PHE M 149 -15.28 -51.12 -5.43
C PHE M 149 -13.77 -51.17 -5.65
N LEU M 150 -13.13 -50.01 -5.76
CA LEU M 150 -11.69 -50.01 -5.94
C LEU M 150 -10.97 -50.32 -4.63
N PHE M 151 -11.39 -49.68 -3.53
CA PHE M 151 -10.63 -49.74 -2.30
C PHE M 151 -11.02 -50.87 -1.36
N TYR M 152 -12.01 -51.70 -1.69
CA TYR M 152 -12.04 -52.98 -1.00
C TYR M 152 -11.13 -53.97 -1.69
N THR M 153 -11.11 -53.97 -3.02
CA THR M 153 -10.33 -54.95 -3.78
C THR M 153 -8.84 -54.74 -3.59
N LEU M 154 -8.38 -53.49 -3.66
CA LEU M 154 -6.95 -53.25 -3.52
C LEU M 154 -6.47 -53.47 -2.09
N ALA M 155 -7.30 -53.10 -1.11
CA ALA M 155 -6.99 -53.38 0.29
C ALA M 155 -6.90 -54.87 0.55
N GLY M 156 -7.74 -55.67 -0.11
CA GLY M 156 -7.63 -57.10 0.04
C GLY M 156 -6.49 -57.72 -0.74
N SER M 157 -6.10 -57.11 -1.85
CA SER M 157 -5.24 -57.78 -2.82
C SER M 157 -3.79 -57.35 -2.77
N LEU M 158 -3.47 -56.25 -2.13
CA LEU M 158 -2.03 -55.95 -2.01
C LEU M 158 -1.32 -56.84 -0.98
N PRO M 159 -1.96 -57.26 0.14
CA PRO M 159 -1.44 -58.44 0.85
C PRO M 159 -1.40 -59.71 0.02
N LEU M 160 -2.33 -59.89 -0.94
CA LEU M 160 -2.21 -61.02 -1.86
C LEU M 160 -0.99 -60.90 -2.75
N LEU M 161 -0.64 -59.68 -3.15
CA LEU M 161 0.59 -59.46 -3.91
C LEU M 161 1.82 -59.82 -3.09
N VAL M 162 1.85 -59.40 -1.83
CA VAL M 162 2.98 -59.75 -0.95
C VAL M 162 3.06 -61.26 -0.74
N ALA M 163 1.91 -61.92 -0.60
CA ALA M 163 1.87 -63.36 -0.38
C ALA M 163 2.34 -64.14 -1.60
N LEU M 164 1.91 -63.72 -2.79
CA LEU M 164 2.33 -64.42 -4.00
C LEU M 164 3.81 -64.20 -4.29
N ILE M 165 4.33 -63.00 -4.00
CA ILE M 165 5.77 -62.79 -4.17
C ILE M 165 6.57 -63.60 -3.14
N TYR M 166 6.02 -63.80 -1.94
CA TYR M 166 6.68 -64.68 -0.98
C TYR M 166 6.68 -66.14 -1.44
N ILE M 167 5.59 -66.61 -2.04
CA ILE M 167 5.56 -67.96 -2.61
C ILE M 167 6.55 -68.07 -3.75
N GLN M 168 6.72 -66.99 -4.53
CA GLN M 168 7.72 -66.97 -5.58
C GLN M 168 9.13 -67.11 -5.02
N ASN M 169 9.43 -66.41 -3.93
CA ASN M 169 10.77 -66.50 -3.37
C ASN M 169 11.01 -67.83 -2.65
N THR M 170 9.97 -68.42 -2.06
CA THR M 170 10.17 -69.65 -1.29
C THR M 170 10.14 -70.88 -2.19
N MET M 171 9.04 -71.06 -2.94
CA MET M 171 8.91 -72.23 -3.79
C MET M 171 9.81 -72.16 -5.01
N GLY M 172 10.19 -70.95 -5.43
CA GLY M 172 10.92 -70.77 -6.66
C GLY M 172 10.06 -70.58 -7.89
N SER M 173 8.76 -70.81 -7.78
CA SER M 173 7.87 -70.70 -8.93
C SER M 173 6.47 -70.38 -8.46
N LEU M 174 5.71 -69.71 -9.34
CA LEU M 174 4.28 -69.52 -9.16
C LEU M 174 3.48 -70.15 -10.30
N ASN M 175 4.12 -70.95 -11.14
CA ASN M 175 3.40 -71.80 -12.07
C ASN M 175 2.52 -72.76 -11.28
N PHE M 176 1.23 -72.80 -11.65
CA PHE M 176 0.30 -73.71 -11.00
C PHE M 176 0.61 -75.16 -11.36
N LEU M 177 1.11 -75.41 -12.57
CA LEU M 177 1.49 -76.76 -12.97
C LEU M 177 2.73 -77.25 -12.21
N ILE M 178 3.62 -76.33 -11.84
CA ILE M 178 4.75 -76.70 -11.00
C ILE M 178 4.32 -76.86 -9.56
N LEU M 179 3.43 -75.99 -9.09
CA LEU M 179 2.97 -76.04 -7.71
C LEU M 179 2.00 -77.17 -7.44
N GLN M 180 1.48 -77.85 -8.47
CA GLN M 180 0.76 -79.09 -8.22
C GLN M 180 1.69 -80.18 -7.68
N TYR M 181 2.95 -80.16 -8.08
CA TYR M 181 3.88 -81.21 -7.73
C TYR M 181 4.91 -80.79 -6.69
N TRP M 182 5.00 -79.50 -6.36
CA TRP M 182 5.95 -79.03 -5.37
C TRP M 182 5.26 -78.42 -4.17
N VAL M 183 3.97 -78.74 -3.97
CA VAL M 183 3.22 -78.15 -2.88
C VAL M 183 3.68 -78.74 -1.55
N GLN M 184 4.01 -77.90 -0.66
CA GLN M 184 4.49 -78.30 0.64
C GLN M 184 3.36 -78.22 1.65
N PRO M 185 3.40 -79.01 2.73
CA PRO M 185 2.43 -78.82 3.80
C PRO M 185 2.71 -77.52 4.54
N MET M 186 1.64 -76.79 4.83
CA MET M 186 1.74 -75.49 5.50
C MET M 186 1.32 -75.64 6.95
N PRO M 187 2.26 -75.74 7.89
CA PRO M 187 1.92 -76.10 9.27
C PRO M 187 1.32 -74.92 10.03
N ASN M 188 0.99 -75.18 11.30
CA ASN M 188 0.40 -74.18 12.17
C ASN M 188 1.48 -73.23 12.67
N SER M 189 1.38 -71.96 12.26
CA SER M 189 2.17 -70.88 12.83
C SER M 189 1.44 -69.58 12.53
N TRP M 190 1.81 -68.53 13.25
CA TRP M 190 1.23 -67.23 12.99
C TRP M 190 1.69 -66.67 11.65
N SER M 191 2.92 -67.01 11.27
CA SER M 191 3.42 -66.72 9.93
C SER M 191 2.53 -67.34 8.87
N ASN M 192 2.24 -68.63 9.01
CA ASN M 192 1.36 -69.30 8.07
C ASN M 192 -0.10 -68.88 8.22
N THR M 193 -0.48 -68.39 9.41
CA THR M 193 -1.83 -67.86 9.61
C THR M 193 -2.05 -66.60 8.77
N PHE M 194 -1.15 -65.63 8.89
CA PHE M 194 -1.27 -64.43 8.09
C PHE M 194 -0.93 -64.68 6.62
N MET M 195 -0.16 -65.74 6.34
CA MET M 195 0.00 -66.21 4.97
C MET M 195 -1.34 -66.62 4.37
N TRP M 196 -2.12 -67.40 5.14
CA TRP M 196 -3.43 -67.84 4.70
C TRP M 196 -4.38 -66.65 4.53
N LEU M 197 -4.34 -65.72 5.48
CA LEU M 197 -5.16 -64.51 5.38
C LEU M 197 -4.83 -63.68 4.15
N ALA M 198 -3.54 -63.49 3.88
CA ALA M 198 -3.14 -62.70 2.72
C ALA M 198 -3.48 -63.41 1.42
N CYS M 199 -3.42 -64.74 1.40
CA CYS M 199 -3.82 -65.46 0.20
C CYS M 199 -5.32 -65.52 0.00
N MET M 200 -6.12 -65.38 1.06
CA MET M 200 -7.56 -65.60 0.91
C MET M 200 -8.43 -64.35 0.97
N MET M 201 -8.00 -63.26 1.64
CA MET M 201 -8.92 -62.16 1.90
C MET M 201 -9.27 -61.35 0.65
N ALA M 202 -8.38 -61.33 -0.36
CA ALA M 202 -8.70 -60.67 -1.61
C ALA M 202 -9.89 -61.33 -2.30
N PHE M 203 -9.87 -62.66 -2.36
CA PHE M 203 -10.96 -63.37 -2.98
C PHE M 203 -12.19 -63.37 -2.09
N MET M 204 -12.00 -63.30 -0.76
CA MET M 204 -13.13 -63.11 0.14
C MET M 204 -13.83 -61.77 -0.10
N VAL M 205 -13.07 -60.74 -0.45
CA VAL M 205 -13.66 -59.48 -0.89
C VAL M 205 -14.39 -59.68 -2.22
N LYS M 206 -13.76 -60.37 -3.17
CA LYS M 206 -14.31 -60.44 -4.51
C LYS M 206 -15.42 -61.47 -4.69
N MET M 207 -15.75 -62.27 -3.68
CA MET M 207 -16.84 -63.24 -3.85
C MET M 207 -18.23 -62.62 -3.80
N PRO M 208 -18.61 -61.80 -2.79
CA PRO M 208 -18.04 -61.29 -1.54
C PRO M 208 -18.39 -62.10 -0.30
N LEU M 209 -17.48 -62.09 0.67
CA LEU M 209 -17.77 -62.61 1.99
C LEU M 209 -18.77 -61.72 2.70
N TYR M 210 -19.55 -62.31 3.60
CA TYR M 210 -20.43 -61.52 4.44
C TYR M 210 -19.62 -60.67 5.40
N GLY M 211 -19.99 -59.40 5.50
CA GLY M 211 -19.22 -58.40 6.20
C GLY M 211 -18.31 -57.60 5.29
N LEU M 212 -17.79 -58.22 4.23
CA LEU M 212 -17.01 -57.53 3.21
C LEU M 212 -17.84 -57.18 1.99
N HIS M 213 -19.13 -57.43 2.03
CA HIS M 213 -19.99 -57.34 0.86
C HIS M 213 -20.59 -55.96 0.68
N LEU M 214 -20.09 -54.94 1.38
CA LEU M 214 -20.76 -53.64 1.38
C LEU M 214 -20.64 -52.93 0.04
N TRP M 215 -19.55 -53.20 -0.69
CA TRP M 215 -19.32 -52.57 -1.98
C TRP M 215 -20.34 -52.99 -3.04
N LEU M 216 -20.93 -54.17 -2.89
CA LEU M 216 -21.67 -54.77 -3.98
C LEU M 216 -23.07 -54.21 -4.20
N PRO M 217 -23.92 -53.90 -3.17
CA PRO M 217 -25.20 -53.24 -3.48
C PRO M 217 -25.06 -51.77 -3.83
N LYS M 218 -23.83 -51.26 -3.88
CA LYS M 218 -23.52 -49.98 -4.47
C LYS M 218 -22.87 -50.09 -5.84
N ALA M 219 -21.92 -51.02 -6.01
CA ALA M 219 -21.27 -51.17 -7.31
C ALA M 219 -22.15 -51.87 -8.32
N HIS M 220 -23.15 -52.65 -7.87
CA HIS M 220 -24.10 -53.19 -8.84
C HIS M 220 -25.17 -52.19 -9.19
N VAL M 221 -25.70 -51.48 -8.20
CA VAL M 221 -26.84 -50.60 -8.43
C VAL M 221 -26.42 -49.33 -9.16
N GLU M 222 -25.27 -48.77 -8.81
CA GLU M 222 -24.83 -47.52 -9.42
C GLU M 222 -24.16 -47.73 -10.77
N ALA M 223 -24.09 -48.96 -11.26
CA ALA M 223 -23.50 -49.27 -12.56
C ALA M 223 -24.56 -49.24 -13.65
N PRO M 224 -24.16 -49.15 -14.93
CA PRO M 224 -25.10 -49.47 -16.01
C PRO M 224 -25.33 -50.95 -16.15
N ILE M 225 -26.08 -51.35 -17.18
CA ILE M 225 -26.50 -52.74 -17.29
C ILE M 225 -25.32 -53.65 -17.64
N ALA M 226 -24.41 -53.21 -18.51
CA ALA M 226 -23.28 -54.05 -18.87
C ALA M 226 -22.33 -54.24 -17.70
N GLY M 227 -22.17 -53.20 -16.87
CA GLY M 227 -21.38 -53.33 -15.68
C GLY M 227 -21.99 -54.29 -14.67
N SER M 228 -23.32 -54.24 -14.52
CA SER M 228 -24.00 -55.15 -13.61
C SER M 228 -23.94 -56.58 -14.12
N MET M 229 -24.02 -56.77 -15.44
CA MET M 229 -23.92 -58.11 -16.02
C MET M 229 -22.55 -58.70 -15.79
N VAL M 230 -21.48 -57.92 -16.05
CA VAL M 230 -20.15 -58.50 -15.91
C VAL M 230 -19.78 -58.66 -14.43
N LEU M 231 -20.22 -57.74 -13.56
CA LEU M 231 -19.98 -57.89 -12.13
C LEU M 231 -20.73 -59.09 -11.54
N ALA M 232 -21.97 -59.30 -11.95
CA ALA M 232 -22.72 -60.42 -11.42
C ALA M 232 -22.28 -61.74 -12.01
N ALA M 233 -21.76 -61.74 -13.24
CA ALA M 233 -21.55 -63.00 -13.93
C ALA M 233 -20.11 -63.49 -13.88
N ILE M 234 -19.11 -62.61 -13.92
CA ILE M 234 -17.73 -63.02 -14.05
C ILE M 234 -16.86 -62.49 -12.92
N LEU M 235 -17.06 -61.23 -12.54
CA LEU M 235 -16.14 -60.58 -11.59
C LEU M 235 -16.32 -61.09 -10.17
N LEU M 236 -17.48 -61.64 -9.83
CA LEU M 236 -17.59 -62.31 -8.54
C LEU M 236 -16.98 -63.70 -8.58
N LYS M 237 -16.93 -64.29 -9.76
CA LYS M 237 -16.49 -65.67 -9.92
C LYS M 237 -14.98 -65.74 -10.08
N LEU M 238 -14.35 -64.59 -10.33
CA LEU M 238 -12.89 -64.48 -10.21
C LEU M 238 -12.41 -64.84 -8.81
N GLY M 239 -13.19 -64.48 -7.79
CA GLY M 239 -12.82 -64.82 -6.43
C GLY M 239 -12.87 -66.33 -6.16
N GLY M 240 -13.90 -67.00 -6.67
CA GLY M 240 -13.99 -68.44 -6.52
C GLY M 240 -12.94 -69.18 -7.31
N TYR M 241 -12.64 -68.69 -8.52
CA TYR M 241 -11.54 -69.23 -9.31
C TYR M 241 -10.20 -69.09 -8.59
N GLY M 242 -9.94 -67.91 -8.05
CA GLY M 242 -8.69 -67.69 -7.33
C GLY M 242 -8.58 -68.49 -6.04
N MET M 243 -9.71 -68.70 -5.34
CA MET M 243 -9.69 -69.56 -4.18
C MET M 243 -9.40 -71.01 -4.55
N MET M 244 -10.02 -71.51 -5.62
CA MET M 244 -9.77 -72.89 -6.02
C MET M 244 -8.35 -73.07 -6.55
N ARG M 245 -7.72 -72.02 -7.05
CA ARG M 245 -6.31 -72.14 -7.36
C ARG M 245 -5.45 -72.10 -6.10
N ILE M 246 -5.75 -71.17 -5.19
CA ILE M 246 -4.80 -70.84 -4.14
C ILE M 246 -4.92 -71.74 -2.91
N THR M 247 -6.02 -72.49 -2.76
CA THR M 247 -6.11 -73.43 -1.64
C THR M 247 -5.38 -74.73 -1.88
N LEU M 248 -4.74 -74.89 -3.04
CA LEU M 248 -3.75 -75.95 -3.21
C LEU M 248 -2.60 -75.78 -2.23
N LEU M 249 -2.10 -74.55 -2.09
CA LEU M 249 -0.89 -74.30 -1.31
C LEU M 249 -1.16 -74.19 0.17
N LEU M 250 -2.41 -73.95 0.57
CA LEU M 250 -2.73 -73.54 1.93
C LEU M 250 -3.17 -74.71 2.80
N ASN M 251 -2.70 -75.89 2.51
CA ASN M 251 -3.03 -77.05 3.32
C ASN M 251 -1.84 -77.43 4.20
N PRO M 252 -2.07 -77.94 5.42
CA PRO M 252 -3.34 -78.24 6.10
C PRO M 252 -3.83 -77.14 7.02
N ILE M 253 -3.36 -75.90 6.86
CA ILE M 253 -3.79 -74.85 7.76
C ILE M 253 -5.22 -74.41 7.44
N THR M 254 -5.71 -74.68 6.22
CA THR M 254 -7.07 -74.33 5.86
C THR M 254 -8.08 -75.10 6.68
N ASP M 255 -7.72 -76.32 7.11
CA ASP M 255 -8.59 -77.21 7.87
C ASP M 255 -9.00 -76.64 9.23
N PHE M 256 -8.27 -75.65 9.76
CA PHE M 256 -8.75 -74.94 10.94
C PHE M 256 -8.77 -73.44 10.78
N MET M 257 -8.27 -72.88 9.67
CA MET M 257 -8.51 -71.47 9.39
C MET M 257 -9.84 -71.23 8.73
N ALA M 258 -10.49 -72.27 8.20
CA ALA M 258 -11.72 -72.06 7.46
C ALA M 258 -12.93 -71.85 8.36
N TYR M 259 -12.82 -72.19 9.65
CA TYR M 259 -14.00 -72.18 10.54
C TYR M 259 -14.70 -70.82 10.67
N PRO M 260 -14.03 -69.69 10.99
CA PRO M 260 -14.81 -68.45 11.11
C PRO M 260 -15.36 -67.96 9.79
N PHE M 261 -14.68 -68.28 8.69
CA PHE M 261 -15.16 -67.89 7.37
C PHE M 261 -16.36 -68.72 6.95
N ILE M 262 -16.38 -70.00 7.31
CA ILE M 262 -17.56 -70.83 7.08
C ILE M 262 -18.72 -70.35 7.93
N MET M 263 -18.44 -69.90 9.17
CA MET M 263 -19.51 -69.35 10.00
C MET M 263 -20.07 -68.05 9.42
N LEU M 264 -19.19 -67.17 8.96
CA LEU M 264 -19.60 -65.92 8.33
C LEU M 264 -20.43 -66.18 7.08
N SER M 265 -20.04 -67.15 6.26
CA SER M 265 -20.77 -67.37 5.03
C SER M 265 -22.09 -68.10 5.27
N LEU M 266 -22.12 -69.07 6.19
CA LEU M 266 -23.37 -69.76 6.49
C LEU M 266 -24.37 -68.86 7.20
N TRP M 267 -23.91 -67.87 7.95
CA TRP M 267 -24.84 -66.92 8.53
C TRP M 267 -25.17 -65.78 7.58
N GLY M 268 -24.25 -65.44 6.66
CA GLY M 268 -24.51 -64.40 5.69
C GLY M 268 -25.49 -64.83 4.62
N MET M 269 -25.53 -66.13 4.30
CA MET M 269 -26.52 -66.58 3.34
C MET M 269 -27.93 -66.56 3.92
N ILE M 270 -28.06 -66.56 5.25
CA ILE M 270 -29.35 -66.35 5.87
C ILE M 270 -29.69 -64.87 5.94
N MET M 271 -28.71 -64.06 6.35
CA MET M 271 -28.96 -62.63 6.58
C MET M 271 -29.21 -61.88 5.28
N THR M 272 -28.42 -62.13 4.24
CA THR M 272 -28.60 -61.41 3.00
C THR M 272 -29.86 -61.86 2.26
N SER M 273 -30.27 -63.11 2.42
CA SER M 273 -31.55 -63.54 1.86
C SER M 273 -32.72 -62.93 2.63
N SER M 274 -32.56 -62.71 3.93
CA SER M 274 -33.58 -61.99 4.68
C SER M 274 -33.66 -60.52 4.23
N ILE M 275 -32.50 -59.93 3.93
CA ILE M 275 -32.46 -58.60 3.34
C ILE M 275 -33.18 -58.56 2.00
N CYS M 276 -33.01 -59.62 1.19
CA CYS M 276 -33.77 -59.76 -0.05
C CYS M 276 -35.27 -59.85 0.21
N LEU M 277 -35.67 -60.46 1.33
CA LEU M 277 -37.09 -60.37 1.70
C LEU M 277 -37.51 -58.96 2.08
N ARG M 278 -36.60 -58.12 2.58
CA ARG M 278 -37.02 -56.76 2.91
C ARG M 278 -36.31 -55.66 2.11
N GLN M 279 -36.23 -55.82 0.78
CA GLN M 279 -35.69 -54.78 -0.09
C GLN M 279 -36.80 -53.99 -0.77
N THR M 280 -36.53 -52.69 -0.96
CA THR M 280 -37.38 -51.84 -1.77
C THR M 280 -36.85 -51.68 -3.18
N ASP M 281 -35.53 -51.69 -3.33
CA ASP M 281 -34.87 -51.61 -4.62
C ASP M 281 -34.80 -53.00 -5.23
N LEU M 282 -35.19 -53.12 -6.50
CA LEU M 282 -35.14 -54.41 -7.17
C LEU M 282 -33.71 -54.80 -7.50
N LYS M 283 -32.90 -53.83 -7.92
CA LYS M 283 -31.52 -54.11 -8.29
C LYS M 283 -30.68 -54.44 -7.07
N SER M 284 -30.97 -53.81 -5.93
CA SER M 284 -30.33 -54.20 -4.68
C SER M 284 -30.80 -55.58 -4.22
N LEU M 285 -32.04 -55.95 -4.52
CA LEU M 285 -32.51 -57.30 -4.20
C LEU M 285 -31.71 -58.35 -4.97
N ILE M 286 -31.48 -58.10 -6.26
CA ILE M 286 -30.66 -59.01 -7.05
C ILE M 286 -29.21 -59.00 -6.57
N ALA M 287 -28.72 -57.84 -6.09
CA ALA M 287 -27.36 -57.76 -5.56
C ALA M 287 -27.19 -58.61 -4.29
N TYR M 288 -28.08 -58.43 -3.32
CA TYR M 288 -27.99 -59.22 -2.08
C TYR M 288 -28.25 -60.71 -2.35
N SER M 289 -29.05 -61.04 -3.37
CA SER M 289 -29.18 -62.44 -3.74
C SER M 289 -27.88 -62.99 -4.33
N SER M 290 -27.13 -62.16 -5.05
CA SER M 290 -25.82 -62.58 -5.54
C SER M 290 -24.86 -62.84 -4.39
N VAL M 291 -24.92 -62.01 -3.34
CA VAL M 291 -24.11 -62.24 -2.14
C VAL M 291 -24.49 -63.56 -1.48
N SER M 292 -25.80 -63.82 -1.38
CA SER M 292 -26.29 -65.03 -0.72
C SER M 292 -25.92 -66.29 -1.49
N HIS M 293 -25.94 -66.23 -2.82
CA HIS M 293 -25.55 -67.40 -3.60
C HIS M 293 -24.05 -67.62 -3.59
N MET M 294 -23.25 -66.55 -3.60
CA MET M 294 -21.80 -66.74 -3.58
C MET M 294 -21.28 -67.14 -2.20
N ALA M 295 -22.07 -66.94 -1.15
CA ALA M 295 -21.72 -67.49 0.16
C ALA M 295 -21.60 -69.01 0.13
N LEU M 296 -22.47 -69.68 -0.63
CA LEU M 296 -22.39 -71.13 -0.78
C LEU M 296 -21.12 -71.55 -1.50
N VAL M 297 -20.69 -70.76 -2.49
CA VAL M 297 -19.45 -71.08 -3.20
C VAL M 297 -18.26 -70.92 -2.27
N ILE M 298 -18.29 -69.91 -1.39
CA ILE M 298 -17.24 -69.75 -0.38
C ILE M 298 -17.18 -70.96 0.56
N VAL M 299 -18.35 -71.41 1.03
CA VAL M 299 -18.43 -72.56 1.93
C VAL M 299 -17.90 -73.81 1.24
N ALA M 300 -18.27 -74.02 -0.02
CA ALA M 300 -17.86 -75.20 -0.76
C ALA M 300 -16.37 -75.18 -1.07
N ILE M 301 -15.78 -74.01 -1.27
CA ILE M 301 -14.33 -74.00 -1.46
C ILE M 301 -13.62 -74.25 -0.14
N LEU M 302 -14.16 -73.76 0.97
CA LEU M 302 -13.46 -73.91 2.24
C LEU M 302 -13.54 -75.32 2.80
N ILE M 303 -14.64 -76.04 2.56
CA ILE M 303 -14.70 -77.40 3.06
C ILE M 303 -13.92 -78.38 2.18
N GLN M 304 -13.60 -77.97 0.94
CA GLN M 304 -12.62 -78.56 0.01
C GLN M 304 -12.76 -80.08 -0.15
N THR M 305 -13.98 -80.52 -0.30
CA THR M 305 -14.28 -81.87 -0.76
C THR M 305 -14.54 -81.85 -2.26
N PRO M 306 -14.44 -83.00 -2.96
CA PRO M 306 -14.66 -82.97 -4.42
C PRO M 306 -16.07 -82.59 -4.85
N TRP M 307 -17.09 -83.14 -4.17
CA TRP M 307 -18.47 -82.75 -4.41
C TRP M 307 -18.71 -81.27 -4.20
N SER M 308 -17.98 -80.68 -3.25
CA SER M 308 -18.11 -79.24 -3.01
C SER M 308 -17.52 -78.42 -4.15
N TYR M 309 -16.38 -78.84 -4.71
CA TYR M 309 -15.84 -78.08 -5.83
C TYR M 309 -16.69 -78.24 -7.08
N MET M 310 -17.25 -79.43 -7.30
CA MET M 310 -18.15 -79.64 -8.43
C MET M 310 -19.41 -78.78 -8.30
N GLY M 311 -20.03 -78.80 -7.11
CA GLY M 311 -21.18 -77.94 -6.88
C GLY M 311 -20.86 -76.47 -6.90
N ALA M 312 -19.65 -76.10 -6.50
CA ALA M 312 -19.30 -74.69 -6.47
C ALA M 312 -19.09 -74.15 -7.88
N THR M 313 -18.41 -74.91 -8.74
CA THR M 313 -18.24 -74.39 -10.10
C THR M 313 -19.54 -74.47 -10.92
N ALA M 314 -20.40 -75.46 -10.64
CA ALA M 314 -21.70 -75.48 -11.28
C ALA M 314 -22.57 -74.32 -10.82
N LEU M 315 -22.49 -73.99 -9.53
CA LEU M 315 -23.27 -72.89 -9.00
C LEU M 315 -22.72 -71.56 -9.50
N MET M 316 -21.40 -71.47 -9.74
CA MET M 316 -20.84 -70.25 -10.29
C MET M 316 -21.32 -70.00 -11.71
N ILE M 317 -21.29 -71.02 -12.57
CA ILE M 317 -21.77 -70.85 -13.94
C ILE M 317 -23.26 -70.56 -13.97
N ALA M 318 -24.03 -71.31 -13.18
CA ALA M 318 -25.48 -71.16 -13.14
C ALA M 318 -25.91 -69.80 -12.60
N HIS M 319 -25.26 -69.35 -11.53
CA HIS M 319 -25.61 -68.05 -10.96
C HIS M 319 -25.12 -66.91 -11.83
N GLY M 320 -24.03 -67.10 -12.58
CA GLY M 320 -23.65 -66.09 -13.56
C GLY M 320 -24.73 -65.86 -14.60
N LEU M 321 -25.25 -66.95 -15.18
CA LEU M 321 -26.34 -66.82 -16.16
C LEU M 321 -27.62 -66.27 -15.52
N THR M 322 -27.97 -66.75 -14.33
CA THR M 322 -29.22 -66.36 -13.69
C THR M 322 -29.20 -64.90 -13.25
N SER M 323 -28.12 -64.47 -12.60
CA SER M 323 -28.00 -63.09 -12.15
C SER M 323 -27.89 -62.13 -13.33
N SER M 324 -27.22 -62.53 -14.41
CA SER M 324 -27.20 -61.69 -15.60
C SER M 324 -28.59 -61.50 -16.19
N MET M 325 -29.39 -62.58 -16.23
CA MET M 325 -30.76 -62.46 -16.72
C MET M 325 -31.64 -61.62 -15.78
N LEU M 326 -31.39 -61.71 -14.47
CA LEU M 326 -32.20 -60.93 -13.53
C LEU M 326 -31.90 -59.44 -13.63
N PHE M 327 -30.62 -59.08 -13.74
CA PHE M 327 -30.28 -57.67 -13.96
C PHE M 327 -30.78 -57.18 -15.31
N CYS M 328 -30.83 -58.04 -16.32
CA CYS M 328 -31.38 -57.60 -17.60
C CYS M 328 -32.90 -57.41 -17.55
N LEU M 329 -33.61 -58.23 -16.77
CA LEU M 329 -35.04 -58.00 -16.57
C LEU M 329 -35.28 -56.70 -15.79
N ALA M 330 -34.45 -56.43 -14.78
CA ALA M 330 -34.53 -55.19 -14.04
C ALA M 330 -34.26 -53.99 -14.93
N ASN M 331 -33.31 -54.12 -15.87
CA ASN M 331 -33.08 -53.06 -16.85
C ASN M 331 -34.26 -52.91 -17.80
N SER M 332 -34.87 -54.02 -18.21
CA SER M 332 -35.97 -53.96 -19.16
C SER M 332 -37.19 -53.26 -18.57
N ASN M 333 -37.36 -53.33 -17.26
CA ASN M 333 -38.42 -52.51 -16.67
C ASN M 333 -37.96 -51.12 -16.23
N TYR M 334 -36.67 -50.95 -15.90
CA TYR M 334 -36.13 -49.63 -15.60
C TYR M 334 -36.12 -48.73 -16.83
N GLU M 335 -35.99 -49.32 -18.03
CA GLU M 335 -36.06 -48.53 -19.25
C GLU M 335 -37.46 -48.03 -19.55
N ARG M 336 -38.48 -48.54 -18.87
CA ARG M 336 -39.86 -48.10 -19.06
C ARG M 336 -40.38 -47.22 -17.94
N VAL M 337 -40.11 -47.55 -16.66
CA VAL M 337 -40.63 -46.74 -15.57
C VAL M 337 -39.63 -45.73 -15.02
N HIS M 338 -38.35 -45.83 -15.41
CA HIS M 338 -37.28 -44.89 -15.04
C HIS M 338 -37.07 -44.79 -13.54
N SER M 339 -37.33 -45.88 -12.82
CA SER M 339 -37.09 -45.94 -11.39
C SER M 339 -36.90 -47.40 -11.01
N ARG M 340 -35.95 -47.64 -10.11
CA ARG M 340 -35.62 -48.98 -9.68
C ARG M 340 -36.46 -49.45 -8.49
N THR M 341 -37.43 -48.64 -8.04
CA THR M 341 -38.29 -49.02 -6.93
C THR M 341 -39.20 -50.16 -7.36
N MET M 342 -39.14 -51.26 -6.63
CA MET M 342 -39.79 -52.50 -7.05
C MET M 342 -41.30 -52.42 -6.93
N ILE M 343 -41.80 -51.65 -5.96
CA ILE M 343 -43.25 -51.55 -5.74
C ILE M 343 -43.90 -50.55 -6.68
N LEU M 344 -43.11 -49.80 -7.45
CA LEU M 344 -43.68 -48.82 -8.37
C LEU M 344 -44.31 -49.48 -9.58
N ALA M 345 -43.59 -50.41 -10.22
CA ALA M 345 -44.09 -51.09 -11.41
C ALA M 345 -44.69 -52.43 -10.99
N ARG M 346 -46.02 -52.49 -10.98
CA ARG M 346 -46.74 -53.67 -10.55
C ARG M 346 -47.64 -54.17 -11.68
N GLY M 347 -48.12 -55.39 -11.52
CA GLY M 347 -49.10 -55.97 -12.43
C GLY M 347 -48.64 -56.11 -13.86
N LEU M 348 -47.35 -56.36 -14.08
CA LEU M 348 -46.78 -56.32 -15.42
C LEU M 348 -47.06 -57.58 -16.22
N GLN M 349 -47.61 -58.63 -15.62
CA GLN M 349 -47.98 -59.80 -16.39
C GLN M 349 -49.22 -59.53 -17.24
N THR M 350 -50.08 -58.60 -16.80
CA THR M 350 -51.22 -58.19 -17.61
C THR M 350 -50.78 -57.45 -18.86
N LEU M 351 -49.63 -56.79 -18.82
CA LEU M 351 -49.15 -55.95 -19.91
C LEU M 351 -48.13 -56.66 -20.79
N LEU M 352 -47.20 -57.40 -20.19
CA LEU M 352 -46.11 -58.06 -20.89
C LEU M 352 -46.12 -59.54 -20.52
N PRO M 353 -46.87 -60.36 -21.26
CA PRO M 353 -46.99 -61.78 -20.85
C PRO M 353 -45.75 -62.60 -21.14
N LEU M 354 -45.09 -62.39 -22.29
CA LEU M 354 -43.88 -63.15 -22.60
C LEU M 354 -42.74 -62.73 -21.70
N MET M 355 -42.64 -61.43 -21.40
CA MET M 355 -41.62 -60.98 -20.47
C MET M 355 -41.90 -61.47 -19.06
N ALA M 356 -43.18 -61.64 -18.71
CA ALA M 356 -43.50 -62.26 -17.43
C ALA M 356 -43.16 -63.74 -17.43
N ALA M 357 -43.21 -64.40 -18.59
CA ALA M 357 -42.72 -65.78 -18.65
C ALA M 357 -41.21 -65.84 -18.46
N TRP M 358 -40.49 -64.83 -18.98
CA TRP M 358 -39.04 -64.79 -18.74
C TRP M 358 -38.72 -64.49 -17.28
N TRP M 359 -39.50 -63.59 -16.65
CA TRP M 359 -39.40 -63.37 -15.21
C TRP M 359 -39.66 -64.64 -14.42
N LEU M 360 -40.65 -65.42 -14.86
CA LEU M 360 -40.97 -66.69 -14.21
C LEU M 360 -39.81 -67.66 -14.31
N LEU M 361 -39.23 -67.81 -15.49
CA LEU M 361 -38.13 -68.77 -15.66
C LEU M 361 -36.88 -68.33 -14.89
N ALA M 362 -36.60 -67.02 -14.87
CA ALA M 362 -35.45 -66.53 -14.12
C ALA M 362 -35.65 -66.68 -12.62
N SER M 363 -36.88 -66.50 -12.14
CA SER M 363 -37.14 -66.70 -10.72
C SER M 363 -37.15 -68.18 -10.34
N LEU M 364 -37.51 -69.06 -11.28
CA LEU M 364 -37.44 -70.49 -11.01
C LEU M 364 -36.01 -70.96 -10.96
N THR M 365 -35.15 -70.45 -11.83
CA THR M 365 -33.75 -70.79 -11.73
C THR M 365 -33.06 -70.08 -10.58
N ASN M 366 -33.62 -68.98 -10.07
CA ASN M 366 -33.03 -68.34 -8.90
C ASN M 366 -33.28 -69.15 -7.64
N LEU M 367 -34.40 -69.87 -7.57
CA LEU M 367 -34.70 -70.71 -6.42
C LEU M 367 -34.22 -72.14 -6.59
N ALA M 368 -33.38 -72.39 -7.61
CA ALA M 368 -32.74 -73.67 -7.89
C ALA M 368 -33.77 -74.78 -8.10
N LEU M 369 -34.53 -74.62 -9.17
CA LEU M 369 -35.49 -75.63 -9.59
C LEU M 369 -34.78 -76.74 -10.36
N PRO M 370 -34.92 -78.00 -9.95
CA PRO M 370 -34.33 -79.09 -10.72
C PRO M 370 -35.08 -79.29 -12.03
N PRO M 371 -34.43 -79.83 -13.06
CA PRO M 371 -33.01 -80.24 -13.13
C PRO M 371 -32.07 -79.17 -13.62
N SER M 372 -32.27 -77.90 -13.25
CA SER M 372 -31.34 -76.88 -13.70
C SER M 372 -30.03 -77.00 -12.93
N ILE M 373 -28.97 -76.44 -13.53
CA ILE M 373 -27.65 -76.52 -12.94
C ILE M 373 -27.52 -75.63 -11.71
N ASN M 374 -28.45 -74.70 -11.52
CA ASN M 374 -28.61 -74.04 -10.22
C ASN M 374 -28.88 -75.05 -9.11
N LEU M 375 -29.82 -75.98 -9.34
CA LEU M 375 -30.08 -77.01 -8.35
C LEU M 375 -28.94 -78.01 -8.27
N ILE M 376 -28.24 -78.26 -9.38
CA ILE M 376 -27.11 -79.20 -9.34
C ILE M 376 -26.00 -78.65 -8.45
N GLY M 377 -25.67 -77.37 -8.62
CA GLY M 377 -24.67 -76.75 -7.76
C GLY M 377 -25.12 -76.63 -6.31
N GLU M 378 -26.36 -76.14 -6.11
CA GLU M 378 -26.98 -76.05 -4.79
C GLU M 378 -26.97 -77.39 -4.06
N LEU M 379 -27.39 -78.44 -4.77
CA LEU M 379 -27.56 -79.74 -4.16
C LEU M 379 -26.21 -80.36 -3.82
N PHE M 380 -25.21 -80.24 -4.71
CA PHE M 380 -23.91 -80.81 -4.40
C PHE M 380 -23.21 -80.08 -3.27
N VAL M 381 -23.40 -78.76 -3.18
CA VAL M 381 -22.89 -78.01 -2.02
C VAL M 381 -23.56 -78.48 -0.74
N VAL M 382 -24.88 -78.75 -0.78
CA VAL M 382 -25.57 -79.23 0.41
C VAL M 382 -25.12 -80.64 0.80
N MET M 383 -24.88 -81.51 -0.19
CA MET M 383 -24.37 -82.86 0.09
C MET M 383 -23.00 -82.81 0.74
N SER M 384 -22.12 -81.95 0.23
CA SER M 384 -20.78 -81.86 0.79
C SER M 384 -20.78 -81.23 2.18
N THR M 385 -21.65 -80.24 2.41
CA THR M 385 -21.73 -79.67 3.76
C THR M 385 -22.38 -80.63 4.74
N PHE M 386 -23.28 -81.51 4.27
CA PHE M 386 -23.80 -82.55 5.15
C PHE M 386 -22.72 -83.57 5.48
N SER M 387 -21.81 -83.83 4.54
CA SER M 387 -20.63 -84.62 4.87
C SER M 387 -19.72 -83.89 5.85
N TRP M 388 -19.68 -82.56 5.79
CA TRP M 388 -18.84 -81.78 6.67
C TRP M 388 -19.36 -81.83 8.11
N SER M 389 -20.57 -81.35 8.33
CA SER M 389 -21.24 -81.45 9.62
C SER M 389 -22.73 -81.58 9.37
N ASN M 390 -23.38 -82.49 10.09
CA ASN M 390 -24.79 -82.78 9.82
C ASN M 390 -25.72 -81.66 10.24
N ILE M 391 -25.25 -80.74 11.09
CA ILE M 391 -26.13 -79.67 11.59
C ILE M 391 -26.25 -78.54 10.59
N THR M 392 -25.40 -78.50 9.55
CA THR M 392 -25.49 -77.46 8.53
C THR M 392 -26.72 -77.60 7.64
N ILE M 393 -27.44 -78.72 7.72
CA ILE M 393 -28.66 -78.88 6.94
C ILE M 393 -29.76 -77.94 7.42
N ILE M 394 -29.69 -77.49 8.68
CA ILE M 394 -30.61 -76.49 9.20
C ILE M 394 -30.45 -75.18 8.44
N LEU M 395 -29.22 -74.69 8.37
CA LEU M 395 -28.92 -73.44 7.69
C LEU M 395 -29.14 -73.56 6.18
N MET M 396 -28.79 -74.71 5.60
CA MET M 396 -28.99 -74.91 4.16
C MET M 396 -30.47 -74.93 3.79
N GLY M 397 -31.28 -75.68 4.53
CA GLY M 397 -32.69 -75.75 4.23
C GLY M 397 -33.41 -74.45 4.51
N LEU M 398 -33.03 -73.75 5.58
CA LEU M 398 -33.66 -72.47 5.86
C LEU M 398 -33.25 -71.40 4.86
N ASN M 399 -32.01 -71.50 4.34
CA ASN M 399 -31.59 -70.65 3.23
C ASN M 399 -32.42 -70.92 1.98
N MET M 400 -32.68 -72.21 1.69
CA MET M 400 -33.47 -72.52 0.50
C MET M 400 -34.92 -72.08 0.63
N VAL M 401 -35.47 -72.13 1.86
CA VAL M 401 -36.81 -71.60 2.10
C VAL M 401 -36.86 -70.10 1.87
N ILE M 402 -35.92 -69.35 2.46
CA ILE M 402 -35.91 -67.90 2.26
C ILE M 402 -35.58 -67.55 0.81
N THR M 403 -34.83 -68.41 0.12
CA THR M 403 -34.50 -68.16 -1.29
C THR M 403 -35.73 -68.26 -2.17
N ALA M 404 -36.52 -69.32 -1.98
CA ALA M 404 -37.79 -69.45 -2.69
C ALA M 404 -38.73 -68.30 -2.34
N LEU M 405 -38.70 -67.85 -1.07
CA LEU M 405 -39.57 -66.75 -0.64
C LEU M 405 -39.21 -65.44 -1.33
N TYR M 406 -37.93 -65.06 -1.36
CA TYR M 406 -37.64 -63.77 -1.98
C TYR M 406 -37.74 -63.84 -3.50
N SER M 407 -37.48 -65.01 -4.09
CA SER M 407 -37.60 -65.13 -5.54
C SER M 407 -39.05 -65.00 -5.99
N LEU M 408 -39.96 -65.73 -5.34
CA LEU M 408 -41.35 -65.58 -5.71
C LEU M 408 -41.97 -64.29 -5.19
N TYR M 409 -41.39 -63.67 -4.17
CA TYR M 409 -41.84 -62.35 -3.76
C TYR M 409 -41.49 -61.30 -4.80
N MET M 410 -40.27 -61.39 -5.35
CA MET M 410 -39.87 -60.55 -6.48
C MET M 410 -40.80 -60.74 -7.66
N LEU M 411 -41.12 -61.99 -7.99
CA LEU M 411 -42.00 -62.29 -9.11
C LEU M 411 -43.41 -61.73 -8.90
N ILE M 412 -43.97 -61.93 -7.71
CA ILE M 412 -45.33 -61.46 -7.42
C ILE M 412 -45.38 -59.93 -7.36
N THR M 413 -44.37 -59.31 -6.74
CA THR M 413 -44.37 -57.86 -6.59
C THR M 413 -44.19 -57.16 -7.93
N THR M 414 -43.27 -57.63 -8.78
CA THR M 414 -43.09 -56.96 -10.06
C THR M 414 -44.18 -57.33 -11.06
N GLN M 415 -44.69 -58.56 -11.02
CA GLN M 415 -45.49 -59.06 -12.12
C GLN M 415 -46.97 -59.27 -11.80
N ARG M 416 -47.32 -59.47 -10.54
CA ARG M 416 -48.67 -59.85 -10.20
C ARG M 416 -49.35 -58.74 -9.41
N GLY M 417 -50.62 -58.97 -9.08
CA GLY M 417 -51.46 -57.93 -8.53
C GLY M 417 -51.99 -57.03 -9.61
N LYS M 418 -52.76 -56.03 -9.18
CA LYS M 418 -53.29 -55.05 -10.10
C LYS M 418 -52.21 -54.02 -10.44
N HIS M 419 -52.13 -53.64 -11.72
CA HIS M 419 -51.04 -52.80 -12.18
C HIS M 419 -51.16 -51.38 -11.64
N THR M 420 -50.05 -50.64 -11.74
CA THR M 420 -50.04 -49.25 -11.35
C THR M 420 -50.75 -48.43 -12.40
N HIS M 421 -51.76 -47.66 -11.99
CA HIS M 421 -52.66 -47.02 -12.93
C HIS M 421 -51.99 -45.86 -13.68
N HIS M 422 -51.22 -45.04 -12.97
CA HIS M 422 -50.71 -43.82 -13.56
C HIS M 422 -49.53 -44.02 -14.50
N ILE M 423 -48.99 -45.23 -14.59
CA ILE M 423 -47.91 -45.52 -15.53
C ILE M 423 -48.55 -45.98 -16.83
N ASN M 424 -48.23 -45.29 -17.92
CA ASN M 424 -48.83 -45.59 -19.21
C ASN M 424 -47.82 -45.56 -20.35
N ASN M 425 -46.52 -45.63 -20.04
CA ASN M 425 -45.48 -45.76 -21.04
C ASN M 425 -44.87 -47.15 -21.05
N ILE M 426 -45.62 -48.14 -20.57
CA ILE M 426 -45.15 -49.53 -20.58
C ILE M 426 -45.31 -50.03 -22.01
N LEU M 427 -44.23 -49.99 -22.77
CA LEU M 427 -44.21 -50.41 -24.15
C LEU M 427 -44.32 -51.93 -24.23
N PRO M 428 -44.67 -52.47 -25.39
CA PRO M 428 -44.51 -53.91 -25.60
C PRO M 428 -43.05 -54.32 -25.60
N SER M 429 -42.83 -55.61 -25.38
CA SER M 429 -41.47 -56.15 -25.28
C SER M 429 -40.77 -56.05 -26.62
N PHE M 430 -39.62 -55.38 -26.63
CA PHE M 430 -38.82 -55.26 -27.84
C PHE M 430 -38.26 -56.62 -28.25
N THR M 431 -37.90 -56.74 -29.52
CA THR M 431 -37.26 -57.96 -30.00
C THR M 431 -35.86 -58.11 -29.42
N ARG M 432 -35.17 -56.98 -29.23
CA ARG M 432 -33.86 -56.97 -28.58
C ARG M 432 -33.91 -57.52 -27.17
N GLU M 433 -34.92 -57.12 -26.39
CA GLU M 433 -35.01 -57.51 -24.99
C GLU M 433 -35.35 -58.99 -24.86
N ASN M 434 -36.26 -59.49 -25.70
CA ASN M 434 -36.59 -60.90 -25.64
C ASN M 434 -35.46 -61.76 -26.18
N ALA M 435 -34.72 -61.27 -27.16
CA ALA M 435 -33.50 -61.95 -27.60
C ALA M 435 -32.47 -62.03 -26.48
N LEU M 436 -32.37 -60.96 -25.68
CA LEU M 436 -31.47 -60.95 -24.53
C LEU M 436 -31.89 -61.98 -23.48
N MET M 437 -33.19 -62.04 -23.16
CA MET M 437 -33.69 -63.00 -22.17
C MET M 437 -33.51 -64.43 -22.66
N SER M 438 -33.70 -64.66 -23.96
CA SER M 438 -33.58 -66.01 -24.50
C SER M 438 -32.12 -66.44 -24.58
N LEU M 439 -31.22 -65.53 -24.95
CA LEU M 439 -29.81 -65.88 -24.96
C LEU M 439 -29.23 -66.03 -23.56
N HIS M 440 -29.89 -65.45 -22.55
CA HIS M 440 -29.57 -65.84 -21.18
C HIS M 440 -30.09 -67.23 -20.87
N MET M 441 -31.40 -67.46 -21.02
CA MET M 441 -32.02 -68.62 -20.41
C MET M 441 -31.78 -69.91 -21.18
N LEU M 442 -31.74 -69.88 -22.51
CA LEU M 442 -31.63 -71.11 -23.30
C LEU M 442 -30.30 -71.86 -23.14
N PRO M 443 -29.12 -71.21 -23.00
CA PRO M 443 -27.96 -72.00 -22.54
C PRO M 443 -28.10 -72.52 -21.12
N LEU M 444 -28.75 -71.75 -20.24
CA LEU M 444 -28.94 -72.18 -18.86
C LEU M 444 -29.88 -73.39 -18.78
N LEU M 445 -30.79 -73.53 -19.74
CA LEU M 445 -31.64 -74.71 -19.81
C LEU M 445 -30.98 -75.86 -20.55
N LEU M 446 -30.19 -75.57 -21.59
CA LEU M 446 -29.55 -76.64 -22.33
C LEU M 446 -28.42 -77.30 -21.55
N LEU M 447 -27.80 -76.58 -20.62
CA LEU M 447 -26.77 -77.20 -19.79
C LEU M 447 -27.32 -78.20 -18.77
N SER M 448 -28.64 -78.31 -18.64
CA SER M 448 -29.21 -79.41 -17.85
C SER M 448 -29.06 -80.73 -18.58
N LEU M 449 -29.01 -80.71 -19.91
CA LEU M 449 -28.92 -81.95 -20.68
C LEU M 449 -27.55 -82.58 -20.57
N ASN M 450 -26.50 -81.76 -20.61
CA ASN M 450 -25.12 -82.25 -20.52
C ASN M 450 -24.37 -81.43 -19.48
N PRO M 451 -24.62 -81.67 -18.20
CA PRO M 451 -24.03 -80.83 -17.16
C PRO M 451 -22.61 -81.20 -16.78
N LYS M 452 -21.99 -82.19 -17.43
CA LYS M 452 -20.65 -82.60 -17.03
C LYS M 452 -19.60 -81.60 -17.47
N ILE M 453 -19.91 -80.72 -18.43
CA ILE M 453 -18.94 -79.74 -18.91
C ILE M 453 -18.86 -78.50 -18.04
N ILE M 454 -19.61 -78.44 -16.93
CA ILE M 454 -19.55 -77.30 -16.02
C ILE M 454 -19.33 -77.77 -14.59
N LEU M 455 -18.65 -78.90 -14.43
CA LEU M 455 -18.43 -79.48 -13.10
C LEU M 455 -16.95 -79.59 -12.73
N GLY M 456 -16.09 -78.74 -13.29
CA GLY M 456 -14.77 -78.53 -12.73
C GLY M 456 -13.74 -79.60 -13.03
N PRO M 457 -12.54 -79.44 -12.48
CA PRO M 457 -11.41 -80.32 -12.88
C PRO M 457 -11.49 -81.72 -12.32
N LEU M 458 -12.45 -82.00 -11.46
CA LEU M 458 -12.47 -83.21 -10.66
C LEU M 458 -13.85 -83.87 -10.72
N TYR M 459 -14.47 -83.78 -11.88
CA TYR M 459 -15.67 -84.53 -12.25
C TYR M 459 -15.43 -86.03 -12.24
N MET N 1 12.68 -13.30 -19.16
CA MET N 1 14.09 -13.64 -19.19
C MET N 1 14.58 -13.71 -20.64
N ASN N 2 15.80 -13.24 -20.86
CA ASN N 2 16.45 -13.36 -22.15
C ASN N 2 16.62 -14.84 -22.49
N PRO N 3 16.17 -15.31 -23.67
CA PRO N 3 16.30 -16.74 -24.00
C PRO N 3 17.71 -17.26 -24.09
N ILE N 4 18.70 -16.41 -24.44
CA ILE N 4 20.10 -16.80 -24.34
C ILE N 4 20.46 -17.08 -22.89
N ILE N 5 20.05 -16.19 -21.99
CA ILE N 5 20.29 -16.35 -20.56
C ILE N 5 19.55 -17.56 -20.02
N LEU N 6 18.35 -17.81 -20.53
CA LEU N 6 17.59 -18.99 -20.11
C LEU N 6 18.27 -20.29 -20.54
N ILE N 7 18.80 -20.32 -21.76
CA ILE N 7 19.52 -21.50 -22.23
C ILE N 7 20.80 -21.72 -21.43
N ILE N 8 21.55 -20.66 -21.14
CA ILE N 8 22.78 -20.79 -20.36
C ILE N 8 22.49 -21.24 -18.93
N ILE N 9 21.40 -20.73 -18.35
CA ILE N 9 21.05 -21.10 -16.98
C ILE N 9 20.55 -22.55 -16.89
N LEU N 10 19.78 -23.00 -17.89
CA LEU N 10 19.37 -24.41 -17.90
C LEU N 10 20.55 -25.34 -18.17
N MET N 11 21.49 -24.92 -19.02
CA MET N 11 22.72 -25.68 -19.19
C MET N 11 23.55 -25.71 -17.92
N THR N 12 23.47 -24.66 -17.09
CA THR N 12 24.20 -24.65 -15.84
C THR N 12 23.56 -25.57 -14.80
N VAL N 13 22.22 -25.64 -14.79
CA VAL N 13 21.53 -26.62 -13.94
C VAL N 13 21.91 -28.04 -14.33
N MET N 14 21.87 -28.33 -15.64
CA MET N 14 22.27 -29.64 -16.13
C MET N 14 23.74 -29.92 -15.86
N LEU N 15 24.59 -28.89 -15.94
CA LEU N 15 26.02 -29.06 -15.69
C LEU N 15 26.30 -29.35 -14.22
N GLY N 16 25.54 -28.73 -13.32
CA GLY N 16 25.68 -29.05 -11.91
C GLY N 16 25.26 -30.47 -11.59
N THR N 17 24.17 -30.92 -12.20
CA THR N 17 23.74 -32.32 -12.03
C THR N 17 24.78 -33.29 -12.61
N ILE N 18 25.38 -32.94 -13.75
CA ILE N 18 26.40 -33.79 -14.36
C ILE N 18 27.66 -33.83 -13.50
N ILE N 19 28.05 -32.69 -12.91
CA ILE N 19 29.22 -32.64 -12.04
C ILE N 19 29.00 -33.47 -10.78
N VAL N 20 27.76 -33.49 -10.26
CA VAL N 20 27.48 -34.40 -9.16
C VAL N 20 27.54 -35.85 -9.62
N MET N 21 27.08 -36.14 -10.84
CA MET N 21 27.02 -37.53 -11.28
C MET N 21 28.40 -38.12 -11.58
N ILE N 22 29.29 -37.35 -12.20
CA ILE N 22 30.48 -37.94 -12.83
C ILE N 22 31.75 -37.79 -12.00
N SER N 23 31.70 -37.04 -10.91
CA SER N 23 32.92 -36.72 -10.18
C SER N 23 33.20 -37.71 -9.06
N THR N 24 34.48 -37.89 -8.75
CA THR N 24 34.95 -38.84 -7.76
C THR N 24 35.46 -38.15 -6.49
N HIS N 25 35.19 -36.87 -6.33
CA HIS N 25 35.73 -36.06 -5.24
C HIS N 25 34.59 -35.36 -4.55
N TRP N 26 34.62 -35.34 -3.21
CA TRP N 26 33.50 -34.81 -2.44
C TRP N 26 33.34 -33.31 -2.61
N LEU N 27 34.45 -32.58 -2.79
CA LEU N 27 34.37 -31.15 -3.05
C LEU N 27 33.68 -30.86 -4.36
N LEU N 28 33.87 -31.72 -5.37
CA LEU N 28 33.19 -31.51 -6.64
C LEU N 28 31.71 -31.86 -6.54
N ILE N 29 31.35 -32.81 -5.66
CA ILE N 29 29.94 -33.08 -5.37
C ILE N 29 29.28 -31.84 -4.77
N TRP N 30 29.95 -31.22 -3.80
CA TRP N 30 29.42 -30.02 -3.16
C TRP N 30 29.37 -28.85 -4.14
N ILE N 31 30.39 -28.71 -4.99
CA ILE N 31 30.40 -27.72 -6.07
C ILE N 31 29.23 -27.93 -7.01
N GLY N 32 28.91 -29.18 -7.33
CA GLY N 32 27.80 -29.43 -8.24
C GLY N 32 26.46 -29.09 -7.63
N PHE N 33 26.28 -29.35 -6.34
CA PHE N 33 25.03 -28.93 -5.69
C PHE N 33 24.93 -27.41 -5.58
N GLU N 34 26.06 -26.73 -5.32
CA GLU N 34 26.06 -25.28 -5.26
C GLU N 34 25.73 -24.67 -6.61
N MET N 35 26.34 -25.19 -7.68
CA MET N 35 26.05 -24.75 -9.04
C MET N 35 24.59 -24.99 -9.40
N ASN N 36 24.05 -26.16 -9.02
CA ASN N 36 22.67 -26.51 -9.31
C ASN N 36 21.69 -25.56 -8.65
N MET N 37 21.88 -25.29 -7.35
CA MET N 37 21.00 -24.37 -6.63
C MET N 37 21.13 -22.95 -7.16
N LEU N 38 22.36 -22.47 -7.34
CA LEU N 38 22.63 -21.12 -7.80
C LEU N 38 22.06 -20.87 -9.18
N ALA N 39 22.04 -21.89 -10.04
CA ALA N 39 21.45 -21.71 -11.34
C ALA N 39 19.93 -21.87 -11.33
N ILE N 40 19.38 -22.72 -10.45
CA ILE N 40 17.95 -22.95 -10.52
C ILE N 40 17.14 -21.84 -9.83
N ILE N 41 17.79 -20.99 -9.01
CA ILE N 41 17.06 -19.89 -8.36
C ILE N 41 16.38 -18.91 -9.33
N PRO N 42 16.99 -18.48 -10.46
CA PRO N 42 16.21 -17.66 -11.40
C PRO N 42 15.15 -18.40 -12.19
N ILE N 43 15.21 -19.73 -12.27
CA ILE N 43 14.13 -20.47 -12.91
C ILE N 43 12.86 -20.36 -12.07
N MET N 44 13.01 -20.26 -10.76
CA MET N 44 11.88 -20.13 -9.86
C MET N 44 11.31 -18.72 -9.87
N MET N 45 12.18 -17.72 -10.01
CA MET N 45 11.77 -16.31 -10.02
C MET N 45 11.55 -15.78 -11.42
N LYS N 46 11.02 -16.62 -12.32
CA LYS N 46 10.85 -16.22 -13.71
C LYS N 46 9.73 -15.20 -13.88
N LYS N 47 8.73 -15.21 -12.99
CA LYS N 47 7.56 -14.36 -13.17
C LYS N 47 7.58 -13.12 -12.28
N HIS N 48 8.39 -13.11 -11.23
CA HIS N 48 8.64 -11.96 -10.35
C HIS N 48 7.36 -11.46 -9.67
N ASN N 49 6.77 -12.34 -8.87
CA ASN N 49 5.68 -12.03 -7.97
C ASN N 49 6.11 -12.45 -6.57
N PRO N 50 5.45 -11.97 -5.50
CA PRO N 50 5.94 -12.30 -4.14
C PRO N 50 5.92 -13.78 -3.78
N ARG N 51 5.07 -14.58 -4.42
CA ARG N 51 5.06 -16.01 -4.13
C ARG N 51 6.30 -16.71 -4.66
N ALA N 52 6.81 -16.28 -5.81
CA ALA N 52 8.04 -16.86 -6.33
C ALA N 52 9.25 -16.45 -5.49
N THR N 53 9.24 -15.22 -4.98
CA THR N 53 10.34 -14.78 -4.12
C THR N 53 10.30 -15.51 -2.78
N GLU N 54 9.10 -15.73 -2.24
CA GLU N 54 8.96 -16.53 -1.02
C GLU N 54 9.39 -17.97 -1.22
N ALA N 55 8.99 -18.58 -2.35
CA ALA N 55 9.35 -19.95 -2.63
C ALA N 55 10.84 -20.10 -2.87
N SER N 56 11.45 -19.13 -3.57
CA SER N 56 12.89 -19.17 -3.79
C SER N 56 13.66 -18.93 -2.51
N THR N 57 13.13 -18.11 -1.60
CA THR N 57 13.79 -17.90 -0.32
C THR N 57 13.75 -19.16 0.54
N LYS N 58 12.58 -19.83 0.60
CA LYS N 58 12.48 -21.07 1.36
C LYS N 58 13.35 -22.17 0.75
N TYR N 59 13.40 -22.22 -0.59
CA TYR N 59 14.22 -23.21 -1.27
C TYR N 59 15.71 -22.94 -1.03
N PHE N 60 16.10 -21.67 -1.04
CA PHE N 60 17.48 -21.29 -0.74
C PHE N 60 17.86 -21.69 0.67
N LEU N 61 16.98 -21.42 1.65
CA LEU N 61 17.28 -21.73 3.04
C LEU N 61 17.44 -23.23 3.25
N THR N 62 16.52 -24.03 2.70
CA THR N 62 16.61 -25.47 2.90
C THR N 62 17.79 -26.10 2.17
N GLN N 63 18.02 -25.70 0.92
CA GLN N 63 19.14 -26.28 0.18
C GLN N 63 20.48 -25.78 0.70
N SER N 64 20.51 -24.58 1.28
CA SER N 64 21.74 -24.07 1.88
C SER N 64 22.07 -24.80 3.17
N THR N 65 21.06 -25.06 4.00
CA THR N 65 21.24 -25.86 5.20
C THR N 65 21.72 -27.27 4.85
N ALA N 66 21.13 -27.86 3.81
CA ALA N 66 21.53 -29.18 3.36
C ALA N 66 22.96 -29.19 2.82
N SER N 67 23.35 -28.14 2.12
CA SER N 67 24.70 -28.05 1.57
C SER N 67 25.74 -27.90 2.69
N MET N 68 25.40 -27.15 3.73
CA MET N 68 26.36 -27.00 4.83
C MET N 68 26.46 -28.28 5.67
N LEU N 69 25.34 -28.99 5.86
CA LEU N 69 25.42 -30.29 6.52
C LEU N 69 26.16 -31.31 5.67
N LEU N 70 26.05 -31.21 4.34
CA LEU N 70 26.79 -32.08 3.45
C LEU N 70 28.29 -31.83 3.56
N MET N 71 28.69 -30.55 3.61
CA MET N 71 30.10 -30.24 3.77
C MET N 71 30.62 -30.63 5.15
N MET N 72 29.77 -30.56 6.18
CA MET N 72 30.19 -31.07 7.50
C MET N 72 30.39 -32.57 7.47
N ALA N 73 29.52 -33.31 6.78
CA ALA N 73 29.70 -34.76 6.65
C ALA N 73 30.97 -35.10 5.88
N ILE N 74 31.26 -34.31 4.84
CA ILE N 74 32.50 -34.45 4.08
C ILE N 74 33.72 -34.16 4.95
N ILE N 75 33.61 -33.18 5.84
CA ILE N 75 34.71 -32.80 6.71
C ILE N 75 34.97 -33.86 7.78
N ILE N 76 33.90 -34.48 8.30
CA ILE N 76 34.10 -35.56 9.26
C ILE N 76 34.63 -36.81 8.55
N ASN N 77 34.26 -36.99 7.27
CA ASN N 77 34.88 -38.03 6.45
C ASN N 77 36.36 -37.77 6.25
N LEU N 78 36.76 -36.50 6.10
CA LEU N 78 38.17 -36.18 5.92
C LEU N 78 38.93 -36.35 7.23
N MET N 79 38.26 -36.12 8.37
CA MET N 79 38.83 -36.51 9.66
C MET N 79 39.13 -38.00 9.71
N PHE N 80 38.10 -38.82 9.57
CA PHE N 80 38.23 -40.23 9.86
C PHE N 80 38.69 -41.07 8.68
N SER N 81 39.02 -40.45 7.55
CA SER N 81 39.59 -41.20 6.44
C SER N 81 40.73 -40.51 5.73
N GLY N 82 40.95 -39.20 5.92
CA GLY N 82 42.06 -38.52 5.30
C GLY N 82 42.04 -38.47 3.78
N GLN N 83 40.88 -38.67 3.17
CA GLN N 83 40.79 -38.76 1.72
C GLN N 83 39.41 -38.26 1.29
N TRP N 84 39.18 -38.29 -0.02
CA TRP N 84 38.06 -37.58 -0.62
C TRP N 84 37.26 -38.41 -1.61
N THR N 85 37.41 -39.73 -1.64
CA THR N 85 36.77 -40.52 -2.68
C THR N 85 35.27 -40.62 -2.42
N VAL N 86 34.47 -40.39 -3.45
CA VAL N 86 33.03 -40.53 -3.31
C VAL N 86 32.72 -42.02 -3.39
N MET N 87 32.58 -42.63 -2.22
CA MET N 87 32.37 -44.04 -2.01
C MET N 87 31.71 -44.16 -0.63
N LYS N 88 31.81 -45.33 -0.01
CA LYS N 88 31.32 -45.49 1.35
C LYS N 88 32.02 -44.51 2.31
N LEU N 89 31.32 -44.17 3.38
CA LEU N 89 31.86 -43.27 4.39
C LEU N 89 32.46 -44.09 5.52
N PHE N 90 33.39 -43.48 6.26
CA PHE N 90 34.15 -44.19 7.27
C PHE N 90 33.80 -43.76 8.68
N ASN N 91 32.55 -43.36 8.91
CA ASN N 91 32.04 -42.91 10.19
C ASN N 91 30.52 -42.92 10.12
N PRO N 92 29.83 -43.54 11.08
CA PRO N 92 28.36 -43.46 11.07
C PRO N 92 27.80 -42.07 11.34
N MET N 93 28.57 -41.18 11.98
CA MET N 93 28.11 -39.81 12.16
C MET N 93 28.09 -39.05 10.85
N ALA N 94 29.14 -39.23 10.04
CA ALA N 94 29.16 -38.64 8.70
C ALA N 94 28.08 -39.25 7.82
N SER N 95 27.79 -40.54 8.01
CA SER N 95 26.72 -41.19 7.26
C SER N 95 25.36 -40.63 7.65
N MET N 96 25.14 -40.38 8.94
CA MET N 96 23.87 -39.79 9.38
C MET N 96 23.72 -38.38 8.85
N LEU N 97 24.78 -37.57 8.94
CA LEU N 97 24.71 -36.20 8.46
C LEU N 97 24.50 -36.12 6.95
N MET N 98 25.16 -37.00 6.19
CA MET N 98 24.99 -36.97 4.75
C MET N 98 23.63 -37.52 4.35
N THR N 99 23.09 -38.48 5.10
CA THR N 99 21.75 -38.97 4.82
C THR N 99 20.69 -37.91 5.12
N MET N 100 20.87 -37.16 6.22
CA MET N 100 19.99 -36.03 6.52
C MET N 100 20.09 -34.95 5.45
N ALA N 101 21.31 -34.64 4.99
CA ALA N 101 21.49 -33.58 4.00
C ALA N 101 20.88 -33.96 2.67
N LEU N 102 21.03 -35.22 2.25
CA LEU N 102 20.43 -35.66 1.01
C LEU N 102 18.92 -35.79 1.15
N ALA N 103 18.42 -36.12 2.34
CA ALA N 103 16.98 -36.10 2.57
C ALA N 103 16.42 -34.69 2.50
N MET N 104 17.18 -33.70 2.94
CA MET N 104 16.75 -32.32 2.78
C MET N 104 16.81 -31.88 1.33
N LYS N 105 17.80 -32.35 0.57
CA LYS N 105 17.87 -32.01 -0.85
C LYS N 105 16.77 -32.69 -1.65
N LEU N 106 16.30 -33.85 -1.20
CA LEU N 106 15.18 -34.51 -1.88
C LEU N 106 13.83 -34.00 -1.43
N GLY N 107 13.75 -33.45 -0.23
CA GLY N 107 12.47 -33.11 0.33
C GLY N 107 11.73 -34.31 0.89
N MET N 108 12.47 -35.31 1.34
CA MET N 108 11.87 -36.42 2.05
C MET N 108 11.46 -35.98 3.45
N ALA N 109 10.37 -36.57 3.93
CA ALA N 109 9.92 -36.28 5.28
C ALA N 109 10.90 -36.83 6.30
N PRO N 110 11.09 -36.17 7.44
CA PRO N 110 10.41 -34.97 7.98
C PRO N 110 10.95 -33.65 7.47
N PHE N 111 11.84 -33.67 6.48
CA PHE N 111 12.35 -32.45 5.87
C PHE N 111 11.55 -32.06 4.64
N HIS N 112 10.34 -32.57 4.54
CA HIS N 112 9.45 -32.39 3.40
C HIS N 112 8.76 -31.04 3.39
N PHE N 113 8.91 -30.25 4.47
CA PHE N 113 8.03 -29.11 4.71
C PHE N 113 8.24 -27.95 3.77
N TRP N 114 9.22 -28.00 2.87
CA TRP N 114 9.38 -26.96 1.89
C TRP N 114 8.71 -27.28 0.56
N VAL N 115 8.58 -28.57 0.22
CA VAL N 115 8.21 -29.01 -1.12
C VAL N 115 6.81 -28.56 -1.57
N PRO N 116 5.73 -28.66 -0.77
CA PRO N 116 4.46 -28.12 -1.30
C PRO N 116 4.42 -26.60 -1.41
N GLU N 117 5.03 -25.89 -0.46
CA GLU N 117 5.05 -24.43 -0.54
C GLU N 117 5.90 -23.93 -1.69
N VAL N 118 7.11 -24.48 -1.84
CA VAL N 118 7.99 -24.05 -2.92
C VAL N 118 7.45 -24.48 -4.28
N THR N 119 6.78 -25.63 -4.34
CA THR N 119 6.19 -26.05 -5.61
C THR N 119 4.96 -25.20 -5.96
N GLN N 120 4.19 -24.78 -4.95
CA GLN N 120 3.07 -23.89 -5.19
C GLN N 120 3.52 -22.52 -5.65
N GLY N 121 4.62 -22.01 -5.09
CA GLY N 121 5.02 -20.65 -5.39
C GLY N 121 5.64 -20.40 -6.74
N ILE N 122 5.98 -21.45 -7.48
CA ILE N 122 6.76 -21.31 -8.70
C ILE N 122 5.89 -21.77 -9.86
N PRO N 123 6.22 -21.39 -11.10
CA PRO N 123 5.44 -21.87 -12.27
C PRO N 123 5.57 -23.37 -12.48
N LEU N 124 4.79 -23.84 -13.46
CA LEU N 124 4.67 -25.27 -13.69
C LEU N 124 5.91 -25.87 -14.36
N SER N 125 6.58 -25.12 -15.22
CA SER N 125 7.81 -25.63 -15.83
C SER N 125 8.94 -25.70 -14.82
N SER N 126 9.08 -24.68 -13.99
CA SER N 126 10.07 -24.70 -12.92
C SER N 126 9.70 -25.74 -11.86
N GLY N 127 8.41 -25.95 -11.62
CA GLY N 127 8.00 -27.01 -10.72
C GLY N 127 8.31 -28.39 -11.28
N LEU N 128 8.20 -28.55 -12.60
CA LEU N 128 8.62 -29.78 -13.26
C LEU N 128 10.11 -30.01 -13.10
N ILE N 129 10.91 -28.96 -13.27
CA ILE N 129 12.36 -29.07 -13.09
C ILE N 129 12.69 -29.45 -11.66
N LEU N 130 12.03 -28.81 -10.68
CA LEU N 130 12.28 -29.07 -9.27
C LEU N 130 11.89 -30.49 -8.87
N LEU N 131 10.79 -31.00 -9.43
CA LEU N 131 10.30 -32.29 -8.99
C LEU N 131 10.81 -33.45 -9.84
N THR N 132 11.48 -33.19 -10.96
CA THR N 132 12.07 -34.28 -11.74
C THR N 132 13.58 -34.19 -11.81
N TRP N 133 14.15 -33.08 -12.26
CA TRP N 133 15.58 -33.03 -12.54
C TRP N 133 16.40 -32.94 -11.27
N GLN N 134 15.89 -32.27 -10.25
CA GLN N 134 16.62 -32.09 -9.01
C GLN N 134 16.65 -33.33 -8.14
N LYS N 135 15.92 -34.36 -8.49
CA LYS N 135 15.98 -35.63 -7.78
C LYS N 135 17.13 -36.50 -8.25
N LEU N 136 17.77 -36.17 -9.37
CA LEU N 136 18.76 -37.07 -9.96
C LEU N 136 20.09 -37.03 -9.24
N ALA N 137 20.52 -35.86 -8.79
CA ALA N 137 21.83 -35.75 -8.14
C ALA N 137 21.86 -36.34 -6.73
N PRO N 138 20.92 -36.05 -5.81
CA PRO N 138 21.03 -36.68 -4.49
C PRO N 138 20.76 -38.17 -4.49
N MET N 139 19.95 -38.67 -5.43
CA MET N 139 19.80 -40.11 -5.54
C MET N 139 21.05 -40.76 -6.10
N SER N 140 21.83 -40.04 -6.89
CA SER N 140 23.12 -40.56 -7.33
C SER N 140 24.09 -40.64 -6.17
N VAL N 141 24.10 -39.62 -5.30
CA VAL N 141 25.01 -39.66 -4.16
C VAL N 141 24.59 -40.74 -3.18
N LEU N 142 23.27 -40.93 -2.98
CA LEU N 142 22.79 -42.04 -2.16
C LEU N 142 23.08 -43.40 -2.80
N TYR N 143 23.13 -43.45 -4.14
CA TYR N 143 23.53 -44.66 -4.84
C TYR N 143 25.01 -44.98 -4.60
N GLN N 144 25.84 -43.97 -4.38
CA GLN N 144 27.26 -44.27 -4.23
C GLN N 144 27.70 -44.46 -2.78
N ILE N 145 26.85 -44.13 -1.79
CA ILE N 145 27.25 -44.22 -0.39
C ILE N 145 26.50 -45.31 0.34
N LEU N 146 25.71 -46.13 -0.36
CA LEU N 146 24.87 -47.16 0.26
C LEU N 146 25.57 -48.25 1.08
N PRO N 147 26.86 -48.57 0.93
CA PRO N 147 27.51 -49.39 1.98
C PRO N 147 27.56 -48.75 3.35
N SER N 148 27.45 -47.42 3.46
CA SER N 148 27.53 -46.74 4.75
C SER N 148 26.21 -46.22 5.27
N ILE N 149 25.13 -46.32 4.50
CA ILE N 149 23.84 -45.78 4.94
C ILE N 149 23.28 -46.65 6.04
N ASN N 150 22.90 -46.02 7.16
CA ASN N 150 22.19 -46.71 8.23
C ASN N 150 20.86 -47.24 7.73
N LEU N 151 20.56 -48.48 8.11
CA LEU N 151 19.33 -49.13 7.64
C LEU N 151 18.10 -48.51 8.30
N ASP N 152 18.13 -48.39 9.63
CA ASP N 152 16.99 -47.90 10.38
C ASP N 152 16.69 -46.45 10.05
N LEU N 153 17.73 -45.65 9.79
CA LEU N 153 17.55 -44.25 9.43
C LEU N 153 16.87 -44.10 8.08
N ILE N 154 17.37 -44.80 7.05
CA ILE N 154 16.80 -44.63 5.71
C ILE N 154 15.43 -45.28 5.63
N LEU N 155 15.15 -46.33 6.42
CA LEU N 155 13.81 -46.89 6.38
C LEU N 155 12.82 -46.05 7.17
N THR N 156 13.28 -45.39 8.24
CA THR N 156 12.42 -44.45 8.96
C THR N 156 12.06 -43.26 8.08
N LEU N 157 13.06 -42.70 7.40
CA LEU N 157 12.82 -41.63 6.42
C LEU N 157 11.89 -42.08 5.31
N SER N 158 12.02 -43.33 4.87
CA SER N 158 11.20 -43.83 3.78
C SER N 158 9.74 -44.01 4.19
N ILE N 159 9.50 -44.63 5.35
CA ILE N 159 8.11 -44.87 5.74
C ILE N 159 7.46 -43.57 6.18
N LEU N 160 8.23 -42.65 6.77
CA LEU N 160 7.67 -41.37 7.15
C LEU N 160 7.36 -40.52 5.92
N SER N 161 8.19 -40.64 4.88
CA SER N 161 7.93 -39.95 3.62
C SER N 161 6.71 -40.52 2.93
N ILE N 162 6.53 -41.85 2.94
CA ILE N 162 5.37 -42.45 2.31
C ILE N 162 4.08 -42.09 3.05
N THR N 163 4.10 -42.15 4.39
CA THR N 163 2.90 -41.82 5.16
C THR N 163 2.55 -40.33 5.07
N ILE N 164 3.54 -39.45 5.13
CA ILE N 164 3.24 -38.02 5.08
C ILE N 164 2.86 -37.58 3.66
N GLY N 165 3.51 -38.14 2.64
CA GLY N 165 3.07 -37.89 1.28
C GLY N 165 1.74 -38.52 0.93
N GLY N 166 1.30 -39.51 1.70
CA GLY N 166 -0.04 -40.03 1.54
C GLY N 166 -1.08 -39.15 2.19
N TRP N 167 -0.90 -38.79 3.47
CA TRP N 167 -1.89 -37.95 4.13
C TRP N 167 -1.81 -36.47 3.73
N GLY N 168 -0.79 -36.05 3.00
CA GLY N 168 -0.72 -34.66 2.60
C GLY N 168 -1.66 -34.33 1.47
N GLY N 169 -1.64 -35.13 0.41
CA GLY N 169 -2.42 -34.82 -0.77
C GLY N 169 -3.91 -35.07 -0.64
N LEU N 170 -4.36 -35.67 0.47
CA LEU N 170 -5.78 -35.95 0.65
C LEU N 170 -6.60 -34.71 0.94
N ASN N 171 -5.95 -33.63 1.36
CA ASN N 171 -6.62 -32.39 1.71
C ASN N 171 -6.47 -31.34 0.63
N GLN N 172 -5.71 -31.62 -0.43
CA GLN N 172 -5.25 -30.59 -1.33
C GLN N 172 -6.15 -30.47 -2.55
N THR N 173 -6.36 -29.24 -3.00
CA THR N 173 -7.02 -28.96 -4.26
C THR N 173 -6.12 -28.27 -5.27
N GLN N 174 -4.95 -27.79 -4.85
CA GLN N 174 -3.99 -27.22 -5.77
C GLN N 174 -3.18 -28.34 -6.40
N LEU N 175 -3.00 -28.28 -7.73
CA LEU N 175 -2.37 -29.38 -8.44
C LEU N 175 -0.88 -29.48 -8.15
N ARG N 176 -0.22 -28.33 -7.94
CA ARG N 176 1.21 -28.35 -7.66
C ARG N 176 1.49 -28.94 -6.28
N LYS N 177 0.62 -28.69 -5.31
CA LYS N 177 0.81 -29.30 -4.01
C LYS N 177 0.51 -30.80 -4.03
N ILE N 178 -0.43 -31.22 -4.89
CA ILE N 178 -0.68 -32.65 -5.07
C ILE N 178 0.53 -33.34 -5.66
N MET N 179 1.16 -32.72 -6.67
CA MET N 179 2.37 -33.28 -7.25
C MET N 179 3.53 -33.26 -6.26
N ALA N 180 3.56 -32.28 -5.36
CA ALA N 180 4.62 -32.22 -4.37
C ALA N 180 4.48 -33.30 -3.30
N TYR N 181 3.25 -33.55 -2.83
CA TYR N 181 3.07 -34.63 -1.86
C TYR N 181 3.26 -35.99 -2.52
N SER N 182 2.90 -36.11 -3.80
CA SER N 182 3.24 -37.31 -4.56
C SER N 182 4.75 -37.48 -4.70
N SER N 183 5.49 -36.37 -4.79
CA SER N 183 6.94 -36.43 -4.80
C SER N 183 7.49 -36.96 -3.49
N ILE N 184 6.92 -36.51 -2.37
CA ILE N 184 7.38 -36.96 -1.05
C ILE N 184 7.16 -38.46 -0.89
N ALA N 185 5.96 -38.93 -1.29
CA ALA N 185 5.64 -40.35 -1.18
C ALA N 185 6.51 -41.20 -2.10
N HIS N 186 6.76 -40.73 -3.32
CA HIS N 186 7.56 -41.53 -4.24
C HIS N 186 9.04 -41.51 -3.87
N MET N 187 9.54 -40.44 -3.26
CA MET N 187 10.94 -40.50 -2.80
C MET N 187 11.09 -41.43 -1.62
N GLY N 188 10.05 -41.54 -0.78
CA GLY N 188 10.04 -42.59 0.24
C GLY N 188 10.08 -43.99 -0.37
N TRP N 189 9.30 -44.21 -1.42
CA TRP N 189 9.34 -45.49 -2.14
C TRP N 189 10.70 -45.76 -2.77
N MET N 190 11.39 -44.73 -3.27
CA MET N 190 12.68 -44.95 -3.91
C MET N 190 13.75 -45.29 -2.88
N THR N 191 13.78 -44.57 -1.76
CA THR N 191 14.81 -44.85 -0.77
C THR N 191 14.49 -46.04 0.11
N ALA N 192 13.28 -46.59 0.04
CA ALA N 192 12.97 -47.75 0.87
C ALA N 192 13.65 -49.02 0.35
N VAL N 193 13.93 -49.08 -0.95
CA VAL N 193 14.49 -50.28 -1.57
C VAL N 193 15.98 -50.10 -1.87
N LEU N 194 16.57 -48.98 -1.44
CA LEU N 194 17.91 -48.60 -1.85
C LEU N 194 18.97 -49.56 -1.32
N LEU N 195 18.89 -49.93 -0.05
CA LEU N 195 19.88 -50.84 0.49
C LEU N 195 19.63 -52.28 0.09
N TYR N 196 18.45 -52.59 -0.45
CA TYR N 196 18.16 -53.94 -0.89
C TYR N 196 18.56 -54.18 -2.34
N ASN N 197 18.10 -53.32 -3.25
CA ASN N 197 18.48 -53.36 -4.65
C ASN N 197 18.36 -51.96 -5.25
N PRO N 198 19.47 -51.28 -5.53
CA PRO N 198 19.39 -49.92 -6.07
C PRO N 198 19.06 -49.85 -7.56
N THR N 199 19.06 -50.98 -8.27
CA THR N 199 18.54 -50.98 -9.63
C THR N 199 17.04 -50.72 -9.63
N MET N 200 16.32 -51.23 -8.63
CA MET N 200 14.91 -50.94 -8.52
C MET N 200 14.67 -49.50 -8.08
N THR N 201 15.62 -48.94 -7.32
CA THR N 201 15.62 -47.51 -7.03
C THR N 201 15.70 -46.68 -8.31
N LEU N 202 16.62 -47.04 -9.21
CA LEU N 202 16.72 -46.33 -10.48
C LEU N 202 15.50 -46.56 -11.36
N LEU N 203 14.88 -47.74 -11.27
CA LEU N 203 13.65 -48.01 -12.00
C LEU N 203 12.51 -47.12 -11.51
N ASN N 204 12.35 -47.03 -10.18
CA ASN N 204 11.32 -46.17 -9.61
C ASN N 204 11.57 -44.71 -9.94
N LEU N 205 12.84 -44.29 -9.95
CA LEU N 205 13.18 -42.92 -10.29
C LEU N 205 12.83 -42.59 -11.74
N ILE N 206 13.16 -43.49 -12.67
CA ILE N 206 12.90 -43.23 -14.08
C ILE N 206 11.40 -43.25 -14.38
N ILE N 207 10.67 -44.22 -13.82
CA ILE N 207 9.23 -44.29 -14.07
C ILE N 207 8.51 -43.10 -13.42
N TYR N 208 8.97 -42.68 -12.25
CA TYR N 208 8.38 -41.51 -11.60
C TYR N 208 8.66 -40.23 -12.38
N ILE N 209 9.87 -40.09 -12.91
CA ILE N 209 10.20 -38.90 -13.70
C ILE N 209 9.37 -38.85 -14.97
N ILE N 210 9.14 -40.00 -15.61
CA ILE N 210 8.29 -40.05 -16.81
C ILE N 210 6.86 -39.66 -16.46
N MET N 211 6.32 -40.18 -15.35
CA MET N 211 4.92 -39.89 -15.01
C MET N 211 4.75 -38.44 -14.55
N THR N 212 5.72 -37.91 -13.82
CA THR N 212 5.64 -36.53 -13.36
C THR N 212 5.80 -35.55 -14.51
N SER N 213 6.67 -35.90 -15.46
CA SER N 213 6.82 -35.07 -16.65
C SER N 213 5.57 -35.11 -17.51
N THR N 214 4.89 -36.26 -17.55
CA THR N 214 3.61 -36.35 -18.23
C THR N 214 2.56 -35.46 -17.58
N MET N 215 2.48 -35.49 -16.24
CA MET N 215 1.45 -34.71 -15.55
C MET N 215 1.71 -33.21 -15.62
N PHE N 216 2.97 -32.78 -15.44
CA PHE N 216 3.27 -31.37 -15.59
C PHE N 216 3.16 -30.91 -17.03
N THR N 217 3.41 -31.78 -18.01
CA THR N 217 3.23 -31.36 -19.39
C THR N 217 1.75 -31.21 -19.74
N LEU N 218 0.91 -32.09 -19.18
CA LEU N 218 -0.54 -31.93 -19.35
C LEU N 218 -1.04 -30.67 -18.65
N PHE N 219 -0.50 -30.36 -17.47
CA PHE N 219 -0.89 -29.15 -16.75
C PHE N 219 -0.44 -27.89 -17.47
N MET N 220 0.72 -27.93 -18.13
CA MET N 220 1.16 -26.78 -18.91
C MET N 220 0.35 -26.65 -20.19
N ALA N 221 -0.02 -27.77 -20.80
CA ALA N 221 -0.79 -27.75 -22.03
C ALA N 221 -2.20 -27.25 -21.81
N ASN N 222 -2.76 -27.52 -20.62
CA ASN N 222 -4.11 -27.06 -20.31
C ASN N 222 -4.13 -25.78 -19.50
N SER N 223 -2.97 -25.35 -18.98
CA SER N 223 -2.81 -24.13 -18.16
C SER N 223 -3.71 -24.16 -16.93
N THR N 224 -3.71 -25.30 -16.24
CA THR N 224 -4.54 -25.53 -15.07
C THR N 224 -3.64 -25.74 -13.86
N THR N 225 -3.78 -24.89 -12.85
CA THR N 225 -3.02 -25.03 -11.62
C THR N 225 -3.88 -25.48 -10.45
N THR N 226 -5.20 -25.52 -10.59
CA THR N 226 -6.10 -26.00 -9.57
C THR N 226 -6.88 -27.20 -10.10
N THR N 227 -7.44 -27.98 -9.17
CA THR N 227 -8.29 -29.10 -9.52
C THR N 227 -9.53 -28.65 -10.28
N LEU N 228 -10.11 -27.54 -9.85
CA LEU N 228 -11.36 -27.07 -10.42
C LEU N 228 -11.17 -26.44 -11.79
N SER N 229 -9.95 -25.98 -12.11
CA SER N 229 -9.66 -25.53 -13.46
C SER N 229 -9.27 -26.69 -14.37
N LEU N 230 -8.71 -27.75 -13.79
CA LEU N 230 -8.48 -28.99 -14.54
C LEU N 230 -9.81 -29.65 -14.89
N SER N 231 -10.84 -29.40 -14.09
CA SER N 231 -12.16 -29.96 -14.36
C SER N 231 -12.79 -29.45 -15.65
N HIS N 232 -12.43 -28.25 -16.10
CA HIS N 232 -12.98 -27.66 -17.33
C HIS N 232 -12.28 -28.14 -18.59
N THR N 233 -11.56 -29.26 -18.54
CA THR N 233 -10.81 -29.74 -19.68
C THR N 233 -11.71 -30.46 -20.68
N TRP N 234 -12.79 -31.09 -20.20
CA TRP N 234 -13.66 -31.89 -21.05
C TRP N 234 -14.39 -31.05 -22.09
N ASN N 235 -14.65 -29.79 -21.77
CA ASN N 235 -15.36 -28.91 -22.67
C ASN N 235 -14.41 -28.18 -23.62
N LYS N 236 -13.10 -28.34 -23.42
CA LYS N 236 -12.09 -27.70 -24.24
C LYS N 236 -11.29 -28.70 -25.06
N ALA N 237 -10.65 -29.67 -24.41
CA ALA N 237 -9.81 -30.65 -25.08
C ALA N 237 -10.09 -32.01 -24.45
N PRO N 238 -10.99 -32.79 -25.05
CA PRO N 238 -11.44 -34.02 -24.38
C PRO N 238 -10.42 -35.13 -24.37
N ILE N 239 -9.42 -35.10 -25.26
CA ILE N 239 -8.37 -36.11 -25.24
C ILE N 239 -7.48 -35.93 -24.01
N MET N 240 -7.31 -34.70 -23.54
CA MET N 240 -6.47 -34.44 -22.36
C MET N 240 -7.07 -35.03 -21.10
N THR N 241 -8.40 -35.14 -21.04
CA THR N 241 -9.04 -35.81 -19.92
C THR N 241 -8.72 -37.31 -19.90
N ILE N 242 -8.71 -37.93 -21.09
CA ILE N 242 -8.30 -39.32 -21.22
C ILE N 242 -6.84 -39.50 -20.80
N LEU N 243 -5.99 -38.53 -21.16
CA LEU N 243 -4.57 -38.66 -20.84
C LEU N 243 -4.31 -38.48 -19.35
N VAL N 244 -4.99 -37.51 -18.71
CA VAL N 244 -4.81 -37.37 -17.26
C VAL N 244 -5.46 -38.53 -16.53
N LEU N 245 -6.49 -39.15 -17.11
CA LEU N 245 -7.09 -40.35 -16.53
C LEU N 245 -6.10 -41.49 -16.50
N ILE N 246 -5.54 -41.83 -17.65
CA ILE N 246 -4.62 -42.97 -17.71
C ILE N 246 -3.33 -42.69 -16.98
N THR N 247 -2.90 -41.42 -16.89
CA THR N 247 -1.66 -41.14 -16.18
C THR N 247 -1.87 -41.15 -14.66
N LEU N 248 -3.01 -40.66 -14.17
CA LEU N 248 -3.26 -40.73 -12.75
C LEU N 248 -3.62 -42.13 -12.29
N LEU N 249 -4.21 -42.94 -13.16
CA LEU N 249 -4.38 -44.35 -12.83
C LEU N 249 -3.05 -45.08 -12.90
N SER N 250 -2.09 -44.57 -13.69
CA SER N 250 -0.75 -45.14 -13.69
C SER N 250 -0.03 -44.82 -12.39
N MET N 251 -0.05 -43.55 -11.97
CA MET N 251 0.71 -43.13 -10.79
C MET N 251 0.18 -43.72 -9.49
N GLY N 252 -1.05 -44.21 -9.49
CA GLY N 252 -1.59 -44.88 -8.33
C GLY N 252 -1.17 -46.32 -8.17
N GLY N 253 -0.37 -46.84 -9.10
CA GLY N 253 0.07 -48.21 -9.00
C GLY N 253 -0.94 -49.24 -9.42
N LEU N 254 -1.86 -48.88 -10.29
CA LEU N 254 -2.84 -49.85 -10.76
C LEU N 254 -2.28 -50.62 -11.96
N PRO N 255 -2.28 -51.95 -11.93
CA PRO N 255 -2.06 -52.70 -13.15
C PRO N 255 -3.24 -52.54 -14.08
N PRO N 256 -3.03 -52.70 -15.40
CA PRO N 256 -1.84 -53.13 -16.15
C PRO N 256 -0.92 -52.00 -16.56
N LEU N 257 -0.82 -50.94 -15.75
CA LEU N 257 -0.10 -49.76 -16.17
C LEU N 257 1.34 -49.79 -15.68
N SER N 258 2.15 -48.88 -16.22
CA SER N 258 3.58 -48.90 -15.93
C SER N 258 3.91 -48.36 -14.56
N GLY N 259 3.01 -47.62 -13.93
CA GLY N 259 3.25 -47.21 -12.56
C GLY N 259 3.07 -48.31 -11.54
N PHE N 260 2.53 -49.45 -11.95
CA PHE N 260 2.53 -50.62 -11.07
C PHE N 260 3.92 -51.23 -10.96
N MET N 261 4.70 -51.17 -12.05
CA MET N 261 6.05 -51.74 -12.13
C MET N 261 7.01 -51.35 -11.01
N PRO N 262 7.17 -50.02 -10.61
CA PRO N 262 8.16 -49.72 -9.57
C PRO N 262 7.82 -50.32 -8.22
N LYS N 263 6.59 -50.12 -7.73
CA LYS N 263 6.24 -50.61 -6.40
C LYS N 263 6.14 -52.13 -6.38
N TRP N 264 5.78 -52.75 -7.50
CA TRP N 264 5.78 -54.21 -7.56
C TRP N 264 7.19 -54.78 -7.51
N MET N 265 8.14 -54.14 -8.21
CA MET N 265 9.52 -54.60 -8.13
C MET N 265 10.15 -54.27 -6.77
N ILE N 266 9.68 -53.21 -6.10
CA ILE N 266 10.19 -52.88 -4.77
C ILE N 266 9.72 -53.89 -3.74
N ILE N 267 8.42 -54.23 -3.76
CA ILE N 267 7.91 -55.31 -2.92
C ILE N 267 8.57 -56.64 -3.29
N GLN N 268 8.89 -56.83 -4.57
CA GLN N 268 9.51 -58.04 -5.04
C GLN N 268 10.94 -58.21 -4.53
N GLU N 269 11.69 -57.10 -4.40
CA GLU N 269 13.05 -57.19 -3.90
C GLU N 269 13.16 -57.07 -2.40
N MET N 270 12.21 -56.43 -1.72
CA MET N 270 12.28 -56.35 -0.27
C MET N 270 11.82 -57.63 0.41
N THR N 271 10.95 -58.41 -0.21
CA THR N 271 10.56 -59.70 0.35
C THR N 271 11.58 -60.80 0.07
N LYS N 272 12.53 -60.56 -0.83
CA LYS N 272 13.66 -61.46 -0.95
C LYS N 272 14.51 -61.41 0.31
N ASN N 273 14.61 -60.23 0.91
CA ASN N 273 15.43 -59.98 2.09
C ASN N 273 14.65 -60.12 3.38
N ASP N 274 13.59 -60.95 3.37
CA ASP N 274 12.82 -61.35 4.56
C ASP N 274 12.15 -60.19 5.25
N SER N 275 11.74 -59.17 4.50
CA SER N 275 10.94 -58.07 5.02
C SER N 275 9.56 -58.18 4.41
N ILE N 276 8.58 -58.54 5.24
CA ILE N 276 7.19 -58.69 4.82
C ILE N 276 6.34 -57.55 5.32
N ILE N 277 6.50 -57.17 6.59
CA ILE N 277 5.67 -56.15 7.23
C ILE N 277 5.88 -54.80 6.59
N LEU N 278 7.15 -54.46 6.31
CA LEU N 278 7.47 -53.12 5.83
C LEU N 278 6.94 -52.84 4.42
N PRO N 279 7.15 -53.69 3.39
CA PRO N 279 6.51 -53.39 2.09
C PRO N 279 5.00 -53.54 2.12
N THR N 280 4.44 -54.31 3.05
CA THR N 280 2.98 -54.38 3.17
C THR N 280 2.41 -53.07 3.70
N LEU N 281 3.05 -52.48 4.72
CA LEU N 281 2.63 -51.17 5.21
C LEU N 281 2.83 -50.09 4.15
N MET N 282 3.92 -50.19 3.38
CA MET N 282 4.14 -49.27 2.26
C MET N 282 3.03 -49.39 1.22
N ALA N 283 2.64 -50.62 0.87
CA ALA N 283 1.63 -50.84 -0.16
C ALA N 283 0.25 -50.41 0.30
N ILE N 284 -0.07 -50.63 1.58
CA ILE N 284 -1.36 -50.17 2.11
C ILE N 284 -1.37 -48.64 2.22
N THR N 285 -0.22 -48.02 2.50
CA THR N 285 -0.17 -46.57 2.61
C THR N 285 -0.28 -45.90 1.23
N ALA N 286 0.15 -46.59 0.16
CA ALA N 286 0.02 -46.03 -1.19
C ALA N 286 -1.43 -45.90 -1.67
N LEU N 287 -2.39 -46.52 -0.98
CA LEU N 287 -3.80 -46.35 -1.31
C LEU N 287 -4.28 -44.92 -1.08
N LEU N 288 -3.61 -44.17 -0.20
CA LEU N 288 -3.97 -42.77 0.01
C LEU N 288 -3.58 -41.93 -1.19
N ASN N 289 -2.39 -42.20 -1.75
CA ASN N 289 -1.96 -41.58 -2.99
C ASN N 289 -2.93 -41.88 -4.11
N LEU N 290 -3.33 -43.15 -4.23
CA LEU N 290 -4.34 -43.51 -5.22
C LEU N 290 -5.70 -42.89 -4.91
N TYR N 291 -5.98 -42.57 -3.64
CA TYR N 291 -7.26 -41.95 -3.31
C TYR N 291 -7.34 -40.52 -3.84
N PHE N 292 -6.31 -39.71 -3.61
CA PHE N 292 -6.43 -38.37 -4.19
C PHE N 292 -6.20 -38.36 -5.70
N TYR N 293 -5.52 -39.37 -6.25
CA TYR N 293 -5.51 -39.54 -7.70
C TYR N 293 -6.91 -39.82 -8.25
N MET N 294 -7.67 -40.68 -7.56
CA MET N 294 -9.04 -40.96 -7.98
C MET N 294 -9.95 -39.76 -7.81
N ARG N 295 -9.69 -38.93 -6.79
CA ARG N 295 -10.41 -37.67 -6.63
C ARG N 295 -10.18 -36.75 -7.83
N LEU N 296 -8.92 -36.67 -8.30
CA LEU N 296 -8.64 -35.87 -9.48
C LEU N 296 -9.29 -36.44 -10.74
N THR N 297 -9.31 -37.77 -10.89
CA THR N 297 -9.92 -38.36 -12.08
C THR N 297 -11.43 -38.17 -12.10
N TYR N 298 -12.08 -38.28 -10.93
CA TYR N 298 -13.51 -37.98 -10.83
C TYR N 298 -13.81 -36.54 -11.16
N SER N 299 -12.97 -35.61 -10.67
CA SER N 299 -13.23 -34.21 -10.97
C SER N 299 -12.94 -33.86 -12.43
N THR N 300 -12.08 -34.60 -13.12
CA THR N 300 -11.66 -34.20 -14.45
C THR N 300 -12.32 -34.98 -15.57
N ALA N 301 -12.17 -36.30 -15.59
CA ALA N 301 -12.53 -37.10 -16.76
C ALA N 301 -13.81 -37.88 -16.61
N LEU N 302 -14.02 -38.55 -15.47
CA LEU N 302 -15.15 -39.45 -15.33
C LEU N 302 -16.46 -38.73 -15.08
N THR N 303 -16.41 -37.46 -14.71
CA THR N 303 -17.59 -36.61 -14.67
C THR N 303 -17.34 -35.37 -15.50
N MET N 304 -18.37 -34.54 -15.61
CA MET N 304 -18.31 -33.30 -16.37
C MET N 304 -18.76 -32.18 -15.43
N PHE N 305 -17.82 -31.42 -14.91
CA PHE N 305 -18.19 -30.27 -14.09
C PHE N 305 -18.72 -29.14 -14.98
N PRO N 306 -19.62 -28.29 -14.47
CA PRO N 306 -20.19 -27.24 -15.32
C PRO N 306 -19.17 -26.17 -15.67
N SER N 307 -19.18 -25.79 -16.94
CA SER N 307 -18.22 -24.83 -17.47
C SER N 307 -18.87 -23.44 -17.52
N THR N 308 -18.15 -22.49 -18.11
CA THR N 308 -18.65 -21.13 -18.28
C THR N 308 -18.89 -20.88 -19.76
N ASN N 309 -19.36 -19.67 -20.06
CA ASN N 309 -19.75 -19.37 -21.44
C ASN N 309 -18.55 -18.98 -22.30
N ASN N 310 -17.48 -18.48 -21.69
CA ASN N 310 -16.34 -18.01 -22.46
C ASN N 310 -15.49 -19.14 -23.01
N MET N 311 -15.77 -20.40 -22.65
CA MET N 311 -15.11 -21.55 -23.24
C MET N 311 -15.45 -21.69 -24.72
N LYS N 312 -16.59 -21.15 -25.16
CA LYS N 312 -16.99 -21.22 -26.56
C LYS N 312 -16.04 -20.43 -27.45
N MET N 313 -15.40 -19.40 -26.92
CA MET N 313 -14.41 -18.66 -27.69
C MET N 313 -13.13 -19.47 -27.83
N LYS N 314 -12.76 -20.21 -26.79
CA LYS N 314 -11.56 -21.05 -26.83
C LYS N 314 -11.76 -22.31 -27.63
N TRP N 315 -13.02 -22.67 -27.92
CA TRP N 315 -13.28 -23.75 -28.87
C TRP N 315 -12.73 -23.44 -30.26
N GLN N 316 -12.69 -22.17 -30.62
CA GLN N 316 -12.31 -21.74 -31.96
C GLN N 316 -10.80 -21.64 -32.14
N PHE N 317 -10.03 -21.79 -31.07
CA PHE N 317 -8.59 -21.71 -31.13
C PHE N 317 -7.96 -23.03 -30.74
N PRO N 318 -7.00 -23.54 -31.50
CA PRO N 318 -6.26 -24.73 -31.08
C PRO N 318 -5.10 -24.37 -30.15
N THR N 319 -4.40 -25.40 -29.71
CA THR N 319 -3.26 -25.21 -28.82
C THR N 319 -2.02 -24.87 -29.65
N THR N 320 -1.43 -23.72 -29.39
CA THR N 320 -0.15 -23.35 -29.99
C THR N 320 1.03 -23.68 -29.09
N LYS N 321 0.79 -24.37 -27.98
CA LYS N 321 1.85 -24.69 -27.03
C LYS N 321 2.68 -25.85 -27.53
N ARG N 322 3.99 -25.72 -27.43
CA ARG N 322 4.91 -26.79 -27.82
C ARG N 322 4.84 -27.87 -26.76
N MET N 323 3.96 -28.85 -26.97
CA MET N 323 3.80 -29.97 -26.04
C MET N 323 4.87 -31.00 -26.35
N THR N 324 6.08 -30.72 -25.86
CA THR N 324 7.25 -31.51 -26.22
C THR N 324 7.17 -32.88 -25.54
N LEU N 325 7.18 -33.93 -26.36
CA LEU N 325 7.23 -35.34 -25.98
C LEU N 325 6.00 -35.81 -25.21
N LEU N 326 4.93 -35.02 -25.17
CA LEU N 326 3.72 -35.41 -24.45
C LEU N 326 3.05 -36.70 -24.96
N PRO N 327 2.94 -37.00 -26.27
CA PRO N 327 2.48 -38.35 -26.63
C PRO N 327 3.46 -39.44 -26.26
N THR N 328 4.76 -39.20 -26.40
CA THR N 328 5.76 -40.19 -26.02
C THR N 328 5.78 -40.41 -24.52
N MET N 329 5.72 -39.32 -23.73
CA MET N 329 5.67 -39.45 -22.29
C MET N 329 4.34 -40.00 -21.80
N THR N 330 3.27 -39.88 -22.59
CA THR N 330 2.00 -40.48 -22.19
C THR N 330 2.01 -41.98 -22.45
N VAL N 331 2.55 -42.41 -23.59
CA VAL N 331 2.61 -43.83 -23.92
C VAL N 331 3.58 -44.55 -23.00
N LEU N 332 4.75 -43.95 -22.73
CA LEU N 332 5.73 -44.63 -21.90
C LEU N 332 5.35 -44.66 -20.43
N SER N 333 4.40 -43.83 -20.00
CA SER N 333 3.95 -43.86 -18.62
C SER N 333 2.71 -44.69 -18.41
N THR N 334 2.18 -45.32 -19.46
CA THR N 334 1.00 -46.16 -19.31
C THR N 334 1.20 -47.59 -19.79
N MET N 335 1.88 -47.79 -20.90
CA MET N 335 1.91 -49.09 -21.57
C MET N 335 3.31 -49.70 -21.56
N LEU N 336 4.00 -49.64 -20.43
CA LEU N 336 5.34 -50.19 -20.35
C LEU N 336 5.42 -51.43 -19.49
N LEU N 337 4.36 -51.77 -18.75
CA LEU N 337 4.37 -52.96 -17.90
C LEU N 337 4.57 -54.29 -18.62
N PRO N 338 4.16 -54.51 -19.89
CA PRO N 338 4.66 -55.71 -20.61
C PRO N 338 6.17 -55.74 -20.82
N LEU N 339 6.85 -54.61 -20.73
CA LEU N 339 8.30 -54.53 -20.81
C LEU N 339 8.93 -54.36 -19.45
N THR N 340 8.43 -55.06 -18.43
CA THR N 340 9.04 -54.96 -17.10
C THR N 340 10.48 -55.48 -17.02
N PRO N 341 10.91 -56.60 -17.69
CA PRO N 341 12.33 -56.94 -17.61
C PRO N 341 13.29 -56.03 -18.38
N ILE N 342 12.82 -54.87 -18.85
CA ILE N 342 13.72 -53.83 -19.35
C ILE N 342 14.54 -53.20 -18.24
N LEU N 343 14.19 -53.45 -16.97
CA LEU N 343 14.90 -52.89 -15.82
C LEU N 343 16.35 -53.37 -15.71
N SER N 344 16.71 -54.45 -16.42
CA SER N 344 18.07 -54.96 -16.35
C SER N 344 19.08 -54.03 -17.03
N ILE N 345 18.63 -53.10 -17.86
CA ILE N 345 19.56 -52.17 -18.49
C ILE N 345 20.10 -51.16 -17.49
N LEU N 346 19.47 -51.05 -16.31
CA LEU N 346 19.87 -50.13 -15.27
C LEU N 346 20.81 -50.77 -14.26
N GLU N 347 21.11 -52.06 -14.41
CA GLU N 347 21.99 -52.79 -13.51
C GLU N 347 23.42 -52.27 -13.56
N AYA O 2 16.66 -44.73 23.03
CA AYA O 2 15.47 -45.30 23.59
CB AYA O 2 14.20 -44.51 23.27
C AYA O 2 15.25 -46.73 23.08
O AYA O 2 14.22 -47.38 23.24
CT AYA O 2 17.76 -44.31 23.76
OT AYA O 2 18.75 -43.82 23.18
CM AYA O 2 17.73 -44.46 25.26
N LYS O 3 16.30 -47.21 22.42
CA LYS O 3 16.33 -48.58 21.92
C LYS O 3 16.51 -49.52 23.11
N THR O 4 17.32 -49.08 24.07
CA THR O 4 17.53 -49.86 25.29
C THR O 4 16.32 -49.81 26.22
N LEU O 5 15.43 -48.82 26.05
CA LEU O 5 14.12 -48.87 26.72
C LEU O 5 13.33 -50.08 26.25
N LEU O 6 13.31 -50.31 24.93
CA LEU O 6 12.66 -51.49 24.38
C LEU O 6 13.39 -52.77 24.77
N HIS O 7 14.72 -52.72 24.85
CA HIS O 7 15.47 -53.89 25.29
C HIS O 7 15.17 -54.25 26.74
N GLN O 8 15.10 -53.26 27.63
CA GLN O 8 14.76 -53.56 29.01
C GLN O 8 13.27 -53.83 29.20
N TYR O 9 12.43 -53.52 28.21
CA TYR O 9 11.08 -54.07 28.23
C TYR O 9 11.09 -55.56 27.88
N TRP O 10 11.76 -55.93 26.78
CA TRP O 10 11.60 -57.27 26.23
C TRP O 10 12.53 -58.32 26.85
N ASP O 11 13.43 -57.93 27.76
CA ASP O 11 14.28 -58.94 28.39
C ASP O 11 13.53 -59.72 29.45
N ILE O 12 12.51 -59.15 30.06
CA ILE O 12 11.80 -59.81 31.17
C ILE O 12 10.73 -60.73 30.59
N PRO O 13 10.61 -61.96 31.09
CA PRO O 13 9.54 -62.84 30.64
C PRO O 13 8.16 -62.36 31.06
N GLU O 14 7.14 -62.92 30.42
CA GLU O 14 5.77 -62.50 30.64
C GLU O 14 5.17 -63.24 31.83
N GLY O 15 4.58 -62.48 32.76
CA GLY O 15 3.89 -63.07 33.89
C GLY O 15 4.74 -63.34 35.10
N THR O 16 5.91 -62.70 35.20
CA THR O 16 6.80 -62.92 36.34
C THR O 16 6.98 -61.66 37.17
N GLU O 17 7.40 -60.55 36.56
CA GLU O 17 7.76 -59.33 37.28
C GLU O 17 6.88 -58.20 36.75
N CYS O 18 5.77 -57.93 37.44
CA CYS O 18 4.75 -57.04 36.89
C CYS O 18 5.11 -55.57 37.06
N HIS O 19 5.73 -55.21 38.20
CA HIS O 19 6.01 -53.81 38.50
C HIS O 19 7.07 -53.24 37.56
N ARG O 20 8.12 -54.00 37.28
CA ARG O 20 9.18 -53.51 36.42
C ARG O 20 8.75 -53.47 34.96
N LYS O 21 7.92 -54.43 34.52
CA LYS O 21 7.34 -54.37 33.18
C LYS O 21 6.40 -53.19 33.01
N THR O 22 5.59 -52.90 34.04
CA THR O 22 4.70 -51.75 34.00
C THR O 22 5.50 -50.45 33.97
N TYR O 23 6.59 -50.38 34.74
CA TYR O 23 7.44 -49.20 34.75
C TYR O 23 8.15 -49.01 33.41
N ALA O 24 8.60 -50.09 32.78
CA ALA O 24 9.28 -50.00 31.50
C ALA O 24 8.34 -49.58 30.39
N ALA O 25 7.13 -50.16 30.35
CA ALA O 25 6.15 -49.75 29.36
C ALA O 25 5.66 -48.33 29.61
N THR O 26 5.59 -47.91 30.89
CA THR O 26 5.25 -46.53 31.22
C THR O 26 6.31 -45.57 30.72
N SER O 27 7.59 -45.95 30.86
CA SER O 27 8.68 -45.09 30.39
C SER O 27 8.72 -45.02 28.86
N ILE O 28 8.43 -46.14 28.18
CA ILE O 28 8.37 -46.14 26.72
C ILE O 28 7.23 -45.25 26.23
N GLY O 29 6.05 -45.37 26.86
CA GLY O 29 4.94 -44.51 26.51
C GLY O 29 5.21 -43.05 26.83
N GLY O 30 5.90 -42.78 27.93
CA GLY O 30 6.24 -41.41 28.29
C GLY O 30 7.24 -40.80 27.32
N ALA O 31 8.20 -41.59 26.84
CA ALA O 31 9.13 -41.12 25.82
C ALA O 31 8.42 -40.83 24.50
N SER O 32 7.47 -41.70 24.12
CA SER O 32 6.68 -41.45 22.91
C SER O 32 5.82 -40.20 23.06
N GLY O 33 5.26 -39.99 24.26
CA GLY O 33 4.49 -38.78 24.51
C GLY O 33 5.34 -37.53 24.50
N LEU O 34 6.59 -37.62 24.96
CA LEU O 34 7.50 -36.48 24.89
C LEU O 34 7.88 -36.16 23.44
N VAL O 35 8.05 -37.19 22.61
CA VAL O 35 8.36 -36.97 21.20
C VAL O 35 7.19 -36.31 20.47
N VAL O 36 5.97 -36.83 20.71
CA VAL O 36 4.77 -36.25 20.11
C VAL O 36 4.51 -34.84 20.64
N SER O 37 4.84 -34.61 21.92
CA SER O 37 4.71 -33.28 22.50
C SER O 37 5.68 -32.28 21.89
N ALA O 38 6.92 -32.73 21.64
CA ALA O 38 7.92 -31.86 21.03
C ALA O 38 7.53 -31.49 19.60
N TYR O 39 7.05 -32.46 18.82
CA TYR O 39 6.58 -32.11 17.47
C TYR O 39 5.30 -31.28 17.50
N SER O 40 4.45 -31.45 18.52
CA SER O 40 3.21 -30.70 18.56
C SER O 40 3.42 -29.26 19.00
N VAL O 41 4.40 -29.01 19.87
CA VAL O 41 4.79 -27.64 20.16
C VAL O 41 5.75 -27.09 19.13
N ALA O 42 6.29 -27.95 18.25
CA ALA O 42 7.08 -27.48 17.13
C ALA O 42 6.21 -26.92 16.02
N LEU O 43 5.35 -27.77 15.45
CA LEU O 43 4.63 -27.37 14.25
C LEU O 43 3.46 -26.44 14.56
N LYS O 44 2.99 -26.42 15.80
CA LYS O 44 1.89 -25.56 16.22
C LYS O 44 2.33 -24.79 17.46
N THR O 45 2.44 -23.49 17.35
CA THR O 45 2.81 -22.65 18.48
C THR O 45 1.63 -22.54 19.43
N PRO O 46 1.78 -22.90 20.71
CA PRO O 46 0.69 -22.69 21.67
C PRO O 46 0.56 -21.22 22.05
N THR O 47 -0.45 -20.95 22.87
CA THR O 47 -0.74 -19.56 23.25
C THR O 47 0.30 -18.99 24.20
N SER O 48 0.97 -19.82 24.99
CA SER O 48 1.99 -19.35 25.92
C SER O 48 2.90 -20.51 26.27
N PHE O 49 3.86 -20.23 27.17
CA PHE O 49 4.72 -21.27 27.70
C PHE O 49 3.95 -22.19 28.66
N LEU O 50 2.96 -21.62 29.37
CA LEU O 50 2.10 -22.42 30.24
C LEU O 50 1.25 -23.39 29.43
N GLU O 51 0.70 -22.92 28.31
CA GLU O 51 -0.05 -23.81 27.42
C GLU O 51 0.84 -24.85 26.78
N GLY O 52 2.11 -24.50 26.51
CA GLY O 52 3.04 -25.47 25.95
C GLY O 52 3.38 -26.59 26.90
N VAL O 53 3.68 -26.24 28.16
CA VAL O 53 3.97 -27.29 29.14
C VAL O 53 2.71 -28.04 29.53
N ALA O 54 1.54 -27.41 29.41
CA ALA O 54 0.28 -28.11 29.68
C ALA O 54 -0.02 -29.15 28.60
N ARG O 55 0.15 -28.79 27.33
CA ARG O 55 -0.05 -29.74 26.24
C ARG O 55 0.99 -30.85 26.28
N THR O 56 2.24 -30.51 26.62
CA THR O 56 3.30 -31.50 26.76
C THR O 56 2.99 -32.50 27.87
N GLY O 57 2.58 -32.00 29.04
CA GLY O 57 2.24 -32.88 30.13
C GLY O 57 1.00 -33.72 29.86
N ARG O 58 0.03 -33.15 29.13
CA ARG O 58 -1.18 -33.89 28.81
C ARG O 58 -0.90 -35.05 27.85
N TYR O 59 -0.14 -34.79 26.78
CA TYR O 59 0.20 -35.84 25.82
C TYR O 59 1.11 -36.89 26.46
N THR O 60 2.07 -36.44 27.27
CA THR O 60 3.01 -37.37 27.90
C THR O 60 2.32 -38.25 28.93
N PHE O 61 1.43 -37.67 29.75
CA PHE O 61 0.70 -38.47 30.73
C PHE O 61 -0.33 -39.37 30.06
N THR O 62 -0.91 -38.93 28.94
CA THR O 62 -1.82 -39.80 28.18
C THR O 62 -1.11 -41.04 27.67
N ALA O 63 0.01 -40.85 26.97
CA ALA O 63 0.73 -42.00 26.43
C ALA O 63 1.40 -42.84 27.52
N ALA O 64 1.79 -42.20 28.63
CA ALA O 64 2.34 -42.95 29.76
C ALA O 64 1.27 -43.79 30.45
N ALA O 65 0.04 -43.28 30.55
CA ALA O 65 -1.04 -44.07 31.12
C ALA O 65 -1.44 -45.21 30.20
N ILE O 66 -1.39 -44.97 28.88
CA ILE O 66 -1.60 -46.04 27.89
C ILE O 66 -0.59 -47.16 28.09
N GLY O 67 0.70 -46.80 28.15
CA GLY O 67 1.73 -47.81 28.38
C GLY O 67 1.65 -48.49 29.73
N ALA O 68 1.25 -47.75 30.76
CA ALA O 68 1.15 -48.30 32.11
C ALA O 68 0.04 -49.34 32.20
N ILE O 69 -1.17 -48.98 31.77
CA ILE O 69 -2.28 -49.93 31.81
C ILE O 69 -2.06 -51.05 30.80
N PHE O 70 -1.33 -50.77 29.71
CA PHE O 70 -0.93 -51.80 28.75
C PHE O 70 -0.07 -52.88 29.38
N GLY O 71 1.05 -52.48 29.99
CA GLY O 71 1.95 -53.44 30.60
C GLY O 71 1.34 -54.14 31.80
N LEU O 72 0.54 -53.41 32.59
CA LEU O 72 -0.13 -53.98 33.75
C LEU O 72 -1.14 -55.05 33.33
N THR O 73 -2.00 -54.72 32.36
CA THR O 73 -3.01 -55.66 31.89
C THR O 73 -2.37 -56.87 31.23
N SER O 74 -1.30 -56.65 30.46
CA SER O 74 -0.60 -57.74 29.79
C SER O 74 0.03 -58.71 30.78
N CYS O 75 0.73 -58.18 31.78
CA CYS O 75 1.43 -59.06 32.70
C CYS O 75 0.47 -59.75 33.67
N ILE O 76 -0.58 -59.04 34.11
CA ILE O 76 -1.55 -59.68 35.00
C ILE O 76 -2.37 -60.72 34.24
N SER O 77 -2.66 -60.50 32.95
CA SER O 77 -3.33 -61.54 32.17
C SER O 77 -2.41 -62.73 31.91
N ALA O 78 -1.10 -62.48 31.74
CA ALA O 78 -0.16 -63.59 31.63
C ALA O 78 -0.04 -64.37 32.94
N GLN O 79 -0.21 -63.70 34.08
CA GLN O 79 -0.19 -64.40 35.36
C GLN O 79 -1.46 -65.23 35.56
N VAL O 80 -2.64 -64.63 35.34
CA VAL O 80 -3.88 -65.35 35.62
C VAL O 80 -4.21 -66.39 34.56
N ARG O 81 -3.64 -66.28 33.36
CA ARG O 81 -3.87 -67.27 32.32
C ARG O 81 -2.74 -68.28 32.19
N GLU O 82 -1.57 -67.98 32.76
CA GLU O 82 -0.43 -68.89 32.87
C GLU O 82 0.07 -69.35 31.50
N LYS O 83 0.04 -68.44 30.53
CA LYS O 83 0.46 -68.71 29.16
C LYS O 83 1.42 -67.61 28.72
N PRO O 84 2.73 -67.87 28.70
CA PRO O 84 3.69 -66.80 28.38
C PRO O 84 3.71 -66.42 26.90
N ASP O 85 3.72 -67.40 26.01
CA ASP O 85 3.84 -67.15 24.58
C ASP O 85 2.47 -67.12 23.90
N ASP O 86 1.64 -66.17 24.34
CA ASP O 86 0.27 -66.12 23.86
C ASP O 86 -0.18 -64.69 23.63
N PRO O 87 -0.51 -64.33 22.38
CA PRO O 87 -0.84 -62.93 22.06
C PRO O 87 -2.22 -62.48 22.49
N LEU O 88 -3.03 -63.35 23.08
CA LEU O 88 -4.31 -62.91 23.66
C LEU O 88 -4.07 -62.02 24.88
N ASN O 89 -2.96 -62.23 25.58
CA ASN O 89 -2.53 -61.35 26.66
C ASN O 89 -2.30 -59.94 26.15
N TYR O 90 -1.52 -59.79 25.08
CA TYR O 90 -1.32 -58.46 24.52
C TYR O 90 -2.55 -57.94 23.79
N LEU O 91 -3.48 -58.82 23.39
CA LEU O 91 -4.75 -58.35 22.84
C LEU O 91 -5.58 -57.65 23.92
N ILE O 92 -5.67 -58.27 25.11
CA ILE O 92 -6.38 -57.63 26.22
C ILE O 92 -5.64 -56.39 26.71
N GLY O 93 -4.30 -56.44 26.68
CA GLY O 93 -3.52 -55.27 27.08
C GLY O 93 -3.65 -54.12 26.10
N GLY O 94 -3.72 -54.41 24.80
CA GLY O 94 -3.95 -53.39 23.80
C GLY O 94 -5.35 -52.80 23.87
N CYS O 95 -6.35 -53.63 24.20
CA CYS O 95 -7.68 -53.07 24.41
C CYS O 95 -7.73 -52.21 25.68
N ALA O 96 -6.98 -52.57 26.71
CA ALA O 96 -6.91 -51.73 27.90
C ALA O 96 -6.21 -50.41 27.62
N GLY O 97 -5.16 -50.43 26.80
CA GLY O 97 -4.53 -49.19 26.37
C GLY O 97 -5.43 -48.37 25.46
N GLY O 98 -6.27 -49.03 24.66
CA GLY O 98 -7.23 -48.30 23.84
C GLY O 98 -8.32 -47.64 24.65
N LEU O 99 -8.84 -48.34 25.67
CA LEU O 99 -9.78 -47.71 26.59
C LEU O 99 -9.12 -46.59 27.39
N THR O 100 -7.82 -46.72 27.68
CA THR O 100 -7.09 -45.64 28.33
C THR O 100 -7.00 -44.41 27.43
N LEU O 101 -6.69 -44.61 26.15
CA LEU O 101 -6.65 -43.51 25.18
C LEU O 101 -8.03 -42.88 25.02
N GLY O 102 -9.09 -43.68 25.03
CA GLY O 102 -10.43 -43.14 24.94
C GLY O 102 -10.85 -42.38 26.19
N ALA O 103 -10.37 -42.82 27.36
CA ALA O 103 -10.63 -42.09 28.59
C ALA O 103 -9.87 -40.78 28.64
N ARG O 104 -8.68 -40.74 28.03
CA ARG O 104 -7.94 -39.49 28.00
C ARG O 104 -8.50 -38.53 26.96
N THR O 105 -9.01 -39.05 25.84
CA THR O 105 -9.64 -38.20 24.84
C THR O 105 -11.11 -37.93 25.13
N ARG O 106 -11.65 -38.55 26.19
CA ARG O 106 -13.00 -38.28 26.72
C ARG O 106 -14.09 -38.60 25.68
N SER O 107 -14.03 -39.80 25.11
CA SER O 107 -15.07 -40.30 24.22
C SER O 107 -15.04 -41.81 24.22
N TYR O 108 -16.18 -42.40 23.86
CA TYR O 108 -16.35 -43.85 23.90
C TYR O 108 -15.98 -44.52 22.58
N GLY O 109 -16.34 -43.89 21.44
CA GLY O 109 -16.10 -44.52 20.15
C GLY O 109 -14.62 -44.60 19.81
N ILE O 110 -13.86 -43.54 20.13
CA ILE O 110 -12.41 -43.57 20.01
C ILE O 110 -11.83 -44.62 20.96
N GLY O 111 -12.46 -44.82 22.12
CA GLY O 111 -12.02 -45.86 23.04
C GLY O 111 -12.16 -47.26 22.48
N ALA O 112 -13.31 -47.55 21.87
CA ALA O 112 -13.53 -48.87 21.27
C ALA O 112 -12.68 -49.09 20.02
N ALA O 113 -12.52 -48.03 19.21
CA ALA O 113 -11.68 -48.13 18.01
C ALA O 113 -10.23 -48.35 18.38
N ALA O 114 -9.72 -47.60 19.36
CA ALA O 114 -8.34 -47.79 19.80
C ALA O 114 -8.17 -49.12 20.52
N CYS O 115 -9.20 -49.60 21.21
CA CYS O 115 -9.21 -50.95 21.77
C CYS O 115 -8.96 -52.00 20.70
N ALA O 116 -9.79 -52.01 19.65
CA ALA O 116 -9.68 -53.03 18.62
C ALA O 116 -8.37 -52.93 17.84
N TYR O 117 -8.03 -51.71 17.38
CA TYR O 117 -6.85 -51.56 16.54
C TYR O 117 -5.55 -51.72 17.33
N MET O 118 -5.46 -51.16 18.54
CA MET O 118 -4.24 -51.33 19.32
C MET O 118 -4.12 -52.73 19.90
N GLY O 119 -5.24 -53.43 20.12
CA GLY O 119 -5.15 -54.82 20.51
C GLY O 119 -4.63 -55.71 19.40
N LEU O 120 -5.12 -55.49 18.17
CA LEU O 120 -4.59 -56.20 17.01
C LEU O 120 -3.12 -55.85 16.77
N THR O 121 -2.75 -54.59 17.01
CA THR O 121 -1.36 -54.15 16.85
C THR O 121 -0.44 -54.81 17.86
N ALA O 122 -0.87 -54.85 19.13
CA ALA O 122 -0.05 -55.48 20.17
C ALA O 122 0.03 -56.99 19.99
N ALA O 123 -1.03 -57.61 19.47
CA ALA O 123 -0.96 -59.03 19.13
C ALA O 123 0.02 -59.27 17.99
N LEU O 124 0.04 -58.38 16.99
CA LEU O 124 1.02 -58.48 15.92
C LEU O 124 2.45 -58.30 16.42
N VAL O 125 2.64 -57.40 17.40
CA VAL O 125 3.97 -57.20 17.98
C VAL O 125 4.39 -58.44 18.77
N LYS O 126 3.45 -59.08 19.46
CA LYS O 126 3.74 -60.34 20.16
C LYS O 126 4.11 -61.45 19.19
N MET O 127 3.40 -61.54 18.06
CA MET O 127 3.71 -62.57 17.09
C MET O 127 5.04 -62.31 16.38
N GLY O 128 5.39 -61.03 16.20
CA GLY O 128 6.71 -60.71 15.71
C GLY O 128 7.79 -61.02 16.71
N GLN O 129 7.48 -60.91 18.00
CA GLN O 129 8.41 -61.36 19.04
C GLN O 129 8.52 -62.88 19.07
N LEU O 130 7.45 -63.57 18.68
CA LEU O 130 7.48 -65.03 18.66
C LEU O 130 8.26 -65.57 17.47
N GLU O 131 7.80 -65.30 16.25
CA GLU O 131 8.43 -65.88 15.07
C GLU O 131 9.62 -65.08 14.56
N GLY O 132 9.98 -63.98 15.20
CA GLY O 132 11.13 -63.22 14.75
C GLY O 132 10.88 -62.41 13.50
N TRP O 133 9.76 -61.70 13.44
CA TRP O 133 9.44 -60.88 12.27
C TRP O 133 10.26 -59.60 12.30
N LYS O 134 11.01 -59.35 11.24
CA LYS O 134 11.86 -58.18 11.14
C LYS O 134 11.14 -57.11 10.32
N VAL O 135 10.83 -55.99 10.96
CA VAL O 135 10.30 -54.84 10.23
C VAL O 135 11.41 -54.03 9.58
N PHE O 136 12.52 -53.79 10.28
CA PHE O 136 13.70 -53.21 9.67
C PHE O 136 14.71 -54.32 9.38
N ALA O 137 14.39 -55.08 8.32
CA ALA O 137 15.14 -56.29 8.02
C ALA O 137 16.48 -55.96 7.36
N GLU O 138 17.51 -56.67 7.79
CA GLU O 138 18.84 -56.50 7.21
C GLU O 138 18.83 -57.02 5.78
N PRO O 139 19.42 -56.30 4.82
CA PRO O 139 19.52 -56.82 3.45
C PRO O 139 20.45 -58.02 3.41
N LYS O 140 19.97 -59.11 2.81
CA LYS O 140 20.72 -60.35 2.77
C LYS O 140 21.05 -60.85 1.36
N VAL O 141 20.22 -60.56 0.36
CA VAL O 141 20.54 -60.98 -1.00
C VAL O 141 20.83 -59.76 -1.87
N GLY P 51 -74.53 -62.59 -31.56
CA GLY P 51 -74.18 -61.18 -31.68
C GLY P 51 -73.70 -60.56 -30.39
N LYS P 52 -73.88 -59.23 -30.30
CA LYS P 52 -73.44 -58.35 -29.18
C LYS P 52 -72.03 -58.68 -28.69
N ARG P 53 -71.12 -58.85 -29.64
CA ARG P 53 -69.73 -59.15 -29.32
C ARG P 53 -69.03 -57.92 -28.78
N LEU P 54 -68.32 -58.08 -27.66
CA LEU P 54 -67.62 -56.98 -27.01
C LEU P 54 -66.13 -57.03 -27.32
N PHE P 55 -65.50 -55.86 -27.32
CA PHE P 55 -64.08 -55.75 -27.62
C PHE P 55 -63.28 -55.98 -26.35
N ILE P 56 -62.64 -57.13 -26.25
CA ILE P 56 -61.81 -57.45 -25.10
C ILE P 56 -60.47 -56.75 -25.30
N ILE P 57 -60.21 -55.73 -24.48
CA ILE P 57 -58.96 -54.99 -24.58
C ILE P 57 -57.83 -55.85 -24.04
N LYS P 58 -56.82 -56.06 -24.86
CA LYS P 58 -55.65 -56.84 -24.52
C LYS P 58 -54.43 -56.05 -24.99
N PRO P 59 -53.26 -56.27 -24.38
CA PRO P 59 -52.05 -55.59 -24.87
C PRO P 59 -51.62 -56.10 -26.23
N SER P 60 -50.61 -55.43 -26.78
CA SER P 60 -50.14 -55.69 -28.13
C SER P 60 -49.44 -57.04 -28.17
N GLY P 61 -50.13 -58.06 -28.63
CA GLY P 61 -49.55 -59.36 -28.82
C GLY P 61 -48.86 -59.56 -30.15
N PHE P 62 -48.61 -58.48 -30.89
CA PHE P 62 -47.89 -58.62 -32.15
C PHE P 62 -46.41 -58.87 -31.92
N TYR P 63 -45.80 -58.15 -30.97
CA TYR P 63 -44.35 -58.16 -30.88
C TYR P 63 -43.84 -59.41 -30.19
N ASP P 64 -44.57 -59.91 -29.19
CA ASP P 64 -44.19 -61.15 -28.52
C ASP P 64 -44.33 -62.34 -29.47
N LYS P 65 -45.44 -62.42 -30.19
CA LYS P 65 -45.64 -63.49 -31.15
C LYS P 65 -44.67 -63.39 -32.33
N ARG P 66 -44.32 -62.15 -32.72
CA ARG P 66 -43.32 -61.96 -33.76
C ARG P 66 -41.95 -62.45 -33.31
N PHE P 67 -41.59 -62.17 -32.06
CA PHE P 67 -40.35 -62.71 -31.50
C PHE P 67 -40.37 -64.23 -31.47
N LEU P 68 -41.51 -64.82 -31.10
CA LEU P 68 -41.55 -66.28 -31.01
C LEU P 68 -41.48 -66.94 -32.38
N LYS P 69 -42.11 -66.32 -33.39
CA LYS P 69 -41.98 -66.80 -34.77
C LYS P 69 -40.55 -66.69 -35.26
N LEU P 70 -39.90 -65.54 -35.02
CA LEU P 70 -38.52 -65.35 -35.43
C LEU P 70 -37.58 -66.27 -34.67
N LEU P 71 -37.88 -66.54 -33.40
CA LEU P 71 -37.08 -67.44 -32.58
C LEU P 71 -37.12 -68.85 -33.12
N ARG P 72 -38.34 -69.35 -33.41
CA ARG P 72 -38.47 -70.69 -33.96
C ARG P 72 -37.86 -70.79 -35.35
N PHE P 73 -37.98 -69.74 -36.16
CA PHE P 73 -37.42 -69.80 -37.51
C PHE P 73 -35.90 -69.75 -37.49
N TYR P 74 -35.31 -68.83 -36.73
CA TYR P 74 -33.86 -68.75 -36.68
C TYR P 74 -33.23 -69.84 -35.82
N ILE P 75 -34.00 -70.61 -35.07
CA ILE P 75 -33.46 -71.85 -34.52
C ILE P 75 -33.54 -72.98 -35.53
N LEU P 76 -34.72 -73.18 -36.15
CA LEU P 76 -34.91 -74.31 -37.06
C LEU P 76 -34.13 -74.15 -38.36
N LEU P 77 -33.71 -72.93 -38.71
CA LEU P 77 -33.00 -72.66 -39.97
C LEU P 77 -31.71 -73.45 -40.07
N THR P 78 -31.00 -73.65 -38.95
CA THR P 78 -29.92 -74.62 -38.91
C THR P 78 -30.23 -75.81 -38.03
N GLY P 79 -31.37 -75.81 -37.33
CA GLY P 79 -31.73 -76.99 -36.56
C GLY P 79 -32.13 -78.16 -37.44
N ILE P 80 -33.02 -77.90 -38.40
CA ILE P 80 -33.50 -78.93 -39.32
C ILE P 80 -32.38 -79.44 -40.24
N PRO P 81 -31.47 -78.61 -40.82
CA PRO P 81 -30.33 -79.22 -41.53
C PRO P 81 -29.40 -80.03 -40.65
N VAL P 82 -29.17 -79.63 -39.40
CA VAL P 82 -28.31 -80.42 -38.52
C VAL P 82 -28.98 -81.74 -38.13
N VAL P 83 -30.29 -81.73 -37.89
CA VAL P 83 -31.00 -82.96 -37.54
C VAL P 83 -31.03 -83.91 -38.74
N ILE P 84 -31.30 -83.39 -39.94
CA ILE P 84 -31.27 -84.22 -41.14
C ILE P 84 -29.87 -84.76 -41.40
N GLY P 85 -28.84 -83.92 -41.20
CA GLY P 85 -27.48 -84.37 -41.43
C GLY P 85 -27.01 -85.41 -40.43
N ILE P 86 -27.43 -85.28 -39.17
CA ILE P 86 -27.08 -86.26 -38.16
C ILE P 86 -27.78 -87.58 -38.41
N THR P 87 -29.04 -87.53 -38.85
CA THR P 87 -29.76 -88.75 -39.21
C THR P 87 -29.12 -89.45 -40.40
N LEU P 88 -28.70 -88.66 -41.40
CA LEU P 88 -28.06 -89.24 -42.58
C LEU P 88 -26.68 -89.81 -42.24
N ILE P 89 -25.94 -89.16 -41.34
CA ILE P 89 -24.66 -89.69 -40.90
C ILE P 89 -24.85 -91.01 -40.14
N ASN P 90 -25.81 -91.03 -39.21
CA ASN P 90 -26.02 -92.22 -38.40
C ASN P 90 -26.60 -93.39 -39.19
N VAL P 91 -27.28 -93.12 -40.30
CA VAL P 91 -27.72 -94.22 -41.15
C VAL P 91 -26.61 -94.65 -42.10
N PHE P 92 -26.10 -93.71 -42.90
CA PHE P 92 -25.24 -94.06 -44.02
C PHE P 92 -23.76 -94.18 -43.64
N ILE P 93 -23.22 -93.23 -42.89
CA ILE P 93 -21.80 -93.31 -42.54
C ILE P 93 -21.57 -94.35 -41.46
N GLY P 94 -22.27 -94.23 -40.35
CA GLY P 94 -22.36 -95.38 -39.49
C GLY P 94 -21.54 -95.28 -38.22
N GLU P 95 -22.13 -95.77 -37.13
CA GLU P 95 -21.44 -95.88 -35.85
C GLU P 95 -20.37 -96.96 -35.92
N ALA P 96 -19.16 -96.62 -35.49
CA ALA P 96 -18.02 -97.49 -35.65
C ALA P 96 -18.06 -98.65 -34.65
N GLU P 97 -17.24 -99.66 -34.92
CA GLU P 97 -17.24 -100.91 -34.18
C GLU P 97 -15.96 -101.05 -33.38
N LEU P 98 -16.08 -101.54 -32.15
CA LEU P 98 -14.91 -101.74 -31.30
C LEU P 98 -14.11 -102.94 -31.79
N ALA P 99 -12.86 -102.70 -32.14
CA ALA P 99 -11.96 -103.76 -32.59
C ALA P 99 -10.71 -103.77 -31.73
N GLU P 100 -10.05 -104.93 -31.69
CA GLU P 100 -8.75 -105.01 -31.05
C GLU P 100 -7.70 -104.33 -31.93
N ILE P 101 -6.68 -103.80 -31.28
CA ILE P 101 -5.62 -103.09 -32.02
C ILE P 101 -4.76 -104.11 -32.76
N PRO P 102 -4.52 -103.94 -34.05
CA PRO P 102 -3.65 -104.87 -34.78
C PRO P 102 -2.20 -104.75 -34.31
N GLU P 103 -1.44 -105.81 -34.56
CA GLU P 103 -0.04 -105.84 -34.17
C GLU P 103 0.78 -104.94 -35.09
N GLY P 104 1.54 -104.03 -34.50
CA GLY P 104 2.32 -103.08 -35.25
C GLY P 104 1.57 -101.85 -35.68
N TYR P 105 0.26 -101.79 -35.44
CA TYR P 105 -0.54 -100.64 -35.82
C TYR P 105 -0.71 -99.74 -34.61
N VAL P 106 -0.33 -98.46 -34.76
CA VAL P 106 -0.56 -97.45 -33.75
C VAL P 106 -1.65 -96.52 -34.29
N PRO P 107 -2.85 -96.51 -33.71
CA PRO P 107 -3.96 -95.75 -34.29
C PRO P 107 -3.80 -94.25 -34.11
N GLU P 108 -4.47 -93.52 -34.99
CA GLU P 108 -4.57 -92.08 -34.87
C GLU P 108 -5.39 -91.71 -33.64
N HIS P 109 -5.20 -90.48 -33.17
CA HIS P 109 -5.87 -90.04 -31.94
C HIS P 109 -7.36 -89.88 -32.14
N TRP P 110 -7.80 -89.64 -33.37
CA TRP P 110 -9.21 -89.57 -33.69
C TRP P 110 -9.81 -90.93 -33.99
N GLU P 111 -9.03 -92.00 -33.95
CA GLU P 111 -9.52 -93.34 -34.20
C GLU P 111 -9.88 -94.08 -32.93
N TYR P 112 -9.96 -93.40 -31.80
CA TYR P 112 -10.34 -94.01 -30.55
C TYR P 112 -11.77 -93.68 -30.15
N PHE P 113 -12.56 -93.13 -31.06
CA PHE P 113 -13.89 -92.65 -30.71
C PHE P 113 -14.93 -93.28 -31.64
N LYS P 114 -16.16 -93.33 -31.14
CA LYS P 114 -17.18 -94.20 -31.71
C LYS P 114 -18.01 -93.50 -32.79
N HIS P 115 -18.59 -92.35 -32.47
CA HIS P 115 -19.48 -91.68 -33.40
C HIS P 115 -18.65 -90.97 -34.48
N PRO P 116 -19.16 -90.87 -35.72
CA PRO P 116 -18.40 -90.16 -36.78
C PRO P 116 -18.17 -88.69 -36.50
N ILE P 117 -19.13 -88.00 -35.86
CA ILE P 117 -18.96 -86.58 -35.58
C ILE P 117 -17.93 -86.39 -34.47
N SER P 118 -17.86 -87.32 -33.52
CA SER P 118 -16.82 -87.26 -32.50
C SER P 118 -15.45 -87.50 -33.10
N ARG P 119 -15.35 -88.42 -34.06
CA ARG P 119 -14.09 -88.65 -34.78
C ARG P 119 -13.69 -87.42 -35.59
N TRP P 120 -14.68 -86.73 -36.17
CA TRP P 120 -14.38 -85.53 -36.95
C TRP P 120 -13.93 -84.39 -36.06
N ILE P 121 -14.52 -84.25 -34.88
CA ILE P 121 -14.10 -83.19 -33.96
C ILE P 121 -12.72 -83.49 -33.40
N ALA P 122 -12.43 -84.76 -33.12
CA ALA P 122 -11.07 -85.12 -32.66
C ALA P 122 -10.03 -84.95 -33.77
N ARG P 123 -10.42 -85.15 -35.02
CA ARG P 123 -9.46 -85.06 -36.13
C ARG P 123 -9.21 -83.63 -36.55
N THR P 124 -10.25 -82.82 -36.67
CA THR P 124 -10.10 -81.48 -37.24
C THR P 124 -9.60 -80.49 -36.19
N PHE P 125 -10.38 -80.27 -35.15
CA PHE P 125 -10.15 -79.16 -34.23
C PHE P 125 -9.25 -79.51 -33.06
N PHE P 126 -9.39 -80.70 -32.50
CA PHE P 126 -8.77 -80.99 -31.22
C PHE P 126 -7.35 -81.51 -31.40
N ASP P 127 -6.54 -81.28 -30.37
CA ASP P 127 -5.19 -81.80 -30.32
C ASP P 127 -5.21 -83.24 -29.83
N ALA P 128 -4.15 -83.96 -30.15
CA ALA P 128 -3.99 -85.31 -29.65
C ALA P 128 -3.64 -85.28 -28.16
N PRO P 129 -3.99 -86.32 -27.41
CA PRO P 129 -3.49 -86.42 -26.03
C PRO P 129 -1.98 -86.56 -25.94
N GLU P 130 -1.35 -87.13 -26.97
CA GLU P 130 0.10 -87.16 -27.04
C GLU P 130 0.70 -85.77 -27.08
N LYS P 131 0.09 -84.89 -27.89
CA LYS P 131 0.61 -83.54 -28.06
C LYS P 131 0.49 -82.74 -26.77
N ASN P 132 -0.68 -82.80 -26.13
CA ASN P 132 -0.88 -82.11 -24.85
C ASN P 132 0.02 -82.68 -23.77
N TYR P 133 0.19 -84.02 -23.77
CA TYR P 133 0.98 -84.68 -22.73
C TYR P 133 2.46 -84.30 -22.83
N GLU P 134 3.03 -84.46 -24.02
CA GLU P 134 4.46 -84.19 -24.19
C GLU P 134 4.76 -82.70 -24.18
N ARG P 135 3.81 -81.87 -24.64
CA ARG P 135 3.94 -80.42 -24.51
C ARG P 135 3.90 -79.99 -23.05
N THR P 136 3.06 -80.65 -22.24
CA THR P 136 3.04 -80.40 -20.81
C THR P 136 4.37 -80.78 -20.18
N MET P 137 4.97 -81.89 -20.63
CA MET P 137 6.27 -82.29 -20.08
C MET P 137 7.37 -81.29 -20.45
N ALA P 138 7.29 -80.72 -21.66
CA ALA P 138 8.23 -79.68 -22.04
C ALA P 138 8.06 -78.43 -21.19
N ILE P 139 6.80 -78.03 -20.94
CA ILE P 139 6.50 -76.87 -20.09
C ILE P 139 6.99 -77.10 -18.68
N LEU P 140 6.78 -78.31 -18.14
CA LEU P 140 7.24 -78.62 -16.79
C LEU P 140 8.76 -78.63 -16.69
N GLN P 141 9.44 -79.10 -17.74
CA GLN P 141 10.91 -79.07 -17.73
C GLN P 141 11.43 -77.64 -17.73
N ILE P 142 10.86 -76.78 -18.58
CA ILE P 142 11.31 -75.40 -18.69
C ILE P 142 11.05 -74.63 -17.39
N GLU P 143 9.84 -74.77 -16.84
CA GLU P 143 9.50 -74.03 -15.63
C GLU P 143 10.18 -74.59 -14.40
N SER P 144 10.48 -75.89 -14.37
CA SER P 144 11.23 -76.45 -13.25
C SER P 144 12.69 -75.99 -13.28
N GLU P 145 13.28 -75.95 -14.48
CA GLU P 145 14.63 -75.40 -14.61
C GLU P 145 14.68 -73.94 -14.20
N LYS P 146 13.67 -73.15 -14.60
CA LYS P 146 13.62 -71.75 -14.19
C LYS P 146 13.45 -71.61 -12.68
N ALA P 147 12.68 -72.49 -12.06
CA ALA P 147 12.48 -72.39 -10.62
C ALA P 147 13.75 -72.75 -9.85
N GLU P 148 14.46 -73.78 -10.31
CA GLU P 148 15.74 -74.13 -9.68
C GLU P 148 16.77 -73.03 -9.87
N LEU P 149 16.77 -72.39 -11.05
CA LEU P 149 17.68 -71.28 -11.29
C LEU P 149 17.32 -70.05 -10.46
N ARG P 150 16.04 -69.83 -10.16
CA ARG P 150 15.68 -68.72 -9.28
C ARG P 150 16.12 -68.98 -7.85
N LEU P 151 15.98 -70.23 -7.38
CA LEU P 151 16.44 -70.56 -6.03
C LEU P 151 17.96 -70.45 -5.92
N LYS P 152 18.69 -70.92 -6.94
CA LYS P 152 20.13 -70.73 -6.97
C LYS P 152 20.52 -69.25 -7.08
N GLU P 153 19.70 -68.45 -7.77
CA GLU P 153 19.96 -67.02 -7.89
C GLU P 153 19.87 -66.33 -6.54
N LEU P 154 18.85 -66.68 -5.76
CA LEU P 154 18.73 -66.15 -4.41
C LEU P 154 19.88 -66.60 -3.51
N GLU P 155 20.30 -67.87 -3.64
CA GLU P 155 21.37 -68.36 -2.79
C GLU P 155 22.72 -67.74 -3.16
N VAL P 156 22.97 -67.56 -4.46
CA VAL P 156 24.20 -66.89 -4.92
C VAL P 156 24.23 -65.45 -4.46
N ARG P 157 23.09 -64.74 -4.54
CA ARG P 157 23.07 -63.36 -4.07
C ARG P 157 23.26 -63.26 -2.57
N ARG P 158 22.73 -64.23 -1.82
CA ARG P 158 22.93 -64.23 -0.36
C ARG P 158 24.39 -64.45 -0.02
N LEU P 159 25.05 -65.40 -0.69
CA LEU P 159 26.45 -65.66 -0.42
C LEU P 159 27.36 -64.53 -0.88
N MET P 160 27.00 -63.85 -1.97
CA MET P 160 27.83 -62.76 -2.45
C MET P 160 27.66 -61.48 -1.65
N ARG P 161 26.46 -61.22 -1.11
CA ARG P 161 26.34 -60.09 -0.21
C ARG P 161 26.98 -60.40 1.14
N ALA P 162 26.97 -61.68 1.55
CA ALA P 162 27.57 -62.03 2.83
C ALA P 162 29.09 -61.99 2.76
N LYS P 163 29.69 -62.77 1.86
CA LYS P 163 31.14 -62.92 1.84
C LYS P 163 31.85 -61.85 1.02
N GLY P 164 31.22 -61.36 -0.05
CA GLY P 164 31.80 -60.30 -0.84
C GLY P 164 32.97 -60.69 -1.70
N ASP P 165 33.05 -61.96 -2.12
CA ASP P 165 34.18 -62.46 -2.88
C ASP P 165 33.82 -62.88 -4.30
N GLY P 166 32.71 -62.37 -4.83
CA GLY P 166 32.32 -62.66 -6.19
C GLY P 166 32.40 -61.42 -7.06
N PRO P 167 31.86 -61.51 -8.28
CA PRO P 167 31.81 -60.32 -9.15
C PRO P 167 30.73 -59.32 -8.79
N TRP P 168 29.82 -59.64 -7.90
CA TRP P 168 28.73 -58.74 -7.55
C TRP P 168 29.02 -58.11 -6.20
N PHE P 169 28.38 -56.97 -5.97
CA PHE P 169 28.51 -56.15 -4.75
C PHE P 169 29.95 -55.73 -4.48
N GLN P 170 30.71 -55.49 -5.56
CA GLN P 170 32.09 -55.01 -5.43
C GLN P 170 32.07 -53.49 -5.44
N TYR P 171 31.83 -52.93 -4.26
CA TYR P 171 31.78 -51.49 -4.12
C TYR P 171 33.19 -50.92 -4.24
N PRO P 172 33.33 -49.74 -4.87
CA PRO P 172 34.67 -49.30 -5.26
C PRO P 172 35.52 -48.87 -4.08
N THR P 173 36.75 -49.37 -4.07
CA THR P 173 37.80 -48.87 -3.21
C THR P 173 38.62 -47.84 -3.98
N ILE P 174 39.74 -47.44 -3.41
CA ILE P 174 40.60 -46.45 -4.04
C ILE P 174 41.52 -47.14 -5.04
N ASP P 175 41.63 -46.59 -6.24
CA ASP P 175 42.58 -47.08 -7.22
C ASP P 175 44.01 -46.83 -6.74
N LYS P 176 44.82 -47.88 -6.72
CA LYS P 176 46.20 -47.75 -6.28
C LYS P 176 47.14 -47.25 -7.37
N ALA P 177 46.63 -46.97 -8.56
CA ALA P 177 47.43 -46.34 -9.60
C ALA P 177 47.61 -44.85 -9.37
N LEU P 178 46.87 -44.28 -8.42
CA LEU P 178 46.98 -42.87 -8.09
C LEU P 178 48.17 -42.55 -7.20
N ILE P 179 48.88 -43.56 -6.71
CA ILE P 179 49.91 -43.37 -5.69
C ILE P 179 51.21 -42.93 -6.35
N ASP P 180 51.77 -41.82 -5.87
CA ASP P 180 53.07 -41.35 -6.30
C ASP P 180 54.16 -42.10 -5.54
N HIS P 181 54.93 -42.91 -6.26
CA HIS P 181 56.01 -43.70 -5.66
C HIS P 181 57.37 -43.02 -5.80
N SER P 182 57.39 -41.76 -6.22
CA SER P 182 58.63 -41.03 -6.37
C SER P 182 59.26 -40.73 -5.01
N PRO P 183 60.57 -40.50 -4.97
CA PRO P 183 61.20 -40.06 -3.71
C PRO P 183 60.74 -38.66 -3.34
N LYS P 184 60.19 -38.51 -2.14
CA LYS P 184 59.57 -37.29 -1.71
C LYS P 184 60.61 -36.34 -1.11
N ALA P 185 60.13 -35.30 -0.42
CA ALA P 185 61.04 -34.30 0.15
C ALA P 185 61.77 -34.84 1.36
N THR P 186 61.07 -35.59 2.22
CA THR P 186 61.65 -36.19 3.41
C THR P 186 61.60 -37.70 3.30
N PRO P 187 62.61 -38.42 3.82
CA PRO P 187 62.68 -39.87 3.56
C PRO P 187 61.79 -40.73 4.42
N ASP P 188 61.26 -40.23 5.54
CA ASP P 188 60.46 -41.06 6.45
C ASP P 188 59.01 -41.09 5.99
N ASN P 189 58.76 -41.98 5.02
CA ASN P 189 57.44 -42.13 4.40
C ASN P 189 57.31 -43.46 3.66
N ASP Q 71 -74.30 -69.27 -18.82
CA ASP Q 71 -74.45 -68.52 -17.58
C ASP Q 71 -74.33 -67.02 -17.78
N ALA Q 72 -74.60 -66.27 -16.70
CA ALA Q 72 -74.45 -64.82 -16.58
C ALA Q 72 -75.19 -64.05 -17.66
N PRO Q 73 -76.52 -63.95 -17.61
CA PRO Q 73 -77.24 -63.14 -18.60
C PRO Q 73 -76.99 -61.67 -18.34
N PRO Q 74 -76.86 -60.86 -19.40
CA PRO Q 74 -76.60 -59.44 -19.19
C PRO Q 74 -77.85 -58.70 -18.72
N LEU Q 75 -77.66 -57.86 -17.70
CA LEU Q 75 -78.75 -57.10 -17.10
C LEU Q 75 -79.06 -55.88 -17.93
N THR Q 76 -80.34 -55.53 -18.00
CA THR Q 76 -80.82 -54.35 -18.71
C THR Q 76 -81.38 -53.34 -17.72
N LEU Q 77 -81.44 -52.08 -18.16
CA LEU Q 77 -82.03 -51.02 -17.32
C LEU Q 77 -83.50 -51.28 -17.07
N GLU Q 78 -84.22 -51.77 -18.07
CA GLU Q 78 -85.60 -52.20 -17.87
C GLU Q 78 -85.67 -53.38 -16.91
N GLY Q 79 -84.75 -54.33 -17.04
CA GLY Q 79 -84.76 -55.50 -16.17
C GLY Q 79 -84.39 -55.16 -14.74
N ILE Q 80 -83.38 -54.31 -14.56
CA ILE Q 80 -82.98 -53.89 -13.21
C ILE Q 80 -84.08 -53.05 -12.57
N LYS Q 81 -84.73 -52.17 -13.34
CA LYS Q 81 -85.83 -51.38 -12.83
C LYS Q 81 -87.02 -52.25 -12.42
N ASP Q 82 -87.32 -53.27 -13.23
CA ASP Q 82 -88.39 -54.19 -12.90
C ASP Q 82 -88.07 -55.01 -11.66
N ARG Q 83 -86.80 -55.43 -11.50
CA ARG Q 83 -86.45 -56.22 -10.33
C ARG Q 83 -86.42 -55.38 -9.05
N VAL Q 84 -85.96 -54.13 -9.14
CA VAL Q 84 -85.96 -53.25 -7.97
C VAL Q 84 -87.38 -52.95 -7.54
N LEU Q 85 -88.26 -52.60 -8.49
CA LEU Q 85 -89.65 -52.36 -8.14
C LEU Q 85 -90.36 -53.64 -7.70
N TYR Q 86 -89.90 -54.80 -8.17
CA TYR Q 86 -90.50 -56.05 -7.75
C TYR Q 86 -90.15 -56.38 -6.31
N VAL Q 87 -88.90 -56.11 -5.91
CA VAL Q 87 -88.52 -56.28 -4.51
C VAL Q 87 -89.27 -55.29 -3.64
N LEU Q 88 -89.43 -54.05 -4.12
CA LEU Q 88 -90.13 -53.05 -3.33
C LEU Q 88 -91.65 -53.28 -3.27
N LYS Q 89 -92.21 -54.06 -4.19
CA LYS Q 89 -93.63 -54.42 -4.09
C LYS Q 89 -93.87 -55.62 -3.19
N LEU Q 90 -92.83 -56.40 -2.88
CA LEU Q 90 -92.91 -57.47 -1.90
C LEU Q 90 -92.55 -56.99 -0.50
N TYR Q 91 -92.59 -55.68 -0.28
CA TYR Q 91 -92.24 -55.08 1.00
C TYR Q 91 -93.47 -54.40 1.55
N ASP Q 92 -93.90 -54.81 2.74
CA ASP Q 92 -95.21 -54.45 3.26
C ASP Q 92 -95.31 -53.00 3.71
N LYS Q 93 -94.19 -52.31 3.90
CA LYS Q 93 -94.20 -50.90 4.24
C LYS Q 93 -94.14 -50.00 3.01
N ILE Q 94 -94.32 -50.55 1.81
CA ILE Q 94 -94.49 -49.78 0.59
C ILE Q 94 -95.67 -50.36 -0.17
N ASP Q 95 -96.67 -49.53 -0.41
CA ASP Q 95 -97.82 -49.96 -1.20
C ASP Q 95 -97.50 -49.93 -2.69
N PRO Q 96 -97.95 -50.93 -3.46
CA PRO Q 96 -97.56 -51.01 -4.88
C PRO Q 96 -98.31 -50.04 -5.79
N GLU Q 97 -99.27 -49.28 -5.29
CA GLU Q 97 -100.00 -48.33 -6.12
C GLU Q 97 -99.48 -46.91 -5.98
N LYS Q 98 -98.75 -46.62 -4.91
CA LYS Q 98 -98.13 -45.32 -4.72
C LYS Q 98 -96.68 -45.32 -5.21
N LEU Q 99 -96.08 -46.49 -5.33
CA LEU Q 99 -94.68 -46.62 -5.69
C LEU Q 99 -94.42 -46.26 -7.15
N SER Q 100 -93.35 -45.51 -7.40
CA SER Q 100 -92.93 -45.16 -8.75
C SER Q 100 -91.41 -45.31 -8.83
N VAL Q 101 -90.86 -45.01 -10.00
CA VAL Q 101 -89.42 -45.07 -10.16
C VAL Q 101 -88.71 -43.92 -9.46
N ASN Q 102 -89.44 -42.84 -9.14
CA ASN Q 102 -88.86 -41.66 -8.50
C ASN Q 102 -89.41 -41.43 -7.10
N SER Q 103 -89.99 -42.46 -6.48
CA SER Q 103 -90.63 -42.31 -5.18
C SER Q 103 -89.57 -42.22 -4.10
N HIS Q 104 -89.38 -41.03 -3.53
CA HIS Q 104 -88.40 -40.85 -2.47
C HIS Q 104 -88.85 -41.55 -1.19
N PHE Q 105 -87.92 -42.23 -0.52
CA PHE Q 105 -88.29 -43.11 0.57
C PHE Q 105 -88.67 -42.36 1.83
N MET Q 106 -88.15 -41.15 2.01
CA MET Q 106 -88.46 -40.36 3.19
C MET Q 106 -89.48 -39.26 2.93
N LYS Q 107 -89.64 -38.84 1.68
CA LYS Q 107 -90.59 -37.78 1.32
C LYS Q 107 -91.88 -38.34 0.76
N ASP Q 108 -91.81 -39.19 -0.26
CA ASP Q 108 -93.00 -39.79 -0.83
C ASP Q 108 -93.47 -41.00 -0.03
N LEU Q 109 -92.58 -41.97 0.18
CA LEU Q 109 -92.98 -43.22 0.81
C LEU Q 109 -92.98 -43.14 2.33
N GLY Q 110 -92.31 -42.14 2.91
CA GLY Q 110 -92.35 -41.91 4.34
C GLY Q 110 -91.70 -42.99 5.19
N LEU Q 111 -90.60 -43.56 4.71
CA LEU Q 111 -89.94 -44.65 5.42
C LEU Q 111 -88.85 -44.12 6.33
N ASP Q 112 -88.57 -44.89 7.38
CA ASP Q 112 -87.46 -44.61 8.27
C ASP Q 112 -86.15 -44.94 7.56
N SER Q 113 -85.05 -44.42 8.10
CA SER Q 113 -83.73 -44.72 7.57
C SER Q 113 -83.35 -46.18 7.78
N LEU Q 114 -83.89 -46.79 8.85
CA LEU Q 114 -83.73 -48.24 9.05
C LEU Q 114 -84.36 -49.01 7.91
N ASP Q 115 -85.51 -48.53 7.42
CA ASP Q 115 -86.17 -49.18 6.30
C ASP Q 115 -85.40 -49.00 5.01
N GLN Q 116 -84.69 -47.87 4.86
CA GLN Q 116 -83.82 -47.68 3.70
C GLN Q 116 -82.64 -48.65 3.75
N VAL Q 117 -82.08 -48.87 4.95
CA VAL Q 117 -81.01 -49.86 5.11
C VAL Q 117 -81.50 -51.26 4.79
N GLU Q 118 -82.74 -51.58 5.20
CA GLU Q 118 -83.31 -52.89 4.88
C GLU Q 118 -83.60 -53.04 3.39
N ILE Q 119 -83.97 -51.94 2.71
CA ILE Q 119 -84.15 -51.98 1.27
C ILE Q 119 -82.81 -52.20 0.56
N ILE Q 120 -81.74 -51.57 1.05
CA ILE Q 120 -80.41 -51.79 0.47
C ILE Q 120 -79.96 -53.23 0.69
N MET Q 121 -80.25 -53.79 1.86
CA MET Q 121 -79.92 -55.19 2.10
C MET Q 121 -80.74 -56.14 1.24
N ALA Q 122 -81.99 -55.78 0.95
CA ALA Q 122 -82.78 -56.56 0.01
C ALA Q 122 -82.23 -56.45 -1.41
N MET Q 123 -81.71 -55.29 -1.80
CA MET Q 123 -81.04 -55.15 -3.09
C MET Q 123 -79.81 -56.03 -3.17
N GLU Q 124 -79.04 -56.08 -2.08
CA GLU Q 124 -77.83 -56.90 -2.05
C GLU Q 124 -78.15 -58.38 -2.10
N ASP Q 125 -79.20 -58.81 -1.40
CA ASP Q 125 -79.62 -60.20 -1.47
C ASP Q 125 -80.32 -60.52 -2.77
N GLU Q 126 -80.79 -59.50 -3.51
CA GLU Q 126 -81.39 -59.69 -4.81
C GLU Q 126 -80.35 -59.88 -5.89
N PHE Q 127 -79.37 -58.97 -5.96
CA PHE Q 127 -78.41 -58.97 -7.05
C PHE Q 127 -77.06 -59.58 -6.68
N GLY Q 128 -76.88 -59.99 -5.42
CA GLY Q 128 -75.71 -60.75 -5.05
C GLY Q 128 -74.43 -59.98 -4.90
N PHE Q 129 -74.48 -58.65 -4.82
CA PHE Q 129 -73.27 -57.88 -4.58
C PHE Q 129 -73.57 -56.84 -3.51
N GLU Q 130 -72.51 -56.42 -2.81
CA GLU Q 130 -72.63 -55.52 -1.69
C GLU Q 130 -72.55 -54.07 -2.15
N ILE Q 131 -73.55 -53.27 -1.75
CA ILE Q 131 -73.49 -51.83 -1.87
C ILE Q 131 -72.85 -51.28 -0.58
N PRO Q 132 -71.74 -50.57 -0.66
CA PRO Q 132 -71.11 -50.03 0.55
C PRO Q 132 -71.95 -48.94 1.17
N ASP Q 133 -71.68 -48.68 2.46
CA ASP Q 133 -72.50 -47.76 3.24
C ASP Q 133 -72.32 -46.31 2.81
N ILE Q 134 -71.13 -45.97 2.31
CA ILE Q 134 -70.90 -44.63 1.76
C ILE Q 134 -71.72 -44.42 0.49
N ASP Q 135 -72.04 -45.50 -0.23
CA ASP Q 135 -72.96 -45.40 -1.35
C ASP Q 135 -74.40 -45.69 -0.94
N ALA Q 136 -74.60 -46.50 0.12
CA ALA Q 136 -75.96 -46.85 0.52
C ALA Q 136 -76.67 -45.70 1.21
N GLU Q 137 -75.93 -44.82 1.88
CA GLU Q 137 -76.55 -43.75 2.65
C GLU Q 137 -77.13 -42.65 1.76
N LYS Q 138 -76.82 -42.63 0.47
CA LYS Q 138 -77.29 -41.59 -0.42
C LYS Q 138 -78.33 -42.07 -1.42
N LEU Q 139 -78.61 -43.37 -1.46
CA LEU Q 139 -79.61 -43.94 -2.37
C LEU Q 139 -80.97 -43.76 -1.71
N MET Q 140 -81.68 -42.68 -2.08
CA MET Q 140 -82.95 -42.34 -1.45
C MET Q 140 -84.09 -42.32 -2.45
N CYS Q 141 -83.93 -42.96 -3.60
CA CYS Q 141 -85.01 -43.24 -4.53
C CYS Q 141 -84.63 -44.49 -5.32
N PRO Q 142 -85.62 -45.22 -5.86
CA PRO Q 142 -85.28 -46.41 -6.65
C PRO Q 142 -84.53 -46.10 -7.94
N GLN Q 143 -84.67 -44.88 -8.47
CA GLN Q 143 -83.96 -44.52 -9.70
C GLN Q 143 -82.45 -44.46 -9.47
N GLU Q 144 -82.04 -43.94 -8.30
CA GLU Q 144 -80.62 -43.94 -7.98
C GLU Q 144 -80.09 -45.33 -7.68
N ILE Q 145 -80.94 -46.23 -7.17
CA ILE Q 145 -80.50 -47.60 -6.94
C ILE Q 145 -80.30 -48.33 -8.27
N VAL Q 146 -81.23 -48.12 -9.22
CA VAL Q 146 -81.08 -48.69 -10.55
C VAL Q 146 -79.86 -48.09 -11.26
N ASP Q 147 -79.60 -46.80 -11.04
CA ASP Q 147 -78.41 -46.16 -11.62
C ASP Q 147 -77.12 -46.71 -11.00
N TYR Q 148 -77.15 -47.02 -9.69
CA TYR Q 148 -75.96 -47.57 -9.06
C TYR Q 148 -75.68 -48.98 -9.54
N ILE Q 149 -76.73 -49.79 -9.74
CA ILE Q 149 -76.53 -51.14 -10.27
C ILE Q 149 -76.09 -51.07 -11.72
N ALA Q 150 -76.59 -50.08 -12.48
CA ALA Q 150 -76.14 -49.83 -13.84
C ALA Q 150 -74.67 -49.44 -13.89
N ASP Q 151 -74.21 -48.71 -12.87
CA ASP Q 151 -72.80 -48.37 -12.81
C ASP Q 151 -71.95 -49.58 -12.46
N LYS Q 152 -72.35 -50.34 -11.44
CA LYS Q 152 -71.54 -51.44 -10.94
C LYS Q 152 -71.72 -52.73 -11.72
N LYS Q 153 -72.56 -52.77 -12.75
CA LYS Q 153 -72.67 -53.94 -13.59
C LYS Q 153 -72.49 -53.66 -15.08
N ASP Q 154 -72.34 -52.38 -15.46
CA ASP Q 154 -72.01 -51.93 -16.82
C ASP Q 154 -73.04 -52.41 -17.85
N VAL Q 155 -74.26 -51.89 -17.68
CA VAL Q 155 -75.36 -52.33 -18.52
C VAL Q 155 -75.44 -51.45 -19.76
N TYR Q 156 -76.13 -51.99 -20.77
CA TYR Q 156 -76.22 -51.43 -22.13
C TYR Q 156 -74.82 -51.19 -22.72
N GLU Q 157 -74.15 -52.32 -22.91
CA GLU Q 157 -72.89 -52.38 -23.63
C GLU Q 157 -73.11 -52.09 -25.11
N PRO R 2 50.93 -54.21 20.71
CA PRO R 2 51.86 -54.69 19.67
C PRO R 2 53.29 -54.84 20.17
N GLY R 3 54.24 -54.67 19.26
CA GLY R 3 55.64 -54.88 19.60
C GLY R 3 56.25 -53.68 20.29
N ILE R 4 57.45 -53.90 20.81
CA ILE R 4 58.23 -52.86 21.46
C ILE R 4 59.17 -52.27 20.42
N VAL R 5 59.17 -50.95 20.28
CA VAL R 5 60.05 -50.28 19.33
C VAL R 5 61.49 -50.36 19.82
N GLU R 6 62.39 -50.80 18.93
CA GLU R 6 63.79 -51.03 19.30
C GLU R 6 64.59 -49.78 18.96
N LEU R 7 64.75 -48.92 19.96
CA LEU R 7 65.59 -47.74 19.88
C LEU R 7 67.02 -48.09 20.24
N PRO R 8 68.01 -47.58 19.51
CA PRO R 8 69.40 -47.85 19.86
C PRO R 8 69.79 -47.10 21.11
N SER R 9 70.89 -47.55 21.72
CA SER R 9 71.33 -47.01 22.99
C SER R 9 71.89 -45.59 22.81
N LEU R 10 72.12 -44.93 23.96
CA LEU R 10 72.65 -43.57 23.93
C LEU R 10 74.09 -43.53 23.43
N GLU R 11 74.84 -44.62 23.65
CA GLU R 11 76.23 -44.66 23.18
C GLU R 11 76.31 -44.79 21.66
N ASP R 12 75.31 -45.41 21.04
CA ASP R 12 75.26 -45.46 19.58
C ASP R 12 74.87 -44.11 18.97
N LEU R 13 74.42 -43.17 19.77
CA LEU R 13 74.06 -41.83 19.31
C LEU R 13 75.13 -40.80 19.66
N LYS R 14 76.17 -41.18 20.39
CA LYS R 14 77.26 -40.28 20.72
C LYS R 14 78.26 -40.25 19.57
N VAL R 15 78.56 -39.04 19.09
CA VAL R 15 79.49 -38.84 17.99
C VAL R 15 80.02 -37.43 18.11
N GLN R 16 81.19 -37.18 17.53
CA GLN R 16 81.77 -35.84 17.54
C GLN R 16 80.99 -34.96 16.58
N GLU R 17 80.39 -33.90 17.11
CA GLU R 17 79.45 -33.09 16.36
C GLU R 17 80.17 -32.01 15.54
N VAL R 18 79.48 -31.53 14.51
CA VAL R 18 79.90 -30.34 13.77
C VAL R 18 79.24 -29.16 14.48
N LYS R 19 79.97 -28.58 15.44
CA LYS R 19 79.43 -27.52 16.28
C LYS R 19 79.73 -26.14 15.73
N VAL R 20 79.38 -25.89 14.47
CA VAL R 20 79.55 -24.58 13.87
C VAL R 20 78.19 -24.03 13.47
N SER R 21 78.14 -22.73 13.27
CA SER R 21 76.87 -22.07 13.02
C SER R 21 76.45 -22.23 11.56
N SER R 22 75.23 -21.78 11.27
CA SER R 22 74.63 -21.97 9.96
C SER R 22 75.29 -21.11 8.90
N SER R 23 75.83 -19.96 9.29
CA SER R 23 76.57 -19.14 8.34
C SER R 23 77.95 -19.72 8.03
N VAL R 24 78.55 -20.38 9.02
CA VAL R 24 79.80 -21.10 8.78
C VAL R 24 79.58 -22.25 7.82
N LEU R 25 78.44 -22.93 7.95
CA LEU R 25 78.13 -24.04 7.06
C LEU R 25 77.78 -23.54 5.67
N LYS R 26 76.97 -22.49 5.58
CA LYS R 26 76.53 -21.97 4.29
C LYS R 26 77.67 -21.33 3.53
N ALA R 27 78.64 -20.74 4.24
CA ALA R 27 79.80 -20.17 3.59
C ALA R 27 80.69 -21.24 2.98
N ALA R 28 80.76 -22.40 3.61
CA ALA R 28 81.58 -23.50 3.12
C ALA R 28 80.79 -24.50 2.29
N ALA R 29 79.55 -24.16 1.92
CA ALA R 29 78.59 -25.18 1.49
C ALA R 29 78.93 -25.75 0.12
N HIS R 30 79.37 -24.90 -0.83
CA HIS R 30 79.65 -25.40 -2.17
C HIS R 30 80.91 -26.26 -2.20
N HIS R 31 81.93 -25.86 -1.44
CA HIS R 31 83.11 -26.72 -1.33
C HIS R 31 82.82 -27.96 -0.49
N TYR R 32 81.85 -27.88 0.43
CA TYR R 32 81.44 -29.06 1.19
C TYR R 32 80.72 -30.06 0.30
N GLY R 33 79.87 -29.58 -0.60
CA GLY R 33 79.22 -30.47 -1.55
C GLY R 33 80.17 -31.00 -2.59
N ALA R 34 81.23 -30.24 -2.91
CA ALA R 34 82.22 -30.74 -3.85
C ALA R 34 83.12 -31.79 -3.22
N GLN R 35 83.50 -31.62 -1.95
CA GLN R 35 84.53 -32.46 -1.36
C GLN R 35 83.97 -33.62 -0.54
N CYS R 36 82.83 -33.45 0.11
CA CYS R 36 82.25 -34.48 0.95
C CYS R 36 81.11 -35.21 0.26
N ASP R 37 81.27 -35.47 -1.03
CA ASP R 37 80.18 -36.01 -1.85
C ASP R 37 79.81 -37.42 -1.44
N LYS R 38 80.80 -38.33 -1.46
CA LYS R 38 80.50 -39.77 -1.43
C LYS R 38 79.88 -40.26 -0.11
N PRO R 39 80.38 -39.91 1.09
CA PRO R 39 79.64 -40.36 2.30
C PRO R 39 78.28 -39.71 2.44
N ASN R 40 78.12 -38.47 1.97
CA ASN R 40 76.81 -37.80 2.02
C ASN R 40 75.80 -38.50 1.12
N LYS R 41 76.23 -38.92 -0.07
CA LYS R 41 75.29 -39.57 -0.97
C LYS R 41 75.04 -41.02 -0.59
N GLU R 42 76.04 -41.71 -0.02
CA GLU R 42 75.77 -43.02 0.56
C GLU R 42 74.77 -42.92 1.70
N PHE R 43 74.86 -41.85 2.51
CA PHE R 43 73.93 -41.68 3.61
C PHE R 43 72.53 -41.35 3.14
N MET R 44 72.39 -40.46 2.14
CA MET R 44 71.03 -40.13 1.72
C MET R 44 70.41 -41.25 0.89
N LEU R 45 71.22 -42.06 0.22
CA LEU R 45 70.69 -43.25 -0.43
C LEU R 45 70.26 -44.29 0.60
N CYS R 46 71.04 -44.48 1.67
CA CYS R 46 70.63 -45.37 2.75
C CYS R 46 69.42 -44.82 3.49
N ARG R 47 69.26 -43.50 3.52
CA ARG R 47 68.18 -42.88 4.26
C ARG R 47 66.88 -42.90 3.47
N TRP R 48 66.93 -42.79 2.14
CA TRP R 48 65.72 -43.00 1.34
C TRP R 48 65.42 -44.45 1.01
N GLU R 49 66.41 -45.36 1.06
CA GLU R 49 66.06 -46.75 0.81
C GLU R 49 65.66 -47.49 2.07
N GLU R 50 66.29 -47.21 3.20
CA GLU R 50 65.91 -47.90 4.42
C GLU R 50 64.64 -47.31 5.04
N LYS R 51 64.40 -46.01 4.84
CA LYS R 51 63.25 -45.27 5.37
C LYS R 51 63.15 -45.35 6.88
N ASP R 52 64.29 -45.44 7.54
CA ASP R 52 64.39 -45.68 8.98
C ASP R 52 65.70 -45.06 9.45
N PRO R 53 65.66 -44.08 10.35
CA PRO R 53 66.90 -43.47 10.83
C PRO R 53 67.76 -44.40 11.68
N ARG R 54 67.17 -45.47 12.21
CA ARG R 54 67.93 -46.44 12.98
C ARG R 54 68.80 -47.31 12.11
N ARG R 55 68.48 -47.45 10.83
CA ARG R 55 69.24 -48.24 9.89
C ARG R 55 70.36 -47.45 9.23
N CYS R 56 70.61 -46.22 9.67
CA CYS R 56 71.47 -45.29 8.94
C CYS R 56 72.51 -44.65 9.83
N LEU R 57 72.73 -45.18 11.04
CA LEU R 57 73.57 -44.48 12.00
C LEU R 57 75.05 -44.56 11.66
N GLU R 58 75.49 -45.65 11.02
CA GLU R 58 76.89 -45.75 10.62
C GLU R 58 77.21 -44.78 9.49
N GLU R 59 76.30 -44.65 8.54
CA GLU R 59 76.47 -43.67 7.46
C GLU R 59 76.37 -42.24 8.01
N GLY R 60 75.53 -42.02 9.02
CA GLY R 60 75.47 -40.70 9.64
C GLY R 60 76.75 -40.35 10.38
N LYS R 61 77.37 -41.35 11.02
CA LYS R 61 78.65 -41.11 11.67
C LYS R 61 79.77 -40.89 10.66
N LEU R 62 79.71 -41.55 9.50
CA LEU R 62 80.71 -41.28 8.46
C LEU R 62 80.55 -39.90 7.87
N VAL R 63 79.30 -39.44 7.70
CA VAL R 63 79.03 -38.06 7.31
C VAL R 63 79.58 -37.08 8.34
N ASN R 64 79.30 -37.34 9.62
CA ASN R 64 79.72 -36.46 10.70
C ASN R 64 81.23 -36.46 10.87
N GLN R 65 81.91 -37.52 10.46
CA GLN R 65 83.37 -37.52 10.49
C GLN R 65 83.97 -36.80 9.30
N CYS R 66 83.40 -37.00 8.10
CA CYS R 66 83.97 -36.40 6.90
C CYS R 66 83.75 -34.89 6.86
N ALA R 67 82.65 -34.41 7.45
CA ALA R 67 82.44 -32.97 7.57
C ALA R 67 83.48 -32.34 8.48
N LEU R 68 83.82 -33.02 9.58
CA LEU R 68 84.86 -32.52 10.46
C LEU R 68 86.23 -32.59 9.82
N GLU R 69 86.49 -33.59 8.97
CA GLU R 69 87.74 -33.62 8.24
C GLU R 69 87.82 -32.47 7.24
N PHE R 70 86.69 -32.13 6.62
CA PHE R 70 86.60 -30.97 5.74
C PHE R 70 86.93 -29.67 6.47
N PHE R 71 86.35 -29.48 7.65
CA PHE R 71 86.64 -28.26 8.40
C PHE R 71 88.03 -28.27 9.04
N ARG R 72 88.61 -29.44 9.32
CA ARG R 72 90.01 -29.47 9.75
C ARG R 72 90.94 -29.07 8.61
N GLN R 73 90.67 -29.55 7.40
CA GLN R 73 91.52 -29.19 6.28
C GLN R 73 91.32 -27.74 5.86
N ILE R 74 90.16 -27.15 6.16
CA ILE R 74 90.03 -25.69 6.06
C ILE R 74 90.87 -25.01 7.14
N LYS R 75 90.76 -25.49 8.38
CA LYS R 75 91.35 -24.78 9.52
C LYS R 75 92.87 -24.81 9.50
N ARG R 76 93.46 -25.88 8.96
CA ARG R 76 94.92 -25.96 8.92
C ARG R 76 95.54 -25.01 7.91
N HIS R 77 94.78 -24.56 6.92
CA HIS R 77 95.36 -23.82 5.81
C HIS R 77 94.75 -22.45 5.58
N CYS R 78 93.44 -22.32 5.69
CA CYS R 78 92.73 -21.12 5.25
C CYS R 78 91.70 -20.69 6.28
N ALA R 79 92.12 -20.60 7.55
CA ALA R 79 91.18 -20.25 8.62
C ALA R 79 90.80 -18.77 8.56
N GLU R 80 91.74 -17.89 8.23
CA GLU R 80 91.46 -16.47 8.24
C GLU R 80 90.64 -15.96 7.03
N PRO R 81 90.91 -16.36 5.77
CA PRO R 81 89.98 -15.93 4.71
C PRO R 81 88.59 -16.51 4.85
N PHE R 82 88.49 -17.75 5.33
CA PHE R 82 87.17 -18.33 5.59
C PHE R 82 86.47 -17.63 6.73
N THR R 83 87.22 -17.20 7.76
CA THR R 83 86.61 -16.48 8.87
C THR R 83 86.07 -15.13 8.43
N GLU R 84 86.87 -14.40 7.65
CA GLU R 84 86.42 -13.14 7.09
C GLU R 84 85.25 -13.32 6.14
N TYR R 85 85.16 -14.47 5.47
CA TYR R 85 84.04 -14.70 4.57
C TYR R 85 82.76 -15.07 5.31
N TRP R 86 82.83 -15.99 6.28
CA TRP R 86 81.59 -16.35 6.96
C TRP R 86 81.13 -15.25 7.91
N THR R 87 82.01 -14.33 8.31
CA THR R 87 81.53 -13.18 9.08
C THR R 87 80.63 -12.29 8.24
N CYS R 88 81.02 -12.04 6.98
CA CYS R 88 80.19 -11.23 6.10
C CYS R 88 78.93 -11.96 5.67
N ILE R 89 78.99 -13.29 5.51
CA ILE R 89 77.77 -14.08 5.32
C ILE R 89 76.89 -13.97 6.56
N ASP R 90 77.52 -13.97 7.73
CA ASP R 90 76.84 -14.01 9.01
C ASP R 90 76.18 -12.68 9.35
N TYR R 91 76.62 -11.58 8.74
CA TYR R 91 76.00 -10.28 9.02
C TYR R 91 74.56 -10.23 8.53
N SER R 92 74.29 -10.74 7.33
CA SER R 92 73.00 -10.55 6.71
C SER R 92 71.93 -11.42 7.36
N GLY R 93 70.68 -10.95 7.29
CA GLY R 93 69.57 -11.68 7.85
C GLY R 93 69.12 -12.82 6.97
N LEU R 94 69.12 -12.60 5.66
CA LEU R 94 68.86 -13.65 4.71
C LEU R 94 70.11 -14.44 4.33
N GLN R 95 71.27 -13.99 4.82
CA GLN R 95 72.59 -14.58 4.54
C GLN R 95 72.86 -14.65 3.04
N LEU R 96 72.94 -13.46 2.44
CA LEU R 96 73.10 -13.34 1.00
C LEU R 96 74.48 -13.80 0.57
N PHE R 97 74.52 -14.54 -0.54
CA PHE R 97 75.78 -14.77 -1.24
C PHE R 97 76.17 -13.61 -2.12
N ARG R 98 75.25 -12.70 -2.42
CA ARG R 98 75.54 -11.62 -3.35
C ARG R 98 76.15 -10.40 -2.69
N ARG R 99 76.06 -10.29 -1.37
CA ARG R 99 76.66 -9.18 -0.65
C ARG R 99 78.11 -9.44 -0.28
N CYS R 100 78.68 -10.59 -0.64
CA CYS R 100 79.90 -11.08 -0.04
C CYS R 100 80.87 -11.61 -1.07
N ARG R 101 80.92 -10.99 -2.25
CA ARG R 101 81.62 -11.61 -3.37
C ARG R 101 83.13 -11.46 -3.29
N LYS R 102 83.64 -10.41 -2.64
CA LYS R 102 85.09 -10.28 -2.56
C LYS R 102 85.69 -11.18 -1.49
N GLU R 103 84.99 -11.40 -0.38
CA GLU R 103 85.49 -12.35 0.61
C GLU R 103 85.38 -13.78 0.10
N GLN R 104 84.33 -14.05 -0.68
CA GLN R 104 84.21 -15.31 -1.39
C GLN R 104 85.33 -15.50 -2.39
N ALA R 105 85.72 -14.43 -3.08
CA ALA R 105 86.81 -14.51 -4.04
C ALA R 105 88.13 -14.79 -3.35
N GLN R 106 88.36 -14.17 -2.18
CA GLN R 106 89.59 -14.43 -1.43
C GLN R 106 89.62 -15.85 -0.89
N PHE R 107 88.49 -16.34 -0.37
CA PHE R 107 88.42 -17.71 0.13
C PHE R 107 88.61 -18.72 -0.99
N ASP R 108 87.96 -18.51 -2.13
CA ASP R 108 88.09 -19.46 -3.24
C ASP R 108 89.47 -19.41 -3.86
N LYS R 109 90.12 -18.25 -3.89
CA LYS R 109 91.50 -18.16 -4.34
C LYS R 109 92.43 -18.92 -3.42
N CYS R 110 92.28 -18.72 -2.11
CA CYS R 110 93.16 -19.38 -1.15
C CYS R 110 92.93 -20.88 -1.11
N VAL R 111 91.71 -21.33 -1.38
CA VAL R 111 91.40 -22.75 -1.35
C VAL R 111 91.82 -23.44 -2.65
N LEU R 112 91.64 -22.77 -3.79
CA LEU R 112 92.14 -23.31 -5.05
C LEU R 112 93.66 -23.35 -5.08
N ASP R 113 94.33 -22.42 -4.40
CA ASP R 113 95.78 -22.47 -4.35
C ASP R 113 96.26 -23.54 -3.37
N LYS R 114 95.86 -23.43 -2.10
CA LYS R 114 96.47 -24.25 -1.07
C LYS R 114 95.92 -25.66 -1.01
N LEU R 115 94.69 -25.88 -1.50
CA LEU R 115 94.08 -27.19 -1.43
C LEU R 115 93.59 -27.72 -2.78
N GLY R 116 93.56 -26.89 -3.82
CA GLY R 116 93.15 -27.36 -5.13
C GLY R 116 91.69 -27.67 -5.28
N TRP R 117 90.86 -27.16 -4.39
CA TRP R 117 89.43 -27.46 -4.44
C TRP R 117 88.74 -26.50 -5.39
N VAL R 118 88.01 -27.04 -6.34
CA VAL R 118 87.28 -26.25 -7.33
C VAL R 118 85.89 -25.99 -6.79
N ARG R 119 85.45 -24.74 -6.84
CA ARG R 119 84.08 -24.44 -6.45
C ARG R 119 83.13 -24.93 -7.54
N PRO R 120 82.01 -25.55 -7.17
CA PRO R 120 81.06 -26.02 -8.18
C PRO R 120 80.40 -24.89 -8.95
N ASP R 121 80.06 -25.18 -10.20
CA ASP R 121 79.39 -24.22 -11.06
C ASP R 121 77.90 -24.15 -10.71
N LEU R 122 77.18 -23.33 -11.46
CA LEU R 122 75.74 -23.23 -11.30
C LEU R 122 75.09 -24.47 -11.91
N GLY R 123 74.45 -25.29 -11.08
CA GLY R 123 73.74 -26.46 -11.55
C GLY R 123 74.36 -27.78 -11.19
N GLU R 124 75.57 -27.79 -10.64
CA GLU R 124 76.26 -29.06 -10.46
C GLU R 124 75.81 -29.80 -9.21
N LEU R 125 75.69 -29.10 -8.07
CA LEU R 125 75.33 -29.74 -6.82
C LEU R 125 73.90 -30.25 -6.78
N SER R 126 73.05 -29.84 -7.72
CA SER R 126 71.68 -30.33 -7.80
C SER R 126 71.51 -31.48 -8.78
N LYS R 127 72.61 -32.03 -9.30
CA LYS R 127 72.52 -33.18 -10.18
C LYS R 127 72.15 -34.43 -9.39
N VAL R 128 71.45 -35.34 -10.05
CA VAL R 128 71.18 -36.66 -9.50
C VAL R 128 72.36 -37.56 -9.86
N THR R 129 73.05 -38.05 -8.85
CA THR R 129 74.23 -38.89 -9.05
C THR R 129 73.90 -40.34 -8.80
N LYS R 130 74.81 -41.20 -9.21
CA LYS R 130 74.70 -42.63 -8.94
C LYS R 130 75.72 -43.01 -7.89
N VAL R 131 75.34 -43.93 -7.00
CA VAL R 131 76.16 -44.30 -5.85
C VAL R 131 76.39 -45.80 -5.90
N LYS R 132 77.67 -46.19 -5.94
CA LYS R 132 78.04 -47.60 -5.91
C LYS R 132 78.23 -48.01 -4.45
N THR R 133 77.34 -48.85 -3.95
CA THR R 133 77.36 -49.29 -2.56
C THR R 133 77.76 -50.75 -2.46
N ASP R 134 77.82 -51.21 -1.21
CA ASP R 134 78.05 -52.62 -0.91
C ASP R 134 76.93 -53.25 -0.09
N ARG R 135 76.04 -52.44 0.46
CA ARG R 135 74.89 -52.92 1.21
C ARG R 135 73.82 -53.43 0.25
N PRO R 136 72.94 -54.33 0.70
CA PRO R 136 71.87 -54.81 -0.19
C PRO R 136 70.75 -53.79 -0.34
N LEU R 137 69.88 -54.07 -1.30
CA LEU R 137 68.68 -53.26 -1.50
C LEU R 137 67.60 -53.72 -0.53
N PRO R 138 66.94 -52.80 0.18
CA PRO R 138 65.84 -53.21 1.05
C PRO R 138 64.63 -53.69 0.26
N GLU R 139 64.35 -54.99 0.35
CA GLU R 139 63.30 -55.60 -0.45
C GLU R 139 61.92 -55.36 0.11
N ASN R 140 61.81 -55.01 1.38
CA ASN R 140 60.54 -54.63 2.00
C ASN R 140 60.80 -53.50 2.98
N PRO R 141 60.96 -52.26 2.49
CA PRO R 141 61.28 -51.16 3.41
C PRO R 141 60.07 -50.69 4.18
N TYR R 142 58.88 -50.93 3.63
CA TYR R 142 57.64 -50.52 4.28
C TYR R 142 57.14 -51.54 5.29
N HIS R 143 57.78 -52.71 5.36
CA HIS R 143 57.37 -53.84 6.21
C HIS R 143 55.93 -54.24 5.94
N SER R 144 55.57 -54.29 4.66
CA SER R 144 54.22 -54.64 4.25
C SER R 144 53.99 -56.13 4.45
N ARG R 145 52.78 -56.47 4.88
CA ARG R 145 52.41 -57.88 4.99
C ARG R 145 51.91 -58.37 3.64
N ALA R 146 51.40 -59.61 3.61
CA ALA R 146 50.95 -60.20 2.36
C ALA R 146 49.66 -59.53 1.90
N ARG R 147 49.64 -59.11 0.64
CA ARG R 147 48.46 -58.49 0.07
C ARG R 147 47.35 -59.53 -0.07
N PRO R 148 46.09 -59.12 0.08
CA PRO R 148 44.98 -60.09 -0.04
C PRO R 148 44.85 -60.62 -1.44
N GLU R 149 44.35 -61.85 -1.54
CA GLU R 149 44.11 -62.45 -2.84
C GLU R 149 42.98 -61.73 -3.55
N PRO R 150 43.13 -61.43 -4.84
CA PRO R 150 42.06 -60.75 -5.56
C PRO R 150 40.88 -61.68 -5.82
N ASN R 151 39.76 -61.07 -6.20
CA ASN R 151 38.58 -61.84 -6.55
C ASN R 151 38.82 -62.56 -7.88
N PRO R 152 38.24 -63.75 -8.05
CA PRO R 152 38.45 -64.50 -9.30
C PRO R 152 37.84 -63.80 -10.50
N GLU R 153 38.63 -63.69 -11.56
CA GLU R 153 38.18 -62.98 -12.75
C GLU R 153 37.18 -63.83 -13.52
N VAL R 154 36.61 -63.24 -14.55
CA VAL R 154 35.67 -63.94 -15.41
C VAL R 154 36.43 -64.56 -16.56
N GLU R 155 35.98 -65.74 -16.99
CA GLU R 155 36.54 -66.40 -18.16
C GLU R 155 35.46 -67.26 -18.80
N GLY R 156 35.65 -67.55 -20.07
CA GLY R 156 34.69 -68.33 -20.83
C GLY R 156 33.86 -67.46 -21.75
N ASP R 157 33.18 -68.12 -22.68
CA ASP R 157 32.32 -67.42 -23.61
C ASP R 157 30.96 -67.15 -22.97
N LEU R 158 30.41 -65.98 -23.28
CA LEU R 158 29.16 -65.53 -22.66
C LEU R 158 28.00 -66.23 -23.33
N LYS R 159 27.46 -67.24 -22.66
CA LYS R 159 26.28 -67.95 -23.14
C LYS R 159 25.04 -67.09 -22.95
N PRO R 160 23.98 -67.33 -23.72
CA PRO R 160 22.72 -66.64 -23.47
C PRO R 160 22.11 -67.05 -22.14
N ALA R 161 21.21 -66.20 -21.66
CA ALA R 161 20.51 -66.48 -20.42
C ALA R 161 19.54 -67.64 -20.60
N ARG R 162 19.58 -68.59 -19.66
CA ARG R 162 18.72 -69.77 -19.74
C ARG R 162 17.27 -69.35 -19.54
N HIS R 163 16.49 -69.49 -20.61
CA HIS R 163 15.07 -69.13 -20.68
C HIS R 163 14.84 -67.65 -20.40
N GLY R 164 15.81 -66.81 -20.77
CA GLY R 164 15.64 -65.38 -20.72
C GLY R 164 15.77 -64.76 -19.35
N SER R 165 14.83 -63.88 -19.02
CA SER R 165 14.92 -63.06 -17.82
C SER R 165 14.63 -63.83 -16.55
N ARG R 166 13.79 -64.87 -16.63
CA ARG R 166 13.23 -65.58 -15.48
C ARG R 166 12.56 -64.62 -14.50
N LEU R 167 11.76 -63.70 -15.02
CA LEU R 167 11.05 -62.73 -14.19
C LEU R 167 9.56 -63.07 -14.28
N PHE R 168 9.15 -64.01 -13.43
CA PHE R 168 7.79 -64.44 -13.10
C PHE R 168 6.98 -65.08 -14.22
N PHE R 169 7.02 -64.54 -15.44
CA PHE R 169 6.36 -65.17 -16.58
C PHE R 169 6.93 -64.71 -17.90
N TRP R 170 7.86 -63.76 -17.86
CA TRP R 170 8.39 -63.20 -19.10
C TRP R 170 9.36 -64.20 -19.69
N THR R 171 8.91 -64.89 -20.73
CA THR R 171 9.68 -65.97 -21.34
C THR R 171 10.91 -65.47 -22.10
N MET R 172 10.94 -64.19 -22.46
CA MET R 172 12.16 -63.58 -22.97
C MET R 172 12.60 -62.47 -22.05
N SER S 3 -23.66 -105.73 -28.12
CA SER S 3 -23.86 -106.36 -26.82
C SER S 3 -22.64 -106.15 -25.93
N TRP S 4 -22.72 -106.68 -24.71
CA TRP S 4 -21.65 -106.55 -23.74
C TRP S 4 -21.10 -107.93 -23.42
N ASP S 5 -20.23 -107.98 -22.42
CA ASP S 5 -19.65 -109.25 -21.96
C ASP S 5 -20.37 -109.66 -20.69
N LYS S 6 -20.87 -110.89 -20.67
CA LYS S 6 -21.64 -111.39 -19.54
C LYS S 6 -20.78 -111.76 -18.34
N ASP S 7 -19.46 -111.75 -18.47
CA ASP S 7 -18.60 -112.01 -17.32
C ASP S 7 -18.59 -110.84 -16.36
N VAL S 8 -18.42 -109.63 -16.88
CA VAL S 8 -18.40 -108.45 -16.04
C VAL S 8 -19.83 -108.06 -15.61
N TYR S 9 -20.84 -108.38 -16.42
CA TYR S 9 -22.24 -108.15 -16.06
C TYR S 9 -22.96 -109.50 -16.03
N PRO S 10 -22.97 -110.17 -14.88
CA PRO S 10 -23.55 -111.52 -14.83
C PRO S 10 -25.05 -111.50 -14.64
N GLU S 11 -25.70 -112.52 -15.22
CA GLU S 11 -27.11 -112.75 -15.02
C GLU S 11 -27.33 -114.24 -14.84
N PRO S 12 -28.16 -114.64 -13.88
CA PRO S 12 -28.60 -116.03 -13.79
C PRO S 12 -29.48 -116.40 -14.97
N PRO S 13 -29.63 -117.69 -15.26
CA PRO S 13 -30.51 -118.09 -16.37
C PRO S 13 -31.96 -117.76 -16.10
N ARG S 14 -32.62 -117.21 -17.10
CA ARG S 14 -34.03 -116.89 -16.98
C ARG S 14 -34.86 -118.17 -17.01
N ARG S 15 -35.81 -118.27 -16.09
CA ARG S 15 -36.69 -119.43 -15.99
C ARG S 15 -38.12 -118.91 -16.00
N THR S 16 -38.73 -118.85 -17.19
CA THR S 16 -40.11 -118.40 -17.15
C THR S 16 -41.06 -119.59 -17.21
N PRO S 17 -42.17 -119.55 -16.47
CA PRO S 17 -43.10 -120.69 -16.49
C PRO S 17 -43.95 -120.69 -17.75
N ALA S 18 -44.45 -121.88 -18.07
CA ALA S 18 -45.32 -122.03 -19.23
C ALA S 18 -46.70 -121.42 -18.94
N PRO S 19 -47.34 -120.83 -19.95
CA PRO S 19 -48.69 -120.29 -19.76
C PRO S 19 -49.70 -121.42 -19.58
N SER S 20 -50.35 -121.44 -18.42
CA SER S 20 -51.37 -122.44 -18.08
C SER S 20 -52.70 -121.73 -17.89
N PRO S 21 -53.52 -121.63 -18.93
CA PRO S 21 -54.85 -121.00 -18.77
C PRO S 21 -55.79 -121.92 -18.02
N GLN S 22 -56.41 -121.38 -16.97
CA GLN S 22 -57.42 -122.11 -16.21
C GLN S 22 -58.83 -121.75 -16.64
N THR S 23 -59.08 -120.51 -17.01
CA THR S 23 -60.38 -120.10 -17.50
C THR S 23 -60.45 -120.23 -19.01
N SER S 24 -61.65 -120.05 -19.55
CA SER S 24 -61.86 -120.01 -20.99
C SER S 24 -61.87 -118.60 -21.54
N LEU S 25 -61.76 -117.60 -20.67
CA LEU S 25 -61.76 -116.21 -21.12
C LEU S 25 -60.47 -115.90 -21.87
N PRO S 26 -60.56 -115.35 -23.08
CA PRO S 26 -59.34 -114.97 -23.81
C PRO S 26 -58.70 -113.74 -23.18
N ASN S 27 -57.44 -113.88 -22.77
CA ASN S 27 -56.74 -112.78 -22.15
C ASN S 27 -56.37 -111.71 -23.18
N PRO S 28 -56.42 -110.43 -22.80
CA PRO S 28 -56.10 -109.37 -23.77
C PRO S 28 -54.62 -109.30 -24.12
N ILE S 29 -53.74 -109.86 -23.28
CA ILE S 29 -52.31 -109.67 -23.45
C ILE S 29 -51.78 -110.44 -24.65
N THR S 30 -52.36 -111.61 -24.96
CA THR S 30 -51.90 -112.36 -26.13
C THR S 30 -52.32 -111.67 -27.43
N TYR S 31 -53.54 -111.13 -27.46
CA TYR S 31 -53.99 -110.35 -28.61
C TYR S 31 -53.15 -109.10 -28.78
N LEU S 32 -52.86 -108.40 -27.68
CA LEU S 32 -52.03 -107.19 -27.75
C LEU S 32 -50.59 -107.51 -28.10
N THR S 33 -50.08 -108.69 -27.71
CA THR S 33 -48.71 -109.05 -28.03
C THR S 33 -48.59 -109.43 -29.51
N LYS S 34 -49.57 -110.15 -30.05
CA LYS S 34 -49.58 -110.42 -31.49
C LYS S 34 -49.79 -109.14 -32.30
N ALA S 35 -50.60 -108.22 -31.78
CA ALA S 35 -50.82 -106.95 -32.47
C ALA S 35 -49.55 -106.08 -32.42
N PHE S 36 -48.83 -106.15 -31.30
CA PHE S 36 -47.55 -105.43 -31.19
C PHE S 36 -46.53 -106.01 -32.15
N ASP S 37 -46.45 -107.34 -32.24
CA ASP S 37 -45.51 -107.97 -33.16
C ASP S 37 -45.86 -107.69 -34.62
N LEU S 38 -47.15 -107.59 -34.94
CA LEU S 38 -47.53 -107.34 -36.32
C LEU S 38 -47.43 -105.86 -36.70
N LEU S 39 -47.62 -104.95 -35.75
CA LEU S 39 -47.65 -103.53 -36.10
C LEU S 39 -46.34 -102.82 -35.82
N VAL S 40 -45.58 -103.22 -34.80
CA VAL S 40 -44.46 -102.45 -34.29
C VAL S 40 -43.14 -103.20 -34.45
N ASP S 41 -43.09 -104.44 -33.97
CA ASP S 41 -41.81 -105.15 -33.86
C ASP S 41 -41.27 -105.55 -35.22
N ARG S 42 -42.14 -105.83 -36.19
CA ARG S 42 -41.65 -106.12 -37.54
C ARG S 42 -41.20 -104.87 -38.32
N PRO S 43 -41.94 -103.73 -38.34
CA PRO S 43 -41.37 -102.57 -39.06
C PRO S 43 -40.12 -101.98 -38.42
N VAL S 44 -40.03 -102.00 -37.09
CA VAL S 44 -38.80 -101.58 -36.41
C VAL S 44 -37.63 -102.48 -36.80
N THR S 45 -37.88 -103.79 -36.90
CA THR S 45 -36.83 -104.72 -37.29
C THR S 45 -36.41 -104.51 -38.73
N LEU S 46 -37.36 -104.21 -39.62
CA LEU S 46 -37.01 -104.01 -41.03
C LEU S 46 -36.26 -102.69 -41.23
N VAL S 47 -36.64 -101.65 -40.51
CA VAL S 47 -35.91 -100.38 -40.56
C VAL S 47 -34.50 -100.55 -40.02
N ARG S 48 -34.35 -101.32 -38.93
CA ARG S 48 -33.03 -101.59 -38.39
C ARG S 48 -32.20 -102.46 -39.32
N GLU S 49 -32.83 -103.36 -40.09
CA GLU S 49 -32.07 -104.13 -41.06
C GLU S 49 -31.62 -103.28 -42.24
N PHE S 50 -32.45 -102.31 -42.65
CA PHE S 50 -32.03 -101.39 -43.71
C PHE S 50 -30.86 -100.52 -43.26
N ILE S 51 -30.97 -99.96 -42.05
CA ILE S 51 -29.89 -99.16 -41.48
C ILE S 51 -28.63 -100.00 -41.26
N GLU S 52 -28.80 -101.27 -40.89
CA GLU S 52 -27.65 -102.13 -40.64
C GLU S 52 -26.99 -102.58 -41.93
N ARG S 53 -27.75 -102.69 -43.02
CA ARG S 53 -27.14 -102.86 -44.33
C ARG S 53 -26.33 -101.63 -44.72
N GLN S 54 -26.85 -100.44 -44.41
CA GLN S 54 -26.09 -99.23 -44.69
C GLN S 54 -24.86 -99.11 -43.79
N HIS S 55 -24.90 -99.70 -42.59
CA HIS S 55 -23.70 -99.82 -41.77
C HIS S 55 -22.71 -100.79 -42.40
N ALA S 56 -23.21 -101.91 -42.91
CA ALA S 56 -22.35 -102.98 -43.41
C ALA S 56 -21.71 -102.65 -44.74
N LYS S 57 -22.27 -101.70 -45.50
CA LYS S 57 -21.63 -101.31 -46.76
C LYS S 57 -20.27 -100.62 -46.54
N ASN S 58 -20.10 -99.91 -45.43
CA ASN S 58 -18.82 -99.24 -45.12
C ASN S 58 -18.51 -99.40 -43.63
N LYS S 59 -17.79 -100.47 -43.30
CA LYS S 59 -17.44 -100.80 -41.93
C LYS S 59 -16.02 -100.31 -41.62
N TYR S 60 -15.90 -99.55 -40.53
CA TYR S 60 -14.60 -99.12 -40.03
C TYR S 60 -14.64 -99.19 -38.51
N TYR S 61 -13.47 -99.13 -37.89
CA TYR S 61 -13.34 -99.53 -36.51
C TYR S 61 -12.76 -98.42 -35.64
N TYR S 62 -13.02 -98.52 -34.34
CA TYR S 62 -12.36 -97.70 -33.34
C TYR S 62 -11.76 -98.61 -32.29
N TYR S 63 -10.89 -98.04 -31.46
CA TYR S 63 -10.01 -98.83 -30.62
C TYR S 63 -10.02 -98.30 -29.19
N HIS S 64 -9.77 -99.20 -28.25
CA HIS S 64 -9.64 -98.85 -26.84
C HIS S 64 -8.19 -98.46 -26.57
N ARG S 65 -7.99 -97.26 -26.04
CA ARG S 65 -6.64 -96.73 -25.86
C ARG S 65 -5.96 -97.43 -24.69
N GLU S 66 -4.80 -98.04 -24.96
CA GLU S 66 -4.08 -98.85 -23.97
C GLU S 66 -2.91 -98.03 -23.44
N PHE S 67 -3.06 -97.48 -22.24
CA PHE S 67 -1.97 -96.79 -21.58
C PHE S 67 -1.00 -97.81 -20.99
N ARG S 68 0.25 -97.80 -21.46
CA ARG S 68 1.24 -98.66 -20.86
C ARG S 68 1.61 -98.14 -19.48
N ARG S 69 2.05 -99.04 -18.61
CA ARG S 69 2.27 -98.71 -17.21
C ARG S 69 3.61 -98.02 -17.05
N VAL S 70 3.58 -96.77 -16.58
CA VAL S 70 4.76 -95.94 -16.37
C VAL S 70 5.17 -96.12 -14.90
N PRO S 71 6.37 -95.73 -14.48
CA PRO S 71 6.72 -95.83 -13.06
C PRO S 71 5.86 -94.93 -12.17
N ASP S 72 5.39 -95.52 -11.07
CA ASP S 72 4.50 -94.85 -10.13
C ASP S 72 5.28 -93.92 -9.20
N ILE S 73 4.55 -93.31 -8.25
CA ILE S 73 5.09 -92.22 -7.45
C ILE S 73 6.15 -92.69 -6.45
N THR S 74 6.17 -93.98 -6.10
CA THR S 74 7.11 -94.46 -5.10
C THR S 74 8.52 -94.57 -5.66
N GLU S 75 8.65 -94.73 -6.98
CA GLU S 75 9.95 -94.73 -7.64
C GLU S 75 10.17 -93.47 -8.46
N CYS S 76 9.61 -92.35 -8.00
CA CYS S 76 9.92 -91.03 -8.52
C CYS S 76 10.73 -90.27 -7.49
N HIS S 77 11.75 -89.55 -7.96
CA HIS S 77 12.50 -88.68 -7.07
C HIS S 77 11.63 -87.53 -6.60
N GLU S 78 11.99 -86.98 -5.44
CA GLU S 78 11.23 -85.88 -4.87
C GLU S 78 11.47 -84.62 -5.68
N LYS S 79 10.37 -83.94 -6.04
CA LYS S 79 10.35 -82.71 -6.83
C LYS S 79 10.97 -82.90 -8.22
N ASP S 80 10.83 -84.10 -8.79
CA ASP S 80 11.21 -84.37 -10.17
C ASP S 80 9.92 -84.41 -10.99
N VAL S 81 9.60 -83.28 -11.64
CA VAL S 81 8.28 -83.12 -12.25
C VAL S 81 8.10 -84.02 -13.47
N LEU S 82 9.19 -84.42 -14.13
CA LEU S 82 9.06 -85.22 -15.34
C LEU S 82 8.67 -86.66 -15.03
N CYS S 83 9.07 -87.16 -13.86
CA CYS S 83 8.70 -88.50 -13.45
C CYS S 83 7.38 -88.50 -12.67
N MET S 84 7.23 -87.56 -11.73
CA MET S 84 6.03 -87.54 -10.91
C MET S 84 4.83 -87.01 -11.67
N PHE S 85 5.04 -86.30 -12.78
CA PHE S 85 3.93 -85.99 -13.68
C PHE S 85 3.36 -87.25 -14.31
N GLU S 86 4.24 -88.14 -14.80
CA GLU S 86 3.80 -89.41 -15.38
C GLU S 86 3.13 -90.28 -14.34
N ALA S 87 3.70 -90.29 -13.12
CA ALA S 87 3.10 -91.06 -12.04
C ALA S 87 1.74 -90.51 -11.64
N GLU S 88 1.58 -89.19 -11.65
CA GLU S 88 0.31 -88.58 -11.27
C GLU S 88 -0.76 -88.81 -12.33
N MET S 89 -0.37 -88.76 -13.62
CA MET S 89 -1.35 -89.05 -14.67
C MET S 89 -1.78 -90.52 -14.64
N GLN S 90 -0.82 -91.41 -14.41
CA GLN S 90 -1.12 -92.83 -14.18
C GLN S 90 -2.06 -93.02 -13.01
N TRP S 91 -1.81 -92.29 -11.92
CA TRP S 91 -2.63 -92.42 -10.72
C TRP S 91 -4.03 -91.89 -10.95
N LYS S 92 -4.17 -90.79 -11.68
CA LYS S 92 -5.50 -90.24 -11.97
C LYS S 92 -6.31 -91.16 -12.87
N ARG S 93 -5.65 -91.78 -13.86
CA ARG S 93 -6.38 -92.71 -14.71
C ARG S 93 -6.77 -93.97 -13.93
N ASP S 94 -5.90 -94.46 -13.06
CA ASP S 94 -6.25 -95.59 -12.22
C ASP S 94 -7.36 -95.23 -11.23
N TYR S 95 -7.38 -93.99 -10.74
CA TYR S 95 -8.43 -93.52 -9.86
C TYR S 95 -9.78 -93.48 -10.57
N LYS S 96 -9.80 -92.99 -11.81
CA LYS S 96 -11.06 -92.94 -12.55
C LYS S 96 -11.53 -94.35 -12.94
N VAL S 97 -10.60 -95.26 -13.23
CA VAL S 97 -10.98 -96.64 -13.53
C VAL S 97 -11.49 -97.35 -12.28
N ASP S 98 -10.91 -97.06 -11.10
CA ASP S 98 -11.43 -97.62 -9.86
C ASP S 98 -12.82 -97.09 -9.54
N GLN S 99 -13.06 -95.80 -9.84
CA GLN S 99 -14.41 -95.24 -9.77
C GLN S 99 -15.39 -96.01 -10.64
N GLU S 100 -14.98 -96.34 -11.86
CA GLU S 100 -15.89 -97.07 -12.74
C GLU S 100 -16.04 -98.53 -12.30
N ILE S 101 -15.05 -99.11 -11.63
CA ILE S 101 -15.21 -100.44 -11.03
C ILE S 101 -16.27 -100.43 -9.95
N VAL S 102 -16.22 -99.41 -9.09
CA VAL S 102 -17.25 -99.25 -8.05
C VAL S 102 -18.62 -99.05 -8.67
N ASN S 103 -18.68 -98.31 -9.78
CA ASN S 103 -19.95 -98.13 -10.49
C ASN S 103 -20.48 -99.44 -11.08
N ILE S 104 -19.58 -100.28 -11.62
CA ILE S 104 -19.99 -101.57 -12.17
C ILE S 104 -20.54 -102.47 -11.07
N ILE S 105 -19.91 -102.47 -9.90
CA ILE S 105 -20.40 -103.32 -8.82
C ILE S 105 -21.71 -102.79 -8.24
N GLN S 106 -21.90 -101.46 -8.23
CA GLN S 106 -23.20 -100.89 -7.86
C GLN S 106 -24.30 -101.29 -8.84
N GLU S 107 -23.97 -101.30 -10.13
CA GLU S 107 -24.94 -101.75 -11.14
C GLU S 107 -25.30 -103.21 -10.95
N ARG S 108 -24.30 -104.06 -10.64
CA ARG S 108 -24.56 -105.46 -10.33
C ARG S 108 -25.48 -105.61 -9.13
N LEU S 109 -25.23 -104.82 -8.08
CA LEU S 109 -26.03 -104.94 -6.86
C LEU S 109 -27.46 -104.49 -7.08
N LYS S 110 -27.66 -103.38 -7.78
CA LYS S 110 -29.00 -102.89 -8.06
C LYS S 110 -29.77 -103.82 -9.00
N ALA S 111 -29.07 -104.37 -9.99
CA ALA S 111 -29.70 -105.32 -10.91
C ALA S 111 -30.07 -106.60 -10.20
N CYS S 112 -29.22 -107.07 -9.27
CA CYS S 112 -29.55 -108.24 -8.47
C CYS S 112 -30.77 -107.99 -7.60
N GLN S 113 -30.84 -106.80 -6.98
CA GLN S 113 -31.94 -106.49 -6.08
C GLN S 113 -33.27 -106.46 -6.82
N GLN S 114 -33.33 -105.78 -7.96
CA GLN S 114 -34.57 -105.74 -8.73
C GLN S 114 -34.90 -107.10 -9.34
N ARG S 115 -33.90 -107.81 -9.86
CA ARG S 115 -34.15 -109.08 -10.53
C ARG S 115 -34.60 -110.16 -9.55
N GLU S 116 -34.12 -110.12 -8.31
CA GLU S 116 -34.62 -111.08 -7.33
C GLU S 116 -35.90 -110.61 -6.66
N GLY S 117 -36.20 -109.31 -6.67
CA GLY S 117 -37.53 -108.89 -6.29
C GLY S 117 -37.78 -108.89 -4.80
N GLU S 118 -38.51 -109.88 -4.32
CA GLU S 118 -38.83 -109.96 -2.91
C GLU S 118 -37.80 -110.74 -2.12
N SER S 119 -37.15 -111.73 -2.74
CA SER S 119 -36.10 -112.51 -2.10
C SER S 119 -34.72 -111.94 -2.36
N HIS S 120 -34.64 -110.61 -2.51
CA HIS S 120 -33.36 -109.96 -2.78
C HIS S 120 -32.44 -110.02 -1.58
N ARG S 121 -32.99 -110.11 -0.36
CA ARG S 121 -32.16 -110.19 0.83
C ARG S 121 -31.46 -111.53 0.92
N GLN S 122 -32.11 -112.59 0.46
CA GLN S 122 -31.48 -113.91 0.48
C GLN S 122 -30.59 -114.11 -0.74
N ASN S 123 -31.09 -113.80 -1.93
CA ASN S 123 -30.43 -114.20 -3.16
C ASN S 123 -29.48 -113.14 -3.72
N CYS S 124 -29.01 -112.21 -2.89
CA CYS S 124 -27.98 -111.27 -3.31
C CYS S 124 -26.92 -111.13 -2.21
N ALA S 125 -26.48 -112.26 -1.68
CA ALA S 125 -25.41 -112.22 -0.69
C ALA S 125 -24.05 -112.03 -1.34
N LYS S 126 -23.85 -112.62 -2.53
CA LYS S 126 -22.56 -112.53 -3.20
C LYS S 126 -22.32 -111.13 -3.75
N GLU S 127 -23.35 -110.51 -4.33
CA GLU S 127 -23.22 -109.14 -4.83
C GLU S 127 -23.02 -108.15 -3.70
N LEU S 128 -23.72 -108.35 -2.57
CA LEU S 128 -23.50 -107.50 -1.41
C LEU S 128 -22.11 -107.69 -0.81
N GLN S 129 -21.61 -108.93 -0.85
CA GLN S 129 -20.29 -109.19 -0.29
C GLN S 129 -19.19 -108.59 -1.17
N GLN S 130 -19.31 -108.75 -2.49
CA GLN S 130 -18.36 -108.12 -3.42
C GLN S 130 -18.45 -106.60 -3.34
N PHE S 131 -19.65 -106.06 -3.15
CA PHE S 131 -19.82 -104.63 -2.99
C PHE S 131 -19.17 -104.12 -1.72
N THR S 132 -19.29 -104.86 -0.63
CA THR S 132 -18.65 -104.47 0.62
C THR S 132 -17.13 -104.52 0.49
N GLN S 133 -16.60 -105.53 -0.21
CA GLN S 133 -15.17 -105.62 -0.45
C GLN S 133 -14.64 -104.46 -1.28
N VAL S 134 -15.34 -104.14 -2.38
CA VAL S 134 -14.83 -103.10 -3.27
C VAL S 134 -15.03 -101.72 -2.66
N VAL S 135 -16.04 -101.54 -1.82
CA VAL S 135 -16.24 -100.25 -1.16
C VAL S 135 -15.21 -100.06 -0.04
N LYS S 136 -14.87 -101.15 0.67
CA LYS S 136 -13.82 -101.06 1.67
C LYS S 136 -12.46 -100.77 1.04
N ALA S 137 -12.20 -101.35 -0.14
CA ALA S 137 -10.96 -101.08 -0.85
C ALA S 137 -10.90 -99.65 -1.37
N TYR S 138 -12.00 -99.17 -1.96
CA TYR S 138 -12.05 -97.79 -2.46
C TYR S 138 -11.98 -96.79 -1.31
N GLN S 139 -12.51 -97.14 -0.15
CA GLN S 139 -12.48 -96.23 0.99
C GLN S 139 -11.08 -96.18 1.61
N ASP S 140 -10.44 -97.33 1.78
CA ASP S 140 -9.06 -97.34 2.27
C ASP S 140 -8.09 -96.75 1.27
N ARG S 141 -8.44 -96.72 -0.01
CA ARG S 141 -7.55 -96.18 -1.01
C ARG S 141 -7.74 -94.68 -1.23
N TYR S 142 -8.98 -94.19 -1.33
CA TYR S 142 -9.21 -92.82 -1.79
C TYR S 142 -10.07 -91.94 -0.91
N HIS S 143 -10.65 -92.42 0.18
CA HIS S 143 -11.51 -91.57 0.98
C HIS S 143 -10.66 -90.59 1.79
N ASP S 144 -11.24 -89.42 2.06
CA ASP S 144 -10.67 -88.33 2.86
C ASP S 144 -9.40 -87.74 2.25
N LEU S 145 -9.18 -87.90 0.94
CA LEU S 145 -8.01 -87.28 0.32
C LEU S 145 -8.20 -85.81 0.04
N GLY S 146 -9.44 -85.34 -0.03
CA GLY S 146 -9.72 -83.94 -0.29
C GLY S 146 -9.92 -83.66 -1.77
N ALA S 147 -10.20 -82.40 -2.06
CA ALA S 147 -10.41 -81.98 -3.43
C ALA S 147 -9.12 -81.69 -4.18
N HIS S 148 -8.00 -81.60 -3.47
CA HIS S 148 -6.68 -81.47 -4.07
C HIS S 148 -5.92 -82.78 -4.01
N TYR S 149 -6.63 -83.89 -4.25
CA TYR S 149 -6.05 -85.23 -4.19
C TYR S 149 -4.96 -85.41 -5.25
N SER S 150 -3.98 -86.24 -4.93
CA SER S 150 -2.88 -86.55 -5.83
C SER S 150 -2.30 -87.90 -5.43
N ALA S 151 -1.24 -88.30 -6.13
CA ALA S 151 -0.53 -89.52 -5.76
C ALA S 151 0.23 -89.35 -4.45
N ARG S 152 0.65 -88.13 -4.14
CA ARG S 152 1.36 -87.88 -2.89
C ARG S 152 0.42 -88.00 -1.69
N LYS S 153 -0.80 -87.49 -1.82
CA LYS S 153 -1.76 -87.58 -0.73
C LYS S 153 -2.19 -89.03 -0.51
N CYS S 154 -2.40 -89.78 -1.59
CA CYS S 154 -2.78 -91.18 -1.47
C CYS S 154 -1.63 -92.02 -0.93
N LEU S 155 -0.40 -91.68 -1.29
CA LEU S 155 0.76 -92.37 -0.74
C LEU S 155 0.94 -92.07 0.74
N ALA S 156 0.66 -90.83 1.14
CA ALA S 156 0.74 -90.48 2.57
C ALA S 156 -0.35 -91.18 3.37
N LYS S 157 -1.54 -91.31 2.79
CA LYS S 157 -2.61 -92.06 3.44
C LYS S 157 -2.25 -93.53 3.56
N GLN S 158 -1.62 -94.09 2.53
CA GLN S 158 -1.20 -95.48 2.58
C GLN S 158 -0.11 -95.70 3.61
N LYS S 159 0.84 -94.76 3.74
CA LYS S 159 1.90 -94.90 4.73
C LYS S 159 1.34 -94.75 6.15
N GLN S 160 0.36 -93.89 6.34
CA GLN S 160 -0.28 -93.77 7.65
C GLN S 160 -1.05 -95.04 8.01
N ARG S 161 -1.76 -95.62 7.04
CA ARG S 161 -2.53 -96.84 7.29
C ARG S 161 -1.59 -98.03 7.54
N MET S 162 -0.47 -98.09 6.83
CA MET S 162 0.47 -99.18 7.04
C MET S 162 1.22 -99.02 8.36
N LEU S 163 1.48 -97.79 8.81
CA LEU S 163 2.06 -97.61 10.14
C LEU S 163 1.07 -98.00 11.24
N ALA S 164 -0.22 -97.71 11.02
CA ALA S 164 -1.24 -98.14 11.98
C ALA S 164 -1.35 -99.66 12.02
N GLU S 165 -1.33 -100.32 10.86
CA GLU S 165 -1.38 -101.77 10.81
C GLU S 165 -0.13 -102.39 11.43
N ARG S 166 1.04 -101.78 11.22
CA ARG S 166 2.28 -102.33 11.76
C ARG S 166 2.33 -102.19 13.27
N LYS S 167 1.88 -101.04 13.80
CA LYS S 167 1.86 -100.86 15.25
C LYS S 167 0.82 -101.77 15.90
N ALA S 168 -0.33 -101.98 15.25
CA ALA S 168 -1.33 -102.89 15.77
C ALA S 168 -0.87 -104.34 15.69
N THR S 169 -0.05 -104.69 14.71
CA THR S 169 0.53 -106.03 14.65
C THR S 169 1.61 -106.21 15.73
N LYS S 170 2.43 -105.17 15.93
CA LYS S 170 3.53 -105.24 16.89
C LYS S 170 3.02 -105.32 18.33
N GLU S 171 1.95 -104.59 18.64
CA GLU S 171 1.41 -104.66 19.99
C GLU S 171 0.66 -105.97 20.25
N ALA S 172 0.28 -106.70 19.20
CA ALA S 172 -0.44 -107.96 19.33
C ALA S 172 0.47 -109.17 19.31
N ALA S 173 1.72 -109.02 19.74
CA ALA S 173 2.66 -110.12 19.80
C ALA S 173 3.64 -109.92 20.95
N PRO T 66 13.67 153.82 -20.31
CA PRO T 66 14.98 153.35 -20.78
C PRO T 66 15.10 151.83 -20.71
N PHE T 67 15.57 151.24 -21.81
CA PHE T 67 15.70 149.79 -21.90
C PHE T 67 17.09 149.37 -21.44
N ASP T 68 17.15 148.47 -20.46
CA ASP T 68 18.39 147.88 -20.00
C ASP T 68 18.32 146.38 -20.18
N ASN T 69 19.33 145.80 -20.83
CA ASN T 69 19.44 144.36 -20.97
C ASN T 69 20.82 143.90 -20.49
N THR T 70 21.47 144.69 -19.64
CA THR T 70 22.83 144.44 -19.21
C THR T 70 22.99 144.24 -17.70
N THR T 71 21.94 144.46 -16.92
CA THR T 71 22.00 144.24 -15.49
C THR T 71 21.03 143.13 -15.08
N TYR T 72 21.23 142.63 -13.88
CA TYR T 72 20.47 141.50 -13.36
C TYR T 72 19.48 142.03 -12.34
N LYS T 73 18.20 142.03 -12.70
CA LYS T 73 17.18 142.67 -11.88
C LYS T 73 16.77 141.82 -10.68
N ASN T 74 17.20 140.57 -10.62
CA ASN T 74 16.85 139.69 -9.51
C ASN T 74 17.91 139.82 -8.41
N LEU T 75 17.83 140.92 -7.68
CA LEU T 75 18.72 141.16 -6.55
C LEU T 75 17.98 141.11 -5.23
N GLN T 76 16.71 140.71 -5.24
CA GLN T 76 15.93 140.64 -4.02
C GLN T 76 16.30 139.44 -3.17
N HIS T 77 16.81 138.38 -3.78
CA HIS T 77 17.14 137.18 -3.02
C HIS T 77 18.49 137.28 -2.32
N HIS T 78 19.19 138.41 -2.45
CA HIS T 78 20.34 138.71 -1.62
C HIS T 78 19.93 139.19 -0.23
N ASP T 79 18.64 139.34 0.04
CA ASP T 79 18.14 139.84 1.31
C ASP T 79 17.12 138.89 1.94
N TYR T 80 17.13 137.62 1.56
CA TYR T 80 16.22 136.64 2.12
C TYR T 80 16.86 135.95 3.32
N SER T 81 16.09 135.83 4.39
CA SER T 81 16.55 135.23 5.63
C SER T 81 16.14 133.76 5.67
N THR T 82 16.35 133.13 6.84
CA THR T 82 15.98 131.73 7.01
C THR T 82 14.50 131.53 7.26
N TYR T 83 13.74 132.60 7.49
CA TYR T 83 12.30 132.52 7.69
C TYR T 83 11.52 133.30 6.63
N THR T 84 12.09 133.43 5.42
CA THR T 84 11.43 134.23 4.39
C THR T 84 10.24 133.50 3.80
N PHE T 85 10.44 132.22 3.45
CA PHE T 85 9.39 131.39 2.87
C PHE T 85 8.22 131.22 3.84
N LEU T 86 8.51 131.01 5.11
CA LEU T 86 7.46 130.77 6.09
C LEU T 86 6.72 132.04 6.45
N ASP T 87 7.39 133.19 6.47
CA ASP T 87 6.69 134.45 6.68
C ASP T 87 5.83 134.83 5.48
N LEU T 88 6.28 134.49 4.27
CA LEU T 88 5.44 134.70 3.09
C LEU T 88 4.23 133.77 3.10
N ASN T 89 4.40 132.55 3.58
CA ASN T 89 3.25 131.64 3.72
C ASN T 89 2.28 132.15 4.79
N LEU T 90 2.81 132.68 5.90
CA LEU T 90 1.97 133.27 6.93
C LEU T 90 1.26 134.52 6.43
N ASP T 91 1.88 135.27 5.52
CA ASP T 91 1.20 136.40 4.91
C ASP T 91 0.11 135.94 3.96
N LEU T 92 0.36 134.88 3.19
CA LEU T 92 -0.62 134.36 2.25
C LEU T 92 -1.71 133.53 2.91
N SER T 93 -1.62 133.25 4.21
CA SER T 93 -2.63 132.46 4.91
C SER T 93 -4.01 133.11 4.92
N LYS T 94 -4.13 134.40 4.66
CA LYS T 94 -5.43 135.08 4.70
C LYS T 94 -6.09 135.23 3.34
N PHE T 95 -5.33 135.12 2.24
CA PHE T 95 -5.88 135.34 0.91
C PHE T 95 -6.57 134.11 0.32
N ARG T 96 -6.58 133.00 1.04
CA ARG T 96 -6.91 131.71 0.45
C ARG T 96 -8.34 131.30 0.74
N MET T 97 -8.80 130.31 -0.03
CA MET T 97 -10.13 129.74 0.10
C MET T 97 -10.15 128.71 1.23
N PRO T 98 -11.32 128.49 1.86
CA PRO T 98 -11.38 127.53 2.96
C PRO T 98 -11.20 126.11 2.47
N GLN T 99 -10.34 125.35 3.17
CA GLN T 99 -9.95 124.03 2.72
C GLN T 99 -11.12 123.05 2.77
N PRO T 100 -11.15 122.07 1.87
CA PRO T 100 -12.19 121.05 1.94
C PRO T 100 -11.94 120.09 3.09
N SER T 101 -12.99 119.37 3.47
CA SER T 101 -12.93 118.44 4.58
C SER T 101 -13.30 117.05 4.09
N SER T 102 -12.58 116.06 4.59
CA SER T 102 -12.90 114.66 4.32
C SER T 102 -13.97 114.12 5.26
N GLY T 103 -14.57 114.96 6.10
CA GLY T 103 -15.57 114.53 7.04
C GLY T 103 -15.04 114.01 8.36
N ARG T 104 -13.73 113.85 8.49
CA ARG T 104 -13.11 113.31 9.68
C ARG T 104 -11.84 114.10 9.98
N GLU T 105 -11.23 113.81 11.13
CA GLU T 105 -10.07 114.57 11.58
C GLU T 105 -8.76 113.98 11.08
N SER T 106 -8.68 112.67 10.96
CA SER T 106 -7.52 111.96 10.42
C SER T 106 -7.98 110.58 9.98
N PRO T 107 -7.22 109.88 9.15
CA PRO T 107 -7.59 108.49 8.83
C PRO T 107 -7.39 107.51 9.97
N ARG T 108 -6.90 107.94 11.14
CA ARG T 108 -6.95 107.14 12.35
C ARG T 108 -8.11 107.54 13.25
N HIS T 109 -9.01 108.39 12.78
CA HIS T 109 -10.25 108.71 13.49
C HIS T 109 -11.41 107.89 12.95
N GLY U 29 35.81 73.86 31.25
CA GLY U 29 35.97 73.56 32.66
C GLY U 29 34.87 72.69 33.23
N VAL U 30 35.14 71.40 33.32
CA VAL U 30 34.16 70.45 33.84
C VAL U 30 34.08 70.56 35.36
N ARG U 31 32.86 70.60 35.88
CA ARG U 31 32.62 70.65 37.32
C ARG U 31 31.97 69.35 37.76
N THR U 32 31.71 69.25 39.06
CA THR U 32 31.30 67.99 39.67
C THR U 32 30.06 68.23 40.51
N SER U 33 29.09 67.32 40.38
CA SER U 33 27.88 67.35 41.18
C SER U 33 28.20 67.01 42.65
N PRO U 34 27.28 67.31 43.56
CA PRO U 34 27.44 66.79 44.94
C PRO U 34 27.40 65.28 45.06
N THR U 35 26.90 64.56 44.06
CA THR U 35 26.96 63.10 44.04
C THR U 35 28.32 62.58 43.63
N GLY U 36 29.20 63.44 43.10
CA GLY U 36 30.49 63.02 42.61
C GLY U 36 30.57 62.84 41.10
N GLU U 37 29.47 63.09 40.40
CA GLU U 37 29.40 62.86 38.96
C GLU U 37 29.71 64.15 38.22
N LYS U 38 30.46 64.03 37.12
CA LYS U 38 30.83 65.21 36.34
C LYS U 38 29.65 65.71 35.52
N VAL U 39 29.60 67.03 35.35
CA VAL U 39 28.56 67.69 34.58
C VAL U 39 29.11 67.97 33.19
N THR U 40 28.34 67.63 32.16
CA THR U 40 28.76 67.84 30.78
C THR U 40 28.62 69.31 30.40
N HIS U 41 29.03 69.65 29.17
CA HIS U 41 28.92 71.02 28.72
C HIS U 41 27.50 71.44 28.39
N THR U 42 26.57 70.48 28.32
CA THR U 42 25.16 70.82 28.25
C THR U 42 24.67 71.35 29.59
N GLY U 43 25.14 70.75 30.68
CA GLY U 43 24.56 70.95 31.99
C GLY U 43 23.92 69.70 32.54
N GLN U 44 23.98 68.61 31.79
CA GLN U 44 23.32 67.37 32.20
C GLN U 44 24.09 66.69 33.30
N VAL U 45 23.39 66.37 34.39
CA VAL U 45 23.90 65.46 35.41
C VAL U 45 22.70 64.73 35.98
N TYR U 46 22.90 63.47 36.33
CA TYR U 46 21.81 62.73 36.94
C TYR U 46 21.61 63.18 38.39
N ASP U 47 20.40 62.94 38.88
CA ASP U 47 20.09 63.23 40.28
C ASP U 47 20.75 62.18 41.18
N ASP U 48 20.70 62.46 42.49
CA ASP U 48 21.17 61.47 43.45
C ASP U 48 20.26 60.26 43.50
N GLU U 49 18.96 60.49 43.42
CA GLU U 49 17.96 59.43 43.50
C GLU U 49 17.62 58.83 42.15
N ASP U 50 18.19 59.34 41.06
CA ASP U 50 17.93 58.78 39.74
C ASP U 50 18.69 57.46 39.62
N TYR U 51 17.95 56.40 39.28
CA TYR U 51 18.52 55.06 39.27
C TYR U 51 19.51 54.85 38.13
N ARG U 52 19.46 55.68 37.10
CA ARG U 52 20.26 55.51 35.91
C ARG U 52 21.71 55.84 36.11
N ARG U 53 22.20 56.14 37.31
CA ARG U 53 23.62 56.19 37.57
C ARG U 53 24.25 54.82 37.71
N VAL U 54 23.44 53.75 37.72
CA VAL U 54 23.96 52.41 37.86
C VAL U 54 24.64 51.93 36.58
N ARG U 55 24.42 52.63 35.46
CA ARG U 55 25.15 52.30 34.24
C ARG U 55 26.61 52.71 34.31
N PHE U 56 26.97 53.62 35.22
CA PHE U 56 28.36 54.02 35.38
C PHE U 56 29.01 53.32 36.57
N VAL U 57 28.29 52.43 37.23
CA VAL U 57 28.84 51.68 38.35
C VAL U 57 29.83 50.64 37.82
N GLY U 58 31.07 50.71 38.28
CA GLY U 58 32.13 49.87 37.77
C GLY U 58 32.68 50.30 36.43
N ARG U 59 32.17 51.40 35.87
CA ARG U 59 32.56 51.91 34.57
C ARG U 59 32.75 53.41 34.74
N GLN U 60 32.83 54.14 33.64
CA GLN U 60 33.06 55.58 33.72
C GLN U 60 32.03 56.32 32.88
N LYS U 61 31.83 57.59 33.22
CA LYS U 61 30.99 58.51 32.45
C LYS U 61 31.88 59.31 31.54
N GLU U 62 31.82 59.03 30.24
CA GLU U 62 32.69 59.69 29.28
C GLU U 62 32.15 61.08 29.00
N VAL U 63 32.77 62.08 29.62
CA VAL U 63 32.52 63.48 29.31
C VAL U 63 33.71 64.00 28.53
N ASN U 64 33.49 65.07 27.78
CA ASN U 64 34.59 65.76 27.13
C ASN U 64 34.96 66.96 27.99
N GLU U 65 36.26 67.21 28.12
CA GLU U 65 36.76 68.21 29.04
C GLU U 65 37.18 69.50 28.36
N ASN U 66 36.96 69.61 27.05
CA ASN U 66 37.24 70.83 26.30
C ASN U 66 35.91 71.49 26.00
N PHE U 67 35.44 72.35 26.90
CA PHE U 67 34.16 73.00 26.72
C PHE U 67 34.31 74.12 25.70
N ALA U 68 33.46 74.11 24.67
CA ALA U 68 33.58 75.09 23.60
C ALA U 68 33.20 76.49 24.07
N ILE U 69 32.31 76.59 25.06
CA ILE U 69 31.91 77.89 25.59
C ILE U 69 33.05 78.50 26.40
N ASP U 70 33.91 77.67 26.98
CA ASP U 70 35.05 78.17 27.72
C ASP U 70 36.26 78.42 26.83
N LEU U 71 36.26 77.91 25.60
CA LEU U 71 37.39 78.06 24.69
C LEU U 71 37.18 79.12 23.64
N ILE U 72 35.93 79.41 23.25
CA ILE U 72 35.72 80.54 22.34
C ILE U 72 35.76 81.86 23.11
N ALA U 73 35.58 81.83 24.42
CA ALA U 73 35.75 83.01 25.25
C ALA U 73 37.22 83.33 25.51
N GLU U 74 38.13 82.43 25.14
CA GLU U 74 39.55 82.70 25.27
C GLU U 74 40.11 83.46 24.08
N GLN U 75 39.39 83.48 22.97
CA GLN U 75 39.85 84.18 21.77
C GLN U 75 39.69 85.69 21.96
N PRO U 76 40.64 86.48 21.48
CA PRO U 76 40.51 87.94 21.58
C PRO U 76 39.54 88.49 20.55
N VAL U 77 38.96 89.63 20.88
CA VAL U 77 38.09 90.34 19.96
C VAL U 77 38.95 91.06 18.94
N SER U 78 38.67 90.82 17.66
CA SER U 78 39.49 91.38 16.58
C SER U 78 39.12 92.84 16.36
N GLN U 79 40.11 93.71 16.41
CA GLN U 79 39.93 95.14 16.16
C GLN U 79 40.12 95.40 14.67
N VAL U 80 39.04 95.73 13.98
CA VAL U 80 39.09 95.96 12.54
C VAL U 80 38.67 97.38 12.23
N GLY U 81 39.16 97.89 11.10
CA GLY U 81 38.94 99.28 10.73
C GLY U 81 37.89 99.44 9.66
N SER U 82 36.98 98.49 9.57
CA SER U 82 35.86 98.55 8.64
C SER U 82 34.56 98.71 9.40
N ARG U 83 33.49 98.91 8.65
CA ARG U 83 32.15 98.98 9.21
C ARG U 83 31.42 97.65 9.14
N VAL U 84 31.67 96.87 8.10
CA VAL U 84 31.14 95.51 7.93
C VAL U 84 32.31 94.59 7.66
N ILE U 85 32.47 93.57 8.51
CA ILE U 85 33.52 92.58 8.34
C ILE U 85 32.89 91.29 7.85
N SER U 86 33.67 90.48 7.14
CA SER U 86 33.26 89.16 6.72
C SER U 86 34.03 88.12 7.50
N CYS U 87 33.40 86.96 7.70
CA CYS U 87 34.03 85.87 8.42
C CYS U 87 33.68 84.56 7.75
N ASP U 88 34.69 83.76 7.44
CA ASP U 88 34.50 82.41 6.96
C ASP U 88 35.05 81.36 7.91
N GLY U 89 35.58 81.77 9.06
CA GLY U 89 36.14 80.84 10.02
C GLY U 89 37.59 80.47 9.77
N GLY U 90 38.14 80.80 8.61
CA GLY U 90 39.48 80.41 8.26
C GLY U 90 39.50 79.15 7.39
N GLY U 91 40.57 79.04 6.61
CA GLY U 91 40.74 77.90 5.73
C GLY U 91 39.99 77.99 4.42
N GLY U 92 39.25 79.07 4.17
CA GLY U 92 38.51 79.21 2.95
C GLY U 92 37.31 78.29 2.89
N ALA U 93 37.37 77.29 2.01
CA ALA U 93 36.32 76.30 1.90
C ALA U 93 36.39 75.25 3.00
N LEU U 94 37.39 75.30 3.87
CA LEU U 94 37.46 74.43 5.02
C LEU U 94 36.74 74.99 6.24
N GLY U 95 36.21 76.20 6.14
CA GLY U 95 35.50 76.82 7.24
C GLY U 95 34.00 76.72 7.12
N HIS U 96 33.30 77.81 7.40
CA HIS U 96 31.84 77.85 7.37
C HIS U 96 31.42 78.73 6.21
N PRO U 97 30.13 78.84 5.87
CA PRO U 97 29.73 79.83 4.85
C PRO U 97 30.07 81.25 5.26
N ARG U 98 30.55 82.02 4.29
CA ARG U 98 31.06 83.36 4.55
C ARG U 98 29.89 84.30 4.82
N VAL U 99 29.84 84.82 6.04
CA VAL U 99 28.78 85.73 6.44
C VAL U 99 29.39 87.10 6.69
N TYR U 100 28.54 88.12 6.64
CA TYR U 100 28.93 89.50 6.76
C TYR U 100 28.33 90.07 8.03
N ILE U 101 29.18 90.60 8.90
CA ILE U 101 28.80 91.00 10.25
C ILE U 101 28.80 92.52 10.31
N ASN U 102 27.73 93.09 10.86
CA ASN U 102 27.68 94.54 11.06
C ASN U 102 28.27 94.87 12.42
N LEU U 103 28.95 96.02 12.48
CA LEU U 103 29.72 96.40 13.65
C LEU U 103 29.34 97.80 14.12
N ASP U 104 28.09 98.20 13.90
CA ASP U 104 27.67 99.55 14.22
C ASP U 104 27.34 99.76 15.69
N LYS U 105 27.00 98.69 16.42
CA LYS U 105 26.83 98.80 17.85
C LYS U 105 28.19 98.95 18.51
N GLU U 106 28.39 100.06 19.22
CA GLU U 106 29.61 100.27 19.96
C GLU U 106 29.56 99.68 21.36
N THR U 107 28.37 99.31 21.82
CA THR U 107 28.24 98.64 23.10
C THR U 107 28.65 97.18 22.99
N LYS U 108 28.26 96.51 21.91
CA LYS U 108 28.36 95.07 21.78
C LYS U 108 29.30 94.70 20.64
N THR U 109 30.10 93.66 20.85
CA THR U 109 30.92 93.13 19.76
C THR U 109 30.06 92.35 18.78
N GLY U 110 30.48 92.35 17.53
CA GLY U 110 29.77 91.60 16.51
C GLY U 110 30.22 90.16 16.41
N THR U 111 29.40 89.25 16.93
CA THR U 111 29.77 87.84 17.00
C THR U 111 29.31 87.12 15.73
N CYS U 112 30.19 86.27 15.20
CA CYS U 112 29.81 85.40 14.10
C CYS U 112 28.87 84.31 14.58
N GLY U 113 27.83 84.04 13.80
CA GLY U 113 26.84 83.05 14.18
C GLY U 113 27.28 81.61 14.00
N TYR U 114 28.37 81.37 13.29
CA TYR U 114 28.89 80.04 13.06
C TYR U 114 30.06 79.69 13.96
N CYS U 115 31.12 80.49 13.91
CA CYS U 115 32.38 80.18 14.58
C CYS U 115 32.49 80.78 15.96
N GLY U 116 31.65 81.75 16.29
CA GLY U 116 31.72 82.40 17.58
C GLY U 116 32.79 83.44 17.72
N LEU U 117 33.60 83.68 16.69
CA LEU U 117 34.59 84.74 16.74
C LEU U 117 33.89 86.09 16.63
N GLN U 118 34.28 87.02 17.49
CA GLN U 118 33.58 88.28 17.61
C GLN U 118 34.52 89.44 17.31
N PHE U 119 33.93 90.52 16.79
CA PHE U 119 34.67 91.61 16.18
C PHE U 119 34.20 92.92 16.77
N ARG U 120 35.12 93.87 16.88
CA ARG U 120 34.80 95.22 17.29
C ARG U 120 35.39 96.20 16.29
N GLN U 121 34.59 97.16 15.86
CA GLN U 121 35.11 98.28 15.09
C GLN U 121 35.96 99.15 16.01
N GLN U 122 37.21 99.42 15.60
CA GLN U 122 38.19 100.03 16.48
C GLN U 122 37.89 101.48 16.81
N HIS U 123 37.06 102.16 16.02
CA HIS U 123 36.70 103.53 16.30
C HIS U 123 35.31 103.61 16.93
N THR V 45 -24.25 34.59 -16.79
CA THR V 45 -24.27 35.09 -15.43
C THR V 45 -22.92 35.71 -15.06
N GLN V 46 -22.01 34.87 -14.55
CA GLN V 46 -20.59 35.13 -14.22
C GLN V 46 -20.37 36.40 -13.37
N LEU V 47 -21.39 36.87 -12.66
CA LEU V 47 -21.27 37.95 -11.70
C LEU V 47 -22.25 37.69 -10.58
N ILE V 48 -21.82 37.87 -9.34
CA ILE V 48 -22.69 37.67 -8.20
C ILE V 48 -23.05 39.02 -7.62
N THR V 49 -24.21 39.07 -6.98
CA THR V 49 -24.75 40.30 -6.41
C THR V 49 -24.57 40.23 -4.90
N VAL V 50 -23.59 40.97 -4.39
CA VAL V 50 -23.34 41.05 -2.96
C VAL V 50 -23.93 42.37 -2.48
N ASP V 51 -25.03 42.29 -1.73
CA ASP V 51 -25.70 43.46 -1.19
C ASP V 51 -25.30 43.72 0.26
N GLU V 52 -24.12 43.25 0.66
CA GLU V 52 -23.61 43.53 1.99
C GLU V 52 -22.72 44.76 1.97
N LYS V 53 -22.31 45.19 3.16
CA LYS V 53 -21.40 46.31 3.30
C LYS V 53 -19.97 45.84 3.12
N LEU V 54 -19.19 46.62 2.36
CA LEU V 54 -17.82 46.26 2.02
C LEU V 54 -16.93 46.36 3.25
N ASP V 55 -16.50 45.23 3.79
CA ASP V 55 -15.70 45.19 5.01
C ASP V 55 -14.59 44.17 4.83
N ILE V 56 -13.34 44.61 4.93
CA ILE V 56 -12.18 43.77 4.68
C ILE V 56 -11.29 43.66 5.92
N THR V 57 -11.86 43.88 7.11
CA THR V 57 -11.07 43.95 8.34
C THR V 57 -10.41 42.63 8.70
N THR V 58 -11.04 41.51 8.33
CA THR V 58 -10.49 40.20 8.63
C THR V 58 -9.40 39.78 7.65
N LEU V 59 -9.19 40.55 6.58
CA LEU V 59 -8.20 40.19 5.57
C LEU V 59 -6.89 40.94 5.74
N THR V 60 -6.92 42.14 6.30
CA THR V 60 -5.75 42.99 6.36
C THR V 60 -4.77 42.60 7.46
N GLY V 61 -5.14 41.67 8.33
CA GLY V 61 -4.23 41.19 9.35
C GLY V 61 -3.91 42.18 10.45
N VAL V 62 -4.65 43.28 10.55
CA VAL V 62 -4.46 44.27 11.59
C VAL V 62 -5.11 43.70 12.85
N PRO V 63 -4.47 43.80 14.01
CA PRO V 63 -5.09 43.31 15.24
C PRO V 63 -6.32 44.13 15.62
N GLU V 64 -7.15 43.51 16.50
CA GLU V 64 -8.41 44.10 16.92
C GLU V 64 -8.21 45.40 17.68
N GLU V 65 -7.10 45.49 18.43
CA GLU V 65 -6.77 46.70 19.17
C GLU V 65 -6.56 47.89 18.24
N HIS V 66 -5.88 47.67 17.12
CA HIS V 66 -5.58 48.75 16.20
C HIS V 66 -6.62 48.90 15.10
N ILE V 67 -7.78 48.29 15.27
CA ILE V 67 -8.95 48.56 14.45
C ILE V 67 -10.05 49.23 15.26
N LYS V 68 -10.39 48.65 16.40
CA LYS V 68 -11.59 49.09 17.12
C LYS V 68 -11.32 50.11 18.21
N THR V 69 -10.09 50.57 18.38
CA THR V 69 -9.80 51.65 19.32
C THR V 69 -9.11 52.83 18.68
N ARG V 70 -8.92 52.85 17.37
CA ARG V 70 -8.22 53.94 16.70
C ARG V 70 -9.22 54.88 16.05
N LYS V 71 -8.97 56.18 16.21
CA LYS V 71 -9.79 57.21 15.60
C LYS V 71 -9.01 57.80 14.44
N ALA V 72 -9.37 57.40 13.24
CA ALA V 72 -8.81 58.04 12.05
C ALA V 72 -9.34 59.46 11.94
N ARG V 73 -8.55 60.33 11.33
CA ARG V 73 -8.93 61.73 11.17
C ARG V 73 -8.81 62.06 9.69
N ILE V 74 -9.95 62.28 9.04
CA ILE V 74 -10.00 62.64 7.63
C ILE V 74 -10.07 64.16 7.53
N PHE V 75 -9.08 64.77 6.91
CA PHE V 75 -8.96 66.22 6.94
C PHE V 75 -8.07 66.68 5.81
N VAL V 76 -8.31 67.89 5.36
CA VAL V 76 -7.31 68.61 4.55
C VAL V 76 -6.35 69.31 5.49
N PRO V 77 -5.04 69.11 5.36
CA PRO V 77 -4.11 69.66 6.34
C PRO V 77 -3.97 71.16 6.20
N ALA V 78 -3.85 71.82 7.35
CA ALA V 78 -3.82 73.26 7.40
C ALA V 78 -2.53 73.79 6.80
N ARG V 79 -2.61 74.99 6.24
CA ARG V 79 -1.43 75.64 5.68
C ARG V 79 -0.50 76.05 6.81
N ASN V 80 0.78 75.70 6.65
CA ASN V 80 1.82 76.23 7.51
C ASN V 80 1.85 77.74 7.37
N ASN V 81 1.54 78.45 8.46
CA ASN V 81 1.52 79.91 8.40
C ASN V 81 2.91 80.53 8.35
N MET V 82 3.95 79.73 8.48
CA MET V 82 5.30 80.18 8.15
C MET V 82 5.45 80.53 6.67
N GLN V 83 4.64 79.91 5.81
CA GLN V 83 4.77 80.01 4.37
C GLN V 83 3.45 80.41 3.74
N SER V 84 3.52 80.90 2.52
CA SER V 84 2.34 81.32 1.78
C SER V 84 1.92 80.30 0.73
N GLY V 85 2.68 79.22 0.57
CA GLY V 85 2.36 78.23 -0.44
C GLY V 85 1.19 77.34 -0.03
N VAL V 86 0.38 76.95 -1.00
CA VAL V 86 -0.84 76.21 -0.73
C VAL V 86 -0.86 74.86 -1.44
N ASN V 87 0.30 74.33 -1.84
CA ASN V 87 0.30 73.02 -2.49
C ASN V 87 0.14 71.89 -1.49
N ASN V 88 0.44 72.13 -0.21
CA ASN V 88 0.22 71.12 0.82
C ASN V 88 -1.21 71.12 1.35
N THR V 89 -2.08 71.95 0.80
CA THR V 89 -3.49 71.99 1.20
C THR V 89 -4.40 71.51 0.08
N LYS V 90 -3.89 70.73 -0.86
CA LYS V 90 -4.66 70.31 -2.01
C LYS V 90 -5.39 68.99 -1.76
N LYS V 91 -4.73 68.04 -1.12
CA LYS V 91 -5.25 66.69 -0.99
C LYS V 91 -5.66 66.40 0.45
N TRP V 92 -6.52 65.41 0.59
CA TRP V 92 -7.03 64.97 1.87
C TRP V 92 -6.04 64.02 2.53
N LYS V 93 -6.12 63.95 3.84
CA LYS V 93 -5.23 63.11 4.62
C LYS V 93 -6.05 62.21 5.53
N MET V 94 -5.44 61.10 5.91
CA MET V 94 -5.97 60.24 6.96
C MET V 94 -4.82 59.90 7.90
N GLU V 95 -4.86 60.46 9.10
CA GLU V 95 -3.92 60.09 10.14
C GLU V 95 -4.73 59.53 11.31
N PHE V 96 -4.01 59.01 12.29
CA PHE V 96 -4.65 58.42 13.46
C PHE V 96 -4.32 59.23 14.70
N ASP V 97 -5.08 58.99 15.76
CA ASP V 97 -4.84 59.62 17.05
C ASP V 97 -3.47 59.22 17.59
N THR V 98 -2.77 60.20 18.15
CA THR V 98 -1.43 59.94 18.64
C THR V 98 -1.49 59.17 19.95
N ARG V 99 -0.75 58.07 20.03
CA ARG V 99 -0.62 57.28 21.23
C ARG V 99 0.63 57.71 21.98
N GLU V 100 1.02 56.94 22.99
CA GLU V 100 2.04 57.37 23.92
C GLU V 100 3.44 57.27 23.33
N ARG V 101 4.23 58.33 23.50
CA ARG V 101 5.65 58.34 23.21
C ARG V 101 6.37 58.56 24.54
N TRP V 102 7.25 57.65 24.89
CA TRP V 102 7.93 57.73 26.17
C TRP V 102 9.44 57.76 25.98
N GLU V 103 10.15 58.12 27.03
CA GLU V 103 11.59 58.29 26.98
C GLU V 103 12.29 56.94 27.07
N ASN V 104 13.23 56.70 26.17
CA ASN V 104 14.10 55.54 26.25
C ASN V 104 15.02 55.70 27.46
N PRO V 105 15.10 54.69 28.35
CA PRO V 105 16.01 54.81 29.51
C PRO V 105 17.47 54.92 29.16
N LEU V 106 17.89 54.37 28.02
CA LEU V 106 19.30 54.38 27.68
C LEU V 106 19.71 55.71 27.08
N MET V 107 19.08 56.11 25.98
CA MET V 107 19.54 57.26 25.21
C MET V 107 18.65 58.48 25.33
N GLY V 108 17.45 58.36 25.91
CA GLY V 108 16.54 59.47 25.92
C GLY V 108 15.71 59.62 24.66
N TRP V 109 15.75 58.63 23.77
CA TRP V 109 14.98 58.65 22.55
C TRP V 109 13.49 58.50 22.85
N ALA V 110 12.67 58.80 21.85
CA ALA V 110 11.22 58.68 22.00
C ALA V 110 10.82 57.30 21.55
N SER V 111 10.59 56.41 22.50
CA SER V 111 10.10 55.08 22.19
C SER V 111 8.61 55.14 21.90
N THR V 112 8.10 54.12 21.22
CA THR V 112 6.68 54.05 20.94
C THR V 112 6.25 52.60 20.86
N ALA V 113 4.94 52.40 20.96
CA ALA V 113 4.33 51.10 20.78
C ALA V 113 3.17 51.16 19.79
N ASP V 114 2.90 52.32 19.20
CA ASP V 114 1.86 52.48 18.22
C ASP V 114 2.45 52.23 16.83
N PRO V 115 2.00 51.19 16.11
CA PRO V 115 2.46 51.04 14.72
C PRO V 115 1.87 52.07 13.79
N LEU V 116 0.67 52.55 14.07
CA LEU V 116 -0.06 53.41 13.15
C LEU V 116 0.21 54.89 13.39
N SER V 117 1.32 55.23 14.04
CA SER V 117 1.61 56.62 14.33
C SER V 117 2.17 57.37 13.14
N ASN V 118 2.96 56.70 12.31
CA ASN V 118 3.52 57.31 11.12
C ASN V 118 2.68 57.07 9.89
N LEU V 119 1.49 56.51 10.05
CA LEU V 119 0.66 56.10 8.92
C LEU V 119 -0.18 57.28 8.49
N VAL V 120 0.31 58.03 7.51
CA VAL V 120 -0.39 59.18 6.96
C VAL V 120 -0.73 58.85 5.52
N LEU V 121 -2.02 58.73 5.23
CA LEU V 121 -2.49 58.36 3.91
C LEU V 121 -2.94 59.59 3.14
N THR V 122 -2.94 59.48 1.81
CA THR V 122 -3.24 60.61 0.94
C THR V 122 -4.40 60.23 0.03
N PHE V 123 -5.42 61.08 -0.01
CA PHE V 123 -6.61 60.83 -0.81
C PHE V 123 -6.90 62.05 -1.67
N SER V 124 -7.67 61.83 -2.72
CA SER V 124 -7.96 62.91 -3.65
C SER V 124 -9.25 63.64 -3.31
N THR V 125 -10.28 62.91 -2.93
CA THR V 125 -11.53 63.49 -2.45
C THR V 125 -11.84 62.98 -1.05
N LYS V 126 -12.79 63.65 -0.41
CA LYS V 126 -13.25 63.28 0.92
C LYS V 126 -13.95 61.93 0.91
N GLU V 127 -14.72 61.67 -0.15
CA GLU V 127 -15.52 60.45 -0.22
C GLU V 127 -14.65 59.22 -0.41
N ASP V 128 -13.50 59.38 -1.08
CA ASP V 128 -12.56 58.28 -1.21
C ASP V 128 -11.95 57.91 0.13
N ALA V 129 -11.63 58.91 0.96
CA ALA V 129 -11.10 58.64 2.29
C ALA V 129 -12.16 58.02 3.20
N ILE V 130 -13.39 58.50 3.10
CA ILE V 130 -14.47 57.95 3.91
C ILE V 130 -14.78 56.52 3.51
N ALA V 131 -14.75 56.23 2.21
CA ALA V 131 -14.94 54.86 1.74
C ALA V 131 -13.79 53.95 2.17
N PHE V 132 -12.57 54.48 2.18
CA PHE V 132 -11.42 53.69 2.62
C PHE V 132 -11.47 53.42 4.13
N ALA V 133 -11.98 54.37 4.91
CA ALA V 133 -12.06 54.18 6.36
C ALA V 133 -13.21 53.27 6.74
N GLU V 134 -14.35 53.36 6.04
CA GLU V 134 -15.44 52.43 6.26
C GLU V 134 -15.10 51.03 5.78
N LYS V 135 -14.22 50.94 4.78
CA LYS V 135 -13.79 49.65 4.26
C LYS V 135 -12.93 48.89 5.26
N ASN V 136 -12.12 49.59 6.05
CA ASN V 136 -11.19 48.95 6.98
C ASN V 136 -11.68 48.94 8.41
N GLY V 137 -12.93 49.35 8.66
CA GLY V 137 -13.47 49.29 10.00
C GLY V 137 -12.94 50.32 10.95
N TRP V 138 -12.32 51.38 10.45
CA TRP V 138 -11.76 52.44 11.27
C TRP V 138 -12.82 53.47 11.61
N SER V 139 -12.97 53.75 12.91
CA SER V 139 -13.79 54.87 13.34
C SER V 139 -13.09 56.16 12.94
N TYR V 140 -13.85 57.09 12.35
CA TYR V 140 -13.26 58.29 11.79
C TYR V 140 -14.11 59.50 12.12
N ASP V 141 -13.45 60.65 12.19
CA ASP V 141 -14.12 61.94 12.15
C ASP V 141 -13.60 62.72 10.96
N VAL V 142 -14.47 63.54 10.38
CA VAL V 142 -14.17 64.25 9.14
C VAL V 142 -14.25 65.75 9.41
N GLU V 143 -13.14 66.44 9.22
CA GLU V 143 -13.14 67.88 9.13
C GLU V 143 -13.38 68.29 7.68
N GLU V 144 -13.96 69.47 7.50
CA GLU V 144 -14.24 69.97 6.17
C GLU V 144 -13.06 70.77 5.64
N ARG V 145 -13.00 70.89 4.32
CA ARG V 145 -11.97 71.71 3.68
C ARG V 145 -12.24 73.18 3.98
N LYS V 146 -11.29 73.83 4.65
CA LYS V 146 -11.41 75.25 4.97
C LYS V 146 -10.66 76.03 3.90
N VAL V 147 -11.41 76.57 2.94
CA VAL V 147 -10.82 77.40 1.90
C VAL V 147 -10.87 78.86 2.35
N PRO V 148 -9.91 79.68 1.98
CA PRO V 148 -10.02 81.12 2.28
C PRO V 148 -11.06 81.77 1.40
N LYS V 149 -11.82 82.68 1.99
CA LYS V 149 -12.84 83.41 1.24
C LYS V 149 -12.16 84.42 0.32
N PRO V 150 -12.80 84.77 -0.80
CA PRO V 150 -12.20 85.78 -1.70
C PRO V 150 -12.19 87.15 -1.05
N LYS V 151 -11.06 87.82 -1.16
CA LYS V 151 -10.85 89.14 -0.58
C LYS V 151 -11.05 90.21 -1.64
N SER V 152 -11.35 91.42 -1.18
CA SER V 152 -11.49 92.58 -2.04
C SER V 152 -10.24 93.43 -1.89
N LYS V 153 -9.29 93.25 -2.81
CA LYS V 153 -8.04 93.98 -2.79
C LYS V 153 -8.10 95.18 -3.71
N SER V 154 -7.76 96.35 -3.18
CA SER V 154 -7.70 97.57 -3.97
C SER V 154 -6.45 98.33 -3.56
N TYR V 155 -5.53 98.54 -4.50
CA TYR V 155 -4.37 99.36 -4.21
C TYR V 155 -4.75 100.83 -4.08
N GLY V 156 -5.83 101.25 -4.73
CA GLY V 156 -6.34 102.59 -4.55
C GLY V 156 -7.01 102.82 -3.21
N ALA V 157 -7.35 101.75 -2.50
CA ALA V 157 -7.91 101.90 -1.17
C ALA V 157 -6.86 102.39 -0.16
N ASN V 158 -5.58 102.16 -0.43
CA ASN V 158 -4.52 102.61 0.47
C ASN V 158 -4.36 104.12 0.51
N PHE V 159 -4.98 104.83 -0.43
CA PHE V 159 -4.84 106.26 -0.58
C PHE V 159 -6.21 106.90 -0.74
N SER V 160 -7.12 106.59 0.17
CA SER V 160 -8.48 107.07 0.03
C SER V 160 -8.60 108.51 0.49
N TRP V 161 -9.74 109.12 0.17
CA TRP V 161 -10.00 110.50 0.57
C TRP V 161 -10.65 110.57 1.95
N ASN V 162 -11.76 109.85 2.12
CA ASN V 162 -12.58 110.00 3.32
C ASN V 162 -12.75 108.69 4.07
N LYS V 163 -11.87 107.73 3.86
CA LYS V 163 -11.99 106.42 4.49
C LYS V 163 -10.77 106.13 5.36
N ARG V 164 -10.97 105.24 6.33
CA ARG V 164 -9.98 104.91 7.33
C ARG V 164 -8.91 103.97 6.82
N THR V 165 -9.05 103.45 5.61
CA THR V 165 -8.10 102.51 5.04
C THR V 165 -6.91 103.18 4.35
N ARG V 166 -6.62 104.44 4.68
CA ARG V 166 -5.38 105.05 4.25
C ARG V 166 -4.21 104.45 5.01
N VAL V 167 -3.11 104.22 4.30
CA VAL V 167 -1.88 103.83 4.97
C VAL V 167 -1.20 105.08 5.50
N SER V 168 -0.49 104.92 6.61
CA SER V 168 0.31 106.01 7.13
C SER V 168 1.71 106.03 6.52
N THR V 169 2.14 104.91 5.96
CA THR V 169 3.37 104.85 5.17
C THR V 169 3.25 103.71 4.18
N LYS V 170 4.18 103.68 3.23
CA LYS V 170 4.17 102.69 2.16
C LYS V 170 5.54 102.06 1.99
N LEU W 36 7.91 59.63 44.21
CA LEU W 36 8.41 58.71 43.20
C LEU W 36 9.14 59.49 42.13
N HIS W 37 10.28 58.97 41.70
CA HIS W 37 11.14 59.69 40.78
C HIS W 37 10.61 59.57 39.36
N HIS W 38 10.95 60.56 38.52
CA HIS W 38 10.35 60.66 37.20
C HIS W 38 10.86 59.60 36.24
N ALA W 39 12.10 59.15 36.42
CA ALA W 39 12.66 58.16 35.51
C ALA W 39 12.17 56.75 35.81
N VAL W 40 11.54 56.54 36.96
CA VAL W 40 11.07 55.23 37.38
C VAL W 40 9.54 55.17 37.34
N ILE W 41 8.89 56.20 36.81
CA ILE W 41 7.46 56.11 36.51
C ILE W 41 7.26 55.14 35.34
N PRO W 42 6.31 54.20 35.44
CA PRO W 42 6.13 53.23 34.36
C PRO W 42 5.59 53.86 33.08
N HIS W 43 5.96 53.26 31.96
CA HIS W 43 5.56 53.76 30.65
C HIS W 43 5.41 52.59 29.68
N GLY W 44 4.84 52.88 28.52
CA GLY W 44 4.74 51.88 27.49
C GLY W 44 3.54 50.97 27.67
N LYS W 45 3.51 49.92 26.86
CA LYS W 45 2.49 48.90 26.94
C LYS W 45 3.01 47.62 27.58
N GLY W 46 4.05 47.72 28.40
CA GLY W 46 4.57 46.56 29.10
C GLY W 46 5.31 45.58 28.23
N GLY W 47 6.04 46.07 27.23
CA GLY W 47 6.81 45.22 26.35
C GLY W 47 8.29 45.25 26.66
N ARG W 48 9.09 44.84 25.67
CA ARG W 48 10.54 44.80 25.82
C ARG W 48 11.13 46.19 25.92
N SER W 49 10.61 47.13 25.12
CA SER W 49 11.14 48.48 25.06
C SER W 49 10.42 49.43 26.00
N SER W 50 9.60 48.91 26.92
CA SER W 50 8.84 49.75 27.82
C SER W 50 9.66 50.06 29.07
N VAL W 51 9.03 50.78 30.00
CA VAL W 51 9.58 51.05 31.32
C VAL W 51 8.59 50.50 32.34
N SER W 52 9.02 49.52 33.12
CA SER W 52 8.14 48.97 34.13
C SER W 52 8.25 49.72 35.45
N GLY W 53 9.36 50.43 35.67
CA GLY W 53 9.57 51.08 36.93
C GLY W 53 10.12 50.18 38.01
N ILE W 54 10.66 49.02 37.62
CA ILE W 54 11.23 48.07 38.56
C ILE W 54 12.72 48.03 38.31
N VAL W 55 13.51 48.41 39.31
CA VAL W 55 14.96 48.38 39.23
C VAL W 55 15.42 47.28 40.17
N ALA W 56 15.70 46.10 39.62
CA ALA W 56 15.93 44.91 40.42
C ALA W 56 17.41 44.57 40.46
N THR W 57 17.89 44.23 41.66
CA THR W 57 19.20 43.62 41.84
C THR W 57 18.96 42.16 42.21
N VAL W 58 19.20 41.27 41.27
CA VAL W 58 18.84 39.86 41.44
C VAL W 58 20.13 39.12 41.79
N PHE W 59 20.35 38.88 43.08
CA PHE W 59 21.48 38.08 43.52
C PHE W 59 21.22 36.63 43.20
N GLY W 60 22.23 35.95 42.66
CA GLY W 60 22.04 34.58 42.22
C GLY W 60 21.22 34.48 40.96
N ALA W 61 21.39 35.44 40.05
CA ALA W 61 20.64 35.44 38.79
C ALA W 61 21.21 34.49 37.76
N THR W 62 22.38 33.93 38.01
CA THR W 62 23.04 33.03 37.08
C THR W 62 22.65 31.58 37.28
N GLY W 63 21.65 31.32 38.12
CA GLY W 63 21.20 29.99 38.41
C GLY W 63 19.95 29.61 37.65
N PHE W 64 19.17 28.70 38.24
CA PHE W 64 17.95 28.21 37.60
C PHE W 64 16.80 29.20 37.77
N LEU W 65 16.53 29.63 39.00
CA LEU W 65 15.43 30.57 39.22
C LEU W 65 15.75 31.96 38.69
N GLY W 66 17.02 32.36 38.78
CA GLY W 66 17.40 33.69 38.34
C GLY W 66 17.32 33.85 36.84
N ARG W 67 17.55 32.76 36.10
CA ARG W 67 17.34 32.70 34.66
C ARG W 67 15.94 33.16 34.27
N TYR W 68 14.93 32.45 34.77
CA TYR W 68 13.56 32.77 34.39
C TYR W 68 13.04 34.03 35.07
N LEU W 69 13.62 34.41 36.22
CA LEU W 69 13.24 35.66 36.84
C LEU W 69 13.73 36.86 36.05
N VAL W 70 15.01 36.84 35.61
CA VAL W 70 15.53 37.90 34.76
C VAL W 70 14.82 37.90 33.39
N ASN W 71 14.41 36.72 32.91
CA ASN W 71 13.59 36.64 31.69
C ASN W 71 12.27 37.39 31.85
N HIS W 72 11.51 37.04 32.90
CA HIS W 72 10.21 37.67 33.10
C HIS W 72 10.31 39.13 33.54
N LEU W 73 11.42 39.54 34.16
CA LEU W 73 11.57 40.96 34.49
C LEU W 73 11.95 41.79 33.27
N GLY W 74 12.91 41.32 32.48
CA GLY W 74 13.39 42.09 31.35
C GLY W 74 12.41 42.20 30.21
N ARG W 75 11.42 41.31 30.12
CA ARG W 75 10.40 41.46 29.10
C ARG W 75 9.36 42.50 29.46
N MET W 76 9.37 43.02 30.69
CA MET W 76 8.57 44.17 31.06
C MET W 76 9.29 45.48 30.82
N GLY W 77 10.59 45.45 30.54
CA GLY W 77 11.37 46.65 30.43
C GLY W 77 11.89 47.11 31.77
N SER W 78 12.35 46.15 32.58
CA SER W 78 12.83 46.44 33.92
C SER W 78 14.35 46.57 33.92
N GLN W 79 14.85 47.53 34.69
CA GLN W 79 16.28 47.69 34.87
C GLN W 79 16.79 46.59 35.80
N VAL W 80 17.46 45.60 35.26
CA VAL W 80 17.92 44.45 36.03
C VAL W 80 19.41 44.63 36.30
N ILE W 81 19.80 44.46 37.55
CA ILE W 81 21.22 44.40 37.92
C ILE W 81 21.53 42.95 38.25
N VAL W 82 22.51 42.39 37.56
CA VAL W 82 22.88 40.99 37.74
C VAL W 82 24.27 40.96 38.37
N PRO W 83 24.37 40.81 39.69
CA PRO W 83 25.68 40.57 40.30
C PRO W 83 26.08 39.11 40.07
N TYR W 84 27.20 38.93 39.38
CA TYR W 84 27.66 37.60 39.01
C TYR W 84 28.97 37.29 39.71
N ARG W 85 29.05 36.08 40.28
CA ARG W 85 30.27 35.54 40.86
C ARG W 85 31.11 34.82 39.80
N CYS W 86 30.45 34.20 38.83
CA CYS W 86 31.07 33.21 37.96
C CYS W 86 31.85 33.87 36.83
N GLU W 87 32.19 33.07 35.84
CA GLU W 87 32.80 33.57 34.62
C GLU W 87 31.78 34.42 33.86
N PRO W 88 32.20 35.52 33.24
CA PRO W 88 31.27 36.29 32.39
C PRO W 88 30.75 35.53 31.19
N TYR W 89 31.45 34.50 30.73
CA TYR W 89 30.89 33.60 29.72
C TYR W 89 29.65 32.89 30.22
N ASP W 90 29.60 32.57 31.51
CA ASP W 90 28.47 31.86 32.06
C ASP W 90 27.26 32.75 32.30
N THR W 91 27.36 34.05 32.01
CA THR W 91 26.25 34.98 32.11
C THR W 91 25.76 35.45 30.75
N MET W 92 26.19 34.79 29.67
CA MET W 92 25.80 35.20 28.32
C MET W 92 24.32 35.01 28.08
N HIS W 93 23.72 33.96 28.63
CA HIS W 93 22.32 33.65 28.37
C HIS W 93 21.35 34.67 28.94
N LEU W 94 21.81 35.57 29.80
CA LEU W 94 20.97 36.60 30.39
C LEU W 94 20.90 37.87 29.55
N ARG W 95 21.75 37.99 28.53
CA ARG W 95 21.83 39.22 27.74
C ARG W 95 20.68 39.42 26.74
N PRO W 96 20.13 38.40 26.01
CA PRO W 96 18.96 38.69 25.18
C PRO W 96 17.65 38.88 25.94
N MET W 97 17.70 38.91 27.27
CA MET W 97 16.50 38.93 28.09
C MET W 97 15.92 40.31 28.31
N GLY W 98 16.53 41.36 27.76
CA GLY W 98 15.96 42.69 27.91
C GLY W 98 16.48 43.63 26.86
N ASP W 99 16.00 44.87 26.92
CA ASP W 99 16.35 45.89 25.95
C ASP W 99 17.75 46.41 26.27
N LEU W 100 18.20 47.43 25.53
CA LEU W 100 19.58 47.87 25.67
C LEU W 100 19.77 48.68 26.94
N GLY W 101 20.82 48.35 27.68
CA GLY W 101 21.08 48.96 28.97
C GLY W 101 20.18 48.50 30.08
N GLN W 102 19.40 47.44 29.87
CA GLN W 102 18.42 47.01 30.86
C GLN W 102 18.93 45.87 31.74
N ILE W 103 20.03 45.23 31.39
CA ILE W 103 20.69 44.28 32.27
C ILE W 103 22.10 44.80 32.54
N ILE W 104 22.43 45.00 33.81
CA ILE W 104 23.71 45.54 34.24
C ILE W 104 24.47 44.44 34.97
N PHE W 105 25.61 44.03 34.42
CA PHE W 105 26.44 42.99 35.02
C PHE W 105 27.56 43.63 35.81
N MET W 106 27.71 43.21 37.08
CA MET W 106 28.82 43.69 37.88
C MET W 106 29.27 42.57 38.82
N ASP W 107 30.52 42.68 39.26
CA ASP W 107 31.11 41.66 40.12
C ASP W 107 30.65 41.82 41.55
N TRP W 108 30.62 40.71 42.28
CA TRP W 108 30.32 40.75 43.69
C TRP W 108 30.99 39.57 44.37
N ASN W 109 31.46 39.80 45.60
CA ASN W 109 31.94 38.74 46.46
C ASN W 109 30.93 38.55 47.57
N GLY W 110 30.71 37.30 47.97
CA GLY W 110 29.70 37.02 48.98
C GLY W 110 30.06 37.54 50.36
N ARG W 111 31.36 37.67 50.64
CA ARG W 111 31.83 38.15 51.93
C ARG W 111 32.24 39.61 51.89
N ASP W 112 31.92 40.33 50.82
CA ASP W 112 32.28 41.73 50.68
C ASP W 112 31.00 42.55 50.68
N LYS W 113 30.78 43.32 51.75
CA LYS W 113 29.62 44.20 51.81
C LYS W 113 29.75 45.41 50.90
N ASP W 114 30.99 45.75 50.51
CA ASP W 114 31.22 46.87 49.61
C ASP W 114 30.62 46.61 48.23
N SER W 115 30.84 45.40 47.70
CA SER W 115 30.27 45.06 46.40
C SER W 115 28.76 44.91 46.48
N ILE W 116 28.23 44.48 47.63
CA ILE W 116 26.79 44.38 47.80
C ILE W 116 26.16 45.76 47.82
N ARG W 117 26.79 46.72 48.52
CA ARG W 117 26.30 48.10 48.49
C ARG W 117 26.45 48.72 47.12
N ARG W 118 27.51 48.34 46.40
CA ARG W 118 27.70 48.81 45.04
C ARG W 118 26.63 48.25 44.09
N ALA W 119 26.08 47.08 44.41
CA ALA W 119 25.04 46.49 43.58
C ALA W 119 23.65 47.02 43.93
N VAL W 120 23.34 47.24 45.22
CA VAL W 120 21.95 47.46 45.61
C VAL W 120 21.57 48.93 45.76
N GLU W 121 22.52 49.86 45.71
CA GLU W 121 22.21 51.22 46.13
C GLU W 121 21.41 52.02 45.11
N HIS W 122 21.21 51.51 43.89
CA HIS W 122 20.42 52.20 42.88
C HIS W 122 19.13 51.46 42.56
N SER W 123 18.72 50.51 43.40
CA SER W 123 17.61 49.63 43.12
C SER W 123 16.43 49.95 44.03
N ASN W 124 15.28 49.36 43.70
CA ASN W 124 14.11 49.43 44.57
C ASN W 124 13.59 48.05 44.96
N VAL W 125 14.19 46.98 44.45
CA VAL W 125 13.90 45.63 44.90
C VAL W 125 15.18 44.81 44.77
N VAL W 126 15.45 43.96 45.76
CA VAL W 126 16.58 43.05 45.76
C VAL W 126 16.03 41.65 45.98
N ILE W 127 16.28 40.76 45.05
CA ILE W 127 15.82 39.38 45.15
C ILE W 127 17.02 38.52 45.50
N ASN W 128 16.88 37.70 46.53
CA ASN W 128 17.95 36.83 46.99
C ASN W 128 17.68 35.41 46.48
N LEU W 129 18.53 34.94 45.57
CA LEU W 129 18.41 33.59 45.02
C LEU W 129 19.69 32.80 45.24
N VAL W 130 20.51 33.17 46.20
CA VAL W 130 21.79 32.51 46.42
C VAL W 130 21.54 31.19 47.12
N GLY W 131 21.98 30.09 46.50
CA GLY W 131 21.76 28.77 47.06
C GLY W 131 22.69 27.76 46.45
N ARG W 132 23.02 26.73 47.23
CA ARG W 132 23.76 25.56 46.75
C ARG W 132 23.09 24.31 47.28
N GLU W 133 23.03 23.28 46.44
CA GLU W 133 22.59 21.98 46.90
C GLU W 133 23.68 21.22 47.63
N TRP W 134 24.93 21.66 47.51
CA TRP W 134 26.08 20.99 48.11
C TRP W 134 27.02 22.05 48.67
N GLU W 135 27.67 21.73 49.77
CA GLU W 135 28.63 22.65 50.37
C GLU W 135 30.03 22.37 49.82
N THR W 136 30.78 23.44 49.61
CA THR W 136 32.10 23.38 49.00
C THR W 136 33.18 23.79 50.00
N LYS W 137 34.40 23.94 49.50
CA LYS W 137 35.53 24.34 50.34
C LYS W 137 35.37 25.78 50.83
N ASN W 138 35.12 26.70 49.92
CA ASN W 138 35.07 28.11 50.26
C ASN W 138 33.74 28.55 50.85
N PHE W 139 32.67 27.79 50.62
CA PHE W 139 31.34 28.16 51.08
C PHE W 139 30.64 26.90 51.59
N ASP W 140 30.33 26.87 52.88
CA ASP W 140 29.50 25.80 53.41
C ASP W 140 28.03 26.21 53.33
N PHE W 141 27.13 25.40 53.89
CA PHE W 141 25.72 25.75 53.89
C PHE W 141 25.44 26.98 54.75
N GLU W 142 26.20 27.17 55.83
CA GLU W 142 25.95 28.28 56.73
C GLU W 142 26.30 29.61 56.07
N ASP W 143 27.39 29.66 55.30
CA ASP W 143 27.75 30.87 54.56
C ASP W 143 26.66 31.28 53.59
N VAL W 144 26.36 30.40 52.62
CA VAL W 144 25.42 30.66 51.54
C VAL W 144 24.01 30.91 52.07
N PHE W 145 23.63 30.27 53.17
CA PHE W 145 22.26 30.36 53.63
C PHE W 145 22.05 31.32 54.79
N VAL W 146 23.11 31.80 55.45
CA VAL W 146 22.99 32.66 56.61
C VAL W 146 23.80 33.94 56.42
N LYS W 147 25.09 33.83 56.11
CA LYS W 147 25.97 34.98 56.13
C LYS W 147 25.73 35.87 54.92
N ILE W 148 25.60 35.25 53.74
CA ILE W 148 25.27 36.01 52.54
C ILE W 148 23.87 36.63 52.57
N PRO W 149 22.79 35.90 52.95
CA PRO W 149 21.47 36.59 53.01
C PRO W 149 21.39 37.68 54.06
N GLN W 150 22.02 37.52 55.22
CA GLN W 150 21.95 38.56 56.23
C GLN W 150 22.75 39.79 55.80
N ALA W 151 23.88 39.58 55.11
CA ALA W 151 24.65 40.71 54.60
C ALA W 151 23.89 41.45 53.52
N ILE W 152 23.25 40.72 52.59
CA ILE W 152 22.48 41.35 51.52
C ILE W 152 21.29 42.11 52.10
N ALA W 153 20.61 41.52 53.09
CA ALA W 153 19.42 42.16 53.65
C ALA W 153 19.79 43.36 54.52
N GLN W 154 20.89 43.26 55.27
CA GLN W 154 21.35 44.39 56.08
C GLN W 154 21.78 45.56 55.22
N VAL W 155 22.52 45.28 54.14
CA VAL W 155 22.96 46.34 53.24
C VAL W 155 21.77 46.93 52.50
N SER W 156 20.80 46.11 52.09
CA SER W 156 19.61 46.62 51.43
C SER W 156 18.73 47.43 52.38
N LYS W 157 18.77 47.13 53.67
CA LYS W 157 18.11 47.98 54.66
C LYS W 157 18.81 49.32 54.77
N GLU W 158 20.14 49.32 54.91
CA GLU W 158 20.84 50.57 55.14
C GLU W 158 21.16 51.35 53.87
N ALA W 159 20.65 50.92 52.72
CA ALA W 159 20.82 51.67 51.47
C ALA W 159 19.52 52.27 50.97
N GLY W 160 18.40 52.04 51.65
CA GLY W 160 17.14 52.61 51.24
C GLY W 160 16.41 51.82 50.18
N VAL W 161 16.62 50.52 50.12
CA VAL W 161 15.91 49.68 49.18
C VAL W 161 14.52 49.40 49.75
N GLU W 162 13.50 49.58 48.92
CA GLU W 162 12.12 49.48 49.41
C GLU W 162 11.70 48.03 49.61
N LYS W 163 11.90 47.18 48.62
CA LYS W 163 11.44 45.81 48.66
C LYS W 163 12.63 44.86 48.69
N PHE W 164 12.44 43.72 49.36
CA PHE W 164 13.48 42.71 49.45
C PHE W 164 12.79 41.35 49.52
N ILE W 165 13.23 40.42 48.69
CA ILE W 165 12.62 39.11 48.59
C ILE W 165 13.68 38.06 48.85
N HIS W 166 13.50 37.30 49.92
CA HIS W 166 14.32 36.13 50.23
C HIS W 166 13.56 34.88 49.85
N ILE W 167 14.28 33.89 49.34
CA ILE W 167 13.67 32.65 48.87
C ILE W 167 14.16 31.53 49.78
N SER W 168 13.30 31.09 50.68
CA SER W 168 13.59 29.98 51.58
C SER W 168 13.15 28.68 50.91
N HIS W 169 13.05 27.60 51.68
CA HIS W 169 12.47 26.35 51.24
C HIS W 169 11.30 26.03 52.16
N LEU W 170 10.30 25.34 51.61
CA LEU W 170 9.09 25.05 52.36
C LEU W 170 9.37 24.16 53.57
N ASN W 171 10.31 23.23 53.43
CA ASN W 171 10.63 22.27 54.47
C ASN W 171 11.71 22.75 55.42
N ALA W 172 12.07 24.04 55.37
CA ALA W 172 13.14 24.57 56.21
C ALA W 172 12.67 24.62 57.66
N ASP W 173 13.39 23.94 58.54
CA ASP W 173 13.04 23.89 59.95
C ASP W 173 14.34 23.81 60.75
N ILE W 174 14.27 24.29 61.99
CA ILE W 174 15.45 24.30 62.86
C ILE W 174 15.87 22.89 63.22
N LYS W 175 14.91 22.02 63.51
CA LYS W 175 15.19 20.67 63.97
C LYS W 175 15.07 19.64 62.84
N SER W 176 15.48 20.01 61.63
CA SER W 176 15.45 19.08 60.51
C SER W 176 16.70 18.21 60.52
N SER W 177 16.62 17.09 59.80
CA SER W 177 17.74 16.17 59.72
C SER W 177 18.80 16.63 58.73
N SER W 178 18.45 17.54 57.81
CA SER W 178 19.36 17.99 56.78
C SER W 178 19.95 19.34 57.14
N LYS W 179 21.24 19.50 56.87
CA LYS W 179 21.95 20.73 57.19
C LYS W 179 21.47 21.90 56.34
N TYR W 180 21.07 21.60 55.10
CA TYR W 180 20.45 22.56 54.16
C TYR W 180 19.29 23.30 54.81
N LEU W 181 18.28 22.55 55.25
CA LEU W 181 17.05 23.16 55.75
C LEU W 181 17.25 23.84 57.09
N ARG W 182 18.19 23.34 57.90
CA ARG W 182 18.50 24.00 59.17
C ARG W 182 19.14 25.36 58.94
N ASN W 183 20.17 25.42 58.10
CA ASN W 183 20.80 26.70 57.79
C ASN W 183 19.86 27.64 57.05
N LYS W 184 18.95 27.09 56.26
CA LYS W 184 18.01 27.95 55.56
C LYS W 184 16.93 28.50 56.48
N ALA W 185 16.54 27.75 57.51
CA ALA W 185 15.63 28.28 58.51
C ALA W 185 16.29 29.36 59.36
N VAL W 186 17.56 29.15 59.72
CA VAL W 186 18.31 30.17 60.46
C VAL W 186 18.47 31.44 59.62
N GLY W 187 18.75 31.28 58.34
CA GLY W 187 18.88 32.44 57.47
C GLY W 187 17.58 33.15 57.20
N GLU W 188 16.47 32.40 57.11
CA GLU W 188 15.15 32.99 57.02
C GLU W 188 14.83 33.84 58.23
N LYS W 189 15.13 33.32 59.42
CA LYS W 189 14.88 34.07 60.65
C LYS W 189 15.76 35.32 60.74
N GLU W 190 17.01 35.22 60.28
CA GLU W 190 17.88 36.38 60.31
C GLU W 190 17.46 37.45 59.29
N VAL W 191 17.02 37.03 58.10
CA VAL W 191 16.50 37.98 57.11
C VAL W 191 15.24 38.65 57.60
N ARG W 192 14.35 37.88 58.25
CA ARG W 192 13.11 38.45 58.78
C ARG W 192 13.39 39.44 59.91
N GLU W 193 14.45 39.21 60.69
CA GLU W 193 14.72 40.15 61.79
C GLU W 193 15.59 41.33 61.39
N THR W 194 16.41 41.24 60.34
CA THR W 194 17.20 42.39 59.92
C THR W 194 16.54 43.19 58.80
N PHE W 195 15.49 42.65 58.18
CA PHE W 195 14.70 43.40 57.20
C PHE W 195 13.26 43.00 57.47
N PRO W 196 12.55 43.75 58.31
CA PRO W 196 11.19 43.31 58.72
C PRO W 196 10.16 43.37 57.61
N GLU W 197 10.41 44.10 56.52
CA GLU W 197 9.47 44.19 55.41
C GLU W 197 9.82 43.24 54.28
N ALA W 198 10.58 42.19 54.57
CA ALA W 198 11.01 41.27 53.54
C ALA W 198 9.90 40.29 53.18
N THR W 199 9.72 40.07 51.89
CA THR W 199 8.79 39.05 51.41
C THR W 199 9.56 37.74 51.33
N ILE W 200 9.40 36.89 52.33
CA ILE W 200 10.04 35.58 52.34
C ILE W 200 9.11 34.59 51.66
N ILE W 201 9.66 33.81 50.73
CA ILE W 201 8.88 32.90 49.91
C ILE W 201 9.38 31.48 50.16
N LYS W 202 8.44 30.54 50.32
CA LYS W 202 8.71 29.11 50.50
C LYS W 202 8.31 28.34 49.25
N PRO W 203 9.19 28.11 48.30
CA PRO W 203 8.87 27.15 47.25
C PRO W 203 9.09 25.72 47.72
N ALA W 204 8.23 24.83 47.26
CA ALA W 204 8.27 23.46 47.77
C ALA W 204 9.36 22.65 47.07
N ASP W 205 9.18 22.40 45.77
CA ASP W 205 10.09 21.58 44.97
C ASP W 205 9.90 22.04 43.53
N ILE W 206 10.81 22.85 43.05
CA ILE W 206 10.60 23.53 41.77
C ILE W 206 11.02 22.62 40.64
N PHE W 207 10.13 22.45 39.66
CA PHE W 207 10.47 21.69 38.46
C PHE W 207 10.39 22.58 37.23
N GLY W 208 11.40 22.47 36.38
CA GLY W 208 11.46 23.16 35.13
C GLY W 208 12.39 22.38 34.23
N ARG W 209 12.91 23.04 33.20
CA ARG W 209 13.86 22.36 32.33
C ARG W 209 15.21 22.17 33.01
N GLU W 210 15.75 23.22 33.62
CA GLU W 210 17.06 23.15 34.26
C GLU W 210 16.95 22.93 35.76
N ASP W 211 15.92 22.22 36.21
CA ASP W 211 15.75 21.94 37.62
C ASP W 211 16.75 20.87 38.07
N ARG W 212 16.67 20.54 39.36
CA ARG W 212 17.37 19.39 39.91
C ARG W 212 16.40 18.54 40.72
N PHE W 213 15.13 18.51 40.30
CA PHE W 213 14.10 17.72 40.95
C PHE W 213 13.58 16.60 40.06
N LEU W 214 13.06 16.93 38.87
CA LEU W 214 12.65 15.87 37.96
C LEU W 214 13.84 15.32 37.20
N ASN W 215 14.82 16.17 36.90
CA ASN W 215 16.05 15.70 36.27
C ASN W 215 16.91 14.90 37.23
N TYR W 216 16.75 15.10 38.55
CA TYR W 216 17.39 14.20 39.50
C TYR W 216 16.79 12.81 39.42
N PHE W 217 15.47 12.72 39.34
CA PHE W 217 14.79 11.43 39.31
C PHE W 217 15.00 10.73 37.98
N ALA W 218 15.12 11.49 36.89
CA ALA W 218 15.31 10.86 35.59
C ALA W 218 16.73 10.37 35.38
N ASN W 219 17.72 11.07 35.93
CA ASN W 219 19.12 10.71 35.75
C ASN W 219 19.67 9.86 36.87
N ILE W 220 18.81 9.19 37.63
CA ILE W 220 19.29 8.29 38.68
C ILE W 220 19.31 6.84 38.21
N ARG W 221 18.52 6.50 37.17
CA ARG W 221 18.42 5.15 36.57
C ARG W 221 18.16 4.02 37.56
N SER W 230 16.16 8.05 45.82
CA SER W 230 16.83 6.77 45.58
C SER W 230 15.84 5.61 45.60
N LEU W 231 14.97 5.60 46.61
CA LEU W 231 13.96 4.56 46.76
C LEU W 231 12.62 5.24 47.07
N GLY W 232 11.60 4.43 47.37
CA GLY W 232 10.26 4.91 47.62
C GLY W 232 9.87 4.69 49.08
N LYS W 233 9.31 5.74 49.68
CA LYS W 233 8.91 5.72 51.09
C LYS W 233 7.57 6.43 51.21
N LYS W 234 7.21 6.82 52.43
CA LYS W 234 5.95 7.51 52.70
C LYS W 234 6.07 9.02 52.53
N THR W 235 7.07 9.49 51.80
CA THR W 235 7.28 10.92 51.59
C THR W 235 6.22 11.46 50.64
N VAL W 236 5.56 12.54 51.05
CA VAL W 236 4.52 13.20 50.25
C VAL W 236 5.08 14.52 49.75
N LYS W 237 4.98 14.77 48.45
CA LYS W 237 5.46 16.01 47.86
C LYS W 237 4.40 16.63 46.95
N GLN W 238 4.33 17.96 46.97
CA GLN W 238 3.61 18.74 45.95
C GLN W 238 4.59 19.68 45.26
N PRO W 239 5.12 19.29 44.10
CA PRO W 239 6.05 20.18 43.41
C PRO W 239 5.35 21.33 42.71
N VAL W 240 6.02 22.49 42.71
CA VAL W 240 5.50 23.71 42.11
C VAL W 240 6.31 24.01 40.85
N TYR W 241 5.64 24.60 39.86
CA TYR W 241 6.27 24.88 38.58
C TYR W 241 6.97 26.24 38.58
N ILE W 242 8.04 26.34 37.79
CA ILE W 242 8.96 27.47 37.89
C ILE W 242 8.34 28.76 37.35
N VAL W 243 7.45 28.67 36.35
CA VAL W 243 6.82 29.88 35.85
C VAL W 243 5.78 30.38 36.86
N ASP W 244 5.16 29.46 37.60
CA ASP W 244 4.30 29.86 38.71
C ASP W 244 5.09 30.56 39.81
N VAL W 245 6.28 30.07 40.11
CA VAL W 245 7.17 30.69 41.10
C VAL W 245 7.61 32.07 40.64
N THR W 246 7.91 32.21 39.35
CA THR W 246 8.38 33.49 38.83
C THR W 246 7.25 34.51 38.78
N LYS W 247 6.06 34.08 38.38
CA LYS W 247 4.89 34.97 38.42
C LYS W 247 4.56 35.36 39.85
N GLY W 248 4.76 34.46 40.81
CA GLY W 248 4.54 34.81 42.21
C GLY W 248 5.56 35.79 42.74
N ILE W 249 6.82 35.67 42.31
CA ILE W 249 7.84 36.61 42.76
C ILE W 249 7.59 38.00 42.17
N ILE W 250 7.21 38.06 40.88
CA ILE W 250 6.95 39.38 40.30
C ILE W 250 5.64 39.98 40.83
N ASN W 251 4.68 39.14 41.20
CA ASN W 251 3.50 39.66 41.88
C ASN W 251 3.82 40.10 43.30
N ALA W 252 4.83 39.51 43.93
CA ALA W 252 5.28 40.02 45.22
C ALA W 252 6.00 41.35 45.05
N ILE W 253 6.68 41.55 43.91
CA ILE W 253 7.28 42.84 43.62
C ILE W 253 6.21 43.89 43.40
N LYS W 254 5.16 43.56 42.67
CA LYS W 254 4.17 44.56 42.29
C LYS W 254 3.16 44.86 43.40
N ASP W 255 2.73 43.86 44.16
CA ASP W 255 1.69 44.06 45.16
C ASP W 255 2.30 44.63 46.43
N PRO W 256 1.88 45.80 46.90
CA PRO W 256 2.37 46.32 48.19
C PRO W 256 1.83 45.58 49.39
N ASP W 257 0.84 44.70 49.22
CA ASP W 257 0.36 43.87 50.33
C ASP W 257 1.32 42.75 50.68
N ALA W 258 2.26 42.43 49.81
CA ALA W 258 3.22 41.35 50.04
C ALA W 258 4.43 41.79 50.85
N ARG W 259 4.46 43.02 51.33
CA ARG W 259 5.57 43.50 52.15
C ARG W 259 5.47 42.91 53.54
N GLY W 260 6.50 42.20 53.97
CA GLY W 260 6.53 41.62 55.29
C GLY W 260 5.81 40.30 55.43
N LYS W 261 5.29 39.75 54.34
CA LYS W 261 4.56 38.50 54.38
C LYS W 261 5.49 37.32 54.16
N THR W 262 5.02 36.13 54.56
CA THR W 262 5.71 34.89 54.29
C THR W 262 4.81 34.03 53.42
N PHE W 263 5.24 33.78 52.19
CA PHE W 263 4.46 33.02 51.23
C PHE W 263 5.00 31.60 51.10
N ALA W 264 4.11 30.68 50.75
CA ALA W 264 4.47 29.29 50.51
C ALA W 264 3.99 28.92 49.11
N PHE W 265 4.95 28.70 48.19
CA PHE W 265 4.61 28.41 46.80
C PHE W 265 4.59 26.91 46.61
N VAL W 266 3.39 26.33 46.59
CA VAL W 266 3.23 24.89 46.43
C VAL W 266 2.45 24.64 45.14
N GLY W 267 2.60 23.43 44.63
CA GLY W 267 1.81 23.00 43.50
C GLY W 267 0.41 22.63 43.90
N PRO W 268 -0.42 22.34 42.91
CA PRO W 268 -1.82 22.04 43.20
C PRO W 268 -2.05 20.63 43.72
N ASN W 269 -1.18 19.70 43.35
CA ASN W 269 -1.40 18.28 43.58
C ASN W 269 -0.28 17.72 44.44
N ARG W 270 -0.65 17.13 45.58
CA ARG W 270 0.30 16.40 46.40
C ARG W 270 0.45 14.99 45.90
N TYR W 271 1.68 14.50 45.85
CA TYR W 271 1.96 13.15 45.38
C TYR W 271 2.80 12.44 46.42
N LEU W 272 2.66 11.12 46.49
CA LEU W 272 3.65 10.32 47.20
C LEU W 272 4.97 10.35 46.45
N LEU W 273 6.04 9.93 47.11
CA LEU W 273 7.34 9.93 46.44
C LEU W 273 7.44 8.81 45.43
N PHE W 274 6.85 7.65 45.74
CA PHE W 274 7.00 6.47 44.90
C PHE W 274 6.31 6.63 43.56
N ASP W 275 5.03 7.03 43.57
CA ASP W 275 4.33 7.17 42.30
C ASP W 275 4.76 8.42 41.53
N LEU W 276 5.32 9.41 42.22
CA LEU W 276 5.98 10.52 41.53
C LEU W 276 7.19 10.03 40.75
N VAL W 277 8.03 9.22 41.39
CA VAL W 277 9.21 8.69 40.70
C VAL W 277 8.80 7.72 39.58
N GLN W 278 7.72 6.97 39.78
CA GLN W 278 7.23 6.11 38.71
C GLN W 278 6.63 6.90 37.56
N TYR W 279 6.02 8.05 37.85
CA TYR W 279 5.52 8.91 36.78
C TYR W 279 6.65 9.57 36.03
N VAL W 280 7.76 9.88 36.71
CA VAL W 280 8.95 10.39 36.05
C VAL W 280 9.54 9.33 35.12
N PHE W 281 9.70 8.10 35.62
CA PHE W 281 10.21 7.01 34.78
C PHE W 281 9.24 6.61 33.67
N ALA W 282 7.95 6.91 33.83
CA ALA W 282 6.97 6.59 32.79
C ALA W 282 6.88 7.65 31.71
N VAL W 283 7.03 8.93 32.06
CA VAL W 283 7.00 9.98 31.05
C VAL W 283 8.29 9.99 30.24
N ALA W 284 9.43 9.81 30.90
CA ALA W 284 10.73 9.83 30.23
C ALA W 284 11.04 8.54 29.46
N HIS W 285 10.12 7.58 29.45
CA HIS W 285 10.24 6.28 28.77
C HIS W 285 11.47 5.52 29.27
N ARG W 286 11.43 5.18 30.55
CA ARG W 286 12.50 4.46 31.21
C ARG W 286 11.94 3.27 31.97
N PRO W 287 12.66 2.14 32.01
CA PRO W 287 12.18 0.97 32.76
C PRO W 287 12.28 1.16 34.27
N TRP W 313 25.75 13.31 40.25
CA TRP W 313 26.08 14.12 41.43
C TRP W 313 25.02 14.00 42.50
N THR W 314 25.39 13.43 43.64
CA THR W 314 24.46 13.29 44.76
C THR W 314 25.24 13.26 46.06
N THR W 315 24.54 13.59 47.15
CA THR W 315 25.09 13.49 48.50
C THR W 315 23.95 13.16 49.44
N ARG W 316 24.31 12.73 50.65
CA ARG W 316 23.31 12.22 51.59
C ARG W 316 22.40 13.30 52.13
N ASP W 317 22.82 14.57 52.06
CA ASP W 317 21.92 15.66 52.42
C ASP W 317 20.76 15.76 51.44
N LYS W 318 21.06 15.65 50.15
CA LYS W 318 20.02 15.58 49.12
C LYS W 318 19.15 14.34 49.29
N VAL W 319 19.75 13.23 49.74
CA VAL W 319 18.98 12.00 49.98
C VAL W 319 18.02 12.20 51.15
N GLU W 320 18.45 12.90 52.19
CA GLU W 320 17.55 13.20 53.30
C GLU W 320 16.47 14.20 52.90
N ARG W 321 16.76 15.10 51.96
CA ARG W 321 15.75 16.06 51.54
C ARG W 321 14.77 15.48 50.53
N ILE W 322 15.17 14.46 49.78
CA ILE W 322 14.20 13.72 48.96
C ILE W 322 13.23 12.97 49.85
N HIS W 323 13.71 12.42 50.97
CA HIS W 323 12.86 11.72 51.90
C HIS W 323 12.28 12.63 52.99
N THR W 324 12.12 13.92 52.69
CA THR W 324 11.44 14.86 53.57
C THR W 324 10.14 15.26 52.92
N THR W 325 9.03 15.04 53.61
CA THR W 325 7.73 15.36 53.05
C THR W 325 7.50 16.87 53.00
N ASP W 326 6.81 17.31 51.97
CA ASP W 326 6.46 18.72 51.85
C ASP W 326 5.37 19.04 52.87
N ARG W 327 5.71 19.85 53.86
CA ARG W 327 4.77 20.18 54.93
C ARG W 327 3.63 21.04 54.41
N THR W 328 2.50 20.96 55.09
CA THR W 328 1.32 21.76 54.77
C THR W 328 1.21 22.90 55.78
N LEU W 329 1.30 24.13 55.30
CA LEU W 329 1.21 25.32 56.13
C LEU W 329 0.01 26.12 55.65
N PRO W 330 -1.19 25.85 56.20
CA PRO W 330 -2.37 26.62 55.77
C PRO W 330 -2.36 28.06 56.27
N HIS W 331 -1.64 28.34 57.36
CA HIS W 331 -1.59 29.68 57.92
C HIS W 331 -0.80 30.64 57.04
N LEU W 332 0.05 30.14 56.14
CA LEU W 332 0.73 31.05 55.25
C LEU W 332 -0.09 31.26 53.98
N PRO W 333 -0.03 32.47 53.40
CA PRO W 333 -0.59 32.67 52.07
C PRO W 333 0.26 31.97 51.01
N GLY W 334 -0.35 31.77 49.84
CA GLY W 334 0.31 31.02 48.78
C GLY W 334 0.32 31.72 47.44
N LEU W 335 0.37 30.94 46.36
CA LEU W 335 0.33 31.51 45.02
C LEU W 335 -1.01 32.14 44.69
N GLU W 336 -2.09 31.62 45.26
CA GLU W 336 -3.43 32.09 44.92
C GLU W 336 -3.71 33.49 45.46
N ASP W 337 -3.02 33.89 46.52
CA ASP W 337 -3.15 35.25 47.04
C ASP W 337 -2.28 36.24 46.27
N LEU W 338 -1.38 35.76 45.42
CA LEU W 338 -0.65 36.61 44.50
C LEU W 338 -1.19 36.53 43.09
N GLY W 339 -2.31 35.84 42.89
CA GLY W 339 -2.94 35.80 41.59
C GLY W 339 -2.31 34.84 40.61
N VAL W 340 -1.74 33.74 41.08
CA VAL W 340 -1.09 32.77 40.23
C VAL W 340 -1.84 31.44 40.34
N GLN W 341 -2.46 31.02 39.25
CA GLN W 341 -3.04 29.69 39.18
C GLN W 341 -1.92 28.68 38.98
N ALA W 342 -1.82 27.71 39.88
CA ALA W 342 -0.70 26.78 39.87
C ALA W 342 -0.86 25.77 38.75
N THR W 343 0.09 25.77 37.82
CA THR W 343 0.09 24.82 36.71
C THR W 343 0.50 23.44 37.21
N PRO W 344 -0.31 22.40 36.99
CA PRO W 344 -0.01 21.08 37.55
C PRO W 344 1.13 20.40 36.81
N LEU W 345 1.57 19.28 37.39
CA LEU W 345 2.74 18.56 36.88
C LEU W 345 2.46 17.89 35.54
N GLU W 346 1.22 17.43 35.32
CA GLU W 346 0.92 16.65 34.13
C GLU W 346 0.90 17.49 32.86
N LEU W 347 0.92 18.81 32.97
CA LEU W 347 0.95 19.68 31.80
C LEU W 347 2.38 20.05 31.40
N LYS W 348 3.33 20.01 32.33
CA LYS W 348 4.69 20.44 32.06
C LYS W 348 5.71 19.32 32.20
N ALA W 349 5.28 18.12 32.61
CA ALA W 349 6.20 17.01 32.80
C ALA W 349 6.78 16.55 31.48
N ILE W 350 5.97 16.57 30.41
CA ILE W 350 6.46 16.20 29.09
C ILE W 350 7.45 17.25 28.57
N GLU W 351 7.21 18.53 28.87
CA GLU W 351 8.14 19.58 28.49
C GLU W 351 9.47 19.45 29.22
N VAL W 352 9.42 19.00 30.48
CA VAL W 352 10.66 18.79 31.22
C VAL W 352 11.40 17.55 30.70
N LEU W 353 10.68 16.44 30.52
CA LEU W 353 11.29 15.14 30.33
C LEU W 353 11.29 14.65 28.88
N ARG W 354 11.00 15.54 27.91
CA ARG W 354 11.08 15.14 26.51
C ARG W 354 12.53 14.89 26.09
N ARG W 355 13.49 15.55 26.76
CA ARG W 355 14.90 15.36 26.46
C ARG W 355 15.38 13.96 26.82
N HIS W 356 14.83 13.38 27.89
CA HIS W 356 15.31 12.11 28.41
C HIS W 356 14.87 10.90 27.60
N ARG W 357 13.96 11.09 26.65
CA ARG W 357 13.58 10.00 25.76
C ARG W 357 14.64 9.83 24.69
N THR W 358 15.09 8.60 24.49
CA THR W 358 16.15 8.32 23.52
C THR W 358 15.57 8.22 22.11
N VAL W 369 0.81 8.20 28.67
CA VAL W 369 1.18 7.97 30.06
C VAL W 369 0.04 8.34 30.99
N GLN W 370 -0.44 7.35 31.75
CA GLN W 370 -1.48 7.59 32.72
C GLN W 370 -0.92 8.44 33.87
N PRO W 371 -1.64 9.46 34.32
CA PRO W 371 -1.09 10.39 35.31
C PRO W 371 -0.89 9.75 36.68
N ALA W 372 -0.05 10.41 37.48
CA ALA W 372 0.26 9.92 38.81
C ALA W 372 -0.93 10.11 39.75
N LYS W 373 -1.01 9.23 40.73
CA LYS W 373 -2.08 9.28 41.71
C LYS W 373 -1.78 10.36 42.75
N THR W 374 -2.79 11.13 43.11
CA THR W 374 -2.66 12.13 44.15
C THR W 374 -3.08 11.54 45.50
N VAL W 375 -2.90 12.34 46.55
CA VAL W 375 -3.32 11.92 47.89
C VAL W 375 -4.34 12.90 48.44
N LEU X 14 -37.54 60.86 43.97
CA LEU X 14 -37.49 61.63 45.21
C LEU X 14 -37.76 63.09 44.91
N GLY X 15 -37.59 63.47 43.64
CA GLY X 15 -37.85 64.83 43.21
C GLY X 15 -37.38 65.10 41.80
N LEU X 16 -37.81 66.22 41.24
CA LEU X 16 -37.37 66.66 39.93
C LEU X 16 -36.23 67.66 40.09
N ARG X 17 -35.17 67.48 39.31
CA ARG X 17 -33.96 68.27 39.47
C ARG X 17 -33.70 69.25 38.33
N GLU X 18 -33.86 68.83 37.08
CA GLU X 18 -33.77 69.75 35.96
C GLU X 18 -34.59 69.21 34.79
N ILE X 19 -34.95 70.12 33.89
CA ILE X 19 -35.70 69.81 32.68
C ILE X 19 -34.87 70.29 31.51
N ARG X 20 -34.68 69.42 30.51
CA ARG X 20 -33.97 69.78 29.30
C ARG X 20 -34.90 69.57 28.11
N ILE X 21 -35.02 70.60 27.27
CA ILE X 21 -35.90 70.58 26.11
C ILE X 21 -35.04 70.82 24.87
N HIS X 22 -35.07 69.89 23.93
CA HIS X 22 -34.31 70.03 22.71
C HIS X 22 -35.26 70.20 21.53
N LEU X 23 -34.79 70.93 20.52
CA LEU X 23 -35.63 71.31 19.39
C LEU X 23 -34.73 71.85 18.29
N CYS X 24 -35.33 72.01 17.11
CA CYS X 24 -34.71 72.67 15.98
C CYS X 24 -35.23 74.10 15.86
N GLN X 25 -34.49 74.91 15.09
CA GLN X 25 -34.96 76.26 14.79
C GLN X 25 -35.89 76.28 13.59
N ARG X 26 -35.69 75.38 12.63
CA ARG X 26 -36.33 75.48 11.33
C ARG X 26 -37.13 74.26 10.92
N SER X 27 -36.95 73.12 11.58
CA SER X 27 -37.69 71.92 11.20
C SER X 27 -39.14 72.05 11.64
N PRO X 28 -40.10 71.58 10.82
CA PRO X 28 -41.50 71.62 11.24
C PRO X 28 -41.86 70.62 12.32
N GLY X 29 -40.99 69.66 12.61
CA GLY X 29 -41.24 68.75 13.71
C GLY X 29 -41.13 69.41 15.06
N SER X 30 -40.34 70.48 15.16
CA SER X 30 -40.16 71.23 16.38
C SER X 30 -41.11 72.42 16.50
N GLN X 31 -42.17 72.44 15.70
CA GLN X 31 -43.02 73.63 15.63
C GLN X 31 -43.84 73.80 16.90
N GLY X 32 -44.37 72.70 17.45
CA GLY X 32 -45.07 72.77 18.71
C GLY X 32 -44.17 73.16 19.87
N VAL X 33 -42.92 72.72 19.83
CA VAL X 33 -41.98 73.09 20.89
C VAL X 33 -41.61 74.56 20.79
N ARG X 34 -41.44 75.06 19.55
CA ARG X 34 -41.18 76.49 19.34
C ARG X 34 -42.35 77.35 19.79
N ASP X 35 -43.58 76.92 19.48
CA ASP X 35 -44.76 77.65 19.91
C ASP X 35 -44.91 77.63 21.43
N PHE X 36 -44.57 76.50 22.06
CA PHE X 36 -44.60 76.40 23.52
C PHE X 36 -43.61 77.36 24.16
N ILE X 37 -42.39 77.44 23.63
CA ILE X 37 -41.40 78.34 24.23
C ILE X 37 -41.77 79.80 23.97
N GLU X 38 -42.37 80.09 22.80
CA GLU X 38 -42.79 81.46 22.53
C GLU X 38 -43.95 81.91 23.41
N LYS X 39 -44.87 81.00 23.77
CA LYS X 39 -46.07 81.41 24.48
C LYS X 39 -46.01 81.14 25.98
N ARG X 40 -45.77 79.91 26.41
CA ARG X 40 -46.06 79.52 27.79
C ARG X 40 -44.82 79.47 28.68
N TYR X 41 -43.63 79.62 28.11
CA TYR X 41 -42.40 79.40 28.87
C TYR X 41 -42.16 80.48 29.93
N VAL X 42 -42.58 81.72 29.69
CA VAL X 42 -42.30 82.79 30.65
C VAL X 42 -43.05 82.56 31.96
N GLU X 43 -44.34 82.25 31.88
CA GLU X 43 -45.06 81.93 33.11
C GLU X 43 -44.72 80.54 33.63
N LEU X 44 -44.22 79.64 32.77
CA LEU X 44 -43.69 78.37 33.24
C LEU X 44 -42.49 78.57 34.15
N LYS X 45 -41.56 79.44 33.75
CA LYS X 45 -40.38 79.70 34.54
C LYS X 45 -40.71 80.56 35.77
N LYS X 46 -41.68 81.48 35.65
CA LYS X 46 -42.09 82.23 36.82
C LYS X 46 -42.80 81.35 37.85
N ALA X 47 -43.51 80.31 37.39
CA ALA X 47 -44.12 79.38 38.33
C ALA X 47 -43.11 78.44 38.96
N ASN X 48 -41.97 78.20 38.31
CA ASN X 48 -40.92 77.31 38.79
C ASN X 48 -39.60 78.08 38.83
N PRO X 49 -39.42 78.95 39.83
CA PRO X 49 -38.31 79.93 39.76
C PRO X 49 -36.95 79.33 40.00
N ASP X 50 -36.84 78.21 40.70
CA ASP X 50 -35.57 77.60 41.00
C ASP X 50 -35.24 76.40 40.11
N LEU X 51 -36.17 75.95 39.29
CA LEU X 51 -35.97 74.76 38.50
C LEU X 51 -35.30 75.11 37.18
N PRO X 52 -34.12 74.57 36.88
CA PRO X 52 -33.47 74.89 35.60
C PRO X 52 -34.11 74.19 34.42
N ILE X 53 -34.76 74.94 33.54
CA ILE X 53 -35.38 74.41 32.34
C ILE X 53 -34.44 74.75 31.18
N LEU X 54 -33.59 73.80 30.82
CA LEU X 54 -32.50 74.06 29.88
C LEU X 54 -33.01 73.84 28.46
N ILE X 55 -33.39 74.91 27.79
CA ILE X 55 -33.75 74.85 26.37
C ILE X 55 -32.47 74.88 25.56
N ARG X 56 -32.22 73.81 24.82
CA ARG X 56 -31.01 73.69 24.01
C ARG X 56 -31.43 73.40 22.56
N GLU X 57 -31.41 74.43 21.73
CA GLU X 57 -31.72 74.30 20.32
C GLU X 57 -30.54 73.71 19.56
N CYS X 58 -30.84 73.12 18.41
CA CYS X 58 -29.79 72.57 17.56
C CYS X 58 -30.28 72.58 16.13
N SER X 59 -29.53 71.92 15.23
CA SER X 59 -29.74 72.13 13.81
C SER X 59 -30.78 71.19 13.22
N ASP X 60 -30.67 69.90 13.49
CA ASP X 60 -31.57 68.93 12.87
C ASP X 60 -32.05 67.87 13.85
N VAL X 61 -32.08 68.16 15.14
CA VAL X 61 -32.46 67.17 16.12
C VAL X 61 -33.97 66.98 16.11
N GLN X 62 -34.40 65.78 16.47
CA GLN X 62 -35.80 65.58 16.80
C GLN X 62 -36.10 66.26 18.13
N PRO X 63 -37.34 66.73 18.33
CA PRO X 63 -37.70 67.31 19.62
C PRO X 63 -37.65 66.27 20.72
N LYS X 64 -37.23 66.69 21.91
CA LYS X 64 -36.95 65.73 22.96
C LYS X 64 -37.06 66.42 24.31
N LEU X 65 -37.63 65.70 25.29
CA LEU X 65 -37.77 66.20 26.64
C LEU X 65 -36.99 65.29 27.58
N TRP X 66 -35.94 65.82 28.19
CA TRP X 66 -35.18 65.13 29.21
C TRP X 66 -35.56 65.67 30.57
N ALA X 67 -35.84 64.79 31.52
CA ALA X 67 -36.24 65.16 32.86
C ALA X 67 -35.36 64.43 33.86
N ARG X 68 -34.41 65.15 34.46
CA ARG X 68 -33.49 64.53 35.39
C ARG X 68 -34.06 64.60 36.80
N TYR X 69 -34.17 63.44 37.43
CA TYR X 69 -34.68 63.29 38.78
C TYR X 69 -33.55 63.12 39.77
N ALA X 70 -33.89 62.79 41.00
CA ALA X 70 -32.89 62.63 42.05
C ALA X 70 -32.03 61.40 41.82
N PHE X 71 -30.79 61.48 42.33
CA PHE X 71 -29.80 60.40 42.28
C PHE X 71 -29.50 59.95 40.84
N GLY X 72 -29.42 60.92 39.94
CA GLY X 72 -28.94 60.69 38.60
C GLY X 72 -29.93 60.03 37.65
N GLN X 73 -31.18 59.88 38.04
CA GLN X 73 -32.17 59.24 37.19
C GLN X 73 -32.73 60.23 36.18
N GLU X 74 -32.86 59.78 34.94
CA GLU X 74 -33.42 60.60 33.88
C GLU X 74 -34.47 59.81 33.12
N LYS X 75 -35.56 60.48 32.77
CA LYS X 75 -36.58 59.92 31.89
C LYS X 75 -36.53 60.63 30.55
N ASN X 76 -37.01 59.94 29.52
CA ASN X 76 -36.82 60.36 28.14
C ASN X 76 -38.17 60.39 27.46
N VAL X 77 -38.62 61.58 27.06
CA VAL X 77 -39.91 61.77 26.40
C VAL X 77 -39.65 62.48 25.08
N SER X 78 -40.05 61.86 23.98
CA SER X 78 -39.86 62.42 22.65
C SER X 78 -41.02 63.34 22.31
N LEU X 79 -40.72 64.63 22.12
CA LEU X 79 -41.72 65.64 21.80
C LEU X 79 -41.89 65.83 20.30
N ASN X 80 -41.60 64.82 19.50
CA ASN X 80 -41.56 65.00 18.04
C ASN X 80 -42.97 65.14 17.47
N ASN X 81 -43.15 66.16 16.64
CA ASN X 81 -44.41 66.48 15.94
C ASN X 81 -45.57 66.72 16.89
N PHE X 82 -45.30 67.17 18.10
CA PHE X 82 -46.40 67.50 19.00
C PHE X 82 -46.90 68.91 18.72
N SER X 83 -48.08 69.20 19.24
CA SER X 83 -48.58 70.56 19.29
C SER X 83 -48.04 71.23 20.54
N ALA X 84 -48.39 72.51 20.73
CA ALA X 84 -48.01 73.18 21.97
C ALA X 84 -48.79 72.64 23.16
N ASP X 85 -50.03 72.17 22.91
CA ASP X 85 -50.83 71.60 23.98
C ASP X 85 -50.28 70.26 24.44
N GLN X 86 -49.78 69.45 23.50
CA GLN X 86 -49.21 68.15 23.86
C GLN X 86 -47.89 68.31 24.59
N VAL X 87 -47.07 69.29 24.18
CA VAL X 87 -45.84 69.59 24.90
C VAL X 87 -46.15 70.14 26.29
N THR X 88 -47.21 70.95 26.40
CA THR X 88 -47.63 71.45 27.70
C THR X 88 -48.10 70.33 28.61
N ARG X 89 -48.85 69.36 28.05
CA ARG X 89 -49.31 68.23 28.85
C ARG X 89 -48.17 67.33 29.27
N ALA X 90 -47.20 67.10 28.39
CA ALA X 90 -46.05 66.27 28.73
C ALA X 90 -45.20 66.94 29.81
N LEU X 91 -45.00 68.25 29.71
CA LEU X 91 -44.17 68.93 30.69
C LEU X 91 -44.90 69.10 32.02
N GLU X 92 -46.23 69.23 32.00
CA GLU X 92 -46.93 69.29 33.27
C GLU X 92 -47.05 67.92 33.92
N ASN X 93 -47.04 66.84 33.12
CA ASN X 93 -46.96 65.51 33.70
C ASN X 93 -45.58 65.28 34.31
N VAL X 94 -44.53 65.83 33.70
CA VAL X 94 -43.20 65.79 34.28
C VAL X 94 -43.15 66.55 35.60
N LEU X 95 -43.71 67.78 35.61
CA LEU X 95 -43.67 68.62 36.80
C LEU X 95 -44.51 68.04 37.94
N SER X 96 -45.68 67.48 37.63
CA SER X 96 -46.57 66.99 38.67
C SER X 96 -46.27 65.55 39.07
N SER X 97 -45.53 64.80 38.27
CA SER X 97 -45.23 63.42 38.60
C SER X 97 -44.22 63.33 39.75
N LYS X 98 -43.01 63.83 39.51
CA LYS X 98 -41.85 63.71 40.40
C LYS X 98 -41.62 62.26 40.83
N ALA X 99 -41.49 61.39 39.83
CA ALA X 99 -41.24 59.98 40.07
C ALA X 99 -39.74 59.69 40.06
N LEU Y 4 22.04 24.50 -48.65
CA LEU Y 4 23.41 24.50 -48.19
C LEU Y 4 23.53 23.59 -46.95
N LEU Y 5 22.37 23.23 -46.40
CA LEU Y 5 22.24 22.36 -45.21
C LEU Y 5 22.98 22.97 -44.02
N LYS Y 6 22.39 24.06 -43.52
CA LYS Y 6 22.79 24.71 -42.29
C LYS Y 6 22.87 23.69 -41.14
N LYS Y 7 24.05 23.60 -40.53
CA LYS Y 7 24.30 22.51 -39.58
C LYS Y 7 23.57 22.74 -38.26
N THR Y 8 23.53 23.98 -37.79
CA THR Y 8 22.84 24.30 -36.54
C THR Y 8 22.15 25.64 -36.68
N THR Y 9 21.07 25.81 -35.92
CA THR Y 9 20.33 27.07 -35.91
C THR Y 9 20.96 28.11 -35.02
N GLY Y 10 21.84 27.72 -34.10
CA GLY Y 10 22.41 28.61 -33.12
C GLY Y 10 21.58 28.73 -31.86
N LEU Y 11 20.28 28.52 -31.95
CA LEU Y 11 19.39 28.60 -30.81
C LEU Y 11 19.21 27.19 -30.24
N VAL Y 12 19.33 27.07 -28.93
CA VAL Y 12 19.28 25.76 -28.28
C VAL Y 12 17.84 25.30 -28.20
N GLY Y 13 17.59 24.08 -28.69
CA GLY Y 13 16.25 23.54 -28.75
C GLY Y 13 15.49 23.89 -29.99
N LEU Y 14 16.13 24.56 -30.94
CA LEU Y 14 15.51 24.96 -32.20
C LEU Y 14 16.13 24.08 -33.28
N ALA Y 15 15.37 23.09 -33.75
CA ALA Y 15 15.88 22.18 -34.76
C ALA Y 15 15.95 22.86 -36.12
N VAL Y 16 16.83 22.33 -36.97
CA VAL Y 16 16.96 22.85 -38.33
C VAL Y 16 15.80 22.33 -39.16
N CYS Y 17 15.05 23.25 -39.78
CA CYS Y 17 13.97 22.87 -40.67
C CYS Y 17 14.54 22.62 -42.06
N GLU Y 18 14.28 21.43 -42.59
CA GLU Y 18 14.90 21.03 -43.84
C GLU Y 18 14.23 21.67 -45.04
N THR Y 19 12.91 21.84 -44.99
CA THR Y 19 12.12 22.46 -46.05
C THR Y 19 11.47 23.72 -45.51
N PRO Y 20 12.18 24.85 -45.50
CA PRO Y 20 11.61 26.07 -44.89
C PRO Y 20 10.57 26.74 -45.77
N HIS Y 21 10.74 26.68 -47.09
CA HIS Y 21 9.82 27.39 -47.99
C HIS Y 21 8.44 26.76 -48.00
N GLU Y 22 8.38 25.43 -48.13
CA GLU Y 22 7.09 24.74 -48.13
C GLU Y 22 6.40 24.85 -46.77
N ARG Y 23 7.19 24.82 -45.69
CA ARG Y 23 6.62 24.96 -44.35
C ARG Y 23 6.05 26.36 -44.14
N LEU Y 24 6.74 27.40 -44.61
CA LEU Y 24 6.21 28.75 -44.49
C LEU Y 24 4.98 28.96 -45.37
N LYS Y 25 4.96 28.35 -46.56
CA LYS Y 25 3.80 28.47 -47.43
C LYS Y 25 2.58 27.79 -46.82
N ILE Y 26 2.76 26.58 -46.27
CA ILE Y 26 1.67 25.86 -45.60
C ILE Y 26 1.18 26.63 -44.38
N LEU Y 27 2.10 27.17 -43.58
CA LEU Y 27 1.69 27.91 -42.39
C LEU Y 27 1.02 29.23 -42.73
N TYR Y 28 1.45 29.91 -43.79
CA TYR Y 28 0.83 31.18 -44.14
C TYR Y 28 -0.56 30.98 -44.75
N THR Y 29 -0.72 29.98 -45.62
CA THR Y 29 -2.07 29.69 -46.13
C THR Y 29 -2.97 29.15 -45.03
N LYS Y 30 -2.39 28.49 -44.03
CA LYS Y 30 -3.21 28.00 -42.93
C LYS Y 30 -3.62 29.14 -42.00
N ILE Y 31 -2.73 30.13 -41.81
CA ILE Y 31 -3.08 31.35 -41.07
C ILE Y 31 -4.19 32.10 -41.79
N LEU Y 32 -4.12 32.19 -43.12
CA LEU Y 32 -5.18 32.86 -43.87
C LEU Y 32 -6.49 32.08 -43.84
N ASP Y 33 -6.42 30.75 -43.84
CA ASP Y 33 -7.62 29.92 -43.79
C ASP Y 33 -8.30 30.01 -42.44
N VAL Y 34 -7.52 30.05 -41.35
CA VAL Y 34 -8.10 30.27 -40.03
C VAL Y 34 -8.64 31.69 -39.91
N LEU Y 35 -7.88 32.65 -40.42
CA LEU Y 35 -8.19 34.07 -40.27
C LEU Y 35 -9.39 34.50 -41.10
N GLY Y 36 -9.79 33.69 -42.08
CA GLY Y 36 -11.04 33.92 -42.77
C GLY Y 36 -12.31 33.66 -41.98
N HIS Y 37 -12.21 33.19 -40.73
CA HIS Y 37 -13.36 32.99 -39.86
C HIS Y 37 -13.65 34.21 -38.99
N ILE Y 38 -12.92 35.30 -39.19
CA ILE Y 38 -13.02 36.51 -38.38
C ILE Y 38 -13.77 37.53 -39.25
N PRO Y 39 -14.60 38.40 -38.69
CA PRO Y 39 -15.29 39.40 -39.51
C PRO Y 39 -14.32 40.38 -40.17
N LYS Y 40 -14.72 40.86 -41.34
CA LYS Y 40 -13.82 41.67 -42.16
C LYS Y 40 -13.62 43.07 -41.61
N ASN Y 41 -14.52 43.55 -40.76
CA ASN Y 41 -14.34 44.85 -40.14
C ASN Y 41 -13.37 44.82 -38.97
N ALA Y 42 -12.95 43.63 -38.53
CA ALA Y 42 -11.98 43.52 -37.45
C ALA Y 42 -10.61 43.98 -37.93
N ALA Y 43 -9.95 44.82 -37.12
CA ALA Y 43 -8.64 45.33 -37.50
C ALA Y 43 -7.58 44.24 -37.41
N TYR Y 44 -7.77 43.26 -36.53
CA TYR Y 44 -6.82 42.15 -36.43
C TYR Y 44 -6.77 41.34 -37.70
N ARG Y 45 -7.94 41.06 -38.30
CA ARG Y 45 -7.99 40.31 -39.55
C ARG Y 45 -7.30 41.07 -40.67
N LYS Y 46 -7.58 42.37 -40.79
CA LYS Y 46 -7.01 43.17 -41.88
C LYS Y 46 -5.50 43.29 -41.75
N TYR Y 47 -5.01 43.58 -40.55
CA TYR Y 47 -3.57 43.72 -40.33
C TYR Y 47 -2.83 42.40 -40.48
N THR Y 48 -3.45 41.30 -40.02
CA THR Y 48 -2.76 40.03 -40.09
C THR Y 48 -2.81 39.46 -41.51
N GLU Y 49 -3.90 39.67 -42.25
CA GLU Y 49 -3.93 39.35 -43.67
C GLU Y 49 -2.90 40.16 -44.44
N GLN Y 50 -2.72 41.42 -44.07
CA GLN Y 50 -1.72 42.27 -44.73
C GLN Y 50 -0.31 41.74 -44.51
N ILE Y 51 0.07 41.50 -43.25
CA ILE Y 51 1.44 41.05 -42.98
C ILE Y 51 1.66 39.62 -43.45
N THR Y 52 0.62 38.79 -43.44
CA THR Y 52 0.76 37.40 -43.88
C THR Y 52 0.87 37.33 -45.39
N ASN Y 53 0.13 38.18 -46.12
CA ASN Y 53 0.28 38.23 -47.56
C ASN Y 53 1.61 38.84 -47.97
N GLU Y 54 2.13 39.79 -47.19
CA GLU Y 54 3.47 40.32 -47.46
C GLU Y 54 4.54 39.24 -47.30
N LYS Y 55 4.51 38.52 -46.16
CA LYS Y 55 5.49 37.48 -45.92
C LYS Y 55 5.34 36.31 -46.88
N LEU Y 56 4.10 35.99 -47.29
CA LEU Y 56 3.89 34.91 -48.25
C LEU Y 56 4.33 35.31 -49.65
N SER Y 57 4.17 36.59 -50.02
CA SER Y 57 4.70 37.07 -51.28
C SER Y 57 6.23 37.02 -51.28
N ILE Y 58 6.85 37.33 -50.15
CA ILE Y 58 8.31 37.22 -50.05
C ILE Y 58 8.76 35.77 -50.16
N VAL Y 59 8.04 34.85 -49.51
CA VAL Y 59 8.43 33.43 -49.54
C VAL Y 59 8.22 32.84 -50.93
N LYS Y 60 7.13 33.21 -51.61
CA LYS Y 60 6.91 32.70 -52.96
C LYS Y 60 7.85 33.33 -53.98
N ALA Y 61 8.30 34.56 -53.73
CA ALA Y 61 9.14 35.25 -54.69
C ALA Y 61 10.63 35.08 -54.42
N GLU Y 62 11.04 34.21 -53.52
CA GLU Y 62 12.46 34.02 -53.22
C GLU Y 62 12.81 32.54 -53.22
N PRO Y 63 13.66 32.08 -54.15
CA PRO Y 63 14.09 30.67 -54.13
C PRO Y 63 15.12 30.40 -53.05
N ASP Y 64 16.02 31.35 -52.85
CA ASP Y 64 17.15 31.18 -51.94
C ASP Y 64 16.66 31.19 -50.50
N VAL Y 65 17.41 30.54 -49.62
CA VAL Y 65 17.03 30.46 -48.21
C VAL Y 65 17.62 31.62 -47.42
N LYS Y 66 18.89 31.94 -47.65
CA LYS Y 66 19.58 32.93 -46.84
C LYS Y 66 19.10 34.34 -47.20
N LYS Y 67 18.89 34.60 -48.49
CA LYS Y 67 18.30 35.87 -48.92
C LYS Y 67 16.87 36.01 -48.40
N LEU Y 68 16.14 34.89 -48.32
CA LEU Y 68 14.82 34.89 -47.69
C LEU Y 68 14.91 35.25 -46.22
N GLU Y 69 15.96 34.80 -45.53
CA GLU Y 69 16.15 35.20 -44.14
C GLU Y 69 16.50 36.68 -44.03
N GLU Y 70 17.32 37.21 -44.95
CA GLU Y 70 17.66 38.62 -44.84
C GLU Y 70 16.53 39.55 -45.25
N GLN Y 71 15.57 39.10 -46.06
CA GLN Y 71 14.50 40.00 -46.45
C GLN Y 71 13.16 39.73 -45.78
N LEU Y 72 12.99 38.58 -45.13
CA LEU Y 72 11.87 38.46 -44.18
C LEU Y 72 12.15 39.25 -42.92
N GLN Y 73 13.43 39.40 -42.56
CA GLN Y 73 13.92 40.22 -41.45
C GLN Y 73 13.35 39.72 -40.12
N GLY Y 74 13.60 38.44 -39.84
CA GLY Y 74 13.15 37.84 -38.60
C GLY Y 74 14.16 36.86 -38.05
N GLY Y 75 15.42 37.02 -38.41
CA GLY Y 75 16.47 36.17 -37.90
C GLY Y 75 16.65 34.89 -38.69
N GLN Y 76 16.86 33.78 -37.98
CA GLN Y 76 16.92 32.47 -38.60
C GLN Y 76 15.55 32.12 -39.19
N ILE Y 77 15.55 31.20 -40.16
CA ILE Y 77 14.28 30.86 -40.79
C ILE Y 77 13.43 29.99 -39.88
N GLU Y 78 14.05 29.29 -38.93
CA GLU Y 78 13.29 28.40 -38.06
C GLU Y 78 12.52 29.17 -37.00
N GLU Y 79 13.04 30.31 -36.54
CA GLU Y 79 12.25 31.15 -35.67
C GLU Y 79 11.22 31.98 -36.43
N VAL Y 80 11.39 32.16 -37.74
CA VAL Y 80 10.31 32.69 -38.58
C VAL Y 80 9.17 31.67 -38.66
N ILE Y 81 9.52 30.38 -38.79
CA ILE Y 81 8.51 29.32 -38.74
C ILE Y 81 7.85 29.24 -37.37
N LEU Y 82 8.64 29.44 -36.32
CA LEU Y 82 8.10 29.47 -34.96
C LEU Y 82 7.11 30.61 -34.76
N GLN Y 83 7.44 31.79 -35.30
CA GLN Y 83 6.51 32.91 -35.22
C GLN Y 83 5.27 32.69 -36.08
N ALA Y 84 5.40 31.96 -37.20
CA ALA Y 84 4.23 31.61 -37.98
C ALA Y 84 3.30 30.68 -37.22
N GLU Y 85 3.86 29.70 -36.50
CA GLU Y 85 3.05 28.81 -35.67
C GLU Y 85 2.41 29.58 -34.51
N ASN Y 86 3.14 30.54 -33.95
CA ASN Y 86 2.60 31.37 -32.88
C ASN Y 86 1.47 32.26 -33.37
N GLU Y 87 1.58 32.79 -34.59
CA GLU Y 87 0.50 33.59 -35.16
C GLU Y 87 -0.72 32.74 -35.45
N LEU Y 88 -0.51 31.49 -35.89
CA LEU Y 88 -1.63 30.59 -36.14
C LEU Y 88 -2.39 30.26 -34.86
N SER Y 89 -1.65 29.90 -33.80
CA SER Y 89 -2.28 29.62 -32.51
C SER Y 89 -2.94 30.87 -31.93
N LEU Y 90 -2.35 32.05 -32.19
CA LEU Y 90 -2.95 33.30 -31.76
C LEU Y 90 -4.29 33.54 -32.45
N ALA Y 91 -4.36 33.31 -33.77
CA ALA Y 91 -5.61 33.52 -34.50
C ALA Y 91 -6.68 32.55 -34.05
N ARG Y 92 -6.30 31.31 -33.73
CA ARG Y 92 -7.26 30.36 -33.20
C ARG Y 92 -7.73 30.73 -31.81
N LYS Y 93 -6.92 31.47 -31.04
CA LYS Y 93 -7.40 32.01 -29.77
C LYS Y 93 -8.27 33.25 -29.96
N MET Y 94 -7.91 34.11 -30.91
CA MET Y 94 -8.62 35.36 -31.19
C MET Y 94 -10.00 35.12 -31.77
N ILE Y 95 -10.23 33.97 -32.40
CA ILE Y 95 -11.61 33.62 -32.78
C ILE Y 95 -12.46 33.40 -31.53
N GLN Y 96 -11.94 32.67 -30.54
CA GLN Y 96 -12.72 32.33 -29.36
C GLN Y 96 -12.88 33.50 -28.40
N TRP Y 97 -11.92 34.43 -28.40
CA TRP Y 97 -12.00 35.57 -27.48
C TRP Y 97 -12.91 36.67 -27.99
N LYS Y 98 -13.06 36.77 -29.30
CA LYS Y 98 -13.79 37.84 -29.97
C LYS Y 98 -13.43 39.26 -29.54
N PRO Y 99 -12.19 39.69 -29.73
CA PRO Y 99 -11.77 40.98 -29.16
C PRO Y 99 -11.99 42.19 -30.06
N TRP Y 100 -12.66 42.04 -31.20
CA TRP Y 100 -13.02 43.18 -32.02
C TRP Y 100 -14.29 43.87 -31.54
N GLU Y 101 -14.93 43.31 -30.53
CA GLU Y 101 -16.18 43.83 -29.98
C GLU Y 101 -15.90 45.15 -29.25
N PRO Y 102 -16.94 45.93 -28.94
CA PRO Y 102 -16.73 47.16 -28.15
C PRO Y 102 -16.24 46.86 -26.74
N LEU Y 103 -15.84 47.94 -26.06
CA LEU Y 103 -15.22 47.85 -24.74
C LEU Y 103 -16.20 47.30 -23.71
N VAL Y 104 -15.75 46.31 -22.94
CA VAL Y 104 -16.65 45.56 -22.06
C VAL Y 104 -17.11 46.42 -20.90
N GLU Y 105 -16.27 47.33 -20.41
CA GLU Y 105 -16.65 48.18 -19.30
C GLU Y 105 -15.77 49.42 -19.31
N GLU Y 106 -16.39 50.57 -19.09
CA GLU Y 106 -15.64 51.79 -18.90
C GLU Y 106 -14.96 51.76 -17.52
N PRO Y 107 -13.78 52.35 -17.41
CA PRO Y 107 -13.14 52.46 -16.11
C PRO Y 107 -13.82 53.53 -15.27
N PRO Y 108 -13.58 53.56 -13.96
CA PRO Y 108 -14.01 54.70 -13.15
C PRO Y 108 -13.29 55.98 -13.56
N ALA Y 109 -13.85 57.11 -13.14
CA ALA Y 109 -13.46 58.41 -13.69
C ALA Y 109 -12.06 58.83 -13.28
N SER Y 110 -11.55 58.35 -12.16
CA SER Y 110 -10.19 58.63 -11.74
C SER Y 110 -9.36 57.36 -11.68
N GLN Y 111 -9.62 56.41 -12.58
CA GLN Y 111 -8.93 55.13 -12.52
C GLN Y 111 -7.52 55.22 -13.07
N TRP Y 112 -7.31 55.97 -14.15
CA TRP Y 112 -5.98 56.11 -14.73
C TRP Y 112 -5.46 57.53 -14.62
N LYS Y 113 -5.81 58.22 -13.54
CA LYS Y 113 -5.37 59.59 -13.33
C LYS Y 113 -4.13 59.57 -12.45
N TRP Y 114 -3.05 60.19 -12.93
CA TRP Y 114 -1.82 60.21 -12.18
C TRP Y 114 -1.11 61.55 -12.40
N PRO Y 115 -0.71 62.25 -11.33
CA PRO Y 115 -0.81 61.93 -9.90
C PRO Y 115 -2.21 62.14 -9.36
N ILE Y 116 -2.52 61.54 -8.22
CA ILE Y 116 -3.89 61.51 -7.74
C ILE Y 116 -4.31 62.83 -7.12
N THR Z 27 -23.42 46.79 -8.29
CA THR Z 27 -23.20 45.94 -7.13
C THR Z 27 -22.87 44.51 -7.55
N SER Z 28 -22.91 44.26 -8.86
CA SER Z 28 -22.56 42.95 -9.40
C SER Z 28 -21.04 42.82 -9.44
N VAL Z 29 -20.50 41.93 -8.60
CA VAL Z 29 -19.06 41.75 -8.50
C VAL Z 29 -18.71 40.35 -8.98
N LYS Z 30 -17.45 40.18 -9.34
CA LYS Z 30 -16.99 38.90 -9.87
C LYS Z 30 -16.57 37.98 -8.73
N PRO Z 31 -17.12 36.78 -8.64
CA PRO Z 31 -16.83 35.90 -7.49
C PRO Z 31 -15.43 35.31 -7.58
N ILE Z 32 -15.00 34.72 -6.46
CA ILE Z 32 -13.70 34.07 -6.41
C ILE Z 32 -13.90 32.57 -6.60
N PHE Z 33 -14.62 31.93 -5.69
CA PHE Z 33 -14.99 30.54 -5.89
C PHE Z 33 -16.46 30.29 -5.61
N SER Z 34 -17.08 31.13 -4.77
CA SER Z 34 -18.42 30.88 -4.27
C SER Z 34 -19.41 31.84 -4.90
N ARG Z 35 -20.53 31.31 -5.37
CA ARG Z 35 -21.58 32.12 -5.97
C ARG Z 35 -22.44 32.77 -4.90
N ASP Z 36 -22.73 32.05 -3.82
CA ASP Z 36 -23.55 32.56 -2.73
C ASP Z 36 -22.83 32.25 -1.42
N MET Z 37 -23.52 32.47 -0.30
CA MET Z 37 -22.92 32.18 0.99
C MET Z 37 -22.95 30.71 1.36
N ASN Z 38 -23.77 29.89 0.69
CA ASN Z 38 -23.87 28.49 1.07
C ASN Z 38 -22.70 27.67 0.56
N GLU Z 39 -22.23 27.97 -0.65
CA GLU Z 39 -20.99 27.37 -1.14
C GLU Z 39 -19.81 27.82 -0.30
N ALA Z 40 -19.87 29.06 0.19
CA ALA Z 40 -18.84 29.59 1.07
C ALA Z 40 -18.84 28.86 2.42
N LYS Z 41 -20.03 28.57 2.96
CA LYS Z 41 -20.11 27.78 4.19
C LYS Z 41 -19.64 26.36 3.97
N ARG Z 42 -19.89 25.80 2.79
CA ARG Z 42 -19.33 24.49 2.44
C ARG Z 42 -17.81 24.50 2.46
N ARG Z 43 -17.21 25.57 1.95
CA ARG Z 43 -15.74 25.64 1.94
C ARG Z 43 -15.17 25.88 3.33
N VAL Z 44 -15.82 26.74 4.14
CA VAL Z 44 -15.44 26.94 5.53
C VAL Z 44 -15.53 25.62 6.30
N ARG Z 45 -16.56 24.84 6.01
CA ARG Z 45 -16.81 23.59 6.71
C ARG Z 45 -15.78 22.53 6.34
N GLU Z 46 -15.42 22.43 5.07
CA GLU Z 46 -14.38 21.49 4.65
C GLU Z 46 -13.01 21.91 5.17
N LEU Z 47 -12.73 23.21 5.23
CA LEU Z 47 -11.47 23.68 5.79
C LEU Z 47 -11.38 23.36 7.29
N TYR Z 48 -12.49 23.50 8.01
CA TYR Z 48 -12.53 23.12 9.41
C TYR Z 48 -12.32 21.62 9.59
N ARG Z 49 -12.92 20.81 8.71
CA ARG Z 49 -12.68 19.37 8.73
C ARG Z 49 -11.21 19.05 8.54
N ALA Z 50 -10.55 19.74 7.60
CA ALA Z 50 -9.15 19.48 7.31
C ALA Z 50 -8.25 19.88 8.48
N TRP Z 51 -8.52 21.03 9.11
CA TRP Z 51 -7.74 21.43 10.28
C TRP Z 51 -7.95 20.50 11.46
N TYR Z 52 -9.19 20.05 11.68
CA TYR Z 52 -9.48 19.11 12.76
C TYR Z 52 -8.75 17.79 12.54
N ARG Z 53 -8.68 17.32 11.29
CA ARG Z 53 -7.90 16.14 11.00
C ARG Z 53 -6.40 16.39 11.12
N GLU Z 54 -5.96 17.64 10.97
CA GLU Z 54 -4.52 17.87 10.96
C GLU Z 54 -3.90 18.05 12.34
N VAL Z 55 -4.62 18.67 13.28
CA VAL Z 55 -4.14 18.99 14.63
C VAL Z 55 -3.41 17.86 15.39
N PRO Z 56 -3.86 16.59 15.40
CA PRO Z 56 -3.03 15.55 16.05
C PRO Z 56 -1.68 15.32 15.39
N ASN Z 57 -1.63 15.36 14.06
CA ASN Z 57 -0.36 15.24 13.36
C ASN Z 57 0.53 16.44 13.62
N THR Z 58 -0.07 17.63 13.76
CA THR Z 58 0.70 18.83 14.03
C THR Z 58 1.30 18.80 15.44
N VAL Z 59 0.54 18.32 16.42
CA VAL Z 59 1.08 18.19 17.77
C VAL Z 59 2.14 17.08 17.80
N HIS Z 60 1.99 16.04 16.97
CA HIS Z 60 2.95 14.95 16.99
C HIS Z 60 4.27 15.34 16.35
N LEU Z 61 4.27 15.71 15.07
CA LEU Z 61 5.54 15.84 14.37
C LEU Z 61 6.25 17.16 14.63
N PHE Z 62 5.55 18.19 15.11
CA PHE Z 62 6.22 19.37 15.62
C PHE Z 62 6.63 19.24 17.08
N GLN Z 63 6.30 18.09 17.69
CA GLN Z 63 6.49 17.76 19.11
C GLN Z 63 6.17 18.92 20.06
N LEU Z 64 4.93 19.39 19.94
CA LEU Z 64 4.45 20.50 20.72
C LEU Z 64 4.17 20.08 22.16
N ASP Z 65 4.22 21.05 23.06
CA ASP Z 65 3.93 20.83 24.46
C ASP Z 65 2.47 21.07 24.81
N ILE Z 66 1.62 21.24 23.80
CA ILE Z 66 0.20 21.39 24.01
C ILE Z 66 -0.49 20.05 23.77
N SER Z 67 -1.73 19.94 24.18
CA SER Z 67 -2.54 18.77 23.91
C SER Z 67 -3.26 18.93 22.57
N VAL Z 68 -3.87 17.84 22.10
CA VAL Z 68 -4.64 17.88 20.87
C VAL Z 68 -5.92 18.68 21.07
N LYS Z 69 -6.52 18.56 22.25
CA LYS Z 69 -7.72 19.32 22.58
C LYS Z 69 -7.47 20.81 22.61
N GLN Z 70 -6.29 21.21 23.09
CA GLN Z 70 -5.96 22.63 23.18
C GLN Z 70 -5.73 23.24 21.80
N GLY Z 71 -5.05 22.51 20.91
CA GLY Z 71 -4.88 22.97 19.55
C GLY Z 71 -6.19 23.00 18.78
N ARG Z 72 -7.06 22.02 19.02
CA ARG Z 72 -8.37 22.03 18.38
C ARG Z 72 -9.25 23.18 18.88
N ASP Z 73 -9.14 23.52 20.16
CA ASP Z 73 -9.85 24.70 20.67
C ASP Z 73 -9.27 25.97 20.09
N LYS Z 74 -7.97 26.02 19.82
CA LYS Z 74 -7.39 27.18 19.14
C LYS Z 74 -7.89 27.29 17.70
N VAL Z 75 -8.03 26.15 17.01
CA VAL Z 75 -8.58 26.18 15.66
C VAL Z 75 -10.03 26.65 15.67
N ARG Z 76 -10.81 26.16 16.63
CA ARG Z 76 -12.19 26.62 16.82
C ARG Z 76 -12.23 28.12 17.13
N GLU Z 77 -11.27 28.61 17.92
CA GLU Z 77 -11.19 30.03 18.24
C GLU Z 77 -10.87 30.87 17.01
N MET Z 78 -9.93 30.41 16.19
CA MET Z 78 -9.55 31.16 15.00
C MET Z 78 -10.62 31.11 13.93
N PHE Z 79 -11.45 30.07 13.92
CA PHE Z 79 -12.62 30.07 13.04
C PHE Z 79 -13.72 31.01 13.55
N LYS Z 80 -14.00 30.95 14.86
CA LYS Z 80 -15.06 31.79 15.42
C LYS Z 80 -14.68 33.26 15.51
N LYS Z 81 -13.40 33.58 15.36
CA LYS Z 81 -12.97 34.98 15.29
C LYS Z 81 -13.54 35.66 14.06
N ASN Z 82 -13.59 34.95 12.93
CA ASN Z 82 -14.03 35.51 11.66
C ASN Z 82 -15.45 35.11 11.30
N ALA Z 83 -16.24 34.66 12.27
CA ALA Z 83 -17.56 34.10 11.99
C ALA Z 83 -18.63 35.14 11.73
N HIS Z 84 -18.30 36.43 11.70
CA HIS Z 84 -19.28 37.49 11.53
C HIS Z 84 -19.27 38.08 10.13
N VAL Z 85 -18.68 37.39 9.16
CA VAL Z 85 -18.53 37.94 7.82
C VAL Z 85 -19.63 37.40 6.93
N THR Z 86 -20.36 38.32 6.27
CA THR Z 86 -21.48 37.96 5.41
C THR Z 86 -21.18 38.20 3.94
N ASP Z 87 -19.92 38.46 3.58
CA ASP Z 87 -19.52 38.71 2.21
C ASP Z 87 -18.92 37.44 1.65
N PRO Z 88 -19.41 36.91 0.52
CA PRO Z 88 -18.83 35.66 -0.01
C PRO Z 88 -17.39 35.76 -0.46
N ARG Z 89 -16.96 36.91 -0.97
CA ARG Z 89 -15.59 37.05 -1.44
C ARG Z 89 -14.60 37.09 -0.28
N VAL Z 90 -14.99 37.72 0.84
CA VAL Z 90 -14.10 37.83 1.98
C VAL Z 90 -13.91 36.46 2.62
N VAL Z 91 -14.97 35.67 2.73
CA VAL Z 91 -14.82 34.34 3.28
C VAL Z 91 -14.19 33.37 2.30
N ASP Z 92 -14.30 33.64 0.99
CA ASP Z 92 -13.48 32.91 0.02
C ASP Z 92 -12.00 33.13 0.26
N LEU Z 93 -11.59 34.39 0.43
CA LEU Z 93 -10.19 34.67 0.75
C LEU Z 93 -9.78 34.16 2.12
N LEU Z 94 -10.72 34.06 3.07
CA LEU Z 94 -10.39 33.46 4.36
C LEU Z 94 -10.15 31.96 4.23
N VAL Z 95 -10.95 31.27 3.42
CA VAL Z 95 -10.72 29.84 3.16
C VAL Z 95 -9.41 29.64 2.41
N ILE Z 96 -9.08 30.55 1.50
CA ILE Z 96 -7.83 30.45 0.73
C ILE Z 96 -6.62 30.62 1.65
N LYS Z 97 -6.66 31.64 2.52
CA LYS Z 97 -5.56 31.85 3.46
C LYS Z 97 -5.49 30.73 4.51
N GLY Z 98 -6.63 30.13 4.87
CA GLY Z 98 -6.60 29.00 5.78
C GLY Z 98 -6.02 27.75 5.15
N LYS Z 99 -6.31 27.54 3.86
CA LYS Z 99 -5.66 26.45 3.12
C LYS Z 99 -4.18 26.70 2.95
N MET Z 100 -3.76 27.96 2.84
CA MET Z 100 -2.33 28.25 2.76
C MET Z 100 -1.63 27.98 4.09
N GLU Z 101 -2.26 28.37 5.21
CA GLU Z 101 -1.71 28.04 6.53
C GLU Z 101 -1.66 26.53 6.76
N LEU Z 102 -2.68 25.83 6.27
CA LEU Z 102 -2.71 24.38 6.40
C LEU Z 102 -1.66 23.72 5.52
N GLU Z 103 -1.41 24.27 4.35
CA GLU Z 103 -0.35 23.73 3.49
C GLU Z 103 1.03 24.00 4.09
N GLU Z 104 1.19 25.14 4.77
CA GLU Z 104 2.43 25.42 5.49
C GLU Z 104 2.57 24.59 6.74
N THR Z 105 1.48 24.00 7.25
CA THR Z 105 1.51 23.14 8.43
C THR Z 105 1.67 21.66 8.11
N ILE Z 106 0.97 21.16 7.08
CA ILE Z 106 1.10 19.74 6.68
C ILE Z 106 2.50 19.47 6.17
N ASN Z 107 2.89 20.15 5.10
CA ASN Z 107 4.28 20.22 4.72
C ASN Z 107 5.01 20.99 5.81
N VAL Z 108 6.21 20.53 6.18
CA VAL Z 108 6.90 21.12 7.32
C VAL Z 108 7.65 22.33 6.77
N TRP Z 109 6.91 23.41 6.60
CA TRP Z 109 7.45 24.71 6.21
C TRP Z 109 7.53 25.65 7.37
N LYS Z 110 6.49 25.67 8.20
CA LYS Z 110 6.56 26.28 9.51
C LYS Z 110 7.51 25.48 10.40
N GLN Z 111 8.08 26.16 11.39
CA GLN Z 111 8.78 25.47 12.45
C GLN Z 111 7.86 25.39 13.67
N ARG Z 112 8.43 24.93 14.80
CA ARG Z 112 7.70 24.88 16.06
C ARG Z 112 7.30 26.28 16.52
N THR Z 113 8.13 27.28 16.22
CA THR Z 113 7.83 28.65 16.60
C THR Z 113 6.62 29.19 15.85
N HIS Z 114 6.50 28.89 14.56
CA HIS Z 114 5.41 29.43 13.76
C HIS Z 114 4.09 28.77 14.12
N VAL Z 115 4.13 27.52 14.55
CA VAL Z 115 2.92 26.86 15.04
C VAL Z 115 2.53 27.43 16.39
N MET Z 116 3.51 27.68 17.27
CA MET Z 116 3.16 28.16 18.59
C MET Z 116 2.92 29.67 18.65
N ARG Z 117 3.09 30.41 17.54
CA ARG Z 117 2.70 31.82 17.54
C ARG Z 117 1.20 32.05 17.63
N PHE Z 118 0.38 31.03 17.38
CA PHE Z 118 -1.04 31.17 17.65
C PHE Z 118 -1.33 31.26 19.14
N PHE Z 119 -0.49 30.64 19.96
CA PHE Z 119 -0.64 30.65 21.42
C PHE Z 119 0.27 31.75 21.96
N HIS Z 120 -0.33 32.88 22.32
CA HIS Z 120 0.43 34.02 22.82
C HIS Z 120 0.83 33.74 24.26
N GLU Z 121 1.92 32.98 24.40
CA GLU Z 121 2.36 32.49 25.70
C GLU Z 121 3.27 33.44 26.44
N THR Z 122 4.17 34.11 25.72
CA THR Z 122 5.12 35.02 26.35
C THR Z 122 4.60 36.43 26.48
N GLU Z 123 3.32 36.64 26.21
CA GLU Z 123 2.71 37.96 26.36
C GLU Z 123 1.94 38.01 27.67
N ALA Z 124 2.12 39.09 28.41
CA ALA Z 124 1.34 39.29 29.61
C ALA Z 124 -0.12 39.56 29.23
N PRO Z 125 -1.08 39.13 30.07
CA PRO Z 125 -2.48 39.40 29.76
C PRO Z 125 -2.80 40.88 29.85
N ARG Z 126 -3.51 41.37 28.84
CA ARG Z 126 -3.83 42.78 28.78
C ARG Z 126 -4.91 43.13 29.80
N PRO Z 127 -4.87 44.35 30.33
CA PRO Z 127 -5.97 44.83 31.18
C PRO Z 127 -7.26 44.93 30.38
N LYS Z 128 -8.35 44.40 30.95
CA LYS Z 128 -9.62 44.29 30.23
C LYS Z 128 -10.64 45.32 30.66
N ASP Z 129 -10.82 45.53 31.97
CA ASP Z 129 -11.80 46.49 32.44
C ASP Z 129 -11.25 47.91 32.30
N PHE Z 130 -12.12 48.89 32.59
CA PHE Z 130 -11.72 50.30 32.52
C PHE Z 130 -10.68 50.65 33.58
N LEU Z 131 -10.77 50.02 34.75
CA LEU Z 131 -10.00 50.48 35.90
C LEU Z 131 -8.53 50.09 35.79
N SER Z 132 -8.25 48.88 35.33
CA SER Z 132 -6.86 48.46 35.16
C SER Z 132 -6.21 49.13 33.96
N LYS Z 133 -6.98 49.35 32.87
CA LYS Z 133 -6.48 50.11 31.75
C LYS Z 133 -6.22 51.57 32.13
N PHE Z 134 -7.02 52.10 33.05
CA PHE Z 134 -6.74 53.41 33.64
C PHE Z 134 -5.46 53.38 34.45
N TYR Z 135 -5.25 52.31 35.21
CA TYR Z 135 -4.09 52.22 36.09
C TYR Z 135 -2.79 52.09 35.33
N VAL Z 136 -2.79 51.39 34.19
CA VAL Z 136 -1.51 51.11 33.55
C VAL Z 136 -1.10 52.17 32.52
N GLY Z 137 -2.05 52.89 31.93
CA GLY Z 137 -1.66 53.80 30.88
C GLY Z 137 -2.77 54.61 30.23
N HIS Z 138 -2.55 54.99 28.97
CA HIS Z 138 -3.43 55.91 28.28
C HIS Z 138 -4.30 55.23 27.22
N ASP Z 139 -4.07 53.97 26.94
CA ASP Z 139 -4.74 53.30 25.83
C ASP Z 139 -6.19 53.00 26.20
N PRO Z 140 -7.15 53.31 25.33
CA PRO Z 140 -8.58 53.07 25.59
C PRO Z 140 -8.95 51.58 25.55
N AYA AA 3 58.96 39.89 -6.52
CA AYA AA 3 60.01 40.45 -7.32
CB AYA AA 3 59.90 41.96 -7.45
C AYA AA 3 61.37 40.12 -6.74
O AYA AA 3 62.44 40.39 -7.29
CT AYA AA 3 58.32 38.71 -6.84
OT AYA AA 3 58.65 38.08 -7.88
CM AYA AA 3 57.24 38.21 -5.91
N SER AA 4 61.32 39.51 -5.56
CA SER AA 4 62.54 39.16 -4.84
C SER AA 4 62.89 37.70 -5.02
N ALA AA 5 62.15 37.01 -5.89
CA ALA AA 5 62.42 35.61 -6.15
C ALA AA 5 63.70 35.45 -6.96
N THR AA 6 64.47 34.43 -6.62
CA THR AA 6 65.73 34.15 -7.30
C THR AA 6 65.45 33.43 -8.61
N ARG AA 7 66.42 33.51 -9.53
CA ARG AA 7 66.21 33.11 -10.92
C ARG AA 7 65.94 31.63 -11.10
N LEU AA 8 66.37 30.78 -10.17
CA LEU AA 8 66.06 29.37 -10.27
C LEU AA 8 64.58 29.12 -10.01
N ILE AA 9 64.06 29.66 -8.90
CA ILE AA 9 62.64 29.58 -8.58
C ILE AA 9 61.82 30.35 -9.61
N GLN AA 10 62.37 31.46 -10.10
CA GLN AA 10 61.70 32.28 -11.12
C GLN AA 10 61.52 31.51 -12.42
N GLY AA 11 62.57 30.79 -12.85
CA GLY AA 11 62.45 29.99 -14.05
C GLY AA 11 61.58 28.76 -13.86
N LEU AA 12 61.66 28.13 -12.68
CA LEU AA 12 60.78 27.01 -12.36
C LEU AA 12 59.32 27.41 -12.37
N ARG AA 13 59.03 28.59 -11.83
CA ARG AA 13 57.67 29.11 -11.75
C ARG AA 13 57.14 29.49 -13.12
N ASN AA 14 58.00 30.11 -13.95
CA ASN AA 14 57.61 30.43 -15.32
C ASN AA 14 57.44 29.17 -16.17
N TRP AA 15 58.17 28.11 -15.86
CA TRP AA 15 58.00 26.86 -16.60
C TRP AA 15 56.73 26.15 -16.19
N ALA AA 16 56.44 26.11 -14.89
CA ALA AA 16 55.27 25.38 -14.41
C ALA AA 16 53.98 26.10 -14.76
N SER AA 17 54.00 27.44 -14.81
CA SER AA 17 52.81 28.14 -15.25
C SER AA 17 52.64 28.08 -16.77
N GLY AA 18 53.73 28.02 -17.51
CA GLY AA 18 53.67 28.11 -18.96
C GLY AA 18 53.70 29.52 -19.50
N ARG AA 19 53.79 30.53 -18.64
CA ARG AA 19 53.79 31.92 -19.05
C ARG AA 19 55.02 32.60 -18.46
N ASP AA 20 55.17 33.89 -18.76
CA ASP AA 20 56.19 34.72 -18.16
C ASP AA 20 55.53 35.53 -17.04
N LEU AA 21 55.81 35.16 -15.79
CA LEU AA 21 55.10 35.73 -14.65
C LEU AA 21 55.75 36.98 -14.10
N GLN AA 22 56.97 37.30 -14.52
CA GLN AA 22 57.63 38.50 -14.02
C GLN AA 22 57.24 39.74 -14.80
N ALA AA 23 56.81 39.58 -16.06
CA ALA AA 23 56.31 40.71 -16.81
C ALA AA 23 54.96 41.18 -16.28
N LYS AA 24 54.19 40.26 -15.70
CA LYS AA 24 52.89 40.58 -15.14
C LYS AA 24 52.83 40.01 -13.72
N LEU AA 25 53.33 40.77 -12.75
CA LEU AA 25 53.20 40.39 -11.35
C LEU AA 25 51.90 40.90 -10.79
N GLN AA 26 51.19 40.04 -10.09
CA GLN AA 26 49.96 40.42 -9.39
C GLN AA 26 50.23 41.08 -8.04
N LEU AA 27 51.49 41.22 -7.65
CA LEU AA 27 51.86 42.03 -6.51
C LEU AA 27 52.34 43.38 -7.01
N ARG AA 28 51.96 44.45 -6.31
CA ARG AA 28 52.23 45.80 -6.76
C ARG AA 28 53.46 46.37 -6.08
N TYR AA 29 54.20 47.17 -6.81
CA TYR AA 29 55.50 47.67 -6.40
C TYR AA 29 55.51 49.15 -6.78
N GLN AA 30 56.70 49.73 -6.93
CA GLN AA 30 56.84 51.15 -7.21
C GLN AA 30 56.25 51.62 -8.59
N GLU AA 31 55.58 50.79 -9.39
CA GLU AA 31 54.91 51.24 -10.61
C GLU AA 31 53.59 51.93 -10.32
N ILE AA 32 53.07 51.83 -9.11
CA ILE AA 32 51.76 52.41 -8.79
C ILE AA 32 51.90 53.89 -8.52
N SER AA 33 50.77 54.60 -8.47
CA SER AA 33 50.79 56.02 -8.25
C SER AA 33 51.13 56.34 -6.79
N LYS AA 34 51.47 57.60 -6.55
CA LYS AA 34 51.84 58.05 -5.23
C LYS AA 34 50.63 58.11 -4.32
N ARG AA 35 50.86 57.84 -3.02
CA ARG AA 35 49.78 57.96 -2.06
C ARG AA 35 49.47 59.41 -1.75
N THR AA 36 50.47 60.29 -1.88
CA THR AA 36 50.30 61.72 -1.74
C THR AA 36 50.39 62.34 -3.12
N GLN AA 37 49.34 63.04 -3.51
CA GLN AA 37 49.21 63.63 -4.82
C GLN AA 37 49.25 65.14 -4.73
N PRO AA 38 49.60 65.83 -5.82
CA PRO AA 38 49.42 67.28 -5.84
C PRO AA 38 47.93 67.63 -5.84
N PRO AA 39 47.57 68.81 -5.36
CA PRO AA 39 46.15 69.14 -5.25
C PRO AA 39 45.55 69.41 -6.64
N PRO AA 40 44.33 68.98 -6.87
CA PRO AA 40 43.72 69.12 -8.20
C PRO AA 40 43.21 70.54 -8.42
N LYS AA 41 42.74 70.78 -9.63
CA LYS AA 41 41.99 71.98 -9.98
C LYS AA 41 40.86 71.49 -10.90
N LEU AA 42 39.72 71.19 -10.30
CA LEU AA 42 38.66 70.55 -11.08
C LEU AA 42 37.97 71.59 -11.97
N PRO AA 43 37.56 71.20 -13.17
CA PRO AA 43 36.84 72.13 -14.04
C PRO AA 43 35.40 72.28 -13.59
N VAL AA 44 34.76 73.32 -14.12
CA VAL AA 44 33.37 73.62 -13.85
C VAL AA 44 32.56 73.25 -15.08
N GLY AA 45 31.24 73.17 -14.89
CA GLY AA 45 30.36 72.78 -15.96
C GLY AA 45 30.10 73.89 -16.96
N PRO AA 46 29.18 73.64 -17.90
CA PRO AA 46 28.87 74.65 -18.91
C PRO AA 46 27.94 75.75 -18.43
N SER AA 47 27.26 75.56 -17.30
CA SER AA 47 26.36 76.55 -16.77
C SER AA 47 27.06 77.57 -15.88
N HIS AA 48 28.38 77.51 -15.75
CA HIS AA 48 29.13 78.49 -15.00
C HIS AA 48 29.48 79.68 -15.91
N ARG AA 49 28.45 80.42 -16.26
CA ARG AA 49 28.57 81.59 -17.12
C ARG AA 49 27.89 82.76 -16.45
N LEU AA 50 28.43 83.95 -16.69
CA LEU AA 50 27.88 85.16 -16.10
C LEU AA 50 26.84 85.82 -16.99
N SER AA 51 26.63 85.30 -18.19
CA SER AA 51 25.66 85.88 -19.11
C SER AA 51 25.10 84.78 -20.00
N ASN AA 52 23.92 85.06 -20.56
CA ASN AA 52 23.17 84.15 -21.43
C ASN AA 52 22.92 82.81 -20.72
N ASN AA 53 22.60 82.89 -19.44
CA ASN AA 53 22.57 81.71 -18.59
C ASN AA 53 21.34 81.72 -17.70
N TYR AA 54 20.19 82.06 -18.28
CA TYR AA 54 18.97 81.98 -17.52
C TYR AA 54 18.58 80.53 -17.32
N TYR AA 55 18.03 80.23 -16.14
CA TYR AA 55 17.75 78.83 -15.80
C TYR AA 55 16.57 78.29 -16.60
N CYS AA 56 15.66 79.16 -17.02
CA CYS AA 56 14.48 78.73 -17.78
C CYS AA 56 14.85 78.21 -19.17
N ALA AA 57 16.00 78.61 -19.70
CA ALA AA 57 16.47 78.13 -20.99
C ALA AA 57 17.31 76.86 -20.88
N ARG AA 58 17.51 76.34 -19.67
CA ARG AA 58 18.24 75.11 -19.43
C ARG AA 58 17.56 74.26 -18.36
N ASP AA 59 16.25 74.39 -18.25
CA ASP AA 59 15.48 73.76 -17.18
C ASP AA 59 15.01 72.39 -17.66
N GLY AA 60 15.66 71.34 -17.17
CA GLY AA 60 15.34 69.99 -17.57
C GLY AA 60 14.06 69.44 -16.98
N ARG AA 61 13.84 69.71 -15.69
CA ARG AA 61 12.71 69.13 -14.97
C ARG AA 61 11.38 69.74 -15.41
N ARG AA 62 11.40 70.94 -15.98
CA ARG AA 62 10.19 71.65 -16.33
C ARG AA 62 9.86 71.54 -17.81
N GLU AA 63 10.65 70.78 -18.56
CA GLU AA 63 10.32 70.39 -19.92
C GLU AA 63 9.77 68.98 -19.98
N ALA AA 64 9.58 68.33 -18.84
CA ALA AA 64 8.90 67.05 -18.79
C ALA AA 64 7.40 67.28 -18.82
N MET AA 65 6.74 66.69 -19.80
CA MET AA 65 5.32 66.84 -20.01
C MET AA 65 4.58 65.63 -19.47
N PRO AA 66 3.27 65.77 -19.19
CA PRO AA 66 2.46 64.58 -18.91
C PRO AA 66 2.40 63.70 -20.13
N PRO AA 67 2.15 62.39 -19.94
CA PRO AA 67 2.17 61.46 -21.07
C PRO AA 67 1.02 61.71 -22.04
N SER AA 68 1.37 61.77 -23.32
CA SER AA 68 0.40 62.14 -24.35
C SER AA 68 -0.58 61.00 -24.55
N ILE AA 69 -1.86 61.27 -24.31
CA ILE AA 69 -2.89 60.25 -24.39
C ILE AA 69 -3.14 59.96 -25.87
N VAL AA 70 -2.72 58.78 -26.31
CA VAL AA 70 -2.90 58.40 -27.70
C VAL AA 70 -4.34 57.99 -27.96
N MET AA 71 -4.82 57.01 -27.21
CA MET AA 71 -6.21 56.56 -27.27
C MET AA 71 -6.77 56.57 -25.87
N SER AA 72 -8.02 57.03 -25.74
CA SER AA 72 -8.72 56.93 -24.48
C SER AA 72 -10.18 56.64 -24.76
N SER AA 73 -10.87 56.10 -23.75
CA SER AA 73 -12.30 55.84 -23.82
C SER AA 73 -13.12 56.98 -23.26
N GLN AA 74 -12.59 58.22 -23.35
CA GLN AA 74 -13.20 59.46 -22.85
C GLN AA 74 -13.58 59.38 -21.37
N SER AA 91 -8.51 53.16 -43.12
CA SER AA 91 -8.58 52.66 -44.48
C SER AA 91 -7.71 51.41 -44.64
N GLU AA 92 -6.96 51.36 -45.74
CA GLU AA 92 -6.01 50.29 -46.00
C GLU AA 92 -4.62 50.62 -45.48
N LYS AA 93 -4.55 51.01 -44.21
CA LYS AA 93 -3.31 51.55 -43.65
C LYS AA 93 -2.34 50.44 -43.32
N LYS AA 94 -1.05 50.80 -43.33
CA LYS AA 94 0.02 49.85 -43.11
C LYS AA 94 0.07 49.42 -41.65
N ALA AA 95 0.18 48.12 -41.42
CA ALA AA 95 0.37 47.61 -40.07
C ALA AA 95 1.75 48.00 -39.56
N VAL AA 96 1.84 48.34 -38.28
CA VAL AA 96 3.09 48.84 -37.72
C VAL AA 96 3.56 47.92 -36.60
N SER AA 97 4.83 48.07 -36.29
CA SER AA 97 5.54 47.45 -35.19
C SER AA 97 5.96 48.55 -34.21
N PRO AA 98 6.40 48.20 -32.99
CA PRO AA 98 6.88 49.26 -32.08
C PRO AA 98 8.15 49.95 -32.57
N ALA AA 99 8.92 49.28 -33.40
CA ALA AA 99 10.13 49.82 -34.01
C ALA AA 99 10.42 48.98 -35.24
N PRO AA 100 11.31 49.43 -36.12
CA PRO AA 100 11.78 48.55 -37.20
C PRO AA 100 12.46 47.33 -36.62
N PRO AA 101 12.42 46.20 -37.34
CA PRO AA 101 12.97 44.95 -36.80
C PRO AA 101 14.47 45.04 -36.61
N ILE AA 102 14.97 44.24 -35.66
CA ILE AA 102 16.35 44.37 -35.21
C ILE AA 102 17.28 43.86 -36.32
N LYS AA 103 18.36 44.58 -36.53
CA LYS AA 103 19.36 44.17 -37.51
C LYS AA 103 20.18 43.03 -36.92
N ARG AA 104 20.44 42.02 -37.75
CA ARG AA 104 21.21 40.86 -37.31
C ARG AA 104 22.64 41.26 -36.98
N TRP AA 105 23.11 40.76 -35.84
CA TRP AA 105 24.45 41.07 -35.38
C TRP AA 105 25.51 40.45 -36.28
N GLU AA 106 26.61 41.16 -36.46
CA GLU AA 106 27.72 40.66 -37.24
C GLU AA 106 28.65 39.86 -36.35
N LEU AA 107 29.17 38.77 -36.89
CA LEU AA 107 30.14 37.96 -36.17
C LEU AA 107 31.44 38.75 -35.99
N SER AA 108 32.16 38.45 -34.91
CA SER AA 108 33.27 39.30 -34.50
C SER AA 108 34.44 39.19 -35.45
N GLN AA 109 34.91 40.35 -35.93
CA GLN AA 109 36.10 40.40 -36.78
C GLN AA 109 37.37 40.24 -35.96
N ASP AA 110 37.29 40.43 -34.65
CA ASP AA 110 38.46 40.38 -33.79
C ASP AA 110 38.81 38.95 -33.40
N GLU AA 111 37.82 38.21 -32.89
CA GLU AA 111 38.05 36.83 -32.47
C GLU AA 111 36.71 36.09 -32.49
N PRO AA 112 36.31 35.54 -33.63
CA PRO AA 112 34.98 34.91 -33.72
C PRO AA 112 34.89 33.54 -33.09
N TYR AA 113 36.03 32.95 -32.69
CA TYR AA 113 36.17 31.53 -32.36
C TYR AA 113 35.68 30.63 -33.49
N LEU AA 114 36.07 30.97 -34.71
CA LEU AA 114 35.84 30.10 -35.86
C LEU AA 114 37.15 29.86 -36.61
N MET BA 1 76.62 31.07 -7.03
CA MET BA 1 75.32 30.55 -6.65
C MET BA 1 74.50 31.62 -5.95
N GLU BA 2 73.19 31.64 -6.24
CA GLU BA 2 72.28 32.60 -5.64
C GLU BA 2 71.61 32.08 -4.38
N LEU BA 3 71.71 30.79 -4.08
CA LEU BA 3 71.22 30.27 -2.81
C LEU BA 3 72.09 30.73 -1.65
N LEU BA 4 73.39 30.91 -1.89
CA LEU BA 4 74.27 31.45 -0.86
C LEU BA 4 73.92 32.89 -0.53
N GLN BA 5 73.47 33.66 -1.52
CA GLN BA 5 72.98 35.01 -1.25
C GLN BA 5 71.71 34.99 -0.40
N VAL BA 6 70.86 33.97 -0.61
CA VAL BA 6 69.64 33.83 0.18
C VAL BA 6 69.98 33.50 1.63
N LEU BA 7 70.92 32.58 1.84
CA LEU BA 7 71.34 32.24 3.20
C LEU BA 7 72.05 33.41 3.88
N LYS BA 8 72.79 34.21 3.11
CA LYS BA 8 73.42 35.40 3.68
C LYS BA 8 72.38 36.46 4.04
N ARG BA 9 71.30 36.58 3.26
CA ARG BA 9 70.25 37.51 3.63
C ARG BA 9 69.51 37.06 4.88
N GLY BA 10 69.35 35.74 5.04
CA GLY BA 10 68.78 35.23 6.29
C GLY BA 10 69.66 35.49 7.49
N LEU BA 11 70.97 35.28 7.34
CA LEU BA 11 71.88 35.51 8.46
C LEU BA 11 72.05 36.99 8.76
N GLN BA 12 71.90 37.87 7.78
CA GLN BA 12 71.95 39.28 8.09
C GLN BA 12 70.59 39.82 8.54
N GLN BA 13 69.51 39.09 8.34
CA GLN BA 13 68.30 39.35 9.11
C GLN BA 13 68.49 38.99 10.57
N VAL BA 14 69.24 37.91 10.83
CA VAL BA 14 69.55 37.56 12.21
C VAL BA 14 70.45 38.63 12.83
N SER BA 15 71.44 39.10 12.08
CA SER BA 15 72.32 40.16 12.57
C SER BA 15 71.60 41.51 12.66
N GLY BA 16 70.56 41.73 11.86
CA GLY BA 16 69.94 43.04 11.76
C GLY BA 16 69.08 43.43 12.92
N HIS BA 17 68.51 42.46 13.64
CA HIS BA 17 67.64 42.76 14.77
C HIS BA 17 68.38 42.81 16.09
N GLY BA 18 69.69 43.03 16.07
CA GLY BA 18 70.47 43.07 17.29
C GLY BA 18 70.80 41.70 17.83
N GLY BA 19 71.11 40.75 16.96
CA GLY BA 19 71.49 39.43 17.39
C GLY BA 19 70.31 38.48 17.50
N LEU BA 20 70.59 37.33 18.12
CA LEU BA 20 69.62 36.24 18.16
C LEU BA 20 68.48 36.53 19.13
N ARG BA 21 68.75 37.27 20.21
CA ARG BA 21 67.70 37.59 21.17
C ARG BA 21 66.68 38.55 20.58
N GLY BA 22 67.14 39.60 19.89
CA GLY BA 22 66.22 40.48 19.20
C GLY BA 22 65.56 39.83 18.01
N TYR BA 23 66.27 38.90 17.35
CA TYR BA 23 65.68 38.12 16.25
C TYR BA 23 64.53 37.27 16.74
N LEU BA 24 64.71 36.56 17.86
CA LEU BA 24 63.62 35.77 18.42
C LEU BA 24 62.54 36.66 19.01
N ARG BA 25 62.90 37.85 19.49
CA ARG BA 25 61.92 38.81 19.97
C ARG BA 25 60.95 39.21 18.87
N VAL BA 26 61.49 39.62 17.72
CA VAL BA 26 60.62 40.01 16.63
C VAL BA 26 59.98 38.78 15.96
N LEU BA 27 60.58 37.60 16.11
CA LEU BA 27 59.98 36.39 15.57
C LEU BA 27 58.75 35.96 16.35
N PHE BA 28 58.79 36.09 17.68
CA PHE BA 28 57.63 35.68 18.46
C PHE BA 28 56.61 36.81 18.66
N ARG BA 29 57.01 38.08 18.55
CA ARG BA 29 56.00 39.13 18.64
C ARG BA 29 55.38 39.45 17.29
N ALA BA 30 56.15 39.36 16.21
CA ALA BA 30 55.72 39.85 14.91
C ALA BA 30 55.37 38.74 13.93
N ASN BA 31 55.85 37.51 14.17
CA ASN BA 31 55.79 36.39 13.23
C ASN BA 31 56.40 36.76 11.88
N ASP BA 32 57.44 37.59 11.92
CA ASP BA 32 58.03 38.22 10.74
C ASP BA 32 59.35 38.85 11.12
N VAL BA 33 60.41 38.57 10.36
CA VAL BA 33 61.76 38.90 10.82
C VAL BA 33 62.54 39.74 9.81
N ARG BA 34 61.85 40.32 8.85
CA ARG BA 34 62.57 41.13 7.86
C ARG BA 34 62.91 42.49 8.46
N VAL BA 35 64.04 43.03 8.03
CA VAL BA 35 64.57 44.28 8.57
C VAL BA 35 64.17 45.42 7.64
N GLY BA 36 64.12 46.62 8.20
CA GLY BA 36 63.71 47.77 7.42
C GLY BA 36 64.22 49.07 8.01
N THR BA 37 64.11 50.12 7.19
CA THR BA 37 64.56 51.44 7.58
C THR BA 37 63.66 52.01 8.66
N LEU BA 38 64.25 52.32 9.82
CA LEU BA 38 63.50 52.92 10.93
C LEU BA 38 63.05 54.33 10.54
N VAL BA 39 61.75 54.49 10.32
CA VAL BA 39 61.23 55.78 9.89
C VAL BA 39 61.06 56.72 11.07
N GLY BA 40 60.45 56.21 12.15
CA GLY BA 40 60.29 57.05 13.32
C GLY BA 40 59.83 56.23 14.50
N GLU BA 41 59.58 56.93 15.59
CA GLU BA 41 59.07 56.33 16.81
C GLU BA 41 58.25 57.38 17.54
N ASP BA 42 57.06 56.99 17.99
CA ASP BA 42 56.15 57.92 18.64
C ASP BA 42 56.48 58.04 20.13
N LYS BA 43 55.58 58.65 20.89
CA LYS BA 43 55.76 58.84 22.32
C LYS BA 43 55.37 57.62 23.14
N TYR BA 44 55.21 56.46 22.52
CA TYR BA 44 54.86 55.24 23.24
C TYR BA 44 55.89 54.14 23.09
N GLY BA 45 56.68 54.15 22.03
CA GLY BA 45 57.60 53.07 21.72
C GLY BA 45 57.26 52.30 20.47
N ASN BA 46 56.24 52.71 19.73
CA ASN BA 46 55.91 52.05 18.48
C ASN BA 46 56.91 52.49 17.42
N LYS BA 47 57.68 51.54 16.90
CA LYS BA 47 58.70 51.84 15.91
C LYS BA 47 58.13 51.54 14.53
N TYR BA 48 58.33 52.47 13.60
CA TYR BA 48 57.76 52.39 12.27
C TYR BA 48 58.85 52.17 11.25
N TYR BA 49 58.57 51.34 10.25
CA TYR BA 49 59.61 50.84 9.36
C TYR BA 49 59.17 50.90 7.90
N GLU BA 50 60.15 51.01 7.02
CA GLU BA 50 59.95 50.90 5.58
C GLU BA 50 60.85 49.86 4.96
N ASP BA 51 60.33 49.19 3.94
CA ASP BA 51 61.14 48.42 3.01
C ASP BA 51 60.39 48.49 1.67
N ASN BA 52 60.76 49.47 0.85
CA ASN BA 52 60.03 49.72 -0.39
C ASN BA 52 60.33 48.69 -1.48
N LYS BA 53 61.25 47.76 -1.25
CA LYS BA 53 61.39 46.62 -2.13
C LYS BA 53 60.29 45.59 -1.92
N GLN BA 54 59.68 45.56 -0.73
CA GLN BA 54 58.53 44.72 -0.49
C GLN BA 54 57.33 45.24 -1.25
N PHE BA 55 56.34 44.38 -1.47
CA PHE BA 55 55.23 44.84 -2.28
C PHE BA 55 54.26 45.69 -1.46
N PHE BA 56 53.36 46.36 -2.18
CA PHE BA 56 52.49 47.39 -1.63
C PHE BA 56 51.52 46.77 -0.63
N GLY BA 57 51.76 47.05 0.65
CA GLY BA 57 51.05 46.41 1.74
C GLY BA 57 52.03 45.89 2.77
N ARG BA 58 53.17 45.38 2.30
CA ARG BA 58 54.23 44.89 3.17
C ARG BA 58 55.29 45.94 3.45
N HIS BA 59 55.30 47.04 2.70
CA HIS BA 59 56.41 47.97 2.70
C HIS BA 59 56.38 48.93 3.88
N ARG BA 60 55.34 48.89 4.71
CA ARG BA 60 55.26 49.71 5.91
C ARG BA 60 54.69 48.88 7.04
N TRP BA 61 55.32 48.93 8.22
CA TRP BA 61 54.79 48.22 9.36
C TRP BA 61 55.18 48.91 10.64
N VAL BA 62 54.58 48.43 11.73
CA VAL BA 62 54.83 48.94 13.07
C VAL BA 62 55.17 47.76 13.98
N ILE BA 63 56.29 47.86 14.68
CA ILE BA 63 56.60 46.96 15.78
C ILE BA 63 56.13 47.67 17.04
N TYR BA 64 55.03 47.19 17.62
CA TYR BA 64 54.37 47.88 18.72
C TYR BA 64 55.23 47.87 19.98
N THR BA 65 54.92 48.79 20.87
CA THR BA 65 55.64 48.88 22.14
C THR BA 65 55.20 47.76 23.07
N THR BA 66 55.98 47.58 24.14
CA THR BA 66 55.68 46.58 25.15
C THR BA 66 54.91 47.14 26.33
N GLU BA 67 54.63 48.44 26.32
CA GLU BA 67 53.88 49.07 27.41
C GLU BA 67 53.27 50.35 26.86
N MET BA 68 51.95 50.43 26.88
CA MET BA 68 51.23 51.62 26.42
C MET BA 68 50.06 51.88 27.35
N ASN BA 69 50.07 53.06 27.99
CA ASN BA 69 49.02 53.53 28.90
C ASN BA 69 48.78 52.57 30.05
N GLY BA 70 49.84 51.93 30.52
CA GLY BA 70 49.76 51.03 31.66
C GLY BA 70 49.65 49.56 31.32
N LYS BA 71 49.18 49.22 30.12
CA LYS BA 71 48.96 47.83 29.77
C LYS BA 71 50.24 47.21 29.22
N ASN BA 72 50.54 46.00 29.66
CA ASN BA 72 51.67 45.24 29.13
C ASN BA 72 51.29 44.72 27.75
N THR BA 73 51.80 45.37 26.71
CA THR BA 73 51.52 45.00 25.33
C THR BA 73 52.67 44.25 24.71
N PHE BA 74 53.38 43.43 25.49
CA PHE BA 74 54.43 42.59 24.92
C PHE BA 74 53.83 41.52 24.02
N TRP BA 75 52.82 40.80 24.52
CA TRP BA 75 52.09 39.84 23.71
C TRP BA 75 50.76 40.38 23.22
N ASP BA 76 50.17 41.32 23.94
CA ASP BA 76 48.82 41.81 23.63
C ASP BA 76 48.90 43.07 22.77
N VAL BA 77 49.45 42.88 21.56
CA VAL BA 77 49.48 43.95 20.58
C VAL BA 77 48.08 44.18 20.03
N ASP BA 78 47.82 45.40 19.62
CA ASP BA 78 46.47 45.81 19.25
C ASP BA 78 46.57 46.76 18.07
N GLY BA 79 45.60 46.66 17.15
CA GLY BA 79 45.65 47.48 15.97
C GLY BA 79 45.38 48.95 16.23
N SER BA 80 44.65 49.24 17.29
CA SER BA 80 44.32 50.62 17.67
C SER BA 80 45.33 51.22 18.63
N MET BA 81 46.54 50.64 18.70
CA MET BA 81 47.62 51.24 19.46
C MET BA 81 48.37 52.31 18.67
N VAL BA 82 48.06 52.47 17.39
CA VAL BA 82 48.72 53.43 16.52
C VAL BA 82 48.11 54.82 16.75
N PRO BA 83 48.91 55.84 17.07
CA PRO BA 83 48.38 57.18 17.25
C PRO BA 83 47.96 57.78 15.91
N PRO BA 84 47.10 58.80 15.91
CA PRO BA 84 46.53 59.29 14.64
C PRO BA 84 47.53 59.94 13.69
N GLU BA 85 48.67 60.41 14.18
CA GLU BA 85 49.64 61.01 13.26
C GLU BA 85 50.35 59.97 12.41
N TRP BA 86 50.45 58.73 12.89
CA TRP BA 86 51.02 57.64 12.12
C TRP BA 86 49.98 56.77 11.44
N HIS BA 87 48.70 57.01 11.71
CA HIS BA 87 47.64 56.23 11.11
C HIS BA 87 47.39 56.59 9.65
N ARG BA 88 47.80 57.78 9.22
CA ARG BA 88 47.80 58.08 7.78
C ARG BA 88 48.95 57.37 7.08
N TRP BA 89 50.15 57.46 7.65
CA TRP BA 89 51.32 56.91 7.03
C TRP BA 89 51.26 55.39 6.97
N LEU BA 90 50.79 54.76 8.05
CA LEU BA 90 50.81 53.30 8.13
C LEU BA 90 49.76 52.68 7.22
N HIS BA 91 48.58 53.30 7.13
CA HIS BA 91 47.52 52.84 6.25
C HIS BA 91 47.68 53.33 4.82
N CYS BA 92 48.80 53.98 4.51
CA CYS BA 92 49.11 54.51 3.19
C CYS BA 92 48.07 55.51 2.71
N MET BA 93 47.60 56.36 3.62
CA MET BA 93 46.85 57.53 3.21
C MET BA 93 47.75 58.67 2.78
N THR BA 94 49.05 58.55 3.03
CA THR BA 94 50.02 59.55 2.65
C THR BA 94 51.37 58.88 2.44
N ASP BA 95 52.22 59.55 1.68
CA ASP BA 95 53.59 59.13 1.52
C ASP BA 95 54.52 59.68 2.58
N ASP BA 96 54.02 60.56 3.46
CA ASP BA 96 54.86 61.35 4.33
C ASP BA 96 54.63 60.98 5.78
N PRO BA 97 55.65 60.56 6.51
CA PRO BA 97 55.48 60.27 7.93
C PRO BA 97 55.32 61.56 8.73
N PRO BA 98 54.81 61.50 9.96
CA PRO BA 98 54.73 62.72 10.77
C PRO BA 98 56.06 63.23 11.29
N THR BA 99 57.16 62.52 11.05
CA THR BA 99 58.48 63.08 11.32
C THR BA 99 58.93 64.02 10.22
N VAL BA 100 58.32 63.94 9.03
CA VAL BA 100 58.63 64.85 7.93
C VAL BA 100 57.57 65.94 7.88
N LYS BA 101 56.30 65.54 7.73
CA LYS BA 101 55.17 66.47 7.75
C LYS BA 101 54.40 66.28 9.05
N PRO BA 102 54.65 67.08 10.08
CA PRO BA 102 53.94 66.88 11.34
C PRO BA 102 52.49 67.32 11.20
N PRO BA 103 51.59 66.75 11.98
CA PRO BA 103 50.21 67.24 11.98
C PRO BA 103 50.12 68.60 12.65
N THR BA 104 49.06 69.32 12.31
CA THR BA 104 48.92 70.69 12.79
C THR BA 104 48.52 70.69 14.26
N ALA BA 105 49.26 71.45 15.05
CA ALA BA 105 49.07 71.45 16.50
C ALA BA 105 47.81 72.23 16.87
N ARG BA 106 47.00 71.65 17.75
CA ARG BA 106 45.81 72.27 18.28
C ARG BA 106 45.78 72.13 19.79
N LYS BA 107 45.06 73.05 20.45
CA LYS BA 107 44.98 73.01 21.90
C LYS BA 107 44.10 71.88 22.41
N PHE BA 108 43.22 71.34 21.57
CA PHE BA 108 42.23 70.37 22.00
C PHE BA 108 42.52 68.95 21.53
N ILE BA 109 43.56 68.74 20.71
CA ILE BA 109 43.95 67.41 20.31
C ILE BA 109 44.54 66.67 21.51
N TRP BA 110 44.11 65.42 21.69
CA TRP BA 110 44.63 64.55 22.74
C TRP BA 110 46.13 64.36 22.62
N THR BA 111 46.85 64.72 23.67
CA THR BA 111 48.29 64.47 23.70
C THR BA 111 48.61 63.04 24.08
N ASN BA 112 47.64 62.30 24.61
CA ASN BA 112 47.83 60.91 25.02
C ASN BA 112 46.76 60.08 24.32
N HIS BA 113 47.15 59.40 23.24
CA HIS BA 113 46.24 58.55 22.50
C HIS BA 113 45.87 57.33 23.32
N LYS BA 114 44.58 56.99 23.32
CA LYS BA 114 44.08 55.84 24.04
C LYS BA 114 43.55 54.82 23.03
N PHE BA 115 43.83 53.55 23.31
CA PHE BA 115 43.44 52.46 22.42
C PHE BA 115 41.97 52.08 22.66
N ASN BA 116 41.55 50.96 22.10
CA ASN BA 116 40.18 50.48 22.25
C ASN BA 116 39.99 50.01 23.68
N LEU BA 117 39.21 50.76 24.46
CA LEU BA 117 39.04 50.51 25.88
C LEU BA 117 37.85 49.63 26.18
N SER BA 118 37.35 48.88 25.20
CA SER BA 118 36.17 48.06 25.42
C SER BA 118 36.50 46.86 26.27
N GLY BA 119 35.60 46.53 27.20
CA GLY BA 119 35.82 45.47 28.16
C GLY BA 119 36.56 45.89 29.40
N THR BA 120 37.12 47.08 29.42
CA THR BA 120 37.82 47.65 30.55
C THR BA 120 36.88 48.53 31.35
N PRO BA 121 37.24 48.93 32.57
CA PRO BA 121 36.44 49.96 33.27
C PRO BA 121 36.51 51.34 32.62
N GLN BA 122 37.40 51.58 31.67
CA GLN BA 122 37.48 52.85 30.96
C GLN BA 122 36.62 52.89 29.71
N GLN BA 123 35.71 51.94 29.53
CA GLN BA 123 34.94 51.85 28.30
C GLN BA 123 33.82 52.89 28.28
N TYR BA 124 33.24 53.07 27.11
CA TYR BA 124 32.18 54.06 26.93
C TYR BA 124 30.85 53.54 27.42
N VAL BA 125 30.13 54.37 28.18
CA VAL BA 125 28.79 54.07 28.64
C VAL BA 125 27.87 55.15 28.08
N PRO BA 126 26.85 54.80 27.32
CA PRO BA 126 25.98 55.81 26.73
C PRO BA 126 24.99 56.35 27.75
N TYR BA 127 24.58 57.60 27.52
CA TYR BA 127 23.63 58.27 28.38
C TYR BA 127 23.03 59.43 27.61
N SER BA 128 21.86 59.88 28.04
CA SER BA 128 21.22 61.02 27.42
C SER BA 128 21.92 62.29 27.86
N THR BA 129 22.34 63.11 26.90
CA THR BA 129 23.05 64.34 27.20
C THR BA 129 22.13 65.52 27.45
N THR BA 130 20.81 65.33 27.40
CA THR BA 130 19.88 66.41 27.63
C THR BA 130 19.29 66.34 29.04
N ARG BA 131 18.85 67.50 29.52
CA ARG BA 131 18.32 67.62 30.87
C ARG BA 131 16.86 67.18 30.91
N LYS BA 132 16.26 67.27 32.09
CA LYS BA 132 14.88 66.86 32.26
C LYS BA 132 13.94 67.87 31.62
N LYS BA 133 12.98 67.36 30.84
CA LYS BA 133 12.09 68.23 30.09
C LYS BA 133 11.00 68.82 30.98
N ILE BA 134 10.18 67.96 31.57
CA ILE BA 134 9.08 68.40 32.43
C ILE BA 134 9.63 68.68 33.82
N GLN BA 135 9.38 69.86 34.35
CA GLN BA 135 9.70 70.18 35.73
C GLN BA 135 8.47 69.89 36.59
N GLU BA 136 8.59 68.92 37.49
CA GLU BA 136 7.45 68.52 38.30
C GLU BA 136 7.19 69.53 39.41
N TRP BA 137 5.93 69.56 39.85
CA TRP BA 137 5.54 70.47 40.92
C TRP BA 137 6.07 69.98 42.25
N VAL BA 138 6.71 70.88 42.99
CA VAL BA 138 7.16 70.59 44.35
C VAL BA 138 6.06 71.02 45.31
N PRO BA 139 5.46 70.11 46.06
CA PRO BA 139 4.39 70.48 47.00
C PRO BA 139 4.96 71.27 48.17
N PRO BA 140 4.16 72.09 48.83
CA PRO BA 140 4.70 72.91 49.92
C PRO BA 140 5.05 72.08 51.14
N SER BA 141 6.23 72.37 51.69
CA SER BA 141 6.79 71.61 52.81
C SER BA 141 6.13 71.95 54.14
N THR BA 142 5.36 72.97 54.20
CA THR BA 142 4.62 73.37 55.38
C THR BA 142 3.20 72.80 55.34
N PRO BA 143 2.58 72.54 56.50
CA PRO BA 143 1.18 72.06 56.49
C PRO BA 143 0.19 73.12 56.08
N TYR BA 144 -1.10 72.75 56.05
CA TYR BA 144 -2.13 73.54 55.41
C TYR BA 144 -3.27 73.91 56.34
N LYS BA 145 -3.15 73.64 57.63
CA LYS BA 145 -4.24 73.93 58.56
C LYS BA 145 -4.16 75.36 59.08
N PRO CA 74 -22.03 -2.74 12.54
CA PRO CA 74 -22.68 -2.53 11.24
C PRO CA 74 -23.62 -3.67 10.89
N LEU CA 75 -23.81 -4.60 11.83
CA LEU CA 75 -24.68 -5.74 11.58
C LEU CA 75 -26.14 -5.33 11.61
N THR CA 76 -26.61 -4.82 12.75
CA THR CA 76 -28.00 -4.50 12.95
C THR CA 76 -28.16 -3.00 13.16
N LEU CA 77 -29.41 -2.54 12.99
CA LEU CA 77 -29.72 -1.13 13.21
C LEU CA 77 -29.64 -0.75 14.67
N GLU CA 78 -29.92 -1.71 15.57
CA GLU CA 78 -29.82 -1.42 17.01
C GLU CA 78 -28.37 -1.25 17.45
N GLY CA 79 -27.47 -2.05 16.90
CA GLY CA 79 -26.05 -1.88 17.22
C GLY CA 79 -25.49 -0.58 16.67
N ILE CA 80 -25.94 -0.18 15.47
CA ILE CA 80 -25.52 1.09 14.89
C ILE CA 80 -26.08 2.26 15.70
N LYS CA 81 -27.33 2.14 16.17
CA LYS CA 81 -27.91 3.21 16.97
C LYS CA 81 -27.23 3.33 18.34
N ASP CA 82 -26.91 2.19 18.96
CA ASP CA 82 -26.18 2.21 20.22
C ASP CA 82 -24.76 2.74 20.03
N ARG CA 83 -24.15 2.48 18.88
CA ARG CA 83 -22.80 2.99 18.62
C ARG CA 83 -22.81 4.48 18.31
N VAL CA 84 -23.85 4.98 17.63
CA VAL CA 84 -24.03 6.42 17.43
C VAL CA 84 -24.23 7.12 18.77
N LEU CA 85 -25.06 6.56 19.64
CA LEU CA 85 -25.23 7.14 20.96
C LEU CA 85 -23.97 7.03 21.81
N TYR CA 86 -23.15 5.99 21.57
CA TYR CA 86 -21.89 5.86 22.30
C TYR CA 86 -20.88 6.90 21.85
N VAL CA 87 -20.83 7.20 20.55
CA VAL CA 87 -19.95 8.27 20.07
C VAL CA 87 -20.43 9.61 20.58
N LEU CA 88 -21.75 9.83 20.62
CA LEU CA 88 -22.27 11.10 21.10
C LEU CA 88 -22.15 11.26 22.61
N LYS CA 89 -22.07 10.17 23.37
CA LYS CA 89 -21.79 10.31 24.79
C LYS CA 89 -20.31 10.36 25.11
N LEU CA 90 -19.45 9.85 24.21
CA LEU CA 90 -18.03 10.17 24.32
C LEU CA 90 -17.77 11.62 23.96
N TYR CA 91 -18.62 12.21 23.13
CA TYR CA 91 -18.55 13.64 22.86
C TYR CA 91 -18.98 14.40 24.11
N ASP CA 92 -18.20 15.41 24.48
CA ASP CA 92 -18.29 15.99 25.82
C ASP CA 92 -19.28 17.14 25.94
N LYS CA 93 -19.53 17.89 24.87
CA LYS CA 93 -20.35 19.09 25.00
C LYS CA 93 -21.83 18.76 25.09
N ILE CA 94 -22.25 17.62 24.55
CA ILE CA 94 -23.64 17.20 24.62
C ILE CA 94 -23.94 16.63 25.99
N ASP CA 95 -24.98 17.13 26.64
CA ASP CA 95 -25.46 16.64 27.93
C ASP CA 95 -25.98 15.21 27.77
N PRO CA 96 -25.44 14.23 28.50
CA PRO CA 96 -25.94 12.85 28.36
C PRO CA 96 -27.35 12.66 28.90
N GLU CA 97 -27.82 13.55 29.78
CA GLU CA 97 -29.19 13.46 30.28
C GLU CA 97 -30.19 13.89 29.23
N LYS CA 98 -29.80 14.77 28.31
CA LYS CA 98 -30.69 15.28 27.28
C LYS CA 98 -30.54 14.54 25.95
N LEU CA 99 -29.49 13.75 25.80
CA LEU CA 99 -29.18 13.07 24.55
C LEU CA 99 -30.19 11.96 24.28
N SER CA 100 -31.09 12.19 23.33
CA SER CA 100 -32.01 11.19 22.84
C SER CA 100 -31.81 11.02 21.34
N VAL CA 101 -32.60 10.15 20.73
CA VAL CA 101 -32.37 9.83 19.33
C VAL CA 101 -33.00 10.89 18.42
N ASN CA 102 -34.11 11.49 18.83
CA ASN CA 102 -34.74 12.57 18.07
C ASN CA 102 -34.35 13.94 18.60
N SER CA 103 -33.14 14.07 19.14
CA SER CA 103 -32.69 15.31 19.76
C SER CA 103 -31.89 16.14 18.76
N HIS CA 104 -32.42 17.30 18.40
CA HIS CA 104 -31.80 18.14 17.39
C HIS CA 104 -30.56 18.83 17.96
N PHE CA 105 -29.56 19.04 17.09
CA PHE CA 105 -28.29 19.55 17.58
C PHE CA 105 -28.32 21.06 17.79
N MET CA 106 -28.85 21.80 16.81
CA MET CA 106 -28.76 23.26 16.85
C MET CA 106 -29.74 23.86 17.84
N LYS CA 107 -31.03 23.52 17.70
CA LYS CA 107 -32.07 24.19 18.46
C LYS CA 107 -32.47 23.48 19.75
N ASP CA 108 -32.21 22.18 19.87
CA ASP CA 108 -32.50 21.48 21.12
C ASP CA 108 -31.27 21.37 22.01
N LEU CA 109 -30.20 20.73 21.52
CA LEU CA 109 -29.00 20.54 22.31
C LEU CA 109 -28.18 21.82 22.47
N GLY CA 110 -28.35 22.79 21.58
CA GLY CA 110 -27.62 24.04 21.67
C GLY CA 110 -26.15 23.91 21.31
N LEU CA 111 -25.87 23.51 20.08
CA LEU CA 111 -24.51 23.32 19.62
C LEU CA 111 -24.21 24.30 18.49
N ASP CA 112 -22.93 24.62 18.33
CA ASP CA 112 -22.46 25.38 17.19
C ASP CA 112 -22.44 24.46 15.96
N SER CA 113 -22.27 25.06 14.78
CA SER CA 113 -22.22 24.26 13.56
C SER CA 113 -20.96 23.41 13.50
N LEU CA 114 -19.83 23.97 13.97
CA LEU CA 114 -18.57 23.23 13.99
C LEU CA 114 -18.61 22.07 14.97
N ASP CA 115 -19.45 22.18 16.01
CA ASP CA 115 -19.71 21.04 16.89
C ASP CA 115 -20.37 19.90 16.12
N GLN CA 116 -21.35 20.22 15.28
CA GLN CA 116 -21.99 19.20 14.45
C GLN CA 116 -21.01 18.63 13.42
N VAL CA 117 -20.09 19.48 12.93
CA VAL CA 117 -19.07 19.02 11.99
C VAL CA 117 -18.12 18.02 12.64
N GLU CA 118 -17.68 18.30 13.86
CA GLU CA 118 -16.80 17.34 14.53
C GLU CA 118 -17.55 16.12 15.04
N ILE CA 119 -18.86 16.23 15.25
CA ILE CA 119 -19.70 15.04 15.47
C ILE CA 119 -19.66 14.12 14.25
N ILE CA 120 -19.82 14.71 13.05
CA ILE CA 120 -19.77 13.92 11.82
C ILE CA 120 -18.38 13.31 11.60
N MET CA 121 -17.33 14.04 11.99
CA MET CA 121 -15.99 13.46 11.87
C MET CA 121 -15.73 12.37 12.89
N ALA CA 122 -16.31 12.46 14.08
CA ALA CA 122 -16.22 11.34 15.02
C ALA CA 122 -16.99 10.13 14.52
N MET CA 123 -18.12 10.35 13.83
CA MET CA 123 -18.82 9.24 13.19
C MET CA 123 -18.01 8.63 12.06
N GLU CA 124 -17.27 9.46 11.33
CA GLU CA 124 -16.36 8.93 10.30
C GLU CA 124 -15.22 8.15 10.93
N ASP CA 125 -14.77 8.56 12.11
CA ASP CA 125 -13.74 7.81 12.82
C ASP CA 125 -14.26 6.46 13.28
N GLU CA 126 -15.47 6.42 13.84
CA GLU CA 126 -16.01 5.19 14.39
C GLU CA 126 -16.42 4.23 13.29
N PHE CA 127 -17.16 4.72 12.30
CA PHE CA 127 -17.78 3.87 11.28
C PHE CA 127 -16.86 3.60 10.09
N GLY CA 128 -15.86 4.44 9.86
CA GLY CA 128 -14.86 4.15 8.85
C GLY CA 128 -15.28 4.33 7.42
N PHE CA 129 -16.16 5.31 7.14
CA PHE CA 129 -16.45 5.68 5.77
C PHE CA 129 -16.67 7.19 5.72
N GLU CA 130 -16.17 7.82 4.67
CA GLU CA 130 -16.14 9.27 4.59
C GLU CA 130 -17.50 9.81 4.19
N ILE CA 131 -18.06 10.68 5.01
CA ILE CA 131 -19.34 11.30 4.76
C ILE CA 131 -19.09 12.63 4.05
N PRO CA 132 -19.62 12.85 2.84
CA PRO CA 132 -19.42 14.13 2.14
C PRO CA 132 -20.12 15.30 2.81
N ASP CA 133 -19.96 16.51 2.24
CA ASP CA 133 -20.47 17.70 2.90
C ASP CA 133 -21.96 17.90 2.68
N ILE CA 134 -22.47 17.51 1.51
CA ILE CA 134 -23.87 17.78 1.16
C ILE CA 134 -24.81 16.93 2.00
N ASP CA 135 -24.37 15.75 2.42
CA ASP CA 135 -25.18 14.85 3.23
C ASP CA 135 -24.71 14.77 4.67
N ALA CA 136 -23.79 15.65 5.09
CA ALA CA 136 -23.51 15.87 6.50
C ALA CA 136 -24.22 17.09 7.05
N GLU CA 137 -24.69 17.98 6.18
CA GLU CA 137 -25.44 19.14 6.62
C GLU CA 137 -26.90 18.81 6.89
N LYS CA 138 -27.42 17.76 6.24
CA LYS CA 138 -28.78 17.29 6.48
C LYS CA 138 -28.87 16.31 7.64
N LEU CA 139 -27.81 16.18 8.45
CA LEU CA 139 -27.80 15.27 9.59
C LEU CA 139 -27.93 16.13 10.85
N MET CA 140 -29.16 16.37 11.26
CA MET CA 140 -29.47 17.30 12.34
C MET CA 140 -29.99 16.62 13.59
N CYS CA 141 -30.01 15.28 13.63
CA CYS CA 141 -30.39 14.52 14.82
C CYS CA 141 -29.80 13.13 14.70
N PRO CA 142 -29.60 12.43 15.83
CA PRO CA 142 -29.02 11.07 15.75
C PRO CA 142 -29.86 10.05 14.98
N GLN CA 143 -31.18 10.26 14.88
CA GLN CA 143 -32.01 9.39 14.06
C GLN CA 143 -31.67 9.56 12.58
N GLU CA 144 -31.42 10.79 12.14
CA GLU CA 144 -30.97 11.00 10.77
C GLU CA 144 -29.58 10.41 10.53
N ILE CA 145 -28.72 10.42 11.54
CA ILE CA 145 -27.39 9.83 11.40
C ILE CA 145 -27.47 8.32 11.26
N VAL CA 146 -28.28 7.68 12.11
CA VAL CA 146 -28.38 6.22 12.04
C VAL CA 146 -29.15 5.79 10.80
N ASP CA 147 -30.07 6.63 10.30
CA ASP CA 147 -30.73 6.32 9.03
C ASP CA 147 -29.79 6.52 7.84
N TYR CA 148 -28.87 7.49 7.93
CA TYR CA 148 -27.88 7.65 6.88
C TYR CA 148 -26.91 6.48 6.83
N ILE CA 149 -26.48 6.01 8.01
CA ILE CA 149 -25.57 4.87 8.06
C ILE CA 149 -26.30 3.58 7.64
N ALA CA 150 -27.61 3.51 7.90
CA ALA CA 150 -28.41 2.42 7.38
C ALA CA 150 -28.56 2.51 5.86
N ASP CA 151 -28.64 3.72 5.32
CA ASP CA 151 -28.80 3.89 3.88
C ASP CA 151 -27.51 3.66 3.11
N LYS CA 152 -26.35 3.96 3.71
CA LYS CA 152 -25.08 3.68 3.06
C LYS CA 152 -24.62 2.24 3.26
N LYS CA 153 -25.43 1.42 3.92
CA LYS CA 153 -25.15 0.01 4.14
C LYS CA 153 -26.41 -0.79 3.83
N ASP CA 154 -26.45 -2.08 4.20
CA ASP CA 154 -27.62 -2.90 3.88
C ASP CA 154 -28.63 -2.91 5.02
N VAL CA 155 -28.21 -3.41 6.19
CA VAL CA 155 -28.99 -3.66 7.42
C VAL CA 155 -30.44 -4.11 7.22
N LEU DA 36 4.23 -23.06 -35.84
CA LEU DA 36 4.48 -21.79 -35.16
C LEU DA 36 5.63 -21.06 -35.82
N GLN DA 37 5.34 -19.85 -36.31
CA GLN DA 37 6.33 -19.11 -37.08
C GLN DA 37 7.34 -18.40 -36.18
N TYR DA 38 6.86 -17.76 -35.10
CA TYR DA 38 7.70 -16.94 -34.24
C TYR DA 38 7.88 -17.60 -32.89
N GLY DA 39 9.08 -17.42 -32.32
CA GLY DA 39 9.38 -17.95 -31.00
C GLY DA 39 10.64 -17.33 -30.44
N PRO DA 40 11.24 -17.98 -29.44
CA PRO DA 40 12.53 -17.50 -28.93
C PRO DA 40 13.67 -17.66 -29.90
N LEU DA 41 13.59 -18.66 -30.79
CA LEU DA 41 14.64 -18.88 -31.78
C LEU DA 41 14.72 -17.72 -32.76
N ALA DA 42 13.58 -17.12 -33.09
CA ALA DA 42 13.59 -15.94 -33.94
C ALA DA 42 14.14 -14.72 -33.21
N TYR DA 43 13.90 -14.65 -31.89
CA TYR DA 43 14.49 -13.59 -31.08
C TYR DA 43 15.99 -13.72 -31.02
N ILE DA 44 16.51 -14.94 -31.02
CA ILE DA 44 17.95 -15.15 -31.03
C ILE DA 44 18.53 -14.81 -32.39
N LEU DA 45 17.86 -15.20 -33.47
CA LEU DA 45 18.39 -15.03 -34.82
C LEU DA 45 18.22 -13.62 -35.38
N GLY DA 46 17.79 -12.65 -34.58
CA GLY DA 46 17.83 -11.26 -34.98
C GLY DA 46 16.50 -10.58 -35.15
N GLU DA 47 15.38 -11.30 -35.07
CA GLU DA 47 14.07 -10.67 -35.22
C GLU DA 47 13.74 -9.96 -33.92
N LYS DA 48 14.23 -8.73 -33.79
CA LYS DA 48 13.90 -7.86 -32.68
C LYS DA 48 12.73 -6.97 -33.09
N THR DA 49 12.06 -6.41 -32.08
CA THR DA 49 10.87 -5.61 -32.34
C THR DA 49 11.17 -4.12 -32.45
N THR DA 50 12.31 -3.65 -31.98
CA THR DA 50 12.65 -2.24 -32.09
C THR DA 50 13.30 -1.90 -33.42
N LYS DA 51 13.67 -2.91 -34.21
CA LYS DA 51 14.14 -2.65 -35.56
C LYS DA 51 12.99 -2.24 -36.47
N LYS DA 52 11.78 -2.71 -36.18
CA LYS DA 52 10.58 -2.35 -36.94
C LYS DA 52 9.70 -1.35 -36.22
N MET DA 53 10.09 -0.91 -35.03
CA MET DA 53 9.28 0.02 -34.22
C MET DA 53 9.59 1.43 -34.66
N THR DA 54 8.77 1.97 -35.56
CA THR DA 54 8.95 3.34 -36.02
C THR DA 54 8.14 4.29 -35.12
N GLU DA 55 8.20 5.59 -35.43
CA GLU DA 55 7.48 6.57 -34.63
C GLU DA 55 5.98 6.54 -34.89
N ASN DA 56 5.55 6.03 -36.04
CA ASN DA 56 4.14 5.94 -36.36
C ASN DA 56 3.48 4.74 -35.70
N SER DA 57 4.26 3.84 -35.11
CA SER DA 57 3.73 2.64 -34.46
C SER DA 57 3.13 3.05 -33.12
N LYS DA 58 1.90 3.55 -33.19
CA LYS DA 58 1.17 3.99 -32.00
C LYS DA 58 -0.15 3.26 -31.91
N LEU DA 59 -0.49 2.84 -30.70
CA LEU DA 59 -1.75 2.17 -30.41
C LEU DA 59 -2.71 3.21 -29.86
N ILE DA 60 -3.73 3.57 -30.65
CA ILE DA 60 -4.60 4.68 -30.34
C ILE DA 60 -6.01 4.16 -30.14
N THR DA 61 -6.60 4.46 -28.99
CA THR DA 61 -7.94 4.01 -28.65
C THR DA 61 -8.90 5.19 -28.71
N VAL DA 62 -9.92 5.08 -29.56
CA VAL DA 62 -10.93 6.11 -29.69
C VAL DA 62 -12.12 5.69 -28.83
N ASP DA 63 -12.51 6.55 -27.89
CA ASP DA 63 -13.55 6.23 -26.92
C ASP DA 63 -14.66 7.26 -26.99
N GLY DA 64 -15.87 6.83 -26.67
CA GLY DA 64 -17.02 7.70 -26.74
C GLY DA 64 -18.26 6.92 -26.34
N ASN DA 65 -19.40 7.63 -26.36
CA ASN DA 65 -20.65 7.05 -25.92
C ASN DA 65 -21.24 6.23 -27.06
N ILE DA 66 -22.50 5.78 -26.91
CA ILE DA 66 -23.09 4.82 -27.85
C ILE DA 66 -23.32 5.45 -29.23
N CYS DA 67 -23.53 6.74 -29.29
CA CYS DA 67 -23.62 7.44 -30.58
C CYS DA 67 -22.76 8.69 -30.58
N SER DA 68 -21.49 8.55 -30.19
CA SER DA 68 -20.55 9.65 -30.30
C SER DA 68 -20.11 9.93 -31.73
N GLY DA 69 -20.43 9.05 -32.68
CA GLY DA 69 -19.98 9.26 -34.05
C GLY DA 69 -18.50 9.03 -34.25
N LYS DA 70 -17.87 8.29 -33.35
CA LYS DA 70 -16.43 8.09 -33.37
C LYS DA 70 -16.02 6.94 -34.27
N SEP DA 71 -17.02 6.23 -34.80
CA SEP DA 71 -16.78 5.08 -35.66
CB SEP DA 71 -18.06 4.30 -35.87
OG SEP DA 71 -18.73 4.09 -34.64
C SEP DA 71 -16.20 5.52 -36.99
O SEP DA 71 -15.45 4.77 -37.62
P SEP DA 71 -20.12 4.89 -34.62
O1P SEP DA 71 -21.33 3.85 -34.43
O2P SEP DA 71 -20.30 5.69 -36.01
O3P SEP DA 71 -20.12 5.95 -33.41
N LYS DA 72 -16.51 6.74 -37.41
CA LYS DA 72 -15.92 7.30 -38.60
C LYS DA 72 -14.66 8.07 -38.24
N LEU DA 73 -14.60 8.57 -37.00
CA LEU DA 73 -13.42 9.30 -36.53
C LEU DA 73 -12.21 8.38 -36.45
N ALA DA 74 -12.41 7.16 -35.96
CA ALA DA 74 -11.32 6.20 -35.85
C ALA DA 74 -10.80 5.79 -37.23
N LYS DA 75 -11.71 5.58 -38.19
CA LYS DA 75 -11.28 5.22 -39.53
C LYS DA 75 -10.59 6.38 -40.22
N GLU DA 76 -11.02 7.62 -39.98
CA GLU DA 76 -10.35 8.78 -40.56
C GLU DA 76 -8.95 8.96 -39.99
N VAL DA 77 -8.79 8.84 -38.67
CA VAL DA 77 -7.47 8.96 -38.05
C VAL DA 77 -6.56 7.80 -38.48
N ALA DA 78 -7.14 6.62 -38.71
CA ALA DA 78 -6.35 5.50 -39.19
C ALA DA 78 -5.90 5.69 -40.64
N GLU DA 79 -6.76 6.27 -41.49
CA GLU DA 79 -6.39 6.43 -42.89
C GLU DA 79 -5.61 7.70 -43.16
N LYS DA 80 -5.51 8.61 -42.19
CA LYS DA 80 -4.60 9.75 -42.34
C LYS DA 80 -3.23 9.49 -41.75
N LEU DA 81 -3.13 8.75 -40.65
CA LEU DA 81 -1.85 8.41 -40.05
C LEU DA 81 -1.26 7.11 -40.58
N GLY DA 82 -1.92 6.47 -41.56
CA GLY DA 82 -1.40 5.24 -42.12
C GLY DA 82 -1.49 4.05 -41.20
N LEU DA 83 -2.49 4.01 -40.33
CA LEU DA 83 -2.62 2.97 -39.32
C LEU DA 83 -3.71 1.98 -39.73
N LYS DA 84 -3.71 0.83 -39.08
CA LYS DA 84 -4.69 -0.21 -39.37
C LYS DA 84 -5.87 -0.07 -38.41
N HIS DA 85 -7.05 0.14 -38.96
CA HIS DA 85 -8.26 0.30 -38.14
C HIS DA 85 -8.86 -1.04 -37.81
N PHE DA 86 -9.23 -1.22 -36.54
CA PHE DA 86 -10.02 -2.34 -36.10
C PHE DA 86 -11.39 -1.85 -35.66
N PRO DA 87 -12.47 -2.47 -36.12
CA PRO DA 87 -13.80 -2.11 -35.63
C PRO DA 87 -13.98 -2.55 -34.18
N GLU DA 88 -15.09 -2.11 -33.60
CA GLU DA 88 -15.41 -2.48 -32.22
C GLU DA 88 -15.73 -3.97 -32.14
N ALA DA 89 -15.34 -4.59 -31.03
CA ALA DA 89 -15.68 -5.99 -30.77
C ALA DA 89 -17.18 -6.18 -30.66
N GLY DA 90 -17.76 -6.88 -31.61
CA GLY DA 90 -19.13 -7.33 -31.51
C GLY DA 90 -19.19 -8.68 -30.84
N ILE DA 91 -20.33 -9.36 -31.03
CA ILE DA 91 -20.44 -10.72 -30.53
C ILE DA 91 -19.59 -11.66 -31.36
N HIS DA 92 -19.44 -11.36 -32.64
CA HIS DA 92 -18.88 -12.30 -33.62
C HIS DA 92 -17.49 -11.85 -34.10
N TYR DA 93 -16.70 -11.22 -33.23
CA TYR DA 93 -15.34 -10.88 -33.60
C TYR DA 93 -14.46 -12.13 -33.65
N ALA DA 94 -14.61 -13.01 -32.65
CA ALA DA 94 -13.89 -14.27 -32.65
C ALA DA 94 -14.35 -15.16 -33.80
N ASP DA 95 -15.59 -15.01 -34.25
CA ASP DA 95 -16.03 -15.66 -35.48
C ASP DA 95 -15.34 -15.04 -36.69
N SER DA 96 -15.05 -13.74 -36.64
CA SER DA 96 -14.40 -13.09 -37.78
C SER DA 96 -12.93 -13.44 -37.88
N THR DA 97 -12.30 -13.76 -36.74
CA THR DA 97 -10.88 -14.09 -36.76
C THR DA 97 -10.60 -15.58 -36.93
N THR DA 98 -11.57 -16.44 -36.67
CA THR DA 98 -11.37 -17.88 -36.74
C THR DA 98 -12.22 -18.50 -37.84
N GLY DA 99 -11.73 -19.59 -38.40
CA GLY DA 99 -12.49 -20.31 -39.41
C GLY DA 99 -12.53 -19.55 -40.71
N ASP DA 100 -13.70 -19.59 -41.37
CA ASP DA 100 -13.89 -18.87 -42.62
C ASP DA 100 -14.01 -17.36 -42.43
N GLY DA 101 -14.24 -16.88 -41.21
CA GLY DA 101 -14.42 -15.48 -40.96
C GLY DA 101 -15.85 -15.02 -40.92
N LYS DA 102 -16.80 -15.88 -41.27
CA LYS DA 102 -18.21 -15.54 -41.19
C LYS DA 102 -18.71 -15.63 -39.76
N PRO DA 103 -19.75 -14.87 -39.41
CA PRO DA 103 -20.34 -15.01 -38.07
C PRO DA 103 -21.01 -16.36 -37.89
N LEU DA 104 -20.78 -16.96 -36.73
CA LEU DA 104 -21.35 -18.25 -36.37
C LEU DA 104 -22.75 -18.02 -35.82
N PRO DA 105 -23.55 -19.09 -35.65
CA PRO DA 105 -24.78 -18.95 -34.87
C PRO DA 105 -24.48 -18.57 -33.43
N VAL DA 106 -25.48 -17.94 -32.79
CA VAL DA 106 -25.22 -17.30 -31.50
C VAL DA 106 -25.11 -18.30 -30.37
N ARG DA 107 -25.54 -19.56 -30.56
CA ARG DA 107 -25.34 -20.55 -29.52
C ARG DA 107 -23.88 -21.00 -29.43
N PHE DA 108 -23.12 -20.89 -30.52
CA PHE DA 108 -21.73 -21.29 -30.53
C PHE DA 108 -20.80 -20.15 -30.16
N SER DA 109 -21.23 -18.91 -30.33
CA SER DA 109 -20.44 -17.74 -29.98
C SER DA 109 -21.35 -16.75 -29.29
N GLY DA 110 -21.01 -16.41 -28.05
CA GLY DA 110 -21.82 -15.49 -27.29
C GLY DA 110 -22.78 -16.14 -26.33
N ASN DA 111 -23.77 -16.88 -26.86
CA ASN DA 111 -24.98 -17.29 -26.14
C ASN DA 111 -25.62 -16.08 -25.46
N CYS DA 112 -25.70 -14.98 -26.20
CA CYS DA 112 -26.11 -13.70 -25.66
C CYS DA 112 -26.59 -12.82 -26.80
N SER DA 113 -27.57 -11.97 -26.50
CA SER DA 113 -28.15 -11.09 -27.49
C SER DA 113 -28.06 -9.65 -27.02
N LEU DA 114 -27.50 -8.78 -27.86
CA LEU DA 114 -27.46 -7.36 -27.55
C LEU DA 114 -28.85 -6.75 -27.63
N GLU DA 115 -29.66 -7.19 -28.58
CA GLU DA 115 -31.02 -6.68 -28.72
C GLU DA 115 -31.91 -7.12 -27.57
N LYS DA 116 -31.65 -8.29 -26.99
CA LYS DA 116 -32.42 -8.72 -25.83
C LYS DA 116 -31.95 -8.01 -24.56
N PHE DA 117 -30.74 -7.48 -24.55
CA PHE DA 117 -30.34 -6.56 -23.49
C PHE DA 117 -30.99 -5.19 -23.69
N TYR DA 118 -31.12 -4.75 -24.94
CA TYR DA 118 -31.81 -3.49 -25.19
C TYR DA 118 -33.30 -3.58 -24.89
N ASP DA 119 -33.90 -4.76 -25.08
CA ASP DA 119 -35.31 -4.95 -24.78
C ASP DA 119 -35.54 -5.07 -23.29
N ASP DA 120 -34.93 -6.07 -22.65
CA ASP DA 120 -35.09 -6.33 -21.22
C ASP DA 120 -33.71 -6.31 -20.58
N PRO DA 121 -33.28 -5.17 -20.03
CA PRO DA 121 -31.99 -5.13 -19.34
C PRO DA 121 -32.01 -5.84 -18.00
N LYS DA 122 -33.16 -5.91 -17.35
CA LYS DA 122 -33.35 -6.58 -16.07
C LYS DA 122 -33.92 -7.98 -16.24
N SER DA 123 -33.48 -8.68 -17.29
CA SER DA 123 -34.05 -9.96 -17.66
C SER DA 123 -33.77 -11.04 -16.63
N ASN DA 124 -34.53 -12.13 -16.71
CA ASN DA 124 -34.42 -13.21 -15.75
C ASN DA 124 -33.21 -14.09 -16.05
N ASP DA 125 -33.02 -14.46 -17.32
CA ASP DA 125 -32.02 -15.44 -17.73
C ASP DA 125 -30.59 -14.97 -17.56
N GLY DA 126 -30.36 -13.70 -17.23
CA GLY DA 126 -29.00 -13.22 -17.06
C GLY DA 126 -28.28 -12.94 -18.35
N ASN DA 127 -28.96 -12.32 -19.31
CA ASN DA 127 -28.32 -11.99 -20.58
C ASN DA 127 -27.38 -10.80 -20.44
N SER DA 128 -27.58 -9.97 -19.40
CA SER DA 128 -26.86 -8.71 -19.30
C SER DA 128 -25.38 -8.93 -19.02
N TYR DA 129 -25.06 -9.59 -17.90
CA TYR DA 129 -23.66 -9.83 -17.57
C TYR DA 129 -23.03 -10.87 -18.49
N ARG DA 130 -23.84 -11.77 -19.06
CA ARG DA 130 -23.29 -12.74 -20.00
C ARG DA 130 -22.85 -12.06 -21.29
N LEU DA 131 -23.66 -11.12 -21.78
CA LEU DA 131 -23.28 -10.28 -22.90
C LEU DA 131 -22.06 -9.43 -22.57
N GLN DA 132 -22.01 -8.87 -21.35
CA GLN DA 132 -20.88 -8.03 -20.96
C GLN DA 132 -19.58 -8.82 -20.87
N ALA DA 133 -19.64 -10.04 -20.35
CA ALA DA 133 -18.45 -10.87 -20.21
C ALA DA 133 -17.98 -11.41 -21.55
N TRP DA 134 -18.91 -11.80 -22.43
CA TRP DA 134 -18.51 -12.21 -23.77
C TRP DA 134 -17.92 -11.05 -24.55
N LEU DA 135 -18.47 -9.85 -24.40
CA LEU DA 135 -17.88 -8.70 -25.07
C LEU DA 135 -16.52 -8.35 -24.49
N TYR DA 136 -16.32 -8.55 -23.19
CA TYR DA 136 -14.99 -8.32 -22.61
C TYR DA 136 -13.98 -9.33 -23.16
N ALA DA 137 -14.38 -10.59 -23.30
CA ALA DA 137 -13.48 -11.58 -23.89
C ALA DA 137 -13.18 -11.28 -25.35
N SER DA 138 -14.17 -10.76 -26.08
CA SER DA 138 -13.95 -10.37 -27.47
C SER DA 138 -13.01 -9.17 -27.57
N ARG DA 139 -13.15 -8.20 -26.65
CA ARG DA 139 -12.23 -7.06 -26.65
C ARG DA 139 -10.83 -7.46 -26.25
N LEU DA 140 -10.70 -8.43 -25.34
CA LEU DA 140 -9.38 -8.93 -24.96
C LEU DA 140 -8.71 -9.65 -26.12
N LEU DA 141 -9.49 -10.43 -26.88
CA LEU DA 141 -8.99 -11.06 -28.08
C LEU DA 141 -8.58 -10.03 -29.13
N GLN DA 142 -9.37 -8.96 -29.26
CA GLN DA 142 -9.05 -7.92 -30.22
C GLN DA 142 -7.81 -7.12 -29.80
N TYR DA 143 -7.64 -6.90 -28.51
CA TYR DA 143 -6.47 -6.17 -28.03
C TYR DA 143 -5.21 -7.00 -28.18
N ALA DA 144 -5.33 -8.32 -28.00
CA ALA DA 144 -4.23 -9.22 -28.29
C ALA DA 144 -3.90 -9.21 -29.79
N ASP DA 145 -4.93 -9.16 -30.64
CA ASP DA 145 -4.71 -9.06 -32.08
C ASP DA 145 -4.02 -7.74 -32.44
N ALA DA 146 -4.40 -6.66 -31.77
CA ALA DA 146 -3.83 -5.35 -32.03
C ALA DA 146 -2.35 -5.31 -31.64
N LEU DA 147 -2.03 -5.83 -30.45
CA LEU DA 147 -0.63 -5.88 -30.04
C LEU DA 147 0.18 -6.84 -30.88
N GLU DA 148 -0.41 -7.94 -31.35
CA GLU DA 148 0.33 -8.86 -32.21
C GLU DA 148 0.64 -8.23 -33.56
N HIS DA 149 -0.34 -7.51 -34.14
CA HIS DA 149 -0.10 -6.80 -35.40
C HIS DA 149 0.92 -5.68 -35.21
N LEU DA 150 0.85 -4.96 -34.09
CA LEU DA 150 1.78 -3.87 -33.83
C LEU DA 150 3.21 -4.37 -33.63
N LEU DA 151 3.39 -5.42 -32.83
CA LEU DA 151 4.72 -5.94 -32.56
C LEU DA 151 5.24 -6.84 -33.66
N SER DA 152 4.40 -7.29 -34.59
CA SER DA 152 4.86 -8.12 -35.68
C SER DA 152 5.13 -7.36 -36.96
N THR DA 153 4.31 -6.38 -37.30
CA THR DA 153 4.51 -5.62 -38.53
C THR DA 153 5.19 -4.28 -38.32
N GLY DA 154 4.98 -3.65 -37.17
CA GLY DA 154 5.41 -2.30 -36.95
C GLY DA 154 4.40 -1.25 -37.35
N GLN DA 155 3.19 -1.66 -37.71
CA GLN DA 155 2.12 -0.73 -38.09
C GLN DA 155 1.24 -0.46 -36.89
N GLY DA 156 0.96 0.80 -36.63
CA GLY DA 156 0.11 1.16 -35.51
C GLY DA 156 -1.34 0.79 -35.77
N VAL DA 157 -2.10 0.68 -34.69
CA VAL DA 157 -3.47 0.18 -34.71
C VAL DA 157 -4.37 1.21 -34.04
N VAL DA 158 -5.47 1.56 -34.70
CA VAL DA 158 -6.50 2.42 -34.13
C VAL DA 158 -7.65 1.54 -33.66
N LEU DA 159 -7.99 1.63 -32.38
CA LEU DA 159 -9.01 0.80 -31.76
C LEU DA 159 -10.24 1.62 -31.38
N GLU DA 160 -11.34 0.91 -31.18
CA GLU DA 160 -12.60 1.47 -30.71
C GLU DA 160 -13.00 0.74 -29.44
N ARG DA 161 -12.94 1.45 -28.30
CA ARG DA 161 -13.33 0.95 -26.98
C ARG DA 161 -12.55 -0.30 -26.57
N SER DA 162 -11.27 -0.09 -26.30
CA SER DA 162 -10.38 -1.17 -25.88
C SER DA 162 -10.73 -1.67 -24.47
N ILE DA 163 -9.90 -2.61 -23.98
CA ILE DA 163 -10.21 -3.35 -22.75
C ILE DA 163 -10.13 -2.48 -21.50
N TYR DA 164 -9.45 -1.33 -21.58
CA TYR DA 164 -9.41 -0.44 -20.44
C TYR DA 164 -10.71 0.33 -20.27
N SER DA 165 -11.54 0.37 -21.31
CA SER DA 165 -12.80 1.11 -21.32
C SER DA 165 -14.01 0.20 -21.36
N ASP DA 166 -13.85 -1.09 -21.10
CA ASP DA 166 -14.99 -1.99 -21.09
C ASP DA 166 -15.75 -1.94 -19.77
N PHE DA 167 -15.11 -1.49 -18.70
CA PHE DA 167 -15.72 -1.55 -17.38
C PHE DA 167 -16.79 -0.50 -17.17
N VAL DA 168 -16.84 0.53 -18.02
CA VAL DA 168 -17.80 1.60 -17.83
C VAL DA 168 -19.22 1.14 -18.13
N PHE DA 169 -19.39 0.20 -19.06
CA PHE DA 169 -20.70 -0.35 -19.34
C PHE DA 169 -21.14 -1.28 -18.22
N LEU DA 170 -20.19 -2.01 -17.62
CA LEU DA 170 -20.46 -2.81 -16.43
C LEU DA 170 -20.93 -1.95 -15.27
N GLU DA 171 -20.24 -0.83 -15.05
CA GLU DA 171 -20.60 0.03 -13.92
C GLU DA 171 -21.91 0.74 -14.17
N ALA DA 172 -22.23 1.08 -15.42
CA ALA DA 172 -23.55 1.64 -15.71
C ALA DA 172 -24.65 0.60 -15.54
N MET DA 173 -24.38 -0.65 -15.92
CA MET DA 173 -25.36 -1.72 -15.73
C MET DA 173 -25.53 -2.07 -14.25
N TYR DA 174 -24.52 -1.80 -13.43
CA TYR DA 174 -24.68 -2.02 -11.99
C TYR DA 174 -25.34 -0.83 -11.31
N ARG DA 175 -25.10 0.40 -11.79
CA ARG DA 175 -25.79 1.56 -11.25
C ARG DA 175 -27.24 1.61 -11.68
N GLN DA 176 -27.58 0.97 -12.80
CA GLN DA 176 -28.96 0.84 -13.21
C GLN DA 176 -29.64 -0.39 -12.62
N GLY DA 177 -28.89 -1.21 -11.88
CA GLY DA 177 -29.47 -2.43 -11.34
C GLY DA 177 -29.73 -3.50 -12.36
N PHE DA 178 -29.02 -3.48 -13.48
CA PHE DA 178 -29.27 -4.45 -14.55
C PHE DA 178 -28.59 -5.78 -14.27
N ILE DA 179 -27.53 -5.78 -13.45
CA ILE DA 179 -26.80 -6.97 -13.05
C ILE DA 179 -26.69 -6.99 -11.53
N ARG DA 180 -25.98 -7.98 -11.01
CA ARG DA 180 -25.80 -8.13 -9.58
C ARG DA 180 -24.38 -7.75 -9.18
N LYS DA 181 -24.16 -7.70 -7.86
CA LYS DA 181 -22.85 -7.34 -7.33
C LYS DA 181 -21.83 -8.45 -7.53
N GLN DA 182 -22.28 -9.70 -7.46
CA GLN DA 182 -21.39 -10.83 -7.74
C GLN DA 182 -20.92 -10.83 -9.19
N CYS DA 183 -21.74 -10.32 -10.10
CA CYS DA 183 -21.31 -10.15 -11.49
C CYS DA 183 -20.17 -9.13 -11.59
N VAL DA 184 -20.29 -8.01 -10.87
CA VAL DA 184 -19.24 -6.99 -10.87
C VAL DA 184 -17.98 -7.54 -10.24
N ASP DA 185 -18.12 -8.37 -9.20
CA ASP DA 185 -16.95 -8.97 -8.55
C ASP DA 185 -16.27 -9.98 -9.47
N HIS DA 186 -17.05 -10.76 -10.22
CA HIS DA 186 -16.48 -11.70 -11.18
C HIS DA 186 -15.75 -10.98 -12.30
N TYR DA 187 -16.34 -9.89 -12.80
CA TYR DA 187 -15.66 -9.08 -13.82
C TYR DA 187 -14.37 -8.48 -13.27
N ASN DA 188 -14.39 -8.02 -12.02
CA ASN DA 188 -13.20 -7.44 -11.43
C ASN DA 188 -12.11 -8.48 -11.22
N GLN DA 189 -12.49 -9.71 -10.90
CA GLN DA 189 -11.51 -10.79 -10.81
C GLN DA 189 -10.86 -11.06 -12.17
N VAL DA 190 -11.67 -11.20 -13.22
CA VAL DA 190 -11.16 -11.48 -14.56
C VAL DA 190 -10.28 -10.33 -15.05
N LYS DA 191 -10.71 -9.09 -14.83
CA LYS DA 191 -9.94 -7.94 -15.26
C LYS DA 191 -8.65 -7.80 -14.46
N LYS DA 192 -8.70 -8.09 -13.15
CA LYS DA 192 -7.54 -8.00 -12.29
C LYS DA 192 -6.46 -9.00 -12.69
N VAL DA 193 -6.87 -10.18 -13.17
CA VAL DA 193 -5.88 -11.15 -13.59
C VAL DA 193 -5.57 -11.12 -15.08
N THR DA 194 -6.28 -10.30 -15.87
CA THR DA 194 -5.96 -10.22 -17.30
C THR DA 194 -5.34 -8.91 -17.75
N VAL DA 195 -5.76 -7.75 -17.23
CA VAL DA 195 -5.29 -6.48 -17.79
C VAL DA 195 -3.90 -6.14 -17.30
N CYS DA 196 -3.38 -6.82 -16.28
CA CYS DA 196 -2.03 -6.57 -15.80
C CYS DA 196 -0.97 -7.07 -16.77
N GLU DA 197 -1.34 -7.95 -17.70
CA GLU DA 197 -0.42 -8.54 -18.66
C GLU DA 197 -0.17 -7.68 -19.88
N TYR DA 198 -0.81 -6.52 -19.97
CA TYR DA 198 -0.80 -5.74 -21.20
C TYR DA 198 -0.47 -4.28 -20.92
N LEU DA 199 0.18 -3.67 -21.85
CA LEU DA 199 0.53 -2.26 -21.82
C LEU DA 199 -0.68 -1.42 -22.22
N PRO DA 200 -0.85 -0.24 -21.64
CA PRO DA 200 -1.94 0.64 -22.05
C PRO DA 200 -1.67 1.23 -23.43
N PRO DA 201 -2.71 1.72 -24.12
CA PRO DA 201 -2.48 2.35 -25.43
C PRO DA 201 -1.72 3.66 -25.29
N HIS DA 202 -1.25 4.15 -26.43
CA HIS DA 202 -0.47 5.39 -26.41
C HIS DA 202 -1.39 6.60 -26.28
N VAL DA 203 -2.41 6.71 -27.11
CA VAL DA 203 -3.30 7.86 -27.16
C VAL DA 203 -4.72 7.37 -26.93
N VAL DA 204 -5.44 8.04 -26.03
CA VAL DA 204 -6.86 7.80 -25.82
C VAL DA 204 -7.62 9.02 -26.32
N ILE DA 205 -8.46 8.81 -27.33
CA ILE DA 205 -9.28 9.86 -27.91
C ILE DA 205 -10.69 9.73 -27.35
N TYR DA 206 -11.11 10.69 -26.53
CA TYR DA 206 -12.46 10.71 -25.98
C TYR DA 206 -13.28 11.76 -26.70
N VAL DA 207 -14.57 11.47 -26.88
CA VAL DA 207 -15.47 12.35 -27.64
C VAL DA 207 -16.55 12.84 -26.68
N ASP DA 208 -16.53 14.14 -26.38
CA ASP DA 208 -17.55 14.76 -25.55
C ASP DA 208 -18.86 14.87 -26.33
N VAL DA 209 -19.83 14.00 -26.02
CA VAL DA 209 -21.17 14.12 -26.56
C VAL DA 209 -22.15 14.01 -25.40
N PRO DA 210 -22.97 15.03 -25.13
CA PRO DA 210 -23.99 14.91 -24.08
C PRO DA 210 -25.11 13.95 -24.49
N VAL DA 211 -25.93 13.61 -23.49
CA VAL DA 211 -26.91 12.54 -23.64
C VAL DA 211 -28.03 12.95 -24.60
N SER DA 212 -28.28 14.26 -24.73
CA SER DA 212 -29.32 14.74 -25.65
C SER DA 212 -28.95 14.47 -27.11
N GLU DA 213 -27.72 14.78 -27.49
CA GLU DA 213 -27.24 14.47 -28.83
C GLU DA 213 -27.14 12.96 -29.05
N VAL DA 214 -26.84 12.21 -27.98
CA VAL DA 214 -26.80 10.74 -28.06
C VAL DA 214 -28.18 10.20 -28.41
N GLN DA 215 -29.21 10.63 -27.68
CA GLN DA 215 -30.56 10.13 -27.98
C GLN DA 215 -31.09 10.69 -29.29
N SER DA 216 -30.62 11.87 -29.72
CA SER DA 216 -31.00 12.37 -31.03
C SER DA 216 -30.44 11.48 -32.14
N ARG DA 217 -29.17 11.09 -32.02
CA ARG DA 217 -28.60 10.19 -33.02
C ARG DA 217 -29.15 8.77 -32.91
N ILE DA 218 -29.60 8.38 -31.70
CA ILE DA 218 -30.27 7.09 -31.52
C ILE DA 218 -31.61 7.08 -32.23
N GLN DA 219 -32.39 8.16 -32.09
CA GLN DA 219 -33.66 8.24 -32.80
C GLN DA 219 -33.46 8.40 -34.31
N LYS DA 220 -32.35 9.00 -34.73
CA LYS DA 220 -32.05 9.09 -36.15
C LYS DA 220 -31.31 7.87 -36.68
N LYS DA 221 -31.00 6.89 -35.82
CA LYS DA 221 -30.36 5.66 -36.29
C LYS DA 221 -31.35 4.81 -37.09
N GLY DA 222 -32.43 4.36 -36.43
CA GLY DA 222 -33.44 3.54 -37.06
C GLY DA 222 -33.60 2.15 -36.47
N ASN DA 223 -32.75 1.75 -35.55
CA ASN DA 223 -32.87 0.44 -34.89
C ASN DA 223 -34.01 0.47 -33.88
N PRO DA 224 -35.02 -0.38 -34.01
CA PRO DA 224 -36.09 -0.40 -33.00
C PRO DA 224 -35.66 -0.94 -31.64
N HIS DA 225 -34.59 -1.73 -31.58
CA HIS DA 225 -34.10 -2.20 -30.30
C HIS DA 225 -33.27 -1.14 -29.60
N GLU DA 226 -32.41 -0.44 -30.34
CA GLU DA 226 -31.50 0.53 -29.74
C GLU DA 226 -32.22 1.80 -29.30
N MET DA 227 -33.40 2.09 -29.83
CA MET DA 227 -34.16 3.24 -29.37
C MET DA 227 -34.84 3.02 -28.02
N LYS DA 228 -34.74 1.82 -27.45
CA LYS DA 228 -35.27 1.54 -26.12
C LYS DA 228 -34.28 1.87 -25.01
N ILE DA 229 -33.12 2.43 -25.33
CA ILE DA 229 -32.12 2.75 -24.32
C ILE DA 229 -32.56 3.97 -23.53
N THR DA 230 -32.56 3.85 -22.21
CA THR DA 230 -33.04 4.90 -21.32
C THR DA 230 -32.01 6.02 -21.20
N SER DA 231 -32.37 7.06 -20.45
CA SER DA 231 -31.50 8.22 -20.29
C SER DA 231 -30.57 8.10 -19.09
N ALA DA 232 -31.04 7.48 -18.01
CA ALA DA 232 -30.20 7.30 -16.82
C ALA DA 232 -29.05 6.33 -17.09
N TYR DA 233 -29.26 5.36 -17.98
CA TYR DA 233 -28.20 4.43 -18.36
C TYR DA 233 -27.10 5.15 -19.13
N LEU DA 234 -27.48 5.97 -20.11
CA LEU DA 234 -26.51 6.75 -20.87
C LEU DA 234 -25.80 7.77 -19.99
N GLN DA 235 -26.54 8.35 -19.05
CA GLN DA 235 -25.93 9.31 -18.13
C GLN DA 235 -24.95 8.63 -17.19
N ASP DA 236 -25.25 7.40 -16.77
CA ASP DA 236 -24.30 6.63 -15.96
C ASP DA 236 -23.08 6.22 -16.77
N ILE DA 237 -23.25 5.92 -18.06
CA ILE DA 237 -22.11 5.66 -18.94
C ILE DA 237 -21.18 6.86 -18.98
N GLU DA 238 -21.77 8.06 -19.21
CA GLU DA 238 -20.95 9.27 -19.27
C GLU DA 238 -20.33 9.62 -17.92
N ASN DA 239 -21.05 9.35 -16.83
CA ASN DA 239 -20.52 9.59 -15.49
C ASN DA 239 -19.32 8.70 -15.20
N VAL DA 240 -19.43 7.40 -15.50
CA VAL DA 240 -18.32 6.49 -15.22
C VAL DA 240 -17.14 6.78 -16.14
N TYR DA 241 -17.41 7.21 -17.40
CA TYR DA 241 -16.39 7.75 -18.30
C TYR DA 241 -15.59 8.88 -17.67
N LYS DA 242 -16.26 10.01 -17.45
CA LYS DA 242 -15.58 11.24 -17.05
C LYS DA 242 -15.14 11.22 -15.59
N GLY DA 243 -15.62 10.27 -14.79
CA GLY DA 243 -15.25 10.25 -13.40
C GLY DA 243 -14.23 9.18 -13.05
N THR DA 244 -14.17 8.09 -13.82
CA THR DA 244 -13.23 7.03 -13.51
C THR DA 244 -12.24 6.77 -14.63
N PHE DA 245 -12.70 6.66 -15.87
CA PHE DA 245 -11.85 6.13 -16.94
C PHE DA 245 -10.78 7.14 -17.35
N LEU DA 246 -11.19 8.36 -17.68
CA LEU DA 246 -10.23 9.41 -17.98
C LEU DA 246 -9.34 9.84 -16.80
N PRO DA 247 -9.81 9.95 -15.54
CA PRO DA 247 -8.86 10.26 -14.46
C PRO DA 247 -7.89 9.15 -14.11
N GLU DA 248 -8.04 7.94 -14.64
CA GLU DA 248 -7.02 6.91 -14.44
C GLU DA 248 -6.19 6.66 -15.70
N MET DA 249 -6.71 6.96 -16.88
CA MET DA 249 -5.91 6.92 -18.08
C MET DA 249 -5.13 8.21 -18.31
N SER DA 250 -5.37 9.25 -17.50
CA SER DA 250 -4.61 10.48 -17.63
C SER DA 250 -3.17 10.35 -17.15
N GLU DA 251 -2.84 9.27 -16.44
CA GLU DA 251 -1.49 9.05 -15.92
C GLU DA 251 -0.70 8.03 -16.73
N LYS DA 252 -1.31 6.91 -17.10
CA LYS DA 252 -0.58 5.85 -17.79
C LYS DA 252 -0.53 6.04 -19.30
N CYS DA 253 -1.12 7.12 -19.83
CA CYS DA 253 -0.95 7.50 -21.23
C CYS DA 253 -1.28 8.98 -21.36
N GLU DA 254 -1.48 9.42 -22.59
CA GLU DA 254 -1.80 10.81 -22.90
C GLU DA 254 -3.16 10.85 -23.59
N VAL DA 255 -4.14 11.44 -22.93
CA VAL DA 255 -5.51 11.46 -23.41
C VAL DA 255 -5.73 12.67 -24.29
N LEU DA 256 -6.70 12.54 -25.21
CA LEU DA 256 -7.20 13.66 -25.99
C LEU DA 256 -8.72 13.64 -25.90
N GLN DA 257 -9.31 14.81 -25.71
CA GLN DA 257 -10.74 14.92 -25.47
C GLN DA 257 -11.32 15.97 -26.39
N TYR DA 258 -12.24 15.57 -27.26
CA TYR DA 258 -12.84 16.43 -28.26
C TYR DA 258 -14.34 16.53 -28.04
N SER DA 259 -14.93 17.63 -28.51
CA SER DA 259 -16.37 17.78 -28.49
C SER DA 259 -16.95 17.17 -29.76
N ALA DA 260 -18.23 17.40 -30.02
CA ALA DA 260 -18.89 16.77 -31.15
C ALA DA 260 -18.56 17.47 -32.48
N TRP DA 261 -18.35 18.78 -32.46
CA TRP DA 261 -18.16 19.51 -33.71
C TRP DA 261 -16.70 19.59 -34.13
N GLU DA 262 -15.76 19.66 -33.18
CA GLU DA 262 -14.35 19.67 -33.54
C GLU DA 262 -13.82 18.28 -33.86
N ALA DA 263 -14.56 17.22 -33.51
CA ALA DA 263 -14.21 15.88 -33.94
C ALA DA 263 -14.59 15.62 -35.39
N GLU DA 264 -15.42 16.48 -35.99
CA GLU DA 264 -15.74 16.33 -37.41
C GLU DA 264 -14.56 16.71 -38.29
N ASP DA 265 -13.69 17.59 -37.80
CA ASP DA 265 -12.46 17.93 -38.49
C ASP DA 265 -11.37 17.00 -37.98
N ALA DA 266 -11.00 16.02 -38.79
CA ALA DA 266 -10.01 15.03 -38.39
C ALA DA 266 -8.59 15.56 -38.45
N GLU DA 267 -8.36 16.62 -39.23
CA GLU DA 267 -7.02 17.17 -39.38
C GLU DA 267 -6.50 17.78 -38.08
N LYS DA 268 -7.39 18.36 -37.28
CA LYS DA 268 -7.00 18.85 -35.96
C LYS DA 268 -6.62 17.71 -35.04
N VAL DA 269 -7.31 16.57 -35.15
CA VAL DA 269 -7.00 15.41 -34.33
C VAL DA 269 -5.64 14.82 -34.73
N VAL DA 270 -5.38 14.75 -36.04
CA VAL DA 270 -4.09 14.27 -36.54
C VAL DA 270 -2.97 15.23 -36.13
N GLU DA 271 -3.24 16.53 -36.15
CA GLU DA 271 -2.25 17.51 -35.72
C GLU DA 271 -1.95 17.39 -34.22
N ASP DA 272 -2.97 17.10 -33.42
CA ASP DA 272 -2.72 16.91 -31.99
C ASP DA 272 -1.99 15.60 -31.71
N ILE DA 273 -2.26 14.55 -32.48
CA ILE DA 273 -1.57 13.28 -32.27
C ILE DA 273 -0.11 13.37 -32.70
N GLN DA 274 0.16 13.98 -33.85
CA GLN DA 274 1.52 14.03 -34.39
C GLN DA 274 2.46 14.91 -33.58
N TYR DA 275 1.94 15.79 -32.72
CA TYR DA 275 2.78 16.67 -31.93
C TYR DA 275 2.57 16.43 -30.44
N LEU DA 276 2.47 15.17 -30.04
CA LEU DA 276 2.52 14.80 -28.63
C LEU DA 276 3.95 14.45 -28.23
N LYS DA 277 4.36 14.92 -27.07
CA LYS DA 277 5.67 14.59 -26.50
C LYS DA 277 5.44 13.48 -25.49
N TYR DA 278 5.61 12.24 -25.95
CA TYR DA 278 5.26 11.05 -25.18
C TYR DA 278 6.21 10.89 -24.01
N ASP DA 279 5.72 11.21 -22.81
CA ASP DA 279 6.57 11.19 -21.62
C ASP DA 279 5.88 10.53 -20.41
N LYS DA 280 4.84 9.75 -20.64
CA LYS DA 280 4.22 8.95 -19.60
C LYS DA 280 4.01 7.54 -20.13
N GLY DA 281 3.66 6.63 -19.22
CA GLY DA 281 3.28 5.28 -19.59
C GLY DA 281 4.44 4.30 -19.58
N PRO DA 282 4.12 3.01 -19.47
CA PRO DA 282 5.17 1.98 -19.45
C PRO DA 282 5.63 1.53 -20.83
N TRP DA 283 5.37 2.31 -21.87
CA TRP DA 283 5.99 2.05 -23.17
C TRP DA 283 7.42 2.54 -23.23
N LEU DA 284 7.88 3.30 -22.24
CA LEU DA 284 9.23 3.85 -22.27
C LEU DA 284 10.26 2.84 -21.80
N ASP DA 285 9.91 2.01 -20.82
CA ASP DA 285 10.81 0.97 -20.33
C ASP DA 285 10.52 -0.37 -21.00
N GLN DA 286 10.58 -0.37 -22.33
CA GLN DA 286 10.35 -1.57 -23.13
C GLN DA 286 11.57 -1.82 -24.00
N ASP DA 287 12.34 -2.85 -23.66
CA ASP DA 287 13.45 -3.30 -24.47
C ASP DA 287 12.97 -4.39 -25.43
N ASP DA 288 13.91 -5.09 -26.06
CA ASP DA 288 13.55 -6.22 -26.92
C ASP DA 288 12.98 -7.38 -26.11
N ARG DA 289 13.44 -7.54 -24.87
CA ARG DA 289 13.08 -8.71 -24.06
C ARG DA 289 11.64 -8.64 -23.59
N LYS DA 290 11.22 -7.49 -23.05
CA LYS DA 290 9.87 -7.36 -22.51
C LYS DA 290 8.83 -7.39 -23.62
N LEU DA 291 9.10 -6.73 -24.74
CA LEU DA 291 8.17 -6.79 -25.85
C LEU DA 291 8.22 -8.14 -26.56
N HIS DA 292 9.34 -8.87 -26.47
CA HIS DA 292 9.34 -10.25 -26.96
C HIS DA 292 8.46 -11.13 -26.09
N ASN DA 293 8.49 -10.94 -24.77
CA ASN DA 293 7.61 -11.68 -23.88
C ASN DA 293 6.15 -11.32 -24.14
N LEU DA 294 5.88 -10.05 -24.43
CA LEU DA 294 4.52 -9.62 -24.77
C LEU DA 294 4.07 -10.22 -26.10
N ARG DA 295 4.96 -10.31 -27.08
CA ARG DA 295 4.62 -10.89 -28.37
C ARG DA 295 4.42 -12.39 -28.28
N MET DA 296 5.18 -13.07 -27.41
CA MET DA 296 4.94 -14.49 -27.15
C MET DA 296 3.63 -14.70 -26.40
N LEU DA 297 3.22 -13.73 -25.57
CA LEU DA 297 1.93 -13.83 -24.91
C LEU DA 297 0.77 -13.65 -25.89
N VAL DA 298 0.80 -12.59 -26.69
CA VAL DA 298 -0.36 -12.24 -27.50
C VAL DA 298 -0.56 -13.13 -28.72
N GLN DA 299 0.43 -13.92 -29.11
CA GLN DA 299 0.25 -14.85 -30.21
C GLN DA 299 -0.34 -16.17 -29.76
N ASP DA 300 -0.36 -16.44 -28.46
CA ASP DA 300 -0.88 -17.67 -27.89
C ASP DA 300 -2.29 -17.35 -27.39
N LYS DA 301 -3.29 -17.61 -28.22
CA LYS DA 301 -4.64 -17.12 -28.00
C LYS DA 301 -5.37 -17.85 -26.88
N LEU DA 302 -4.97 -19.08 -26.56
CA LEU DA 302 -5.56 -19.74 -25.40
C LEU DA 302 -4.96 -19.23 -24.10
N GLU DA 303 -3.71 -18.74 -24.14
CA GLU DA 303 -3.11 -18.15 -22.96
C GLU DA 303 -3.67 -16.75 -22.69
N VAL DA 304 -4.05 -16.04 -23.75
CA VAL DA 304 -4.74 -14.76 -23.61
C VAL DA 304 -6.11 -14.96 -22.99
N LEU DA 305 -6.86 -15.94 -23.53
CA LEU DA 305 -8.23 -16.20 -23.11
C LEU DA 305 -8.30 -17.20 -21.95
N ASN DA 306 -7.20 -17.40 -21.23
CA ASN DA 306 -7.14 -18.42 -20.20
C ASN DA 306 -8.02 -18.06 -19.01
N TYR DA 307 -7.96 -16.83 -18.56
CA TYR DA 307 -8.60 -16.42 -17.34
C TYR DA 307 -9.98 -15.82 -17.56
N THR DA 308 -10.56 -16.00 -18.74
CA THR DA 308 -11.95 -15.61 -18.93
C THR DA 308 -12.88 -16.71 -18.45
N SER DA 309 -12.48 -17.96 -18.62
CA SER DA 309 -13.24 -19.10 -18.11
C SER DA 309 -12.65 -19.59 -16.79
N ILE DA 310 -12.65 -18.72 -15.79
CA ILE DA 310 -12.19 -19.11 -14.46
C ILE DA 310 -13.33 -19.88 -13.80
N PRO DA 311 -13.02 -20.84 -12.93
CA PRO DA 311 -14.12 -21.57 -12.26
C PRO DA 311 -14.69 -20.81 -11.07
N VAL DA 312 -15.37 -19.72 -11.36
CA VAL DA 312 -16.19 -19.01 -10.38
C VAL DA 312 -17.63 -19.18 -10.86
N PHE DA 313 -18.36 -20.04 -10.16
CA PHE DA 313 -19.65 -20.53 -10.64
C PHE DA 313 -20.70 -19.44 -10.42
N LEU DA 314 -20.89 -18.63 -11.45
CA LEU DA 314 -21.84 -17.55 -11.42
C LEU DA 314 -22.96 -17.84 -12.40
N PRO DA 315 -24.23 -17.85 -11.97
CA PRO DA 315 -25.30 -18.43 -12.80
C PRO DA 315 -25.62 -17.66 -14.08
N GLU DA 316 -25.12 -16.44 -14.24
CA GLU DA 316 -25.34 -15.73 -15.51
C GLU DA 316 -24.44 -16.27 -16.61
N VAL DA 317 -23.27 -16.79 -16.26
CA VAL DA 317 -22.32 -17.28 -17.25
C VAL DA 317 -22.00 -18.76 -17.11
N THR DA 318 -22.34 -19.39 -16.00
CA THR DA 318 -22.05 -20.81 -15.82
C THR DA 318 -23.03 -21.63 -16.66
N ILE DA 319 -22.48 -22.47 -17.52
CA ILE DA 319 -23.27 -23.33 -18.40
C ILE DA 319 -23.13 -24.75 -17.87
N GLY DA 320 -24.25 -25.45 -17.73
CA GLY DA 320 -24.21 -26.80 -17.22
C GLY DA 320 -23.62 -27.79 -18.20
N ALA DA 321 -23.43 -29.02 -17.72
CA ALA DA 321 -22.64 -30.00 -18.45
C ALA DA 321 -23.36 -30.54 -19.67
N HIS DA 322 -24.69 -30.69 -19.59
CA HIS DA 322 -25.44 -31.24 -20.71
C HIS DA 322 -25.54 -30.25 -21.86
N GLN DA 323 -25.82 -28.99 -21.55
CA GLN DA 323 -25.88 -27.95 -22.57
C GLN DA 323 -24.52 -27.73 -23.20
N SER DA 324 -23.47 -27.72 -22.38
CA SER DA 324 -22.11 -27.55 -22.89
C SER DA 324 -21.70 -28.72 -23.77
N ASP DA 325 -22.10 -29.94 -23.39
CA ASP DA 325 -21.80 -31.12 -24.20
C ASP DA 325 -22.54 -31.08 -25.54
N ARG DA 326 -23.81 -30.70 -25.53
CA ARG DA 326 -24.59 -30.62 -26.76
C ARG DA 326 -24.04 -29.55 -27.70
N VAL DA 327 -23.74 -28.37 -27.16
CA VAL DA 327 -23.24 -27.29 -28.00
C VAL DA 327 -21.82 -27.56 -28.49
N PHE DA 328 -21.01 -28.27 -27.69
CA PHE DA 328 -19.66 -28.62 -28.12
C PHE DA 328 -19.69 -29.66 -29.24
N GLN DA 329 -20.55 -30.68 -29.11
CA GLN DA 329 -20.64 -31.68 -30.15
C GLN DA 329 -21.30 -31.14 -31.41
N GLU DA 330 -22.17 -30.13 -31.28
CA GLU DA 330 -22.67 -29.48 -32.50
C GLU DA 330 -21.62 -28.56 -33.12
N PHE DA 331 -20.76 -27.96 -32.30
CA PHE DA 331 -19.71 -27.10 -32.83
C PHE DA 331 -18.65 -27.89 -33.57
N THR DA 332 -18.40 -29.13 -33.14
CA THR DA 332 -17.44 -29.97 -33.85
C THR DA 332 -17.97 -30.37 -35.23
N GLU DA 333 -19.28 -30.52 -35.37
CA GLU DA 333 -19.89 -30.91 -36.64
C GLU DA 333 -20.01 -29.76 -37.63
N LEU DA 334 -19.63 -28.54 -37.25
CA LEU DA 334 -19.68 -27.41 -38.18
C LEU DA 334 -18.57 -27.53 -39.21
N PRO DA 335 -18.78 -27.01 -40.43
CA PRO DA 335 -17.74 -27.13 -41.47
C PRO DA 335 -16.54 -26.25 -41.18
N GLY DA 336 -15.36 -26.82 -41.35
CA GLY DA 336 -14.12 -26.12 -41.03
C GLY DA 336 -13.86 -25.97 -39.55
N ARG DA 337 -14.48 -26.81 -38.72
CA ARG DA 337 -14.35 -26.71 -37.28
C ARG DA 337 -14.00 -28.01 -36.59
N LYS DA 338 -13.99 -29.14 -37.31
CA LYS DA 338 -13.85 -30.43 -36.66
C LYS DA 338 -12.41 -30.73 -36.26
N TYR DA 339 -11.45 -30.25 -37.04
CA TYR DA 339 -10.04 -30.48 -36.77
C TYR DA 339 -9.30 -29.15 -36.70
N ARG DA 340 -7.97 -29.23 -36.68
CA ARG DA 340 -7.13 -28.07 -36.90
C ARG DA 340 -7.34 -27.57 -38.33
N ALA DA 341 -7.06 -26.28 -38.53
CA ALA DA 341 -7.53 -25.54 -39.71
C ALA DA 341 -6.98 -26.11 -41.02
N GLY DA 342 -5.74 -26.55 -41.06
CA GLY DA 342 -5.27 -27.15 -42.28
C GLY DA 342 -5.66 -28.59 -42.51
N TYR DA 343 -6.61 -29.13 -41.75
CA TYR DA 343 -6.85 -30.56 -41.66
C TYR DA 343 -8.33 -30.89 -41.82
N ASN DA 344 -8.99 -30.27 -42.78
CA ASN DA 344 -10.42 -30.47 -43.00
C ASN DA 344 -10.67 -30.73 -44.48
N GLU DA 345 -11.07 -31.96 -44.81
CA GLU DA 345 -11.31 -32.31 -46.21
C GLU DA 345 -12.56 -31.64 -46.76
N ASP DA 346 -13.51 -31.27 -45.89
CA ASP DA 346 -14.75 -30.67 -46.36
C ASP DA 346 -14.56 -29.25 -46.90
N VAL DA 347 -13.50 -28.57 -46.49
CA VAL DA 347 -13.19 -27.25 -46.99
C VAL DA 347 -12.03 -27.28 -47.98
N GLY DA 348 -11.62 -28.47 -48.41
CA GLY DA 348 -10.65 -28.60 -49.47
C GLY DA 348 -9.20 -28.50 -49.04
N ASP DA 349 -8.83 -29.15 -47.94
CA ASP DA 349 -7.45 -29.16 -47.48
C ASP DA 349 -6.73 -30.35 -48.09
N LYS DA 350 -5.62 -30.07 -48.78
CA LYS DA 350 -4.86 -31.09 -49.48
C LYS DA 350 -3.63 -31.50 -48.66
N TRP DA 351 -3.06 -32.65 -49.03
CA TRP DA 351 -1.80 -33.18 -48.49
C TRP DA 351 -1.86 -33.38 -46.98
N ILE DA 352 -3.00 -33.86 -46.49
CA ILE DA 352 -3.15 -34.11 -45.06
C ILE DA 352 -2.29 -35.29 -44.61
N TRP DA 353 -2.13 -36.29 -45.49
CA TRP DA 353 -1.32 -37.46 -45.17
C TRP DA 353 0.19 -37.15 -45.14
N LEU DA 354 0.60 -35.94 -45.52
CA LEU DA 354 1.95 -35.47 -45.25
C LEU DA 354 1.96 -34.29 -44.30
N LYS DA 355 0.91 -34.11 -43.51
CA LYS DA 355 0.89 -33.09 -42.48
C LYS DA 355 0.46 -33.67 -41.14
N PRO EA 2 23.89 -43.68 -10.28
CA PRO EA 2 24.26 -42.92 -11.47
C PRO EA 2 25.63 -42.31 -11.37
N PHE EA 3 26.61 -43.12 -10.98
CA PHE EA 3 28.01 -42.77 -11.11
C PHE EA 3 28.41 -43.04 -12.54
N PHE EA 4 28.14 -42.06 -13.41
CA PHE EA 4 28.56 -42.15 -14.80
C PHE EA 4 30.03 -41.81 -14.84
N ASP EA 5 30.89 -42.83 -14.91
CA ASP EA 5 32.33 -42.62 -14.82
C ASP EA 5 32.82 -42.10 -16.17
N VAL EA 6 32.62 -40.80 -16.38
CA VAL EA 6 33.03 -40.15 -17.62
C VAL EA 6 34.53 -39.96 -17.66
N GLN EA 7 35.17 -39.82 -16.49
CA GLN EA 7 36.60 -39.60 -16.41
C GLN EA 7 37.40 -40.82 -16.88
N LYS EA 8 36.96 -42.01 -16.51
CA LYS EA 8 37.64 -43.22 -16.93
C LYS EA 8 37.28 -43.58 -18.38
N LYS EA 9 36.09 -43.18 -18.83
CA LYS EA 9 35.68 -43.47 -20.20
C LYS EA 9 36.44 -42.60 -21.19
N LEU EA 10 36.53 -41.30 -20.93
CA LEU EA 10 37.27 -40.41 -21.80
C LEU EA 10 38.77 -40.45 -21.54
N GLY EA 11 39.19 -40.99 -20.41
CA GLY EA 11 40.59 -41.01 -20.07
C GLY EA 11 41.13 -39.72 -19.51
N VAL EA 12 40.25 -38.78 -19.16
CA VAL EA 12 40.69 -37.50 -18.62
C VAL EA 12 40.69 -37.57 -17.11
N ASP EA 13 41.50 -36.71 -16.51
CA ASP EA 13 41.65 -36.63 -15.07
C ASP EA 13 41.06 -35.29 -14.63
N LEU EA 14 39.89 -35.33 -14.01
CA LEU EA 14 39.28 -34.10 -13.52
C LEU EA 14 39.52 -33.91 -12.03
N ASP EA 15 39.37 -34.98 -11.23
CA ASP EA 15 39.51 -34.80 -9.79
C ASP EA 15 40.18 -35.98 -9.06
N HIS EA 16 40.92 -36.84 -9.76
CA HIS EA 16 41.56 -37.96 -9.08
C HIS EA 16 42.82 -37.53 -8.33
N TRP EA 17 43.28 -36.30 -8.52
CA TRP EA 17 44.54 -35.85 -7.97
C TRP EA 17 44.41 -35.31 -6.54
N MET EA 18 43.29 -34.67 -6.20
CA MET EA 18 43.09 -34.18 -4.84
C MET EA 18 42.47 -35.26 -3.95
N THR EA 19 42.27 -36.45 -4.49
CA THR EA 19 41.41 -37.44 -3.85
C THR EA 19 42.07 -38.09 -2.65
N ILE EA 20 43.36 -38.39 -2.73
CA ILE EA 20 44.09 -39.07 -1.67
C ILE EA 20 45.36 -38.30 -1.35
N GLN EA 21 45.93 -38.60 -0.18
CA GLN EA 21 47.16 -37.96 0.27
C GLN EA 21 48.41 -38.49 -0.41
N SER EA 22 48.35 -39.71 -0.93
CA SER EA 22 49.49 -40.35 -1.56
C SER EA 22 49.59 -40.05 -3.04
N ALA EA 23 48.79 -39.10 -3.54
CA ALA EA 23 48.85 -38.73 -4.94
C ALA EA 23 50.08 -37.88 -5.22
N GLU EA 24 50.27 -37.52 -6.50
CA GLU EA 24 51.41 -36.72 -6.91
C GLU EA 24 51.23 -35.29 -6.39
N GLN EA 25 52.00 -34.94 -5.38
CA GLN EA 25 51.92 -33.65 -4.72
C GLN EA 25 52.87 -32.66 -5.38
N PRO EA 26 52.60 -31.36 -5.25
CA PRO EA 26 53.54 -30.37 -5.79
C PRO EA 26 54.84 -30.37 -5.00
N HIS EA 27 55.95 -30.33 -5.75
CA HIS EA 27 57.32 -30.38 -5.22
C HIS EA 27 57.58 -31.63 -4.37
N ARG EA 28 56.84 -32.71 -4.66
CA ARG EA 28 56.99 -34.02 -4.02
C ARG EA 28 56.90 -33.94 -2.50
N ILE EA 29 55.97 -33.13 -2.00
CA ILE EA 29 55.77 -32.98 -0.55
C ILE EA 29 55.10 -34.22 -0.02
N PRO EA 30 55.68 -34.92 0.96
CA PRO EA 30 55.00 -36.07 1.54
C PRO EA 30 54.00 -35.65 2.59
N ALA EA 31 52.88 -36.35 2.62
CA ALA EA 31 51.94 -36.16 3.71
C ALA EA 31 52.42 -36.88 4.96
N ARG EA 32 51.82 -36.55 6.10
CA ARG EA 32 52.24 -37.16 7.35
C ARG EA 32 51.82 -38.61 7.48
N CYS EA 33 50.80 -39.03 6.73
CA CYS EA 33 50.37 -40.42 6.71
C CYS EA 33 50.45 -40.98 5.30
N HIS EA 34 51.57 -40.70 4.62
CA HIS EA 34 51.73 -41.16 3.25
C HIS EA 34 51.93 -42.67 3.18
N ALA EA 35 52.80 -43.21 4.04
CA ALA EA 35 53.09 -44.63 4.02
C ALA EA 35 51.89 -45.45 4.47
N PHE EA 36 51.17 -44.97 5.49
CA PHE EA 36 50.01 -45.70 6.01
C PHE EA 36 48.87 -45.74 5.01
N GLU EA 37 48.61 -44.61 4.35
CA GLU EA 37 47.56 -44.58 3.34
C GLU EA 37 47.96 -45.38 2.12
N LYS EA 38 49.25 -45.38 1.76
CA LYS EA 38 49.68 -46.21 0.64
C LYS EA 38 49.53 -47.69 0.96
N GLU EA 39 49.82 -48.08 2.21
CA GLU EA 39 49.64 -49.47 2.61
C GLU EA 39 48.17 -49.87 2.63
N TRP EA 40 47.30 -48.98 3.12
CA TRP EA 40 45.88 -49.29 3.16
C TRP EA 40 45.27 -49.35 1.75
N ILE EA 41 45.71 -48.47 0.86
CA ILE EA 41 45.19 -48.47 -0.50
C ILE EA 41 45.69 -49.69 -1.27
N GLU EA 42 46.99 -49.99 -1.18
CA GLU EA 42 47.51 -51.14 -1.89
C GLU EA 42 47.04 -52.46 -1.28
N CYS EA 43 46.64 -52.46 0.00
CA CYS EA 43 45.91 -53.60 0.53
C CYS EA 43 44.53 -53.70 -0.12
N ALA EA 44 43.73 -52.65 0.03
CA ALA EA 44 42.31 -52.71 -0.29
C ALA EA 44 41.99 -52.60 -1.77
N HIS EA 45 42.98 -52.49 -2.65
CA HIS EA 45 42.70 -52.30 -4.06
C HIS EA 45 42.25 -53.59 -4.73
N GLY EA 46 41.14 -53.51 -5.46
CA GLY EA 46 40.67 -54.60 -6.28
C GLY EA 46 39.83 -55.64 -5.57
N ILE EA 47 39.89 -55.71 -4.24
CA ILE EA 47 39.17 -56.75 -3.51
C ILE EA 47 37.79 -56.29 -3.07
N GLY EA 48 37.41 -55.05 -3.34
CA GLY EA 48 36.09 -54.56 -3.00
C GLY EA 48 35.96 -54.18 -1.54
N SER EA 49 34.86 -53.49 -1.25
CA SER EA 49 34.64 -52.94 0.08
C SER EA 49 34.40 -54.02 1.13
N ILE EA 50 33.68 -55.08 0.75
CA ILE EA 50 33.28 -56.10 1.71
C ILE EA 50 34.47 -56.92 2.17
N ARG EA 51 35.38 -57.25 1.26
CA ARG EA 51 36.62 -57.90 1.67
C ARG EA 51 37.63 -56.92 2.22
N ALA EA 52 37.53 -55.64 1.89
CA ALA EA 52 38.47 -54.65 2.40
C ALA EA 52 38.17 -54.23 3.82
N GLU EA 53 36.93 -54.38 4.28
CA GLU EA 53 36.65 -54.03 5.67
C GLU EA 53 37.20 -55.07 6.64
N LYS EA 54 37.35 -56.31 6.20
CA LYS EA 54 37.82 -57.36 7.11
C LYS EA 54 39.24 -57.83 6.83
N GLU EA 55 39.72 -57.77 5.58
CA GLU EA 55 41.04 -58.27 5.26
C GLU EA 55 42.10 -57.17 5.28
N CYS EA 56 41.70 -55.91 5.36
CA CYS EA 56 42.61 -54.79 5.45
C CYS EA 56 42.30 -53.97 6.70
N LYS EA 57 41.94 -54.64 7.78
CA LYS EA 57 41.56 -53.94 9.00
C LYS EA 57 42.78 -53.38 9.72
N ILE EA 58 43.92 -54.06 9.63
CA ILE EA 58 45.09 -53.65 10.38
C ILE EA 58 45.75 -52.41 9.77
N GLU EA 59 45.85 -52.37 8.44
CA GLU EA 59 46.36 -51.18 7.75
C GLU EA 59 45.44 -49.99 7.95
N PHE EA 60 44.12 -50.24 7.97
CA PHE EA 60 43.16 -49.17 8.19
C PHE EA 60 43.25 -48.65 9.62
N GLU EA 61 43.47 -49.53 10.60
CA GLU EA 61 43.61 -49.09 11.98
C GLU EA 61 44.90 -48.30 12.18
N ASP EA 62 46.00 -48.74 11.55
CA ASP EA 62 47.25 -48.00 11.65
C ASP EA 62 47.13 -46.64 10.97
N PHE EA 63 46.38 -46.56 9.87
CA PHE EA 63 46.23 -45.30 9.18
C PHE EA 63 45.30 -44.35 9.92
N ARG EA 64 44.23 -44.88 10.54
CA ARG EA 64 43.38 -44.04 11.37
C ARG EA 64 44.11 -43.56 12.61
N GLU EA 65 44.93 -44.41 13.21
CA GLU EA 65 45.70 -43.97 14.36
C GLU EA 65 46.86 -43.08 13.96
N CYS EA 66 47.29 -43.11 12.69
CA CYS EA 66 48.21 -42.11 12.20
C CYS EA 66 47.53 -40.75 12.07
N LEU EA 67 46.32 -40.73 11.51
CA LEU EA 67 45.62 -39.48 11.27
C LEU EA 67 45.21 -38.81 12.58
N LEU EA 68 44.55 -39.55 13.45
CA LEU EA 68 43.95 -38.95 14.64
C LEU EA 68 44.87 -38.95 15.85
N ARG EA 69 45.78 -39.92 15.95
CA ARG EA 69 46.75 -40.06 17.03
C ARG EA 69 46.06 -40.17 18.39
N GLN EA 70 44.94 -40.89 18.43
CA GLN EA 70 44.17 -41.00 19.66
C GLN EA 70 44.81 -41.97 20.65
N LYS EA 71 45.35 -43.09 20.17
CA LYS EA 71 46.06 -44.00 21.05
C LYS EA 71 47.36 -43.39 21.55
N THR EA 72 48.01 -42.58 20.72
CA THR EA 72 49.24 -41.91 21.13
C THR EA 72 48.95 -40.85 22.18
N MET EA 73 47.89 -40.07 21.99
CA MET EA 73 47.51 -39.07 22.99
C MET EA 73 47.00 -39.72 24.27
N LYS EA 74 46.34 -40.87 24.17
CA LYS EA 74 45.91 -41.59 25.37
C LYS EA 74 47.11 -42.14 26.14
N ARG EA 75 48.12 -42.62 25.42
CA ARG EA 75 49.35 -43.09 26.06
C ARG EA 75 50.10 -41.95 26.72
N LEU EA 76 50.17 -40.79 26.05
CA LEU EA 76 50.82 -39.63 26.65
C LEU EA 76 50.03 -39.09 27.84
N ASN EA 77 48.70 -39.20 27.81
CA ASN EA 77 47.89 -38.85 28.97
C ASN EA 77 48.20 -39.77 30.15
N ALA EA 78 48.34 -41.06 29.89
CA ALA EA 78 48.67 -42.01 30.96
C ALA EA 78 50.05 -41.73 31.54
N ILE EA 79 51.03 -41.45 30.68
CA ILE EA 79 52.40 -41.19 31.14
C ILE EA 79 52.47 -39.88 31.93
N LYS EA 80 51.83 -38.83 31.41
CA LYS EA 80 51.83 -37.54 32.09
C LYS EA 80 51.07 -37.58 33.40
N ARG EA 81 49.98 -38.36 33.45
CA ARG EA 81 49.20 -38.46 34.68
C ARG EA 81 49.95 -39.25 35.75
N GLN EA 82 50.62 -40.34 35.35
CA GLN EA 82 51.44 -41.08 36.30
C GLN EA 82 52.66 -40.27 36.76
N ARG EA 83 53.23 -39.47 35.86
CA ARG EA 83 54.35 -38.61 36.21
C ARG EA 83 53.94 -37.52 37.19
N ASP EA 84 52.78 -36.90 36.96
CA ASP EA 84 52.29 -35.89 37.88
C ASP EA 84 51.88 -36.49 39.22
N LYS EA 85 51.39 -37.74 39.20
CA LYS EA 85 51.10 -38.43 40.47
C LYS EA 85 52.38 -38.74 41.24
N LEU EA 86 53.46 -39.09 40.53
CA LEU EA 86 54.72 -39.35 41.22
C LEU EA 86 55.40 -38.06 41.67
N ILE EA 87 55.16 -36.95 40.99
CA ILE EA 87 55.60 -35.65 41.49
C ILE EA 87 54.82 -35.27 42.74
N LYS EA 88 53.51 -35.54 42.75
CA LYS EA 88 52.68 -35.24 43.90
C LYS EA 88 53.03 -36.13 45.10
N GLU EA 89 53.41 -37.37 44.86
CA GLU EA 89 53.83 -38.29 45.92
C GLU EA 89 55.30 -38.13 46.30
N GLY EA 90 56.04 -37.28 45.59
CA GLY EA 90 57.43 -37.02 45.94
C GLY EA 90 58.40 -38.13 45.67
N LYS EA 91 57.97 -39.20 44.99
CA LYS EA 91 58.81 -40.36 44.73
C LYS EA 91 59.52 -40.27 43.38
N TYR EA 92 59.67 -39.07 42.82
CA TYR EA 92 60.23 -38.91 41.49
C TYR EA 92 60.75 -37.50 41.32
N THR EA 93 61.94 -37.37 40.76
CA THR EA 93 62.52 -36.09 40.38
C THR EA 93 62.81 -36.10 38.88
N PRO EA 94 62.57 -34.97 38.20
CA PRO EA 94 62.80 -34.95 36.76
C PRO EA 94 64.28 -34.90 36.45
N PRO EA 95 64.72 -35.49 35.35
CA PRO EA 95 66.15 -35.50 35.03
C PRO EA 95 66.60 -34.15 34.51
N PRO EA 96 67.91 -33.90 34.44
CA PRO EA 96 68.38 -32.62 33.87
C PRO EA 96 68.08 -32.45 32.39
N HIS EA 97 67.81 -33.52 31.64
CA HIS EA 97 67.44 -33.35 30.24
C HIS EA 97 65.94 -33.18 30.03
N HIS EA 98 65.14 -33.30 31.08
CA HIS EA 98 63.74 -32.90 31.03
C HIS EA 98 63.46 -31.68 31.89
N SER EA 99 64.49 -30.86 32.13
CA SER EA 99 64.36 -29.63 32.87
C SER EA 99 64.91 -28.40 32.15
N GLY EA 100 65.74 -28.57 31.13
CA GLY EA 100 66.28 -27.47 30.38
C GLY EA 100 67.68 -27.06 30.75
N GLN EA 101 68.50 -27.98 31.26
CA GLN EA 101 69.81 -27.66 31.80
C GLN EA 101 70.88 -28.55 31.20
N GLU EA 102 70.78 -28.85 29.90
CA GLU EA 102 71.70 -29.83 29.33
C GLU EA 102 72.25 -29.52 27.94
N ASP EA 103 71.84 -28.42 27.30
CA ASP EA 103 72.43 -27.92 26.04
C ASP EA 103 72.33 -28.92 24.89
N LEU EA 104 71.14 -29.01 24.28
CA LEU EA 104 70.69 -30.04 23.34
C LEU EA 104 71.66 -30.39 22.20
N ARG EA 105 71.48 -31.60 21.62
CA ARG EA 105 72.43 -32.35 20.79
C ARG EA 105 73.11 -31.61 19.65
N PRO EA 106 72.41 -31.06 18.63
CA PRO EA 106 73.17 -30.85 17.40
C PRO EA 106 73.98 -29.56 17.35
N VAL FA 5 37.03 -1.75 -40.87
CA VAL FA 5 38.03 -2.22 -39.92
C VAL FA 5 39.01 -1.07 -39.64
N ALA FA 6 39.05 -0.10 -40.53
CA ALA FA 6 39.92 1.07 -40.39
C ALA FA 6 39.16 2.29 -39.88
N ALA FA 7 37.95 2.52 -40.37
CA ALA FA 7 37.16 3.65 -39.90
C ALA FA 7 36.54 3.38 -38.54
N PHE FA 8 36.11 2.14 -38.30
CA PHE FA 8 35.58 1.77 -36.99
C PHE FA 8 36.65 1.85 -35.91
N LEU FA 9 37.87 1.47 -36.25
CA LEU FA 9 38.95 1.48 -35.26
C LEU FA 9 39.34 2.91 -34.89
N LYS FA 10 39.41 3.81 -35.88
CA LYS FA 10 39.68 5.21 -35.59
C LYS FA 10 38.52 5.85 -34.84
N ASN FA 11 37.29 5.44 -35.15
CA ASN FA 11 36.13 5.98 -34.45
C ASN FA 11 36.11 5.54 -32.99
N VAL FA 12 36.43 4.29 -32.72
CA VAL FA 12 36.41 3.82 -31.33
C VAL FA 12 37.66 4.27 -30.57
N TRP FA 13 38.76 4.58 -31.27
CA TRP FA 13 39.90 5.22 -30.64
C TRP FA 13 39.64 6.69 -30.35
N ALA FA 14 38.71 7.31 -31.08
CA ALA FA 14 38.27 8.66 -30.72
C ALA FA 14 37.26 8.65 -29.58
N LYS FA 15 36.34 7.70 -29.59
CA LYS FA 15 35.25 7.70 -28.62
C LYS FA 15 35.69 7.09 -27.29
N GLU FA 16 36.18 5.85 -27.34
CA GLU FA 16 36.52 5.09 -26.13
C GLU FA 16 37.95 4.59 -26.21
N PRO FA 17 38.94 5.47 -26.01
CA PRO FA 17 40.34 5.03 -26.10
C PRO FA 17 40.76 4.13 -24.95
N VAL FA 18 40.06 4.21 -23.81
CA VAL FA 18 40.34 3.35 -22.67
C VAL FA 18 40.08 1.89 -23.02
N LEU FA 19 38.95 1.62 -23.66
CA LEU FA 19 38.62 0.25 -24.04
C LEU FA 19 39.48 -0.24 -25.19
N VAL FA 20 39.91 0.64 -26.08
CA VAL FA 20 40.82 0.24 -27.15
C VAL FA 20 42.16 -0.17 -26.58
N ALA FA 21 42.68 0.61 -25.62
CA ALA FA 21 43.92 0.25 -24.94
C ALA FA 21 43.75 -1.03 -24.14
N SER FA 22 42.57 -1.24 -23.54
CA SER FA 22 42.31 -2.44 -22.76
C SER FA 22 42.33 -3.69 -23.63
N PHE FA 23 41.59 -3.66 -24.75
CA PHE FA 23 41.56 -4.83 -25.62
C PHE FA 23 42.89 -5.03 -26.35
N ALA FA 24 43.65 -3.95 -26.58
CA ALA FA 24 44.97 -4.11 -27.20
C ALA FA 24 45.96 -4.76 -26.25
N ILE FA 25 46.00 -4.30 -24.99
CA ILE FA 25 46.91 -4.87 -23.99
C ILE FA 25 46.52 -6.32 -23.70
N ALA FA 26 45.23 -6.61 -23.60
CA ALA FA 26 44.76 -7.97 -23.36
C ALA FA 26 45.06 -8.89 -24.54
N GLY FA 27 44.87 -8.39 -25.76
CA GLY FA 27 45.14 -9.21 -26.93
C GLY FA 27 46.61 -9.51 -27.12
N LEU FA 28 47.47 -8.53 -26.83
CA LEU FA 28 48.91 -8.79 -26.87
C LEU FA 28 49.33 -9.76 -25.78
N ALA FA 29 48.71 -9.66 -24.59
CA ALA FA 29 48.98 -10.62 -23.53
C ALA FA 29 48.56 -12.03 -23.91
N VAL FA 30 47.47 -12.18 -24.67
CA VAL FA 30 47.06 -13.51 -25.10
C VAL FA 30 47.99 -14.07 -26.18
N ILE FA 31 48.23 -13.29 -27.24
CA ILE FA 31 48.86 -13.90 -28.41
C ILE FA 31 50.39 -13.80 -28.40
N LEU FA 32 50.98 -13.00 -27.51
CA LEU FA 32 52.42 -12.81 -27.56
C LEU FA 32 53.29 -13.96 -27.00
N PRO FA 33 52.90 -14.71 -25.94
CA PRO FA 33 53.74 -15.86 -25.56
C PRO FA 33 53.76 -16.99 -26.59
N THR FA 34 52.78 -17.06 -27.48
CA THR FA 34 52.84 -18.04 -28.56
C THR FA 34 53.78 -17.62 -29.68
N LEU FA 35 54.19 -16.35 -29.71
CA LEU FA 35 55.13 -15.83 -30.69
C LEU FA 35 56.45 -15.41 -30.05
N SER FA 36 56.66 -15.76 -28.79
CA SER FA 36 57.87 -15.30 -28.11
C SER FA 36 58.93 -16.39 -28.13
N PRO FA 37 60.20 -16.02 -28.38
CA PRO FA 37 61.28 -17.01 -28.34
C PRO FA 37 61.75 -17.34 -26.93
N TYR FA 38 61.35 -16.55 -25.94
CA TYR FA 38 61.83 -16.69 -24.57
C TYR FA 38 60.85 -17.45 -23.68
N THR FA 39 59.72 -17.91 -24.21
CA THR FA 39 58.75 -18.64 -23.41
C THR FA 39 59.28 -20.02 -23.02
N LYS FA 40 60.13 -20.59 -23.85
CA LYS FA 40 60.77 -21.88 -23.54
C LYS FA 40 61.71 -21.74 -22.35
N TYR FA 41 62.40 -20.62 -22.22
CA TYR FA 41 63.36 -20.44 -21.14
C TYR FA 41 62.68 -20.30 -19.79
N SER FA 42 61.43 -19.85 -19.75
CA SER FA 42 60.69 -19.81 -18.50
C SER FA 42 60.46 -21.21 -17.96
N LEU FA 43 60.03 -22.11 -18.84
CA LEU FA 43 59.88 -23.53 -18.51
C LEU FA 43 61.20 -24.15 -18.08
N MET FA 44 62.27 -23.82 -18.80
CA MET FA 44 63.58 -24.39 -18.50
C MET FA 44 64.14 -23.90 -17.17
N ILE FA 45 63.89 -22.64 -16.82
CA ILE FA 45 64.35 -22.13 -15.53
C ILE FA 45 63.51 -22.69 -14.40
N ASN FA 46 62.19 -22.81 -14.61
CA ASN FA 46 61.33 -23.31 -13.54
C ASN FA 46 61.55 -24.79 -13.26
N ARG FA 47 61.92 -25.58 -14.27
CA ARG FA 47 62.22 -26.97 -13.92
C ARG FA 47 63.64 -27.18 -13.44
N ALA FA 48 64.52 -26.19 -13.59
CA ALA FA 48 65.89 -26.29 -13.12
C ALA FA 48 66.10 -25.66 -11.75
N THR FA 49 65.03 -25.26 -11.07
CA THR FA 49 65.16 -24.65 -9.76
C THR FA 49 65.01 -25.73 -8.70
N PRO FA 50 66.07 -26.09 -7.97
CA PRO FA 50 66.06 -27.28 -7.09
C PRO FA 50 65.45 -27.06 -5.70
N TYR FA 51 64.14 -27.18 -5.61
CA TYR FA 51 63.47 -27.01 -4.33
C TYR FA 51 63.70 -28.21 -3.42
N ASN FA 52 63.72 -29.41 -3.99
CA ASN FA 52 63.87 -30.64 -3.23
C ASN FA 52 65.32 -31.10 -3.22
N TYR FA 53 65.53 -32.30 -2.74
CA TYR FA 53 66.86 -32.89 -2.76
C TYR FA 53 66.98 -33.82 -3.96
N PRO FA 54 68.06 -33.71 -4.73
CA PRO FA 54 68.30 -34.69 -5.80
C PRO FA 54 68.74 -36.02 -5.23
N VAL FA 55 67.76 -36.85 -4.88
CA VAL FA 55 67.96 -38.16 -4.25
C VAL FA 55 68.79 -39.04 -5.18
N PRO FA 56 69.91 -39.57 -4.71
CA PRO FA 56 70.80 -40.31 -5.60
C PRO FA 56 70.25 -41.66 -5.99
N LEU FA 57 70.98 -42.33 -6.87
CA LEU FA 57 70.56 -43.61 -7.44
C LEU FA 57 71.54 -44.70 -7.06
N ARG FA 58 71.02 -45.91 -6.87
CA ARG FA 58 71.88 -47.06 -6.66
C ARG FA 58 72.54 -47.45 -7.98
N ASP FA 59 73.87 -47.37 -8.04
CA ASP FA 59 74.60 -47.69 -9.25
C ASP FA 59 74.61 -49.21 -9.42
N ASP FA 60 73.68 -49.71 -10.23
CA ASP FA 60 73.63 -51.14 -10.51
C ASP FA 60 74.80 -51.60 -11.37
N GLY FA 61 75.39 -50.69 -12.15
CA GLY FA 61 76.54 -51.01 -12.95
C GLY FA 61 76.53 -50.36 -14.32
N ASN FA 62 75.35 -50.12 -14.88
CA ASN FA 62 75.24 -49.53 -16.22
C ASN FA 62 74.27 -48.35 -16.19
N MET FA 63 74.78 -47.19 -15.80
CA MET FA 63 74.09 -45.91 -15.98
C MET FA 63 75.15 -44.90 -16.42
N PRO FA 64 75.44 -44.84 -17.72
CA PRO FA 64 76.54 -43.98 -18.18
C PRO FA 64 76.20 -42.51 -18.19
N ASP FA 65 74.93 -42.14 -18.24
CA ASP FA 65 74.55 -40.73 -18.29
C ASP FA 65 74.31 -40.13 -16.92
N VAL FA 66 74.39 -40.93 -15.86
CA VAL FA 66 74.23 -40.42 -14.50
C VAL FA 66 75.64 -40.26 -13.92
N PRO FA 67 76.00 -39.08 -13.40
CA PRO FA 67 77.35 -38.88 -12.91
C PRO FA 67 77.59 -39.56 -11.57
N SER FA 68 78.84 -39.55 -11.15
CA SER FA 68 79.24 -40.04 -9.83
C SER FA 68 79.59 -38.90 -8.89
N HIS FA 69 79.46 -37.67 -9.35
CA HIS FA 69 79.91 -36.50 -8.62
C HIS FA 69 79.24 -35.29 -9.25
N PRO FA 70 78.99 -34.22 -8.48
CA PRO FA 70 78.43 -33.00 -9.10
C PRO FA 70 79.29 -32.40 -10.20
N GLN FA 71 80.61 -32.41 -10.04
CA GLN FA 71 81.52 -31.79 -10.98
C GLN FA 71 81.88 -32.69 -12.15
N ASP FA 72 81.25 -33.86 -12.28
CA ASP FA 72 81.48 -34.72 -13.43
C ASP FA 72 80.86 -34.11 -14.68
N PRO FA 73 81.38 -34.47 -15.87
CA PRO FA 73 80.83 -33.87 -17.10
C PRO FA 73 79.42 -34.29 -17.44
N GLN FA 74 79.06 -35.57 -17.27
CA GLN FA 74 77.73 -36.00 -17.64
C GLN FA 74 76.70 -35.53 -16.62
N GLY FA 75 75.51 -35.20 -17.10
CA GLY FA 75 74.47 -34.64 -16.29
C GLY FA 75 73.87 -33.41 -16.93
N PRO FA 76 72.67 -33.01 -16.50
CA PRO FA 76 72.03 -31.81 -17.07
C PRO FA 76 72.74 -30.54 -16.63
N SER FA 77 73.30 -29.82 -17.59
CA SER FA 77 74.10 -28.64 -17.31
C SER FA 77 73.26 -27.37 -17.41
N LEU FA 78 73.75 -26.31 -16.77
CA LEU FA 78 73.10 -25.01 -16.83
C LEU FA 78 74.03 -23.97 -17.42
N GLU FA 79 74.71 -24.30 -18.53
CA GLU FA 79 75.50 -23.29 -19.22
C GLU FA 79 74.62 -22.26 -19.90
N TRP FA 80 73.43 -22.68 -20.36
CA TRP FA 80 72.50 -21.74 -20.98
C TRP FA 80 71.97 -20.73 -19.99
N LEU FA 81 71.88 -21.10 -18.71
CA LEU FA 81 71.35 -20.19 -17.70
C LEU FA 81 72.38 -19.14 -17.31
N LYS FA 82 73.65 -19.54 -17.21
CA LYS FA 82 74.70 -18.57 -16.95
C LYS FA 82 74.90 -17.65 -18.16
N ARG FA 83 74.86 -18.21 -19.37
CA ARG FA 83 75.20 -17.44 -20.56
C ARG FA 83 74.02 -16.62 -21.08
N LEU FA 84 72.91 -17.29 -21.40
CA LEU FA 84 71.68 -16.70 -21.97
C LEU FA 84 71.92 -15.91 -23.26
N SER GA 12 -85.31 -61.56 -25.16
CA SER GA 12 -84.55 -60.50 -24.51
C SER GA 12 -85.28 -60.01 -23.26
N LYS GA 13 -86.52 -59.56 -23.45
CA LYS GA 13 -87.34 -59.13 -22.33
C LYS GA 13 -87.74 -60.33 -21.47
N MET GA 14 -87.20 -60.38 -20.25
CA MET GA 14 -87.46 -61.48 -19.33
C MET GA 14 -88.69 -61.14 -18.50
N GLU GA 15 -89.80 -61.80 -18.80
CA GLU GA 15 -91.08 -61.51 -18.15
C GLU GA 15 -91.03 -62.04 -16.72
N LEU GA 16 -91.02 -61.13 -15.75
CA LEU GA 16 -91.01 -61.53 -14.36
C LEU GA 16 -92.39 -62.07 -13.97
N PRO GA 17 -92.45 -63.01 -13.01
CA PRO GA 17 -93.76 -63.46 -12.51
C PRO GA 17 -94.45 -62.40 -11.67
N ASP GA 18 -95.65 -62.70 -11.19
CA ASP GA 18 -96.44 -61.70 -10.50
C ASP GA 18 -95.96 -61.57 -9.05
N TYR GA 19 -96.08 -60.36 -8.50
CA TYR GA 19 -95.73 -60.13 -7.11
C TYR GA 19 -96.87 -60.45 -6.15
N LYS GA 20 -98.09 -60.54 -6.66
CA LYS GA 20 -99.24 -60.81 -5.81
C LYS GA 20 -99.41 -62.28 -5.48
N GLN GA 21 -98.68 -63.17 -6.16
CA GLN GA 21 -98.86 -64.60 -5.93
C GLN GA 21 -98.09 -65.11 -4.72
N TRP GA 22 -97.23 -64.29 -4.11
CA TRP GA 22 -96.37 -64.78 -3.03
C TRP GA 22 -97.01 -64.44 -1.70
N LYS GA 23 -98.09 -65.15 -1.39
CA LYS GA 23 -98.78 -65.05 -0.12
C LYS GA 23 -98.19 -66.06 0.86
N ILE GA 24 -98.04 -65.66 2.12
CA ILE GA 24 -97.22 -66.42 3.05
C ILE GA 24 -98.06 -67.31 3.95
N GLU GA 25 -99.34 -67.47 3.61
CA GLU GA 25 -100.21 -68.35 4.38
C GLU GA 25 -99.91 -69.80 4.03
N GLY GA 26 -99.55 -70.59 5.03
CA GLY GA 26 -99.17 -71.97 4.85
C GLY GA 26 -97.68 -72.23 4.93
N THR GA 27 -96.87 -71.20 4.89
CA THR GA 27 -95.42 -71.30 4.99
C THR GA 27 -94.98 -71.08 6.43
N PRO GA 28 -93.75 -71.48 6.79
CA PRO GA 28 -93.21 -71.10 8.11
C PRO GA 28 -92.99 -69.59 8.30
N LEU GA 29 -93.04 -68.79 7.24
CA LEU GA 29 -93.12 -67.34 7.41
C LEU GA 29 -94.38 -66.93 8.16
N GLU GA 30 -95.48 -67.67 8.00
CA GLU GA 30 -96.68 -67.40 8.78
C GLU GA 30 -96.47 -67.75 10.24
N THR GA 31 -95.71 -68.80 10.53
CA THR GA 31 -95.36 -69.14 11.91
C THR GA 31 -94.46 -68.07 12.53
N VAL GA 32 -93.55 -67.51 11.72
CA VAL GA 32 -92.73 -66.38 12.15
C VAL GA 32 -93.59 -65.16 12.44
N GLN GA 33 -94.58 -64.90 11.57
CA GLN GA 33 -95.49 -63.77 11.76
C GLN GA 33 -96.34 -63.93 13.02
N GLU GA 34 -96.78 -65.15 13.31
CA GLU GA 34 -97.57 -65.41 14.51
C GLU GA 34 -96.72 -65.27 15.77
N LYS GA 35 -95.47 -65.78 15.74
CA LYS GA 35 -94.61 -65.65 16.91
C LYS GA 35 -94.05 -64.24 17.08
N LEU GA 36 -94.13 -63.41 16.06
CA LEU GA 36 -93.84 -61.98 16.24
C LEU GA 36 -95.05 -61.23 16.74
N ALA GA 37 -96.25 -61.57 16.25
CA ALA GA 37 -97.47 -60.93 16.72
C ALA GA 37 -97.87 -61.38 18.13
N ALA GA 38 -97.27 -62.47 18.63
CA ALA GA 38 -97.44 -62.83 20.03
C ALA GA 38 -96.85 -61.79 20.97
N ARG GA 39 -95.85 -61.02 20.52
CA ARG GA 39 -95.33 -59.88 21.26
C ARG GA 39 -95.55 -58.56 20.52
N GLY GA 40 -96.47 -58.55 19.57
CA GLY GA 40 -96.83 -57.31 18.89
C GLY GA 40 -95.87 -56.85 17.82
N LEU GA 41 -95.32 -57.76 17.04
CA LEU GA 41 -94.38 -57.41 15.98
C LEU GA 41 -94.88 -57.94 14.64
N ARG GA 42 -94.49 -57.25 13.58
CA ARG GA 42 -94.93 -57.58 12.23
C ARG GA 42 -93.73 -57.51 11.30
N ASP GA 43 -93.57 -58.54 10.47
CA ASP GA 43 -92.49 -58.56 9.50
C ASP GA 43 -92.92 -57.94 8.18
N PRO GA 44 -92.21 -56.94 7.67
CA PRO GA 44 -92.52 -56.39 6.35
C PRO GA 44 -91.84 -57.08 5.18
N TRP GA 45 -91.12 -58.19 5.38
CA TRP GA 45 -90.38 -58.84 4.31
C TRP GA 45 -90.82 -60.28 4.08
N GLY GA 46 -92.03 -60.65 4.47
CA GLY GA 46 -92.45 -62.04 4.34
C GLY GA 46 -92.72 -62.44 2.90
N ARG GA 47 -93.36 -61.55 2.14
CA ARG GA 47 -93.64 -61.83 0.73
C ARG GA 47 -92.37 -61.82 -0.12
N ASN GA 48 -91.32 -61.16 0.36
CA ASN GA 48 -90.01 -61.27 -0.29
C ASN GA 48 -89.45 -62.67 -0.11
N GLU GA 49 -89.45 -63.18 1.13
CA GLU GA 49 -88.93 -64.51 1.42
C GLU GA 49 -89.84 -65.62 0.92
N ALA GA 50 -91.07 -65.30 0.51
CA ALA GA 50 -92.10 -66.30 0.23
C ALA GA 50 -91.79 -67.20 -0.95
N TRP GA 51 -90.92 -66.78 -1.88
CA TRP GA 51 -90.68 -67.61 -3.05
C TRP GA 51 -89.84 -68.84 -2.74
N ARG GA 52 -89.13 -68.83 -1.62
CA ARG GA 52 -88.23 -69.94 -1.30
C ARG GA 52 -89.01 -71.15 -0.81
N TYR GA 53 -90.16 -70.92 -0.18
CA TYR GA 53 -90.90 -71.98 0.49
C TYR GA 53 -92.17 -72.37 -0.29
N MET GA 54 -92.29 -71.93 -1.54
CA MET GA 54 -93.49 -72.12 -2.33
C MET GA 54 -93.14 -72.65 -3.70
N GLY GA 55 -94.17 -73.02 -4.44
CA GLY GA 55 -93.99 -73.41 -5.84
C GLY GA 55 -93.38 -74.79 -5.96
N GLY GA 56 -92.27 -74.86 -6.69
CA GLY GA 56 -91.56 -76.12 -6.87
C GLY GA 56 -90.47 -76.40 -5.87
N PHE GA 57 -90.05 -75.41 -5.08
CA PHE GA 57 -89.04 -75.63 -4.06
C PHE GA 57 -89.62 -76.12 -2.75
N ALA GA 58 -90.94 -76.06 -2.58
CA ALA GA 58 -91.54 -76.55 -1.35
C ALA GA 58 -91.52 -78.08 -1.32
N ASN GA 59 -91.63 -78.61 -0.10
CA ASN GA 59 -91.66 -80.05 0.20
C ASN GA 59 -90.39 -80.75 -0.30
N ASN GA 60 -89.29 -80.35 0.30
CA ASN GA 60 -87.99 -80.97 0.04
C ASN GA 60 -87.81 -82.19 0.94
N VAL GA 61 -87.00 -83.13 0.47
CA VAL GA 61 -86.83 -84.39 1.19
C VAL GA 61 -85.94 -84.18 2.42
N SER GA 62 -85.95 -85.19 3.30
CA SER GA 62 -85.07 -85.21 4.44
C SER GA 62 -83.81 -85.99 4.10
N PHE GA 63 -82.92 -86.15 5.09
CA PHE GA 63 -81.65 -86.79 4.85
C PHE GA 63 -81.78 -88.29 4.66
N VAL GA 64 -82.71 -88.93 5.37
CA VAL GA 64 -83.02 -90.33 5.10
C VAL GA 64 -83.73 -90.48 3.76
N GLY GA 65 -84.38 -89.41 3.27
CA GLY GA 65 -84.87 -89.39 1.91
C GLY GA 65 -83.82 -88.99 0.91
N ALA GA 66 -82.76 -88.30 1.35
CA ALA GA 66 -81.66 -87.95 0.48
C ALA GA 66 -80.79 -89.17 0.17
N LEU GA 67 -80.52 -90.00 1.18
CA LEU GA 67 -79.72 -91.19 0.96
C LEU GA 67 -80.49 -92.23 0.17
N LEU GA 68 -81.76 -92.45 0.51
CA LEU GA 68 -82.59 -93.46 -0.12
C LEU GA 68 -83.20 -93.01 -1.44
N LYS GA 69 -82.68 -91.94 -2.05
CA LYS GA 69 -82.99 -91.64 -3.43
C LYS GA 69 -82.53 -92.78 -4.33
N GLY GA 70 -83.44 -93.31 -5.13
CA GLY GA 70 -83.12 -94.43 -5.97
C GLY GA 70 -83.01 -95.76 -5.26
N PHE GA 71 -83.53 -95.87 -4.04
CA PHE GA 71 -83.53 -97.16 -3.36
C PHE GA 71 -84.59 -98.09 -3.92
N LYS GA 72 -85.69 -97.54 -4.45
CA LYS GA 72 -86.78 -98.38 -4.92
C LYS GA 72 -86.40 -99.13 -6.20
N TRP GA 73 -85.86 -98.42 -7.18
CA TRP GA 73 -85.40 -99.06 -8.41
C TRP GA 73 -84.21 -99.98 -8.16
N GLY GA 74 -83.34 -99.59 -7.21
CA GLY GA 74 -82.21 -100.45 -6.87
C GLY GA 74 -82.64 -101.74 -6.20
N PHE GA 75 -83.64 -101.66 -5.31
CA PHE GA 75 -84.14 -102.86 -4.66
C PHE GA 75 -84.94 -103.72 -5.62
N ALA GA 76 -85.64 -103.10 -6.58
CA ALA GA 76 -86.36 -103.87 -7.60
C ALA GA 76 -85.39 -104.60 -8.51
N ALA GA 77 -84.32 -103.92 -8.96
CA ALA GA 77 -83.31 -104.59 -9.78
C ALA GA 77 -82.54 -105.63 -8.98
N PHE GA 78 -82.41 -105.42 -7.66
CA PHE GA 78 -81.79 -106.43 -6.81
C PHE GA 78 -82.65 -107.69 -6.72
N VAL GA 79 -83.96 -107.52 -6.58
CA VAL GA 79 -84.89 -108.66 -6.58
C VAL GA 79 -84.83 -109.39 -7.93
N VAL GA 80 -84.80 -108.64 -9.03
CA VAL GA 80 -84.75 -109.24 -10.37
C VAL GA 80 -83.44 -109.99 -10.57
N ALA GA 81 -82.32 -109.43 -10.10
CA ALA GA 81 -81.02 -110.07 -10.31
C ALA GA 81 -80.83 -111.29 -9.40
N VAL GA 82 -81.30 -111.24 -8.16
CA VAL GA 82 -81.22 -112.40 -7.28
C VAL GA 82 -82.14 -113.51 -7.77
N GLY GA 83 -83.32 -113.15 -8.28
CA GLY GA 83 -84.18 -114.16 -8.90
C GLY GA 83 -83.59 -114.75 -10.16
N ALA GA 84 -82.87 -113.92 -10.93
CA ALA GA 84 -82.25 -114.41 -12.16
C ALA GA 84 -81.08 -115.35 -11.85
N GLU GA 85 -80.29 -115.04 -10.83
CA GLU GA 85 -79.21 -115.97 -10.47
C GLU GA 85 -79.72 -117.18 -9.70
N TYR GA 86 -80.89 -117.09 -9.08
CA TYR GA 86 -81.48 -118.26 -8.43
C TYR GA 86 -82.06 -119.21 -9.45
N TYR GA 87 -82.68 -118.67 -10.51
CA TYR GA 87 -83.14 -119.51 -11.61
C TYR GA 87 -82.01 -119.91 -12.55
N LEU GA 88 -80.85 -119.26 -12.42
CA LEU GA 88 -79.72 -119.52 -13.31
C LEU GA 88 -78.78 -120.59 -12.77
N GLU GA 89 -78.65 -120.71 -11.45
CA GLU GA 89 -77.76 -121.69 -10.87
C GLU GA 89 -78.29 -123.11 -11.00
N SER GA 90 -79.60 -123.28 -11.16
CA SER GA 90 -80.19 -124.62 -11.26
C SER GA 90 -80.14 -125.14 -12.70
N MET HA 3 23.53 -54.12 -7.79
CA MET HA 3 23.80 -55.54 -7.60
C MET HA 3 25.11 -55.93 -8.27
N MET HA 4 25.24 -55.60 -9.55
CA MET HA 4 26.40 -55.96 -10.36
C MET HA 4 27.32 -54.76 -10.60
N THR HA 5 27.50 -53.91 -9.58
CA THR HA 5 28.24 -52.67 -9.76
C THR HA 5 29.74 -52.88 -9.95
N GLY HA 6 30.28 -54.03 -9.55
CA GLY HA 6 31.70 -54.28 -9.76
C GLY HA 6 32.04 -54.81 -11.13
N ARG HA 7 31.07 -55.45 -11.80
CA ARG HA 7 31.30 -55.94 -13.16
C ARG HA 7 31.40 -54.77 -14.15
N GLN HA 8 30.41 -53.88 -14.14
CA GLN HA 8 30.40 -52.73 -15.04
C GLN HA 8 31.03 -51.51 -14.39
N ALA HA 9 32.25 -51.70 -13.88
CA ALA HA 9 33.09 -50.62 -13.37
C ALA HA 9 34.49 -50.63 -13.92
N ARG HA 10 35.01 -51.78 -14.38
CA ARG HA 10 36.31 -51.83 -15.01
C ARG HA 10 36.26 -51.31 -16.44
N ALA HA 11 35.11 -51.49 -17.11
CA ALA HA 11 34.85 -50.93 -18.43
C ALA HA 11 33.59 -50.06 -18.31
N PRO HA 12 33.72 -48.82 -17.86
CA PRO HA 12 32.54 -48.02 -17.55
C PRO HA 12 31.93 -47.36 -18.78
N LEU HA 13 30.63 -47.09 -18.68
CA LEU HA 13 29.82 -46.38 -19.68
C LEU HA 13 29.79 -47.08 -21.03
N GLN HA 14 30.01 -48.38 -21.06
CA GLN HA 14 29.81 -49.16 -22.28
C GLN HA 14 28.35 -49.59 -22.32
N PHE HA 15 27.60 -49.06 -23.28
CA PHE HA 15 26.20 -49.43 -23.42
C PHE HA 15 26.09 -50.88 -23.89
N LEU HA 16 26.89 -51.26 -24.87
CA LEU HA 16 27.02 -52.65 -25.31
C LEU HA 16 28.49 -53.00 -25.39
N PRO HA 17 29.02 -53.76 -24.45
CA PRO HA 17 30.43 -54.16 -24.51
C PRO HA 17 30.77 -55.10 -25.67
N ASP HA 18 32.05 -55.43 -25.78
CA ASP HA 18 32.48 -56.27 -26.90
C ASP HA 18 32.05 -57.73 -26.72
N GLU HA 19 31.89 -58.16 -25.47
CA GLU HA 19 31.43 -59.52 -25.24
C GLU HA 19 29.92 -59.67 -25.44
N ALA HA 20 29.20 -58.56 -25.63
CA ALA HA 20 27.79 -58.64 -25.99
C ALA HA 20 27.57 -59.14 -27.41
N ARG HA 21 28.60 -59.06 -28.27
CA ARG HA 21 28.48 -59.54 -29.63
C ARG HA 21 28.70 -61.04 -29.76
N SER HA 22 29.05 -61.72 -28.67
CA SER HA 22 29.07 -63.18 -28.64
C SER HA 22 27.69 -63.78 -28.45
N LEU HA 23 26.72 -63.00 -28.08
CA LEU HA 23 25.32 -63.29 -27.84
C LEU HA 23 24.51 -63.13 -29.11
N PRO HA 24 23.44 -63.89 -29.29
CA PRO HA 24 22.59 -63.69 -30.46
C PRO HA 24 21.75 -62.44 -30.29
N PRO HA 25 21.69 -61.58 -31.30
CA PRO HA 25 20.88 -60.37 -31.21
C PRO HA 25 19.41 -60.71 -31.31
N PRO HA 26 18.51 -59.82 -30.88
CA PRO HA 26 17.08 -60.07 -31.08
C PRO HA 26 16.72 -60.03 -32.56
N LYS HA 27 15.83 -60.94 -32.95
CA LYS HA 27 15.31 -60.93 -34.30
C LYS HA 27 14.41 -59.71 -34.50
N LEU HA 28 14.20 -59.35 -35.76
CA LEU HA 28 13.33 -58.23 -36.06
C LEU HA 28 11.86 -58.57 -35.87
N THR HA 29 11.53 -59.86 -35.78
CA THR HA 29 10.19 -60.32 -35.42
C THR HA 29 10.06 -60.62 -33.94
N ASP HA 30 10.80 -59.92 -33.11
CA ASP HA 30 10.72 -60.11 -31.67
C ASP HA 30 9.41 -59.51 -31.17
N PRO HA 31 8.62 -60.25 -30.40
CA PRO HA 31 7.38 -59.66 -29.84
C PRO HA 31 7.60 -58.47 -28.93
N ARG HA 32 8.74 -58.39 -28.24
CA ARG HA 32 9.04 -57.17 -27.49
C ARG HA 32 9.26 -55.99 -28.43
N LEU HA 33 10.02 -56.21 -29.50
CA LEU HA 33 10.28 -55.16 -30.48
C LEU HA 33 9.02 -54.79 -31.23
N ALA HA 34 8.16 -55.77 -31.51
CA ALA HA 34 6.86 -55.49 -32.12
C ALA HA 34 5.95 -54.71 -31.17
N TYR HA 35 6.05 -54.96 -29.87
CA TYR HA 35 5.28 -54.18 -28.91
C TYR HA 35 5.79 -52.75 -28.81
N ILE HA 36 7.10 -52.55 -28.93
CA ILE HA 36 7.62 -51.18 -28.93
C ILE HA 36 7.24 -50.46 -30.23
N GLY HA 37 7.14 -51.19 -31.34
CA GLY HA 37 6.59 -50.60 -32.56
C GLY HA 37 5.12 -50.23 -32.42
N PHE HA 38 4.37 -51.06 -31.69
CA PHE HA 38 2.98 -50.70 -31.36
C PHE HA 38 2.91 -49.47 -30.46
N LEU HA 39 3.90 -49.30 -29.57
CA LEU HA 39 3.95 -48.09 -28.76
C LEU HA 39 4.25 -46.87 -29.61
N GLY HA 40 5.08 -47.04 -30.64
CA GLY HA 40 5.32 -45.94 -31.58
C GLY HA 40 4.08 -45.58 -32.36
N TYR HA 41 3.31 -46.59 -32.76
CA TYR HA 41 2.04 -46.33 -33.44
C TYR HA 41 1.05 -45.60 -32.52
N CYS HA 42 0.97 -46.02 -31.25
CA CYS HA 42 0.11 -45.35 -30.29
C CYS HA 42 0.57 -43.94 -29.99
N SER HA 43 1.88 -43.70 -29.97
CA SER HA 43 2.40 -42.35 -29.79
C SER HA 43 2.06 -41.45 -30.97
N GLY HA 44 2.12 -42.00 -32.19
CA GLY HA 44 1.69 -41.24 -33.35
C GLY HA 44 0.20 -40.92 -33.33
N LEU HA 45 -0.62 -41.88 -32.87
CA LEU HA 45 -2.05 -41.64 -32.79
C LEU HA 45 -2.39 -40.59 -31.74
N ILE HA 46 -1.75 -40.66 -30.57
CA ILE HA 46 -1.98 -39.65 -29.53
C ILE HA 46 -1.43 -38.29 -29.96
N ASP HA 47 -0.34 -38.28 -30.74
CA ASP HA 47 0.20 -37.02 -31.24
C ASP HA 47 -0.75 -36.36 -32.24
N ASN HA 48 -1.40 -37.15 -33.09
CA ASN HA 48 -2.41 -36.55 -33.96
C ASN HA 48 -3.67 -36.18 -33.20
N ALA HA 49 -3.97 -36.90 -32.10
CA ALA HA 49 -5.20 -36.64 -31.37
C ALA HA 49 -5.12 -35.38 -30.51
N ILE HA 50 -3.96 -35.11 -29.91
CA ILE HA 50 -3.88 -33.98 -28.99
C ILE HA 50 -3.81 -32.63 -29.70
N ARG HA 51 -3.46 -32.62 -30.97
CA ARG HA 51 -3.40 -31.39 -31.74
C ARG HA 51 -4.58 -31.25 -32.69
N ARG HA 52 -5.61 -32.09 -32.50
CA ARG HA 52 -6.84 -32.09 -33.29
C ARG HA 52 -6.57 -32.26 -34.78
N ARG HA 53 -5.76 -33.24 -35.08
CA ARG HA 53 -5.58 -33.72 -36.44
C ARG HA 53 -6.44 -34.95 -36.66
N PRO HA 54 -6.70 -35.35 -37.91
CA PRO HA 54 -7.25 -36.69 -38.13
C PRO HA 54 -6.24 -37.75 -37.70
N VAL HA 55 -6.69 -38.64 -36.82
CA VAL HA 55 -5.77 -39.45 -36.03
C VAL HA 55 -5.13 -40.52 -36.90
N LEU HA 56 -5.92 -41.24 -37.68
CA LEU HA 56 -5.39 -42.27 -38.55
C LEU HA 56 -4.82 -41.72 -39.86
N SER HA 57 -5.10 -40.47 -40.19
CA SER HA 57 -4.82 -39.93 -41.51
C SER HA 57 -3.62 -38.99 -41.54
N ALA HA 58 -3.56 -38.04 -40.61
CA ALA HA 58 -2.58 -36.97 -40.70
C ALA HA 58 -1.18 -37.44 -40.32
N GLY HA 59 -0.20 -37.04 -41.12
CA GLY HA 59 1.20 -37.28 -40.85
C GLY HA 59 1.60 -38.73 -40.85
N LEU HA 60 1.48 -39.40 -42.00
CA LEU HA 60 1.97 -40.77 -42.09
C LEU HA 60 3.49 -40.82 -42.03
N HIS HA 61 4.15 -39.74 -42.48
CA HIS HA 61 5.59 -39.60 -42.26
C HIS HA 61 5.90 -39.47 -40.77
N ARG HA 62 5.01 -38.82 -40.01
CA ARG HA 62 5.25 -38.62 -38.60
C ARG HA 62 4.99 -39.89 -37.81
N GLN HA 63 3.90 -40.60 -38.14
CA GLN HA 63 3.64 -41.90 -37.51
C GLN HA 63 4.71 -42.91 -37.87
N PHE HA 64 5.19 -42.86 -39.11
CA PHE HA 64 6.27 -43.74 -39.53
C PHE HA 64 7.56 -43.42 -38.81
N LEU HA 65 7.82 -42.15 -38.52
CA LEU HA 65 9.02 -41.80 -37.75
C LEU HA 65 8.86 -42.18 -36.28
N TYR HA 66 7.65 -42.08 -35.71
CA TYR HA 66 7.42 -42.56 -34.35
C TYR HA 66 7.68 -44.06 -34.23
N ILE HA 67 7.13 -44.85 -35.17
CA ILE HA 67 7.33 -46.30 -35.16
C ILE HA 67 8.81 -46.64 -35.35
N THR HA 68 9.45 -45.96 -36.31
CA THR HA 68 10.87 -46.19 -36.60
C THR HA 68 11.75 -45.84 -35.42
N SER HA 69 11.46 -44.72 -34.76
CA SER HA 69 12.27 -44.28 -33.64
C SER HA 69 12.11 -45.19 -32.44
N PHE HA 70 10.88 -45.67 -32.17
CA PHE HA 70 10.73 -46.56 -31.02
C PHE HA 70 11.36 -47.92 -31.29
N VAL HA 71 11.24 -48.44 -32.51
CA VAL HA 71 11.90 -49.70 -32.85
C VAL HA 71 13.42 -49.56 -32.79
N PHE HA 72 13.93 -48.40 -33.24
CA PHE HA 72 15.37 -48.19 -33.25
C PHE HA 72 15.94 -48.05 -31.84
N VAL HA 73 15.21 -47.41 -30.93
CA VAL HA 73 15.68 -47.36 -29.55
C VAL HA 73 15.53 -48.72 -28.89
N GLY HA 74 14.40 -49.38 -29.11
CA GLY HA 74 14.10 -50.64 -28.45
C GLY HA 74 14.98 -51.79 -28.87
N TYR HA 75 15.55 -51.75 -30.08
CA TYR HA 75 16.45 -52.81 -30.50
C TYR HA 75 17.71 -52.83 -29.65
N TYR HA 76 18.32 -51.65 -29.45
CA TYR HA 76 19.50 -51.57 -28.59
C TYR HA 76 19.14 -51.78 -27.13
N LEU HA 77 17.92 -51.41 -26.72
CA LEU HA 77 17.49 -51.70 -25.36
C LEU HA 77 17.35 -53.20 -25.12
N LEU HA 78 16.81 -53.93 -26.10
CA LEU HA 78 16.71 -55.39 -25.96
C LEU HA 78 18.07 -56.05 -26.02
N LYS HA 79 19.01 -55.49 -26.81
CA LYS HA 79 20.38 -56.01 -26.79
C LYS HA 79 21.03 -55.85 -25.43
N ARG HA 80 20.84 -54.68 -24.80
CA ARG HA 80 21.40 -54.48 -23.47
C ARG HA 80 20.71 -55.34 -22.42
N GLN HA 81 19.39 -55.53 -22.56
CA GLN HA 81 18.65 -56.39 -21.65
C GLN HA 81 19.14 -57.84 -21.70
N ASP HA 82 19.27 -58.38 -22.91
CA ASP HA 82 19.75 -59.75 -23.08
C ASP HA 82 21.20 -59.87 -22.61
N TYR HA 83 22.01 -58.84 -22.82
CA TYR HA 83 23.37 -58.83 -22.33
C TYR HA 83 23.45 -58.87 -20.81
N MET HA 84 22.61 -58.08 -20.13
CA MET HA 84 22.71 -58.02 -18.68
C MET HA 84 22.17 -59.29 -18.04
N TYR HA 85 21.16 -59.93 -18.63
CA TYR HA 85 20.74 -61.21 -18.07
C TYR HA 85 21.74 -62.32 -18.37
N ALA HA 86 22.44 -62.24 -19.51
CA ALA HA 86 23.50 -63.20 -19.79
C ALA HA 86 24.67 -63.04 -18.83
N VAL HA 87 25.02 -61.79 -18.49
CA VAL HA 87 26.04 -61.51 -17.48
C VAL HA 87 25.61 -62.06 -16.12
N ARG HA 88 24.33 -61.91 -15.78
CA ARG HA 88 23.81 -62.39 -14.50
C ARG HA 88 23.92 -63.92 -14.41
N ASP HA 89 23.53 -64.62 -15.47
CA ASP HA 89 23.66 -66.09 -15.46
C ASP HA 89 25.11 -66.55 -15.52
N HIS HA 90 25.98 -65.81 -16.22
CA HIS HA 90 27.39 -66.18 -16.28
C HIS HA 90 28.05 -66.06 -14.91
N ASP HA 91 27.74 -64.99 -14.19
CA ASP HA 91 28.30 -64.81 -12.85
C ASP HA 91 27.73 -65.83 -11.88
N MET HA 92 26.43 -66.13 -11.99
CA MET HA 92 25.80 -67.16 -11.17
C MET HA 92 26.47 -68.52 -11.36
N PHE HA 93 26.65 -68.92 -12.62
CA PHE HA 93 27.22 -70.23 -12.90
C PHE HA 93 28.69 -70.31 -12.54
N SER HA 94 29.43 -69.19 -12.68
CA SER HA 94 30.82 -69.20 -12.26
C SER HA 94 30.94 -69.28 -10.74
N TYR HA 95 30.03 -68.64 -10.01
CA TYR HA 95 30.11 -68.69 -8.55
C TYR HA 95 29.65 -70.04 -8.02
N ILE HA 96 28.72 -70.71 -8.70
CA ILE HA 96 28.33 -72.06 -8.30
C ILE HA 96 29.44 -73.05 -8.64
N LYS HA 97 30.11 -72.87 -9.78
CA LYS HA 97 31.19 -73.78 -10.17
C LYS HA 97 32.42 -73.59 -9.31
N SER HA 98 32.70 -72.36 -8.87
CA SER HA 98 33.91 -72.08 -8.10
C SER HA 98 33.72 -72.26 -6.61
N HIS HA 99 32.51 -72.48 -6.13
CA HIS HA 99 32.24 -72.71 -4.70
C HIS HA 99 31.43 -73.99 -4.53
N PRO HA 100 32.09 -75.16 -4.52
CA PRO HA 100 31.34 -76.41 -4.39
C PRO HA 100 30.89 -76.68 -2.95
N GLU HA 101 31.63 -76.15 -1.98
CA GLU HA 101 31.30 -76.41 -0.58
C GLU HA 101 30.04 -75.68 -0.13
N ASP HA 102 29.63 -74.65 -0.84
CA ASP HA 102 28.40 -73.91 -0.54
C ASP HA 102 27.22 -74.39 -1.36
N PHE HA 103 27.44 -75.26 -2.34
CA PHE HA 103 26.36 -75.81 -3.17
C PHE HA 103 26.52 -77.32 -3.25
N PRO HA 104 26.14 -78.04 -2.20
CA PRO HA 104 26.29 -79.50 -2.23
C PRO HA 104 25.23 -80.15 -3.09
N GLU HA 105 25.63 -81.25 -3.74
CA GLU HA 105 24.69 -82.03 -4.53
C GLU HA 105 23.75 -82.76 -3.59
N LYS HA 106 22.50 -82.33 -3.55
CA LYS HA 106 21.53 -82.88 -2.61
C LYS HA 106 21.08 -84.26 -3.05
N ASP HA 107 21.09 -85.20 -2.11
CA ASP HA 107 20.69 -86.57 -2.39
C ASP HA 107 19.17 -86.61 -2.58
N LYS HA 108 18.73 -86.80 -3.82
CA LYS HA 108 17.32 -86.79 -4.13
C LYS HA 108 16.69 -88.11 -3.70
N LYS HA 109 15.97 -88.08 -2.58
CA LYS HA 109 15.30 -89.27 -2.07
C LYS HA 109 14.02 -89.50 -2.85
N THR HA 110 13.79 -90.75 -3.23
CA THR HA 110 12.53 -91.13 -3.84
C THR HA 110 11.41 -91.14 -2.80
N TYR HA 111 10.17 -91.09 -3.28
CA TYR HA 111 9.03 -91.00 -2.37
C TYR HA 111 8.74 -92.31 -1.64
N ARG HA 112 9.44 -93.39 -1.92
CA ARG HA 112 9.28 -94.58 -1.10
C ARG HA 112 9.92 -94.39 0.26
N GLU HA 113 10.96 -93.56 0.36
CA GLU HA 113 11.55 -93.23 1.65
C GLU HA 113 10.99 -91.95 2.25
N VAL HA 114 10.46 -91.04 1.43
CA VAL HA 114 10.03 -89.73 1.91
C VAL HA 114 8.73 -89.89 2.69
N PHE HA 115 8.77 -89.52 3.97
CA PHE HA 115 7.59 -89.55 4.82
C PHE HA 115 6.91 -88.19 4.78
N GLU HA 116 5.61 -88.18 4.49
CA GLU HA 116 4.79 -86.98 4.53
C GLU HA 116 3.55 -87.27 5.38
N GLU HA 117 3.32 -86.42 6.37
CA GLU HA 117 2.17 -86.61 7.26
C GLU HA 117 0.87 -86.38 6.52
N PHE HA 118 -0.01 -87.37 6.56
CA PHE HA 118 -1.28 -87.28 5.87
C PHE HA 118 -2.28 -86.55 6.75
N HIS HA 119 -2.68 -85.36 6.30
CA HIS HA 119 -3.73 -84.60 6.95
C HIS HA 119 -5.03 -84.85 6.20
N PRO HA 120 -5.97 -85.61 6.74
CA PRO HA 120 -7.19 -85.93 6.00
C PRO HA 120 -8.14 -84.75 5.94
N VAL HA 121 -8.93 -84.72 4.87
CA VAL HA 121 -9.96 -83.70 4.68
C VAL HA 121 -11.29 -84.41 4.92
N ARG HA 122 -11.80 -84.30 6.15
CA ARG HA 122 -13.08 -84.89 6.49
C ARG HA 122 -13.87 -83.96 7.40
N SER IA 3 -69.37 -58.52 33.06
CA SER IA 3 -70.33 -58.66 31.98
C SER IA 3 -69.75 -59.47 30.82
N PHE IA 4 -69.47 -58.79 29.71
CA PHE IA 4 -68.90 -59.39 28.53
C PHE IA 4 -67.38 -59.45 28.62
N PRO IA 5 -66.74 -60.34 27.87
CA PRO IA 5 -65.28 -60.27 27.73
C PRO IA 5 -64.89 -59.05 26.91
N LYS IA 6 -64.11 -58.16 27.52
CA LYS IA 6 -63.60 -57.00 26.81
C LYS IA 6 -62.48 -57.42 25.86
N TYR IA 7 -62.49 -56.87 24.65
CA TYR IA 7 -61.46 -57.18 23.67
C TYR IA 7 -60.13 -56.59 24.10
N GLU IA 8 -59.06 -57.39 23.98
CA GLU IA 8 -57.72 -56.95 24.31
C GLU IA 8 -56.98 -56.61 23.03
N PRO IA 9 -56.70 -55.34 22.73
CA PRO IA 9 -55.90 -55.02 21.55
C PRO IA 9 -54.43 -55.35 21.78
N SER IA 10 -53.82 -55.96 20.78
CA SER IA 10 -52.43 -56.40 20.85
C SER IA 10 -51.61 -55.71 19.77
N ARG IA 11 -50.35 -56.14 19.64
CA ARG IA 11 -49.50 -55.64 18.57
C ARG IA 11 -49.93 -56.19 17.22
N LEU IA 12 -50.11 -57.51 17.13
CA LEU IA 12 -50.47 -58.17 15.89
C LEU IA 12 -51.98 -58.26 15.68
N ALA IA 13 -52.77 -57.77 16.63
CA ALA IA 13 -54.23 -57.73 16.51
C ALA IA 13 -54.67 -56.41 17.13
N SER IA 14 -54.83 -55.40 16.29
CA SER IA 14 -55.10 -54.05 16.76
C SER IA 14 -56.55 -53.91 17.20
N LEU IA 15 -56.86 -52.76 17.77
CA LEU IA 15 -58.19 -52.46 18.27
C LEU IA 15 -59.12 -52.17 17.09
N PRO IA 16 -60.38 -52.60 17.14
CA PRO IA 16 -61.32 -52.24 16.08
C PRO IA 16 -61.63 -50.75 16.09
N THR IA 17 -62.02 -50.25 14.91
CA THR IA 17 -62.43 -48.86 14.78
C THR IA 17 -63.71 -48.59 15.58
N THR IA 18 -64.61 -49.57 15.65
CA THR IA 18 -65.87 -49.41 16.36
C THR IA 18 -65.71 -49.45 17.88
N LEU IA 19 -64.68 -50.11 18.40
CA LEU IA 19 -64.48 -50.22 19.83
C LEU IA 19 -63.48 -49.22 20.38
N ASP IA 20 -63.09 -48.24 19.58
CA ASP IA 20 -62.17 -47.25 20.13
C ASP IA 20 -62.94 -46.06 20.67
N PRO IA 21 -62.60 -45.57 21.86
CA PRO IA 21 -63.34 -44.43 22.43
C PRO IA 21 -63.11 -43.12 21.71
N ALA IA 22 -61.95 -42.93 21.09
CA ALA IA 22 -61.67 -41.70 20.36
C ALA IA 22 -62.34 -41.65 18.99
N GLU IA 23 -63.02 -42.73 18.58
CA GLU IA 23 -63.91 -42.68 17.43
C GLU IA 23 -65.11 -41.78 17.69
N TYR IA 24 -65.59 -41.74 18.93
CA TYR IA 24 -66.82 -41.06 19.29
C TYR IA 24 -66.57 -39.69 19.91
N ASP IA 25 -65.51 -39.01 19.50
CA ASP IA 25 -65.23 -37.66 19.98
C ASP IA 25 -66.00 -36.65 19.13
N ILE IA 26 -66.88 -35.89 19.78
CA ILE IA 26 -67.64 -34.86 19.10
C ILE IA 26 -67.00 -33.50 19.38
N SER IA 27 -65.82 -33.52 20.02
CA SER IA 27 -65.16 -32.29 20.43
C SER IA 27 -64.61 -31.54 19.23
N SER IA 28 -64.37 -30.24 19.43
CA SER IA 28 -64.09 -29.33 18.30
C SER IA 28 -62.70 -29.55 17.74
N GLU IA 29 -61.71 -29.87 18.58
CA GLU IA 29 -60.35 -30.06 18.06
C GLU IA 29 -60.25 -31.34 17.24
N THR IA 30 -61.07 -32.35 17.55
CA THR IA 30 -61.10 -33.55 16.71
C THR IA 30 -61.77 -33.27 15.37
N ARG IA 31 -62.82 -32.44 15.37
CA ARG IA 31 -63.45 -32.06 14.11
C ARG IA 31 -62.52 -31.23 13.24
N LYS IA 32 -61.74 -30.33 13.87
CA LYS IA 32 -60.78 -29.53 13.10
C LYS IA 32 -59.62 -30.39 12.60
N ALA IA 33 -59.20 -31.38 13.39
CA ALA IA 33 -58.14 -32.29 12.96
C ALA IA 33 -58.60 -33.15 11.79
N GLN IA 34 -59.83 -33.68 11.87
CA GLN IA 34 -60.36 -34.49 10.77
C GLN IA 34 -60.61 -33.65 9.53
N ALA IA 35 -61.02 -32.39 9.69
CA ALA IA 35 -61.19 -31.52 8.54
C ALA IA 35 -59.85 -31.13 7.92
N GLU IA 36 -58.81 -30.97 8.74
CA GLU IA 36 -57.49 -30.65 8.20
C GLU IA 36 -56.89 -31.85 7.49
N ARG IA 37 -57.12 -33.05 8.03
CA ARG IA 37 -56.70 -34.26 7.32
C ARG IA 37 -57.47 -34.45 6.02
N LEU IA 38 -58.77 -34.14 6.03
CA LEU IA 38 -59.56 -34.18 4.81
C LEU IA 38 -59.07 -33.16 3.78
N ALA IA 39 -58.64 -31.98 4.26
CA ALA IA 39 -58.13 -30.95 3.35
C ALA IA 39 -56.80 -31.35 2.73
N ILE IA 40 -55.89 -31.91 3.54
CA ILE IA 40 -54.60 -32.36 3.02
C ILE IA 40 -54.79 -33.54 2.07
N ARG IA 41 -55.67 -34.47 2.41
CA ARG IA 41 -55.93 -35.62 1.57
C ARG IA 41 -56.62 -35.22 0.26
N SER IA 42 -57.49 -34.22 0.31
CA SER IA 42 -58.17 -33.74 -0.89
C SER IA 42 -57.21 -32.97 -1.78
N ARG IA 43 -56.30 -32.22 -1.17
CA ARG IA 43 -55.27 -31.50 -1.93
C ARG IA 43 -54.33 -32.46 -2.64
N LEU IA 44 -53.90 -33.52 -1.93
CA LEU IA 44 -53.04 -34.53 -2.54
C LEU IA 44 -53.77 -35.31 -3.61
N LYS IA 45 -55.06 -35.58 -3.40
CA LYS IA 45 -55.89 -36.25 -4.40
C LYS IA 45 -56.02 -35.42 -5.66
N ARG IA 46 -56.27 -34.11 -5.49
CA ARG IA 46 -56.41 -33.22 -6.64
C ARG IA 46 -55.10 -33.07 -7.39
N GLU IA 47 -53.99 -32.93 -6.66
CA GLU IA 47 -52.68 -32.78 -7.29
C GLU IA 47 -52.25 -34.07 -7.98
N TYR IA 48 -52.71 -35.22 -7.49
CA TYR IA 48 -52.49 -36.47 -8.21
C TYR IA 48 -53.29 -36.51 -9.50
N GLN IA 49 -54.61 -36.40 -9.40
CA GLN IA 49 -55.44 -36.68 -10.56
C GLN IA 49 -55.49 -35.54 -11.57
N LEU IA 50 -54.90 -34.38 -11.26
CA LEU IA 50 -54.65 -33.42 -12.34
C LEU IA 50 -53.54 -33.90 -13.27
N GLN IA 51 -52.63 -34.73 -12.76
CA GLN IA 51 -51.59 -35.33 -13.59
C GLN IA 51 -52.04 -36.67 -14.14
N TYR IA 52 -52.84 -37.41 -13.37
CA TYR IA 52 -53.26 -38.74 -13.75
C TYR IA 52 -54.19 -38.74 -14.97
N ASN IA 53 -54.94 -37.66 -15.17
CA ASN IA 53 -55.90 -37.56 -16.27
C ASN IA 53 -55.39 -36.70 -17.42
N ASP IA 54 -54.11 -36.33 -17.42
CA ASP IA 54 -53.57 -35.43 -18.43
C ASP IA 54 -53.37 -36.18 -19.75
N PRO IA 55 -53.93 -35.70 -20.86
CA PRO IA 55 -53.66 -36.34 -22.16
C PRO IA 55 -52.24 -36.19 -22.63
N SER IA 56 -51.63 -35.02 -22.41
CA SER IA 56 -50.28 -34.78 -22.89
C SER IA 56 -49.25 -35.58 -22.12
N ARG IA 57 -49.53 -35.87 -20.86
CA ARG IA 57 -48.63 -36.70 -20.06
C ARG IA 57 -48.66 -38.14 -20.57
N ARG IA 58 -47.47 -38.68 -20.85
CA ARG IA 58 -47.32 -40.09 -21.19
C ARG IA 58 -46.07 -40.57 -20.47
N GLY IA 59 -46.26 -41.13 -19.28
CA GLY IA 59 -45.14 -41.56 -18.47
C GLY IA 59 -45.57 -42.00 -17.09
N VAL IA 60 -44.79 -41.65 -16.09
CA VAL IA 60 -45.02 -42.06 -14.71
C VAL IA 60 -45.29 -40.80 -13.89
N VAL IA 61 -46.41 -40.78 -13.18
CA VAL IA 61 -46.67 -39.74 -12.20
C VAL IA 61 -45.73 -40.01 -11.03
N GLU IA 62 -44.67 -39.23 -10.92
CA GLU IA 62 -43.67 -39.49 -9.90
C GLU IA 62 -44.18 -39.07 -8.53
N ASP IA 63 -44.11 -39.99 -7.58
CA ASP IA 63 -44.64 -39.77 -6.25
C ASP IA 63 -43.50 -39.36 -5.34
N PRO IA 64 -43.48 -38.14 -4.79
CA PRO IA 64 -42.42 -37.78 -3.85
C PRO IA 64 -42.51 -38.53 -2.54
N ALA IA 65 -43.68 -39.06 -2.18
CA ALA IA 65 -43.79 -39.89 -1.00
C ALA IA 65 -43.06 -41.22 -1.18
N LEU IA 66 -43.17 -41.82 -2.37
CA LEU IA 66 -42.49 -43.08 -2.64
C LEU IA 66 -40.98 -42.91 -2.70
N ILE IA 67 -40.53 -41.87 -3.42
CA ILE IA 67 -39.10 -41.57 -3.53
C ILE IA 67 -38.54 -41.22 -2.16
N ARG IA 68 -39.33 -40.48 -1.37
CA ARG IA 68 -38.93 -40.10 -0.02
C ARG IA 68 -38.84 -41.31 0.89
N TRP IA 69 -39.76 -42.28 0.72
CA TRP IA 69 -39.74 -43.51 1.50
C TRP IA 69 -38.54 -44.37 1.16
N THR IA 70 -38.24 -44.55 -0.13
CA THR IA 70 -37.10 -45.38 -0.50
C THR IA 70 -35.78 -44.71 -0.17
N CYS IA 71 -35.70 -43.38 -0.25
CA CYS IA 71 -34.49 -42.68 0.15
C CYS IA 71 -34.31 -42.71 1.67
N ALA IA 72 -35.40 -42.77 2.44
CA ALA IA 72 -35.26 -42.97 3.87
C ALA IA 72 -34.85 -44.40 4.20
N ARG IA 73 -35.39 -45.38 3.46
CA ARG IA 73 -35.05 -46.78 3.72
C ARG IA 73 -33.62 -47.12 3.33
N SER IA 74 -33.06 -46.45 2.32
CA SER IA 74 -31.75 -46.83 1.82
C SER IA 74 -30.67 -45.80 2.14
N ALA IA 75 -30.84 -44.54 1.71
CA ALA IA 75 -29.75 -43.59 1.72
C ALA IA 75 -29.67 -42.74 2.98
N ASN IA 76 -30.62 -42.87 3.89
CA ASN IA 76 -30.69 -42.01 5.07
C ASN IA 76 -30.35 -42.75 6.36
N VAL IA 77 -29.99 -44.03 6.27
CA VAL IA 77 -29.83 -44.83 7.49
C VAL IA 77 -28.54 -44.48 8.20
N TYR IA 78 -27.43 -44.39 7.49
CA TYR IA 78 -26.16 -44.05 8.12
C TYR IA 78 -25.99 -42.57 8.53
N PRO IA 79 -26.38 -41.54 7.76
CA PRO IA 79 -26.22 -40.17 8.27
C PRO IA 79 -27.07 -39.81 9.47
N ASN IA 80 -28.06 -40.63 9.84
CA ASN IA 80 -28.84 -40.42 11.05
C ASN IA 80 -28.58 -41.50 12.08
N PHE IA 81 -27.43 -42.15 12.02
CA PHE IA 81 -26.98 -43.10 13.04
C PHE IA 81 -26.08 -42.41 14.05
N ARG IA 82 -26.27 -42.75 15.32
CA ARG IA 82 -25.41 -42.32 16.40
C ARG IA 82 -24.99 -43.56 17.19
N PRO IA 83 -23.70 -43.80 17.37
CA PRO IA 83 -23.28 -44.92 18.22
C PRO IA 83 -23.50 -44.65 19.69
N ASN IA 84 -24.42 -45.38 20.29
CA ASN IA 84 -24.75 -45.23 21.70
C ASN IA 84 -24.86 -46.59 22.36
N THR IA 85 -25.42 -46.67 23.57
CA THR IA 85 -25.46 -47.93 24.30
C THR IA 85 -26.39 -48.93 23.62
N LYS IA 86 -27.59 -48.48 23.24
CA LYS IA 86 -28.63 -49.36 22.71
C LYS IA 86 -28.23 -49.96 21.37
N THR IA 87 -27.78 -49.12 20.44
CA THR IA 87 -27.41 -49.62 19.11
C THR IA 87 -26.15 -50.47 19.16
N SER IA 88 -25.23 -50.21 20.11
CA SER IA 88 -24.04 -51.04 20.20
C SER IA 88 -24.36 -52.40 20.79
N LEU IA 89 -25.19 -52.47 21.82
CA LEU IA 89 -25.56 -53.78 22.35
C LEU IA 89 -26.46 -54.54 21.40
N LEU IA 90 -27.25 -53.85 20.57
CA LEU IA 90 -28.04 -54.56 19.57
C LEU IA 90 -27.20 -55.00 18.37
N GLY IA 91 -26.19 -54.22 17.98
CA GLY IA 91 -25.29 -54.65 16.92
C GLY IA 91 -24.29 -55.70 17.36
N ALA IA 92 -24.03 -55.81 18.66
CA ALA IA 92 -23.16 -56.84 19.19
C ALA IA 92 -23.90 -58.12 19.53
N LEU IA 93 -25.16 -58.02 19.97
CA LEU IA 93 -25.94 -59.21 20.26
C LEU IA 93 -26.40 -59.90 18.97
N PHE IA 94 -26.73 -59.11 17.95
CA PHE IA 94 -27.28 -59.65 16.71
C PHE IA 94 -26.25 -59.76 15.60
N GLY IA 95 -25.07 -59.18 15.77
CA GLY IA 95 -24.07 -59.20 14.72
C GLY IA 95 -23.06 -60.32 14.85
N ILE IA 96 -22.45 -60.45 16.02
CA ILE IA 96 -21.45 -61.49 16.26
C ILE IA 96 -21.96 -62.59 17.18
N GLY IA 97 -23.11 -62.42 17.81
CA GLY IA 97 -23.71 -63.41 18.67
C GLY IA 97 -24.03 -64.74 18.00
N PRO IA 98 -24.86 -64.72 16.95
CA PRO IA 98 -25.11 -65.97 16.22
C PRO IA 98 -23.89 -66.56 15.53
N LEU IA 99 -22.89 -65.74 15.18
CA LEU IA 99 -21.64 -66.26 14.65
C LEU IA 99 -20.91 -67.08 15.71
N ILE IA 100 -20.81 -66.54 16.93
CA ILE IA 100 -20.22 -67.27 18.06
C ILE IA 100 -21.00 -68.54 18.36
N PHE IA 101 -22.33 -68.46 18.29
CA PHE IA 101 -23.17 -69.61 18.61
C PHE IA 101 -23.00 -70.74 17.59
N TRP IA 102 -23.15 -70.43 16.29
CA TRP IA 102 -22.98 -71.46 15.27
C TRP IA 102 -21.53 -71.94 15.19
N TYR IA 103 -20.57 -71.09 15.56
CA TYR IA 103 -19.17 -71.50 15.62
C TYR IA 103 -18.96 -72.57 16.67
N TYR IA 104 -19.47 -72.35 17.89
CA TYR IA 104 -19.30 -73.37 18.92
C TYR IA 104 -20.10 -74.62 18.62
N VAL IA 105 -21.27 -74.50 17.98
CA VAL IA 105 -22.06 -75.69 17.63
C VAL IA 105 -21.34 -76.53 16.59
N PHE IA 106 -20.89 -75.92 15.50
CA PHE IA 106 -20.23 -76.68 14.44
C PHE IA 106 -18.85 -77.16 14.86
N LYS IA 107 -18.14 -76.40 15.69
CA LYS IA 107 -16.85 -76.84 16.19
C LYS IA 107 -16.99 -78.01 17.16
N THR IA 108 -18.02 -77.98 18.01
CA THR IA 108 -18.29 -79.08 18.92
C THR IA 108 -18.65 -80.35 18.15
N ASP IA 109 -19.53 -80.22 17.15
CA ASP IA 109 -19.95 -81.38 16.37
C ASP IA 109 -18.81 -81.96 15.56
N ARG IA 110 -17.95 -81.11 14.99
CA ARG IA 110 -16.85 -81.65 14.19
C ARG IA 110 -15.73 -82.21 15.03
N ASP IA 111 -15.47 -81.66 16.23
CA ASP IA 111 -14.51 -82.28 17.12
C ASP IA 111 -15.00 -83.64 17.59
N ARG IA 112 -16.31 -83.76 17.85
CA ARG IA 112 -16.89 -85.04 18.24
C ARG IA 112 -16.79 -86.05 17.10
N LYS IA 113 -17.09 -85.63 15.87
CA LYS IA 113 -17.04 -86.54 14.72
C LYS IA 113 -15.61 -86.96 14.39
N GLU IA 114 -14.65 -86.03 14.47
CA GLU IA 114 -13.26 -86.36 14.23
C GLU IA 114 -12.71 -87.30 15.29
N LYS IA 115 -13.08 -87.08 16.56
CA LYS IA 115 -12.65 -87.97 17.63
C LYS IA 115 -13.26 -89.36 17.49
N LEU IA 116 -14.51 -89.44 17.00
CA LEU IA 116 -15.09 -90.76 16.75
C LEU IA 116 -14.45 -91.45 15.56
N ILE IA 117 -14.05 -90.70 14.53
CA ILE IA 117 -13.49 -91.33 13.33
C ILE IA 117 -12.07 -91.82 13.59
N GLN IA 118 -11.23 -91.00 14.24
CA GLN IA 118 -9.85 -91.43 14.48
C GLN IA 118 -9.75 -92.48 15.59
N GLU IA 119 -10.82 -92.72 16.33
CA GLU IA 119 -10.90 -93.86 17.23
C GLU IA 119 -11.57 -95.06 16.58
N GLY IA 120 -12.10 -94.91 15.37
CA GLY IA 120 -12.76 -96.01 14.69
C GLY IA 120 -14.13 -96.36 15.23
N LYS IA 121 -14.75 -95.46 15.98
CA LYS IA 121 -16.03 -95.73 16.60
C LYS IA 121 -17.22 -95.35 15.73
N LEU IA 122 -17.04 -94.38 14.83
CA LEU IA 122 -18.14 -93.92 14.00
C LEU IA 122 -18.29 -94.83 12.78
N ASP IA 123 -19.54 -95.19 12.48
CA ASP IA 123 -19.83 -96.00 11.30
C ASP IA 123 -19.62 -95.18 10.04
N ARG IA 124 -18.59 -95.55 9.28
CA ARG IA 124 -18.26 -94.91 8.01
C ARG IA 124 -18.05 -96.00 6.96
N THR IA 125 -18.99 -96.93 6.90
CA THR IA 125 -18.81 -98.17 6.16
C THR IA 125 -18.90 -97.96 4.65
N PHE IA 126 -20.04 -97.48 4.18
CA PHE IA 126 -20.27 -97.29 2.75
C PHE IA 126 -20.09 -95.83 2.32
N ASN IA 127 -19.43 -95.03 3.16
CA ASN IA 127 -19.18 -93.63 2.86
C ASN IA 127 -17.92 -93.53 2.02
N ILE IA 128 -18.11 -93.39 0.70
CA ILE IA 128 -17.00 -93.10 -0.21
C ILE IA 128 -17.29 -91.91 -1.11
N SER IA 129 -18.46 -91.28 -0.97
CA SER IA 129 -18.75 -90.00 -1.60
C SER IA 129 -18.75 -88.93 -0.52
N TYR IA 130 -17.97 -87.88 -0.71
CA TYR IA 130 -17.77 -86.91 0.36
C TYR IA 130 -17.57 -85.49 -0.14
N VAL JA 6 43.55 73.86 -15.48
CA VAL JA 6 42.89 72.82 -14.68
C VAL JA 6 43.83 71.64 -14.49
N LYS JA 7 43.57 70.87 -13.44
CA LYS JA 7 44.34 69.68 -13.12
C LYS JA 7 43.36 68.59 -12.76
N GLN JA 8 43.44 67.46 -13.46
CA GLN JA 8 42.36 66.51 -13.44
C GLN JA 8 42.92 65.13 -13.76
N ASP JA 9 42.25 64.09 -13.25
CA ASP JA 9 42.68 62.72 -13.52
C ASP JA 9 42.38 62.40 -14.98
N MET JA 10 43.42 62.38 -15.80
CA MET JA 10 43.29 62.24 -17.24
C MET JA 10 44.27 61.18 -17.74
N PRO JA 11 43.97 60.52 -18.86
CA PRO JA 11 44.95 59.67 -19.52
C PRO JA 11 46.10 60.51 -20.07
N PRO JA 12 47.28 59.91 -20.29
CA PRO JA 12 48.41 60.70 -20.80
C PRO JA 12 48.26 61.15 -22.25
N VAL JA 13 49.33 61.74 -22.79
CA VAL JA 13 49.26 62.41 -24.10
C VAL JA 13 49.03 61.39 -25.21
N GLY JA 14 49.79 60.30 -25.20
CA GLY JA 14 49.57 59.25 -26.17
C GLY JA 14 48.52 58.24 -25.79
N GLY JA 15 47.91 58.38 -24.61
CA GLY JA 15 47.04 57.35 -24.09
C GLY JA 15 47.82 56.28 -23.37
N TYR JA 16 47.09 55.31 -22.83
CA TYR JA 16 47.75 54.22 -22.17
C TYR JA 16 48.23 53.19 -23.20
N GLY JA 17 49.02 52.23 -22.73
CA GLY JA 17 49.58 51.22 -23.59
C GLY JA 17 48.55 50.18 -23.97
N PRO JA 18 48.94 49.31 -24.90
CA PRO JA 18 48.03 48.23 -25.34
C PRO JA 18 47.87 47.19 -24.24
N ILE JA 19 46.62 46.85 -23.94
CA ILE JA 19 46.29 45.89 -22.90
C ILE JA 19 45.85 44.61 -23.57
N ASP JA 20 46.53 43.51 -23.25
CA ASP JA 20 46.14 42.20 -23.74
C ASP JA 20 44.85 41.79 -23.07
N TYR JA 21 43.94 41.19 -23.84
CA TYR JA 21 42.69 40.72 -23.28
C TYR JA 21 42.23 39.39 -23.83
N LYS JA 22 42.98 38.75 -24.72
CA LYS JA 22 42.53 37.51 -25.34
C LYS JA 22 43.02 36.30 -24.56
N ARG JA 23 42.46 35.14 -24.91
CA ARG JA 23 42.90 33.89 -24.30
C ARG JA 23 44.28 33.53 -24.78
N ASN JA 24 45.16 33.19 -23.84
CA ASN JA 24 46.51 32.75 -24.15
C ASN JA 24 46.76 31.45 -23.38
N LEU JA 25 46.33 30.33 -23.95
CA LEU JA 25 46.70 29.03 -23.43
C LEU JA 25 47.76 28.48 -24.36
N PRO JA 26 49.01 28.36 -23.90
CA PRO JA 26 50.15 28.49 -24.82
C PRO JA 26 50.49 27.26 -25.66
N ARG JA 27 49.72 26.17 -25.58
CA ARG JA 27 49.95 24.92 -26.34
C ARG JA 27 51.35 24.36 -26.03
N ARG JA 28 51.48 23.87 -24.81
CA ARG JA 28 52.71 23.25 -24.36
C ARG JA 28 52.54 21.74 -24.34
N GLY JA 29 53.67 21.04 -24.29
CA GLY JA 29 53.68 19.60 -24.17
C GLY JA 29 54.01 18.92 -25.49
N LEU JA 30 54.40 17.65 -25.39
CA LEU JA 30 54.71 16.85 -26.56
C LEU JA 30 53.43 16.48 -27.30
N SER JA 31 53.61 15.96 -28.51
CA SER JA 31 52.49 15.54 -29.33
C SER JA 31 51.94 14.20 -28.82
N GLY JA 32 50.79 13.82 -29.37
CA GLY JA 32 50.15 12.58 -28.94
C GLY JA 32 50.89 11.33 -29.38
N TYR JA 33 51.63 11.41 -30.48
CA TYR JA 33 52.50 10.31 -30.86
C TYR JA 33 53.67 10.20 -29.90
N SER JA 34 54.28 11.33 -29.57
CA SER JA 34 55.51 11.33 -28.78
C SER JA 34 55.25 10.94 -27.33
N MET JA 35 54.07 11.26 -26.79
CA MET JA 35 53.79 10.93 -25.39
C MET JA 35 53.61 9.42 -25.20
N PHE JA 36 52.87 8.78 -26.11
CA PHE JA 36 52.81 7.31 -26.10
C PHE JA 36 54.16 6.69 -26.42
N ALA JA 37 54.98 7.35 -27.25
CA ALA JA 37 56.32 6.82 -27.53
C ALA JA 37 57.19 6.83 -26.28
N VAL JA 38 57.16 7.91 -25.51
CA VAL JA 38 57.93 7.99 -24.27
C VAL JA 38 57.40 6.98 -23.24
N GLY JA 39 56.08 6.81 -23.18
CA GLY JA 39 55.53 5.84 -22.24
C GLY JA 39 55.87 4.40 -22.59
N ILE JA 40 55.80 4.04 -23.87
CA ILE JA 40 56.15 2.68 -24.29
C ILE JA 40 57.66 2.45 -24.18
N GLY JA 41 58.46 3.48 -24.40
CA GLY JA 41 59.90 3.34 -24.18
C GLY JA 41 60.25 3.15 -22.71
N ALA JA 42 59.53 3.83 -21.82
CA ALA JA 42 59.71 3.61 -20.39
C ALA JA 42 59.29 2.20 -19.99
N LEU JA 43 58.19 1.70 -20.57
CA LEU JA 43 57.78 0.31 -20.35
C LEU JA 43 58.84 -0.68 -20.81
N LEU JA 44 59.41 -0.44 -21.99
CA LEU JA 44 60.39 -1.39 -22.54
C LEU JA 44 61.68 -1.37 -21.76
N PHE JA 45 62.12 -0.19 -21.30
CA PHE JA 45 63.30 -0.13 -20.45
C PHE JA 45 63.07 -0.82 -19.11
N GLY JA 46 61.87 -0.64 -18.53
CA GLY JA 46 61.54 -1.36 -17.31
C GLY JA 46 61.49 -2.86 -17.50
N TYR JA 47 60.98 -3.31 -18.65
CA TYR JA 47 60.87 -4.75 -18.91
C TYR JA 47 62.24 -5.37 -19.12
N TRP JA 48 63.13 -4.66 -19.83
CA TRP JA 48 64.48 -5.16 -20.04
C TRP JA 48 65.28 -5.21 -18.73
N SER JA 49 65.16 -4.16 -17.91
CA SER JA 49 65.85 -4.14 -16.63
C SER JA 49 65.35 -5.23 -15.69
N MET JA 50 64.03 -5.40 -15.62
CA MET JA 50 63.47 -6.46 -14.79
C MET JA 50 63.78 -7.83 -15.35
N MET JA 51 63.97 -7.95 -16.67
CA MET JA 51 64.37 -9.22 -17.25
C MET JA 51 65.75 -9.63 -16.81
N ARG JA 52 66.73 -8.72 -16.97
CA ARG JA 52 68.09 -8.98 -16.51
C ARG JA 52 68.14 -9.27 -15.01
N TRP JA 53 67.42 -8.48 -14.22
CA TRP JA 53 67.53 -8.63 -12.78
C TRP JA 53 66.79 -9.85 -12.25
N ASN JA 54 65.66 -10.25 -12.84
CA ASN JA 54 65.01 -11.46 -12.36
C ASN JA 54 65.71 -12.71 -12.85
N ARG JA 55 66.38 -12.67 -14.01
CA ARG JA 55 67.23 -13.80 -14.38
C ARG JA 55 68.42 -13.94 -13.43
N GLU JA 56 69.01 -12.81 -13.01
CA GLU JA 56 70.07 -12.87 -12.02
C GLU JA 56 69.55 -13.37 -10.67
N ARG JA 57 68.34 -12.95 -10.28
CA ARG JA 57 67.77 -13.42 -9.03
C ARG JA 57 67.44 -14.91 -9.06
N ARG JA 58 67.05 -15.45 -10.22
CA ARG JA 58 66.83 -16.89 -10.30
C ARG JA 58 68.14 -17.66 -10.21
N ARG JA 59 69.21 -17.12 -10.80
CA ARG JA 59 70.52 -17.74 -10.62
C ARG JA 59 70.98 -17.72 -9.17
N LEU JA 60 70.72 -16.61 -8.47
CA LEU JA 60 71.08 -16.52 -7.06
C LEU JA 60 70.23 -17.45 -6.19
N GLN JA 61 68.97 -17.65 -6.57
CA GLN JA 61 68.11 -18.61 -5.87
C GLN JA 61 68.62 -20.03 -6.05
N ILE JA 62 69.08 -20.37 -7.26
CA ILE JA 62 69.61 -21.71 -7.48
C ILE JA 62 70.93 -21.91 -6.74
N GLU JA 63 71.73 -20.84 -6.60
CA GLU JA 63 72.94 -20.92 -5.78
C GLU JA 63 72.62 -21.17 -4.30
N ASP JA 64 71.63 -20.45 -3.77
CA ASP JA 64 71.21 -20.67 -2.39
C ASP JA 64 70.61 -22.06 -2.18
N PHE JA 65 69.85 -22.55 -3.17
CA PHE JA 65 69.26 -23.88 -3.05
C PHE JA 65 70.30 -24.97 -3.11
N GLU JA 66 71.36 -24.79 -3.89
CA GLU JA 66 72.39 -25.81 -3.93
C GLU JA 66 73.30 -25.75 -2.72
N ALA JA 67 73.43 -24.58 -2.07
CA ALA JA 67 74.04 -24.55 -0.74
C ALA JA 67 73.21 -25.34 0.26
N ARG JA 68 71.88 -25.18 0.20
CA ARG JA 68 70.99 -25.96 1.05
C ARG JA 68 71.09 -27.46 0.79
N ILE JA 69 71.17 -27.84 -0.48
CA ILE JA 69 71.25 -29.25 -0.86
C ILE JA 69 72.57 -29.86 -0.41
N ALA JA 70 73.66 -29.09 -0.54
CA ALA JA 70 74.95 -29.56 -0.05
C ALA JA 70 74.97 -29.67 1.47
N LEU JA 71 74.15 -28.89 2.17
CA LEU JA 71 74.10 -29.05 3.63
C LEU JA 71 73.09 -30.07 4.13
N MET JA 72 72.10 -30.46 3.32
CA MET JA 72 71.06 -31.38 3.79
C MET JA 72 71.48 -32.77 4.31
N PRO JA 73 72.53 -33.45 3.79
CA PRO JA 73 72.91 -34.72 4.44
C PRO JA 73 73.39 -34.58 5.88
N LEU JA 74 74.17 -33.55 6.18
CA LEU JA 74 74.63 -33.33 7.54
C LEU JA 74 73.46 -33.01 8.47
N LEU JA 75 72.52 -32.20 8.00
CA LEU JA 75 71.38 -31.83 8.83
C LEU JA 75 70.44 -33.01 9.02
N GLN JA 76 70.31 -33.88 8.00
CA GLN JA 76 69.50 -35.08 8.15
C GLN JA 76 70.14 -36.06 9.13
N ALA JA 77 71.47 -36.19 9.11
CA ALA JA 77 72.16 -37.05 10.07
C ALA JA 77 72.00 -36.53 11.50
N GLU JA 78 72.17 -35.22 11.68
CA GLU JA 78 72.00 -34.61 12.99
C GLU JA 78 70.55 -34.72 13.47
N LYS JA 79 69.58 -34.62 12.55
CA LYS JA 79 68.18 -34.71 12.96
C LYS JA 79 67.78 -36.13 13.29
N ASP JA 80 68.36 -37.12 12.60
CA ASP JA 80 68.14 -38.52 12.95
C ASP JA 80 68.67 -38.81 14.34
N ARG JA 81 69.91 -38.39 14.63
CA ARG JA 81 70.46 -38.58 15.97
C ARG JA 81 69.70 -37.77 17.02
N ARG JA 82 69.14 -36.63 16.64
CA ARG JA 82 68.34 -35.79 17.53
C ARG JA 82 67.07 -36.51 17.96
N VAL JA 83 66.30 -37.02 17.00
CA VAL JA 83 65.03 -37.65 17.33
C VAL JA 83 65.25 -39.00 18.01
N LEU JA 84 66.33 -39.71 17.69
CA LEU JA 84 66.59 -40.95 18.39
C LEU JA 84 67.08 -40.70 19.81
N GLN JA 85 67.85 -39.63 20.02
CA GLN JA 85 68.20 -39.19 21.37
C GLN JA 85 66.98 -38.90 22.21
N MET JA 86 66.03 -38.14 21.65
CA MET JA 86 64.86 -37.73 22.43
C MET JA 86 63.93 -38.91 22.69
N LEU JA 87 63.76 -39.81 21.72
CA LEU JA 87 62.92 -40.98 21.96
C LEU JA 87 63.57 -41.94 22.95
N ARG JA 88 64.90 -42.07 22.92
CA ARG JA 88 65.57 -42.94 23.89
C ARG JA 88 65.47 -42.37 25.30
N GLU JA 89 65.55 -41.06 25.43
CA GLU JA 89 65.39 -40.43 26.75
C GLU JA 89 63.96 -40.56 27.26
N ASN JA 90 62.98 -40.42 26.36
CA ASN JA 90 61.58 -40.61 26.75
C ASN JA 90 61.31 -42.06 27.13
N LEU JA 91 61.97 -43.00 26.45
CA LEU JA 91 61.83 -44.41 26.81
C LEU JA 91 62.43 -44.72 28.16
N GLU JA 92 63.60 -44.13 28.48
CA GLU JA 92 64.21 -44.35 29.78
C GLU JA 92 63.37 -43.75 30.90
N GLU JA 93 62.79 -42.56 30.67
CA GLU JA 93 61.96 -41.99 31.71
C GLU JA 93 60.62 -42.70 31.83
N GLU JA 94 60.13 -43.29 30.75
CA GLU JA 94 58.95 -44.16 30.85
C GLU JA 94 59.28 -45.41 31.66
N ALA JA 95 60.49 -45.94 31.48
CA ALA JA 95 60.90 -47.11 32.25
C ALA JA 95 61.02 -46.79 33.74
N THR JA 96 61.49 -45.59 34.07
CA THR JA 96 61.60 -45.24 35.48
C THR JA 96 60.31 -44.66 36.07
N ILE JA 97 59.32 -44.34 35.25
CA ILE JA 97 58.02 -43.89 35.77
C ILE JA 97 56.99 -45.02 35.76
N MET JA 98 56.83 -45.71 34.65
CA MET JA 98 55.69 -46.60 34.46
C MET JA 98 55.99 -48.02 34.97
N LYS JA 99 56.34 -48.08 36.25
CA LYS JA 99 56.55 -49.36 36.94
C LYS JA 99 55.35 -49.76 37.79
N ASP JA 100 54.73 -48.80 38.48
CA ASP JA 100 53.62 -49.09 39.36
C ASP JA 100 52.35 -49.47 38.61
N VAL JA 101 52.25 -49.10 37.34
CA VAL JA 101 51.04 -49.37 36.57
C VAL JA 101 51.01 -50.85 36.18
N PRO JA 102 49.94 -51.58 36.48
CA PRO JA 102 49.89 -52.99 36.09
C PRO JA 102 49.66 -53.15 34.58
N GLY JA 103 50.34 -54.14 34.01
CA GLY JA 103 50.14 -54.48 32.61
C GLY JA 103 50.69 -53.48 31.62
N TRP JA 104 51.60 -52.61 32.03
CA TRP JA 104 52.19 -51.63 31.12
C TRP JA 104 53.32 -52.28 30.35
N LYS JA 105 53.36 -52.04 29.04
CA LYS JA 105 54.47 -52.44 28.20
C LYS JA 105 55.27 -51.18 27.89
N VAL JA 106 56.50 -51.11 28.41
CA VAL JA 106 57.33 -49.94 28.18
C VAL JA 106 57.82 -49.92 26.74
N GLY JA 107 57.65 -48.78 26.08
CA GLY JA 107 58.00 -48.66 24.68
C GLY JA 107 57.08 -49.42 23.75
N GLU JA 108 55.83 -49.61 24.13
CA GLU JA 108 54.88 -50.33 23.30
C GLU JA 108 54.47 -49.46 22.12
N SER JA 109 54.55 -50.02 20.92
CA SER JA 109 54.11 -49.29 19.74
C SER JA 109 52.58 -49.26 19.70
N VAL JA 110 52.02 -48.07 19.50
CA VAL JA 110 50.59 -47.94 19.28
C VAL JA 110 50.17 -48.39 17.89
N PHE JA 111 51.12 -48.61 17.00
CA PHE JA 111 50.88 -49.12 15.66
C PHE JA 111 51.11 -50.62 15.64
N HIS JA 112 50.39 -51.32 14.77
CA HIS JA 112 50.60 -52.75 14.61
C HIS JA 112 51.80 -53.07 13.73
N THR JA 113 52.29 -52.10 12.97
CA THR JA 113 53.43 -52.34 12.10
C THR JA 113 54.74 -52.22 12.87
N THR JA 114 55.79 -52.80 12.30
CA THR JA 114 57.15 -52.63 12.80
C THR JA 114 57.93 -51.64 11.97
N ARG JA 115 57.28 -51.00 10.99
CA ARG JA 115 57.91 -49.92 10.25
C ARG JA 115 58.16 -48.73 11.18
N TRP JA 116 59.25 -48.01 10.91
CA TRP JA 116 59.50 -46.75 11.58
C TRP JA 116 58.40 -45.76 11.28
N VAL JA 117 57.80 -45.21 12.33
CA VAL JA 117 56.81 -44.15 12.21
C VAL JA 117 57.48 -42.86 12.63
N THR JA 118 57.22 -41.79 11.89
CA THR JA 118 57.81 -40.49 12.18
C THR JA 118 57.32 -40.00 13.53
N PRO JA 119 58.22 -39.54 14.41
CA PRO JA 119 57.80 -39.16 15.76
C PRO JA 119 56.95 -37.90 15.77
N MET JA 120 55.96 -37.90 16.66
CA MET JA 120 55.04 -36.79 16.82
C MET JA 120 55.68 -35.75 17.74
N MET JA 121 55.07 -34.56 17.80
CA MET JA 121 55.59 -33.50 18.66
C MET JA 121 55.46 -33.85 20.13
N GLY JA 122 54.33 -34.47 20.52
CA GLY JA 122 54.20 -34.94 21.87
C GLY JA 122 55.06 -36.15 22.19
N GLU JA 123 55.43 -36.93 21.17
CA GLU JA 123 56.29 -38.08 21.38
C GLU JA 123 57.73 -37.68 21.65
N LEU JA 124 58.12 -36.46 21.30
CA LEU JA 124 59.46 -35.96 21.55
C LEU JA 124 59.51 -34.97 22.70
N TYR JA 125 58.70 -33.92 22.64
CA TYR JA 125 58.72 -32.84 23.63
C TYR JA 125 57.60 -32.98 24.65
N GLY JA 126 57.23 -34.20 25.02
CA GLY JA 126 56.12 -34.40 25.93
C GLY JA 126 56.50 -34.34 27.38
N LEU JA 127 57.64 -34.93 27.74
CA LEU JA 127 58.08 -34.99 29.13
C LEU JA 127 59.00 -33.85 29.50
N ARG JA 128 59.08 -32.82 28.67
CA ARG JA 128 60.02 -31.72 28.85
C ARG JA 128 59.28 -30.47 29.34
N THR JA 129 60.04 -29.38 29.48
CA THR JA 129 59.49 -28.14 29.99
C THR JA 129 58.66 -27.43 28.92
N GLY JA 130 57.74 -26.59 29.39
CA GLY JA 130 56.83 -25.89 28.50
C GLY JA 130 57.49 -24.82 27.65
N GLU JA 131 58.65 -24.31 28.08
CA GLU JA 131 59.37 -23.36 27.25
C GLU JA 131 59.94 -24.05 26.02
N GLU JA 132 60.51 -25.24 26.20
CA GLU JA 132 60.99 -26.03 25.07
C GLU JA 132 59.84 -26.46 24.18
N ILE JA 133 58.69 -26.76 24.80
CA ILE JA 133 57.46 -27.07 24.07
C ILE JA 133 57.06 -25.93 23.16
N LEU JA 134 56.94 -24.72 23.71
CA LEU JA 134 56.53 -23.55 22.94
C LEU JA 134 57.54 -23.19 21.86
N SER JA 135 58.83 -23.32 22.16
CA SER JA 135 59.85 -22.99 21.17
C SER JA 135 59.88 -24.02 20.03
N SER JA 136 59.42 -25.24 20.29
CA SER JA 136 59.33 -26.20 19.20
C SER JA 136 57.98 -26.21 18.49
N THR JA 137 56.91 -25.76 19.14
CA THR JA 137 55.59 -25.93 18.56
C THR JA 137 54.95 -24.65 18.06
N TYR JA 138 55.40 -23.46 18.51
CA TYR JA 138 54.95 -22.20 17.93
C TYR JA 138 56.11 -21.26 17.71
N GLY JA 139 57.34 -21.77 17.66
CA GLY JA 139 58.48 -20.89 17.48
C GLY JA 139 58.51 -20.25 16.12
N PHE JA 140 58.46 -21.07 15.07
CA PHE JA 140 58.49 -20.57 13.70
C PHE JA 140 57.22 -19.82 13.34
N ILE JA 141 56.08 -20.23 13.88
CA ILE JA 141 54.82 -19.57 13.55
C ILE JA 141 54.78 -18.17 14.15
N TRP JA 142 55.26 -18.02 15.38
CA TRP JA 142 55.24 -16.72 16.05
C TRP JA 142 56.44 -15.86 15.71
N TYR JA 143 57.38 -16.34 14.91
CA TYR JA 143 58.63 -15.62 14.73
C TYR JA 143 58.42 -14.46 13.76
N THR JA 144 58.11 -13.31 14.34
CA THR JA 144 58.28 -11.99 13.73
C THR JA 144 57.47 -11.79 12.46
N SER KA 2 -78.64 -38.83 4.60
CA SER KA 2 -79.37 -38.13 3.56
C SER KA 2 -78.74 -38.37 2.20
N GLY KA 3 -79.44 -37.95 1.15
CA GLY KA 3 -79.03 -38.27 -0.21
C GLY KA 3 -77.97 -37.38 -0.81
N TYR KA 4 -77.97 -37.27 -2.13
CA TYR KA 4 -76.96 -36.52 -2.85
C TYR KA 4 -77.31 -35.03 -2.89
N THR KA 5 -76.28 -34.21 -3.11
CA THR KA 5 -76.49 -32.83 -3.51
C THR KA 5 -76.78 -32.79 -5.01
N PRO KA 6 -77.43 -31.73 -5.51
CA PRO KA 6 -77.69 -31.67 -6.96
C PRO KA 6 -76.45 -31.58 -7.83
N ASP KA 7 -75.34 -31.05 -7.29
CA ASP KA 7 -74.06 -31.13 -8.00
C ASP KA 7 -73.64 -32.58 -8.21
N GLU KA 8 -73.79 -33.41 -7.17
CA GLU KA 8 -73.42 -34.82 -7.27
C GLU KA 8 -74.34 -35.57 -8.21
N LYS KA 9 -75.65 -35.27 -8.19
CA LYS KA 9 -76.58 -35.94 -9.09
C LYS KA 9 -76.33 -35.54 -10.54
N LEU KA 10 -76.02 -34.27 -10.78
CA LEU KA 10 -75.72 -33.83 -12.14
C LEU KA 10 -74.41 -34.43 -12.64
N ARG KA 11 -73.42 -34.53 -11.77
CA ARG KA 11 -72.15 -35.16 -12.14
C ARG KA 11 -72.33 -36.65 -12.41
N LEU KA 12 -73.11 -37.35 -11.57
CA LEU KA 12 -73.38 -38.76 -11.80
C LEU KA 12 -74.18 -38.98 -13.08
N GLN KA 13 -75.08 -38.06 -13.42
CA GLN KA 13 -75.86 -38.22 -14.65
C GLN KA 13 -74.99 -38.00 -15.88
N GLN KA 14 -74.09 -37.02 -15.82
CA GLN KA 14 -73.21 -36.76 -16.97
C GLN KA 14 -72.16 -37.86 -17.14
N LEU KA 15 -71.55 -38.31 -16.03
CA LEU KA 15 -70.64 -39.45 -16.08
C LEU KA 15 -71.35 -40.73 -16.51
N ARG KA 16 -72.62 -40.88 -16.13
CA ARG KA 16 -73.39 -42.06 -16.51
C ARG KA 16 -73.69 -42.06 -18.00
N GLU KA 17 -74.03 -40.88 -18.55
CA GLU KA 17 -74.26 -40.75 -19.98
C GLU KA 17 -73.00 -41.04 -20.78
N LEU KA 18 -71.86 -40.48 -20.35
CA LEU KA 18 -70.60 -40.72 -21.05
C LEU KA 18 -70.15 -42.18 -20.92
N ARG KA 19 -70.38 -42.79 -19.76
CA ARG KA 19 -70.02 -44.19 -19.55
C ARG KA 19 -70.87 -45.12 -20.40
N ARG KA 20 -72.17 -44.83 -20.52
CA ARG KA 20 -73.03 -45.65 -21.37
C ARG KA 20 -72.68 -45.48 -22.84
N ARG KA 21 -72.29 -44.27 -23.26
CA ARG KA 21 -71.83 -44.07 -24.62
C ARG KA 21 -70.54 -44.83 -24.90
N TRP KA 22 -69.62 -44.83 -23.92
CA TRP KA 22 -68.37 -45.58 -24.05
C TRP KA 22 -68.61 -47.08 -24.15
N LEU KA 23 -69.44 -47.62 -23.26
CA LEU KA 23 -69.69 -49.05 -23.25
C LEU KA 23 -70.51 -49.49 -24.46
N LYS KA 24 -71.36 -48.61 -24.99
CA LYS KA 24 -72.02 -48.90 -26.26
C LYS KA 24 -71.03 -48.91 -27.40
N ASP KA 25 -70.07 -47.98 -27.39
CA ASP KA 25 -69.03 -47.96 -28.41
C ASP KA 25 -67.96 -49.02 -28.19
N GLN KA 26 -68.04 -49.81 -27.13
CA GLN KA 26 -67.23 -51.01 -26.99
C GLN KA 26 -67.78 -52.21 -27.75
N GLU KA 27 -68.84 -52.05 -28.53
CA GLU KA 27 -69.37 -53.14 -29.32
C GLU KA 27 -68.55 -53.35 -30.59
N LEU KA 28 -68.93 -54.37 -31.34
CA LEU KA 28 -68.23 -54.76 -32.56
C LEU KA 28 -69.08 -54.50 -33.79
N SER KA 29 -68.43 -53.99 -34.83
CA SER KA 29 -69.05 -53.91 -36.14
C SER KA 29 -69.26 -55.34 -36.68
N PRO KA 30 -70.31 -55.55 -37.48
CA PRO KA 30 -70.57 -56.91 -37.99
C PRO KA 30 -69.54 -57.42 -38.99
N ARG KA 31 -68.68 -56.56 -39.54
CA ARG KA 31 -67.57 -57.02 -40.36
C ARG KA 31 -66.32 -57.33 -39.55
N GLU KA 32 -66.18 -56.73 -38.37
CA GLU KA 32 -65.02 -56.90 -37.51
C GLU KA 32 -65.10 -58.23 -36.76
N PRO KA 33 -63.96 -58.88 -36.48
CA PRO KA 33 -62.57 -58.56 -36.84
C PRO KA 33 -62.24 -58.85 -38.31
N VAL KA 34 -61.66 -57.86 -38.99
CA VAL KA 34 -61.31 -57.99 -40.40
C VAL KA 34 -60.08 -58.89 -40.47
N LEU KA 35 -60.30 -60.15 -40.78
CA LEU KA 35 -59.24 -61.12 -40.73
C LEU KA 35 -58.39 -61.06 -42.00
N PRO KA 36 -57.09 -61.29 -41.90
CA PRO KA 36 -56.23 -61.32 -43.08
C PRO KA 36 -56.55 -62.52 -43.97
N PRO KA 37 -56.19 -62.46 -45.26
CA PRO KA 37 -56.46 -63.61 -46.15
C PRO KA 37 -55.63 -64.84 -45.82
N ARG KA 38 -56.29 -65.86 -45.28
CA ARG KA 38 -55.60 -67.10 -44.93
C ARG KA 38 -55.48 -68.01 -46.14
N ARG KA 66 -58.00 -89.74 -43.17
CA ARG KA 66 -57.77 -88.67 -42.21
C ARG KA 66 -59.01 -88.53 -41.33
N HIS KA 67 -59.30 -89.59 -40.58
CA HIS KA 67 -60.39 -89.60 -39.63
C HIS KA 67 -59.86 -90.06 -38.28
N SER KA 68 -58.78 -90.84 -38.31
CA SER KA 68 -58.11 -91.30 -37.10
C SER KA 68 -56.63 -90.96 -37.16
N ILE KA 69 -56.31 -89.71 -37.52
CA ILE KA 69 -54.92 -89.28 -37.64
C ILE KA 69 -54.28 -89.10 -36.26
N PHE KA 70 -55.08 -88.96 -35.19
CA PHE KA 70 -54.51 -88.87 -33.85
C PHE KA 70 -53.85 -90.17 -33.43
N ALA KA 71 -54.58 -91.28 -33.54
CA ALA KA 71 -54.11 -92.60 -33.14
C ALA KA 71 -52.91 -93.07 -33.97
N PHE KA 72 -52.66 -92.46 -35.11
CA PHE KA 72 -51.43 -92.70 -35.86
C PHE KA 72 -50.32 -91.76 -35.39
N THR KA 73 -50.50 -90.45 -35.54
CA THR KA 73 -49.41 -89.49 -35.37
C THR KA 73 -48.96 -89.32 -33.93
N HIS KA 74 -49.82 -89.59 -32.94
CA HIS KA 74 -49.42 -89.41 -31.56
C HIS KA 74 -49.11 -90.70 -30.85
N VAL KA 75 -49.49 -91.85 -31.40
CA VAL KA 75 -49.24 -93.11 -30.74
C VAL KA 75 -48.33 -93.97 -31.62
N LEU KA 76 -48.78 -94.24 -32.84
CA LEU KA 76 -48.20 -95.32 -33.63
C LEU KA 76 -46.82 -94.98 -34.17
N ILE KA 77 -46.49 -93.70 -34.32
CA ILE KA 77 -45.12 -93.28 -34.60
C ILE KA 77 -44.28 -93.21 -33.32
N PRO KA 78 -44.75 -92.65 -32.18
CA PRO KA 78 -43.95 -92.80 -30.95
C PRO KA 78 -43.75 -94.23 -30.45
N VAL KA 79 -44.68 -95.16 -30.67
CA VAL KA 79 -44.42 -96.54 -30.27
C VAL KA 79 -43.29 -97.13 -31.12
N TRP KA 80 -43.27 -96.81 -32.42
CA TRP KA 80 -42.16 -97.20 -33.29
C TRP KA 80 -40.83 -96.62 -32.81
N ILE KA 81 -40.81 -95.31 -32.51
CA ILE KA 81 -39.57 -94.64 -32.11
C ILE KA 81 -39.05 -95.19 -30.79
N ILE KA 82 -39.94 -95.33 -29.80
CA ILE KA 82 -39.52 -95.77 -28.48
C ILE KA 82 -39.15 -97.24 -28.46
N HIS KA 83 -39.86 -98.08 -29.24
CA HIS KA 83 -39.48 -99.48 -29.34
C HIS KA 83 -38.16 -99.66 -30.07
N TYR KA 84 -37.90 -98.82 -31.09
CA TYR KA 84 -36.61 -98.86 -31.77
C TYR KA 84 -35.48 -98.46 -30.81
N TYR KA 85 -35.72 -97.40 -30.04
CA TYR KA 85 -34.77 -96.91 -29.04
C TYR KA 85 -34.46 -97.98 -28.00
N LEU KA 86 -35.49 -98.53 -27.38
CA LEU KA 86 -35.30 -99.52 -26.34
C LEU KA 86 -34.74 -100.83 -26.87
N LYS KA 87 -35.08 -101.22 -28.10
CA LYS KA 87 -34.63 -102.51 -28.60
C LYS KA 87 -33.19 -102.46 -29.10
N TYR KA 88 -32.76 -101.35 -29.70
CA TYR KA 88 -31.43 -101.34 -30.30
C TYR KA 88 -30.48 -100.34 -29.68
N HIS KA 89 -30.83 -99.70 -28.57
CA HIS KA 89 -29.83 -98.86 -27.91
C HIS KA 89 -29.80 -99.08 -26.41
N VAL KA 90 -30.92 -99.50 -25.84
CA VAL KA 90 -31.06 -99.62 -24.39
C VAL KA 90 -30.87 -101.07 -23.93
N THR KA 91 -31.53 -102.02 -24.60
CA THR KA 91 -31.27 -103.43 -24.31
C THR KA 91 -29.93 -103.91 -24.84
N THR KA 92 -29.28 -103.14 -25.72
CA THR KA 92 -27.91 -103.45 -26.12
C THR KA 92 -26.89 -103.03 -25.08
N LYS KA 93 -27.29 -102.26 -24.07
CA LYS KA 93 -26.45 -101.83 -22.98
C LYS KA 93 -26.78 -102.64 -21.72
N PRO KA 94 -25.78 -102.96 -20.91
CA PRO KA 94 -26.04 -103.85 -19.77
C PRO KA 94 -26.78 -103.15 -18.64
N TYR KA 95 -27.70 -103.91 -18.03
CA TYR KA 95 -28.42 -103.55 -16.79
C TYR KA 95 -29.28 -102.31 -16.92
N THR KA 96 -29.58 -101.87 -18.15
CA THR KA 96 -30.47 -100.74 -18.32
C THR KA 96 -31.92 -101.14 -18.11
N ILE KA 97 -32.41 -102.11 -18.86
CA ILE KA 97 -33.70 -102.70 -18.56
C ILE KA 97 -33.46 -104.00 -17.81
N VAL KA 98 -33.45 -103.91 -16.48
CA VAL KA 98 -33.38 -105.07 -15.61
C VAL KA 98 -34.81 -105.39 -15.19
N GLU KA 99 -35.20 -106.65 -15.38
CA GLU KA 99 -36.55 -107.10 -15.13
C GLU KA 99 -36.55 -108.06 -13.95
N LYS KA 100 -37.56 -107.95 -13.11
CA LYS KA 100 -37.75 -108.92 -12.03
C LYS KA 100 -38.06 -110.28 -12.65
N LYS KA 101 -37.42 -111.32 -12.12
CA LYS KA 101 -37.61 -112.66 -12.66
C LYS KA 101 -39.03 -113.12 -12.38
N PRO KA 102 -39.61 -113.92 -13.27
CA PRO KA 102 -41.02 -114.30 -13.10
C PRO KA 102 -41.21 -115.26 -11.95
N ARG KA 103 -42.40 -115.20 -11.36
CA ARG KA 103 -42.71 -115.93 -10.14
C ARG KA 103 -42.95 -117.40 -10.48
N ILE KA 104 -42.32 -118.28 -9.70
CA ILE KA 104 -42.27 -119.71 -9.99
C ILE KA 104 -43.08 -120.45 -8.94
N PHE KA 105 -44.04 -121.24 -9.39
CA PHE KA 105 -44.92 -122.02 -8.53
C PHE KA 105 -44.64 -123.50 -8.66
N PRO KA 106 -44.96 -124.29 -7.63
CA PRO KA 106 -44.96 -125.76 -7.78
C PRO KA 106 -46.01 -126.21 -8.78
N GLY KA 107 -45.56 -126.92 -9.81
CA GLY KA 107 -46.42 -127.36 -10.89
C GLY KA 107 -46.11 -126.69 -12.21
N ASP KA 108 -45.27 -125.66 -12.21
CA ASP KA 108 -44.93 -124.96 -13.44
C ASP KA 108 -43.94 -125.77 -14.26
N THR KA 109 -43.81 -125.36 -15.53
CA THR KA 109 -42.84 -125.94 -16.45
C THR KA 109 -42.09 -124.79 -17.11
N ILE KA 110 -40.77 -124.87 -17.09
CA ILE KA 110 -39.93 -123.77 -17.59
C ILE KA 110 -39.94 -123.77 -19.11
N LEU KA 111 -40.11 -122.60 -19.71
CA LEU KA 111 -40.13 -122.50 -21.16
C LEU KA 111 -38.75 -122.63 -21.78
N GLU KA 112 -37.71 -122.13 -21.09
CA GLU KA 112 -36.36 -122.25 -21.64
C GLU KA 112 -35.84 -123.67 -21.54
N THR KA 113 -36.08 -124.33 -20.41
CA THR KA 113 -35.49 -125.63 -20.12
C THR KA 113 -36.47 -126.79 -20.33
N GLY KA 114 -37.63 -126.73 -19.68
CA GLY KA 114 -38.51 -127.86 -19.60
C GLY KA 114 -38.51 -128.56 -18.26
N GLU KA 115 -37.75 -128.05 -17.30
CA GLU KA 115 -37.70 -128.62 -15.95
C GLU KA 115 -39.02 -128.32 -15.24
N VAL KA 116 -39.80 -129.37 -14.98
CA VAL KA 116 -41.06 -129.21 -14.28
C VAL KA 116 -40.76 -129.04 -12.80
N ILE KA 117 -41.34 -127.99 -12.20
CA ILE KA 117 -41.20 -127.79 -10.76
C ILE KA 117 -41.99 -128.87 -10.03
N PRO KA 118 -41.40 -129.57 -9.07
CA PRO KA 118 -42.16 -130.60 -8.35
C PRO KA 118 -43.21 -129.97 -7.44
N PRO KA 119 -44.38 -130.61 -7.30
CA PRO KA 119 -45.47 -130.00 -6.55
C PRO KA 119 -45.24 -130.01 -5.04
N MET KA 120 -46.15 -129.38 -4.30
CA MET KA 120 -46.03 -129.29 -2.85
C MET KA 120 -46.36 -130.63 -2.20
N LYS KA 121 -46.11 -130.69 -0.89
CA LYS KA 121 -46.58 -131.81 -0.08
C LYS KA 121 -48.11 -131.79 -0.03
N GLU KA 122 -48.69 -132.99 0.05
CA GLU KA 122 -50.14 -133.13 0.20
C GLU KA 122 -50.60 -132.48 1.50
N PHE KA 123 -51.78 -131.85 1.46
CA PHE KA 123 -52.04 -130.99 2.59
C PHE KA 123 -52.68 -131.78 3.75
N PRO KA 124 -52.24 -131.49 4.97
CA PRO KA 124 -52.98 -131.96 6.15
C PRO KA 124 -54.26 -131.15 6.30
N ASP KA 125 -55.32 -131.63 5.63
CA ASP KA 125 -56.54 -130.85 5.41
C ASP KA 125 -57.21 -130.43 6.71
N GLN KA 126 -57.83 -129.25 6.68
CA GLN KA 126 -58.21 -128.52 7.88
C GLN KA 126 -59.70 -128.27 8.02
N HIS KA 127 -60.50 -128.48 6.98
CA HIS KA 127 -61.89 -128.07 7.01
C HIS KA 127 -62.77 -129.03 6.19
N GLY LA 2 -60.72 -106.53 24.38
CA GLY LA 2 -60.06 -105.37 24.95
C GLY LA 2 -60.20 -105.26 26.46
N ALA LA 3 -60.77 -106.30 27.08
CA ALA LA 3 -60.85 -106.34 28.54
C ALA LA 3 -59.53 -106.71 29.18
N HIS LA 4 -58.63 -107.35 28.44
CA HIS LA 4 -57.30 -107.65 28.97
C HIS LA 4 -56.46 -106.37 29.11
N LEU LA 5 -56.76 -105.34 28.32
CA LEU LA 5 -56.17 -104.03 28.55
C LEU LA 5 -56.56 -103.48 29.92
N ALA LA 6 -57.82 -103.67 30.31
CA ALA LA 6 -58.25 -103.27 31.64
C ALA LA 6 -57.68 -104.17 32.71
N ARG LA 7 -57.49 -105.45 32.41
CA ARG LA 7 -56.93 -106.36 33.40
C ARG LA 7 -55.42 -106.22 33.56
N ARG LA 8 -54.75 -105.56 32.63
CA ARG LA 8 -53.32 -105.30 32.79
C ARG LA 8 -53.02 -103.87 33.25
N TYR LA 9 -53.71 -102.87 32.71
CA TYR LA 9 -53.42 -101.49 33.07
C TYR LA 9 -54.12 -101.07 34.36
N LEU LA 10 -55.38 -101.48 34.53
CA LEU LA 10 -56.14 -101.05 35.70
C LEU LA 10 -56.08 -102.06 36.83
N GLY LA 11 -55.82 -103.33 36.52
CA GLY LA 11 -55.61 -104.33 37.55
C GLY LA 11 -54.15 -104.41 37.96
N ASP LA 12 -53.66 -105.62 38.19
CA ASP LA 12 -52.25 -105.84 38.47
C ASP LA 12 -51.57 -106.50 37.28
N ALA LA 13 -50.32 -106.09 37.02
CA ALA LA 13 -49.63 -106.50 35.80
C ALA LA 13 -48.92 -107.84 35.93
N SER LA 14 -48.76 -108.35 37.14
CA SER LA 14 -48.10 -109.64 37.35
C SER LA 14 -48.97 -110.83 36.99
N VAL LA 15 -50.25 -110.61 36.70
CA VAL LA 15 -51.13 -111.70 36.26
C VAL LA 15 -51.27 -111.74 34.75
N GLU LA 16 -50.93 -110.66 34.04
CA GLU LA 16 -51.06 -110.57 32.61
C GLU LA 16 -49.70 -110.70 31.93
N PRO LA 17 -49.61 -111.44 30.83
CA PRO LA 17 -48.30 -111.61 30.17
C PRO LA 17 -47.92 -110.40 29.34
N GLU LA 18 -46.63 -110.07 29.37
CA GLU LA 18 -46.11 -108.98 28.55
C GLU LA 18 -45.91 -109.47 27.12
N PRO LA 19 -46.54 -108.84 26.13
CA PRO LA 19 -46.46 -109.37 24.76
C PRO LA 19 -45.12 -109.18 24.08
N LEU LA 20 -44.24 -108.32 24.60
CA LEU LA 20 -42.97 -108.09 23.93
C LEU LA 20 -41.99 -109.24 24.14
N ARG LA 21 -42.07 -109.93 25.28
CA ARG LA 21 -41.28 -111.13 25.51
C ARG LA 21 -42.16 -112.20 26.18
N MET LA 22 -42.79 -113.02 25.34
CA MET LA 22 -43.58 -114.15 25.78
C MET LA 22 -43.61 -115.16 24.63
N PRO LA 23 -43.64 -116.47 24.90
CA PRO LA 23 -43.76 -117.24 26.15
C PRO LA 23 -42.54 -117.19 27.08
N THR LA 24 -42.81 -116.94 28.36
CA THR LA 24 -41.79 -116.94 29.39
C THR LA 24 -41.54 -118.32 29.98
N PHE LA 25 -42.44 -119.27 29.72
CA PHE LA 25 -42.44 -120.65 30.18
C PHE LA 25 -41.97 -121.57 29.07
N PRO LA 26 -41.42 -122.74 29.41
CA PRO LA 26 -41.04 -123.69 28.37
C PRO LA 26 -42.26 -124.27 27.68
N PRO LA 27 -42.13 -124.70 26.42
CA PRO LA 27 -43.27 -125.33 25.73
C PRO LA 27 -43.60 -126.71 26.23
N ASP LA 28 -42.74 -127.32 27.04
CA ASP LA 28 -43.01 -128.64 27.62
C ASP LA 28 -43.63 -128.56 29.00
N TYR LA 29 -43.79 -127.36 29.55
CA TYR LA 29 -44.26 -127.17 30.93
C TYR LA 29 -45.77 -127.41 30.97
N GLY LA 30 -46.14 -128.69 30.99
CA GLY LA 30 -47.52 -129.10 30.98
C GLY LA 30 -47.97 -129.84 29.74
N PHE LA 31 -47.07 -130.14 28.81
CA PHE LA 31 -47.40 -130.87 27.59
C PHE LA 31 -46.53 -132.10 27.45
N PRO LA 32 -46.99 -133.27 27.91
CA PRO LA 32 -46.23 -134.51 27.67
C PRO LA 32 -46.30 -134.92 26.21
N GLU LA 33 -45.12 -135.07 25.59
CA GLU LA 33 -44.94 -135.46 24.19
C GLU LA 33 -45.64 -134.49 23.24
N ARG LA 34 -45.19 -133.24 23.28
CA ARG LA 34 -45.80 -132.20 22.45
C ARG LA 34 -45.17 -132.19 21.07
N LYS LA 35 -46.01 -132.06 20.05
CA LYS LA 35 -45.59 -132.13 18.66
C LYS LA 35 -45.34 -130.75 18.08
N GLU LA 36 -44.46 -130.71 17.09
CA GLU LA 36 -44.09 -129.46 16.42
C GLU LA 36 -45.16 -129.06 15.41
N ARG LA 37 -44.96 -127.88 14.82
CA ARG LA 37 -45.81 -127.43 13.74
C ARG LA 37 -45.23 -127.90 12.42
N GLU LA 38 -46.11 -128.37 11.53
CA GLU LA 38 -45.68 -128.98 10.28
C GLU LA 38 -45.67 -127.92 9.18
N MET LA 39 -44.49 -127.61 8.65
CA MET LA 39 -44.35 -126.70 7.54
C MET LA 39 -44.52 -127.47 6.24
N VAL LA 40 -45.52 -127.07 5.44
CA VAL LA 40 -45.87 -127.83 4.25
C VAL LA 40 -44.97 -127.47 3.09
N ALA LA 41 -44.87 -126.17 2.77
CA ALA LA 41 -44.11 -125.75 1.60
C ALA LA 41 -42.62 -125.88 1.83
N THR LA 42 -41.93 -126.38 0.82
CA THR LA 42 -40.48 -126.40 0.81
C THR LA 42 -39.96 -124.96 0.80
N GLN LA 43 -38.80 -124.75 1.43
CA GLN LA 43 -38.20 -123.43 1.51
C GLN LA 43 -37.83 -122.88 0.13
N GLN LA 44 -37.43 -123.77 -0.79
CA GLN LA 44 -37.14 -123.33 -2.15
C GLN LA 44 -38.43 -123.03 -2.91
N GLU LA 45 -39.54 -123.67 -2.53
CA GLU LA 45 -40.82 -123.40 -3.18
C GLU LA 45 -41.33 -122.00 -2.86
N MET LA 46 -41.32 -121.61 -1.59
CA MET LA 46 -41.71 -120.25 -1.23
C MET LA 46 -40.58 -119.25 -1.38
N ASN LA 47 -39.38 -119.71 -1.74
CA ASN LA 47 -38.33 -118.79 -2.20
C ASN LA 47 -38.55 -118.42 -3.66
N ASP LA 48 -38.85 -119.41 -4.50
CA ASP LA 48 -39.13 -119.16 -5.91
C ASP LA 48 -40.51 -118.56 -6.13
N ALA LA 49 -41.41 -118.65 -5.15
CA ALA LA 49 -42.70 -117.99 -5.24
C ALA LA 49 -42.63 -116.53 -4.83
N GLN LA 50 -41.47 -116.07 -4.35
CA GLN LA 50 -41.18 -114.66 -4.06
C GLN LA 50 -42.14 -114.08 -3.03
N LEU LA 51 -42.47 -114.86 -2.02
CA LEU LA 51 -43.43 -114.41 -1.03
C LEU LA 51 -42.77 -113.38 -0.11
N VAL LA 52 -43.60 -112.45 0.37
CA VAL LA 52 -43.14 -111.46 1.34
C VAL LA 52 -42.79 -112.20 2.63
N LEU LA 53 -41.75 -111.71 3.32
CA LEU LA 53 -41.29 -112.37 4.53
C LEU LA 53 -42.28 -112.27 5.68
N GLN LA 54 -43.23 -111.33 5.61
CA GLN LA 54 -44.39 -111.37 6.49
C GLN LA 54 -45.28 -112.55 6.17
N GLN LA 55 -45.32 -112.96 4.89
CA GLN LA 55 -46.24 -113.99 4.43
C GLN LA 55 -45.63 -115.39 4.41
N ARG LA 56 -44.34 -115.53 4.71
CA ARG LA 56 -43.70 -116.85 4.71
C ARG LA 56 -43.81 -117.52 6.08
N ASP LA 57 -45.03 -117.62 6.60
CA ASP LA 57 -45.28 -118.27 7.88
C ASP LA 57 -45.55 -119.75 7.66
N TYR LA 58 -46.05 -120.44 8.70
CA TYR LA 58 -46.32 -121.87 8.63
C TYR LA 58 -47.48 -122.24 7.72
N CYS LA 59 -48.18 -121.28 7.15
CA CYS LA 59 -49.36 -121.50 6.33
C CYS LA 59 -49.25 -120.78 5.00
N ALA LA 60 -48.09 -120.88 4.37
CA ALA LA 60 -47.84 -120.23 3.09
C ALA LA 60 -48.26 -121.07 1.89
N HIS LA 61 -48.55 -122.35 2.09
CA HIS LA 61 -48.86 -123.25 0.98
C HIS LA 61 -50.22 -122.94 0.36
N TYR LA 62 -51.20 -122.57 1.19
CA TYR LA 62 -52.46 -122.08 0.65
C TYR LA 62 -52.28 -120.79 -0.11
N LEU LA 63 -51.38 -119.92 0.34
CA LEU LA 63 -51.09 -118.68 -0.37
C LEU LA 63 -50.42 -118.96 -1.72
N ILE LA 64 -49.55 -119.97 -1.77
CA ILE LA 64 -48.90 -120.33 -3.03
C ILE LA 64 -49.92 -120.90 -4.02
N ARG LA 65 -50.82 -121.76 -3.55
CA ARG LA 65 -51.88 -122.28 -4.40
C ARG LA 65 -52.81 -121.17 -4.86
N PHE LA 66 -53.11 -120.22 -3.97
CA PHE LA 66 -53.99 -119.09 -4.33
C PHE LA 66 -53.36 -118.18 -5.36
N LEU LA 67 -52.06 -117.89 -5.23
CA LEU LA 67 -51.41 -117.02 -6.21
C LEU LA 67 -51.20 -117.74 -7.54
N LYS LA 68 -51.00 -119.07 -7.51
CA LYS LA 68 -50.94 -119.81 -8.77
C LYS LA 68 -52.28 -119.82 -9.47
N CYS LA 69 -53.37 -119.89 -8.70
CA CYS LA 69 -54.72 -119.72 -9.25
C CYS LA 69 -54.89 -118.33 -9.83
N LYS LA 70 -54.47 -117.30 -9.08
CA LYS LA 70 -54.70 -115.91 -9.45
C LYS LA 70 -53.92 -115.53 -10.70
N ARG LA 71 -52.73 -116.12 -10.90
CA ARG LA 71 -52.05 -115.95 -12.17
C ARG LA 71 -52.75 -116.74 -13.27
N ASP LA 72 -53.10 -117.99 -13.00
CA ASP LA 72 -53.59 -118.87 -14.05
C ASP LA 72 -55.05 -118.61 -14.44
N SER LA 73 -55.80 -117.85 -13.66
CA SER LA 73 -57.19 -117.56 -13.98
C SER LA 73 -57.38 -116.12 -14.45
N PHE LA 74 -56.39 -115.56 -15.13
CA PHE LA 74 -56.54 -114.24 -15.72
C PHE LA 74 -57.36 -114.34 -17.00
N PRO LA 75 -58.23 -113.36 -17.29
CA PRO LA 75 -58.59 -112.13 -16.58
C PRO LA 75 -59.71 -112.28 -15.57
N ASN LA 76 -60.14 -113.51 -15.29
CA ASN LA 76 -61.23 -113.72 -14.36
C ASN LA 76 -60.73 -113.50 -12.94
N PHE LA 77 -60.83 -112.26 -12.45
CA PHE LA 77 -60.31 -111.90 -11.14
C PHE LA 77 -61.25 -112.26 -10.00
N LEU LA 78 -62.27 -113.09 -10.25
CA LEU LA 78 -63.19 -113.56 -9.22
C LEU LA 78 -63.20 -115.08 -9.14
N ALA LA 79 -62.27 -115.75 -9.82
CA ALA LA 79 -62.31 -117.20 -10.00
C ALA LA 79 -61.58 -117.97 -8.91
N CYS LA 80 -61.00 -117.30 -7.93
CA CYS LA 80 -60.16 -117.96 -6.93
C CYS LA 80 -60.61 -117.60 -5.53
N LYS LA 81 -61.92 -117.54 -5.32
CA LYS LA 81 -62.43 -117.27 -3.98
C LYS LA 81 -62.31 -118.47 -3.07
N HIS LA 82 -62.24 -119.67 -3.64
CA HIS LA 82 -62.10 -120.89 -2.83
C HIS LA 82 -60.70 -120.97 -2.23
N GLU LA 83 -59.67 -120.69 -3.04
CA GLU LA 83 -58.30 -120.71 -2.53
C GLU LA 83 -58.04 -119.56 -1.57
N GLN LA 84 -58.66 -118.40 -1.83
CA GLN LA 84 -58.56 -117.28 -0.91
C GLN LA 84 -59.24 -117.59 0.42
N HIS LA 85 -60.39 -118.28 0.37
CA HIS LA 85 -61.06 -118.66 1.60
C HIS LA 85 -60.29 -119.72 2.36
N ASP LA 86 -59.60 -120.62 1.64
CA ASP LA 86 -58.73 -121.60 2.30
C ASP LA 86 -57.56 -120.93 3.00
N TRP LA 87 -56.93 -119.96 2.33
CA TRP LA 87 -55.80 -119.25 2.94
C TRP LA 87 -56.25 -118.39 4.10
N ASP LA 88 -57.42 -117.75 4.00
CA ASP LA 88 -57.94 -116.95 5.10
C ASP LA 88 -58.35 -117.82 6.28
N TYR LA 89 -58.88 -119.02 6.02
CA TYR LA 89 -59.23 -119.93 7.09
C TYR LA 89 -57.99 -120.46 7.80
N CYS LA 90 -56.90 -120.67 7.05
CA CYS LA 90 -55.70 -121.17 7.71
C CYS LA 90 -54.97 -120.06 8.47
N GLU LA 91 -55.01 -118.82 7.97
CA GLU LA 91 -54.55 -117.68 8.76
C GLU LA 91 -55.40 -117.49 10.01
N HIS LA 92 -56.72 -117.73 9.89
CA HIS LA 92 -57.61 -117.71 11.04
C HIS LA 92 -57.22 -118.75 12.08
N LEU LA 93 -56.88 -119.95 11.62
CA LEU LA 93 -56.43 -121.00 12.55
C LEU LA 93 -55.12 -120.61 13.21
N ASP LA 94 -54.21 -119.97 12.48
CA ASP LA 94 -52.97 -119.50 13.08
C ASP LA 94 -53.23 -118.41 14.12
N TYR LA 95 -54.22 -117.55 13.87
CA TYR LA 95 -54.57 -116.51 14.83
C TYR LA 95 -55.18 -117.12 16.10
N VAL LA 96 -56.00 -118.16 15.94
CA VAL LA 96 -56.57 -118.85 17.10
C VAL LA 96 -55.48 -119.59 17.86
N LYS LA 97 -54.46 -120.11 17.18
CA LYS LA 97 -53.33 -120.73 17.85
C LYS LA 97 -52.52 -119.71 18.65
N ARG LA 98 -52.36 -118.51 18.11
CA ARG LA 98 -51.68 -117.44 18.86
C ARG LA 98 -52.49 -117.04 20.09
N MET LA 99 -53.82 -116.99 19.95
CA MET LA 99 -54.70 -116.73 21.10
C MET LA 99 -54.58 -117.83 22.16
N LYS LA 100 -54.42 -119.08 21.71
CA LYS LA 100 -54.24 -120.19 22.64
C LYS LA 100 -52.90 -120.08 23.38
N GLU LA 101 -51.86 -119.63 22.67
CA GLU LA 101 -50.57 -119.37 23.33
C GLU LA 101 -50.70 -118.28 24.39
N PHE LA 102 -51.44 -117.21 24.07
CA PHE LA 102 -51.65 -116.13 25.02
C PHE LA 102 -52.43 -116.59 26.25
N GLU LA 103 -53.49 -117.37 26.04
CA GLU LA 103 -54.29 -117.85 27.15
C GLU LA 103 -53.53 -118.87 27.99
N ARG LA 104 -52.67 -119.66 27.35
CA ARG LA 104 -51.77 -120.56 28.08
C ARG LA 104 -50.85 -119.79 29.00
N GLU LA 105 -50.25 -118.71 28.50
CA GLU LA 105 -49.38 -117.89 29.34
C GLU LA 105 -50.15 -117.18 30.44
N ARG LA 106 -51.40 -116.78 30.17
CA ARG LA 106 -52.20 -116.11 31.18
C ARG LA 106 -52.57 -117.05 32.31
N ARG LA 107 -52.96 -118.29 31.96
CA ARG LA 107 -53.31 -119.24 33.00
C ARG LA 107 -52.09 -119.79 33.74
N LEU LA 108 -50.92 -119.85 33.10
CA LEU LA 108 -49.73 -120.20 33.85
C LEU LA 108 -49.29 -119.08 34.79
N LEU LA 109 -49.51 -117.82 34.41
CA LEU LA 109 -49.23 -116.76 35.37
C LEU LA 109 -50.24 -116.74 36.51
N GLN LA 110 -51.50 -117.14 36.24
CA GLN LA 110 -52.44 -117.32 37.34
C GLN LA 110 -52.03 -118.47 38.25
N ARG LA 111 -51.46 -119.54 37.66
CA ARG LA 111 -50.96 -120.67 38.45
C ARG LA 111 -49.79 -120.24 39.33
N LYS LA 112 -48.86 -119.45 38.78
CA LYS LA 112 -47.75 -118.92 39.57
C LYS LA 112 -48.24 -117.98 40.66
N LYS LA 113 -49.28 -117.20 40.37
CA LYS LA 113 -49.86 -116.31 41.37
C LYS LA 113 -50.46 -117.08 42.53
N ARG LA 114 -51.27 -118.11 42.23
CA ARG LA 114 -51.84 -118.95 43.27
C ARG LA 114 -50.76 -119.78 43.98
N ARG LA 115 -49.67 -120.10 43.28
CA ARG LA 115 -48.57 -120.84 43.89
C ARG LA 115 -47.84 -120.00 44.92
N GLU LA 116 -47.54 -118.75 44.60
CA GLU LA 116 -46.87 -117.89 45.57
C GLU LA 116 -47.83 -117.45 46.68
N GLN LA 117 -49.14 -117.40 46.40
CA GLN LA 117 -50.12 -117.19 47.46
C GLN LA 117 -50.16 -118.38 48.44
N ARG LA 118 -50.14 -119.60 47.91
CA ARG LA 118 -50.09 -120.78 48.78
C ARG LA 118 -48.77 -120.88 49.53
N GLU LA 119 -47.68 -120.44 48.91
CA GLU LA 119 -46.39 -120.43 49.58
C GLU LA 119 -46.34 -119.40 50.69
N ALA LA 120 -47.04 -118.27 50.51
CA ALA LA 120 -47.16 -117.30 51.60
C ALA LA 120 -48.03 -117.84 52.73
N ASP LA 121 -49.17 -118.44 52.38
CA ASP LA 121 -50.13 -118.85 53.40
C ASP LA 121 -49.72 -120.11 54.13
N MET LA 122 -48.88 -120.95 53.53
CA MET LA 122 -48.58 -122.26 54.10
C MET LA 122 -47.59 -122.16 55.25
N ALA LA 123 -46.54 -121.36 55.09
CA ALA LA 123 -45.54 -121.20 56.15
C ALA LA 123 -45.43 -119.74 56.58
N ALA MA 2 -64.73 -41.20 10.38
CA ALA MA 2 -63.53 -42.03 10.44
C ALA MA 2 -62.69 -41.85 9.18
N PHE MA 3 -63.18 -42.39 8.07
CA PHE MA 3 -62.44 -42.35 6.81
C PHE MA 3 -63.45 -42.39 5.67
N LEU MA 4 -63.76 -41.22 5.10
CA LEU MA 4 -64.73 -41.11 4.02
C LEU MA 4 -64.18 -40.19 2.95
N PRO MA 5 -64.47 -40.47 1.67
CA PRO MA 5 -64.05 -39.54 0.61
C PRO MA 5 -64.83 -38.24 0.60
N SER MA 6 -66.07 -38.25 1.06
CA SER MA 6 -66.91 -37.05 1.03
C SER MA 6 -66.73 -36.21 2.30
N ALA MA 7 -67.04 -36.78 3.45
CA ALA MA 7 -66.94 -36.07 4.71
C ALA MA 7 -65.66 -36.44 5.45
N ALA MA 8 -65.44 -35.77 6.58
CA ALA MA 8 -64.29 -36.06 7.43
C ALA MA 8 -64.62 -36.97 8.60
N TYR MA 9 -65.89 -37.29 8.82
CA TYR MA 9 -66.28 -38.17 9.90
C TYR MA 9 -67.56 -38.88 9.54
N LEU MA 10 -67.95 -39.81 10.41
CA LEU MA 10 -69.26 -40.45 10.37
C LEU MA 10 -70.14 -39.77 11.41
N THR MA 11 -71.36 -39.41 11.02
CA THR MA 11 -72.28 -38.86 11.99
C THR MA 11 -72.83 -39.97 12.86
N HIS MA 12 -73.47 -39.57 13.97
CA HIS MA 12 -74.06 -40.53 14.90
C HIS MA 12 -75.17 -41.34 14.25
N GLN MA 13 -75.97 -40.69 13.40
CA GLN MA 13 -77.00 -41.36 12.63
C GLN MA 13 -76.40 -42.38 11.67
N GLN MA 14 -75.30 -42.00 10.99
CA GLN MA 14 -74.63 -42.92 10.07
C GLN MA 14 -73.96 -44.07 10.81
N LYS MA 15 -73.44 -43.82 12.02
CA LYS MA 15 -72.86 -44.90 12.81
C LYS MA 15 -73.92 -45.89 13.26
N VAL MA 16 -75.12 -45.40 13.62
CA VAL MA 16 -76.22 -46.29 13.98
C VAL MA 16 -76.68 -47.10 12.76
N LEU MA 17 -76.72 -46.47 11.58
CA LEU MA 17 -77.10 -47.18 10.36
C LEU MA 17 -76.11 -48.29 10.02
N GLN MA 18 -74.81 -47.99 10.11
CA GLN MA 18 -73.81 -48.99 9.76
C GLN MA 18 -73.76 -50.11 10.80
N LEU MA 19 -73.97 -49.78 12.08
CA LEU MA 19 -74.07 -50.83 13.09
C LEU MA 19 -75.29 -51.71 12.89
N TYR MA 20 -76.41 -51.12 12.46
CA TYR MA 20 -77.61 -51.89 12.18
C TYR MA 20 -77.41 -52.84 11.01
N LYS MA 21 -76.76 -52.37 9.94
CA LYS MA 21 -76.52 -53.24 8.79
C LYS MA 21 -75.53 -54.34 9.10
N ARG MA 22 -74.45 -54.02 9.82
CA ARG MA 22 -73.48 -55.05 10.20
C ARG MA 22 -74.08 -56.05 11.18
N ALA MA 23 -74.97 -55.57 12.06
CA ALA MA 23 -75.67 -56.47 12.98
C ALA MA 23 -76.57 -57.44 12.22
N LEU MA 24 -77.28 -56.94 11.21
CA LEU MA 24 -78.13 -57.85 10.43
C LEU MA 24 -77.31 -58.80 9.57
N ARG MA 25 -76.15 -58.37 9.06
CA ARG MA 25 -75.34 -59.28 8.24
C ARG MA 25 -74.71 -60.38 9.08
N HIS MA 26 -74.12 -60.02 10.24
CA HIS MA 26 -73.57 -61.03 11.13
C HIS MA 26 -74.67 -61.88 11.76
N LEU MA 27 -75.87 -61.33 11.92
CA LEU MA 27 -77.02 -62.11 12.36
C LEU MA 27 -77.41 -63.14 11.31
N GLU MA 28 -77.39 -62.75 10.04
CA GLU MA 28 -77.65 -63.68 8.94
C GLU MA 28 -76.60 -64.76 8.87
N SER MA 29 -75.35 -64.41 9.19
CA SER MA 29 -74.31 -65.42 9.30
C SER MA 29 -74.55 -66.36 10.47
N ARG MA 30 -75.12 -65.86 11.57
CA ARG MA 30 -75.41 -66.73 12.71
C ARG MA 30 -76.70 -67.53 12.55
N CYS MA 31 -77.61 -67.09 11.68
CA CYS MA 31 -78.99 -67.57 11.67
C CYS MA 31 -79.35 -68.05 10.27
N VAL MA 32 -78.57 -69.02 9.77
CA VAL MA 32 -78.50 -69.51 8.39
C VAL MA 32 -79.83 -69.65 7.67
N HIS MA 33 -80.82 -70.28 8.32
CA HIS MA 33 -82.11 -70.48 7.69
C HIS MA 33 -82.91 -69.19 7.65
N ARG MA 34 -83.72 -69.06 6.59
CA ARG MA 34 -84.29 -67.76 6.23
C ARG MA 34 -85.39 -67.32 7.18
N ASP MA 35 -86.26 -68.25 7.61
CA ASP MA 35 -87.35 -67.88 8.50
C ASP MA 35 -86.84 -67.57 9.90
N LYS MA 36 -85.83 -68.31 10.36
CA LYS MA 36 -85.24 -68.07 11.67
C LYS MA 36 -84.48 -66.75 11.69
N TYR MA 37 -83.77 -66.46 10.59
CA TYR MA 37 -83.17 -65.14 10.42
C TYR MA 37 -84.21 -64.04 10.37
N ARG MA 38 -85.36 -64.29 9.75
CA ARG MA 38 -86.37 -63.25 9.62
C ARG MA 38 -87.01 -62.95 10.97
N TYR MA 39 -87.24 -63.99 11.78
CA TYR MA 39 -87.76 -63.82 13.14
C TYR MA 39 -86.78 -63.05 14.00
N PHE MA 40 -85.51 -63.47 14.05
CA PHE MA 40 -84.54 -62.75 14.87
C PHE MA 40 -84.19 -61.39 14.30
N ALA MA 41 -84.36 -61.19 12.99
CA ALA MA 41 -84.11 -59.89 12.39
C ALA MA 41 -85.19 -58.89 12.77
N CYS MA 42 -86.44 -59.36 12.85
CA CYS MA 42 -87.49 -58.48 13.35
C CYS MA 42 -87.35 -58.22 14.83
N LEU MA 43 -86.88 -59.21 15.61
CA LEU MA 43 -86.59 -58.97 17.01
C LEU MA 43 -85.48 -57.93 17.19
N LEU MA 44 -84.45 -58.00 16.34
CA LEU MA 44 -83.37 -57.04 16.42
C LEU MA 44 -83.82 -55.66 15.93
N ARG MA 45 -84.73 -55.63 14.94
CA ARG MA 45 -85.32 -54.36 14.51
C ARG MA 45 -86.14 -53.72 15.62
N ALA MA 46 -86.89 -54.53 16.38
CA ALA MA 46 -87.61 -54.00 17.53
C ALA MA 46 -86.66 -53.52 18.62
N ARG MA 47 -85.52 -54.20 18.79
CA ARG MA 47 -84.51 -53.74 19.74
C ARG MA 47 -83.90 -52.40 19.32
N PHE MA 48 -83.68 -52.22 18.02
CA PHE MA 48 -83.19 -50.92 17.54
C PHE MA 48 -84.26 -49.84 17.58
N ASP MA 49 -85.53 -50.21 17.36
CA ASP MA 49 -86.62 -49.23 17.40
C ASP MA 49 -87.03 -48.87 18.81
N GLU MA 50 -86.62 -49.65 19.80
CA GLU MA 50 -86.91 -49.33 21.20
C GLU MA 50 -86.20 -48.04 21.63
N HIS MA 51 -84.94 -47.89 21.26
CA HIS MA 51 -84.16 -46.69 21.56
C HIS MA 51 -84.00 -45.80 20.33
N LYS MA 52 -85.05 -45.71 19.51
CA LYS MA 52 -84.98 -44.90 18.29
C LYS MA 52 -85.06 -43.42 18.61
N ASN MA 53 -86.06 -43.01 19.38
CA ASN MA 53 -86.26 -41.61 19.71
C ASN MA 53 -85.66 -41.32 21.09
N GLU MA 54 -84.34 -41.40 21.15
CA GLU MA 54 -83.58 -41.02 22.35
C GLU MA 54 -82.96 -39.66 22.10
N LYS MA 55 -83.30 -38.69 22.96
CA LYS MA 55 -82.95 -37.30 22.68
C LYS MA 55 -81.62 -36.90 23.30
N ASP MA 56 -81.24 -37.49 24.43
CA ASP MA 56 -79.97 -37.18 25.07
C ASP MA 56 -78.85 -37.79 24.24
N MET MA 57 -77.98 -36.95 23.66
CA MET MA 57 -76.94 -37.44 22.78
C MET MA 57 -75.84 -38.18 23.53
N VAL MA 58 -75.59 -37.80 24.78
CA VAL MA 58 -74.64 -38.55 25.61
C VAL MA 58 -75.19 -39.92 25.94
N LYS MA 59 -76.48 -39.99 26.31
CA LYS MA 59 -77.11 -41.26 26.63
C LYS MA 59 -77.25 -42.14 25.38
N ALA MA 60 -77.57 -41.54 24.23
CA ALA MA 60 -77.67 -42.30 22.99
C ALA MA 60 -76.31 -42.80 22.52
N THR MA 61 -75.26 -41.99 22.71
CA THR MA 61 -73.91 -42.41 22.36
C THR MA 61 -73.42 -43.51 23.29
N GLN MA 62 -73.82 -43.42 24.57
CA GLN MA 62 -73.57 -44.49 25.53
C GLN MA 62 -74.20 -45.80 25.09
N LEU MA 63 -75.48 -45.74 24.70
CA LEU MA 63 -76.19 -46.94 24.22
C LEU MA 63 -75.58 -47.47 22.93
N LEU MA 64 -75.05 -46.58 22.08
CA LEU MA 64 -74.34 -47.00 20.89
C LEU MA 64 -73.05 -47.75 21.23
N ARG MA 65 -72.34 -47.28 22.28
CA ARG MA 65 -71.10 -47.92 22.68
C ARG MA 65 -71.34 -49.31 23.27
N GLU MA 66 -72.30 -49.44 24.18
CA GLU MA 66 -72.59 -50.78 24.69
C GLU MA 66 -73.28 -51.66 23.66
N ALA MA 67 -73.93 -51.07 22.64
CA ALA MA 67 -74.38 -51.86 21.51
C ALA MA 67 -73.21 -52.39 20.69
N GLU MA 68 -72.13 -51.60 20.58
CA GLU MA 68 -70.93 -52.11 19.92
C GLU MA 68 -70.28 -53.23 20.74
N LYS MA 69 -70.35 -53.14 22.07
CA LYS MA 69 -69.85 -54.24 22.89
C LYS MA 69 -70.68 -55.51 22.71
N GLU MA 70 -72.01 -55.35 22.63
CA GLU MA 70 -72.91 -56.46 22.32
C GLU MA 70 -72.58 -57.09 20.97
N PHE MA 71 -72.37 -56.23 19.96
CA PHE MA 71 -72.06 -56.69 18.61
C PHE MA 71 -70.72 -57.41 18.55
N TRP MA 72 -69.72 -56.89 19.27
CA TRP MA 72 -68.42 -57.55 19.25
C TRP MA 72 -68.44 -58.86 20.01
N HIS MA 73 -69.27 -58.97 21.04
CA HIS MA 73 -69.42 -60.26 21.71
C HIS MA 73 -70.16 -61.27 20.83
N GLY MA 74 -71.11 -60.81 20.01
CA GLY MA 74 -71.96 -61.73 19.27
C GLY MA 74 -71.68 -61.91 17.79
N GLN MA 75 -70.54 -61.45 17.27
CA GLN MA 75 -70.31 -61.57 15.83
C GLN MA 75 -69.89 -63.00 15.47
N HIS MA 76 -70.13 -63.34 14.20
CA HIS MA 76 -69.77 -64.65 13.68
C HIS MA 76 -68.27 -64.67 13.37
N PRO MA 77 -67.58 -65.80 13.61
CA PRO MA 77 -66.14 -65.84 13.32
C PRO MA 77 -65.82 -65.79 11.83
N GLN MA 78 -66.56 -66.52 11.00
CA GLN MA 78 -66.50 -66.39 9.54
C GLN MA 78 -67.84 -65.87 9.06
N PRO MA 79 -68.03 -64.55 9.02
CA PRO MA 79 -69.28 -64.00 8.51
C PRO MA 79 -69.43 -64.23 7.02
N TYR MA 80 -70.66 -64.12 6.55
CA TYR MA 80 -70.88 -64.21 5.11
C TYR MA 80 -70.36 -62.95 4.43
N ILE MA 81 -69.51 -63.14 3.44
CA ILE MA 81 -69.04 -62.08 2.56
C ILE MA 81 -69.53 -62.40 1.16
N PHE MA 82 -70.03 -61.38 0.46
CA PHE MA 82 -70.41 -61.55 -0.93
C PHE MA 82 -69.17 -61.85 -1.77
N PRO MA 83 -69.33 -62.58 -2.89
CA PRO MA 83 -68.14 -63.01 -3.66
C PRO MA 83 -67.29 -61.88 -4.22
N GLU MA 84 -67.90 -60.87 -4.83
CA GLU MA 84 -67.13 -59.72 -5.29
C GLU MA 84 -66.87 -58.71 -4.20
N SER MA 85 -67.41 -58.90 -3.00
CA SER MA 85 -67.12 -58.02 -1.88
C SER MA 85 -65.73 -58.28 -1.35
N PRO MA 86 -65.04 -57.25 -0.83
CA PRO MA 86 -63.69 -57.44 -0.29
C PRO MA 86 -63.65 -58.41 0.88
N GLY MA 87 -62.74 -59.37 0.79
CA GLY MA 87 -62.74 -60.53 1.65
C GLY MA 87 -63.41 -61.75 1.02
N GLY MA 88 -64.24 -61.55 0.01
CA GLY MA 88 -64.90 -62.65 -0.64
C GLY MA 88 -63.96 -63.46 -1.52
N THR MA 89 -64.48 -64.58 -2.01
CA THR MA 89 -63.65 -65.49 -2.78
C THR MA 89 -63.36 -64.97 -4.18
N SER MA 90 -64.32 -64.28 -4.79
CA SER MA 90 -64.17 -63.74 -6.14
C SER MA 90 -63.77 -62.28 -6.14
N TYR MA 91 -63.38 -61.72 -4.99
CA TYR MA 91 -62.94 -60.34 -4.93
C TYR MA 91 -61.62 -60.16 -5.64
N GLU MA 92 -61.53 -59.07 -6.42
CA GLU MA 92 -60.44 -58.68 -7.33
C GLU MA 92 -59.87 -59.85 -8.13
N ARG MA 93 -60.77 -60.75 -8.54
CA ARG MA 93 -60.36 -61.93 -9.29
C ARG MA 93 -60.02 -61.58 -10.72
N TYR MA 94 -60.81 -60.70 -11.33
CA TYR MA 94 -60.68 -60.38 -12.75
C TYR MA 94 -59.78 -59.19 -13.01
N GLU MA 95 -59.04 -58.72 -12.00
CA GLU MA 95 -58.16 -57.57 -12.18
C GLU MA 95 -56.97 -57.89 -13.07
N CYS MA 96 -56.65 -59.16 -13.24
CA CYS MA 96 -55.65 -59.57 -14.21
C CYS MA 96 -56.15 -59.52 -15.64
N TYR MA 97 -57.46 -59.37 -15.85
CA TYR MA 97 -58.00 -59.19 -17.19
C TYR MA 97 -58.40 -57.75 -17.47
N LYS MA 98 -58.21 -56.85 -16.50
CA LYS MA 98 -58.59 -55.46 -16.68
C LYS MA 98 -57.41 -54.70 -17.28
N VAL MA 99 -57.24 -54.89 -18.58
CA VAL MA 99 -56.21 -54.17 -19.33
C VAL MA 99 -56.67 -52.73 -19.54
N PRO MA 100 -55.85 -51.73 -19.20
CA PRO MA 100 -56.28 -50.33 -19.32
C PRO MA 100 -56.40 -49.90 -20.78
N GLU MA 101 -56.96 -48.70 -20.95
CA GLU MA 101 -57.35 -48.24 -22.28
C GLU MA 101 -56.16 -47.82 -23.12
N TRP MA 102 -55.06 -47.39 -22.49
CA TRP MA 102 -53.94 -46.86 -23.26
C TRP MA 102 -53.16 -47.92 -24.00
N CYS MA 103 -53.37 -49.20 -23.70
CA CYS MA 103 -52.66 -50.26 -24.39
C CYS MA 103 -53.10 -50.41 -25.85
N LEU MA 104 -54.27 -49.88 -26.20
CA LEU MA 104 -54.70 -49.85 -27.59
C LEU MA 104 -53.88 -48.87 -28.41
N ASP MA 105 -53.26 -47.88 -27.77
CA ASP MA 105 -52.42 -46.91 -28.47
C ASP MA 105 -51.10 -47.51 -28.91
N ASP MA 106 -50.72 -48.66 -28.36
CA ASP MA 106 -49.43 -49.28 -28.63
C ASP MA 106 -49.54 -50.52 -29.51
N TRP MA 107 -50.68 -50.73 -30.18
CA TRP MA 107 -50.76 -51.88 -31.06
C TRP MA 107 -50.01 -51.64 -32.36
N HIS MA 108 -49.70 -52.73 -33.02
CA HIS MA 108 -49.15 -52.66 -34.36
C HIS MA 108 -50.28 -52.35 -35.34
N PRO MA 109 -50.00 -51.60 -36.41
CA PRO MA 109 -51.06 -51.27 -37.38
C PRO MA 109 -51.66 -52.44 -38.14
N SER MA 110 -51.08 -53.65 -38.06
CA SER MA 110 -51.73 -54.81 -38.66
C SER MA 110 -52.89 -55.30 -37.81
N GLU MA 111 -52.80 -55.17 -36.49
CA GLU MA 111 -53.89 -55.54 -35.61
C GLU MA 111 -54.76 -54.35 -35.23
N LYS MA 112 -54.38 -53.14 -35.62
CA LYS MA 112 -55.33 -52.03 -35.63
C LYS MA 112 -56.19 -52.05 -36.88
N ALA MA 113 -55.66 -52.61 -37.98
CA ALA MA 113 -56.44 -52.78 -39.18
C ALA MA 113 -57.46 -53.90 -39.06
N MET MA 114 -57.27 -54.80 -38.09
CA MET MA 114 -58.24 -55.86 -37.87
C MET MA 114 -59.54 -55.33 -37.30
N TYR MA 115 -59.47 -54.23 -36.55
CA TYR MA 115 -60.64 -53.53 -36.02
C TYR MA 115 -60.60 -52.09 -36.53
N PRO MA 116 -61.09 -51.83 -37.75
CA PRO MA 116 -61.00 -50.47 -38.31
C PRO MA 116 -61.93 -49.49 -37.62
N ASP MA 117 -63.20 -49.91 -37.44
CA ASP MA 117 -64.22 -49.01 -36.94
C ASP MA 117 -63.99 -48.67 -35.47
N TYR MA 118 -63.44 -49.60 -34.70
CA TYR MA 118 -63.24 -49.37 -33.28
C TYR MA 118 -62.18 -48.30 -33.03
N PHE MA 119 -61.04 -48.38 -33.71
CA PHE MA 119 -60.01 -47.36 -33.55
C PHE MA 119 -60.38 -46.06 -34.24
N ALA MA 120 -61.08 -46.14 -35.38
CA ALA MA 120 -61.58 -44.94 -36.05
C ALA MA 120 -62.61 -44.20 -35.20
N LYS MA 121 -63.31 -44.92 -34.32
CA LYS MA 121 -64.20 -44.33 -33.35
C LYS MA 121 -63.48 -43.93 -32.07
N ARG MA 122 -62.38 -44.60 -31.74
CA ARG MA 122 -61.60 -44.28 -30.55
C ARG MA 122 -60.85 -42.95 -30.71
N GLU MA 123 -60.47 -42.61 -31.94
CA GLU MA 123 -59.74 -41.36 -32.17
C GLU MA 123 -60.58 -40.14 -31.84
N GLN MA 124 -61.90 -40.19 -32.05
CA GLN MA 124 -62.72 -39.05 -31.68
C GLN MA 124 -63.03 -39.02 -30.19
N TRP MA 125 -62.98 -40.17 -29.50
CA TRP MA 125 -63.01 -40.15 -28.04
C TRP MA 125 -61.77 -39.48 -27.47
N LYS MA 126 -60.60 -39.79 -28.05
CA LYS MA 126 -59.38 -39.12 -27.65
C LYS MA 126 -59.41 -37.63 -27.99
N LYS MA 127 -60.03 -37.29 -29.12
CA LYS MA 127 -60.22 -35.89 -29.51
C LYS MA 127 -61.09 -35.15 -28.51
N LEU MA 128 -62.21 -35.78 -28.11
CA LEU MA 128 -63.12 -35.21 -27.13
C LEU MA 128 -62.43 -34.99 -25.79
N ARG MA 129 -61.57 -35.94 -25.41
CA ARG MA 129 -60.81 -35.83 -24.17
C ARG MA 129 -59.81 -34.68 -24.24
N ARG MA 130 -59.07 -34.58 -25.34
CA ARG MA 130 -58.01 -33.58 -25.42
C ARG MA 130 -58.53 -32.17 -25.69
N GLU MA 131 -59.77 -32.00 -26.15
CA GLU MA 131 -60.33 -30.65 -26.09
C GLU MA 131 -61.15 -30.38 -24.84
N SER MA 132 -61.60 -31.41 -24.11
CA SER MA 132 -62.26 -31.15 -22.85
C SER MA 132 -61.29 -30.84 -21.72
N TRP MA 133 -60.02 -31.23 -21.87
CA TRP MA 133 -59.07 -31.16 -20.75
C TRP MA 133 -58.76 -29.73 -20.33
N GLU MA 134 -58.46 -28.84 -21.29
CA GLU MA 134 -58.10 -27.47 -20.91
C GLU MA 134 -59.30 -26.71 -20.36
N ARG MA 135 -60.51 -27.00 -20.89
CA ARG MA 135 -61.73 -26.40 -20.37
C ARG MA 135 -62.00 -26.85 -18.94
N GLU MA 136 -61.75 -28.12 -18.63
CA GLU MA 136 -62.05 -28.55 -17.27
C GLU MA 136 -60.93 -28.20 -16.30
N VAL MA 137 -59.70 -27.98 -16.77
CA VAL MA 137 -58.67 -27.43 -15.89
C VAL MA 137 -58.98 -25.98 -15.53
N LYS MA 138 -59.36 -25.16 -16.53
CA LYS MA 138 -59.73 -23.79 -16.21
C LYS MA 138 -61.08 -23.70 -15.50
N GLN MA 139 -61.89 -24.77 -15.55
CA GLN MA 139 -63.08 -24.86 -14.72
C GLN MA 139 -62.75 -25.21 -13.27
N LEU MA 140 -61.73 -26.05 -13.06
CA LEU MA 140 -61.34 -26.39 -11.69
C LEU MA 140 -60.60 -25.24 -11.00
N GLN MA 141 -59.78 -24.50 -11.75
CA GLN MA 141 -58.99 -23.45 -11.10
C GLN MA 141 -59.81 -22.23 -10.74
N GLU MA 142 -61.04 -22.11 -11.23
CA GLU MA 142 -61.91 -20.97 -10.95
C GLU MA 142 -62.96 -21.27 -9.90
N GLU MA 143 -63.14 -22.54 -9.53
CA GLU MA 143 -64.14 -22.95 -8.57
C GLU MA 143 -63.52 -23.42 -7.26
N THR MA 144 -62.27 -23.87 -7.29
CA THR MA 144 -61.59 -24.31 -6.08
C THR MA 144 -61.26 -23.10 -5.20
N PRO MA 145 -61.54 -23.16 -3.89
CA PRO MA 145 -61.18 -22.03 -3.01
C PRO MA 145 -59.68 -21.92 -2.82
N VAL MA 146 -59.29 -20.85 -2.14
CA VAL MA 146 -57.88 -20.60 -1.86
C VAL MA 146 -57.41 -21.56 -0.77
N GLY MA 147 -56.19 -22.08 -0.94
CA GLY MA 147 -55.67 -23.13 -0.08
C GLY MA 147 -55.93 -24.53 -0.58
N GLY MA 148 -56.84 -24.72 -1.51
CA GLY MA 148 -57.14 -26.03 -2.05
C GLY MA 148 -58.56 -26.45 -1.79
N PRO MA 149 -58.98 -27.58 -2.38
CA PRO MA 149 -60.35 -28.05 -2.18
C PRO MA 149 -60.54 -28.66 -0.80
N ARG MA 150 -61.74 -28.44 -0.25
CA ARG MA 150 -62.03 -28.94 1.10
C ARG MA 150 -62.31 -30.44 1.08
N THR MA 151 -63.19 -30.89 0.19
CA THR MA 151 -63.53 -32.29 0.06
C THR MA 151 -62.93 -32.85 -1.22
N GLU MA 152 -63.09 -34.16 -1.39
CA GLU MA 152 -62.69 -34.83 -2.62
C GLU MA 152 -63.81 -34.90 -3.64
N ALA MA 153 -64.88 -34.13 -3.43
CA ALA MA 153 -65.99 -34.10 -4.37
C ALA MA 153 -65.65 -33.18 -5.53
N LEU MA 154 -65.94 -33.61 -6.70
CA LEU MA 154 -65.65 -32.86 -7.90
C LEU MA 154 -66.95 -32.26 -8.46
N PRO MA 155 -66.89 -31.09 -9.11
CA PRO MA 155 -68.11 -30.46 -9.59
C PRO MA 155 -68.60 -31.11 -10.87
N PRO MA 156 -69.86 -30.91 -11.22
CA PRO MA 156 -70.34 -31.32 -12.56
C PRO MA 156 -70.00 -30.25 -13.59
N ALA MA 157 -70.34 -30.55 -14.84
CA ALA MA 157 -70.16 -29.58 -15.90
C ALA MA 157 -71.25 -28.52 -15.81
N ARG MA 158 -70.85 -27.27 -15.59
CA ARG MA 158 -71.83 -26.21 -15.40
C ARG MA 158 -72.41 -25.70 -16.70
N LYS MA 159 -71.59 -25.58 -17.75
CA LYS MA 159 -72.06 -25.14 -19.05
C LYS MA 159 -72.45 -26.34 -19.90
N GLN MA 160 -73.32 -26.08 -20.88
CA GLN MA 160 -73.73 -27.09 -21.84
C GLN MA 160 -72.68 -27.17 -22.94
N GLY MA 161 -72.25 -28.39 -23.25
CA GLY MA 161 -71.14 -28.63 -24.16
C GLY MA 161 -69.87 -29.04 -23.45
N ASP MA 162 -69.71 -28.59 -22.21
CA ASP MA 162 -68.57 -28.99 -21.39
C ASP MA 162 -68.84 -30.33 -20.74
N LEU MA 163 -67.77 -31.03 -20.43
CA LEU MA 163 -67.76 -32.31 -19.76
C LEU MA 163 -67.34 -32.12 -18.31
N PRO MA 164 -67.69 -33.05 -17.41
CA PRO MA 164 -67.29 -32.90 -16.01
C PRO MA 164 -65.79 -33.01 -15.88
N PRO MA 165 -65.19 -32.28 -14.93
CA PRO MA 165 -63.74 -32.35 -14.77
C PRO MA 165 -63.28 -33.69 -14.23
N LEU MA 166 -62.13 -34.14 -14.73
CA LEU MA 166 -61.45 -35.37 -14.34
C LEU MA 166 -62.35 -36.59 -14.61
N TRP MA 167 -62.65 -36.79 -15.90
CA TRP MA 167 -63.68 -37.73 -16.30
C TRP MA 167 -63.17 -38.93 -17.08
N TRP MA 168 -61.92 -38.93 -17.54
CA TRP MA 168 -61.49 -39.93 -18.51
C TRP MA 168 -61.28 -41.30 -17.86
N HIS MA 169 -60.71 -41.34 -16.66
CA HIS MA 169 -60.50 -42.61 -15.99
C HIS MA 169 -61.69 -43.06 -15.16
N ILE MA 170 -62.84 -42.41 -15.31
CA ILE MA 170 -64.09 -42.96 -14.82
C ILE MA 170 -64.91 -43.55 -15.96
N VAL MA 171 -64.92 -42.85 -17.09
CA VAL MA 171 -65.66 -43.31 -18.26
C VAL MA 171 -64.96 -44.48 -18.92
N THR MA 172 -63.63 -44.40 -19.07
CA THR MA 172 -62.87 -45.43 -19.76
C THR MA 172 -62.22 -46.41 -18.79
N ARG MA 173 -62.81 -46.61 -17.61
CA ARG MA 173 -62.35 -47.67 -16.73
C ARG MA 173 -62.75 -49.02 -17.32
N PRO MA 174 -61.99 -50.07 -17.02
CA PRO MA 174 -62.33 -51.39 -17.57
C PRO MA 174 -63.60 -51.95 -16.95
N ARG MA 175 -64.19 -52.92 -17.66
CA ARG MA 175 -65.39 -53.57 -17.19
C ARG MA 175 -65.07 -54.49 -16.01
N GLU MA 176 -66.12 -54.90 -15.29
CA GLU MA 176 -65.90 -55.86 -14.21
C GLU MA 176 -65.66 -57.26 -14.75
N ARG MA 177 -66.26 -57.61 -15.89
CA ARG MA 177 -66.09 -58.93 -16.50
C ARG MA 177 -65.62 -58.78 -17.94
N PRO MA 178 -64.31 -58.58 -18.16
CA PRO MA 178 -63.78 -58.45 -19.53
C PRO MA 178 -63.87 -59.74 -20.33
N ALA NA 41 -83.24 -77.76 -27.49
CA ALA NA 41 -83.46 -76.54 -26.71
C ALA NA 41 -82.75 -76.61 -25.36
N HIS NA 42 -82.08 -75.51 -25.01
CA HIS NA 42 -81.37 -75.42 -23.73
C HIS NA 42 -82.31 -74.90 -22.66
N ILE NA 43 -81.74 -74.64 -21.48
CA ILE NA 43 -82.50 -74.22 -20.31
C ILE NA 43 -82.50 -72.70 -20.25
N GLU NA 44 -83.68 -72.11 -20.19
CA GLU NA 44 -83.88 -70.66 -20.09
C GLU NA 44 -83.99 -70.28 -18.62
N PRO NA 45 -83.26 -69.25 -18.16
CA PRO NA 45 -83.30 -68.90 -16.73
C PRO NA 45 -84.63 -68.30 -16.31
N ARG NA 46 -85.08 -68.69 -15.13
CA ARG NA 46 -86.35 -68.26 -14.56
C ARG NA 46 -86.09 -67.32 -13.39
N TYR NA 47 -87.19 -66.85 -12.79
CA TYR NA 47 -87.10 -65.86 -11.71
C TYR NA 47 -88.02 -66.28 -10.57
N ARG NA 48 -87.41 -66.51 -9.39
CA ARG NA 48 -88.09 -66.85 -8.14
C ARG NA 48 -88.95 -68.10 -8.24
N GLN NA 49 -88.54 -69.07 -9.05
CA GLN NA 49 -89.31 -70.29 -9.21
C GLN NA 49 -88.37 -71.42 -9.58
N PHE NA 50 -88.90 -72.65 -9.47
CA PHE NA 50 -88.11 -73.86 -9.70
C PHE NA 50 -87.71 -73.96 -11.17
N PRO NA 51 -86.44 -74.24 -11.46
CA PRO NA 51 -85.94 -74.10 -12.84
C PRO NA 51 -86.41 -75.22 -13.76
N GLN NA 52 -86.26 -74.95 -15.05
CA GLN NA 52 -86.55 -75.95 -16.07
C GLN NA 52 -85.54 -77.08 -16.01
N LEU NA 53 -86.02 -78.30 -15.85
CA LEU NA 53 -85.17 -79.48 -15.81
C LEU NA 53 -85.28 -80.23 -17.14
N THR NA 54 -84.22 -80.97 -17.45
CA THR NA 54 -84.22 -81.88 -18.58
C THR NA 54 -84.61 -83.27 -18.10
N ARG NA 55 -85.29 -84.03 -18.94
CA ARG NA 55 -85.62 -85.42 -18.63
C ARG NA 55 -84.37 -86.27 -18.53
N SER NA 56 -83.33 -85.94 -19.30
CA SER NA 56 -82.14 -86.77 -19.41
C SER NA 56 -81.33 -86.74 -18.13
N GLN NA 57 -81.15 -85.56 -17.53
CA GLN NA 57 -80.39 -85.47 -16.28
C GLN NA 57 -81.12 -86.15 -15.13
N VAL NA 58 -82.46 -86.12 -15.14
CA VAL NA 58 -83.23 -86.74 -14.07
C VAL NA 58 -83.17 -88.27 -14.21
N ILE NA 59 -83.24 -88.79 -15.44
CA ILE NA 59 -83.17 -90.24 -15.58
C ILE NA 59 -81.75 -90.74 -15.34
N GLN NA 60 -80.71 -89.94 -15.65
CA GLN NA 60 -79.35 -90.34 -15.30
C GLN NA 60 -79.13 -90.33 -13.80
N ALA NA 61 -79.67 -89.34 -13.09
CA ALA NA 61 -79.56 -89.28 -11.64
C ALA NA 61 -80.26 -90.45 -10.97
N GLU NA 62 -81.47 -90.77 -11.43
CA GLU NA 62 -82.19 -91.93 -10.88
C GLU NA 62 -81.50 -93.24 -11.24
N PHE NA 63 -80.89 -93.32 -12.44
CA PHE NA 63 -80.20 -94.53 -12.85
C PHE NA 63 -78.96 -94.79 -12.00
N PHE NA 64 -78.18 -93.75 -11.71
CA PHE NA 64 -76.99 -94.01 -10.91
C PHE NA 64 -77.31 -94.15 -9.42
N SER NA 65 -78.39 -93.53 -8.93
CA SER NA 65 -78.84 -93.83 -7.58
C SER NA 65 -79.29 -95.29 -7.45
N ALA NA 66 -80.02 -95.77 -8.45
CA ALA NA 66 -80.43 -97.17 -8.48
C ALA NA 66 -79.23 -98.10 -8.62
N THR NA 67 -78.21 -97.67 -9.37
CA THR NA 67 -77.01 -98.49 -9.54
C THR NA 67 -76.22 -98.56 -8.24
N MET NA 68 -76.14 -97.45 -7.50
CA MET NA 68 -75.49 -97.47 -6.18
C MET NA 68 -76.20 -98.42 -5.23
N TRP NA 69 -77.53 -98.28 -5.09
CA TRP NA 69 -78.23 -99.13 -4.13
C TRP NA 69 -78.27 -100.58 -4.58
N PHE NA 70 -78.31 -100.83 -5.90
CA PHE NA 70 -78.22 -102.19 -6.42
C PHE NA 70 -76.88 -102.82 -6.10
N TRP NA 71 -75.79 -102.08 -6.32
CA TRP NA 71 -74.46 -102.63 -6.06
C TRP NA 71 -74.21 -102.85 -4.58
N ILE NA 72 -74.74 -101.96 -3.73
CA ILE NA 72 -74.58 -102.12 -2.29
C ILE NA 72 -75.35 -103.34 -1.79
N LEU NA 73 -76.63 -103.48 -2.20
CA LEU NA 73 -77.40 -104.65 -1.81
C LEU NA 73 -76.85 -105.93 -2.41
N TRP NA 74 -76.29 -105.86 -3.62
CA TRP NA 74 -75.75 -107.04 -4.29
C TRP NA 74 -74.49 -107.54 -3.60
N ARG NA 75 -73.56 -106.64 -3.30
CA ARG NA 75 -72.34 -107.05 -2.62
C ARG NA 75 -72.57 -107.39 -1.16
N PHE NA 76 -73.56 -106.76 -0.51
CA PHE NA 76 -73.94 -107.18 0.83
C PHE NA 76 -74.67 -108.52 0.81
N TRP NA 77 -75.28 -108.88 -0.33
CA TRP NA 77 -75.89 -110.19 -0.46
C TRP NA 77 -74.84 -111.27 -0.65
N HIS NA 78 -73.85 -111.04 -1.51
CA HIS NA 78 -72.90 -112.09 -1.82
C HIS NA 78 -71.75 -112.19 -0.81
N ASP NA 79 -71.26 -111.07 -0.31
CA ASP NA 79 -70.12 -111.16 0.59
C ASP NA 79 -70.57 -111.35 2.03
N SER NA 80 -71.28 -110.35 2.57
CA SER NA 80 -71.97 -110.36 3.87
C SER NA 80 -71.07 -110.59 5.09
N ASP NA 81 -69.76 -110.69 4.88
CA ASP NA 81 -68.80 -110.93 5.95
C ASP NA 81 -67.69 -109.91 6.00
N ALA NA 82 -67.51 -109.12 4.96
CA ALA NA 82 -66.62 -107.97 5.03
C ALA NA 82 -67.15 -106.90 5.97
N VAL NA 83 -68.46 -106.88 6.22
CA VAL NA 83 -69.05 -105.98 7.19
C VAL NA 83 -69.18 -106.71 8.52
N LEU NA 84 -69.90 -107.83 8.53
CA LEU NA 84 -70.31 -108.47 9.77
C LEU NA 84 -69.22 -109.31 10.43
N GLY NA 85 -68.29 -109.86 9.65
CA GLY NA 85 -67.28 -110.73 10.22
C GLY NA 85 -67.03 -111.98 9.41
N HIS NA 86 -65.77 -112.22 9.04
CA HIS NA 86 -65.43 -113.35 8.19
C HIS NA 86 -65.38 -114.67 8.96
N PHE NA 87 -64.84 -114.65 10.16
CA PHE NA 87 -64.58 -115.87 10.91
C PHE NA 87 -64.99 -115.68 12.36
N PRO NA 88 -65.44 -116.74 13.03
CA PRO NA 88 -65.89 -116.60 14.42
C PRO NA 88 -64.72 -116.38 15.38
N TYR NA 89 -64.91 -115.45 16.30
CA TYR NA 89 -63.89 -115.13 17.30
C TYR NA 89 -64.18 -115.92 18.57
N PRO NA 90 -63.41 -116.96 18.88
CA PRO NA 90 -63.75 -117.83 20.00
C PRO NA 90 -63.43 -117.20 21.36
N ASP NA 91 -64.00 -117.82 22.39
CA ASP NA 91 -63.84 -117.41 23.78
C ASP NA 91 -62.63 -118.12 24.38
N PRO NA 92 -61.66 -117.38 24.93
CA PRO NA 92 -60.54 -118.06 25.61
C PRO NA 92 -60.93 -118.75 26.90
N SER NA 93 -61.95 -118.24 27.61
CA SER NA 93 -62.33 -118.83 28.90
C SER NA 93 -63.01 -120.17 28.74
N GLN NA 94 -63.61 -120.46 27.59
CA GLN NA 94 -64.23 -121.75 27.34
C GLN NA 94 -63.22 -122.84 27.05
N TRP NA 95 -61.95 -122.49 26.86
CA TRP NA 95 -60.93 -123.46 26.53
C TRP NA 95 -60.46 -124.19 27.78
N THR NA 96 -60.46 -125.51 27.72
CA THR NA 96 -60.15 -126.33 28.89
C THR NA 96 -58.65 -126.32 29.16
N ASP NA 97 -58.29 -126.75 30.38
CA ASP NA 97 -56.91 -126.75 30.81
C ASP NA 97 -56.09 -127.90 30.24
N GLU NA 98 -56.73 -128.90 29.65
CA GLU NA 98 -55.97 -130.02 29.09
C GLU NA 98 -55.40 -129.66 27.72
N GLU NA 99 -56.19 -128.98 26.88
CA GLU NA 99 -55.69 -128.55 25.58
C GLU NA 99 -54.72 -127.37 25.71
N LEU NA 100 -54.79 -126.62 26.81
CA LEU NA 100 -53.87 -125.53 27.06
C LEU NA 100 -52.74 -125.90 27.99
N GLY NA 101 -52.76 -127.12 28.55
CA GLY NA 101 -51.67 -127.62 29.36
C GLY NA 101 -51.47 -126.90 30.68
N ILE NA 102 -52.47 -126.97 31.56
CA ILE NA 102 -52.41 -126.36 32.87
C ILE NA 102 -52.52 -127.47 33.91
N PRO NA 103 -51.40 -127.98 34.41
CA PRO NA 103 -51.43 -129.08 35.39
C PRO NA 103 -51.88 -128.58 36.75
N PRO NA 104 -52.85 -129.26 37.38
CA PRO NA 104 -53.26 -128.88 38.73
C PRO NA 104 -52.31 -129.36 39.82
N ASP NA 105 -51.55 -128.44 40.41
CA ASP NA 105 -50.74 -128.74 41.59
C ASP NA 105 -50.92 -127.67 42.65
N ILE OA 32 -37.42 -34.39 -8.24
CA ILE OA 32 -37.17 -34.42 -6.81
C ILE OA 32 -35.96 -33.53 -6.52
N THR OA 33 -35.89 -33.00 -5.31
CA THR OA 33 -34.82 -32.08 -4.91
C THR OA 33 -34.43 -32.41 -3.48
N LYS OA 34 -33.69 -31.50 -2.84
CA LYS OA 34 -33.14 -31.77 -1.52
C LYS OA 34 -34.20 -31.68 -0.43
N ASP OA 35 -34.95 -30.58 -0.38
CA ASP OA 35 -35.88 -30.33 0.72
C ASP OA 35 -37.19 -31.10 0.61
N MET OA 36 -37.30 -32.03 -0.32
CA MET OA 36 -38.41 -32.96 -0.37
C MET OA 36 -37.99 -34.38 0.03
N LEU OA 37 -36.72 -34.56 0.40
CA LEU OA 37 -36.08 -35.76 0.91
C LEU OA 37 -35.97 -35.69 2.43
N PRO OA 38 -35.86 -36.83 3.13
CA PRO OA 38 -35.76 -36.77 4.59
C PRO OA 38 -34.40 -36.28 5.04
N GLY OA 39 -34.36 -35.80 6.28
CA GLY OA 39 -33.15 -35.28 6.84
C GLY OA 39 -32.95 -35.69 8.29
N PRO OA 40 -32.24 -34.87 9.06
CA PRO OA 40 -31.97 -35.20 10.46
C PRO OA 40 -33.21 -35.04 11.32
N TYR OA 41 -33.08 -35.46 12.58
CA TYR OA 41 -34.20 -35.42 13.51
C TYR OA 41 -34.49 -33.99 13.92
N PRO OA 42 -35.76 -33.56 13.89
CA PRO OA 42 -36.08 -32.17 14.24
C PRO OA 42 -36.05 -31.96 15.75
N LYS OA 43 -35.32 -30.92 16.18
CA LYS OA 43 -35.23 -30.56 17.57
C LYS OA 43 -35.97 -29.27 17.90
N THR OA 44 -35.80 -28.23 17.09
CA THR OA 44 -36.64 -27.07 17.21
C THR OA 44 -38.03 -27.37 16.65
N PRO OA 45 -39.09 -26.83 17.27
CA PRO OA 45 -40.44 -27.13 16.79
C PRO OA 45 -40.78 -26.56 15.42
N GLU OA 46 -40.09 -25.50 14.97
CA GLU OA 46 -40.33 -25.02 13.61
C GLU OA 46 -39.72 -25.97 12.58
N GLU OA 47 -38.64 -26.67 12.94
CA GLU OA 47 -38.12 -27.72 12.07
C GLU OA 47 -39.07 -28.91 12.03
N ARG OA 48 -39.75 -29.19 13.15
CA ARG OA 48 -40.79 -30.21 13.19
C ARG OA 48 -41.98 -29.81 12.32
N ALA OA 49 -42.32 -28.53 12.31
CA ALA OA 49 -43.40 -28.05 11.45
C ALA OA 49 -43.02 -28.12 9.98
N ALA OA 50 -41.76 -27.82 9.66
CA ALA OA 50 -41.28 -27.93 8.28
C ALA OA 50 -41.25 -29.38 7.83
N ALA OA 51 -40.90 -30.30 8.73
CA ALA OA 51 -40.92 -31.72 8.40
C ALA OA 51 -42.35 -32.22 8.21
N ALA OA 52 -43.28 -31.75 9.04
CA ALA OA 52 -44.69 -32.16 8.89
C ALA OA 52 -45.28 -31.61 7.60
N LYS OA 53 -44.88 -30.40 7.20
CA LYS OA 53 -45.28 -29.88 5.90
C LYS OA 53 -44.64 -30.65 4.76
N LYS OA 54 -43.42 -31.16 4.99
CA LYS OA 54 -42.72 -31.95 3.96
C LYS OA 54 -43.42 -33.28 3.71
N TYR OA 55 -43.78 -34.00 4.77
CA TYR OA 55 -44.44 -35.28 4.63
C TYR OA 55 -45.94 -35.18 4.39
N ASN OA 56 -46.47 -33.96 4.29
CA ASN OA 56 -47.88 -33.67 3.99
C ASN OA 56 -48.81 -34.29 5.04
N MET OA 57 -48.62 -33.85 6.29
CA MET OA 57 -49.39 -34.36 7.41
C MET OA 57 -49.38 -33.32 8.51
N ARG OA 58 -50.34 -33.45 9.43
CA ARG OA 58 -50.52 -32.47 10.49
C ARG OA 58 -49.38 -32.55 11.50
N VAL OA 59 -49.07 -31.41 12.10
CA VAL OA 59 -47.99 -31.34 13.09
C VAL OA 59 -48.40 -32.08 14.35
N GLU OA 60 -49.70 -32.07 14.68
CA GLU OA 60 -50.19 -32.88 15.79
C GLU OA 60 -50.15 -34.36 15.46
N ASP OA 61 -50.33 -34.71 14.19
CA ASP OA 61 -50.22 -36.09 13.74
C ASP OA 61 -48.79 -36.52 13.46
N TYR OA 62 -47.89 -35.57 13.28
CA TYR OA 62 -46.48 -35.87 13.00
C TYR OA 62 -45.79 -36.29 14.29
N GLU OA 63 -45.77 -37.59 14.53
CA GLU OA 63 -44.83 -38.15 15.50
C GLU OA 63 -43.71 -38.84 14.75
N PRO OA 64 -42.48 -38.37 14.86
CA PRO OA 64 -41.35 -39.11 14.29
C PRO OA 64 -40.94 -40.24 15.22
N TYR OA 65 -40.05 -41.09 14.71
CA TYR OA 65 -39.42 -42.10 15.52
C TYR OA 65 -38.54 -41.44 16.57
N PRO OA 66 -38.43 -42.02 17.77
CA PRO OA 66 -37.59 -41.42 18.82
C PRO OA 66 -36.12 -41.49 18.45
N ASP OA 67 -35.43 -40.36 18.61
CA ASP OA 67 -34.05 -40.21 18.15
C ASP OA 67 -33.12 -40.95 19.11
N ASP OA 68 -33.10 -42.27 18.99
CA ASP OA 68 -32.19 -43.11 19.75
C ASP OA 68 -30.99 -43.55 18.93
N GLY OA 69 -30.94 -43.16 17.66
CA GLY OA 69 -29.84 -43.54 16.80
C GLY OA 69 -30.07 -44.76 15.96
N MET OA 70 -31.31 -45.09 15.63
CA MET OA 70 -31.59 -46.26 14.79
C MET OA 70 -31.56 -45.96 13.31
N GLY OA 71 -31.53 -44.70 12.92
CA GLY OA 71 -31.41 -44.33 11.52
C GLY OA 71 -32.67 -43.85 10.84
N TYR OA 72 -33.65 -43.36 11.59
CA TYR OA 72 -34.90 -42.90 11.00
C TYR OA 72 -34.87 -41.43 10.61
N GLY OA 73 -34.18 -40.59 11.39
CA GLY OA 73 -34.12 -39.18 11.07
C GLY OA 73 -35.42 -38.48 11.40
N ASP OA 74 -35.94 -37.72 10.44
CA ASP OA 74 -37.22 -37.04 10.60
C ASP OA 74 -38.39 -37.84 10.04
N TYR OA 75 -38.22 -39.14 9.83
CA TYR OA 75 -39.28 -39.93 9.22
C TYR OA 75 -40.39 -40.18 10.26
N PRO OA 76 -41.65 -40.04 9.86
CA PRO OA 76 -42.74 -40.14 10.83
C PRO OA 76 -42.99 -41.56 11.29
N LYS OA 77 -43.38 -41.69 12.55
CA LYS OA 77 -43.83 -42.97 13.09
C LYS OA 77 -45.32 -43.08 12.81
N LEU OA 78 -45.65 -43.62 11.64
CA LEU OA 78 -47.02 -43.93 11.29
C LEU OA 78 -47.52 -45.06 12.20
N PRO OA 79 -48.86 -45.16 12.45
CA PRO OA 79 -49.33 -45.89 13.64
C PRO OA 79 -49.20 -47.41 13.65
N ASP OA 80 -48.43 -47.99 12.71
CA ASP OA 80 -48.03 -49.40 12.68
C ASP OA 80 -49.23 -50.33 12.45
N ARG OA 81 -50.11 -49.95 11.52
CA ARG OA 81 -51.21 -50.81 11.12
C ARG OA 81 -50.96 -51.36 9.73
N SER OA 82 -51.58 -52.50 9.45
CA SER OA 82 -51.46 -53.10 8.13
C SER OA 82 -52.36 -52.38 7.14
N GLN OA 83 -52.15 -52.68 5.85
CA GLN OA 83 -52.99 -52.12 4.81
C GLN OA 83 -54.30 -52.86 4.65
N GLN OA 84 -54.47 -53.99 5.33
CA GLN OA 84 -55.75 -54.71 5.30
C GLN OA 84 -56.83 -53.94 6.05
N GLU OA 85 -56.46 -53.17 7.06
CA GLU OA 85 -57.42 -52.39 7.83
C GLU OA 85 -57.88 -51.13 7.11
N ARG OA 86 -57.27 -50.78 5.98
CA ARG OA 86 -57.73 -49.66 5.19
C ARG OA 86 -59.11 -49.95 4.59
N ASP OA 87 -59.82 -48.89 4.25
CA ASP OA 87 -61.16 -49.01 3.70
C ASP OA 87 -61.07 -49.49 2.26
N PRO OA 88 -61.59 -50.67 1.91
CA PRO OA 88 -61.47 -51.15 0.54
C PRO OA 88 -62.42 -50.48 -0.43
N TRP OA 89 -63.56 -49.97 0.03
CA TRP OA 89 -64.50 -49.32 -0.88
C TRP OA 89 -64.10 -47.89 -1.21
N TYR OA 90 -63.11 -47.34 -0.52
CA TYR OA 90 -62.59 -46.02 -0.85
C TYR OA 90 -61.90 -46.04 -2.22
N ASP OA 91 -62.00 -44.93 -2.94
CA ASP OA 91 -61.34 -44.81 -4.23
C ASP OA 91 -59.87 -44.52 -3.98
N TRP OA 92 -59.06 -45.57 -3.97
CA TRP OA 92 -57.64 -45.42 -3.70
C TRP OA 92 -56.88 -45.07 -4.97
N ASP OA 93 -55.80 -44.31 -4.80
CA ASP OA 93 -54.89 -44.07 -5.91
C ASP OA 93 -54.11 -45.33 -6.26
N HIS OA 94 -53.86 -46.18 -5.27
CA HIS OA 94 -53.27 -47.51 -5.47
C HIS OA 94 -54.21 -48.52 -4.83
N PRO OA 95 -55.04 -49.22 -5.62
CA PRO OA 95 -56.08 -50.06 -5.00
C PRO OA 95 -55.54 -51.31 -4.34
N ASP OA 96 -54.56 -51.98 -4.96
CA ASP OA 96 -54.02 -53.22 -4.39
C ASP OA 96 -53.24 -52.97 -3.11
N LEU OA 97 -52.63 -51.79 -2.99
CA LEU OA 97 -51.90 -51.43 -1.79
C LEU OA 97 -52.76 -50.69 -0.79
N ARG OA 98 -53.95 -50.23 -1.21
CA ARG OA 98 -54.87 -49.40 -0.43
C ARG OA 98 -54.15 -48.15 0.11
N LEU OA 99 -53.52 -47.44 -0.81
CA LEU OA 99 -52.67 -46.31 -0.49
C LEU OA 99 -52.90 -45.21 -1.51
N ASN OA 100 -52.69 -43.97 -1.10
CA ASN OA 100 -52.94 -42.81 -1.94
C ASN OA 100 -51.64 -42.19 -2.42
N TRP OA 101 -51.76 -41.09 -3.15
CA TRP OA 101 -50.61 -40.36 -3.65
C TRP OA 101 -50.23 -39.27 -2.67
N GLY OA 102 -48.93 -39.11 -2.43
CA GLY OA 102 -48.45 -38.12 -1.51
C GLY OA 102 -48.63 -38.43 -0.04
N GLU OA 103 -49.35 -39.49 0.29
CA GLU OA 103 -49.51 -39.93 1.67
C GLU OA 103 -48.18 -40.45 2.19
N PRO OA 104 -47.75 -40.05 3.38
CA PRO OA 104 -46.49 -40.58 3.93
C PRO OA 104 -46.63 -42.07 4.24
N MET OA 105 -45.81 -42.87 3.56
CA MET OA 105 -45.88 -44.31 3.71
C MET OA 105 -45.35 -44.74 5.07
N HIS OA 106 -45.76 -45.92 5.51
CA HIS OA 106 -45.20 -46.49 6.71
C HIS OA 106 -43.78 -46.97 6.43
N TRP OA 107 -42.96 -47.04 7.48
CA TRP OA 107 -41.57 -47.46 7.33
C TRP OA 107 -41.46 -48.92 6.87
N ASP OA 108 -42.45 -49.72 7.20
CA ASP OA 108 -42.53 -51.13 6.82
C ASP OA 108 -43.66 -51.36 5.82
N LEU OA 109 -43.79 -50.47 4.83
CA LEU OA 109 -44.87 -50.59 3.86
C LEU OA 109 -44.74 -51.83 3.00
N ASP OA 110 -43.50 -52.28 2.76
CA ASP OA 110 -43.30 -53.56 2.08
C ASP OA 110 -43.76 -54.73 2.94
N MET OA 111 -43.75 -54.55 4.26
CA MET OA 111 -44.14 -55.61 5.19
C MET OA 111 -45.65 -55.64 5.40
N TYR OA 112 -46.30 -54.48 5.45
CA TYR OA 112 -47.73 -54.44 5.76
C TYR OA 112 -48.61 -54.46 4.52
N ILE OA 113 -48.10 -54.97 3.40
CA ILE OA 113 -48.98 -55.22 2.25
C ILE OA 113 -49.91 -56.38 2.56
N ARG OA 114 -50.96 -56.50 1.74
CA ARG OA 114 -51.95 -57.54 1.97
C ARG OA 114 -51.45 -58.93 1.59
N ASN OA 115 -50.32 -59.02 0.89
CA ASN OA 115 -49.63 -60.28 0.63
C ASN OA 115 -48.90 -60.81 1.85
N ARG OA 116 -48.84 -60.04 2.94
CA ARG OA 116 -47.94 -60.30 4.05
C ARG OA 116 -48.68 -60.00 5.34
N VAL OA 117 -47.91 -59.74 6.40
CA VAL OA 117 -48.32 -59.54 7.80
C VAL OA 117 -49.52 -58.63 7.96
N ASP OA 118 -50.55 -59.14 8.65
CA ASP OA 118 -51.77 -58.42 8.91
C ASP OA 118 -51.88 -58.12 10.40
N THR OA 119 -52.49 -56.98 10.72
CA THR OA 119 -52.72 -56.57 12.10
C THR OA 119 -54.21 -56.46 12.42
N SER OA 120 -55.07 -57.05 11.59
CA SER OA 120 -56.51 -56.86 11.68
C SER OA 120 -57.07 -57.44 12.97
N PRO OA 121 -58.14 -56.85 13.51
CA PRO OA 121 -58.70 -57.35 14.78
C PRO OA 121 -59.39 -58.70 14.59
N THR OA 122 -58.94 -59.65 15.33
CA THR OA 122 -59.42 -61.02 15.40
C THR OA 122 -60.68 -61.09 16.25
N PRO OA 123 -61.58 -62.04 15.99
CA PRO OA 123 -62.76 -62.19 16.86
C PRO OA 123 -62.42 -62.61 18.28
N VAL OA 124 -61.36 -63.38 18.46
CA VAL OA 124 -60.93 -63.86 19.76
C VAL OA 124 -59.65 -63.12 20.13
N ASN OA 125 -59.45 -62.90 21.43
CA ASN OA 125 -58.27 -62.18 21.91
C ASN OA 125 -57.00 -62.96 21.57
N TRP OA 126 -55.91 -62.20 21.40
CA TRP OA 126 -54.63 -62.78 20.98
C TRP OA 126 -54.04 -63.68 22.06
N ASN OA 127 -54.06 -63.22 23.31
CA ASN OA 127 -53.55 -64.01 24.42
C ASN OA 127 -54.42 -65.23 24.66
N LEU OA 128 -55.74 -65.09 24.46
CA LEU OA 128 -56.64 -66.24 24.62
C LEU OA 128 -56.42 -67.27 23.51
N MET OA 129 -56.14 -66.79 22.29
CA MET OA 129 -55.76 -67.69 21.21
C MET OA 129 -54.47 -68.44 21.52
N CYS OA 130 -53.48 -67.73 22.08
CA CYS OA 130 -52.22 -68.38 22.46
C CYS OA 130 -52.43 -69.43 23.53
N LYS OA 131 -53.27 -69.12 24.53
CA LYS OA 131 -53.59 -70.07 25.60
C LYS OA 131 -54.27 -71.32 25.05
N HIS OA 132 -55.30 -71.13 24.21
CA HIS OA 132 -56.05 -72.26 23.69
C HIS OA 132 -55.21 -73.12 22.75
N LEU OA 133 -54.43 -72.50 21.86
CA LEU OA 133 -53.59 -73.27 20.94
C LEU OA 133 -52.49 -74.02 21.66
N PHE OA 134 -51.81 -73.37 22.61
CA PHE OA 134 -50.73 -74.03 23.33
C PHE OA 134 -51.25 -75.14 24.21
N GLY OA 135 -52.40 -74.93 24.87
CA GLY OA 135 -52.98 -75.98 25.69
C GLY OA 135 -53.46 -77.17 24.89
N PHE OA 136 -54.05 -76.91 23.70
CA PHE OA 136 -54.51 -78.00 22.85
C PHE OA 136 -53.35 -78.83 22.32
N VAL OA 137 -52.29 -78.17 21.82
CA VAL OA 137 -51.15 -78.89 21.27
C VAL OA 137 -50.41 -79.63 22.38
N ALA OA 138 -50.27 -79.02 23.56
CA ALA OA 138 -49.56 -79.67 24.65
C ALA OA 138 -50.34 -80.87 25.20
N PHE OA 139 -51.67 -80.75 25.30
CA PHE OA 139 -52.46 -81.88 25.77
C PHE OA 139 -52.48 -83.01 24.76
N MET OA 140 -52.53 -82.69 23.47
CA MET OA 140 -52.51 -83.75 22.45
C MET OA 140 -51.18 -84.48 22.41
N LEU OA 141 -50.05 -83.74 22.49
CA LEU OA 141 -48.74 -84.39 22.50
C LEU OA 141 -48.52 -85.19 23.78
N PHE OA 142 -49.02 -84.69 24.92
CA PHE OA 142 -48.92 -85.43 26.16
C PHE OA 142 -49.74 -86.72 26.11
N MET OA 143 -50.90 -86.67 25.46
CA MET OA 143 -51.68 -87.91 25.35
C MET OA 143 -51.12 -88.86 24.32
N PHE OA 144 -50.41 -88.37 23.30
CA PHE OA 144 -49.66 -89.28 22.44
C PHE OA 144 -48.55 -89.98 23.21
N TRP OA 145 -47.89 -89.25 24.11
CA TRP OA 145 -46.85 -89.89 24.93
C TRP OA 145 -47.45 -90.86 25.95
N VAL OA 146 -48.64 -90.56 26.48
CA VAL OA 146 -49.32 -91.47 27.39
C VAL OA 146 -49.72 -92.75 26.67
N GLY OA 147 -50.32 -92.62 25.49
CA GLY OA 147 -50.71 -93.79 24.72
C GLY OA 147 -49.52 -94.56 24.17
N GLU OA 148 -48.38 -93.88 23.97
CA GLU OA 148 -47.15 -94.57 23.65
C GLU OA 148 -46.64 -95.36 24.86
N THR OA 149 -46.83 -94.81 26.06
CA THR OA 149 -46.44 -95.51 27.28
C THR OA 149 -47.33 -96.71 27.53
N TYR OA 150 -48.64 -96.58 27.31
CA TYR OA 150 -49.61 -97.64 27.51
C TYR OA 150 -50.30 -97.95 26.17
N PRO OA 151 -49.70 -98.79 25.33
CA PRO OA 151 -50.29 -99.08 24.03
C PRO OA 151 -51.40 -100.11 24.14
N THR OA 152 -52.22 -100.16 23.09
CA THR OA 152 -53.17 -101.24 22.92
C THR OA 152 -52.55 -102.36 22.09
N TYR OA 153 -53.10 -103.56 22.25
CA TYR OA 153 -52.64 -104.73 21.51
C TYR OA 153 -53.79 -105.73 21.48
N GLN OA 154 -53.47 -106.96 21.06
CA GLN OA 154 -54.44 -108.04 20.92
C GLN OA 154 -54.02 -109.24 21.77
N PRO OA 155 -54.97 -110.03 22.28
CA PRO OA 155 -54.61 -111.14 23.20
C PRO OA 155 -54.05 -112.35 22.47
N VAL OA 156 -52.89 -112.15 21.83
CA VAL OA 156 -52.28 -113.17 20.99
C VAL OA 156 -50.81 -113.32 21.38
N GLY OA 157 -50.24 -114.45 21.00
CA GLY OA 157 -48.81 -114.64 21.11
C GLY OA 157 -48.08 -113.98 19.97
N PRO OA 158 -46.77 -114.20 19.92
CA PRO OA 158 -45.99 -113.66 18.80
C PRO OA 158 -46.27 -114.45 17.53
N LYS OA 159 -46.13 -113.78 16.39
CA LYS OA 159 -46.29 -114.45 15.12
C LYS OA 159 -45.12 -115.39 14.87
N GLN OA 160 -45.44 -116.61 14.45
CA GLN OA 160 -44.47 -117.69 14.39
C GLN OA 160 -44.08 -117.97 12.95
N TYR OA 161 -42.78 -117.98 12.67
CA TYR OA 161 -42.27 -118.23 11.34
C TYR OA 161 -41.38 -119.47 11.33
N PRO OA 162 -41.46 -120.29 10.30
CA PRO OA 162 -40.68 -121.55 10.27
C PRO OA 162 -39.22 -121.28 9.93
N TYR OA 163 -38.47 -122.38 9.88
CA TYR OA 163 -37.05 -122.41 9.47
C TYR OA 163 -36.18 -121.52 10.36
N ASN OA 164 -36.39 -121.67 11.68
CA ASN OA 164 -35.68 -120.93 12.73
C ASN OA 164 -35.86 -119.43 12.58
N ASN OA 165 -37.12 -119.00 12.64
CA ASN OA 165 -37.55 -117.60 12.50
C ASN OA 165 -37.12 -117.01 11.16
N LEU OA 166 -37.05 -117.88 10.14
CA LEU OA 166 -36.58 -117.56 8.78
C LEU OA 166 -35.18 -116.93 8.81
N TYR OA 167 -34.22 -117.76 9.24
CA TYR OA 167 -32.84 -117.30 9.37
C TYR OA 167 -32.23 -116.99 8.01
N LEU OA 168 -32.41 -117.89 7.04
CA LEU OA 168 -31.82 -117.69 5.72
C LEU OA 168 -32.55 -116.64 4.90
N GLU OA 169 -33.72 -116.19 5.34
CA GLU OA 169 -34.48 -115.17 4.62
C GLU OA 169 -34.26 -113.78 5.18
N ARG OA 170 -34.03 -113.65 6.50
CA ARG OA 170 -33.72 -112.38 7.13
C ARG OA 170 -32.26 -111.96 6.96
N GLY OA 171 -31.52 -112.59 6.05
CA GLY OA 171 -30.14 -112.21 5.80
C GLY OA 171 -29.10 -113.01 6.55
N GLY OA 172 -29.43 -114.21 7.00
CA GLY OA 172 -28.47 -115.01 7.74
C GLY OA 172 -27.50 -115.73 6.82
N ASP OA 173 -26.25 -115.74 7.23
CA ASP OA 173 -25.22 -116.41 6.43
C ASP OA 173 -25.33 -117.92 6.60
N PRO OA 174 -25.34 -118.69 5.50
CA PRO OA 174 -25.57 -120.14 5.61
C PRO OA 174 -24.39 -120.93 6.13
N ASN OA 175 -23.19 -120.34 6.17
CA ASN OA 175 -22.04 -121.04 6.73
C ASN OA 175 -22.19 -121.23 8.24
N LYS OA 176 -22.82 -120.28 8.92
CA LYS OA 176 -23.15 -120.43 10.32
C LYS OA 176 -24.43 -121.26 10.47
N GLU OA 177 -24.73 -121.63 11.71
CA GLU OA 177 -25.91 -122.43 12.02
C GLU OA 177 -26.66 -121.75 13.15
N PRO OA 178 -27.92 -121.39 12.96
CA PRO OA 178 -28.67 -120.70 14.02
C PRO OA 178 -29.13 -121.67 15.10
N GLU OA 179 -29.47 -121.11 16.25
CA GLU OA 179 -30.03 -121.90 17.33
C GLU OA 179 -31.42 -122.40 16.96
N PRO OA 180 -31.83 -123.57 17.47
CA PRO OA 180 -33.14 -124.12 17.09
C PRO OA 180 -34.31 -123.33 17.64
N VAL OA 181 -35.00 -122.60 16.76
CA VAL OA 181 -36.24 -121.91 17.10
C VAL OA 181 -37.37 -122.84 16.65
N VAL OA 182 -37.91 -123.60 17.59
CA VAL OA 182 -38.87 -124.66 17.31
C VAL OA 182 -40.22 -124.26 17.90
N HIS OA 183 -41.24 -124.17 17.06
CA HIS OA 183 -42.58 -123.87 17.50
C HIS OA 183 -43.44 -125.12 17.47
N TYR OA 184 -44.38 -125.21 18.41
CA TYR OA 184 -45.15 -126.41 18.63
C TYR OA 184 -46.64 -126.16 18.41
N GLU OA 185 -47.41 -127.25 18.36
CA GLU OA 185 -48.85 -127.16 18.19
C GLU OA 185 -49.51 -126.74 19.50
N ILE OA 186 -50.68 -126.11 19.37
CA ILE OA 186 -51.49 -125.74 20.52
C ILE OA 186 -52.95 -125.71 20.13
N THR PA 52 -32.98 -15.65 -6.32
CA THR PA 52 -32.09 -15.64 -7.46
C THR PA 52 -32.47 -16.75 -8.44
N LEU PA 53 -31.72 -16.86 -9.53
CA LEU PA 53 -31.89 -17.91 -10.52
C LEU PA 53 -30.74 -18.90 -10.41
N ARG PA 54 -30.87 -19.99 -11.15
CA ARG PA 54 -29.85 -21.02 -11.24
C ARG PA 54 -29.26 -20.92 -12.64
N TRP PA 55 -28.32 -21.81 -12.97
CA TRP PA 55 -27.50 -21.63 -14.18
C TRP PA 55 -28.30 -21.96 -15.45
N GLN PA 56 -27.63 -21.83 -16.59
CA GLN PA 56 -28.23 -22.11 -17.89
C GLN PA 56 -28.11 -23.59 -18.19
N GLU PA 57 -29.25 -24.28 -18.28
CA GLU PA 57 -29.27 -25.73 -18.35
C GLU PA 57 -30.29 -26.20 -19.38
N ASP PA 58 -29.96 -27.27 -20.09
CA ASP PA 58 -30.93 -27.92 -20.96
C ASP PA 58 -32.07 -28.50 -20.12
N PRO PA 59 -33.30 -28.53 -20.64
CA PRO PA 59 -34.37 -29.25 -19.95
C PRO PA 59 -34.18 -30.75 -20.09
N GLU PA 60 -34.84 -31.48 -19.21
CA GLU PA 60 -34.77 -32.93 -19.21
C GLU PA 60 -35.48 -33.48 -20.43
N PRO PA 61 -34.80 -34.23 -21.30
CA PRO PA 61 -35.44 -34.68 -22.54
C PRO PA 61 -36.40 -35.83 -22.28
N GLU PA 62 -37.49 -35.86 -23.05
CA GLU PA 62 -38.45 -36.94 -22.93
C GLU PA 62 -37.86 -38.23 -23.50
N ASP PA 63 -38.35 -39.35 -22.99
CA ASP PA 63 -37.88 -40.63 -23.50
C ASP PA 63 -38.46 -40.91 -24.88
N GLU PA 64 -37.59 -41.27 -25.81
CA GLU PA 64 -38.04 -41.55 -27.16
C GLU PA 64 -38.68 -42.92 -27.23
N ASN PA 65 -39.75 -43.03 -28.01
CA ASN PA 65 -40.45 -44.28 -28.23
C ASN PA 65 -40.07 -44.78 -29.61
N LEU PA 66 -39.44 -45.95 -29.65
CA LEU PA 66 -39.03 -46.51 -30.93
C LEU PA 66 -40.20 -47.05 -31.73
N TYR PA 67 -41.37 -47.22 -31.11
CA TYR PA 67 -42.54 -47.69 -31.85
C TYR PA 67 -43.32 -46.58 -32.51
N GLU PA 68 -43.12 -45.32 -32.11
CA GLU PA 68 -43.85 -44.22 -32.73
C GLU PA 68 -43.34 -43.95 -34.13
N LYS PA 69 -42.04 -43.74 -34.29
CA LYS PA 69 -41.45 -43.51 -35.60
C LYS PA 69 -41.19 -44.80 -36.36
N ASN PA 70 -41.40 -45.95 -35.76
CA ASN PA 70 -41.10 -47.24 -36.40
C ASN PA 70 -41.98 -48.30 -35.75
N PRO PA 71 -43.15 -48.58 -36.33
CA PRO PA 71 -44.01 -49.62 -35.76
C PRO PA 71 -43.46 -51.03 -35.94
N ASP PA 72 -42.54 -51.25 -36.87
CA ASP PA 72 -41.87 -52.52 -37.06
C ASP PA 72 -40.49 -52.55 -36.44
N SER PA 73 -40.27 -51.78 -35.38
CA SER PA 73 -38.94 -51.70 -34.78
C SER PA 73 -38.64 -52.95 -33.98
N HIS PA 74 -37.37 -53.33 -33.95
CA HIS PA 74 -36.91 -54.43 -33.13
C HIS PA 74 -36.12 -53.96 -31.92
N GLY PA 75 -36.12 -52.66 -31.64
CA GLY PA 75 -35.46 -52.12 -30.47
C GLY PA 75 -33.96 -51.96 -30.58
N TYR PA 76 -33.38 -52.14 -31.76
CA TYR PA 76 -31.94 -52.03 -31.91
C TYR PA 76 -31.50 -50.63 -32.30
N ASP PA 77 -32.10 -50.07 -33.35
CA ASP PA 77 -31.66 -48.79 -33.88
C ASP PA 77 -32.87 -48.08 -34.48
N LYS PA 78 -32.79 -46.75 -34.54
CA LYS PA 78 -33.88 -45.95 -35.07
C LYS PA 78 -33.92 -45.90 -36.58
N ASP PA 79 -32.85 -46.34 -37.26
CA ASP PA 79 -32.91 -46.56 -38.69
C ASP PA 79 -33.45 -47.97 -38.94
N PRO PA 80 -34.57 -48.12 -39.65
CA PRO PA 80 -35.19 -49.45 -39.76
C PRO PA 80 -34.37 -50.47 -40.54
N ALA PA 81 -33.56 -50.06 -41.51
CA ALA PA 81 -32.70 -51.01 -42.19
C ALA PA 81 -31.60 -51.52 -41.26
N VAL PA 82 -31.00 -50.60 -40.50
CA VAL PA 82 -30.01 -50.94 -39.49
C VAL PA 82 -30.65 -51.81 -38.40
N ASP PA 83 -31.89 -51.49 -38.04
CA ASP PA 83 -32.61 -52.23 -37.01
C ASP PA 83 -32.89 -53.66 -37.44
N VAL PA 84 -33.39 -53.84 -38.66
CA VAL PA 84 -33.72 -55.19 -39.13
C VAL PA 84 -32.47 -56.00 -39.39
N TRP PA 85 -31.38 -55.36 -39.86
CA TRP PA 85 -30.16 -56.15 -40.05
C TRP PA 85 -29.47 -56.48 -38.73
N ASN PA 86 -29.64 -55.62 -37.71
CA ASN PA 86 -29.17 -55.97 -36.38
C ASN PA 86 -29.94 -57.15 -35.82
N MET PA 87 -31.27 -57.18 -36.04
CA MET PA 87 -32.08 -58.32 -35.62
C MET PA 87 -31.65 -59.60 -36.35
N ARG PA 88 -31.38 -59.51 -37.66
CA ARG PA 88 -30.96 -60.67 -38.42
C ARG PA 88 -29.61 -61.19 -37.95
N VAL PA 89 -28.66 -60.29 -37.70
CA VAL PA 89 -27.33 -60.68 -37.23
C VAL PA 89 -27.40 -61.32 -35.85
N VAL PA 90 -28.19 -60.72 -34.95
CA VAL PA 90 -28.33 -61.23 -33.58
C VAL PA 90 -28.97 -62.61 -33.58
N PHE PA 91 -30.06 -62.77 -34.33
CA PHE PA 91 -30.75 -64.06 -34.34
C PHE PA 91 -29.94 -65.13 -35.06
N PHE PA 92 -29.34 -64.82 -36.21
CA PHE PA 92 -28.55 -65.80 -36.93
C PHE PA 92 -27.33 -66.23 -36.13
N PHE PA 93 -26.43 -65.30 -35.82
CA PHE PA 93 -25.21 -65.67 -35.11
C PHE PA 93 -25.43 -65.92 -33.63
N GLY PA 94 -26.65 -65.81 -33.10
CA GLY PA 94 -26.90 -66.26 -31.75
C GLY PA 94 -27.52 -67.64 -31.71
N PHE PA 95 -28.60 -67.84 -32.47
CA PHE PA 95 -29.36 -69.08 -32.41
C PHE PA 95 -28.99 -70.05 -33.51
N SER PA 96 -28.89 -69.58 -34.75
CA SER PA 96 -28.65 -70.50 -35.87
C SER PA 96 -27.23 -71.02 -35.85
N ILE PA 97 -26.28 -70.19 -35.42
CA ILE PA 97 -24.89 -70.63 -35.38
C ILE PA 97 -24.58 -71.17 -33.99
N VAL PA 98 -24.62 -70.28 -32.98
CA VAL PA 98 -23.96 -70.59 -31.72
C VAL PA 98 -24.75 -71.64 -30.93
N LEU PA 99 -26.04 -71.42 -30.68
CA LEU PA 99 -26.80 -72.35 -29.85
C LEU PA 99 -26.97 -73.72 -30.50
N VAL PA 100 -27.33 -73.76 -31.78
CA VAL PA 100 -27.57 -75.04 -32.44
C VAL PA 100 -26.25 -75.79 -32.68
N LEU PA 101 -25.25 -75.12 -33.26
CA LEU PA 101 -23.98 -75.78 -33.48
C LEU PA 101 -23.21 -76.03 -32.19
N GLY PA 102 -23.54 -75.32 -31.11
CA GLY PA 102 -22.93 -75.59 -29.83
C GLY PA 102 -23.57 -76.75 -29.12
N SER PA 103 -24.89 -76.90 -29.25
CA SER PA 103 -25.54 -78.12 -28.77
C SER PA 103 -25.03 -79.33 -29.54
N THR PA 104 -24.82 -79.17 -30.85
CA THR PA 104 -24.27 -80.26 -31.65
C THR PA 104 -22.82 -80.55 -31.29
N PHE PA 105 -22.05 -79.51 -30.98
CA PHE PA 105 -20.63 -79.68 -30.68
C PHE PA 105 -20.43 -80.31 -29.32
N VAL PA 106 -21.15 -79.82 -28.30
CA VAL PA 106 -21.04 -80.39 -26.96
C VAL PA 106 -21.68 -81.78 -26.92
N ALA PA 107 -22.72 -82.00 -27.73
CA ALA PA 107 -23.38 -83.30 -27.76
C ALA PA 107 -22.48 -84.38 -28.34
N TYR PA 108 -21.56 -84.02 -29.23
CA TYR PA 108 -20.68 -84.98 -29.86
C TYR PA 108 -19.22 -84.70 -29.53
N LEU PA 109 -18.97 -84.32 -28.27
CA LEU PA 109 -17.59 -84.20 -27.81
C LEU PA 109 -16.92 -85.57 -27.80
N PRO PA 110 -15.67 -85.65 -28.22
CA PRO PA 110 -14.99 -86.94 -28.27
C PRO PA 110 -14.65 -87.46 -26.89
N ASP PA 111 -15.65 -88.06 -26.21
CA ASP PA 111 -15.51 -88.73 -24.91
C ASP PA 111 -14.90 -87.77 -23.88
N TYR PA 112 -15.71 -86.76 -23.53
CA TYR PA 112 -15.28 -85.65 -22.69
C TYR PA 112 -14.79 -86.12 -21.32
N ARG PA 113 -13.48 -85.95 -21.12
CA ARG PA 113 -12.75 -86.40 -19.93
C ARG PA 113 -12.86 -87.90 -19.69
N MET PA 114 -12.89 -88.64 -20.81
CA MET PA 114 -12.58 -90.09 -20.93
C MET PA 114 -13.33 -90.97 -19.93
N GLN PA 115 -14.58 -90.57 -19.63
CA GLN PA 115 -15.42 -91.38 -18.75
C GLN PA 115 -15.85 -92.67 -19.41
N GLU PA 116 -16.11 -92.64 -20.71
CA GLU PA 116 -16.47 -93.86 -21.44
C GLU PA 116 -15.26 -94.78 -21.57
N TRP PA 117 -14.07 -94.19 -21.76
CA TRP PA 117 -12.83 -94.96 -21.74
C TRP PA 117 -12.66 -95.67 -20.40
N ALA PA 118 -12.91 -94.96 -19.31
CA ALA PA 118 -12.70 -95.56 -17.99
C ALA PA 118 -13.75 -96.62 -17.70
N ARG PA 119 -14.97 -96.45 -18.21
CA ARG PA 119 -15.98 -97.50 -18.12
C ARG PA 119 -15.54 -98.75 -18.85
N ARG PA 120 -15.07 -98.61 -20.08
CA ARG PA 120 -14.66 -99.77 -20.87
C ARG PA 120 -13.37 -100.41 -20.33
N GLU PA 121 -12.46 -99.60 -19.80
CA GLU PA 121 -11.24 -100.11 -19.18
C GLU PA 121 -11.55 -100.85 -17.89
N ALA PA 122 -12.50 -100.34 -17.09
CA ALA PA 122 -12.89 -101.02 -15.87
C ALA PA 122 -13.63 -102.31 -16.17
N GLU PA 123 -14.43 -102.36 -17.24
CA GLU PA 123 -15.03 -103.61 -17.66
C GLU PA 123 -13.97 -104.63 -18.05
N ARG PA 124 -12.94 -104.21 -18.79
CA ARG PA 124 -11.84 -105.10 -19.14
C ARG PA 124 -11.09 -105.61 -17.91
N LEU PA 125 -10.86 -104.72 -16.94
CA LEU PA 125 -10.09 -105.12 -15.76
C LEU PA 125 -10.89 -106.03 -14.83
N VAL PA 126 -12.18 -105.77 -14.65
CA VAL PA 126 -13.01 -106.64 -13.83
C VAL PA 126 -13.17 -108.00 -14.49
N LYS PA 127 -13.29 -108.02 -15.84
CA LYS PA 127 -13.35 -109.28 -16.57
C LYS PA 127 -12.04 -110.05 -16.46
N TYR PA 128 -10.92 -109.33 -16.37
CA TYR PA 128 -9.63 -109.99 -16.17
C TYR PA 128 -9.52 -110.58 -14.77
N ARG PA 129 -9.76 -109.77 -13.73
CA ARG PA 129 -9.46 -110.20 -12.38
C ARG PA 129 -10.60 -110.94 -11.71
N GLU PA 130 -11.72 -111.16 -12.39
CA GLU PA 130 -12.70 -112.13 -11.90
C GLU PA 130 -12.41 -113.53 -12.39
N ALA PA 131 -11.92 -113.68 -13.61
CA ALA PA 131 -11.59 -115.00 -14.13
C ALA PA 131 -10.34 -115.57 -13.45
N HIS PA 132 -9.42 -114.71 -13.03
CA HIS PA 132 -8.18 -115.15 -12.40
C HIS PA 132 -8.28 -115.23 -10.89
N GLY PA 133 -9.44 -114.96 -10.30
CA GLY PA 133 -9.60 -115.10 -8.87
C GLY PA 133 -8.99 -114.01 -8.03
N LEU PA 134 -8.51 -112.93 -8.63
CA LEU PA 134 -7.97 -111.81 -7.89
C LEU PA 134 -9.11 -111.04 -7.22
N PRO PA 135 -8.82 -110.30 -6.16
CA PRO PA 135 -9.83 -109.37 -5.63
C PRO PA 135 -10.06 -108.21 -6.58
N LEU PA 136 -11.24 -107.62 -6.49
CA LEU PA 136 -11.63 -106.56 -7.42
C LEU PA 136 -10.80 -105.29 -7.25
N MET PA 137 -10.39 -104.99 -6.02
CA MET PA 137 -9.60 -103.81 -5.76
C MET PA 137 -8.83 -104.04 -4.46
N GLU PA 138 -7.58 -103.60 -4.44
CA GLU PA 138 -6.82 -103.66 -3.20
C GLU PA 138 -7.11 -102.42 -2.35
N SER PA 139 -6.88 -102.56 -1.05
CA SER PA 139 -6.91 -101.40 -0.17
C SER PA 139 -5.65 -100.56 -0.28
N ASN PA 140 -4.59 -101.12 -0.87
CA ASN PA 140 -3.32 -100.43 -1.04
C ASN PA 140 -3.18 -100.02 -2.50
N CYS PA 141 -3.02 -98.73 -2.74
CA CYS PA 141 -2.90 -98.22 -4.11
C CYS PA 141 -1.56 -98.56 -4.73
N PHE PA 142 -0.52 -98.76 -3.92
CA PHE PA 142 0.81 -99.05 -4.42
C PHE PA 142 1.32 -100.33 -3.76
N ASP PA 143 2.34 -100.91 -4.38
CA ASP PA 143 2.92 -102.15 -3.88
C ASP PA 143 3.65 -101.89 -2.56
N PRO PA 144 3.33 -102.63 -1.49
CA PRO PA 144 4.06 -102.44 -0.22
C PRO PA 144 5.50 -102.92 -0.24
N SER PA 145 5.95 -103.61 -1.29
CA SER PA 145 7.37 -103.96 -1.39
C SER PA 145 8.21 -102.75 -1.76
N LYS PA 146 7.66 -101.82 -2.51
CA LYS PA 146 8.36 -100.61 -2.95
C LYS PA 146 7.99 -99.40 -2.09
N ILE PA 147 7.79 -99.61 -0.79
CA ILE PA 147 7.52 -98.54 0.16
C ILE PA 147 8.38 -98.77 1.41
N GLN PA 148 9.15 -97.77 1.80
CA GLN PA 148 9.90 -97.79 3.05
C GLN PA 148 9.10 -97.07 4.13
N LEU PA 149 8.92 -97.72 5.23
CA LEU PA 149 8.21 -97.07 6.33
C LEU PA 149 9.20 -96.53 7.35
N PRO PA 150 8.85 -95.47 8.07
CA PRO PA 150 9.70 -95.03 9.19
C PRO PA 150 9.63 -96.00 10.36
N GLU PA 151 10.72 -96.71 10.59
CA GLU PA 151 10.74 -97.76 11.61
C GLU PA 151 10.73 -97.18 13.01
N ASP PA 152 10.37 -98.03 13.97
CA ASP PA 152 10.23 -97.64 15.36
C ASP PA 152 10.38 -98.86 16.24
N LYS QA 28 -10.51 -20.37 -51.68
CA LYS QA 28 -10.15 -20.45 -50.27
C LYS QA 28 -11.37 -20.55 -49.38
N PHE QA 29 -11.15 -21.05 -48.16
CA PHE QA 29 -12.18 -21.11 -47.13
C PHE QA 29 -11.91 -20.14 -46.00
N TYR QA 30 -10.73 -20.21 -45.40
CA TYR QA 30 -10.46 -19.51 -44.15
C TYR QA 30 -10.15 -18.04 -44.39
N ILE QA 31 -10.42 -17.23 -43.38
CA ILE QA 31 -10.13 -15.81 -43.46
C ILE QA 31 -8.64 -15.53 -43.31
N GLN QA 32 -7.91 -16.43 -42.65
CA GLN QA 32 -6.46 -16.35 -42.50
C GLN QA 32 -5.87 -17.65 -43.01
N GLU QA 33 -4.70 -17.56 -43.61
CA GLU QA 33 -3.99 -18.77 -44.02
C GLU QA 33 -3.49 -19.51 -42.78
N PRO QA 34 -3.88 -20.77 -42.58
CA PRO QA 34 -3.39 -21.52 -41.42
C PRO QA 34 -1.91 -21.85 -41.58
N PRO QA 35 -1.21 -22.12 -40.47
CA PRO QA 35 0.21 -22.48 -40.58
C PRO QA 35 0.44 -23.81 -41.27
N HIS QA 36 -0.52 -24.72 -41.21
CA HIS QA 36 -0.46 -26.01 -41.88
C HIS QA 36 -1.36 -26.05 -43.11
N GLY QA 37 -1.47 -24.94 -43.83
CA GLY QA 37 -2.29 -24.94 -45.03
C GLY QA 37 -1.62 -25.64 -46.19
N SER QA 38 -0.33 -25.41 -46.36
CA SER QA 38 0.51 -26.15 -47.27
C SER QA 38 1.52 -26.97 -46.45
N PRO QA 39 1.83 -28.19 -46.88
CA PRO QA 39 2.77 -29.01 -46.12
C PRO QA 39 4.18 -28.46 -46.15
N ASN QA 40 4.90 -28.66 -45.06
CA ASN QA 40 6.28 -28.22 -44.94
C ASN QA 40 7.15 -29.29 -45.60
N TRP QA 41 7.58 -29.03 -46.84
CA TRP QA 41 8.25 -30.06 -47.61
C TRP QA 41 9.67 -30.32 -47.13
N LEU QA 42 10.31 -29.30 -46.55
CA LEU QA 42 11.60 -29.52 -45.89
C LEU QA 42 11.43 -30.45 -44.69
N LYS QA 43 10.37 -30.26 -43.91
CA LYS QA 43 10.17 -31.07 -42.72
C LYS QA 43 9.76 -32.50 -43.07
N VAL QA 44 8.94 -32.66 -44.11
CA VAL QA 44 8.58 -33.99 -44.60
C VAL QA 44 9.79 -34.70 -45.18
N GLY QA 45 10.64 -33.96 -45.92
CA GLY QA 45 11.83 -34.56 -46.49
C GLY QA 45 12.84 -34.99 -45.45
N LEU QA 46 13.08 -34.15 -44.44
CA LEU QA 46 13.97 -34.53 -43.36
C LEU QA 46 13.39 -35.66 -42.51
N THR QA 47 12.07 -35.70 -42.33
CA THR QA 47 11.43 -36.78 -41.58
C THR QA 47 11.60 -38.12 -42.28
N LEU QA 48 11.32 -38.16 -43.59
CA LEU QA 48 11.45 -39.40 -44.33
C LEU QA 48 12.91 -39.81 -44.48
N GLY QA 49 13.82 -38.85 -44.63
CA GLY QA 49 15.23 -39.17 -44.73
C GLY QA 49 15.79 -39.72 -43.43
N THR QA 50 15.41 -39.12 -42.30
CA THR QA 50 15.84 -39.62 -41.00
C THR QA 50 15.27 -41.00 -40.72
N SER QA 51 14.00 -41.21 -41.06
CA SER QA 51 13.37 -42.50 -40.80
C SER QA 51 13.97 -43.60 -41.69
N ALA QA 52 14.21 -43.29 -42.96
CA ALA QA 52 14.82 -44.27 -43.87
C ALA QA 52 16.25 -44.57 -43.48
N PHE QA 53 16.99 -43.55 -42.99
CA PHE QA 53 18.35 -43.78 -42.52
C PHE QA 53 18.35 -44.67 -41.28
N LEU QA 54 17.39 -44.46 -40.37
CA LEU QA 54 17.32 -45.32 -39.19
C LEU QA 54 16.93 -46.75 -39.55
N TRP QA 55 16.06 -46.94 -40.55
CA TRP QA 55 15.75 -48.30 -40.97
C TRP QA 55 16.93 -49.00 -41.62
N ILE QA 56 17.66 -48.32 -42.52
CA ILE QA 56 18.76 -49.01 -43.18
C ILE QA 56 19.93 -49.20 -42.22
N TYR QA 57 20.10 -48.28 -41.27
CA TYR QA 57 21.11 -48.43 -40.24
C TYR QA 57 20.76 -49.58 -39.31
N LEU QA 58 19.48 -49.76 -39.01
CA LEU QA 58 19.05 -50.87 -38.17
C LEU QA 58 19.24 -52.21 -38.86
N ILE QA 59 18.95 -52.27 -40.16
CA ILE QA 59 19.13 -53.52 -40.91
C ILE QA 59 20.60 -53.86 -41.04
N LYS QA 60 21.45 -52.85 -41.28
CA LYS QA 60 22.89 -53.08 -41.36
C LYS QA 60 23.46 -53.49 -40.01
N GLN QA 61 22.97 -52.91 -38.92
CA GLN QA 61 23.38 -53.30 -37.59
C GLN QA 61 22.97 -54.73 -37.26
N HIS QA 62 21.76 -55.12 -37.67
CA HIS QA 62 21.28 -56.48 -37.40
C HIS QA 62 22.07 -57.51 -38.20
N ASN QA 63 22.40 -57.19 -39.46
CA ASN QA 63 23.18 -58.11 -40.27
C ASN QA 63 24.61 -58.24 -39.75
N GLU QA 64 25.20 -57.12 -39.32
CA GLU QA 64 26.54 -57.19 -38.74
C GLU QA 64 26.54 -57.92 -37.40
N ASP QA 65 25.45 -57.80 -36.63
CA ASP QA 65 25.38 -58.51 -35.37
C ASP QA 65 25.23 -60.02 -35.56
N VAL QA 66 24.38 -60.44 -36.51
CA VAL QA 66 24.24 -61.89 -36.72
C VAL QA 66 25.50 -62.46 -37.36
N LEU QA 67 26.21 -61.66 -38.17
CA LEU QA 67 27.46 -62.15 -38.75
C LEU QA 67 28.56 -62.26 -37.71
N GLU QA 68 28.61 -61.30 -36.77
CA GLU QA 68 29.59 -61.36 -35.70
C GLU QA 68 29.28 -62.49 -34.73
N TYR QA 69 27.99 -62.76 -34.49
CA TYR QA 69 27.60 -63.91 -33.67
C TYR QA 69 28.01 -65.22 -34.31
N LYS QA 70 27.74 -65.38 -35.61
CA LYS QA 70 28.11 -66.59 -36.32
C LYS QA 70 29.63 -66.74 -36.43
N ARG QA 71 30.36 -65.64 -36.49
CA ARG QA 71 31.81 -65.72 -36.57
C ARG QA 71 32.43 -66.06 -35.21
N ARG QA 72 31.92 -65.46 -34.13
CA ARG QA 72 32.45 -65.72 -32.80
C ARG QA 72 32.11 -67.11 -32.31
N ASN QA 73 30.95 -67.65 -32.72
CA ASN QA 73 30.55 -68.98 -32.25
C ASN QA 73 30.79 -70.07 -33.27
N GLY QA 74 31.24 -69.73 -34.48
CA GLY QA 74 31.57 -70.73 -35.48
C GLY QA 74 30.36 -71.45 -36.04
N LEU QA 75 29.39 -70.70 -36.56
CA LEU QA 75 28.21 -71.28 -37.20
C LEU QA 75 28.12 -70.64 -38.58
N GLU QA 76 28.87 -71.18 -39.53
CA GLU QA 76 28.94 -70.60 -40.87
C GLU QA 76 28.85 -71.68 -41.94
N ARG RA 9 -11.39 -54.81 -51.02
CA ARG RA 9 -12.63 -55.47 -50.66
C ARG RA 9 -13.61 -54.48 -50.04
N ASP RA 10 -14.88 -54.56 -50.45
CA ASP RA 10 -15.91 -53.65 -49.98
C ASP RA 10 -16.42 -54.02 -48.58
N HIS RA 11 -16.04 -55.18 -48.06
CA HIS RA 11 -16.40 -55.63 -46.72
C HIS RA 11 -15.14 -56.03 -45.96
N TRP RA 12 -14.14 -55.16 -45.99
CA TRP RA 12 -12.83 -55.46 -45.43
C TRP RA 12 -12.80 -55.43 -43.91
N ILE RA 13 -13.86 -54.93 -43.26
CA ILE RA 13 -13.83 -54.85 -41.80
C ILE RA 13 -14.28 -56.16 -41.18
N HIS RA 14 -14.93 -57.04 -41.94
CA HIS RA 14 -15.40 -58.31 -41.43
C HIS RA 14 -14.34 -59.40 -41.55
N VAL RA 15 -13.13 -59.06 -41.96
CA VAL RA 15 -12.01 -59.99 -41.94
C VAL RA 15 -10.90 -59.48 -41.02
N LEU RA 16 -11.28 -58.73 -39.98
CA LEU RA 16 -10.32 -58.38 -38.94
C LEU RA 16 -10.28 -59.45 -37.86
N VAL RA 17 -11.44 -59.84 -37.37
CA VAL RA 17 -11.59 -60.88 -36.34
C VAL RA 17 -11.34 -62.29 -36.89
N PRO RA 18 -11.84 -62.72 -38.06
CA PRO RA 18 -11.45 -64.07 -38.54
C PRO RA 18 -9.99 -64.21 -38.89
N VAL RA 19 -9.36 -63.19 -39.49
CA VAL RA 19 -7.93 -63.24 -39.73
C VAL RA 19 -7.16 -63.13 -38.41
N GLY RA 20 -7.75 -62.48 -37.41
CA GLY RA 20 -7.19 -62.52 -36.07
C GLY RA 20 -7.18 -63.92 -35.47
N PHE RA 21 -8.27 -64.67 -35.68
CA PHE RA 21 -8.30 -66.06 -35.19
C PHE RA 21 -7.35 -66.96 -35.97
N VAL RA 22 -7.24 -66.75 -37.28
CA VAL RA 22 -6.31 -67.53 -38.10
C VAL RA 22 -4.87 -67.24 -37.67
N PHE RA 23 -4.58 -65.98 -37.36
CA PHE RA 23 -3.24 -65.58 -36.94
C PHE RA 23 -2.92 -66.13 -35.55
N GLY RA 24 -3.90 -66.11 -34.65
CA GLY RA 24 -3.68 -66.68 -33.33
C GLY RA 24 -3.55 -68.19 -33.35
N TYR RA 25 -4.31 -68.84 -34.22
CA TYR RA 25 -4.19 -70.29 -34.38
C TYR RA 25 -2.85 -70.66 -34.97
N TYR RA 26 -2.35 -69.85 -35.91
CA TYR RA 26 -1.02 -70.08 -36.46
C TYR RA 26 0.07 -69.88 -35.41
N LEU RA 27 -0.08 -68.86 -34.55
CA LEU RA 27 0.93 -68.65 -33.53
C LEU RA 27 0.88 -69.71 -32.44
N ASP RA 28 -0.32 -70.26 -32.17
CA ASP RA 28 -0.43 -71.39 -31.25
C ASP RA 28 0.26 -72.64 -31.82
N ARG RA 29 -0.01 -72.95 -33.08
CA ARG RA 29 0.62 -74.10 -33.72
C ARG RA 29 2.12 -73.90 -33.91
N LYS RA 30 2.57 -72.66 -33.99
CA LYS RA 30 3.99 -72.38 -34.11
C LYS RA 30 4.70 -72.45 -32.75
N ASN RA 31 4.01 -72.04 -31.67
CA ASN RA 31 4.58 -72.18 -30.34
C ASN RA 31 4.63 -73.63 -29.89
N ASP RA 32 3.71 -74.46 -30.39
CA ASP RA 32 3.76 -75.88 -30.09
C ASP RA 32 5.00 -76.56 -30.67
N GLU RA 33 5.59 -75.98 -31.73
CA GLU RA 33 6.87 -76.47 -32.25
C GLU RA 33 8.05 -76.05 -31.39
N LYS RA 34 7.91 -75.00 -30.60
CA LYS RA 34 8.93 -74.63 -29.64
C LYS RA 34 8.74 -75.32 -28.30
N LEU RA 35 7.56 -75.89 -28.05
CA LEU RA 35 7.32 -76.71 -26.87
C LEU RA 35 7.38 -78.19 -27.22
N ALA RA 36 8.23 -78.55 -28.17
CA ALA RA 36 8.27 -79.90 -28.73
C ALA RA 36 9.54 -80.64 -28.32
N ALA RA 37 9.95 -80.48 -27.07
CA ALA RA 37 11.19 -81.11 -26.60
C ALA RA 37 10.98 -82.60 -26.38
N PHE RA 38 9.86 -82.99 -25.78
CA PHE RA 38 9.59 -84.39 -25.48
C PHE RA 38 8.73 -85.05 -26.55
N ARG RA 39 8.82 -84.59 -27.80
CA ARG RA 39 8.10 -85.25 -28.89
C ARG RA 39 8.71 -86.61 -29.15
N ASN RA 40 7.90 -87.66 -28.97
CA ASN RA 40 8.31 -89.07 -29.05
C ASN RA 40 9.44 -89.37 -28.06
N LYS RA 41 9.36 -88.77 -26.87
CA LYS RA 41 10.35 -89.00 -25.83
C LYS RA 41 9.75 -89.31 -24.47
N SER RA 42 8.45 -89.10 -24.28
CA SER RA 42 7.81 -89.41 -23.01
C SER RA 42 7.77 -90.92 -22.78
N LEU RA 43 7.81 -91.32 -21.50
CA LEU RA 43 7.83 -92.74 -21.18
C LEU RA 43 6.49 -93.43 -21.44
N LEU RA 44 5.45 -92.67 -21.76
CA LEU RA 44 4.13 -93.26 -21.93
C LEU RA 44 3.79 -93.48 -23.41
N TYR RA 45 4.11 -92.53 -24.27
CA TYR RA 45 3.66 -92.59 -25.66
C TYR RA 45 4.78 -92.84 -26.66
N LYS RA 46 6.00 -93.14 -26.21
CA LYS RA 46 7.10 -93.31 -27.14
C LYS RA 46 6.98 -94.63 -27.89
N ARG RA 47 7.44 -94.61 -29.14
CA ARG RA 47 7.23 -95.73 -30.04
C ARG RA 47 8.20 -95.62 -31.20
N GLU RA 48 8.37 -96.73 -31.91
CA GLU RA 48 9.10 -96.71 -33.17
C GLU RA 48 8.28 -96.00 -34.22
N LEU RA 49 8.96 -95.29 -35.11
CA LEU RA 49 8.26 -94.51 -36.12
C LEU RA 49 7.73 -95.44 -37.22
N LYS RA 50 6.50 -95.15 -37.65
CA LYS RA 50 5.91 -95.84 -38.77
C LYS RA 50 6.57 -95.34 -40.06
N PRO RA 51 6.51 -96.13 -41.15
CA PRO RA 51 6.98 -95.63 -42.44
C PRO RA 51 6.17 -94.45 -42.94
N GLN RA 52 6.84 -93.60 -43.73
CA GLN RA 52 6.31 -92.31 -44.22
C GLN RA 52 5.86 -91.43 -43.06
N GLU RA 53 6.66 -91.37 -42.01
CA GLU RA 53 6.40 -90.54 -40.85
C GLU RA 53 7.72 -90.06 -40.27
N GLU RA 54 7.80 -88.77 -39.95
CA GLU RA 54 9.02 -88.20 -39.39
C GLU RA 54 8.85 -87.74 -37.94
N VAL RA 55 7.65 -87.34 -37.54
CA VAL RA 55 7.36 -86.86 -36.20
C VAL RA 55 6.04 -87.46 -35.76
N THR RA 56 5.89 -87.68 -34.45
CA THR RA 56 4.64 -88.22 -33.94
C THR RA 56 3.50 -87.20 -33.93
N TRP RA 57 3.82 -85.92 -33.85
CA TRP RA 57 2.81 -84.88 -33.98
C TRP RA 57 3.44 -83.61 -34.54
N LYS RA 58 2.63 -82.83 -35.24
CA LYS RA 58 3.10 -81.57 -35.83
C LYS RA 58 2.58 -80.38 -35.05
N MET SA 1 58.66 32.96 2.31
CA MET SA 1 57.93 32.55 1.13
C MET SA 1 57.60 31.07 1.11
N TRP SA 2 58.00 30.36 0.06
CA TRP SA 2 57.63 28.95 -0.05
C TRP SA 2 58.42 28.06 0.90
N PHE SA 3 59.57 28.53 1.39
CA PHE SA 3 60.41 27.77 2.31
C PHE SA 3 59.91 27.82 3.75
N GLU SA 4 58.81 28.53 4.01
CA GLU SA 4 58.24 28.60 5.35
C GLU SA 4 57.52 27.31 5.72
N VAL SA 5 57.23 26.45 4.74
CA VAL SA 5 56.61 25.15 5.04
C VAL SA 5 57.65 24.12 5.45
N LEU SA 6 58.92 24.37 5.16
CA LEU SA 6 60.02 23.44 5.42
C LEU SA 6 60.32 23.12 6.89
N PRO SA 7 60.08 24.00 7.88
CA PRO SA 7 60.13 23.51 9.27
C PRO SA 7 59.09 22.43 9.59
N GLY SA 8 57.85 22.60 9.14
CA GLY SA 8 56.84 21.58 9.40
C GLY SA 8 57.10 20.29 8.66
N ILE SA 9 57.56 20.38 7.41
CA ILE SA 9 57.94 19.20 6.64
C ILE SA 9 59.17 18.54 7.27
N ALA SA 10 60.07 19.35 7.85
CA ALA SA 10 61.23 18.79 8.53
C ALA SA 10 60.84 18.03 9.78
N VAL SA 11 59.88 18.56 10.55
CA VAL SA 11 59.42 17.88 11.76
C VAL SA 11 58.70 16.59 11.40
N MET SA 12 57.83 16.64 10.37
CA MET SA 12 57.15 15.43 9.91
C MET SA 12 58.13 14.41 9.33
N GLY SA 13 59.21 14.88 8.69
CA GLY SA 13 60.20 13.95 8.15
C GLY SA 13 61.04 13.31 9.23
N VAL SA 14 61.36 14.05 10.30
CA VAL SA 14 62.03 13.45 11.45
C VAL SA 14 61.13 12.42 12.12
N CYS SA 15 59.82 12.73 12.20
CA CYS SA 15 58.89 11.77 12.79
C CYS SA 15 58.71 10.53 11.93
N LEU SA 16 58.92 10.64 10.62
CA LEU SA 16 58.94 9.44 9.80
C LEU SA 16 60.29 8.74 9.82
N PHE SA 17 61.36 9.48 10.12
CA PHE SA 17 62.70 8.91 10.17
C PHE SA 17 62.92 8.10 11.44
N ILE SA 18 62.22 8.45 12.53
CA ILE SA 18 62.43 7.77 13.81
C ILE SA 18 62.09 6.27 13.80
N PRO SA 19 60.93 5.80 13.27
CA PRO SA 19 60.63 4.35 13.40
C PRO SA 19 61.58 3.42 12.67
N GLY SA 20 62.01 3.74 11.45
CA GLY SA 20 62.88 2.85 10.73
C GLY SA 20 64.30 2.82 11.26
N MET SA 21 64.84 4.00 11.60
CA MET SA 21 66.15 4.08 12.24
C MET SA 21 66.14 3.41 13.60
N ALA SA 22 65.02 3.55 14.33
CA ALA SA 22 64.86 2.93 15.63
C ALA SA 22 64.83 1.41 15.52
N THR SA 23 64.09 0.87 14.55
CA THR SA 23 64.03 -0.58 14.44
C THR SA 23 65.32 -1.16 13.86
N ALA SA 24 66.07 -0.39 13.07
CA ALA SA 24 67.37 -0.85 12.60
C ALA SA 24 68.37 -0.91 13.75
N ARG SA 25 68.41 0.13 14.59
CA ARG SA 25 69.34 0.11 15.71
C ARG SA 25 68.93 -0.88 16.79
N ILE SA 26 67.64 -1.11 16.97
CA ILE SA 26 67.19 -2.11 17.93
C ILE SA 26 67.49 -3.52 17.42
N HIS SA 27 67.34 -3.76 16.11
CA HIS SA 27 67.71 -5.07 15.57
C HIS SA 27 69.21 -5.30 15.61
N ARG SA 28 70.02 -4.24 15.50
CA ARG SA 28 71.46 -4.44 15.68
C ARG SA 28 71.82 -4.63 17.14
N PHE SA 29 71.09 -3.99 18.06
CA PHE SA 29 71.42 -4.14 19.47
C PHE SA 29 70.99 -5.52 20.00
N SER SA 30 69.88 -6.03 19.51
CA SER SA 30 69.30 -7.26 20.03
C SER SA 30 69.85 -8.52 19.38
N ASN SA 31 70.78 -8.38 18.43
CA ASN SA 31 71.22 -9.52 17.64
C ASN SA 31 72.73 -9.53 17.43
N GLY SA 32 73.49 -8.98 18.38
CA GLY SA 32 74.94 -9.04 18.30
C GLY SA 32 75.58 -8.16 17.25
N GLY SA 33 75.08 -6.93 17.09
CA GLY SA 33 75.68 -6.01 16.14
C GLY SA 33 75.42 -6.33 14.70
N ARG SA 34 74.37 -7.09 14.40
CA ARG SA 34 74.08 -7.53 13.04
C ARG SA 34 72.58 -7.43 12.78
N GLU SA 35 72.19 -7.84 11.58
CA GLU SA 35 70.79 -7.81 11.20
C GLU SA 35 70.02 -8.91 11.92
N LYS SA 36 68.71 -8.72 12.03
CA LYS SA 36 67.86 -9.76 12.55
C LYS SA 36 67.74 -10.88 11.54
N ARG SA 37 67.79 -12.12 12.03
CA ARG SA 37 67.68 -13.28 11.16
C ARG SA 37 66.28 -13.39 10.61
N VAL SA 38 66.16 -13.35 9.30
CA VAL SA 38 64.87 -13.45 8.63
C VAL SA 38 64.58 -14.94 8.43
N ALA SA 39 63.53 -15.43 9.08
CA ALA SA 39 63.12 -16.82 8.99
C ALA SA 39 61.69 -16.85 8.47
N HIS SA 40 61.56 -16.79 7.15
CA HIS SA 40 60.26 -16.87 6.50
C HIS SA 40 59.87 -18.30 6.20
N TYR SA 41 60.86 -19.17 6.04
CA TYR SA 41 60.68 -20.55 5.62
C TYR SA 41 61.25 -21.46 6.69
N SER SA 42 60.79 -22.70 6.71
CA SER SA 42 61.09 -23.59 7.83
C SER SA 42 62.53 -24.07 7.83
N TYR SA 43 63.22 -24.00 6.69
CA TYR SA 43 64.64 -24.31 6.65
C TYR SA 43 65.45 -23.24 7.36
N GLN SA 44 65.06 -21.98 7.21
CA GLN SA 44 65.77 -20.88 7.85
C GLN SA 44 65.56 -20.92 9.36
N TRP SA 45 64.36 -21.26 9.81
CA TRP SA 45 64.13 -21.48 11.23
C TRP SA 45 64.84 -22.72 11.74
N TYR SA 46 64.98 -23.75 10.92
CA TYR SA 46 65.70 -24.94 11.33
C TYR SA 46 67.17 -24.63 11.57
N LEU SA 47 67.78 -23.87 10.66
CA LEU SA 47 69.17 -23.45 10.84
C LEU SA 47 69.32 -22.49 12.01
N MET SA 48 68.33 -21.62 12.21
CA MET SA 48 68.38 -20.67 13.31
C MET SA 48 68.29 -21.36 14.66
N GLU SA 49 67.41 -22.36 14.78
CA GLU SA 49 67.33 -23.14 16.00
C GLU SA 49 68.55 -24.01 16.20
N ARG SA 50 69.18 -24.47 15.10
CA ARG SA 50 70.45 -25.17 15.22
C ARG SA 50 71.53 -24.24 15.75
N ASP SA 51 71.51 -22.97 15.33
CA ASP SA 51 72.47 -21.99 15.84
C ASP SA 51 72.25 -21.72 17.32
N ARG SA 52 70.98 -21.61 17.72
CA ARG SA 52 70.63 -21.42 19.12
C ARG SA 52 71.10 -22.59 19.97
N ARG SA 53 71.05 -23.81 19.43
CA ARG SA 53 71.50 -24.96 20.20
C ARG SA 53 73.03 -25.07 20.21
N VAL SA 54 73.70 -24.75 19.11
CA VAL SA 54 75.16 -24.91 19.07
C VAL SA 54 75.92 -23.76 19.72
N SER SA 55 75.26 -22.63 20.00
CA SER SA 55 75.99 -21.56 20.67
C SER SA 55 76.21 -21.85 22.14
N GLY SA 56 75.37 -22.66 22.75
CA GLY SA 56 75.51 -23.00 24.15
C GLY SA 56 74.93 -22.01 25.13
N VAL SA 57 74.79 -20.75 24.75
CA VAL SA 57 74.25 -19.71 25.61
C VAL SA 57 72.81 -19.38 25.26
N ASN SA 58 72.15 -20.29 24.53
CA ASN SA 58 70.74 -20.22 24.15
C ASN SA 58 70.45 -18.98 23.29
N ARG SA 59 71.41 -18.57 22.46
CA ARG SA 59 71.25 -17.42 21.58
C ARG SA 59 71.61 -17.83 20.18
N TYR SA 60 70.75 -17.52 19.21
CA TYR SA 60 71.03 -17.90 17.83
C TYR SA 60 72.13 -17.04 17.24
N TYR SA 61 72.28 -15.82 17.72
CA TYR SA 61 73.20 -14.86 17.14
C TYR SA 61 74.61 -14.95 17.70
N VAL SA 62 74.91 -15.93 18.56
CA VAL SA 62 76.28 -16.15 18.99
C VAL SA 62 76.88 -17.17 18.04
N SER SA 63 77.71 -16.69 17.12
CA SER SA 63 78.21 -17.52 16.03
C SER SA 63 79.45 -18.29 16.45
N LYS SA 64 79.42 -19.59 16.21
CA LYS SA 64 80.55 -20.47 16.49
C LYS SA 64 81.19 -20.84 15.16
N GLY SA 65 82.46 -20.47 14.99
CA GLY SA 65 83.18 -20.73 13.77
C GLY SA 65 84.10 -21.92 13.91
N LEU SA 66 85.27 -21.83 13.26
CA LEU SA 66 86.25 -22.90 13.30
C LEU SA 66 86.96 -23.03 14.64
N GLU SA 67 86.80 -22.06 15.54
CA GLU SA 67 87.36 -22.19 16.88
C GLU SA 67 86.60 -23.20 17.71
N ASN SA 68 85.36 -23.55 17.32
CA ASN SA 68 84.57 -24.47 18.12
C ASN SA 68 84.91 -25.92 17.81
N ILE SA 69 85.23 -26.23 16.55
CA ILE SA 69 85.70 -27.57 16.20
C ILE SA 69 87.17 -27.69 16.56
N ASP SA 70 87.63 -28.93 16.69
CA ASP SA 70 89.01 -29.21 17.07
C ASP SA 70 89.99 -28.91 15.94
FE1 SF4 TA . 13.82 102.56 -7.01
FE2 SF4 TA . 11.54 101.24 -6.37
FE3 SF4 TA . 11.70 103.58 -5.62
FE4 SF4 TA . 11.26 103.18 -7.96
S1 SF4 TA . 9.69 102.63 -6.34
S2 SF4 TA . 12.94 104.63 -7.33
S3 SF4 TA . 12.58 101.29 -8.42
S4 SF4 TA . 13.20 101.99 -4.88
N1 FMN UA . 9.41 115.49 -13.78
C2 FMN UA . 9.64 116.80 -13.44
O2 FMN UA . 9.01 117.69 -13.99
N3 FMN UA . 10.56 117.12 -12.47
C4 FMN UA . 11.26 116.11 -11.85
O4 FMN UA . 12.08 116.36 -10.98
C4A FMN UA . 11.03 114.79 -12.19
N5 FMN UA . 11.74 113.80 -11.56
C5A FMN UA . 11.51 112.49 -11.89
C6 FMN UA . 12.25 111.51 -11.24
C7 FMN UA . 12.05 110.17 -11.57
C7M FMN UA . 12.85 109.13 -10.85
C8 FMN UA . 11.12 109.83 -12.54
C8M FMN UA . 10.88 108.40 -12.92
C9 FMN UA . 10.40 110.82 -13.19
C9A FMN UA . 10.59 112.17 -12.88
N10 FMN UA . 9.87 113.16 -13.51
C10 FMN UA . 10.10 114.48 -13.16
C1' FMN UA . 8.84 112.88 -14.57
C2' FMN UA . 7.48 112.74 -13.89
O2' FMN UA . 7.24 111.40 -13.58
C3' FMN UA . 6.33 113.24 -14.77
O3' FMN UA . 6.50 112.76 -16.07
C4' FMN UA . 6.32 114.76 -14.80
O4' FMN UA . 6.70 115.26 -13.55
C5' FMN UA . 4.97 115.33 -15.18
O5' FMN UA . 4.62 114.93 -16.47
P FMN UA . 4.71 116.01 -17.66
O1P FMN UA . 5.88 115.64 -18.51
O2P FMN UA . 3.43 115.99 -18.47
O3P FMN UA . 4.93 117.37 -17.08
PA NAI VA . 5.94 107.70 -18.11
O1A NAI VA . 5.14 107.55 -16.88
O2A NAI VA . 5.86 106.16 -17.81
O5B NAI VA . 4.53 108.57 -18.27
C5B NAI VA . 4.58 109.98 -18.56
C4B NAI VA . 3.33 110.66 -18.08
O4B NAI VA . 2.18 110.11 -18.78
C3B NAI VA . 3.04 110.51 -16.59
O3B NAI VA . 2.73 111.76 -15.99
C2B NAI VA . 1.85 109.53 -16.54
O2B NAI VA . 1.00 109.84 -15.44
C1B NAI VA . 1.16 109.84 -17.86
N9A NAI VA . 0.39 108.69 -18.37
C8A NAI VA . 0.82 107.75 -19.25
N7A NAI VA . -0.07 106.81 -19.51
C5A NAI VA . -1.15 107.18 -18.74
C6A NAI VA . -2.43 106.60 -18.55
N6A NAI VA . -2.83 105.48 -19.15
N1A NAI VA . -3.28 107.23 -17.71
C2A NAI VA . -2.89 108.35 -17.10
N3A NAI VA . -1.72 108.99 -17.20
C4A NAI VA . -0.90 108.35 -18.04
O3 NAI VA . 7.19 108.33 -17.33
PN NAI VA . 7.34 108.96 -15.87
O1N NAI VA . 7.30 107.80 -14.89
O2N NAI VA . 6.31 109.99 -15.61
O5D NAI VA . 8.82 109.58 -15.81
C5D NAI VA . 9.96 109.07 -16.54
C4D NAI VA . 10.49 110.17 -17.43
O4D NAI VA . 10.87 111.31 -16.62
C3D NAI VA . 11.72 109.81 -18.27
O3D NAI VA . 11.54 110.18 -19.63
C2D NAI VA . 12.85 110.61 -17.63
O2D NAI VA . 13.79 111.04 -18.61
C1D NAI VA . 12.10 111.81 -17.08
N1N NAI VA . 12.78 112.46 -15.96
C2N NAI VA . 12.66 113.83 -15.75
C3N NAI VA . 13.28 114.48 -14.75
C7N NAI VA . 13.08 115.93 -14.64
O7N NAI VA . 13.66 116.58 -13.76
N7N NAI VA . 12.28 116.51 -15.52
C4N NAI VA . 14.16 113.72 -13.81
C5N NAI VA . 14.15 112.26 -14.07
C6N NAI VA . 13.51 111.72 -15.09
FE1 FES WA . 26.20 119.70 -9.72
FE2 FES WA . 23.57 119.48 -11.20
S1 FES WA . 24.42 120.97 -9.83
S2 FES WA . 25.47 118.42 -11.34
FE1 SF4 XA . 15.53 81.88 4.37
FE2 SF4 XA . 18.10 81.04 4.39
FE3 SF4 XA . 17.59 83.65 4.45
FE4 SF4 XA . 17.00 82.09 6.62
S1 SF4 XA . 19.10 82.56 5.80
S2 SF4 XA . 15.68 83.73 5.73
S3 SF4 XA . 16.37 80.14 5.59
S4 SF4 XA . 17.08 82.24 2.71
FE1 SF4 YA . 9.11 91.69 5.60
FE2 SF4 YA . 11.53 92.39 6.53
FE3 SF4 YA . 9.40 92.61 8.14
FE4 SF4 YA . 10.27 90.15 7.48
S1 SF4 YA . 11.42 91.69 8.71
S2 SF4 YA . 8.09 90.85 7.47
S3 SF4 YA . 11.05 90.48 5.34
S4 SF4 YA . 9.76 93.82 6.20
FE1 FES ZA . 5.35 91.71 -4.04
FE2 FES ZA . 3.20 91.73 -6.15
S1 FES ZA . 5.09 92.79 -5.91
S2 FES ZA . 3.83 90.26 -4.64
K K AB . 9.58 84.31 9.90
P 3PE BB . -15.36 -36.57 -0.05
N 3PE BB . -18.64 -35.75 -2.12
O11 3PE BB . -14.69 -37.77 0.76
O12 3PE BB . -16.05 -35.72 0.94
O13 3PE BB . -16.47 -37.26 -0.95
O14 3PE BB . -14.33 -35.96 -0.92
C11 3PE BB . -16.58 -37.06 -2.39
C12 3PE BB . -17.24 -35.74 -2.59
C1 3PE BB . -15.05 -38.00 2.14
C2 3PE BB . -14.86 -39.46 2.45
C3 3PE BB . -15.64 -40.33 1.51
O31 3PE BB . -15.18 -41.70 1.57
O32 3PE BB . -16.33 -42.16 -0.30
C31 3PE BB . -15.60 -42.50 0.60
C32 3PE BB . -15.04 -43.89 0.73
C33 3PE BB . -13.53 -43.91 0.90
C34 3PE BB . -12.89 -45.17 0.32
C35 3PE BB . -13.47 -46.48 0.82
C36 3PE BB . -13.24 -46.75 2.30
C37 3PE BB . -11.78 -46.87 2.72
C38 3PE BB . -11.06 -48.05 2.11
C39 3PE BB . -11.64 -49.41 2.47
C3A 3PE BB . -11.55 -49.73 3.95
C3B 3PE BB . -12.21 -51.04 4.34
C3C 3PE BB . -11.64 -52.26 3.65
C3D 3PE BB . -12.45 -53.52 3.87
O21 3PE BB . -13.43 -39.73 2.23
O22 3PE BB . -13.00 -39.47 4.41
C21 3PE BB . -12.63 -39.71 3.30
C22 3PE BB . -11.22 -40.06 2.92
C23 3PE BB . -11.12 -41.50 2.46
C24 3PE BB . -9.72 -41.95 2.12
C25 3PE BB . -9.65 -43.41 1.76
C26 3PE BB . -8.25 -43.99 1.74
C27 3PE BB . -8.21 -45.48 1.99
C28 3PE BB . -6.86 -45.95 2.49
C29 3PE BB . -6.81 -47.37 3.03
C2A 3PE BB . -5.48 -47.68 3.69
C2B 3PE BB . -5.21 -46.85 4.95
C2C 3PE BB . -3.80 -46.93 5.48
FE1 SF4 CB . 26.59 44.72 6.11
FE2 SF4 CB . 24.11 44.46 6.49
FE3 SF4 CB . 25.02 46.56 5.69
FE4 SF4 CB . 25.03 44.49 3.88
S1 SF4 CB . 23.16 45.52 4.67
S2 SF4 CB . 26.67 46.03 4.18
S3 SF4 CB . 25.45 42.85 5.42
S4 SF4 CB . 25.46 45.79 7.84
O12 PC1 DB . 32.94 26.79 37.20
P PC1 DB . 32.61 25.37 37.02
O14 PC1 DB . 32.11 24.60 38.18
O13 PC1 DB . 31.54 25.30 35.85
C11 PC1 DB . 30.83 26.49 35.44
C12 PC1 DB . 30.04 26.08 34.24
N PC1 DB . 28.59 25.77 34.46
C13 PC1 DB . 27.89 25.66 33.14
C14 PC1 DB . 27.94 26.87 35.26
C15 PC1 DB . 28.42 24.47 35.20
O11 PC1 DB . 33.91 24.65 36.42
C1 PC1 DB . 33.87 23.24 36.12
C2 PC1 DB . 35.06 22.87 35.29
O21 PC1 DB . 36.28 22.63 36.08
C21 PC1 DB . 36.46 21.42 36.63
O22 PC1 DB . 35.60 20.60 36.74
C22 PC1 DB . 37.89 21.22 37.04
C23 PC1 DB . 38.46 19.93 36.50
C24 PC1 DB . 39.88 19.65 36.94
C25 PC1 DB . 40.85 20.77 36.63
C26 PC1 DB . 42.31 20.39 36.79
C27 PC1 DB . 42.65 19.77 38.15
C28 PC1 DB . 44.11 19.39 38.28
C29 PC1 DB . 44.61 18.44 37.20
C2A PC1 DB . 46.10 18.19 37.23
C3 PC1 DB . 35.41 23.98 34.33
O31 PC1 DB . 36.55 23.59 33.53
C31 PC1 DB . 36.91 24.43 32.57
O32 PC1 DB . 36.35 25.47 32.35
C32 PC1 DB . 38.07 23.91 31.77
C33 PC1 DB . 38.55 22.52 32.16
C34 PC1 DB . 39.35 21.89 31.04
C35 PC1 DB . 39.92 20.53 31.36
C36 PC1 DB . 41.10 20.57 32.33
C37 PC1 DB . 42.33 21.29 31.79
C38 PC1 DB . 42.92 20.67 30.54
C39 PC1 DB . 43.31 19.22 30.72
C3A PC1 DB . 43.96 18.59 29.50
C3B PC1 DB . 45.31 19.20 29.13
C3C PC1 DB . 46.11 18.42 28.10
C3D PC1 DB . 45.56 18.47 26.67
C3E PC1 DB . 44.80 17.25 26.21
C3F PC1 DB . 45.66 16.04 25.84
C3G PC1 DB . 46.43 16.21 24.55
C3H PC1 DB . 47.05 14.93 24.02
C3I PC1 DB . 48.03 14.28 24.97
O2 DCQ EB . 40.65 19.43 6.13
C2 DCQ EB . 40.31 20.00 7.16
C3 DCQ EB . 38.93 19.85 7.68
O3 DCQ EB . 38.09 19.09 6.92
C3M DCQ EB . 37.39 19.73 5.83
C4 DCQ EB . 38.55 20.47 8.82
O4 DCQ EB . 37.33 20.32 9.41
C4M DCQ EB . 36.28 21.24 9.04
C5 DCQ EB . 39.50 21.33 9.56
O5 DCQ EB . 39.12 21.94 10.56
C1 DCQ EB . 41.27 20.82 7.91
C1M DCQ EB . 42.64 20.92 7.33
C6 DCQ EB . 40.88 21.45 9.05
C7 DCQ EB . 41.85 22.31 9.82
C8 DCQ EB . 42.26 21.74 11.18
C9 DCQ EB . 42.72 20.30 11.12
C10 DCQ EB . 42.53 19.55 12.44
C11 DCQ EB . 43.82 19.18 13.15
C12 DCQ EB . 43.61 18.20 14.28
C13 DCQ EB . 44.92 17.69 14.89
C14 DCQ EB . 44.73 16.50 15.81
C15 DCQ EB . 46.04 15.87 16.24
C16 DCQ EB . 45.86 14.63 17.08
P 3PE FB . 49.55 35.84 22.11
N 3PE FB . 51.48 37.82 18.60
O11 3PE FB . 50.85 35.28 22.83
O12 3PE FB . 48.74 34.66 21.72
O13 3PE FB . 50.16 36.47 20.79
O14 3PE FB . 48.93 36.88 22.96
C11 3PE FB . 49.46 37.38 19.92
C12 3PE FB . 50.10 37.27 18.58
C1 3PE FB . 51.25 33.91 22.57
C2 3PE FB . 51.81 33.35 23.83
C3 3PE FB . 50.88 33.55 24.98
O31 3PE FB . 51.50 33.04 26.19
O32 3PE FB . 49.49 32.49 27.02
C31 3PE FB . 50.69 32.55 27.12
C32 3PE FB . 51.46 32.09 28.32
C33 3PE FB . 50.90 30.82 28.96
C34 3PE FB . 50.94 29.62 28.03
C35 3PE FB . 50.54 28.32 28.68
C36 3PE FB . 51.24 28.05 30.00
C37 3PE FB . 51.12 26.61 30.46
C38 3PE FB . 51.99 25.65 29.65
C39 3PE FB . 51.40 24.26 29.49
C3A 3PE FB . 51.11 23.52 30.78
C3B 3PE FB . 52.35 23.12 31.56
C3C 3PE FB . 52.05 22.28 32.79
C3D 3PE FB . 51.05 22.92 33.74
C3E 3PE FB . 50.88 22.20 35.06
C3F 3PE FB . 51.44 22.96 36.27
C3G 3PE FB . 52.94 23.17 36.23
C3H 3PE FB . 53.44 24.14 37.28
C3I 3PE FB . 53.07 23.74 38.69
O21 3PE FB . 51.94 31.91 23.62
O22 3PE FB . 53.98 32.16 22.72
C21 3PE FB . 53.08 31.45 23.06
C22 3PE FB . 53.04 29.96 22.91
C23 3PE FB . 52.29 29.28 24.04
C24 3PE FB . 52.53 27.79 24.07
C25 3PE FB . 51.93 27.09 25.27
C26 3PE FB . 52.71 25.86 25.68
C27 3PE FB . 52.87 24.84 24.58
C28 3PE FB . 51.67 23.96 24.39
C29 3PE FB . 51.49 22.92 25.49
C2A 3PE FB . 52.49 21.77 25.41
C2B 3PE FB . 52.21 20.65 26.41
C2C 3PE FB . 50.80 20.08 26.31
C2D 3PE FB . 50.47 19.43 24.98
C2E 3PE FB . 51.00 18.02 24.80
C2F 3PE FB . 50.78 17.46 23.41
C2G 3PE FB . 49.39 17.68 22.84
C2H 3PE FB . 49.11 16.92 21.56
C2I 3PE FB . 50.16 17.13 20.50
O12 PC1 GB . 39.45 11.18 -19.07
P PC1 GB . 38.32 10.24 -18.90
O14 PC1 GB . 37.22 10.61 -17.97
O13 PC1 GB . 37.72 10.01 -20.36
C11 PC1 GB . 36.30 9.95 -20.63
C12 PC1 GB . 36.03 8.47 -20.64
N PC1 GB . 34.69 8.05 -21.19
C13 PC1 GB . 34.46 6.59 -20.92
C14 PC1 GB . 33.59 8.83 -20.55
C15 PC1 GB . 34.66 8.28 -22.66
O11 PC1 GB . 38.93 8.83 -18.50
C1 PC1 GB . 39.35 8.58 -17.16
C2 PC1 GB . 40.82 8.87 -17.03
O21 PC1 GB . 41.70 8.00 -17.83
C21 PC1 GB . 41.96 6.73 -17.47
O22 PC1 GB . 41.18 5.99 -16.94
C22 PC1 GB . 43.38 6.35 -17.79
C23 PC1 GB . 44.03 5.54 -16.68
C24 PC1 GB . 45.50 5.25 -16.90
C25 PC1 GB . 45.86 4.91 -18.34
C26 PC1 GB . 47.17 4.18 -18.54
C27 PC1 GB . 47.53 4.13 -20.00
C28 PC1 GB . 48.44 3.00 -20.44
C29 PC1 GB . 48.64 3.02 -21.93
C2A PC1 GB . 49.58 1.98 -22.50
C2B PC1 GB . 49.57 1.98 -24.02
C2C PC1 GB . 48.17 1.85 -24.59
C2D PC1 GB . 48.08 2.05 -26.10
C2E PC1 GB . 47.44 0.88 -26.82
C2F PC1 GB . 48.20 -0.43 -26.62
C2G PC1 GB . 49.62 -0.40 -27.17
C2H PC1 GB . 50.40 -1.68 -26.90
C2I PC1 GB . 51.78 -1.66 -27.52
C3 PC1 GB . 41.30 8.86 -15.60
O31 PC1 GB . 40.60 9.84 -14.81
C31 PC1 GB . 41.35 10.82 -14.28
O32 PC1 GB . 42.51 10.97 -14.54
C32 PC1 GB . 40.56 11.65 -13.32
C33 PC1 GB . 41.12 11.65 -11.90
C34 PC1 GB . 42.30 12.59 -11.74
C35 PC1 GB . 42.82 12.73 -10.32
C36 PC1 GB . 44.02 13.65 -10.21
C37 PC1 GB . 45.22 13.26 -11.06
C38 PC1 GB . 46.39 14.23 -10.97
C39 PC1 GB . 47.68 13.71 -11.57
C3A PC1 GB . 48.36 12.63 -10.75
C3B PC1 GB . 49.75 12.26 -11.25
C3C PC1 GB . 50.50 11.30 -10.34
C3D PC1 GB . 50.18 9.83 -10.55
C3E PC1 GB . 51.28 9.03 -11.22
C3F PC1 GB . 51.96 7.99 -10.34
C3G PC1 GB . 52.59 8.53 -9.07
C3H PC1 GB . 53.55 7.57 -8.38
C3I PC1 GB . 52.92 6.26 -8.02
FE1 SF4 HB . 25.14 57.82 6.50
FE2 SF4 HB . 25.89 57.00 8.96
FE3 SF4 HB . 26.10 59.59 8.30
FE4 SF4 HB . 23.65 58.50 8.66
S1 SF4 HB . 25.25 58.76 10.28
S2 SF4 HB . 24.28 59.90 6.95
S3 SF4 HB . 23.97 56.38 7.85
S4 SF4 HB . 27.28 57.87 7.34
FE1 SF4 IB . 26.70 69.63 10.65
FE2 SF4 IB . 24.62 68.09 11.54
FE3 SF4 IB . 25.61 69.96 13.13
FE4 SF4 IB . 24.26 70.70 10.89
S1 SF4 IB . 23.37 69.63 12.72
S2 SF4 IB . 26.21 71.63 11.66
S3 SF4 IB . 24.85 69.02 9.45
S4 SF4 IB . 26.75 68.11 12.38
O12 PC1 JB . 48.92 -31.59 -19.72
P PC1 JB . 48.59 -31.53 -18.28
O14 PC1 JB . 49.21 -30.48 -17.45
O13 PC1 JB . 48.92 -32.95 -17.63
C11 PC1 JB . 50.22 -33.25 -17.07
C12 PC1 JB . 49.90 -33.93 -15.76
N PC1 JB . 50.10 -33.10 -14.51
C13 PC1 JB . 51.49 -32.55 -14.48
C14 PC1 JB . 49.90 -33.98 -13.31
C15 PC1 JB . 49.12 -31.98 -14.45
O11 PC1 JB . 47.00 -31.38 -18.16
C1 PC1 JB . 46.45 -30.35 -17.33
C2 PC1 JB . 45.25 -29.72 -18.00
O21 PC1 JB . 43.97 -30.36 -17.64
C21 PC1 JB . 43.66 -31.62 -17.97
O22 PC1 JB . 44.34 -32.35 -18.65
C22 PC1 JB . 42.34 -32.03 -17.38
C23 PC1 JB . 41.43 -30.85 -17.03
C24 PC1 JB . 40.74 -30.23 -18.24
C25 PC1 JB . 39.87 -31.21 -19.01
C26 PC1 JB . 39.03 -30.57 -20.09
C27 PC1 JB . 38.03 -29.54 -19.56
C28 PC1 JB . 37.03 -29.10 -20.61
C29 PC1 JB . 35.88 -28.27 -20.03
C2A PC1 JB . 34.78 -27.97 -21.04
C2B PC1 JB . 33.61 -27.19 -20.45
C3 PC1 JB . 45.45 -29.49 -19.49
O31 PC1 JB . 44.37 -28.66 -19.99
C31 PC1 JB . 44.60 -27.35 -20.06
O32 PC1 JB . 45.61 -26.83 -19.68
C32 PC1 JB . 43.44 -26.63 -20.69
C33 PC1 JB . 42.10 -27.29 -20.40
C34 PC1 JB . 40.94 -26.59 -21.10
C35 PC1 JB . 40.87 -25.10 -20.84
C36 PC1 JB . 39.64 -24.41 -21.42
C37 PC1 JB . 38.33 -24.93 -20.85
C38 PC1 JB . 37.11 -24.10 -21.24
P 3PE KB . 28.24 2.97 -24.01
N 3PE KB . 30.73 5.95 -22.66
O11 3PE KB . 29.68 2.36 -24.34
O12 3PE KB . 28.10 4.22 -24.79
O13 3PE KB . 28.36 3.35 -22.47
O14 3PE KB . 27.21 1.92 -24.17
C11 3PE KB . 28.74 4.66 -21.99
C12 3PE KB . 30.23 4.70 -22.00
C1 3PE KB . 30.00 1.86 -25.66
C2 3PE KB . 30.76 0.58 -25.47
C3 3PE KB . 29.91 -0.48 -24.83
O31 3PE KB . 30.51 -1.79 -24.98
O32 3PE KB . 31.84 -1.45 -23.21
C31 3PE KB . 31.40 -2.18 -24.06
C32 3PE KB . 31.76 -3.62 -24.22
C33 3PE KB . 33.11 -4.01 -23.66
C34 3PE KB . 33.13 -4.17 -22.15
C35 3PE KB . 34.45 -4.71 -21.64
C36 3PE KB . 34.63 -4.56 -20.15
C37 3PE KB . 35.84 -5.31 -19.63
C38 3PE KB . 37.10 -5.03 -20.42
C39 3PE KB . 38.29 -5.85 -19.96
C3A 3PE KB . 39.54 -5.68 -20.80
C3B 3PE KB . 40.17 -6.99 -21.21
C3C 3PE KB . 39.42 -7.71 -22.31
C3D 3PE KB . 39.75 -9.18 -22.45
C3E 3PE KB . 39.09 -9.85 -23.64
C3F 3PE KB . 39.96 -9.92 -24.89
C3G 3PE KB . 41.06 -10.97 -24.82
C3H 3PE KB . 42.00 -10.97 -26.01
C3I 3PE KB . 41.30 -11.11 -27.33
O21 3PE KB . 31.26 0.07 -26.75
O22 3PE KB . 33.17 1.19 -26.49
C21 3PE KB . 32.52 0.38 -27.07
C22 3PE KB . 33.02 -0.49 -28.20
C23 3PE KB . 34.01 -1.52 -27.69
C24 3PE KB . 34.30 -2.60 -28.71
C25 3PE KB . 35.34 -2.24 -29.75
C26 3PE KB . 36.76 -2.23 -29.20
C27 3PE KB . 37.81 -2.57 -30.24
C28 3PE KB . 39.23 -2.67 -29.68
C29 3PE KB . 40.27 -3.14 -30.68
C2A 3PE KB . 41.69 -3.03 -30.16
C2B 3PE KB . 42.76 -3.50 -31.12
C2C 3PE KB . 42.75 -5.01 -31.36
C2D 3PE KB . 43.06 -5.84 -30.14
C2E 3PE KB . 42.95 -7.34 -30.33
C2F 3PE KB . 41.81 -8.00 -29.57
C2G 3PE KB . 40.42 -7.50 -29.95
C2H 3PE KB . 39.29 -8.05 -29.10
C2I 3PE KB . 37.94 -7.47 -29.46
P 3PE LB . 53.59 -15.18 7.97
N 3PE LB . 56.99 -17.00 9.67
O11 3PE LB . 52.39 -14.12 7.88
O12 3PE LB . 53.33 -16.19 6.92
O13 3PE LB . 53.56 -15.95 9.37
O14 3PE LB . 54.85 -14.42 7.93
C11 3PE LB . 54.74 -16.14 10.17
C12 3PE LB . 55.53 -17.23 9.53
C1 3PE LB . 51.21 -14.23 8.72
C2 3PE LB . 51.47 -13.50 10.02
C3 3PE LB . 50.78 -12.17 10.10
O31 3PE LB . 49.38 -12.15 9.74
O32 3PE LB . 48.71 -12.91 11.75
C31 3PE LB . 48.48 -12.32 10.73
C32 3PE LB . 47.17 -11.66 10.40
C33 3PE LB . 46.67 -10.72 11.50
C34 3PE LB . 45.99 -11.43 12.65
C35 3PE LB . 45.38 -10.49 13.68
C36 3PE LB . 44.61 -9.32 13.12
C37 3PE LB . 44.10 -8.37 14.19
C38 3PE LB . 43.34 -7.17 13.67
C39 3PE LB . 43.37 -6.00 14.63
C3A 3PE LB . 42.36 -4.92 14.35
C3B 3PE LB . 40.93 -5.36 14.56
C3C 3PE LB . 40.67 -5.93 15.94
C3D 3PE LB . 40.62 -4.92 17.07
C3E 3PE LB . 39.48 -3.92 16.97
C3F 3PE LB . 38.10 -4.55 16.83
C3G 3PE LB . 37.65 -5.38 18.01
C3H 3PE LB . 36.37 -6.14 17.76
C3I 3PE LB . 35.23 -5.25 17.34
O21 3PE LB . 51.01 -14.38 11.08
O22 3PE LB . 52.63 -13.63 12.45
C21 3PE LB . 51.66 -14.32 12.25
C22 3PE LB . 51.01 -15.19 13.28
C23 3PE LB . 51.18 -14.67 14.69
C24 3PE LB . 50.36 -15.45 15.70
C25 3PE LB . 48.87 -15.39 15.46
C26 3PE LB . 48.24 -14.05 15.78
C27 3PE LB . 46.75 -14.15 16.03
C28 3PE LB . 46.16 -12.97 16.77
C29 3PE LB . 45.00 -13.33 17.69
C2A 3PE LB . 43.72 -13.70 16.98
C2B 3PE LB . 42.98 -12.52 16.38
C2C 3PE LB . 42.70 -11.43 17.40
C2D 3PE LB . 41.84 -10.31 16.89
C2E 3PE LB . 40.36 -10.63 16.81
C2F 3PE LB . 39.54 -9.60 16.09
C2G 3PE LB . 39.94 -9.45 14.63
C2H 3PE LB . 39.05 -8.50 13.84
C2I 3PE LB . 37.60 -8.87 13.92
P 3PE MB . 11.83 -15.74 19.68
N 3PE MB . 9.20 -18.45 20.45
O11 3PE MB . 11.82 -17.28 19.24
O12 3PE MB . 13.19 -15.42 20.18
O13 3PE MB . 10.86 -15.70 20.96
O14 3PE MB . 11.25 -14.92 18.60
C11 3PE MB . 9.46 -16.04 20.91
C12 3PE MB . 9.36 -17.42 21.51
C1 3PE MB . 13.04 -17.95 18.87
C2 3PE MB . 13.53 -18.74 20.05
C3 3PE MB . 12.53 -19.76 20.49
O31 3PE MB . 13.08 -20.46 21.63
O32 3PE MB . 11.65 -19.41 22.99
C31 3PE MB . 12.57 -20.17 22.82
C32 3PE MB . 13.29 -20.90 23.92
C33 3PE MB . 13.70 -22.30 23.53
C34 3PE MB . 14.71 -22.90 24.49
C35 3PE MB . 16.00 -22.10 24.60
C36 3PE MB . 17.12 -22.75 25.40
C37 3PE MB . 18.23 -23.37 24.55
C38 3PE MB . 17.85 -24.66 23.85
C39 3PE MB . 18.90 -25.14 22.85
C3A 3PE MB . 18.53 -26.46 22.20
C3B 3PE MB . 17.19 -26.43 21.48
C3C 3PE MB . 16.63 -27.82 21.20
C3D 3PE MB . 16.42 -28.66 22.45
O21 3PE MB . 14.73 -19.48 19.65
O22 3PE MB . 16.09 -17.79 20.25
C21 3PE MB . 15.93 -18.91 19.86
C22 3PE MB . 17.03 -19.88 19.54
C23 3PE MB . 18.44 -19.31 19.52
C24 3PE MB . 19.46 -20.38 19.15
C25 3PE MB . 20.87 -20.13 19.64
C26 3PE MB . 21.54 -21.38 20.18
C27 3PE MB . 22.70 -21.10 21.11
C28 3PE MB . 23.23 -22.34 21.83
C29 3PE MB . 22.18 -23.07 22.65
C2A 3PE MB . 22.72 -24.30 23.36
C2B 3PE MB . 23.35 -25.33 22.43
C2C 3PE MB . 22.39 -25.95 21.43
P 3PE NB . -52.69 -65.99 5.63
N 3PE NB . -55.38 -63.08 3.91
O11 3PE NB . -51.27 -66.15 4.94
O12 3PE NB . -53.00 -67.27 6.30
O13 3PE NB . -53.74 -65.83 4.43
O14 3PE NB . -52.69 -64.74 6.43
C11 3PE NB . -55.11 -65.41 4.66
C12 3PE NB . -55.48 -64.51 3.52
C1 3PE NB . -50.36 -65.03 4.93
C2 3PE NB . -48.99 -65.46 5.40
C3 3PE NB . -48.81 -66.95 5.47
O31 3PE NB . -47.59 -67.14 6.24
O32 3PE NB . -47.49 -69.29 5.61
C31 3PE NB . -47.06 -68.36 6.25
C32 3PE NB . -45.88 -68.43 7.17
C33 3PE NB . -45.99 -69.52 8.23
C34 3PE NB . -44.78 -69.60 9.15
C35 3PE NB . -44.94 -70.54 10.32
C36 3PE NB . -45.00 -72.02 9.95
C37 3PE NB . -43.65 -72.72 9.90
C38 3PE NB . -43.05 -73.01 11.27
C39 3PE NB . -43.97 -73.82 12.18
C3A 3PE NB . -43.40 -75.14 12.66
C3B 3PE NB . -42.95 -76.05 11.52
C3C 3PE NB . -42.77 -77.51 11.89
C3D 3PE NB . -44.03 -78.18 12.42
C3E 3PE NB . -44.16 -79.65 12.05
C3F 3PE NB . -42.97 -80.52 12.42
C3G 3PE NB . -43.11 -81.97 11.99
C3H 3PE NB . -41.89 -82.83 12.30
C3I 3PE NB . -42.03 -84.26 11.80
O21 3PE NB . -48.00 -65.01 4.44
O22 3PE NB . -47.31 -63.41 5.84
C21 3PE NB . -47.17 -64.03 4.82
C22 3PE NB . -46.04 -63.85 3.86
C23 3PE NB . -44.72 -63.78 4.61
C24 3PE NB . -43.50 -63.95 3.72
C25 3PE NB . -42.25 -64.16 4.55
C26 3PE NB . -42.35 -65.38 5.45
C27 3PE NB . -41.40 -65.34 6.62
C28 3PE NB . -41.44 -66.55 7.53
C29 3PE NB . -40.59 -67.73 7.08
C2A 3PE NB . -40.43 -68.80 8.14
C2B 3PE NB . -39.34 -69.81 7.84
C2C 3PE NB . -39.28 -70.97 8.82
C2D 3PE NB . -38.15 -71.95 8.56
C2E 3PE NB . -38.17 -73.18 9.45
C2F 3PE NB . -36.98 -74.10 9.26
C2G 3PE NB . -37.09 -75.41 10.03
C2H 3PE NB . -35.91 -76.34 9.82
C2I 3PE NB . -36.08 -77.67 10.53
O12 PC1 OB . -25.49 -93.76 -24.74
P PC1 OB . -25.87 -93.01 -23.52
O14 PC1 OB . -25.61 -93.63 -22.20
O13 PC1 OB . -25.16 -91.59 -23.58
C11 PC1 OB . -24.74 -90.89 -22.39
C12 PC1 OB . -23.49 -90.17 -22.82
N PC1 OB . -22.60 -89.65 -21.70
C13 PC1 OB . -21.51 -88.81 -22.28
C14 PC1 OB . -23.40 -88.85 -20.73
C15 PC1 OB . -21.97 -90.82 -20.99
O11 PC1 OB . -27.42 -92.63 -23.62
C1 PC1 OB . -28.11 -92.74 -24.89
C2 PC1 OB . -27.72 -91.59 -25.77
O21 PC1 OB . -28.54 -90.36 -25.65
C21 PC1 OB . -29.89 -90.34 -25.82
O22 PC1 OB . -30.55 -91.26 -26.21
C22 PC1 OB . -30.46 -89.00 -25.48
C23 PC1 OB . -31.97 -89.05 -25.32
C24 PC1 OB . -32.41 -88.81 -23.89
C25 PC1 OB . -33.91 -88.92 -23.69
C26 PC1 OB . -34.39 -88.33 -22.38
C27 PC1 OB . -33.99 -86.88 -22.21
C28 PC1 OB . -34.46 -86.24 -20.91
C29 PC1 OB . -33.83 -84.89 -20.64
C2A PC1 OB . -33.81 -84.52 -19.16
C2B PC1 OB . -32.62 -83.69 -18.73
C2C PC1 OB . -32.45 -83.61 -17.23
C2D PC1 OB . -32.51 -84.96 -16.54
C2E PC1 OB . -32.10 -84.94 -15.09
C2F PC1 OB . -32.35 -86.24 -14.35
C2G PC1 OB . -31.67 -87.45 -14.93
C2H PC1 OB . -31.81 -88.67 -14.04
C2I PC1 OB . -31.25 -88.45 -12.67
C3 PC1 OB . -27.43 -92.01 -27.20
O31 PC1 OB . -28.63 -92.27 -27.94
C31 PC1 OB . -28.76 -93.47 -28.51
O32 PC1 OB . -27.89 -94.30 -28.50
C32 PC1 OB . -30.12 -93.64 -29.10
C33 PC1 OB . -30.52 -92.53 -30.05
C34 PC1 OB . -32.02 -92.39 -30.16
C35 PC1 OB . -32.74 -93.51 -30.91
C36 PC1 OB . -32.63 -93.38 -32.42
C37 PC1 OB . -33.03 -92.00 -32.92
C38 PC1 OB . -34.50 -91.66 -32.82
C39 PC1 OB . -35.36 -92.39 -33.83
C3A PC1 OB . -36.59 -91.62 -34.29
C3B PC1 OB . -36.52 -90.99 -35.68
C3C PC1 OB . -35.50 -89.86 -35.84
C3D PC1 OB . -36.11 -88.48 -36.03
C3E PC1 OB . -37.00 -88.03 -34.89
C3F PC1 OB . -36.32 -87.94 -33.54
C3G PC1 OB . -37.27 -87.58 -32.41
C3H PC1 OB . -38.03 -86.30 -32.69
C3I PC1 OB . -39.49 -86.39 -32.29
C1 CDL PB . -46.82 -66.48 -22.91
O1 CDL PB . -46.89 -65.09 -23.21
CA2 CDL PB . -45.74 -67.11 -23.76
OA2 CDL PB . -46.19 -67.15 -25.12
PA1 CDL PB . -46.86 -68.50 -25.67
OA3 CDL PB . -48.27 -68.62 -25.27
OA4 CDL PB . -46.62 -68.55 -27.17
OA5 CDL PB . -45.96 -69.65 -25.02
CA3 CDL PB . -45.08 -70.55 -25.70
CA4 CDL PB . -43.68 -70.00 -25.64
OA6 CDL PB . -42.76 -70.98 -26.23
CA5 CDL PB . -42.40 -70.81 -27.51
OA7 CDL PB . -42.95 -70.07 -28.26
C11 CDL PB . -41.21 -71.67 -27.84
C12 CDL PB . -40.28 -71.01 -28.85
C13 CDL PB . -39.08 -71.89 -29.20
C14 CDL PB . -38.29 -72.32 -27.99
C15 CDL PB . -37.02 -73.09 -28.33
C16 CDL PB . -36.33 -73.66 -27.12
C17 CDL PB . -35.03 -74.38 -27.39
C18 CDL PB . -33.93 -73.48 -27.91
C19 CDL PB . -32.58 -74.15 -28.01
C20 CDL PB . -31.81 -73.83 -29.27
C21 CDL PB . -30.58 -74.69 -29.49
C22 CDL PB . -30.84 -76.18 -29.41
C23 CDL PB . -31.72 -76.71 -30.52
C24 CDL PB . -33.06 -77.26 -30.04
C25 CDL PB . -34.27 -76.42 -30.40
C26 CDL PB . -35.60 -77.04 -30.03
C27 CDL PB . -36.79 -76.24 -30.53
CA6 CDL PB . -43.18 -69.84 -24.23
OA8 CDL PB . -41.77 -70.10 -24.34
CA7 CDL PB . -40.93 -69.37 -23.60
OA9 CDL PB . -41.29 -68.61 -22.73
C31 CDL PB . -39.51 -69.62 -24.00
C32 CDL PB . -38.72 -70.48 -23.02
C33 CDL PB . -39.45 -71.73 -22.59
C34 CDL PB . -39.77 -72.71 -23.71
C35 CDL PB . -38.57 -73.46 -24.23
C36 CDL PB . -37.94 -74.38 -23.22
C37 CDL PB . -36.98 -75.40 -23.80
C38 CDL PB . -35.52 -75.01 -23.72
C39 CDL PB . -34.59 -76.12 -24.16
C40 CDL PB . -34.82 -77.44 -23.45
C41 CDL PB . -34.54 -78.65 -24.31
C42 CDL PB . -35.24 -78.61 -25.66
C43 CDL PB . -35.11 -79.87 -26.50
C44 CDL PB . -34.04 -79.85 -27.58
C45 CDL PB . -32.62 -80.02 -27.07
C46 CDL PB . -31.57 -80.13 -28.15
C47 CDL PB . -30.20 -80.39 -27.59
CB2 CDL PB . -46.59 -66.67 -21.42
OB2 CDL PB . -45.89 -67.91 -21.22
PB2 CDL PB . -46.40 -68.97 -20.11
OB3 CDL PB . -46.07 -68.51 -18.74
OB4 CDL PB . -47.87 -69.24 -20.38
OB5 CDL PB . -45.61 -70.32 -20.45
CB3 CDL PB . -44.33 -70.55 -19.83
CB4 CDL PB . -44.38 -71.86 -19.10
OB6 CDL PB . -43.18 -72.60 -19.48
CB5 CDL PB . -43.25 -73.37 -20.57
OB7 CDL PB . -44.26 -73.56 -21.21
C51 CDL PB . -41.91 -73.95 -20.91
C52 CDL PB . -41.95 -75.44 -21.21
C53 CDL PB . -40.56 -76.03 -21.18
C54 CDL PB . -39.84 -75.76 -19.88
C55 CDL PB . -38.37 -76.12 -19.88
C56 CDL PB . -37.71 -75.89 -18.53
C57 CDL PB . -37.93 -74.50 -17.97
C58 CDL PB . -38.44 -74.48 -16.53
C59 CDL PB . -37.50 -73.80 -15.56
C60 CDL PB . -36.20 -74.55 -15.33
C61 CDL PB . -36.40 -76.00 -14.93
C62 CDL PB . -35.11 -76.76 -14.77
C63 CDL PB . -34.36 -77.00 -16.06
C64 CDL PB . -35.05 -77.95 -17.01
C65 CDL PB . -34.25 -78.28 -18.25
C66 CDL PB . -34.95 -79.25 -19.20
C67 CDL PB . -34.12 -79.59 -20.40
CB6 CDL PB . -44.33 -71.64 -17.60
OB8 CDL PB . -44.18 -72.90 -16.92
CB7 CDL PB . -43.28 -72.91 -15.93
OB9 CDL PB . -42.59 -71.98 -15.65
C71 CDL PB . -43.26 -74.23 -15.21
C72 CDL PB . -41.86 -74.83 -15.19
C73 CDL PB . -41.62 -75.79 -14.03
C74 CDL PB . -42.47 -77.04 -14.06
C75 CDL PB . -42.38 -77.82 -15.35
C76 CDL PB . -41.02 -78.44 -15.61
C77 CDL PB . -40.54 -79.34 -14.49
C78 CDL PB . -39.43 -80.28 -14.93
C79 CDL PB . -39.84 -81.15 -16.10
C80 CDL PB . -38.82 -81.17 -17.22
C81 CDL PB . -37.49 -81.76 -16.81
C82 CDL PB . -37.59 -83.21 -16.38
C83 CDL PB . -38.08 -84.16 -17.47
C84 CDL PB . -37.12 -85.30 -17.78
C85 CDL PB . -37.54 -86.67 -17.28
C86 CDL PB . -37.63 -86.81 -15.78
C87 CDL PB . -36.34 -86.45 -15.07
P 3PE QB . -83.77 -90.86 13.10
N 3PE QB . -87.10 -90.08 10.39
O11 3PE QB . -83.31 -92.33 12.66
O12 3PE QB . -83.42 -89.94 12.00
O13 3PE QB . -85.37 -90.96 13.13
O14 3PE QB . -83.26 -90.59 14.46
C11 3PE QB . -86.23 -89.89 12.69
C12 3PE QB . -87.27 -90.51 11.79
C1 3PE QB . -82.59 -92.50 11.43
C2 3PE QB . -81.11 -92.35 11.70
C3 3PE QB . -80.48 -93.57 12.35
O31 3PE QB . -80.65 -94.77 11.56
O32 3PE QB . -79.72 -95.98 13.20
C31 3PE QB . -80.19 -95.91 12.10
C32 3PE QB . -80.36 -97.06 11.16
C33 3PE QB . -79.09 -97.88 11.00
C34 3PE QB . -79.27 -99.07 10.06
C35 3PE QB . -79.56 -98.70 8.62
C36 3PE QB . -78.40 -98.06 7.87
C37 3PE QB . -77.21 -98.99 7.66
C38 3PE QB . -76.06 -98.35 6.88
O21 3PE QB . -80.34 -91.78 10.59
O22 3PE QB . -80.67 -93.43 9.09
C21 3PE QB . -80.20 -92.37 9.38
C22 3PE QB . -79.39 -91.51 8.46
C23 3PE QB . -77.90 -91.82 8.47
C24 3PE QB . -77.57 -93.16 7.81
C25 3PE QB . -76.10 -93.38 7.58
C26 3PE QB . -75.80 -94.62 6.74
C27 3PE QB . -74.32 -94.84 6.44
C28 3PE QB . -73.48 -95.12 7.67
P 3PE RB . -4.67 -71.89 18.56
N 3PE RB . 0.25 -71.72 17.65
O11 3PE RB . -5.51 -70.89 19.46
O12 3PE RB . -4.29 -73.04 19.39
O13 3PE RB . -3.33 -71.07 18.23
O14 3PE RB . -5.41 -72.14 17.29
C11 3PE RB . -2.01 -71.53 18.61
C12 3PE RB . -1.10 -71.12 17.48
C1 3PE RB . -6.45 -69.98 18.83
C2 3PE RB . -5.73 -68.71 18.50
C3 3PE RB . -6.04 -68.22 17.11
O31 3PE RB . -6.91 -69.13 16.42
O32 3PE RB . -5.71 -68.88 14.54
C31 3PE RB . -6.66 -69.35 15.13
C32 3PE RB . -7.72 -70.20 14.50
C33 3PE RB . -8.51 -69.49 13.40
C34 3PE RB . -9.04 -68.12 13.81
C35 3PE RB . -8.30 -66.93 13.20
C36 3PE RB . -8.90 -65.58 13.54
C37 3PE RB . -10.28 -65.33 12.93
C38 3PE RB . -10.29 -65.23 11.41
C39 3PE RB . -9.51 -64.05 10.87
C3A 3PE RB . -10.35 -63.04 10.09
C3B 3PE RB . -11.57 -62.53 10.84
C3C 3PE RB . -12.24 -61.32 10.21
C3D 3PE RB . -12.64 -61.51 8.76
C3E 3PE RB . -13.58 -60.43 8.24
C3F 3PE RB . -14.94 -60.44 8.92
C3G 3PE RB . -15.94 -59.46 8.36
C3H 3PE RB . -15.68 -58.02 8.75
C3I 3PE RB . -15.87 -57.77 10.22
O21 3PE RB . -6.21 -67.66 19.40
O22 3PE RB . -4.11 -67.19 20.06
C21 3PE RB . -5.29 -66.94 20.06
C22 3PE RB . -5.92 -65.79 20.79
C23 3PE RB . -6.00 -64.53 19.93
C24 3PE RB . -4.64 -63.94 19.61
C25 3PE RB . -4.68 -62.73 18.70
C26 3PE RB . -5.08 -63.03 17.27
C27 3PE RB . -4.98 -61.83 16.33
C28 3PE RB . -4.95 -62.22 14.85
C29 3PE RB . -6.16 -62.99 14.37
C2A 3PE RB . -7.45 -62.21 14.38
C2B 3PE RB . -7.49 -61.05 13.41
O12 PC1 SB . 8.33 -65.50 6.06
P PC1 SB . 9.14 -64.61 6.92
O14 PC1 SB . 9.89 -63.50 6.29
O13 PC1 SB . 10.15 -65.55 7.71
C11 PC1 SB . 10.26 -66.97 7.46
C12 PC1 SB . 9.27 -67.62 8.40
N PC1 SB . 9.67 -67.72 9.87
C13 PC1 SB . 9.10 -68.99 10.42
C14 PC1 SB . 11.15 -67.74 10.07
C15 PC1 SB . 9.09 -66.57 10.64
O11 PC1 SB . 8.20 -64.00 8.06
C1 PC1 SB . 6.91 -64.59 8.34
C2 PC1 SB . 5.86 -63.92 7.50
O21 PC1 SB . 5.00 -63.04 8.29
C21 PC1 SB . 5.42 -61.79 8.54
O22 PC1 SB . 6.53 -61.40 8.30
C22 PC1 SB . 4.34 -60.96 9.14
C23 PC1 SB . 2.93 -61.44 8.86
C24 PC1 SB . 1.89 -60.49 9.42
C25 PC1 SB . 1.92 -59.11 8.79
C26 PC1 SB . 1.84 -57.96 9.77
C27 PC1 SB . 1.58 -56.62 9.13
C28 PC1 SB . 0.21 -56.54 8.49
C29 PC1 SB . -0.92 -56.78 9.49
C2A PC1 SB . -2.27 -57.00 8.86
C2B PC1 SB . -2.74 -55.85 7.97
C2C PC1 SB . -4.05 -56.14 7.25
C2D PC1 SB . -4.48 -55.04 6.30
C2E PC1 SB . -4.66 -53.69 6.97
C2F PC1 SB . -5.32 -52.66 6.09
C2G PC1 SB . -6.76 -53.00 5.73
C2H PC1 SB . -7.38 -52.05 4.73
C2I PC1 SB . -7.30 -50.61 5.13
C3 PC1 SB . 4.95 -64.92 6.84
O31 PC1 SB . 4.18 -64.25 5.83
C31 PC1 SB . 4.70 -64.19 4.61
O32 PC1 SB . 5.74 -64.70 4.31
C32 PC1 SB . 3.84 -63.38 3.69
C33 PC1 SB . 2.47 -63.09 4.28
C34 PC1 SB . 1.88 -61.79 3.78
C35 PC1 SB . 1.14 -61.03 4.86
C36 PC1 SB . 0.48 -59.76 4.41
C37 PC1 SB . 0.00 -58.91 5.57
C38 PC1 SB . -1.01 -59.58 6.45
C39 PC1 SB . -2.40 -59.63 5.85
C3A PC1 SB . -3.46 -60.19 6.78
C3B PC1 SB . -4.87 -59.80 6.35
C3C PC1 SB . -5.17 -60.12 4.90
C3D PC1 SB . -5.62 -58.92 4.09
C3E PC1 SB . -6.73 -58.12 4.75
C3F PC1 SB . -7.34 -57.04 3.90
C3G PC1 SB . -8.36 -56.20 4.65
C3H PC1 SB . -9.18 -55.30 3.75
C3I PC1 SB . -10.01 -56.08 2.77
P 3PE TB . 8.71 -21.60 -20.97
N 3PE TB . 5.92 -19.70 -20.93
O11 3PE TB . 9.53 -22.83 -21.56
O12 3PE TB . 9.48 -21.10 -19.80
O13 3PE TB . 7.39 -22.29 -20.39
O14 3PE TB . 8.35 -20.66 -22.05
C11 3PE TB . 6.49 -21.62 -19.49
C12 3PE TB . 5.44 -20.98 -20.37
C1 3PE TB . 10.36 -23.58 -20.66
C2 3PE TB . 10.47 -25.02 -21.12
C3 3PE TB . 10.66 -25.97 -19.97
O31 3PE TB . 11.58 -27.01 -20.40
O32 3PE TB . 12.99 -26.39 -18.78
C31 3PE TB . 12.72 -27.10 -19.70
C32 3PE TB . 13.60 -28.19 -20.23
C33 3PE TB . 13.65 -29.39 -19.30
C34 3PE TB . 12.26 -29.97 -19.04
C35 3PE TB . 11.87 -30.03 -17.59
C36 3PE TB . 12.73 -30.95 -16.75
C37 3PE TB . 12.72 -32.39 -17.26
C38 3PE TB . 13.56 -33.35 -16.44
C39 3PE TB . 13.72 -34.69 -17.12
C3A 3PE TB . 14.73 -35.61 -16.46
C3B 3PE TB . 15.31 -36.63 -17.44
C3C 3PE TB . 16.38 -37.52 -16.87
C3D 3PE TB . 17.25 -38.18 -17.94
C3E 3PE TB . 18.16 -39.28 -17.43
C3F 3PE TB . 19.15 -38.86 -16.35
C3G 3PE TB . 19.90 -40.01 -15.71
C3H 3PE TB . 18.99 -41.08 -15.13
C3I 3PE TB . 19.75 -42.20 -14.47
O21 3PE TB . 9.45 -25.50 -22.07
O22 3PE TB . 7.66 -25.25 -20.71
C21 3PE TB . 8.15 -25.66 -21.73
C22 3PE TB . 7.41 -26.44 -22.78
C23 3PE TB . 6.34 -27.35 -22.20
C24 3PE TB . 6.67 -28.83 -22.32
C25 3PE TB . 7.98 -29.27 -21.69
C26 3PE TB . 8.15 -30.78 -21.62
C27 3PE TB . 9.53 -31.24 -21.21
C28 3PE TB . 9.65 -32.73 -20.94
C29 3PE TB . 11.06 -33.15 -20.54
C2A 3PE TB . 11.19 -34.53 -19.93
C2B 3PE TB . 11.05 -35.68 -20.91
C2C 3PE TB . 11.00 -37.04 -20.22
C2D 3PE TB . 12.33 -37.49 -19.65
C2E 3PE TB . 13.17 -38.25 -20.65
C2F 3PE TB . 12.80 -39.72 -20.78
C2G 3PE TB . 13.08 -40.52 -19.52
C2H 3PE TB . 14.53 -40.47 -19.09
C2I 3PE TB . 14.80 -41.17 -17.79
P 3PE UB . 5.67 -18.34 23.42
N 3PE UB . 4.94 -14.42 23.17
O11 3PE UB . 7.03 -19.18 23.48
O12 3PE UB . 4.63 -19.24 22.88
O13 3PE UB . 5.94 -17.23 22.31
O14 3PE UB . 5.45 -17.69 24.73
C11 3PE UB . 4.89 -16.43 21.73
C12 3PE UB . 5.32 -15.00 21.86
C1 3PE UB . 7.23 -20.28 22.57
C2 3PE UB . 7.69 -21.48 23.34
C3 3PE UB . 6.66 -21.90 24.36
O31 3PE UB . 7.07 -23.10 25.05
O32 3PE UB . 5.68 -24.32 23.81
C31 3PE UB . 6.44 -24.23 24.73
C32 3PE UB . 6.76 -25.33 25.70
C33 3PE UB . 7.81 -26.30 25.19
C34 3PE UB . 9.09 -26.25 26.01
C35 3PE UB . 8.92 -26.70 27.45
C36 3PE UB . 8.59 -28.17 27.60
C37 3PE UB . 8.62 -28.67 29.03
C38 3PE UB . 8.55 -30.18 29.15
O21 3PE UB . 7.84 -22.58 22.38
O22 3PE UB . 9.96 -22.00 21.95
C21 3PE UB . 9.02 -22.71 21.76
C22 3PE UB . 9.00 -23.88 20.82
C23 3PE UB . 10.14 -24.86 21.08
C24 3PE UB . 10.21 -25.29 22.54
C25 3PE UB . 11.20 -26.41 22.80
C26 3PE UB . 10.79 -27.74 22.21
C27 3PE UB . 11.73 -28.89 22.55
C28 3PE UB . 11.90 -29.13 24.05
C29 3PE UB . 10.62 -29.51 24.78
C2A 3PE UB . 10.02 -30.85 24.35
C2B 3PE UB . 10.79 -32.05 24.84
C2C 3PE UB . 10.81 -32.22 26.35
P 3PE VB . 15.57 -60.21 17.68
N 3PE VB . 19.29 -58.02 18.97
O11 3PE VB . 13.98 -60.26 17.66
O12 3PE VB . 16.05 -61.31 18.54
O13 3PE VB . 15.88 -58.84 18.44
O14 3PE VB . 16.08 -60.11 16.29
C11 3PE VB . 16.95 -58.66 19.39
C12 3PE VB . 17.87 -57.63 18.80
C1 3PE VB . 13.23 -59.41 18.55
C2 3PE VB . 12.58 -58.31 17.76
C3 3PE VB . 11.24 -58.74 17.19
O31 3PE VB . 10.74 -57.69 16.34
O32 3PE VB . 9.44 -56.93 18.00
C31 3PE VB . 9.84 -56.86 16.86
C32 3PE VB . 9.38 -55.84 15.86
C33 3PE VB . 8.33 -56.36 14.89
C34 3PE VB . 7.15 -57.02 15.59
C35 3PE VB . 5.89 -57.08 14.75
C36 3PE VB . 5.27 -55.71 14.51
C37 3PE VB . 3.97 -55.74 13.72
C38 3PE VB . 3.33 -54.38 13.58
C39 3PE VB . 2.05 -54.37 12.75
C3A 3PE VB . 1.37 -53.01 12.68
C3B 3PE VB . 0.02 -53.03 11.96
O21 3PE VB . 12.38 -57.20 18.68
O22 3PE VB . 13.28 -55.76 17.22
C21 3PE VB . 12.82 -55.99 18.29
C22 3PE VB . 12.66 -54.98 19.40
C23 3PE VB . 11.22 -54.66 19.74
C24 3PE VB . 10.53 -53.81 18.70
C25 3PE VB . 9.15 -53.32 19.11
C26 3PE VB . 8.54 -52.32 18.13
C27 3PE VB . 7.23 -51.71 18.58
C28 3PE VB . 7.31 -51.03 19.95
C29 3PE VB . 6.10 -50.17 20.29
C2A 3PE VB . 5.99 -48.92 19.44
C2B 3PE VB . 7.20 -48.01 19.52
C1 CDL WB . -5.51 -31.56 18.17
O1 CDL WB . -4.93 -30.27 18.44
CA2 CDL WB . -4.61 -32.33 17.25
OA2 CDL WB . -4.58 -31.68 15.97
PA1 CDL WB . -3.35 -30.69 15.56
OA3 CDL WB . -3.37 -30.44 14.10
OA4 CDL WB . -3.50 -29.44 16.43
OA5 CDL WB . -2.00 -31.40 16.02
CA3 CDL WB . -1.38 -32.52 15.37
CA4 CDL WB . 0.02 -32.18 14.99
OA6 CDL WB . 0.34 -32.96 13.78
CA5 CDL WB . 1.26 -32.46 12.93
OA7 CDL WB . 1.84 -31.42 13.09
C11 CDL WB . 1.43 -33.37 11.75
C12 CDL WB . 2.68 -33.10 10.93
C13 CDL WB . 3.93 -33.75 11.51
C14 CDL WB . 4.97 -34.05 10.45
C15 CDL WB . 6.32 -34.51 10.99
C16 CDL WB . 6.25 -35.74 11.86
C17 CDL WB . 7.59 -36.37 12.14
C18 CDL WB . 7.55 -37.41 13.23
C19 CDL WB . 8.86 -38.15 13.45
C20 CDL WB . 8.87 -38.99 14.70
C21 CDL WB . 10.03 -39.97 14.80
C22 CDL WB . 11.39 -39.35 14.59
C23 CDL WB . 12.13 -39.92 13.41
C24 CDL WB . 13.58 -39.49 13.31
C25 CDL WB . 14.35 -40.23 12.23
C26 CDL WB . 14.04 -39.77 10.83
C27 CDL WB . 14.61 -38.42 10.55
CA6 CDL WB . 1.01 -32.53 16.07
OA8 CDL WB . 1.32 -33.94 15.97
CA7 CDL WB . 2.53 -34.27 15.52
OA9 CDL WB . 3.39 -33.46 15.29
C31 CDL WB . 2.66 -35.75 15.34
C32 CDL WB . 3.54 -36.43 16.37
C33 CDL WB . 4.92 -36.79 15.83
C34 CDL WB . 5.31 -38.24 16.09
C35 CDL WB . 4.43 -39.24 15.35
C36 CDL WB . 4.62 -40.68 15.83
C37 CDL WB . 6.04 -41.19 15.70
C38 CDL WB . 6.29 -42.49 16.42
C39 CDL WB . 6.10 -42.40 17.93
C40 CDL WB . 6.98 -41.35 18.61
C41 CDL WB . 8.14 -41.91 19.42
C42 CDL WB . 9.26 -42.55 18.60
C43 CDL WB . 9.29 -44.07 18.69
C44 CDL WB . 9.41 -44.59 20.11
C45 CDL WB . 10.69 -44.19 20.80
C46 CDL WB . 10.61 -44.23 22.31
C47 CDL WB . 10.25 -45.58 22.85
CB2 CDL WB . -5.78 -32.24 19.50
OB2 CDL WB . -5.48 -33.65 19.36
PB2 CDL WB . -5.16 -34.49 20.70
OB3 CDL WB . -5.19 -33.60 21.89
OB4 CDL WB . -6.17 -35.63 20.78
OB5 CDL WB . -3.70 -35.19 20.47
CB3 CDL WB . -2.85 -34.80 19.38
CB4 CDL WB . -1.69 -35.75 19.29
OB6 CDL WB . -2.05 -36.77 18.31
CB5 CDL WB . -1.67 -36.56 17.04
OB7 CDL WB . -1.06 -35.60 16.67
C51 CDL WB . -2.13 -37.66 16.13
C52 CDL WB . -1.47 -37.63 14.77
C53 CDL WB . -0.05 -38.16 14.77
C54 CDL WB . 0.06 -39.66 14.99
C55 CDL WB . 0.71 -40.06 16.30
C56 CDL WB . 0.95 -41.55 16.42
C57 CDL WB . 1.64 -41.97 17.70
C58 CDL WB . 2.04 -43.44 17.71
C59 CDL WB . 2.84 -43.85 18.92
C60 CDL WB . 3.57 -45.17 18.77
C61 CDL WB . 4.55 -45.45 19.89
CB6 CDL WB . -1.44 -36.45 20.60
OB8 CDL WB . -0.93 -37.77 20.35
CB7 CDL WB . -0.51 -38.47 21.41
OB9 CDL WB . -0.45 -38.03 22.53
C71 CDL WB . -0.15 -39.88 21.03
C72 CDL WB . 1.08 -40.40 21.76
C73 CDL WB . 1.20 -41.91 21.67
C74 CDL WB . 0.05 -42.66 22.32
C75 CDL WB . 0.20 -44.16 22.33
C76 CDL WB . 1.52 -44.64 22.93
C77 CDL WB . 1.71 -46.14 22.86
C78 CDL WB . 3.14 -46.58 23.12
C79 CDL WB . 3.37 -48.07 22.89
C80 CDL WB . 2.83 -48.97 23.99
C81 CDL WB . 3.60 -48.90 25.29
C82 CDL WB . 4.30 -50.20 25.66
C83 CDL WB . 5.21 -50.75 24.57
C84 CDL WB . 5.81 -52.10 24.90
C85 CDL WB . 6.54 -52.74 23.73
C86 CDL WB . 5.65 -53.10 22.56
C87 CDL WB . 4.55 -54.07 22.93
C1 CDL XB . -16.00 -38.22 14.60
O1 CDL XB . -16.41 -37.08 15.38
CA2 CDL XB . -14.57 -38.58 14.92
OA2 CDL XB . -13.73 -37.43 14.77
PA1 CDL XB . -13.30 -36.58 16.09
OA3 CDL XB . -13.89 -35.22 16.06
OA4 CDL XB . -13.70 -37.41 17.30
OA5 CDL XB . -11.71 -36.49 16.12
CA3 CDL XB . -10.96 -35.64 17.01
CA4 CDL XB . -10.00 -36.46 17.85
OA6 CDL XB . -8.72 -36.53 17.16
CA5 CDL XB . -7.64 -36.12 17.82
OA7 CDL XB . -7.68 -35.56 18.89
C11 CDL XB . -6.38 -36.46 17.07
C12 CDL XB . -5.32 -37.11 17.94
C13 CDL XB . -5.82 -38.30 18.74
C14 CDL XB . -4.77 -38.93 19.63
C15 CDL XB . -3.70 -39.68 18.86
C16 CDL XB . -4.20 -40.98 18.24
C17 CDL XB . -3.90 -42.21 19.08
C18 CDL XB . -2.57 -42.87 18.76
C19 CDL XB . -2.28 -44.11 19.58
C20 CDL XB . -1.20 -45.01 18.97
C21 CDL XB . -1.60 -45.58 17.62
C22 CDL XB . -0.58 -46.51 17.00
C23 CDL XB . -1.07 -47.14 15.69
C24 CDL XB . -2.23 -48.11 15.87
C25 CDL XB . -3.09 -48.28 14.62
C26 CDL XB . -2.32 -48.64 13.38
C27 CDL XB . -1.71 -50.03 13.41
CA6 CDL XB . -10.47 -37.88 18.04
OA8 CDL XB . -9.94 -38.69 16.97
CA7 CDL XB . -9.02 -39.60 17.30
OA9 CDL XB . -8.72 -39.85 18.43
C31 CDL XB . -8.41 -40.22 16.08
C32 CDL XB . -8.99 -41.57 15.69
C33 CDL XB . -8.75 -42.67 16.72
C34 CDL XB . -7.31 -42.75 17.21
C35 CDL XB . -7.01 -43.98 18.04
C36 CDL XB . -7.13 -45.29 17.29
C37 CDL XB . -5.80 -45.99 17.00
C38 CDL XB . -4.89 -45.25 16.03
CB2 CDL XB . -16.99 -39.34 14.84
OB2 CDL XB . -17.10 -39.56 16.27
PB2 CDL XB . -16.58 -40.93 16.96
OB3 CDL XB . -15.40 -40.68 17.81
OB4 CDL XB . -17.77 -41.53 17.68
OB5 CDL XB . -16.19 -41.93 15.74
CB3 CDL XB . -14.80 -42.25 15.48
CB4 CDL XB . -14.67 -43.72 15.23
OB6 CDL XB . -13.25 -44.08 15.30
CB5 CDL XB . -12.50 -43.92 14.20
OB7 CDL XB . -12.91 -43.47 13.15
C51 CDL XB . -11.09 -44.38 14.43
C52 CDL XB . -10.69 -45.53 13.52
C53 CDL XB . -9.33 -46.11 13.86
C54 CDL XB . -8.18 -45.12 13.74
C55 CDL XB . -6.98 -45.65 12.99
C56 CDL XB . -7.32 -46.33 11.68
C57 CDL XB . -6.13 -46.76 10.87
C58 CDL XB . -6.46 -47.74 9.75
C59 CDL XB . -5.24 -48.35 9.09
C60 CDL XB . -5.56 -49.62 8.31
C61 CDL XB . -6.15 -50.72 9.16
CB6 CDL XB . -15.37 -44.51 16.30
OB8 CDL XB . -16.20 -45.55 15.71
CB7 CDL XB . -17.33 -45.82 16.35
OB9 CDL XB . -17.69 -45.25 17.34
C71 CDL XB . -18.09 -46.92 15.68
C72 CDL XB . -17.26 -48.13 15.30
C73 CDL XB . -16.67 -48.85 16.51
C74 CDL XB . -15.18 -48.60 16.70
C75 CDL XB . -14.32 -49.09 15.54
C76 CDL XB . -14.13 -50.60 15.49
C77 CDL XB . -13.27 -51.06 14.33
C78 CDL XB . -12.76 -52.49 14.46
C79 CDL XB . -11.79 -52.90 13.37
C80 CDL XB . -12.46 -53.43 12.11
C81 CDL XB . -13.09 -54.80 12.28
C82 CDL XB . -12.10 -55.88 12.71
C83 CDL XB . -12.72 -57.24 12.93
C84 CDL XB . -11.75 -58.27 13.49
C85 CDL XB . -12.40 -59.59 13.87
C86 CDL XB . -11.44 -60.60 14.49
C87 CDL XB . -10.77 -60.06 15.74
C1 CDL YB . -26.11 -93.91 -32.47
O1 CDL YB . -24.77 -93.82 -31.99
CA2 CDL YB . -26.09 -93.89 -33.98
OA2 CDL YB . -27.44 -93.89 -34.46
PA1 CDL YB . -28.20 -95.26 -34.85
OA3 CDL YB . -28.09 -96.30 -33.82
OA4 CDL YB . -27.72 -95.66 -36.24
OA5 CDL YB . -29.68 -94.73 -35.01
CA3 CDL YB . -30.50 -94.94 -36.18
CA4 CDL YB . -31.39 -93.74 -36.39
OA6 CDL YB . -32.40 -94.18 -37.35
CA5 CDL YB . -33.60 -93.59 -37.31
OA7 CDL YB . -33.83 -92.58 -36.69
C11 CDL YB . -34.62 -94.35 -38.10
C12 CDL YB . -35.48 -95.24 -37.22
C13 CDL YB . -36.80 -94.60 -36.84
C14 CDL YB . -37.65 -95.45 -35.91
C15 CDL YB . -39.13 -95.13 -35.97
C16 CDL YB . -39.83 -95.66 -37.21
C17 CDL YB . -39.68 -97.16 -37.39
C18 CDL YB . -40.83 -97.83 -38.13
C19 CDL YB . -41.09 -97.30 -39.53
C20 CDL YB . -42.21 -98.03 -40.26
C21 CDL YB . -42.44 -97.56 -41.69
C22 CDL YB . -41.41 -98.04 -42.70
C23 CDL YB . -41.36 -99.56 -42.86
C24 CDL YB . -40.55 -100.03 -44.06
C25 CDL YB . -39.13 -99.48 -44.12
C26 CDL YB . -38.32 -99.96 -45.31
C27 CDL YB . -36.96 -99.33 -45.39
CA6 CDL YB . -30.62 -92.59 -36.97
OA8 CDL YB . -30.28 -91.69 -35.88
CA7 CDL YB . -31.04 -90.60 -35.74
OA9 CDL YB . -31.95 -90.34 -36.47
C31 CDL YB . -30.58 -89.77 -34.58
C32 CDL YB . -30.71 -88.28 -34.82
C33 CDL YB . -32.00 -87.68 -34.28
C34 CDL YB . -31.77 -86.38 -33.52
C35 CDL YB . -33.03 -85.64 -33.11
C36 CDL YB . -32.77 -84.44 -32.22
C37 CDL YB . -33.85 -83.37 -32.28
C38 CDL YB . -34.63 -83.17 -30.99
C39 CDL YB . -35.51 -84.35 -30.61
C40 CDL YB . -36.30 -84.15 -29.31
C41 CDL YB . -37.37 -83.08 -29.39
C42 CDL YB . -38.38 -83.28 -30.51
C43 CDL YB . -39.70 -82.57 -30.29
C44 CDL YB . -40.53 -83.15 -29.16
C45 CDL YB . -41.02 -84.58 -29.43
C46 CDL YB . -41.80 -85.21 -28.30
C47 CDL YB . -40.97 -85.40 -27.04
CB2 CDL YB . -26.93 -92.81 -31.84
OB2 CDL YB . -26.94 -91.66 -32.72
PB2 CDL YB . -26.59 -90.20 -32.14
OB3 CDL YB . -25.49 -90.29 -31.17
OB4 CDL YB . -26.31 -89.31 -33.34
OB5 CDL YB . -27.91 -89.62 -31.43
CB3 CDL YB . -27.96 -89.74 -30.00
CB4 CDL YB . -28.99 -88.82 -29.40
OB6 CDL YB . -30.18 -88.78 -30.27
CB5 CDL YB . -31.36 -88.56 -29.69
OB7 CDL YB . -31.50 -88.30 -28.53
C51 CDL YB . -32.48 -88.68 -30.68
C52 CDL YB . -33.83 -88.23 -30.12
C53 CDL YB . -34.72 -89.37 -29.64
C54 CDL YB . -34.26 -90.05 -28.36
C55 CDL YB . -35.28 -91.03 -27.78
C56 CDL YB . -36.65 -90.41 -27.59
C57 CDL YB . -37.59 -91.22 -26.74
C58 CDL YB . -37.13 -91.39 -25.30
C59 CDL YB . -38.22 -91.85 -24.37
C60 CDL YB . -37.76 -92.10 -22.95
C61 CDL YB . -36.99 -90.95 -22.35
C62 CDL YB . -37.84 -89.74 -22.01
C63 CDL YB . -38.72 -89.94 -20.81
C64 CDL YB . -39.64 -88.77 -20.49
C65 CDL YB . -40.42 -88.96 -19.21
C66 CDL YB . -41.47 -87.91 -18.96
C67 CDL YB . -40.92 -86.53 -18.86
CB6 CDL YB . -28.46 -87.43 -29.19
OB8 CDL YB . -28.61 -86.66 -30.40
CB7 CDL YB . -27.82 -85.60 -30.53
OB9 CDL YB . -26.94 -85.33 -29.76
C71 CDL YB . -28.16 -84.81 -31.75
C72 CDL YB . -27.75 -83.34 -31.63
C73 CDL YB . -28.61 -82.54 -30.69
C74 CDL YB . -28.30 -81.06 -30.69
C75 CDL YB . -29.40 -80.18 -31.29
C76 CDL YB . -29.65 -80.42 -32.78
C77 CDL YB . -30.67 -79.46 -33.39
C78 CDL YB . -32.08 -79.61 -32.85
C79 CDL YB . -33.09 -78.67 -33.51
C80 CDL YB . -34.53 -78.92 -33.08
C81 CDL YB . -35.15 -80.18 -33.64
C82 CDL YB . -35.53 -80.08 -35.11
C83 CDL YB . -35.98 -81.39 -35.70
C84 CDL YB . -37.13 -82.07 -34.97
C85 CDL YB . -37.39 -83.49 -35.43
C86 CDL YB . -37.60 -83.61 -36.93
C87 CDL YB . -37.80 -85.03 -37.38
O7 ZMP ZB . -84.07 -41.90 11.11
P1 ZMP ZB . -82.84 -42.71 10.49
O6 ZMP ZB . -82.04 -41.76 9.70
O5 ZMP ZB . -82.03 -43.10 11.82
C21 ZMP ZB . -82.09 -42.22 12.93
C18 ZMP ZB . -81.62 -42.92 14.20
C19 ZMP ZB . -82.12 -44.35 14.19
C20 ZMP ZB . -80.10 -42.93 14.26
C17 ZMP ZB . -82.21 -42.22 15.44
O4 ZMP ZB . -83.55 -41.80 15.17
C16 ZMP ZB . -81.37 -41.02 15.91
O3 ZMP ZB . -81.25 -40.01 15.21
N2 ZMP ZB . -80.81 -41.12 17.14
C15 ZMP ZB . -80.95 -42.30 18.02
C14 ZMP ZB . -79.59 -42.75 18.54
C13 ZMP ZB . -79.77 -44.13 19.16
O2 ZMP ZB . -80.18 -44.25 20.32
N1 ZMP ZB . -79.47 -45.15 18.34
C12 ZMP ZB . -79.60 -46.56 18.74
C11 ZMP ZB . -78.50 -46.97 19.72
S1 ZMP ZB . -79.11 -48.16 20.97
C10 ZMP ZB . -78.82 -49.62 20.09
O1 ZMP ZB . -78.41 -49.65 18.94
C9 ZMP ZB . -79.10 -50.92 20.86
C8 ZMP ZB . -79.15 -52.07 19.85
C7 ZMP ZB . -79.08 -53.41 20.59
C6 ZMP ZB . -77.68 -54.01 20.42
C5 ZMP ZB . -77.40 -54.27 18.95
C4 ZMP ZB . -76.26 -55.27 18.79
C3 ZMP ZB . -76.81 -56.62 18.34
C2 ZMP ZB . -75.70 -57.45 17.71
C1 CDL AC . 4.60 -67.23 -28.83
O1 CDL AC . 5.60 -68.20 -28.54
CA2 CDL AC . 3.38 -67.50 -27.98
OA2 CDL AC . 3.72 -67.25 -26.60
PA1 CDL AC . 2.63 -67.43 -25.42
OA3 CDL AC . 1.61 -68.44 -25.78
OA4 CDL AC . 3.41 -67.77 -24.15
OA5 CDL AC . 1.97 -66.01 -25.19
CA3 CDL AC . 2.65 -64.78 -24.87
CA4 CDL AC . 2.14 -63.69 -25.76
OA6 CDL AC . 0.75 -63.45 -25.41
CA5 CDL AC . 0.50 -62.51 -24.48
OA7 CDL AC . 1.34 -61.94 -23.85
C11 CDL AC . -0.98 -62.25 -24.37
C12 CDL AC . -1.40 -60.92 -24.98
C13 CDL AC . -1.26 -60.86 -26.50
C14 CDL AC . 0.00 -60.18 -26.99
C15 CDL AC . -0.04 -59.72 -28.44
C16 CDL AC . -0.20 -60.83 -29.47
C17 CDL AC . 0.53 -60.54 -30.77
C18 CDL AC . -0.37 -60.35 -31.98
C19 CDL AC . -1.35 -59.18 -31.88
C20 CDL AC . -2.08 -58.90 -33.18
C21 CDL AC . -3.39 -58.12 -33.02
C22 CDL AC . -3.23 -56.67 -32.61
C23 CDL AC . -4.56 -55.92 -32.52
C24 CDL AC . -4.42 -54.41 -32.39
C25 CDL AC . -3.76 -53.98 -31.09
C26 CDL AC . -4.67 -53.98 -29.89
C27 CDL AC . -5.73 -52.92 -29.96
CA6 CDL AC . 2.14 -64.13 -27.20
OA8 CDL AC . 3.05 -63.37 -28.02
CA7 CDL AC . 2.68 -63.20 -29.29
OA9 CDL AC . 1.63 -63.54 -29.73
C31 CDL AC . 3.77 -62.55 -30.10
C32 CDL AC . 3.88 -63.12 -31.51
C33 CDL AC . 4.94 -62.44 -32.35
C34 CDL AC . 4.66 -60.99 -32.67
C35 CDL AC . 3.94 -60.78 -33.98
C36 CDL AC . 4.68 -61.34 -35.19
C37 CDL AC . 4.22 -60.79 -36.52
C38 CDL AC . 4.88 -61.46 -37.73
C39 CDL AC . 4.39 -62.87 -37.99
C40 CDL AC . 5.45 -63.79 -38.58
C41 CDL AC . 6.57 -64.13 -37.60
C42 CDL AC . 7.73 -64.90 -38.22
C43 CDL AC . 8.39 -64.16 -39.37
C44 CDL AC . 9.75 -64.73 -39.78
C45 CDL AC . 10.42 -63.95 -40.89
C46 CDL AC . 11.85 -64.37 -41.18
C47 CDL AC . 11.97 -65.80 -41.63
CB2 CDL AC . 5.16 -65.84 -28.65
OB2 CDL AC . 6.59 -65.89 -28.84
PB2 CDL AC . 7.59 -65.72 -27.58
OB3 CDL AC . 7.53 -66.88 -26.68
OB4 CDL AC . 8.96 -65.45 -28.18
OB5 CDL AC . 7.18 -64.37 -26.78
CB3 CDL AC . 8.11 -63.75 -25.88
CB4 CDL AC . 7.33 -63.01 -24.83
OB6 CDL AC . 6.87 -61.76 -25.43
CB5 CDL AC . 6.84 -60.67 -24.64
OB7 CDL AC . 7.06 -60.70 -23.46
C51 CDL AC . 6.49 -59.44 -25.42
C52 CDL AC . 5.43 -58.58 -24.75
C53 CDL AC . 4.05 -58.78 -25.35
C54 CDL AC . 3.93 -58.26 -26.77
C55 CDL AC . 3.62 -59.33 -27.80
C56 CDL AC . 3.67 -58.83 -29.24
C57 CDL AC . 2.76 -57.65 -29.51
C58 CDL AC . 2.80 -57.11 -30.92
C59 CDL AC . 1.58 -56.30 -31.28
C60 CDL AC . 1.15 -55.35 -30.16
C61 CDL AC . -0.32 -55.00 -30.17
C62 CDL AC . -0.92 -54.89 -28.78
C63 CDL AC . -0.77 -56.17 -27.99
C64 CDL AC . -1.29 -56.10 -26.57
C65 CDL AC . -0.43 -55.28 -25.63
C66 CDL AC . -0.03 -56.01 -24.35
C67 CDL AC . 0.67 -57.31 -24.61
CB6 CDL AC . 6.14 -63.82 -24.42
OB8 CDL AC . 5.34 -63.13 -23.42
CB7 CDL AC . 5.60 -63.41 -22.14
OB9 CDL AC . 6.57 -64.01 -21.77
C71 CDL AC . 4.50 -62.94 -21.25
C72 CDL AC . 4.50 -61.44 -20.98
C73 CDL AC . 3.79 -60.64 -22.05
C74 CDL AC . 3.27 -59.32 -21.55
C75 CDL AC . 2.19 -59.45 -20.53
C76 CDL AC . 1.82 -58.14 -19.86
C77 CDL AC . 0.66 -58.23 -18.91
C78 CDL AC . 0.35 -56.91 -18.24
C79 CDL AC . 0.06 -55.78 -19.20
C80 CDL AC . -1.18 -55.97 -20.07
C81 CDL AC . -1.41 -54.80 -20.99
C82 CDL AC . -2.82 -54.72 -21.56
C83 CDL AC . -3.23 -55.92 -22.40
C84 CDL AC . -3.67 -55.55 -23.81
C85 CDL AC . -4.59 -54.34 -23.88
C86 CDL AC . -4.95 -53.90 -25.29
C87 CDL AC . -3.77 -53.36 -26.05
ZN ZN BC . 32.80 82.94 11.37
PA NDP CC . 21.15 27.41 41.52
O1A NDP CC . 21.95 26.26 41.99
O2A NDP CC . 20.60 27.11 40.15
O5B NDP CC . 21.91 28.80 41.48
C5B NDP CC . 22.09 29.55 42.70
C4B NDP CC . 22.65 30.90 42.34
O4B NDP CC . 23.34 31.47 43.48
C3B NDP CC . 23.65 30.90 41.19
O3B NDP CC . 23.57 32.11 40.44
C2B NDP CC . 24.98 30.84 41.92
O2B NDP CC . 26.01 31.43 41.11
C1B NDP CC . 24.69 31.69 43.16
N9A NDP CC . 25.50 31.31 44.31
C8A NDP CC . 25.40 30.16 45.05
N7A NDP CC . 26.26 30.09 46.04
C5A NDP CC . 26.97 31.28 45.95
C6A NDP CC . 28.03 31.80 46.71
N6A NDP CC . 28.56 31.21 47.77
N1A NDP CC . 28.53 33.01 46.33
C2A NDP CC . 27.99 33.62 45.28
N3A NDP CC . 26.99 33.23 44.50
C4A NDP CC . 26.51 32.04 44.89
O3 NDP CC . 19.92 27.66 42.50
PN NDP CC . 18.37 27.74 42.20
O1N NDP CC . 18.15 28.57 41.01
O2N NDP CC . 17.87 26.34 41.94
O5D NDP CC . 17.61 28.28 43.48
C5D NDP CC . 17.51 29.66 43.87
C4D NDP CC . 17.10 29.76 45.31
O4D NDP CC . 15.82 29.12 45.50
C3D NDP CC . 18.06 29.14 46.33
O3D NDP CC . 18.17 29.98 47.47
C2D NDP CC . 17.36 27.83 46.70
O2D NDP CC . 17.68 27.41 48.01
C1D NDP CC . 15.90 28.23 46.60
N1N NDP CC . 15.00 27.12 46.35
C2N NDP CC . 15.20 26.28 45.28
C3N NDP CC . 14.40 25.24 44.99
C7N NDP CC . 14.75 24.43 43.83
O7N NDP CC . 15.69 24.77 43.10
N7N NDP CC . 14.03 23.34 43.59
C4N NDP CC . 13.23 24.92 45.84
C5N NDP CC . 13.09 25.89 46.97
C6N NDP CC . 13.93 26.89 47.16
P2B NDP CC . 27.04 30.60 40.20
O1X NDP CC . 26.42 30.22 38.92
O2X NDP CC . 28.23 31.50 40.07
O3X NDP CC . 27.47 29.41 41.04
O7 ZMP DC . -24.05 28.24 12.69
P1 ZMP DC . -23.70 28.81 11.22
O6 ZMP DC . -24.62 28.19 10.25
O5 ZMP DC . -22.24 28.17 11.01
C21 ZMP DC . -21.80 27.82 9.70
C18 ZMP DC . -20.27 27.91 9.62
C19 ZMP DC . -19.67 26.62 10.14
C20 ZMP DC . -19.85 28.06 8.17
C17 ZMP DC . -19.75 29.05 10.51
O4 ZMP DC . -20.16 28.80 11.86
C16 ZMP DC . -20.25 30.45 10.10
O3 ZMP DC . -21.31 30.91 10.53
N2 ZMP DC . -19.43 31.13 9.33
C15 ZMP DC . -19.77 32.47 8.84
C14 ZMP DC . -19.07 32.64 7.52
C13 ZMP DC . -17.69 33.17 7.82
O2 ZMP DC . -17.52 34.36 8.04
N1 ZMP DC . -16.69 32.26 7.80
C12 ZMP DC . -15.30 32.65 8.06
C11 ZMP DC . -14.50 31.43 8.49
S1 ZMP DC . -13.09 31.06 7.40
C10 ZMP DC . -11.78 31.32 8.51
O1 ZMP DC . -11.83 32.12 9.43
C9 ZMP DC . -10.53 30.47 8.26
C8 ZMP DC . -9.52 30.70 9.39
C7 ZMP DC . -8.69 29.42 9.55
C6 ZMP DC . -7.56 29.67 10.55
C5 ZMP DC . -7.16 28.35 11.22
C4 ZMP DC . -6.07 28.59 12.25
C3 ZMP DC . -5.48 27.24 12.68
C2 ZMP DC . -4.63 27.41 13.95
C1 ZMP DC . -3.73 26.19 14.12
C22 ZMP DC . -3.33 26.05 15.58
C23 ZMP DC . -3.09 24.61 16.05
P 3PE EC . 56.53 35.25 29.35
N 3PE EC . 59.20 39.29 28.41
O11 3PE EC . 56.28 33.84 28.62
O12 3PE EC . 55.21 35.87 29.55
O13 3PE EC . 57.30 36.12 28.26
O14 3PE EC . 57.41 35.04 30.51
C11 3PE EC . 57.43 37.56 28.37
C12 3PE EC . 58.89 37.84 28.58
C1 3PE EC . 54.99 33.56 28.03
C2 3PE EC . 55.13 32.39 27.10
C3 3PE EC . 56.11 32.67 26.00
O31 3PE EC . 56.40 31.43 25.30
O32 3PE EC . 58.12 32.42 24.26
C31 3PE EC . 57.46 31.44 24.47
C32 3PE EC . 57.68 30.10 23.85
C33 3PE EC . 56.76 29.83 22.67
C34 3PE EC . 56.87 28.42 22.15
C35 3PE EC . 58.19 28.08 21.47
C36 3PE EC . 58.21 26.65 20.96
C37 3PE EC . 59.28 26.34 19.92
C38 3PE EC . 59.02 25.04 19.16
C39 3PE EC . 58.78 23.84 20.06
C3A 3PE EC . 58.74 22.50 19.35
C3B 3PE EC . 57.64 22.34 18.32
C3C 3PE EC . 57.52 20.93 17.78
C3D 3PE EC . 57.12 19.90 18.83
C3E 3PE EC . 57.26 18.45 18.39
C3F 3PE EC . 58.68 18.04 18.04
C3G 3PE EC . 58.82 16.60 17.60
C3H 3PE EC . 60.21 16.22 17.14
C3I 3PE EC . 60.31 14.82 16.58
O21 3PE EC . 55.64 31.29 27.91
O22 3PE EC . 54.07 29.91 27.10
C21 3PE EC . 55.00 30.12 27.83
C22 3PE EC . 55.58 29.11 28.77
C23 3PE EC . 56.61 28.20 28.12
C24 3PE EC . 56.01 27.27 27.08
C25 3PE EC . 57.03 26.47 26.30
C26 3PE EC . 56.44 25.56 25.23
C27 3PE EC . 57.46 24.89 24.35
C28 3PE EC . 56.87 24.02 23.25
C29 3PE EC . 56.15 22.78 23.75
C2A 3PE EC . 55.64 21.86 22.65
C2B 3PE EC . 55.32 20.45 23.10
C2C 3PE EC . 56.20 19.39 22.48
C2D 3PE EC . 57.70 19.67 22.57
C2E 3PE EC . 58.61 18.57 22.04
C2F 3PE EC . 58.75 17.38 22.97
C2G 3PE EC . 59.79 16.38 22.51
C2H 3PE EC . 61.19 16.96 22.36
C2I 3PE EC . 61.77 17.46 23.66
P AMP FC . -21.30 2.37 -31.46
O1P AMP FC . -22.78 2.13 -31.70
O2P AMP FC . -20.41 1.39 -32.18
O3P AMP FC . -20.86 3.81 -31.55
O5' AMP FC . -21.12 1.99 -29.92
C5' AMP FC . -22.15 1.34 -29.20
C4' AMP FC . -21.91 -0.15 -29.16
O4' AMP FC . -21.28 -0.53 -27.93
C3' AMP FC . -23.15 -1.02 -29.20
O3' AMP FC . -23.72 -1.13 -30.50
C2' AMP FC . -22.66 -2.35 -28.64
O2' AMP FC . -22.13 -3.18 -29.66
C1' AMP FC . -21.50 -1.91 -27.73
N9 AMP FC . -21.75 -2.17 -26.30
C8 AMP FC . -20.87 -2.82 -25.50
N7 AMP FC . -21.33 -2.96 -24.24
C5 AMP FC . -22.55 -2.41 -24.20
C6 AMP FC . -23.59 -2.22 -23.17
N6 AMP FC . -23.40 -2.67 -21.90
N1 AMP FC . -24.73 -1.60 -23.52
C2 AMP FC . -24.93 -1.16 -24.78
N3 AMP FC . -24.03 -1.29 -25.76
C4 AMP FC . -22.83 -1.90 -25.55
P 3PE GC . 27.46 -48.07 -16.61
N 3PE GC . 24.34 -47.12 -12.99
O11 3PE GC . 27.04 -47.40 -17.98
O12 3PE GC . 27.36 -49.53 -16.78
O13 3PE GC . 26.32 -47.62 -15.60
O14 3PE GC . 28.75 -47.49 -16.17
C11 3PE GC . 26.27 -48.05 -14.22
C12 3PE GC . 25.73 -46.89 -13.43
C1 3PE GC . 25.90 -47.93 -18.70
C2 3PE GC . 25.10 -46.79 -19.25
C3 3PE GC . 25.83 -46.05 -20.34
O31 3PE GC . 24.87 -45.17 -20.96
O32 3PE GC . 26.10 -45.07 -22.82
C31 3PE GC . 25.11 -44.79 -22.22
C32 3PE GC . 23.97 -43.98 -22.76
C33 3PE GC . 23.64 -44.32 -24.21
C34 3PE GC . 22.28 -43.83 -24.62
C35 3PE GC . 21.14 -44.48 -23.84
C36 3PE GC . 19.75 -44.00 -24.23
C37 3PE GC . 18.63 -44.73 -23.53
C38 3PE GC . 17.23 -44.25 -23.92
O21 3PE GC . 23.91 -47.35 -19.87
O22 3PE GC . 22.59 -46.20 -18.47
C21 3PE GC . 22.72 -46.96 -19.39
C22 3PE GC . 21.60 -47.62 -20.14
C23 3PE GC . 20.23 -47.38 -19.53
C24 3PE GC . 19.63 -46.02 -19.85
C25 3PE GC . 18.12 -45.98 -19.73
C26 3PE GC . 17.50 -44.62 -19.95
C27 3PE GC . 16.02 -44.69 -20.24
C28 3PE GC . 15.23 -45.54 -19.26
C1 CDL HC . 5.58 -33.77 -33.06
O1 CDL HC . 6.36 -34.72 -33.77
CA2 CDL HC . 5.90 -32.39 -33.57
OA2 CDL HC . 5.61 -32.34 -34.98
PA1 CDL HC . 6.24 -31.15 -35.89
OA3 CDL HC . 6.86 -30.08 -35.08
OA4 CDL HC . 5.16 -30.70 -36.86
OA5 CDL HC . 7.32 -31.92 -36.75
CA3 CDL HC . 7.27 -33.34 -37.00
CA4 CDL HC . 8.60 -33.94 -36.68
OA6 CDL HC . 8.38 -35.37 -36.51
CA5 CDL HC . 8.75 -35.91 -35.33
OA7 CDL HC . 9.43 -35.34 -34.52
C11 CDL HC . 8.13 -37.27 -35.14
C12 CDL HC . 8.42 -37.92 -33.80
C13 CDL HC . 9.83 -38.47 -33.71
C14 CDL HC . 10.02 -39.49 -32.60
C15 CDL HC . 9.80 -38.96 -31.20
C16 CDL HC . 10.16 -39.97 -30.12
C17 CDL HC . 11.56 -40.54 -30.27
C18 CDL HC . 11.87 -41.70 -29.33
C19 CDL HC . 11.73 -41.35 -27.87
C20 CDL HC . 12.20 -42.46 -26.94
C21 CDL HC . 11.41 -43.74 -27.08
C22 CDL HC . 11.97 -44.89 -26.27
C23 CDL HC . 11.13 -46.16 -26.36
C24 CDL HC . 11.68 -47.27 -25.48
C25 CDL HC . 10.66 -48.32 -25.11
C26 CDL HC . 11.14 -49.24 -24.01
C27 CDL HC . 11.58 -48.48 -22.77
CA6 CDL HC . 9.58 -33.72 -37.80
OA8 CDL HC . 10.64 -34.69 -37.71
CA7 CDL HC . 11.89 -34.23 -37.71
OA9 CDL HC . 12.17 -33.06 -37.72
C31 CDL HC . 12.89 -35.34 -37.74
C32 CDL HC . 13.93 -35.20 -38.84
C33 CDL HC . 15.15 -34.43 -38.40
C34 CDL HC . 16.03 -35.17 -37.41
C35 CDL HC . 17.19 -34.35 -36.88
C36 CDL HC . 18.06 -33.75 -37.97
C37 CDL HC . 19.14 -32.81 -37.44
CB2 CDL HC . 5.85 -33.94 -31.58
OB2 CDL HC . 7.23 -33.63 -31.33
PB2 CDL HC . 7.66 -33.15 -29.85
OB3 CDL HC . 7.75 -31.68 -29.76
OB4 CDL HC . 6.73 -33.84 -28.90
OB5 CDL HC . 9.10 -33.84 -29.70
CB3 CDL HC . 9.87 -34.08 -30.90
CB4 CDL HC . 11.32 -34.20 -30.53
OB6 CDL HC . 12.11 -34.89 -31.57
CB5 CDL HC . 12.35 -34.35 -32.80
OB7 CDL HC . 11.88 -33.34 -33.22
C51 CDL HC . 13.30 -35.23 -33.58
C52 CDL HC . 13.09 -36.71 -33.32
C53 CDL HC . 14.25 -37.57 -33.74
C54 CDL HC . 14.08 -39.04 -33.37
C55 CDL HC . 15.36 -39.85 -33.40
C56 CDL HC . 15.19 -41.27 -32.86
C57 CDL HC . 16.48 -42.05 -32.74
C58 CDL HC . 17.46 -41.46 -31.74
C59 CDL HC . 18.78 -42.21 -31.66
CB6 CDL HC . 11.96 -32.91 -30.08
OB8 CDL HC . 13.27 -33.26 -29.57
CB7 CDL HC . 13.43 -33.20 -28.25
OB9 CDL HC . 12.64 -32.72 -27.49
C71 CDL HC . 14.73 -33.85 -27.84
C72 CDL HC . 14.53 -35.25 -27.27
C73 CDL HC . 13.88 -36.21 -28.27
C74 CDL HC . 14.86 -36.83 -29.25
C75 CDL HC . 15.63 -38.01 -28.68
C76 CDL HC . 14.75 -39.19 -28.35
C77 CDL HC . 15.42 -40.26 -27.49
C78 CDL HC . 16.67 -40.86 -28.11
C79 CDL HC . 17.35 -41.89 -27.23
C80 CDL HC . 18.63 -42.47 -27.82
C1 CDL IC . -12.87 -37.52 -32.25
O1 CDL IC . -13.15 -36.16 -32.56
CA2 CDL IC . -11.42 -37.81 -32.54
OA2 CDL IC . -11.16 -37.56 -33.94
PA1 CDL IC . -11.18 -38.79 -34.99
OA3 CDL IC . -12.47 -38.88 -35.69
OA4 CDL IC . -9.99 -38.60 -35.93
OA5 CDL IC . -10.87 -40.07 -34.09
CA3 CDL IC . -10.66 -41.43 -34.55
CA4 CDL IC . -9.59 -42.06 -33.70
OA6 CDL IC . -9.69 -43.50 -33.88
CA5 CDL IC . -8.56 -44.20 -34.09
OA7 CDL IC . -7.47 -43.69 -34.20
C11 CDL IC . -8.83 -45.67 -34.18
C12 CDL IC . -7.63 -46.52 -34.57
C13 CDL IC . -8.05 -47.95 -34.92
C14 CDL IC . -7.15 -48.63 -35.94
C15 CDL IC . -5.91 -49.29 -35.36
C16 CDL IC . -5.01 -49.92 -36.43
C17 CDL IC . -3.87 -50.75 -35.86
C18 CDL IC . -2.80 -51.11 -36.89
C19 CDL IC . -1.65 -51.93 -36.34
C20 CDL IC . -0.60 -52.30 -37.40
C21 CDL IC . 0.28 -51.14 -37.83
C22 CDL IC . 1.32 -50.73 -36.80
C23 CDL IC . 2.43 -51.75 -36.58
C24 CDL IC . 3.33 -51.41 -35.41
C25 CDL IC . 4.49 -52.38 -35.20
C26 CDL IC . 5.62 -52.25 -36.20
C27 CDL IC . 6.82 -53.11 -35.85
CA6 CDL IC . -9.79 -41.76 -32.25
OA8 CDL IC . -8.92 -42.60 -31.46
CA7 CDL IC . -7.78 -42.06 -31.02
OA9 CDL IC . -7.45 -40.93 -31.24
C31 CDL IC . -7.00 -43.04 -30.19
C32 CDL IC . -5.54 -42.65 -30.01
C33 CDL IC . -4.80 -43.61 -29.08
C34 CDL IC . -5.03 -45.07 -29.41
C35 CDL IC . -4.34 -46.03 -28.47
C36 CDL IC . -4.86 -47.46 -28.54
C37 CDL IC . -4.79 -48.07 -29.93
CB2 CDL IC . -13.25 -37.80 -30.81
OB2 CDL IC . -14.25 -36.85 -30.38
PB2 CDL IC . -13.84 -35.70 -29.32
OB3 CDL IC . -12.40 -35.78 -29.01
OB4 CDL IC . -14.28 -34.39 -29.94
OB5 CDL IC . -14.74 -35.92 -27.98
CB3 CDL IC . -15.08 -37.24 -27.49
CB4 CDL IC . -14.20 -37.57 -26.31
OB6 CDL IC . -12.77 -37.66 -26.65
CB5 CDL IC . -12.27 -38.61 -27.48
OB7 CDL IC . -12.92 -39.47 -28.01
C51 CDL IC . -10.80 -38.43 -27.66
C52 CDL IC . -10.27 -39.22 -28.85
C53 CDL IC . -9.55 -40.50 -28.46
C54 CDL IC . -10.43 -41.59 -27.89
C55 CDL IC . -9.67 -42.88 -27.60
C56 CDL IC . -8.53 -42.70 -26.61
C57 CDL IC . -7.56 -43.87 -26.56
C58 CDL IC . -6.39 -43.65 -25.62
C59 CDL IC . -6.54 -44.34 -24.26
C60 CDL IC . -6.36 -45.84 -24.31
C61 CDL IC . -4.99 -46.28 -24.83
C62 CDL IC . -3.83 -45.82 -23.99
C63 CDL IC . -3.78 -46.45 -22.61
C64 CDL IC . -3.66 -47.96 -22.63
C65 CDL IC . -3.33 -48.57 -21.28
C66 CDL IC . -3.03 -50.06 -21.33
C67 CDL IC . -4.10 -50.87 -22.03
CB6 CDL IC . -14.68 -38.76 -25.50
OB8 CDL IC . -13.92 -38.83 -24.27
CB7 CDL IC . -14.54 -38.46 -23.16
OB9 CDL IC . -15.69 -38.10 -23.12
C71 CDL IC . -13.63 -38.54 -21.97
C72 CDL IC . -13.39 -39.96 -21.48
C73 CDL IC . -14.65 -40.71 -21.14
C74 CDL IC . -14.49 -41.66 -19.96
C75 CDL IC . -13.29 -42.57 -20.05
C76 CDL IC . -13.43 -43.69 -21.05
C77 CDL IC . -12.14 -44.45 -21.27
C78 CDL IC . -11.06 -43.60 -21.90
C79 CDL IC . -9.67 -43.86 -21.33
C80 CDL IC . -9.22 -45.30 -21.46
C81 CDL IC . -8.89 -45.91 -20.13
C82 CDL IC . -8.65 -47.40 -20.18
C83 CDL IC . -7.31 -47.80 -20.75
C84 CDL IC . -6.75 -49.04 -20.10
C85 CDL IC . -6.89 -49.10 -18.58
C86 CDL IC . -5.85 -48.34 -17.78
C87 CDL IC . -6.19 -46.87 -17.45
P 3PE JC . -22.70 -43.54 24.35
O11 3PE JC . -21.59 -44.68 24.17
O12 3PE JC . -23.91 -44.18 24.94
O13 3PE JC . -22.10 -42.55 25.46
O14 3PE JC . -22.83 -42.79 23.09
C1 3PE JC . -21.17 -45.06 22.84
C2 3PE JC . -20.56 -46.43 22.87
C3 3PE JC . -21.46 -47.44 23.51
O31 3PE JC . -20.84 -48.74 23.41
O32 3PE JC . -22.31 -49.59 24.86
C31 3PE JC . -21.36 -49.73 24.13
C32 3PE JC . -20.63 -51.02 23.92
O21 3PE JC . -20.36 -46.84 21.48
O22 3PE JC . -18.15 -46.62 21.72
C21 3PE JC . -19.10 -46.89 21.05
C22 3PE JC . -19.03 -47.32 19.61
C23 3PE JC . -19.26 -48.81 19.42
C24 3PE JC . -18.67 -49.66 20.53
C25 3PE JC . -18.44 -51.12 20.17
C26 3PE JC . -19.61 -51.80 19.50
C27 3PE JC . -19.37 -53.28 19.24
C28 3PE JC . -20.34 -53.90 18.25
C29 3PE JC . -20.28 -53.27 16.88
C2A 3PE JC . -21.12 -53.96 15.83
C2B 3PE JC . -20.59 -55.29 15.35
C2C 3PE JC . -21.38 -55.90 14.20
C2D 3PE JC . -20.87 -57.25 13.74
C1 MYR KC . -60.12 -104.20 24.34
O1 MYR KC . -61.15 -103.55 24.39
C2 MYR KC . -59.26 -104.29 23.11
C3 MYR KC . -59.70 -103.40 21.95
C4 MYR KC . -58.88 -102.12 21.82
C5 MYR KC . -59.09 -101.12 22.95
C6 MYR KC . -60.52 -100.59 23.07
C7 MYR KC . -61.03 -99.87 21.82
C8 MYR KC . -62.42 -99.28 21.98
C9 MYR KC . -62.90 -98.51 20.76
C10 MYR KC . -63.12 -99.38 19.53
C11 MYR KC . -64.53 -99.96 19.43
C12 MYR KC . -65.62 -98.93 19.19
C13 MYR KC . -67.00 -99.52 18.95
C14 MYR KC . -68.06 -98.47 18.71
O12 PC1 LC . -27.07 -88.50 -23.66
P PC1 LC . -26.12 -87.37 -23.66
O14 PC1 LC . -25.56 -86.91 -22.36
O13 PC1 LC . -24.95 -87.72 -24.67
C11 PC1 LC . -25.17 -88.51 -25.86
C12 PC1 LC . -23.83 -88.49 -26.53
N PC1 LC . -23.81 -88.95 -27.97
C13 PC1 LC . -22.44 -88.81 -28.56
C14 PC1 LC . -24.24 -90.37 -28.06
C15 PC1 LC . -24.78 -88.10 -28.74
O11 PC1 LC . -26.84 -86.15 -24.38
C1 PC1 LC . -26.04 -85.05 -24.87
C2 PC1 LC . -26.86 -83.79 -24.89
O21 PC1 LC . -27.84 -83.90 -25.96
C21 PC1 LC . -29.06 -84.36 -25.63
O22 PC1 LC . -29.37 -84.69 -24.52
C22 PC1 LC . -29.97 -84.42 -26.82
C23 PC1 LC . -31.12 -85.39 -26.62
C24 PC1 LC . -32.27 -85.16 -27.56
C25 PC1 LC . -32.90 -83.78 -27.43
C26 PC1 LC . -33.46 -83.48 -26.05
C27 PC1 LC . -34.54 -84.45 -25.60
C28 PC1 LC . -35.18 -84.09 -24.28
C29 PC1 LC . -35.94 -82.78 -24.31
C2A PC1 LC . -37.16 -82.80 -23.41
C2B PC1 LC . -38.10 -83.95 -23.71
C2C PC1 LC . -39.40 -83.92 -22.93
C2D PC1 LC . -39.21 -83.96 -21.43
C2E PC1 LC . -40.39 -83.38 -20.68
C2F PC1 LC . -40.57 -81.89 -20.91
C2G PC1 LC . -41.91 -81.36 -20.46
C2H PC1 LC . -41.99 -79.85 -20.47
C2I PC1 LC . -41.14 -79.23 -19.38
C3 PC1 LC . -26.00 -82.59 -25.20
O31 PC1 LC . -26.69 -81.35 -24.93
C31 PC1 LC . -25.99 -80.24 -25.17
O32 PC1 LC . -24.90 -80.24 -25.66
C32 PC1 LC . -26.74 -79.02 -24.75
C33 PC1 LC . -25.85 -78.00 -24.05
C34 PC1 LC . -25.16 -77.05 -24.98
C35 PC1 LC . -24.24 -76.05 -24.29
C36 PC1 LC . -23.66 -75.02 -25.23
C37 PC1 LC . -24.72 -74.11 -25.84
C38 PC1 LC . -24.21 -73.27 -27.00
C39 PC1 LC . -23.06 -72.37 -26.64
C3A PC1 LC . -23.40 -71.36 -25.56
C3B PC1 LC . -22.18 -70.77 -24.90
C3C PC1 LC . -22.45 -70.14 -23.56
C3D PC1 LC . -23.08 -71.04 -22.53
C3E PC1 LC . -23.15 -70.44 -21.15
C3F PC1 LC . -22.40 -71.23 -20.12
C3G PC1 LC . -20.91 -71.33 -20.39
C3H PC1 LC . -20.30 -72.64 -19.92
C3I PC1 LC . -20.77 -73.82 -20.72
C1 CDL MC . 63.29 35.01 -0.87
O1 CDL MC . 62.44 36.14 -0.68
CA2 CDL MC . 63.31 34.64 -2.33
OA2 CDL MC . 63.92 33.35 -2.48
PA1 CDL MC . 63.07 32.10 -3.08
OA3 CDL MC . 62.90 32.20 -4.54
OA4 CDL MC . 61.77 32.03 -2.29
OA5 CDL MC . 63.94 30.84 -2.66
CA3 CDL MC . 65.26 30.93 -2.10
CA4 CDL MC . 65.80 29.56 -1.82
OA6 CDL MC . 65.67 28.74 -3.03
CA5 CDL MC . 66.69 28.76 -3.91
OA7 CDL MC . 67.67 29.43 -3.77
C11 CDL MC . 66.42 27.85 -5.07
C12 CDL MC . 66.28 26.39 -4.67
C13 CDL MC . 67.59 25.78 -4.23
C14 CDL MC . 67.54 24.27 -4.02
C15 CDL MC . 68.90 23.65 -3.71
C16 CDL MC . 68.88 22.14 -3.56
C17 CDL MC . 68.05 21.65 -2.39
CA6 CDL MC . 65.05 28.85 -0.73
OA8 CDL MC . 65.95 27.95 -0.05
CA7 CDL MC . 66.04 26.69 -0.51
OA9 CDL MC . 65.40 26.27 -1.44
C31 CDL MC . 67.02 25.88 0.27
C32 CDL MC . 66.82 24.39 0.12
C33 CDL MC . 65.61 23.87 0.88
C34 CDL MC . 65.35 22.39 0.71
C35 CDL MC . 64.79 22.00 -0.65
CB2 CDL MC . 64.65 35.33 -0.32
OB2 CDL MC . 64.63 35.16 1.11
PB2 CDL MC . 64.59 36.44 2.09
OB3 CDL MC . 63.27 36.64 2.70
OB4 CDL MC . 65.10 37.62 1.28
OB5 CDL MC . 65.71 36.10 3.21
CB3 CDL MC . 65.33 35.64 4.53
CB4 CDL MC . 65.07 34.17 4.47
OB6 CDL MC . 65.15 33.58 5.80
CB5 CDL MC . 64.03 33.54 6.54
OB7 CDL MC . 63.02 34.12 6.27
C51 CDL MC . 64.20 32.62 7.71
C52 CDL MC . 63.64 31.24 7.46
C53 CDL MC . 64.06 30.22 8.50
C54 CDL MC . 63.52 28.82 8.25
C55 CDL MC . 63.89 28.26 6.89
C56 CDL MC . 63.51 26.80 6.68
C57 CDL MC . 64.22 25.83 7.61
C58 CDL MC . 63.91 24.38 7.34
C59 CDL MC . 64.60 23.41 8.29
C60 CDL MC . 64.20 23.59 9.75
CB6 CDL MC . 66.13 33.48 3.65
OB8 CDL MC . 65.60 32.23 3.16
CB7 CDL MC . 66.26 31.12 3.44
OB9 CDL MC . 67.22 31.07 4.16
C71 CDL MC . 65.66 29.93 2.75
C72 CDL MC . 65.56 28.67 3.61
C73 CDL MC . 66.80 27.80 3.52
C74 CDL MC . 66.66 26.47 4.23
#